data_2Y9J
#
_entry.id   2Y9J
#
_cell.length_a   1.000
_cell.length_b   1.000
_cell.length_c   1.000
_cell.angle_alpha   90.00
_cell.angle_beta   90.00
_cell.angle_gamma   90.00
#
_symmetry.space_group_name_H-M   'P 1'
#
loop_
_entity.id
_entity.type
_entity.pdbx_description
1 polymer 'PROTEIN PRGH'
2 polymer 'LIPOPROTEIN PRGK'
3 water water
#
loop_
_entity_poly.entity_id
_entity_poly.type
_entity_poly.pdbx_seq_one_letter_code
_entity_poly.pdbx_strand_id
1 'polypeptide(L)'
;LGQEKERFQVLPGRDKMLYVAAQNERDTLWARQVLARGDYDKNARVINENEENKRISIWLDTYYPQLAYYRIHFDEPRKP
VFWLSRQRNTMSKKELEVLSQKLRALMPYADSVNITLMDDVTAAGQAEAGLKQQALPYSRRNHKGGVTFVIQGALDDVEI
LRARQFVDSYYRTWGGRYVQFAIELK
;
A,B,C,D,E,F,G,H,I,J,K,L,M,N,O,P,Q,R,S,T,U,V,W,X
2 'polypeptide(L)'
;KDLLKGLDQEQANEVIAVLQMHNIEANKIDSGKLGYSITVAEPDFTAAVYWIKTYQLPPRPRVEIAQMFPADSLVSSPRA
EKARLYSAIEQRLEQSLQTMEGVLSARVHISYDIDAGENGRPPKPVHLSALAVYERGSPLAHQISDIKRFLKNSFADVDY
DNISVVLSER
;
Y,Z,a,b,c,d,e,f,g,h,i,j,k,l,m,n,o,p,q,r,s,t,u,v
#
# COMPACT_ATOMS: atom_id res chain seq x y z
N LEU A 1 81.91 -9.85 -76.79
CA LEU A 1 81.24 -9.94 -75.44
C LEU A 1 80.75 -8.57 -74.94
N GLY A 2 81.34 -7.50 -75.46
CA GLY A 2 80.94 -6.14 -75.11
C GLY A 2 81.16 -5.80 -73.64
N GLN A 3 80.13 -5.27 -73.00
CA GLN A 3 80.18 -4.91 -71.57
C GLN A 3 80.27 -6.15 -70.65
N GLU A 4 80.37 -7.32 -71.28
CA GLU A 4 80.39 -8.60 -70.57
C GLU A 4 81.78 -9.22 -70.69
N LYS A 5 82.70 -8.48 -71.34
CA LYS A 5 84.06 -8.95 -71.62
C LYS A 5 84.87 -9.24 -70.35
N GLU A 6 84.45 -8.64 -69.23
CA GLU A 6 85.19 -8.75 -67.99
C GLU A 6 84.69 -9.88 -67.10
N ARG A 7 83.48 -10.38 -67.41
CA ARG A 7 82.84 -11.40 -66.59
C ARG A 7 83.04 -12.80 -67.18
N PHE A 8 83.25 -12.84 -68.49
CA PHE A 8 83.26 -14.08 -69.26
C PHE A 8 84.48 -14.18 -70.18
N GLN A 9 84.82 -15.41 -70.53
CA GLN A 9 85.85 -15.70 -71.49
C GLN A 9 85.30 -16.76 -72.43
N VAL A 10 85.48 -16.56 -73.73
CA VAL A 10 85.09 -17.56 -74.69
C VAL A 10 86.33 -18.33 -75.14
N LEU A 11 86.32 -19.64 -74.95
CA LEU A 11 87.48 -20.49 -75.27
C LEU A 11 87.08 -21.55 -76.28
N PRO A 12 87.93 -21.83 -77.27
CA PRO A 12 87.64 -22.93 -78.21
C PRO A 12 87.93 -24.29 -77.60
N GLY A 13 87.15 -25.29 -77.99
CA GLY A 13 87.38 -26.65 -77.55
C GLY A 13 87.97 -27.54 -78.64
N ARG A 14 88.78 -28.51 -78.21
CA ARG A 14 89.25 -29.62 -79.06
C ARG A 14 88.10 -30.44 -79.64
N ASP A 15 86.94 -30.39 -79.00
CA ASP A 15 85.73 -31.10 -79.43
C ASP A 15 84.89 -30.28 -80.40
N LYS A 16 85.46 -29.15 -80.84
CA LYS A 16 84.81 -28.18 -81.72
C LYS A 16 83.71 -27.36 -81.06
N MET A 17 83.48 -27.60 -79.77
CA MET A 17 82.51 -26.82 -79.00
C MET A 17 83.16 -25.55 -78.48
N LEU A 18 82.34 -24.57 -78.12
CA LEU A 18 82.84 -23.33 -77.53
C LEU A 18 82.48 -23.34 -76.06
N TYR A 19 83.41 -22.84 -75.24
CA TYR A 19 83.28 -22.83 -73.80
C TYR A 19 83.21 -21.39 -73.31
N VAL A 20 82.17 -21.07 -72.55
CA VAL A 20 82.11 -19.76 -71.90
C VAL A 20 82.45 -19.92 -70.41
N ALA A 21 83.57 -19.33 -70.00
CA ALA A 21 84.08 -19.42 -68.64
C ALA A 21 83.48 -18.31 -67.84
N ALA A 22 82.78 -18.67 -66.76
CA ALA A 22 82.11 -17.73 -65.89
C ALA A 22 82.77 -17.77 -64.51
N GLN A 23 82.50 -16.75 -63.71
CA GLN A 23 83.20 -16.47 -62.47
C GLN A 23 82.41 -16.92 -61.25
N ASN A 24 81.11 -17.15 -61.45
CA ASN A 24 80.22 -17.54 -60.34
C ASN A 24 78.96 -18.24 -60.85
N GLU A 25 78.07 -18.62 -59.94
CA GLU A 25 76.94 -19.46 -60.32
C GLU A 25 75.87 -18.59 -60.99
N ARG A 26 75.68 -17.39 -60.48
CA ARG A 26 74.71 -16.45 -61.02
C ARG A 26 75.00 -16.04 -62.50
N ASP A 27 76.26 -15.72 -62.81
CA ASP A 27 76.71 -15.56 -64.19
C ASP A 27 76.59 -16.83 -65.05
N THR A 28 76.82 -17.99 -64.44
CA THR A 28 76.71 -19.27 -65.15
C THR A 28 75.26 -19.57 -65.57
N LEU A 29 74.32 -19.37 -64.66
CA LEU A 29 72.91 -19.54 -64.92
C LEU A 29 72.44 -18.58 -66.00
N TRP A 30 72.75 -17.29 -65.82
CA TRP A 30 72.39 -16.27 -66.80
C TRP A 30 72.97 -16.58 -68.19
N ALA A 31 74.24 -16.99 -68.22
CA ALA A 31 74.88 -17.33 -69.50
C ALA A 31 74.22 -18.54 -70.17
N ARG A 32 73.83 -19.54 -69.37
CA ARG A 32 73.15 -20.72 -69.90
C ARG A 32 71.78 -20.38 -70.49
N GLN A 33 71.11 -19.41 -69.87
CA GLN A 33 69.79 -18.97 -70.28
C GLN A 33 69.86 -18.29 -71.66
N VAL A 34 70.84 -17.40 -71.81
CA VAL A 34 71.12 -16.75 -73.08
C VAL A 34 71.37 -17.77 -74.20
N LEU A 35 72.21 -18.75 -73.91
CA LEU A 35 72.46 -19.88 -74.81
C LEU A 35 71.17 -20.66 -75.13
N ALA A 36 70.44 -21.09 -74.09
CA ALA A 36 69.15 -21.77 -74.25
C ALA A 36 68.07 -20.94 -74.97
N ARG A 37 68.38 -19.67 -75.23
CA ARG A 37 67.47 -18.76 -75.95
C ARG A 37 67.80 -18.71 -77.44
N GLY A 38 69.08 -18.53 -77.76
CA GLY A 38 69.58 -18.51 -79.13
C GLY A 38 69.88 -19.88 -79.73
N ASP A 39 69.56 -20.94 -78.98
CA ASP A 39 69.79 -22.33 -79.37
C ASP A 39 71.26 -22.68 -79.66
N TYR A 40 72.13 -22.31 -78.72
CA TYR A 40 73.54 -22.69 -78.81
C TYR A 40 73.91 -23.83 -77.84
N ASP A 41 72.90 -24.35 -77.13
CA ASP A 41 73.02 -25.47 -76.15
C ASP A 41 73.75 -26.70 -76.64
N LYS A 42 73.71 -26.94 -77.94
CA LYS A 42 74.21 -28.16 -78.56
C LYS A 42 75.64 -27.90 -79.04
N ASN A 43 76.02 -26.63 -79.03
CA ASN A 43 77.28 -26.17 -79.60
C ASN A 43 78.21 -25.42 -78.64
N ALA A 44 77.66 -24.93 -77.52
CA ALA A 44 78.44 -24.21 -76.50
C ALA A 44 78.08 -24.66 -75.08
N ARG A 45 79.06 -24.58 -74.20
CA ARG A 45 78.90 -24.94 -72.80
C ARG A 45 79.40 -23.79 -71.93
N VAL A 46 78.77 -23.63 -70.77
CA VAL A 46 79.24 -22.65 -69.78
C VAL A 46 79.93 -23.45 -68.69
N ILE A 47 81.12 -23.00 -68.32
CA ILE A 47 81.93 -23.61 -67.27
C ILE A 47 82.24 -22.65 -66.12
N ASN A 48 82.44 -23.19 -64.92
CA ASN A 48 82.94 -22.41 -63.78
C ASN A 48 83.83 -23.32 -62.95
N GLU A 49 84.68 -22.70 -62.13
CA GLU A 49 85.65 -23.43 -61.28
C GLU A 49 84.98 -24.46 -60.35
N ASN A 50 83.90 -24.06 -59.69
CA ASN A 50 83.24 -24.92 -58.72
C ASN A 50 82.66 -26.20 -59.32
N GLU A 51 81.90 -26.03 -60.40
CA GLU A 51 81.35 -27.16 -61.14
C GLU A 51 82.42 -28.04 -61.75
N GLU A 52 83.46 -27.42 -62.30
CA GLU A 52 84.49 -28.24 -62.94
C GLU A 52 85.25 -29.05 -61.90
N ASN A 53 85.49 -28.46 -60.75
CA ASN A 53 86.11 -29.19 -59.65
C ASN A 53 85.26 -30.37 -59.18
N LYS A 54 83.95 -30.19 -59.04
CA LYS A 54 83.08 -31.32 -58.70
C LYS A 54 83.08 -32.41 -59.78
N ARG A 55 83.04 -31.98 -61.05
CA ARG A 55 82.93 -32.91 -62.19
C ARG A 55 84.17 -33.81 -62.27
N ILE A 56 85.34 -33.21 -62.13
CA ILE A 56 86.60 -33.95 -62.18
C ILE A 56 86.83 -34.84 -60.94
N SER A 57 86.43 -34.35 -59.77
CA SER A 57 86.42 -35.17 -58.57
C SER A 57 85.63 -36.49 -58.71
N ILE A 58 84.43 -36.43 -59.30
CA ILE A 58 83.66 -37.64 -59.62
C ILE A 58 84.49 -38.60 -60.43
N TRP A 59 85.16 -38.08 -61.45
CA TRP A 59 85.93 -38.94 -62.33
C TRP A 59 87.10 -39.57 -61.55
N LEU A 60 87.74 -38.76 -60.71
CA LEU A 60 88.85 -39.23 -59.88
C LEU A 60 88.41 -40.26 -58.84
N ASP A 61 87.21 -40.09 -58.29
CA ASP A 61 86.64 -41.08 -57.35
C ASP A 61 86.69 -42.49 -57.93
N THR A 62 86.43 -42.62 -59.22
CA THR A 62 86.51 -43.94 -59.81
C THR A 62 87.88 -44.29 -60.44
N TYR A 63 88.59 -43.32 -61.02
CA TYR A 63 89.85 -43.69 -61.72
C TYR A 63 91.12 -43.55 -60.88
N TYR A 64 91.12 -42.59 -59.96
CA TYR A 64 92.25 -42.37 -59.07
C TYR A 64 91.76 -42.28 -57.61
N PRO A 65 91.12 -43.38 -57.10
CA PRO A 65 90.43 -43.32 -55.80
C PRO A 65 91.29 -43.01 -54.58
N GLN A 66 92.57 -43.33 -54.61
CA GLN A 66 93.43 -43.11 -53.44
C GLN A 66 94.22 -41.81 -53.55
N LEU A 67 93.86 -40.98 -54.52
CA LEU A 67 94.65 -39.80 -54.88
C LEU A 67 94.56 -38.74 -53.80
N ALA A 68 95.72 -38.26 -53.35
CA ALA A 68 95.77 -37.17 -52.37
C ALA A 68 95.98 -35.83 -53.09
N TYR A 69 94.91 -35.09 -53.18
CA TYR A 69 94.93 -33.83 -53.89
C TYR A 69 94.04 -32.80 -53.20
N TYR A 70 94.18 -31.57 -53.68
CA TYR A 70 93.55 -30.41 -53.12
C TYR A 70 92.43 -29.92 -54.03
N ARG A 71 92.83 -29.32 -55.16
CA ARG A 71 91.92 -28.53 -56.00
C ARG A 71 92.57 -28.19 -57.36
N ILE A 72 91.72 -27.93 -58.37
CA ILE A 72 92.15 -27.39 -59.66
C ILE A 72 91.79 -25.91 -59.70
N HIS A 73 92.75 -25.11 -60.15
CA HIS A 73 92.61 -23.67 -60.31
C HIS A 73 92.63 -23.29 -61.78
N PHE A 74 91.82 -22.28 -62.14
CA PHE A 74 91.59 -21.89 -63.53
C PHE A 74 91.85 -20.41 -63.73
N ASP A 75 92.75 -19.83 -62.96
CA ASP A 75 93.16 -18.44 -63.15
C ASP A 75 93.50 -18.18 -64.62
N GLU A 76 94.03 -19.21 -65.28
CA GLU A 76 94.27 -19.24 -66.72
C GLU A 76 93.47 -20.46 -67.26
N PRO A 77 92.21 -20.26 -67.68
CA PRO A 77 91.37 -21.42 -68.00
C PRO A 77 91.91 -22.39 -69.09
N ARG A 78 92.68 -21.87 -70.05
CA ARG A 78 93.31 -22.74 -71.05
C ARG A 78 94.46 -23.57 -70.48
N LYS A 79 94.92 -23.23 -69.28
CA LYS A 79 96.00 -23.96 -68.64
C LYS A 79 95.65 -24.10 -67.16
N PRO A 80 94.71 -24.99 -66.82
CA PRO A 80 94.37 -25.19 -65.41
C PRO A 80 95.55 -25.78 -64.62
N VAL A 81 95.58 -25.49 -63.33
CA VAL A 81 96.62 -25.99 -62.44
C VAL A 81 95.96 -26.93 -61.41
N PHE A 82 96.36 -28.19 -61.46
CA PHE A 82 95.92 -29.21 -60.51
C PHE A 82 96.90 -29.33 -59.35
N TRP A 83 96.42 -28.98 -58.17
CA TRP A 83 97.20 -28.99 -56.93
C TRP A 83 97.13 -30.38 -56.29
N LEU A 84 98.29 -31.02 -56.20
CA LEU A 84 98.43 -32.32 -55.59
C LEU A 84 99.20 -32.21 -54.30
N SER A 85 98.98 -33.14 -53.36
CA SER A 85 99.81 -33.21 -52.17
C SER A 85 101.24 -33.64 -52.41
N ARG A 86 102.16 -32.83 -51.91
CA ARG A 86 103.60 -33.08 -52.03
C ARG A 86 104.01 -34.25 -51.14
N GLN A 87 103.56 -34.22 -49.89
CA GLN A 87 103.86 -35.30 -48.92
C GLN A 87 103.24 -36.64 -49.29
N ARG A 88 101.99 -36.62 -49.78
CA ARG A 88 101.20 -37.86 -49.95
C ARG A 88 101.19 -38.41 -51.38
N ASN A 89 101.97 -37.79 -52.25
CA ASN A 89 102.09 -38.29 -53.60
C ASN A 89 102.87 -39.58 -53.63
N THR A 90 102.42 -40.52 -54.47
CA THR A 90 103.01 -41.85 -54.60
C THR A 90 103.42 -42.07 -56.06
N MET A 91 103.00 -41.16 -56.94
CA MET A 91 103.21 -41.33 -58.38
C MET A 91 104.49 -40.71 -58.89
N SER A 92 105.08 -41.38 -59.88
CA SER A 92 106.29 -40.92 -60.55
C SER A 92 105.92 -39.84 -61.54
N LYS A 93 106.93 -39.19 -62.11
CA LYS A 93 106.74 -38.16 -63.13
C LYS A 93 105.92 -38.72 -64.29
N LYS A 94 106.27 -39.93 -64.73
CA LYS A 94 105.58 -40.62 -65.84
C LYS A 94 104.09 -40.84 -65.53
N GLU A 95 103.79 -41.34 -64.34
CA GLU A 95 102.42 -41.52 -63.88
C GLU A 95 101.64 -40.22 -63.73
N LEU A 96 102.34 -39.16 -63.36
CA LEU A 96 101.75 -37.84 -63.27
C LEU A 96 101.53 -37.21 -64.65
N GLU A 97 102.36 -37.55 -65.65
CA GLU A 97 102.12 -37.15 -67.05
C GLU A 97 100.90 -37.86 -67.65
N VAL A 98 100.75 -39.13 -67.33
CA VAL A 98 99.54 -39.90 -67.66
C VAL A 98 98.26 -39.25 -67.07
N LEU A 99 98.26 -38.96 -65.77
CA LEU A 99 97.16 -38.26 -65.12
C LEU A 99 96.85 -36.92 -65.81
N SER A 100 97.88 -36.10 -65.98
CA SER A 100 97.74 -34.83 -66.67
C SER A 100 97.10 -34.96 -68.08
N GLN A 101 97.47 -36.02 -68.81
CA GLN A 101 96.93 -36.31 -70.15
C GLN A 101 95.46 -36.64 -70.09
N LYS A 102 95.07 -37.41 -69.08
CA LYS A 102 93.69 -37.84 -68.93
C LYS A 102 92.83 -36.68 -68.44
N LEU A 103 93.42 -35.80 -67.63
CA LEU A 103 92.74 -34.56 -67.21
C LEU A 103 92.50 -33.62 -68.39
N ARG A 104 93.49 -33.46 -69.27
CA ARG A 104 93.33 -32.68 -70.48
C ARG A 104 92.17 -33.13 -71.36
N ALA A 105 92.05 -34.45 -71.56
CA ALA A 105 91.02 -35.06 -72.38
C ALA A 105 89.62 -34.79 -71.84
N LEU A 106 89.53 -34.66 -70.51
CA LEU A 106 88.29 -34.33 -69.80
C LEU A 106 87.90 -32.86 -69.87
N MET A 107 88.86 -32.00 -70.25
CA MET A 107 88.64 -30.57 -70.36
C MET A 107 89.04 -30.09 -71.74
N PRO A 108 88.12 -30.20 -72.71
CA PRO A 108 88.45 -29.93 -74.12
C PRO A 108 88.92 -28.48 -74.39
N TYR A 109 88.67 -27.57 -73.44
CA TYR A 109 89.04 -26.16 -73.54
C TYR A 109 90.46 -25.91 -72.97
N ALA A 110 91.08 -26.92 -72.39
CA ALA A 110 92.42 -26.78 -71.79
C ALA A 110 93.55 -27.20 -72.74
N ASP A 111 94.53 -26.32 -72.95
CA ASP A 111 95.71 -26.64 -73.77
C ASP A 111 96.50 -27.75 -73.08
N SER A 112 96.64 -27.63 -71.77
CA SER A 112 97.35 -28.60 -70.94
C SER A 112 96.89 -28.44 -69.52
N VAL A 113 97.13 -29.45 -68.71
CA VAL A 113 96.81 -29.39 -67.31
C VAL A 113 98.13 -29.55 -66.55
N ASN A 114 98.55 -28.52 -65.82
CA ASN A 114 99.77 -28.62 -65.03
C ASN A 114 99.50 -29.23 -63.66
N ILE A 115 100.31 -30.22 -63.29
CA ILE A 115 100.21 -30.83 -61.99
C ILE A 115 101.28 -30.21 -61.12
N THR A 116 100.85 -29.65 -60.00
CA THR A 116 101.73 -28.91 -59.09
C THR A 116 101.55 -29.47 -57.69
N LEU A 117 102.67 -29.74 -57.04
CA LEU A 117 102.70 -30.30 -55.70
C LEU A 117 102.58 -29.20 -54.67
N MET A 118 101.69 -29.41 -53.70
CA MET A 118 101.45 -28.45 -52.65
C MET A 118 101.72 -29.08 -51.29
N ASP A 119 102.34 -28.29 -50.42
CA ASP A 119 102.79 -28.77 -49.14
C ASP A 119 101.62 -28.83 -48.12
N ASP A 120 101.40 -30.03 -47.56
CA ASP A 120 100.36 -30.28 -46.52
C ASP A 120 100.50 -29.42 -45.24
N VAL A 121 101.73 -29.23 -44.83
CA VAL A 121 102.03 -28.45 -43.63
C VAL A 121 101.73 -26.97 -43.86
N THR A 122 102.07 -26.51 -45.06
CA THR A 122 101.65 -25.20 -45.54
C THR A 122 100.12 -25.09 -45.61
N ALA A 123 99.45 -26.13 -46.10
CA ALA A 123 97.98 -26.12 -46.25
C ALA A 123 97.29 -25.88 -44.89
N ALA A 124 97.79 -26.58 -43.88
CA ALA A 124 97.24 -26.51 -42.53
C ALA A 124 97.65 -25.22 -41.84
N GLY A 125 98.86 -24.75 -42.11
CA GLY A 125 99.38 -23.51 -41.53
C GLY A 125 98.62 -22.28 -41.99
N GLN A 126 98.23 -22.26 -43.27
CA GLN A 126 97.43 -21.16 -43.78
C GLN A 126 96.02 -21.14 -43.16
N ALA A 127 95.48 -22.32 -42.88
CA ALA A 127 94.23 -22.42 -42.14
C ALA A 127 94.40 -21.83 -40.73
N GLU A 128 95.48 -22.22 -40.02
CA GLU A 128 95.78 -21.70 -38.67
C GLU A 128 95.94 -20.21 -38.61
N ALA A 129 96.73 -19.68 -39.54
CA ALA A 129 97.07 -18.26 -39.60
C ALA A 129 95.79 -17.42 -39.71
N GLY A 130 94.92 -17.77 -40.67
CA GLY A 130 93.63 -17.10 -40.85
C GLY A 130 92.74 -17.11 -39.62
N LEU A 131 92.78 -18.18 -38.84
CA LEU A 131 92.07 -18.22 -37.55
C LEU A 131 92.75 -17.36 -36.44
N LYS A 132 94.09 -17.35 -36.42
CA LYS A 132 94.83 -16.52 -35.48
C LYS A 132 94.62 -15.03 -35.79
N GLN A 133 94.57 -14.71 -37.07
CA GLN A 133 94.33 -13.33 -37.54
C GLN A 133 93.06 -12.71 -36.99
N GLN A 134 92.06 -13.55 -36.73
CA GLN A 134 90.78 -13.07 -36.25
C GLN A 134 90.58 -13.37 -34.77
N ALA A 135 91.67 -13.68 -34.07
CA ALA A 135 91.62 -13.96 -32.62
C ALA A 135 90.41 -14.84 -32.31
N LEU A 136 90.26 -15.88 -33.12
CA LEU A 136 89.24 -16.91 -32.96
C LEU A 136 89.77 -18.05 -32.09
N PRO A 137 89.02 -18.41 -31.04
CA PRO A 137 89.50 -19.59 -30.35
C PRO A 137 89.19 -20.80 -31.25
N TYR A 138 90.05 -21.81 -31.23
CA TYR A 138 89.91 -22.99 -32.09
C TYR A 138 90.75 -24.09 -31.45
N SER A 139 90.41 -25.35 -31.69
CA SER A 139 91.34 -26.46 -31.50
C SER A 139 91.65 -27.08 -32.86
N ARG A 140 92.94 -27.17 -33.13
CA ARG A 140 93.48 -27.93 -34.21
C ARG A 140 93.56 -29.39 -33.79
N ARG A 141 92.81 -30.24 -34.48
CA ARG A 141 92.83 -31.66 -34.18
C ARG A 141 93.42 -32.37 -35.39
N ASN A 142 94.62 -32.94 -35.22
CA ASN A 142 95.27 -33.74 -36.29
C ASN A 142 94.76 -35.17 -36.32
N HIS A 143 94.18 -35.57 -37.44
CA HIS A 143 93.69 -36.93 -37.62
C HIS A 143 94.55 -37.59 -38.67
N LYS A 144 94.26 -38.86 -38.94
CA LYS A 144 94.95 -39.57 -40.00
C LYS A 144 94.41 -39.15 -41.36
N GLY A 145 95.25 -38.48 -42.13
CA GLY A 145 94.89 -37.96 -43.46
C GLY A 145 94.09 -36.67 -43.50
N GLY A 146 94.03 -35.98 -42.35
CA GLY A 146 93.44 -34.65 -42.32
C GLY A 146 93.62 -33.90 -41.02
N VAL A 147 93.11 -32.67 -41.03
CA VAL A 147 93.14 -31.81 -39.85
C VAL A 147 91.76 -31.22 -39.77
N THR A 148 91.17 -31.23 -38.58
CA THR A 148 89.97 -30.45 -38.29
C THR A 148 90.31 -29.25 -37.38
N PHE A 149 89.91 -28.05 -37.80
CA PHE A 149 89.93 -26.87 -36.93
C PHE A 149 88.53 -26.64 -36.38
N VAL A 150 88.37 -26.83 -35.07
CA VAL A 150 87.08 -26.61 -34.44
C VAL A 150 87.04 -25.20 -33.84
N ILE A 151 86.20 -24.33 -34.39
CA ILE A 151 86.06 -22.97 -33.88
C ILE A 151 85.18 -22.99 -32.63
N GLN A 152 85.71 -22.44 -31.54
CA GLN A 152 85.07 -22.50 -30.22
C GLN A 152 84.40 -21.18 -29.80
N GLY A 153 83.61 -21.27 -28.73
CA GLY A 153 83.00 -20.11 -28.10
C GLY A 153 81.91 -19.46 -28.92
N ALA A 154 81.19 -18.54 -28.27
CA ALA A 154 80.17 -17.77 -28.96
C ALA A 154 80.83 -16.64 -29.74
N LEU A 155 80.19 -16.23 -30.82
CA LEU A 155 80.66 -15.10 -31.62
C LEU A 155 79.48 -14.22 -32.04
N ASP A 156 79.70 -12.92 -32.13
CA ASP A 156 78.63 -12.03 -32.61
C ASP A 156 78.39 -12.18 -34.12
N ASP A 157 77.31 -11.57 -34.62
CA ASP A 157 76.89 -11.75 -36.01
C ASP A 157 77.98 -11.36 -37.00
N VAL A 158 78.70 -10.29 -36.69
CA VAL A 158 79.82 -9.80 -37.50
C VAL A 158 80.96 -10.84 -37.54
N GLU A 159 81.29 -11.38 -36.38
CA GLU A 159 82.37 -12.34 -36.24
C GLU A 159 82.01 -13.69 -36.86
N ILE A 160 80.74 -14.05 -36.80
CA ILE A 160 80.24 -15.27 -37.44
C ILE A 160 80.42 -15.12 -38.96
N LEU A 161 80.07 -13.95 -39.46
CA LEU A 161 80.19 -13.61 -40.88
C LEU A 161 81.65 -13.62 -41.35
N ARG A 162 82.54 -13.00 -40.58
CA ARG A 162 83.94 -12.87 -40.95
C ARG A 162 84.66 -14.22 -40.95
N ALA A 163 84.25 -15.10 -40.04
CA ALA A 163 84.75 -16.48 -39.98
C ALA A 163 84.22 -17.35 -41.13
N ARG A 164 82.98 -17.12 -41.54
CA ARG A 164 82.40 -17.84 -42.68
C ARG A 164 83.07 -17.45 -43.98
N GLN A 165 83.36 -16.16 -44.12
CA GLN A 165 84.08 -15.69 -45.30
C GLN A 165 85.52 -16.20 -45.36
N PHE A 166 86.18 -16.35 -44.22
CA PHE A 166 87.51 -16.92 -44.21
C PHE A 166 87.47 -18.39 -44.67
N VAL A 167 86.54 -19.14 -44.06
CA VAL A 167 86.37 -20.55 -44.34
C VAL A 167 86.05 -20.78 -45.83
N ASP A 168 85.12 -19.98 -46.36
CA ASP A 168 84.70 -20.05 -47.76
C ASP A 168 85.87 -19.81 -48.69
N SER A 169 86.68 -18.82 -48.33
CA SER A 169 87.87 -18.44 -49.09
C SER A 169 88.91 -19.55 -49.09
N TYR A 170 89.11 -20.14 -47.92
CA TYR A 170 90.08 -21.22 -47.74
C TYR A 170 89.74 -22.40 -48.65
N TYR A 171 88.48 -22.82 -48.59
CA TYR A 171 87.98 -23.91 -49.41
C TYR A 171 88.10 -23.63 -50.91
N ARG A 172 87.89 -22.38 -51.31
CA ARG A 172 88.05 -22.03 -52.71
C ARG A 172 89.49 -22.20 -53.20
N THR A 173 90.44 -21.90 -52.32
CA THR A 173 91.86 -22.07 -52.61
C THR A 173 92.28 -23.54 -52.54
N TRP A 174 92.02 -24.18 -51.40
CA TRP A 174 92.55 -25.51 -51.08
C TRP A 174 91.60 -26.70 -51.27
N GLY A 175 90.33 -26.46 -51.55
CA GLY A 175 89.32 -27.52 -51.47
C GLY A 175 89.04 -27.97 -50.05
N GLY A 176 88.22 -29.01 -49.89
CA GLY A 176 87.85 -29.48 -48.53
C GLY A 176 88.26 -30.92 -48.25
N ARG A 177 89.29 -31.38 -48.95
CA ARG A 177 89.72 -32.78 -48.88
C ARG A 177 90.74 -33.08 -47.81
N TYR A 178 91.37 -32.07 -47.22
CA TYR A 178 92.44 -32.30 -46.26
C TYR A 178 92.15 -31.56 -44.96
N VAL A 179 92.23 -30.23 -44.98
CA VAL A 179 91.82 -29.43 -43.84
C VAL A 179 90.33 -29.14 -43.90
N GLN A 180 89.65 -29.34 -42.77
CA GLN A 180 88.23 -29.00 -42.62
C GLN A 180 88.01 -28.14 -41.41
N PHE A 181 86.94 -27.37 -41.43
CA PHE A 181 86.60 -26.53 -40.29
C PHE A 181 85.26 -27.00 -39.73
N ALA A 182 85.07 -26.77 -38.44
CA ALA A 182 83.86 -27.16 -37.80
C ALA A 182 83.58 -26.17 -36.69
N ILE A 183 82.34 -26.12 -36.24
CA ILE A 183 81.99 -25.25 -35.14
C ILE A 183 81.65 -26.10 -33.92
N GLU A 184 82.29 -25.77 -32.81
CA GLU A 184 82.07 -26.46 -31.56
C GLU A 184 80.61 -26.51 -31.15
N LEU A 185 80.20 -27.65 -30.61
CA LEU A 185 78.85 -27.82 -30.13
C LEU A 185 78.94 -28.23 -28.68
N LYS A 186 78.35 -27.42 -27.79
CA LYS A 186 78.44 -27.55 -26.33
C LYS A 186 77.06 -27.69 -25.66
N LEU B 1 -82.35 -76.94 -2.45
CA LEU B 1 -81.15 -76.22 -1.95
C LEU B 1 -79.99 -76.24 -2.95
N GLY B 2 -80.00 -77.19 -3.88
CA GLY B 2 -78.99 -77.29 -4.92
C GLY B 2 -77.59 -77.55 -4.39
N GLN B 3 -76.63 -76.74 -4.85
CA GLN B 3 -75.23 -76.83 -4.41
C GLN B 3 -75.04 -76.42 -2.93
N GLU B 4 -76.15 -76.13 -2.27
CA GLU B 4 -76.17 -75.64 -0.89
C GLU B 4 -76.76 -76.73 0.02
N LYS B 5 -77.08 -77.87 -0.59
CA LYS B 5 -77.74 -79.00 0.10
C LYS B 5 -76.88 -79.58 1.25
N GLU B 6 -75.57 -79.34 1.18
CA GLU B 6 -74.64 -79.92 2.13
C GLU B 6 -74.35 -78.99 3.31
N ARG B 7 -74.69 -77.71 3.15
CA ARG B 7 -74.39 -76.70 4.15
C ARG B 7 -75.60 -76.41 5.05
N PHE B 8 -76.78 -76.66 4.50
CA PHE B 8 -78.04 -76.27 5.11
C PHE B 8 -79.05 -77.41 5.15
N GLN B 9 -79.99 -77.31 6.07
CA GLN B 9 -81.11 -78.22 6.19
C GLN B 9 -82.35 -77.37 6.38
N VAL B 10 -83.40 -77.67 5.63
CA VAL B 10 -84.67 -77.01 5.83
C VAL B 10 -85.58 -77.90 6.65
N LEU B 11 -86.06 -77.41 7.79
CA LEU B 11 -86.90 -78.21 8.69
C LEU B 11 -88.23 -77.51 8.90
N PRO B 12 -89.33 -78.25 8.92
CA PRO B 12 -90.63 -77.64 9.25
C PRO B 12 -90.80 -77.38 10.73
N GLY B 13 -91.52 -76.31 11.07
CA GLY B 13 -91.82 -76.01 12.46
C GLY B 13 -93.27 -76.31 12.83
N ARG B 14 -93.46 -76.68 14.10
CA ARG B 14 -94.79 -76.76 14.71
C ARG B 14 -95.55 -75.43 14.69
N ASP B 15 -94.80 -74.33 14.57
CA ASP B 15 -95.36 -72.98 14.52
C ASP B 15 -95.69 -72.55 13.09
N LYS B 16 -95.60 -73.50 12.18
CA LYS B 16 -95.82 -73.30 10.74
C LYS B 16 -94.70 -72.53 10.04
N MET B 17 -93.67 -72.16 10.80
CA MET B 17 -92.49 -71.50 10.22
C MET B 17 -91.52 -72.54 9.69
N LEU B 18 -90.63 -72.11 8.81
CA LEU B 18 -89.60 -72.98 8.27
C LEU B 18 -88.28 -72.57 8.89
N TYR B 19 -87.45 -73.57 9.21
CA TYR B 19 -86.18 -73.37 9.86
C TYR B 19 -85.05 -73.80 8.93
N VAL B 20 -84.09 -72.90 8.70
CA VAL B 20 -82.90 -73.29 7.96
C VAL B 20 -81.73 -73.47 8.93
N ALA B 21 -81.24 -74.70 9.05
CA ALA B 21 -80.17 -75.07 9.97
C ALA B 21 -78.87 -74.86 9.27
N ALA B 22 -78.01 -74.03 9.86
CA ALA B 22 -76.71 -73.69 9.31
C ALA B 22 -75.63 -74.21 10.25
N GLN B 23 -74.40 -74.30 9.73
CA GLN B 23 -73.29 -74.98 10.37
C GLN B 23 -72.35 -74.01 11.06
N ASN B 24 -72.45 -72.73 10.70
CA ASN B 24 -71.55 -71.69 11.27
C ASN B 24 -72.16 -70.31 11.15
N GLU B 25 -71.44 -69.28 11.60
CA GLU B 25 -72.02 -67.95 11.69
C GLU B 25 -72.04 -67.31 10.31
N ARG B 26 -71.00 -67.53 9.53
CA ARG B 26 -70.88 -67.00 8.19
C ARG B 26 -72.00 -67.50 7.22
N ASP B 27 -72.29 -68.79 7.25
CA ASP B 27 -73.47 -69.36 6.58
C ASP B 27 -74.81 -68.83 7.13
N THR B 28 -74.88 -68.60 8.44
CA THR B 28 -76.08 -68.07 9.07
C THR B 28 -76.40 -66.63 8.62
N LEU B 29 -75.38 -65.79 8.59
CA LEU B 29 -75.50 -64.42 8.11
C LEU B 29 -75.91 -64.39 6.65
N TRP B 30 -75.17 -65.14 5.82
CA TRP B 30 -75.49 -65.23 4.39
C TRP B 30 -76.92 -65.72 4.15
N ALA B 31 -77.33 -66.76 4.89
CA ALA B 31 -78.68 -67.31 4.74
C ALA B 31 -79.74 -66.29 5.17
N ARG B 32 -79.49 -65.52 6.22
CA ARG B 32 -80.41 -64.48 6.68
C ARG B 32 -80.58 -63.37 5.65
N GLN B 33 -79.48 -63.06 4.96
CA GLN B 33 -79.45 -62.02 3.94
C GLN B 33 -80.33 -62.41 2.74
N VAL B 34 -80.17 -63.64 2.29
CA VAL B 34 -80.99 -64.21 1.23
C VAL B 34 -82.49 -64.14 1.58
N LEU B 35 -82.81 -64.56 2.80
CA LEU B 35 -84.17 -64.42 3.33
C LEU B 35 -84.65 -62.96 3.36
N ALA B 36 -83.86 -62.07 3.97
CA ALA B 36 -84.15 -60.62 4.00
C ALA B 36 -84.22 -59.96 2.61
N ARG B 37 -83.89 -60.72 1.58
CA ARG B 37 -83.95 -60.23 0.19
C ARG B 37 -85.27 -60.65 -0.48
N GLY B 38 -85.63 -61.92 -0.35
CA GLY B 38 -86.88 -62.46 -0.88
C GLY B 38 -88.10 -62.29 0.03
N ASP B 39 -87.90 -61.57 1.13
CA ASP B 39 -88.95 -61.30 2.13
C ASP B 39 -89.55 -62.56 2.77
N TYR B 40 -88.69 -63.45 3.24
CA TYR B 40 -89.13 -64.62 3.97
C TYR B 40 -88.90 -64.51 5.48
N ASP B 41 -88.39 -63.35 5.91
CA ASP B 41 -88.09 -63.00 7.33
C ASP B 41 -89.21 -63.26 8.33
N LYS B 42 -90.44 -63.20 7.86
CA LYS B 42 -91.63 -63.27 8.70
C LYS B 42 -92.11 -64.71 8.74
N ASN B 43 -91.55 -65.53 7.85
CA ASN B 43 -92.00 -66.90 7.62
C ASN B 43 -90.93 -67.98 7.82
N ALA B 44 -89.66 -67.59 7.80
CA ALA B 44 -88.53 -68.51 8.00
C ALA B 44 -87.46 -67.94 8.94
N ARG B 45 -86.79 -68.83 9.64
CA ARG B 45 -85.73 -68.48 10.56
C ARG B 45 -84.48 -69.32 10.24
N VAL B 46 -83.31 -68.72 10.48
CA VAL B 46 -82.05 -69.46 10.35
C VAL B 46 -81.58 -69.74 11.76
N ILE B 47 -81.21 -70.99 11.98
CA ILE B 47 -80.71 -71.47 13.26
C ILE B 47 -79.29 -72.05 13.17
N ASN B 48 -78.54 -71.98 14.28
CA ASN B 48 -77.24 -72.66 14.39
C ASN B 48 -77.07 -73.11 15.82
N GLU B 49 -76.19 -74.09 16.03
CA GLU B 49 -75.92 -74.67 17.36
C GLU B 49 -75.52 -73.63 18.41
N ASN B 50 -74.62 -72.73 18.05
CA ASN B 50 -74.10 -71.74 18.99
C ASN B 50 -75.16 -70.78 19.53
N GLU B 51 -75.92 -70.20 18.60
CA GLU B 51 -77.01 -69.30 18.94
C GLU B 51 -78.11 -70.03 19.70
N GLU B 52 -78.44 -71.25 19.30
CA GLU B 52 -79.52 -71.95 19.97
C GLU B 52 -79.12 -72.30 21.40
N ASN B 53 -77.86 -72.69 21.58
CA ASN B 53 -77.34 -72.93 22.92
C ASN B 53 -77.38 -71.69 23.83
N LYS B 54 -77.01 -70.53 23.29
CA LYS B 54 -77.13 -69.29 24.07
C LYS B 54 -78.59 -68.97 24.41
N ARG B 55 -79.48 -69.14 23.42
CA ARG B 55 -80.89 -68.76 23.56
C ARG B 55 -81.57 -69.60 24.66
N ILE B 56 -81.32 -70.90 24.66
CA ILE B 56 -81.89 -71.81 25.65
C ILE B 56 -81.27 -71.63 27.05
N SER B 57 -79.96 -71.37 27.11
CA SER B 57 -79.31 -71.00 28.34
C SER B 57 -79.96 -69.81 29.06
N ILE B 58 -80.28 -68.74 28.32
CA ILE B 58 -81.04 -67.59 28.86
C ILE B 58 -82.31 -68.07 29.51
N TRP B 59 -83.03 -68.94 28.82
CA TRP B 59 -84.31 -69.39 29.34
C TRP B 59 -84.10 -70.21 30.62
N LEU B 60 -83.07 -71.05 30.60
CA LEU B 60 -82.73 -71.87 31.77
C LEU B 60 -82.27 -71.03 32.96
N ASP B 61 -81.53 -69.94 32.69
CA ASP B 61 -81.12 -69.00 33.75
C ASP B 61 -82.30 -68.57 34.61
N THR B 62 -83.45 -68.35 33.99
CA THR B 62 -84.61 -67.98 34.78
C THR B 62 -85.50 -69.17 35.21
N TYR B 63 -85.65 -70.22 34.39
CA TYR B 63 -86.59 -71.29 34.76
C TYR B 63 -85.98 -72.48 35.49
N TYR B 64 -84.71 -72.78 35.20
CA TYR B 64 -83.98 -73.86 35.85
C TYR B 64 -82.62 -73.35 36.32
N PRO B 65 -82.61 -72.34 37.23
CA PRO B 65 -81.36 -71.64 37.60
C PRO B 65 -80.28 -72.48 38.23
N GLN B 66 -80.64 -73.57 38.92
CA GLN B 66 -79.62 -74.38 39.61
C GLN B 66 -79.19 -75.59 38.79
N LEU B 67 -79.60 -75.61 37.52
CA LEU B 67 -79.44 -76.79 36.66
C LEU B 67 -77.99 -77.03 36.33
N ALA B 68 -77.54 -78.26 36.56
CA ALA B 68 -76.17 -78.64 36.19
C ALA B 68 -76.18 -79.36 34.85
N TYR B 69 -75.75 -78.64 33.83
CA TYR B 69 -75.77 -79.14 32.48
C TYR B 69 -74.55 -78.66 31.70
N TYR B 70 -74.40 -79.26 30.51
CA TYR B 70 -73.28 -79.06 29.65
C TYR B 70 -73.67 -78.25 28.42
N ARG B 71 -74.41 -78.90 27.53
CA ARG B 71 -74.64 -78.38 26.17
C ARG B 71 -75.74 -79.18 25.44
N ILE B 72 -76.38 -78.54 24.45
CA ILE B 72 -77.30 -79.21 23.52
C ILE B 72 -76.58 -79.41 22.20
N HIS B 73 -76.71 -80.62 21.67
CA HIS B 73 -76.15 -81.02 20.39
C HIS B 73 -77.24 -81.25 19.36
N PHE B 74 -76.96 -80.88 18.10
CA PHE B 74 -77.95 -80.89 17.03
C PHE B 74 -77.45 -81.68 15.82
N ASP B 75 -76.62 -82.69 16.05
CA ASP B 75 -76.18 -83.57 14.98
C ASP B 75 -77.36 -84.06 14.16
N GLU B 76 -78.50 -84.23 14.84
CA GLU B 76 -79.80 -84.50 14.23
C GLU B 76 -80.75 -83.35 14.67
N PRO B 77 -80.84 -82.28 13.89
CA PRO B 77 -81.57 -81.10 14.37
C PRO B 77 -83.04 -81.30 14.77
N ARG B 78 -83.74 -82.27 14.16
CA ARG B 78 -85.10 -82.59 14.56
C ARG B 78 -85.17 -83.33 15.89
N LYS B 79 -84.03 -83.80 16.37
CA LYS B 79 -83.96 -84.52 17.64
C LYS B 79 -82.70 -84.07 18.37
N PRO B 80 -82.71 -82.85 18.93
CA PRO B 80 -81.54 -82.39 19.68
C PRO B 80 -81.29 -83.22 20.94
N VAL B 81 -80.03 -83.29 21.36
CA VAL B 81 -79.65 -84.03 22.55
C VAL B 81 -79.11 -83.02 23.59
N PHE B 82 -79.80 -82.93 24.71
CA PHE B 82 -79.42 -82.10 25.85
C PHE B 82 -78.61 -82.91 26.84
N TRP B 83 -77.35 -82.53 26.99
CA TRP B 83 -76.38 -83.18 27.88
C TRP B 83 -76.48 -82.59 29.28
N LEU B 84 -76.87 -83.43 30.23
CA LEU B 84 -76.99 -83.04 31.62
C LEU B 84 -75.92 -83.73 32.44
N SER B 85 -75.53 -83.14 33.56
CA SER B 85 -74.63 -83.81 34.49
C SER B 85 -75.24 -85.02 35.20
N ARG B 86 -74.54 -86.14 35.13
CA ARG B 86 -74.96 -87.38 35.74
C ARG B 86 -74.80 -87.30 37.26
N GLN B 87 -73.64 -86.82 37.70
CA GLN B 87 -73.37 -86.66 39.15
C GLN B 87 -74.25 -85.62 39.82
N ARG B 88 -74.50 -84.49 39.15
CA ARG B 88 -75.13 -83.32 39.78
C ARG B 88 -76.64 -83.19 39.52
N ASN B 89 -77.20 -84.18 38.86
CA ASN B 89 -78.62 -84.19 38.62
C ASN B 89 -79.38 -84.45 39.90
N THR B 90 -80.49 -83.74 40.08
CA THR B 90 -81.32 -83.82 41.28
C THR B 90 -82.75 -84.20 40.87
N MET B 91 -83.01 -84.18 39.57
CA MET B 91 -84.37 -84.39 39.06
C MET B 91 -84.69 -85.84 38.75
N SER B 92 -85.95 -86.20 39.00
CA SER B 92 -86.47 -87.53 38.70
C SER B 92 -86.77 -87.63 37.22
N LYS B 93 -87.09 -88.84 36.77
CA LYS B 93 -87.45 -89.09 35.38
C LYS B 93 -88.61 -88.20 34.97
N LYS B 94 -89.63 -88.09 35.84
CA LYS B 94 -90.81 -87.27 35.61
C LYS B 94 -90.45 -85.78 35.43
N GLU B 95 -89.62 -85.26 36.33
CA GLU B 95 -89.13 -83.88 36.23
C GLU B 95 -88.26 -83.62 34.99
N LEU B 96 -87.52 -84.64 34.57
CA LEU B 96 -86.74 -84.56 33.36
C LEU B 96 -87.62 -84.67 32.10
N GLU B 97 -88.75 -85.37 32.16
CA GLU B 97 -89.74 -85.37 31.05
C GLU B 97 -90.43 -84.01 30.91
N VAL B 98 -90.74 -83.39 32.05
CA VAL B 98 -91.23 -82.00 32.08
C VAL B 98 -90.24 -81.02 31.42
N LEU B 99 -88.98 -81.05 31.83
CA LEU B 99 -87.93 -80.23 31.22
C LEU B 99 -87.84 -80.46 29.70
N SER B 100 -87.74 -81.74 29.32
CA SER B 100 -87.71 -82.10 27.91
C SER B 100 -88.90 -81.54 27.10
N GLN B 101 -90.09 -81.55 27.70
CA GLN B 101 -91.32 -81.01 27.09
C GLN B 101 -91.24 -79.51 26.89
N LYS B 102 -90.68 -78.83 27.87
CA LYS B 102 -90.56 -77.37 27.82
C LYS B 102 -89.47 -76.97 26.84
N LEU B 103 -88.42 -77.79 26.74
CA LEU B 103 -87.37 -77.58 25.73
C LEU B 103 -87.91 -77.76 24.31
N ARG B 104 -88.73 -78.78 24.08
CA ARG B 104 -89.38 -78.99 22.80
C ARG B 104 -90.20 -77.79 22.33
N ALA B 105 -91.00 -77.22 23.26
CA ALA B 105 -91.86 -76.07 22.97
C ALA B 105 -91.07 -74.85 22.55
N LEU B 106 -89.85 -74.73 23.08
CA LEU B 106 -88.91 -73.67 22.76
C LEU B 106 -88.20 -73.84 21.40
N MET B 107 -88.25 -75.06 20.86
CA MET B 107 -87.62 -75.38 19.58
C MET B 107 -88.65 -76.00 18.66
N PRO B 108 -89.43 -75.15 17.95
CA PRO B 108 -90.56 -75.63 17.14
C PRO B 108 -90.16 -76.62 16.01
N TYR B 109 -88.87 -76.64 15.67
CA TYR B 109 -88.33 -77.51 14.62
C TYR B 109 -87.90 -78.91 15.18
N ALA B 110 -87.97 -79.09 16.49
CA ALA B 110 -87.56 -80.34 17.13
C ALA B 110 -88.73 -81.30 17.38
N ASP B 111 -88.63 -82.53 16.90
CA ASP B 111 -89.65 -83.57 17.15
C ASP B 111 -89.69 -83.86 18.65
N SER B 112 -88.52 -83.96 19.24
CA SER B 112 -88.37 -84.23 20.68
C SER B 112 -86.99 -83.77 21.09
N VAL B 113 -86.81 -83.60 22.38
CA VAL B 113 -85.53 -83.25 22.93
C VAL B 113 -85.13 -84.37 23.87
N ASN B 114 -84.05 -85.08 23.56
CA ASN B 114 -83.59 -86.15 24.44
C ASN B 114 -82.66 -85.60 25.51
N ILE B 115 -82.91 -85.98 26.75
CA ILE B 115 -82.06 -85.60 27.87
C ILE B 115 -81.16 -86.77 28.16
N THR B 116 -79.86 -86.50 28.12
CA THR B 116 -78.84 -87.54 28.28
C THR B 116 -77.86 -87.10 29.35
N LEU B 117 -77.59 -88.01 30.27
CA LEU B 117 -76.70 -87.76 31.39
C LEU B 117 -75.25 -87.99 30.99
N MET B 118 -74.40 -87.04 31.33
CA MET B 118 -72.99 -87.09 31.01
C MET B 118 -72.14 -87.04 32.27
N ASP B 119 -71.10 -87.86 32.28
CA ASP B 119 -70.28 -88.04 33.45
C ASP B 119 -69.27 -86.87 33.63
N ASP B 120 -69.32 -86.20 34.77
CA ASP B 120 -68.40 -85.09 35.13
C ASP B 120 -66.91 -85.45 35.14
N VAL B 121 -66.62 -86.66 35.59
CA VAL B 121 -65.25 -87.14 35.67
C VAL B 121 -64.70 -87.41 34.27
N THR B 122 -65.56 -87.96 33.42
CA THR B 122 -65.30 -88.07 31.99
C THR B 122 -65.10 -86.69 31.36
N ALA B 123 -65.93 -85.72 31.72
CA ALA B 123 -65.85 -84.36 31.14
C ALA B 123 -64.47 -83.73 31.38
N ALA B 124 -64.00 -83.89 32.62
CA ALA B 124 -62.72 -83.33 33.04
C ALA B 124 -61.56 -84.14 32.48
N GLY B 125 -61.73 -85.46 32.39
CA GLY B 125 -60.70 -86.34 31.86
C GLY B 125 -60.41 -86.11 30.39
N GLN B 126 -61.45 -85.81 29.61
CA GLN B 126 -61.26 -85.50 28.20
C GLN B 126 -60.52 -84.16 28.02
N ALA B 127 -60.77 -83.21 28.92
CA ALA B 127 -60.00 -81.97 28.94
C ALA B 127 -58.52 -82.28 29.22
N GLU B 128 -58.25 -83.09 30.25
CA GLU B 128 -56.87 -83.49 30.61
C GLU B 128 -56.13 -84.18 29.50
N ALA B 129 -56.78 -85.16 28.88
CA ALA B 129 -56.19 -85.98 27.84
C ALA B 129 -55.72 -85.10 26.68
N GLY B 130 -56.60 -84.23 26.19
CA GLY B 130 -56.26 -83.28 25.12
C GLY B 130 -55.08 -82.37 25.43
N LEU B 131 -54.92 -81.98 26.70
CA LEU B 131 -53.72 -81.24 27.12
C LEU B 131 -52.44 -82.13 27.22
N LYS B 132 -52.61 -83.36 27.67
CA LYS B 132 -51.49 -84.30 27.72
C LYS B 132 -51.01 -84.67 26.31
N GLN B 133 -51.97 -84.81 25.39
CA GLN B 133 -51.68 -85.11 23.98
C GLN B 133 -50.73 -84.12 23.34
N GLN B 134 -50.77 -82.87 23.79
CA GLN B 134 -49.95 -81.83 23.21
C GLN B 134 -48.78 -81.44 24.12
N ALA B 135 -48.47 -82.31 25.08
CA ALA B 135 -47.35 -82.09 26.00
C ALA B 135 -47.33 -80.63 26.45
N LEU B 136 -48.52 -80.16 26.83
CA LEU B 136 -48.74 -78.81 27.39
C LEU B 136 -48.60 -78.86 28.90
N PRO B 137 -47.75 -77.98 29.46
CA PRO B 137 -47.78 -77.95 30.91
C PRO B 137 -49.10 -77.27 31.32
N TYR B 138 -49.69 -77.71 32.44
CA TYR B 138 -50.98 -77.21 32.90
C TYR B 138 -51.07 -77.56 34.38
N SER B 139 -51.84 -76.79 35.16
CA SER B 139 -52.33 -77.25 36.46
C SER B 139 -53.85 -77.39 36.38
N ARG B 140 -54.30 -78.57 36.75
CA ARG B 140 -55.67 -78.85 37.02
C ARG B 140 -56.02 -78.38 38.41
N ARG B 141 -56.93 -77.41 38.50
CA ARG B 141 -57.36 -76.90 39.80
C ARG B 141 -58.82 -77.27 39.97
N ASN B 142 -59.12 -78.16 40.92
CA ASN B 142 -60.50 -78.54 41.24
C ASN B 142 -61.15 -77.55 42.21
N HIS B 143 -62.24 -76.92 41.76
CA HIS B 143 -62.99 -75.99 42.60
C HIS B 143 -64.33 -76.61 42.90
N LYS B 144 -65.12 -75.89 43.67
CA LYS B 144 -66.48 -76.33 43.96
C LYS B 144 -67.38 -76.05 42.76
N GLY B 145 -67.85 -77.13 42.13
CA GLY B 145 -68.70 -77.06 40.93
C GLY B 145 -68.00 -76.78 39.61
N GLY B 146 -66.67 -76.91 39.61
CA GLY B 146 -65.93 -76.84 38.36
C GLY B 146 -64.46 -77.20 38.46
N VAL B 147 -63.81 -77.17 37.30
CA VAL B 147 -62.39 -77.45 37.21
C VAL B 147 -61.84 -76.37 36.30
N THR B 148 -60.73 -75.75 36.71
CA THR B 148 -59.95 -74.91 35.81
C THR B 148 -58.63 -75.60 35.43
N PHE B 149 -58.37 -75.69 34.13
CA PHE B 149 -57.04 -76.08 33.63
C PHE B 149 -56.27 -74.84 33.23
N VAL B 150 -55.21 -74.54 33.97
CA VAL B 150 -54.39 -73.39 33.67
C VAL B 150 -53.17 -73.83 32.83
N ILE B 151 -53.13 -73.39 31.57
CA ILE B 151 -52.00 -73.72 30.69
C ILE B 151 -50.82 -72.82 31.03
N GLN B 152 -49.68 -73.45 31.31
CA GLN B 152 -48.48 -72.78 31.78
C GLN B 152 -47.39 -72.60 30.72
N GLY B 153 -46.40 -71.78 31.05
CA GLY B 153 -45.20 -71.59 30.23
C GLY B 153 -45.46 -70.86 28.94
N ALA B 154 -44.37 -70.49 28.27
CA ALA B 154 -44.45 -69.85 26.96
C ALA B 154 -44.68 -70.92 25.91
N LEU B 155 -45.33 -70.53 24.82
CA LEU B 155 -45.55 -71.42 23.68
C LEU B 155 -45.32 -70.66 22.38
N ASP B 156 -44.81 -71.34 21.35
CA ASP B 156 -44.64 -70.69 20.05
C ASP B 156 -46.00 -70.50 19.34
N ASP B 157 -46.00 -69.74 18.25
CA ASP B 157 -47.23 -69.35 17.56
C ASP B 157 -48.05 -70.56 17.12
N VAL B 158 -47.37 -71.61 16.67
CA VAL B 158 -47.99 -72.87 16.26
C VAL B 158 -48.67 -73.56 17.45
N GLU B 159 -47.97 -73.61 18.57
CA GLU B 159 -48.46 -74.26 19.78
C GLU B 159 -49.60 -73.48 20.43
N ILE B 160 -49.54 -72.15 20.31
CA ILE B 160 -50.62 -71.29 20.79
C ILE B 160 -51.89 -71.58 19.99
N LEU B 161 -51.72 -71.72 18.68
CA LEU B 161 -52.80 -72.03 17.75
C LEU B 161 -53.41 -73.41 18.02
N ARG B 162 -52.56 -74.41 18.21
CA ARG B 162 -53.01 -75.79 18.40
C ARG B 162 -53.75 -75.98 19.72
N ALA B 163 -53.34 -75.23 20.75
CA ALA B 163 -54.01 -75.18 22.04
C ALA B 163 -55.34 -74.44 21.98
N ARG B 164 -55.43 -73.39 21.18
CA ARG B 164 -56.68 -72.65 21.00
C ARG B 164 -57.71 -73.50 20.26
N GLN B 165 -57.25 -74.23 19.25
CA GLN B 165 -58.15 -75.13 18.55
C GLN B 165 -58.64 -76.30 19.41
N PHE B 166 -57.81 -76.79 20.31
CA PHE B 166 -58.27 -77.82 21.24
C PHE B 166 -59.35 -77.28 22.17
N VAL B 167 -59.06 -76.11 22.75
CA VAL B 167 -59.96 -75.46 23.68
C VAL B 167 -61.31 -75.15 23.02
N ASP B 168 -61.27 -74.61 21.81
CA ASP B 168 -62.46 -74.26 21.02
C ASP B 168 -63.32 -75.51 20.76
N SER B 169 -62.64 -76.59 20.44
CA SER B 169 -63.27 -77.87 20.16
C SER B 169 -63.94 -78.45 21.41
N TYR B 170 -63.24 -78.36 22.52
CA TYR B 170 -63.73 -78.86 23.80
C TYR B 170 -65.03 -78.16 24.16
N TYR B 171 -65.01 -76.84 24.11
CA TYR B 171 -66.17 -76.03 24.41
C TYR B 171 -67.37 -76.32 23.48
N ARG B 172 -67.09 -76.59 22.21
CA ARG B 172 -68.15 -76.95 21.29
C ARG B 172 -68.85 -78.25 21.68
N THR B 173 -68.07 -79.21 22.19
CA THR B 173 -68.60 -80.47 22.66
C THR B 173 -69.30 -80.33 24.03
N TRP B 174 -68.58 -79.79 25.01
CA TRP B 174 -69.02 -79.79 26.41
C TRP B 174 -69.63 -78.48 26.95
N GLY B 175 -69.57 -77.41 26.18
CA GLY B 175 -69.88 -76.07 26.72
C GLY B 175 -68.83 -75.58 27.69
N GLY B 176 -69.08 -74.42 28.33
CA GLY B 176 -68.08 -73.84 29.26
C GLY B 176 -68.57 -73.69 30.68
N ARG B 177 -69.54 -74.51 31.06
CA ARG B 177 -70.21 -74.40 32.35
C ARG B 177 -69.56 -75.18 33.48
N TYR B 178 -68.66 -76.10 33.17
CA TYR B 178 -68.08 -76.97 34.19
C TYR B 178 -66.56 -76.90 34.15
N VAL B 179 -65.95 -77.45 33.10
CA VAL B 179 -64.52 -77.29 32.88
C VAL B 179 -64.23 -76.02 32.11
N GLN B 180 -63.26 -75.25 32.60
CA GLN B 180 -62.78 -74.04 31.94
C GLN B 180 -61.29 -74.08 31.77
N PHE B 181 -60.79 -73.37 30.78
CA PHE B 181 -59.34 -73.29 30.54
C PHE B 181 -58.90 -71.84 30.75
N ALA B 182 -57.65 -71.68 31.14
CA ALA B 182 -57.12 -70.37 31.35
C ALA B 182 -55.63 -70.41 31.02
N ILE B 183 -55.06 -69.26 30.79
CA ILE B 183 -53.64 -69.18 30.51
C ILE B 183 -52.95 -68.49 31.68
N GLU B 184 -51.92 -69.14 32.18
CA GLU B 184 -51.13 -68.64 33.28
C GLU B 184 -50.60 -67.22 33.02
N LEU B 185 -50.62 -66.40 34.07
CA LEU B 185 -50.10 -65.05 33.98
C LEU B 185 -49.05 -64.91 35.06
N LYS B 186 -47.82 -64.61 34.65
CA LYS B 186 -46.63 -64.56 35.51
C LYS B 186 -45.93 -63.19 35.49
N LEU C 1 77.41 68.75 -44.61
CA LEU C 1 76.80 67.76 -43.65
C LEU C 1 75.52 68.30 -42.98
N GLY C 2 75.37 69.62 -42.96
CA GLY C 2 74.17 70.24 -42.39
C GLY C 2 74.00 70.00 -40.90
N GLN C 3 72.80 69.57 -40.52
CA GLN C 3 72.46 69.25 -39.12
C GLN C 3 73.22 68.01 -38.61
N GLU C 4 74.09 67.47 -39.45
CA GLU C 4 74.83 66.24 -39.18
C GLU C 4 76.31 66.58 -38.99
N LYS C 5 76.62 67.87 -39.05
CA LYS C 5 78.00 68.38 -38.99
C LYS C 5 78.69 68.05 -37.66
N GLU C 6 77.88 67.81 -36.62
CA GLU C 6 78.41 67.59 -35.28
C GLU C 6 78.63 66.11 -34.97
N ARG C 7 78.03 65.24 -35.77
CA ARG C 7 78.09 63.80 -35.53
C ARG C 7 79.17 63.13 -36.39
N PHE C 8 79.47 63.77 -37.52
CA PHE C 8 80.33 63.18 -38.53
C PHE C 8 81.43 64.15 -39.00
N GLN C 9 82.49 63.57 -39.54
CA GLN C 9 83.57 64.31 -40.14
C GLN C 9 83.88 63.64 -41.46
N VAL C 10 84.03 64.43 -42.52
CA VAL C 10 84.44 63.89 -43.79
C VAL C 10 85.94 64.17 -43.99
N LEU C 11 86.72 63.13 -44.19
CA LEU C 11 88.18 63.26 -44.33
C LEU C 11 88.62 62.69 -45.66
N PRO C 12 89.56 63.36 -46.35
CA PRO C 12 90.11 62.79 -47.59
C PRO C 12 91.12 61.69 -47.33
N GLY C 13 91.17 60.70 -48.22
CA GLY C 13 92.14 59.64 -48.12
C GLY C 13 93.26 59.77 -49.14
N ARG C 14 94.45 59.30 -48.75
CA ARG C 14 95.59 59.10 -49.66
C ARG C 14 95.26 58.13 -50.81
N ASP C 15 94.25 57.28 -50.60
CA ASP C 15 93.81 56.29 -51.60
C ASP C 15 92.74 56.87 -52.51
N LYS C 16 92.52 58.17 -52.41
CA LYS C 16 91.50 58.92 -53.16
C LYS C 16 90.07 58.64 -52.70
N MET C 17 89.91 57.80 -51.68
CA MET C 17 88.60 57.54 -51.09
C MET C 17 88.27 58.60 -50.05
N LEU C 18 86.99 58.73 -49.73
CA LEU C 18 86.54 59.66 -48.70
C LEU C 18 86.14 58.84 -47.49
N TYR C 19 86.47 59.36 -46.31
CA TYR C 19 86.22 58.69 -45.05
C TYR C 19 85.21 59.50 -44.23
N VAL C 20 84.13 58.86 -43.80
CA VAL C 20 83.22 59.51 -42.87
C VAL C 20 83.43 58.96 -41.47
N ALA C 21 83.90 59.82 -40.56
CA ALA C 21 84.22 59.44 -39.19
C ALA C 21 82.99 59.59 -38.36
N ALA C 22 82.56 58.50 -37.72
CA ALA C 22 81.36 58.47 -36.90
C ALA C 22 81.77 58.20 -35.45
N GLN C 23 80.85 58.48 -34.53
CA GLN C 23 81.10 58.54 -33.10
C GLN C 23 80.65 57.28 -32.40
N ASN C 24 79.79 56.49 -33.07
CA ASN C 24 79.23 55.27 -32.48
C ASN C 24 78.74 54.29 -33.55
N GLU C 25 78.19 53.16 -33.13
CA GLU C 25 77.86 52.10 -34.09
C GLU C 25 76.56 52.45 -34.81
N ARG C 26 75.61 53.03 -34.08
CA ARG C 26 74.33 53.42 -34.63
C ARG C 26 74.44 54.51 -35.75
N ASP C 27 75.26 55.53 -35.52
CA ASP C 27 75.64 56.48 -36.58
C ASP C 27 76.43 55.84 -37.73
N THR C 28 77.27 54.85 -37.44
CA THR C 28 78.04 54.15 -38.46
C THR C 28 77.15 53.34 -39.41
N LEU C 29 76.20 52.61 -38.84
CA LEU C 29 75.23 51.85 -39.59
C LEU C 29 74.37 52.76 -40.46
N TRP C 30 73.80 53.79 -39.84
CA TRP C 30 72.99 54.76 -40.56
C TRP C 30 73.77 55.42 -41.71
N ALA C 31 75.01 55.81 -41.44
CA ALA C 31 75.84 56.45 -42.45
C ALA C 31 76.15 55.49 -43.61
N ARG C 32 76.39 54.21 -43.30
CA ARG C 32 76.65 53.20 -44.33
C ARG C 32 75.42 52.97 -45.23
N GLN C 33 74.23 53.07 -44.62
CA GLN C 33 72.96 52.87 -45.32
C GLN C 33 72.74 53.98 -46.34
N VAL C 34 72.97 55.22 -45.91
CA VAL C 34 72.90 56.39 -46.78
C VAL C 34 73.84 56.24 -47.97
N LEU C 35 75.08 55.85 -47.71
CA LEU C 35 76.06 55.53 -48.75
C LEU C 35 75.57 54.41 -49.68
N ALA C 36 75.17 53.27 -49.12
CA ALA C 36 74.60 52.15 -49.88
C ALA C 36 73.31 52.49 -50.65
N ARG C 37 72.79 53.70 -50.44
CA ARG C 37 71.60 54.17 -51.14
C ARG C 37 71.96 55.02 -52.36
N GLY C 38 72.89 55.96 -52.17
CA GLY C 38 73.39 56.82 -53.24
C GLY C 38 74.53 56.24 -54.05
N ASP C 39 74.87 54.97 -53.77
CA ASP C 39 75.95 54.24 -54.44
C ASP C 39 77.34 54.88 -54.29
N TYR C 40 77.70 55.21 -53.06
CA TYR C 40 79.03 55.72 -52.77
C TYR C 40 79.94 54.68 -52.10
N ASP C 41 79.41 53.46 -51.93
CA ASP C 41 80.10 52.29 -51.33
C ASP C 41 81.49 51.97 -51.86
N LYS C 42 81.72 52.33 -53.11
CA LYS C 42 82.92 51.96 -53.83
C LYS C 42 83.92 53.11 -53.72
N ASN C 43 83.43 54.25 -53.23
CA ASN C 43 84.19 55.50 -53.20
C ASN C 43 84.35 56.13 -51.81
N ALA C 44 83.51 55.73 -50.86
CA ALA C 44 83.57 56.24 -49.48
C ALA C 44 83.43 55.12 -48.44
N ARG C 45 84.06 55.32 -47.30
CA ARG C 45 84.01 54.39 -46.20
C ARG C 45 83.60 55.13 -44.92
N VAL C 46 82.90 54.43 -44.04
CA VAL C 46 82.57 54.97 -42.72
C VAL C 46 83.49 54.29 -41.73
N ILE C 47 84.09 55.10 -40.88
CA ILE C 47 85.00 54.64 -39.84
C ILE C 47 84.53 55.02 -38.42
N ASN C 48 84.92 54.22 -37.43
CA ASN C 48 84.71 54.58 -36.01
C ASN C 48 85.88 54.04 -35.22
N GLU C 49 86.09 54.60 -34.03
CA GLU C 49 87.20 54.21 -33.14
C GLU C 49 87.23 52.72 -32.81
N ASN C 50 86.08 52.16 -32.46
CA ASN C 50 86.00 50.76 -32.05
C ASN C 50 86.39 49.77 -33.14
N GLU C 51 85.82 49.95 -34.32
CA GLU C 51 86.14 49.13 -35.48
C GLU C 51 87.59 49.32 -35.91
N GLU C 52 88.08 50.55 -35.89
CA GLU C 52 89.44 50.78 -36.36
C GLU C 52 90.43 50.14 -35.40
N ASN C 53 90.14 50.22 -34.10
CA ASN C 53 90.97 49.54 -33.11
C ASN C 53 91.00 48.02 -33.29
N LYS C 54 89.85 47.41 -33.56
CA LYS C 54 89.84 45.97 -33.86
C LYS C 54 90.62 45.63 -35.12
N ARG C 55 90.45 46.45 -36.17
CA ARG C 55 91.05 46.19 -37.49
C ARG C 55 92.58 46.23 -37.40
N ILE C 56 93.11 47.23 -36.71
CA ILE C 56 94.55 47.38 -36.54
C ILE C 56 95.16 46.32 -35.60
N SER C 57 94.44 45.97 -34.53
CA SER C 57 94.81 44.85 -33.68
C SER C 57 95.03 43.54 -34.44
N ILE C 58 94.12 43.19 -35.36
CA ILE C 58 94.30 42.03 -36.23
C ILE C 58 95.61 42.10 -36.95
N TRP C 59 95.92 43.28 -37.51
CA TRP C 59 97.14 43.42 -38.28
C TRP C 59 98.36 43.25 -37.37
N LEU C 60 98.28 43.83 -36.17
CA LEU C 60 99.35 43.73 -35.18
C LEU C 60 99.54 42.30 -34.68
N ASP C 61 98.44 41.55 -34.53
CA ASP C 61 98.53 40.12 -34.15
C ASP C 61 99.49 39.35 -35.04
N THR C 62 99.50 39.67 -36.33
CA THR C 62 100.44 38.99 -37.20
C THR C 62 101.78 39.73 -37.40
N TYR C 63 101.81 41.07 -37.43
CA TYR C 63 103.08 41.76 -37.74
C TYR C 63 103.90 42.18 -36.52
N TYR C 64 103.22 42.49 -35.42
CA TYR C 64 103.87 42.88 -34.17
C TYR C 64 103.30 42.07 -33.00
N PRO C 65 103.42 40.72 -33.06
CA PRO C 65 102.72 39.84 -32.11
C PRO C 65 103.06 40.01 -30.63
N GLN C 66 104.27 40.47 -30.32
CA GLN C 66 104.69 40.59 -28.91
C GLN C 66 104.50 42.01 -28.39
N LEU C 67 103.81 42.84 -29.16
CA LEU C 67 103.73 44.28 -28.89
C LEU C 67 102.89 44.55 -27.65
N ALA C 68 103.46 45.33 -26.73
CA ALA C 68 102.73 45.75 -25.53
C ALA C 68 102.13 47.14 -25.74
N TYR C 69 100.84 47.16 -25.97
CA TYR C 69 100.15 48.39 -26.26
C TYR C 69 98.75 48.39 -25.64
N TYR C 70 98.14 49.57 -25.69
CA TYR C 70 96.88 49.85 -25.08
C TYR C 70 95.79 50.00 -26.13
N ARG C 71 95.84 51.14 -26.86
CA ARG C 71 94.72 51.58 -27.70
C ARG C 71 95.15 52.74 -28.61
N ILE C 72 94.43 52.92 -29.73
CA ILE C 72 94.55 54.08 -30.61
C ILE C 72 93.36 55.00 -30.35
N HIS C 73 93.66 56.28 -30.21
CA HIS C 73 92.68 57.33 -30.01
C HIS C 73 92.60 58.24 -31.23
N PHE C 74 91.38 58.70 -31.55
CA PHE C 74 91.10 59.45 -32.76
C PHE C 74 90.40 60.78 -32.45
N ASP C 75 90.67 61.35 -31.28
CA ASP C 75 90.14 62.67 -30.94
C ASP C 75 90.38 63.66 -32.07
N GLU C 76 91.51 63.47 -32.77
CA GLU C 76 91.85 64.17 -34.01
C GLU C 76 92.04 63.08 -35.10
N PRO C 77 90.97 62.73 -35.83
CA PRO C 77 91.08 61.57 -36.73
C PRO C 77 92.19 61.61 -37.80
N ARG C 78 92.57 62.80 -38.26
CA ARG C 78 93.70 62.93 -39.20
C ARG C 78 95.04 62.69 -38.53
N LYS C 79 95.07 62.67 -37.21
CA LYS C 79 96.30 62.45 -36.46
C LYS C 79 95.97 61.54 -35.28
N PRO C 80 95.78 60.23 -35.54
CA PRO C 80 95.49 59.30 -34.44
C PRO C 80 96.70 59.16 -33.49
N VAL C 81 96.42 58.86 -32.23
CA VAL C 81 97.45 58.66 -31.23
C VAL C 81 97.41 57.19 -30.78
N PHE C 82 98.51 56.49 -31.04
CA PHE C 82 98.71 55.11 -30.62
C PHE C 82 99.43 55.05 -29.28
N TRP C 83 98.71 54.56 -28.27
CA TRP C 83 99.21 54.44 -26.90
C TRP C 83 99.96 53.12 -26.73
N LEU C 84 101.25 53.23 -26.44
CA LEU C 84 102.10 52.07 -26.21
C LEU C 84 102.51 52.02 -24.76
N SER C 85 102.82 50.83 -24.24
CA SER C 85 103.39 50.72 -22.90
C SER C 85 104.79 51.27 -22.76
N ARG C 86 104.97 52.13 -21.77
CA ARG C 86 106.24 52.76 -21.48
C ARG C 86 107.20 51.76 -20.86
N GLN C 87 106.72 51.00 -19.88
CA GLN C 87 107.52 49.96 -19.21
C GLN C 87 107.91 48.80 -20.12
N ARG C 88 106.97 48.36 -20.97
CA ARG C 88 107.15 47.11 -21.73
C ARG C 88 107.62 47.30 -23.17
N ASN C 89 107.93 48.54 -23.52
CA ASN C 89 108.46 48.79 -24.84
C ASN C 89 109.87 48.28 -24.96
N THR C 90 110.18 47.71 -26.13
CA THR C 90 111.48 47.11 -26.42
C THR C 90 112.08 47.77 -27.66
N MET C 91 111.27 48.58 -28.34
CA MET C 91 111.68 49.18 -29.62
C MET C 91 112.34 50.53 -29.48
N SER C 92 113.32 50.77 -30.36
CA SER C 92 114.03 52.04 -30.42
C SER C 92 113.18 53.06 -31.15
N LYS C 93 113.63 54.31 -31.14
CA LYS C 93 112.95 55.39 -31.84
C LYS C 93 112.76 55.04 -33.31
N LYS C 94 113.82 54.52 -33.94
CA LYS C 94 113.82 54.11 -35.34
C LYS C 94 112.76 53.03 -35.62
N GLU C 95 112.73 52.00 -34.78
CA GLU C 95 111.73 50.94 -34.89
C GLU C 95 110.30 51.42 -34.65
N LEU C 96 110.14 52.42 -33.78
CA LEU C 96 108.87 53.03 -33.54
C LEU C 96 108.44 53.96 -34.69
N GLU C 97 109.40 54.57 -35.40
CA GLU C 97 109.09 55.34 -36.63
C GLU C 97 108.64 54.42 -37.77
N VAL C 98 109.28 53.26 -37.89
CA VAL C 98 108.86 52.20 -38.81
C VAL C 98 107.40 51.76 -38.52
N LEU C 99 107.09 51.41 -37.27
CA LEU C 99 105.73 51.07 -36.86
C LEU C 99 104.73 52.17 -37.21
N SER C 100 105.04 53.39 -36.80
CA SER C 100 104.21 54.55 -37.11
C SER C 100 103.93 54.71 -38.63
N GLN C 101 104.95 54.44 -39.46
CA GLN C 101 104.84 54.50 -40.92
C GLN C 101 103.90 53.45 -41.46
N LYS C 102 103.98 52.25 -40.89
CA LYS C 102 103.15 51.14 -41.34
C LYS C 102 101.71 51.33 -40.86
N LEU C 103 101.55 51.94 -39.69
CA LEU C 103 100.21 52.32 -39.20
C LEU C 103 99.55 53.38 -40.07
N ARG C 104 100.31 54.39 -40.50
CA ARG C 104 99.82 55.39 -41.42
C ARG C 104 99.28 54.81 -42.73
N ALA C 105 100.03 53.87 -43.32
CA ALA C 105 99.67 53.22 -44.58
C ALA C 105 98.37 52.44 -44.47
N LEU C 106 98.09 51.93 -43.28
CA LEU C 106 96.86 51.21 -42.95
C LEU C 106 95.64 52.12 -42.73
N MET C 107 95.90 53.41 -42.52
CA MET C 107 94.85 54.39 -42.29
C MET C 107 95.00 55.54 -43.27
N PRO C 108 94.45 55.39 -44.49
CA PRO C 108 94.67 56.35 -45.58
C PRO C 108 94.17 57.78 -45.26
N TYR C 109 93.32 57.91 -44.24
CA TYR C 109 92.74 59.19 -43.81
C TYR C 109 93.63 59.90 -42.75
N ALA C 110 94.69 59.23 -42.30
CA ALA C 110 95.59 59.79 -41.27
C ALA C 110 96.82 60.48 -41.87
N ASP C 111 97.05 61.75 -41.49
CA ASP C 111 98.25 62.48 -41.92
C ASP C 111 99.49 61.80 -41.34
N SER C 112 99.40 61.41 -40.08
CA SER C 112 100.47 60.72 -39.36
C SER C 112 99.86 60.00 -38.19
N VAL C 113 100.60 59.04 -37.67
CA VAL C 113 100.18 58.32 -36.49
C VAL C 113 101.23 58.59 -35.42
N ASN C 114 100.84 59.24 -34.34
CA ASN C 114 101.78 59.50 -33.25
C ASN C 114 101.81 58.33 -32.27
N ILE C 115 103.02 57.88 -31.94
CA ILE C 115 103.20 56.83 -30.96
C ILE C 115 103.56 57.49 -29.65
N THR C 116 102.77 57.18 -28.63
CA THR C 116 102.90 57.82 -27.32
C THR C 116 102.97 56.72 -26.27
N LEU C 117 103.95 56.85 -25.39
CA LEU C 117 104.19 55.88 -24.31
C LEU C 117 103.31 56.19 -23.13
N MET C 118 102.66 55.16 -22.60
CA MET C 118 101.77 55.28 -21.48
C MET C 118 102.24 54.38 -20.33
N ASP C 119 102.14 54.94 -19.13
CA ASP C 119 102.66 54.29 -17.95
C ASP C 119 101.70 53.18 -17.44
N ASP C 120 102.21 51.95 -17.34
CA ASP C 120 101.45 50.78 -16.82
C ASP C 120 100.91 50.94 -15.39
N VAL C 121 101.70 51.58 -14.55
CA VAL C 121 101.34 51.79 -13.16
C VAL C 121 100.21 52.81 -13.05
N THR C 122 100.30 53.85 -13.90
CA THR C 122 99.21 54.79 -14.10
C THR C 122 97.97 54.08 -14.64
N ALA C 123 98.13 53.17 -15.60
CA ALA C 123 96.99 52.46 -16.22
C ALA C 123 96.18 51.69 -15.17
N ALA C 124 96.90 51.01 -14.27
CA ALA C 124 96.29 50.21 -13.22
C ALA C 124 95.75 51.09 -12.11
N GLY C 125 96.42 52.18 -11.82
CA GLY C 125 96.00 53.12 -10.78
C GLY C 125 94.69 53.82 -11.11
N GLN C 126 94.50 54.16 -12.38
CA GLN C 126 93.24 54.76 -12.82
C GLN C 126 92.08 53.77 -12.72
N ALA C 127 92.36 52.48 -12.96
CA ALA C 127 91.37 51.44 -12.74
C ALA C 127 91.01 51.37 -11.25
N GLU C 128 92.02 51.36 -10.37
CA GLU C 128 91.80 51.33 -8.91
C GLU C 128 90.99 52.49 -8.38
N ALA C 129 91.37 53.70 -8.81
CA ALA C 129 90.75 54.93 -8.36
C ALA C 129 89.26 54.92 -8.65
N GLY C 130 88.90 54.61 -9.90
CA GLY C 130 87.49 54.49 -10.32
C GLY C 130 86.68 53.49 -9.50
N LEU C 131 87.30 52.40 -9.08
CA LEU C 131 86.64 51.45 -8.17
C LEU C 131 86.53 51.97 -6.71
N LYS C 132 87.56 52.68 -6.24
CA LYS C 132 87.53 53.29 -4.91
C LYS C 132 86.48 54.39 -4.85
N GLN C 133 86.36 55.16 -5.94
CA GLN C 133 85.37 56.23 -6.06
C GLN C 133 83.94 55.78 -5.81
N GLN C 134 83.66 54.53 -6.13
CA GLN C 134 82.32 53.99 -6.01
C GLN C 134 82.20 53.04 -4.83
N ALA C 135 83.17 53.09 -3.91
CA ALA C 135 83.16 52.26 -2.70
C ALA C 135 82.74 50.82 -3.06
N LEU C 136 83.35 50.32 -4.14
CA LEU C 136 83.17 48.95 -4.62
C LEU C 136 84.21 48.04 -3.97
N PRO C 137 83.74 46.95 -3.36
CA PRO C 137 84.78 46.03 -2.91
C PRO C 137 85.37 45.35 -4.16
N TYR C 138 86.67 45.06 -4.14
CA TYR C 138 87.38 44.49 -5.28
C TYR C 138 88.66 43.86 -4.73
N SER C 139 89.19 42.86 -5.42
CA SER C 139 90.59 42.45 -5.24
C SER C 139 91.34 42.74 -6.53
N ARG C 140 92.43 43.47 -6.37
CA ARG C 140 93.43 43.65 -7.38
C ARG C 140 94.35 42.45 -7.38
N ARG C 141 94.36 41.72 -8.49
CA ARG C 141 95.25 40.56 -8.60
C ARG C 141 96.26 40.86 -9.69
N ASN C 142 97.53 41.00 -9.30
CA ASN C 142 98.63 41.21 -10.25
C ASN C 142 99.13 39.90 -10.85
N HIS C 143 99.03 39.77 -12.16
CA HIS C 143 99.51 38.60 -12.87
C HIS C 143 100.69 39.01 -13.70
N LYS C 144 101.27 38.04 -14.40
CA LYS C 144 102.35 38.32 -15.32
C LYS C 144 101.80 38.93 -16.61
N GLY C 145 102.13 40.19 -16.83
CA GLY C 145 101.66 40.94 -18.01
C GLY C 145 100.24 41.48 -17.95
N GLY C 146 99.64 41.47 -16.76
CA GLY C 146 98.36 42.12 -16.55
C GLY C 146 97.90 42.22 -15.11
N VAL C 147 96.75 42.84 -14.95
CA VAL C 147 96.12 43.01 -13.65
C VAL C 147 94.67 42.67 -13.86
N THR C 148 94.11 41.84 -12.99
CA THR C 148 92.66 41.67 -12.92
C THR C 148 92.09 42.33 -11.66
N PHE C 149 91.08 43.18 -11.84
CA PHE C 149 90.28 43.69 -10.71
C PHE C 149 88.99 42.89 -10.63
N VAL C 150 88.85 42.11 -9.56
CA VAL C 150 87.65 41.32 -9.36
C VAL C 150 86.69 42.08 -8.44
N ILE C 151 85.54 42.51 -8.98
CA ILE C 151 84.54 43.21 -8.18
C ILE C 151 83.74 42.20 -7.35
N GLN C 152 83.71 42.42 -6.05
CA GLN C 152 83.12 41.50 -5.09
C GLN C 152 81.75 41.92 -4.57
N GLY C 153 81.08 40.99 -3.90
CA GLY C 153 79.82 41.25 -3.20
C GLY C 153 78.65 41.49 -4.12
N ALA C 154 77.45 41.52 -3.53
CA ALA C 154 76.25 41.83 -4.28
C ALA C 154 76.14 43.34 -4.45
N LEU C 155 75.49 43.76 -5.53
CA LEU C 155 75.24 45.17 -5.78
C LEU C 155 73.82 45.36 -6.30
N ASP C 156 73.19 46.48 -5.96
CA ASP C 156 71.85 46.76 -6.49
C ASP C 156 71.91 47.17 -7.98
N ASP C 157 70.74 47.25 -8.61
CA ASP C 157 70.66 47.47 -10.06
C ASP C 157 71.36 48.75 -10.49
N VAL C 158 71.23 49.80 -9.66
CA VAL C 158 71.88 51.09 -9.89
C VAL C 158 73.40 50.95 -9.83
N GLU C 159 73.89 50.24 -8.82
CA GLU C 159 75.31 50.05 -8.60
C GLU C 159 75.93 49.13 -9.65
N ILE C 160 75.16 48.17 -10.12
CA ILE C 160 75.59 47.28 -11.21
C ILE C 160 75.79 48.12 -12.47
N LEU C 161 74.84 49.01 -12.73
CA LEU C 161 74.87 49.93 -13.87
C LEU C 161 76.05 50.89 -13.80
N ARG C 162 76.28 51.49 -12.64
CA ARG C 162 77.33 52.49 -12.47
C ARG C 162 78.73 51.88 -12.60
N ALA C 163 78.86 50.63 -12.17
CA ALA C 163 80.10 49.86 -12.32
C ALA C 163 80.34 49.43 -13.77
N ARG C 164 79.27 49.10 -14.49
CA ARG C 164 79.38 48.74 -15.91
C ARG C 164 79.79 49.94 -16.75
N GLN C 165 79.23 51.10 -16.43
CA GLN C 165 79.61 52.32 -17.13
C GLN C 165 81.06 52.74 -16.84
N PHE C 166 81.54 52.50 -15.63
CA PHE C 166 82.95 52.78 -15.34
C PHE C 166 83.85 51.88 -16.17
N VAL C 167 83.54 50.58 -16.13
CA VAL C 167 84.31 49.58 -16.83
C VAL C 167 84.36 49.86 -18.35
N ASP C 168 83.19 50.17 -18.92
CA ASP C 168 83.03 50.49 -20.34
C ASP C 168 83.90 51.69 -20.72
N SER C 169 83.88 52.69 -19.86
CA SER C 169 84.64 53.91 -20.03
C SER C 169 86.15 53.65 -19.98
N TYR C 170 86.55 52.83 -19.03
CA TYR C 170 87.96 52.48 -18.84
C TYR C 170 88.50 51.82 -20.11
N TYR C 171 87.78 50.82 -20.59
CA TYR C 171 88.15 50.10 -21.79
C TYR C 171 88.22 51.00 -23.03
N ARG C 172 87.32 51.98 -23.12
CA ARG C 172 87.36 52.91 -24.23
C ARG C 172 88.63 53.76 -24.24
N THR C 173 89.10 54.11 -23.04
CA THR C 173 90.34 54.87 -22.88
C THR C 173 91.58 53.97 -23.08
N TRP C 174 91.65 52.89 -22.31
CA TRP C 174 92.86 52.05 -22.22
C TRP C 174 92.89 50.76 -23.04
N GLY C 175 91.76 50.37 -23.64
CA GLY C 175 91.62 49.02 -24.21
C GLY C 175 91.55 47.95 -23.13
N GLY C 176 91.54 46.68 -23.55
CA GLY C 176 91.41 45.56 -22.58
C GLY C 176 92.60 44.60 -22.59
N ARG C 177 93.75 45.11 -23.01
CA ARG C 177 94.94 44.28 -23.20
C ARG C 177 95.83 44.15 -21.97
N TYR C 178 95.63 44.98 -20.96
CA TYR C 178 96.52 44.98 -19.79
C TYR C 178 95.70 44.83 -18.51
N VAL C 179 94.94 45.85 -18.13
CA VAL C 179 94.01 45.73 -17.02
C VAL C 179 92.67 45.18 -17.50
N GLN C 180 92.16 44.20 -16.76
CA GLN C 180 90.83 43.63 -17.00
C GLN C 180 90.01 43.63 -15.74
N PHE C 181 88.70 43.63 -15.91
CA PHE C 181 87.80 43.59 -14.76
C PHE C 181 86.99 42.30 -14.83
N ALA C 182 86.57 41.82 -13.67
CA ALA C 182 85.81 40.62 -13.61
C ALA C 182 84.88 40.73 -12.42
N ILE C 183 83.84 39.91 -12.42
CA ILE C 183 82.92 39.90 -11.31
C ILE C 183 83.05 38.58 -10.55
N GLU C 184 83.24 38.70 -9.25
CA GLU C 184 83.37 37.56 -8.39
C GLU C 184 82.22 36.56 -8.52
N LEU C 185 82.57 35.28 -8.48
CA LEU C 185 81.56 34.24 -8.55
C LEU C 185 81.75 33.37 -7.32
N LYS C 186 80.70 33.28 -6.50
CA LYS C 186 80.72 32.61 -5.19
C LYS C 186 79.66 31.50 -5.08
N LEU D 1 -2.70 110.95 19.68
CA LEU D 1 -2.37 109.50 19.89
C LEU D 1 -3.62 108.61 20.02
N GLY D 2 -4.75 109.23 20.36
CA GLY D 2 -6.02 108.51 20.46
C GLY D 2 -6.03 107.45 21.55
N GLN D 3 -6.47 106.23 21.17
CA GLN D 3 -6.51 105.09 22.09
C GLN D 3 -5.11 104.60 22.50
N GLU D 4 -4.09 105.32 22.03
CA GLU D 4 -2.69 104.96 22.24
C GLU D 4 -2.04 105.98 23.18
N LYS D 5 -2.86 106.92 23.66
CA LYS D 5 -2.40 108.04 24.52
C LYS D 5 -1.81 107.55 25.85
N GLU D 6 -2.17 106.34 26.26
CA GLU D 6 -1.77 105.81 27.55
C GLU D 6 -0.50 104.97 27.47
N ARG D 7 -0.14 104.56 26.26
CA ARG D 7 1.00 103.68 26.04
C ARG D 7 2.25 104.46 25.64
N PHE D 8 2.02 105.62 25.03
CA PHE D 8 3.07 106.41 24.41
C PHE D 8 3.03 107.88 24.83
N GLN D 9 4.18 108.54 24.70
CA GLN D 9 4.32 109.96 24.92
C GLN D 9 5.11 110.51 23.77
N VAL D 10 4.66 111.60 23.20
CA VAL D 10 5.41 112.28 22.16
C VAL D 10 6.13 113.48 22.78
N LEU D 11 7.45 113.52 22.65
CA LEU D 11 8.26 114.59 23.26
C LEU D 11 9.07 115.29 22.19
N PRO D 12 9.17 116.63 22.26
CA PRO D 12 10.03 117.34 21.31
C PRO D 12 11.51 117.23 21.66
N GLY D 13 12.37 117.22 20.65
CA GLY D 13 13.80 117.20 20.87
C GLY D 13 14.46 118.53 20.57
N ARG D 14 15.54 118.81 21.31
CA ARG D 14 16.47 119.92 21.02
C ARG D 14 17.09 119.82 19.62
N ASP D 15 17.11 118.60 19.07
CA ASP D 15 17.66 118.33 17.73
C ASP D 15 16.61 118.47 16.64
N LYS D 16 15.45 118.99 17.03
CA LYS D 16 14.28 119.17 16.16
C LYS D 16 13.57 117.87 15.79
N MET D 17 14.07 116.75 16.31
CA MET D 17 13.42 115.46 16.11
C MET D 17 12.32 115.25 17.14
N LEU D 18 11.40 114.34 16.85
CA LEU D 18 10.34 114.00 17.78
C LEU D 18 10.64 112.63 18.35
N TYR D 19 10.37 112.47 19.64
CA TYR D 19 10.66 111.25 20.37
C TYR D 19 9.35 110.62 20.83
N VAL D 20 9.15 109.34 20.49
CA VAL D 20 8.01 108.62 21.04
C VAL D 20 8.49 107.66 22.14
N ALA D 21 8.05 107.92 23.36
CA ALA D 21 8.46 107.16 24.55
C ALA D 21 7.51 106.01 24.70
N ALA D 22 8.06 104.80 24.72
CA ALA D 22 7.30 103.58 24.83
C ALA D 22 7.66 102.89 26.14
N GLN D 23 6.80 101.95 26.56
CA GLN D 23 6.83 101.35 27.89
C GLN D 23 7.49 99.98 27.87
N ASN D 24 7.61 99.39 26.68
CA ASN D 24 8.18 98.04 26.55
C ASN D 24 8.71 97.79 25.13
N GLU D 25 9.23 96.59 24.89
CA GLU D 25 9.90 96.34 23.61
C GLU D 25 8.88 96.11 22.51
N ARG D 26 7.79 95.42 22.85
CA ARG D 26 6.72 95.14 21.92
C ARG D 26 6.01 96.41 21.37
N ASP D 27 5.71 97.36 22.25
CA ASP D 27 5.27 98.71 21.84
C ASP D 27 6.34 99.49 21.05
N THR D 28 7.60 99.32 21.38
CA THR D 28 8.70 99.99 20.68
C THR D 28 8.84 99.49 19.23
N LEU D 29 8.79 98.19 19.04
CA LEU D 29 8.83 97.57 17.73
C LEU D 29 7.64 98.00 16.89
N TRP D 30 6.44 97.87 17.45
CA TRP D 30 5.22 98.29 16.77
C TRP D 30 5.26 99.76 16.38
N ALA D 31 5.71 100.62 17.30
CA ALA D 31 5.79 102.05 17.02
C ALA D 31 6.81 102.36 15.92
N ARG D 32 7.93 101.64 15.90
CA ARG D 32 8.95 101.81 14.86
C ARG D 32 8.43 101.41 13.48
N GLN D 33 7.58 100.39 13.46
CA GLN D 33 6.99 99.86 12.23
C GLN D 33 6.04 100.89 11.61
N VAL D 34 5.19 101.48 12.44
CA VAL D 34 4.30 102.56 12.04
C VAL D 34 5.08 103.73 11.44
N LEU D 35 6.13 104.14 12.12
CA LEU D 35 7.05 105.16 11.62
C LEU D 35 7.68 104.75 10.27
N ALA D 36 8.30 103.56 10.22
CA ALA D 36 8.87 103.00 8.97
C ALA D 36 7.86 102.81 7.83
N ARG D 37 6.58 103.03 8.13
CA ARG D 37 5.49 102.92 7.14
C ARG D 37 5.14 104.28 6.55
N GLY D 38 4.97 105.28 7.43
CA GLY D 38 4.67 106.66 7.03
C GLY D 38 5.90 107.51 6.70
N ASP D 39 7.07 106.87 6.72
CA ASP D 39 8.37 107.52 6.44
C ASP D 39 8.71 108.66 7.40
N TYR D 40 8.59 108.40 8.69
CA TYR D 40 9.01 109.35 9.71
C TYR D 40 10.35 108.98 10.37
N ASP D 41 10.95 107.89 9.90
CA ASP D 41 12.26 107.35 10.37
C ASP D 41 13.40 108.34 10.49
N LYS D 42 13.35 109.38 9.65
CA LYS D 42 14.43 110.33 9.50
C LYS D 42 14.15 111.53 10.41
N ASN D 43 12.92 111.57 10.93
CA ASN D 43 12.41 112.72 11.68
C ASN D 43 11.93 112.40 13.10
N ALA D 44 11.67 111.13 13.39
CA ALA D 44 11.22 110.68 14.71
C ALA D 44 11.93 109.41 15.18
N ARG D 45 12.09 109.28 16.48
CA ARG D 45 12.72 108.14 17.11
C ARG D 45 11.81 107.59 18.19
N VAL D 46 11.87 106.27 18.38
CA VAL D 46 11.14 105.63 19.49
C VAL D 46 12.18 105.28 20.54
N ILE D 47 11.87 105.65 21.77
CA ILE D 47 12.73 105.40 22.92
C ILE D 47 12.04 104.52 23.99
N ASN D 48 12.84 103.78 24.77
CA ASN D 48 12.35 103.08 25.95
C ASN D 48 13.45 103.08 26.99
N GLU D 49 13.07 102.86 28.25
CA GLU D 49 14.00 102.85 29.39
C GLU D 49 15.16 101.88 29.23
N ASN D 50 14.87 100.64 28.81
CA ASN D 50 15.88 99.61 28.69
C ASN D 50 16.98 99.92 27.68
N GLU D 51 16.55 100.30 26.47
CA GLU D 51 17.46 100.70 25.41
C GLU D 51 18.24 101.95 25.79
N GLU D 52 17.58 102.93 26.40
CA GLU D 52 18.29 104.16 26.72
C GLU D 52 19.34 103.91 27.80
N ASN D 53 19.00 103.06 28.76
CA ASN D 53 19.98 102.66 29.76
C ASN D 53 21.21 101.96 29.16
N LYS D 54 20.99 101.04 28.22
CA LYS D 54 22.12 100.40 27.53
C LYS D 54 22.96 101.42 26.74
N ARG D 55 22.28 102.33 26.04
CA ARG D 55 22.93 103.29 25.14
C ARG D 55 23.85 104.24 25.94
N ILE D 56 23.35 104.73 27.06
CA ILE D 56 24.13 105.63 27.92
C ILE D 56 25.26 104.91 28.67
N SER D 57 25.02 103.68 29.12
CA SER D 57 26.07 102.84 29.66
C SER D 57 27.29 102.67 28.73
N ILE D 58 27.05 102.41 27.44
CA ILE D 58 28.13 102.37 26.44
C ILE D 58 28.93 103.64 26.48
N TRP D 59 28.24 104.78 26.51
CA TRP D 59 28.94 106.06 26.48
C TRP D 59 29.76 106.23 27.77
N LEU D 60 29.19 105.83 28.90
CA LEU D 60 29.87 105.90 30.19
C LEU D 60 31.08 104.97 30.25
N ASP D 61 30.97 103.78 29.64
CA ASP D 61 32.11 102.85 29.57
C ASP D 61 33.36 103.53 29.05
N THR D 62 33.21 104.41 28.07
CA THR D 62 34.37 105.12 27.58
C THR D 62 34.64 106.48 28.27
N TYR D 63 33.61 107.24 28.66
CA TYR D 63 33.89 108.59 29.21
C TYR D 63 33.98 108.67 30.72
N TYR D 64 33.25 107.80 31.41
CA TYR D 64 33.26 107.74 32.88
C TYR D 64 33.48 106.29 33.33
N PRO D 65 34.61 105.66 32.93
CA PRO D 65 34.80 104.21 33.13
C PRO D 65 34.78 103.72 34.58
N GLN D 66 35.16 104.56 35.53
CA GLN D 66 35.24 104.10 36.93
C GLN D 66 33.98 104.48 37.72
N LEU D 67 32.93 104.91 37.00
CA LEU D 67 31.75 105.50 37.62
C LEU D 67 30.95 104.44 38.35
N ALA D 68 30.63 104.72 39.60
CA ALA D 68 29.76 103.82 40.39
C ALA D 68 28.33 104.32 40.36
N TYR D 69 27.52 103.64 39.57
CA TYR D 69 26.15 104.05 39.38
C TYR D 69 25.24 102.83 39.24
N TYR D 70 23.94 103.11 39.28
CA TYR D 70 22.90 102.12 39.28
C TYR D 70 22.17 102.11 37.94
N ARG D 71 21.37 103.16 37.71
CA ARG D 71 20.38 103.15 36.63
C ARG D 71 19.79 104.57 36.42
N ILE D 72 19.28 104.82 35.20
CA ILE D 72 18.51 106.02 34.88
C ILE D 72 17.04 105.64 34.81
N HIS D 73 16.21 106.45 35.46
CA HIS D 73 14.76 106.29 35.48
C HIS D 73 14.07 107.41 34.71
N PHE D 74 12.99 107.07 34.02
CA PHE D 74 12.30 107.97 33.11
C PHE D 74 10.81 108.07 33.43
N ASP D 75 10.46 107.92 34.71
CA ASP D 75 9.08 108.12 35.14
C ASP D 75 8.53 109.44 34.60
N GLU D 76 9.42 110.43 34.49
CA GLU D 76 9.16 111.71 33.83
C GLU D 76 10.21 111.84 32.69
N PRO D 77 9.86 111.37 31.48
CA PRO D 77 10.89 111.30 30.42
C PRO D 77 11.63 112.61 30.07
N ARG D 78 10.96 113.76 30.22
CA ARG D 78 11.61 115.05 30.00
C ARG D 78 12.60 115.41 31.11
N LYS D 79 12.55 114.69 32.22
CA LYS D 79 13.45 114.92 33.35
C LYS D 79 13.88 113.58 33.90
N PRO D 80 14.78 112.87 33.19
CA PRO D 80 15.26 111.58 33.70
C PRO D 80 16.06 111.74 35.01
N VAL D 81 16.04 110.71 35.84
CA VAL D 81 16.77 110.70 37.10
C VAL D 81 17.86 109.62 37.01
N PHE D 82 19.11 110.07 37.09
CA PHE D 82 20.29 109.22 37.11
C PHE D 82 20.70 108.90 38.55
N TRP D 83 20.57 107.63 38.91
CA TRP D 83 20.89 107.11 40.24
C TRP D 83 22.37 106.77 40.33
N LEU D 84 23.07 107.48 41.21
CA LEU D 84 24.48 107.26 41.45
C LEU D 84 24.69 106.70 42.83
N SER D 85 25.77 105.95 43.05
CA SER D 85 26.14 105.51 44.38
C SER D 85 26.56 106.62 45.33
N ARG D 86 25.93 106.66 46.48
CA ARG D 86 26.21 107.65 47.51
C ARG D 86 27.56 107.36 48.18
N GLN D 87 27.77 106.09 48.54
CA GLN D 87 29.05 105.66 49.16
C GLN D 87 30.25 105.78 48.22
N ARG D 88 30.07 105.41 46.95
CA ARG D 88 31.20 105.25 46.02
C ARG D 88 31.44 106.45 45.10
N ASN D 89 30.70 107.51 45.32
CA ASN D 89 30.90 108.72 44.56
C ASN D 89 32.19 109.40 44.96
N THR D 90 32.91 109.92 43.96
CA THR D 90 34.21 110.58 44.14
C THR D 90 34.13 112.00 43.58
N MET D 91 33.03 112.31 42.89
CA MET D 91 32.92 113.59 42.20
C MET D 91 32.26 114.68 43.03
N SER D 92 32.73 115.91 42.83
CA SER D 92 32.19 117.08 43.48
C SER D 92 30.92 117.50 42.79
N LYS D 93 30.21 118.47 43.38
CA LYS D 93 28.99 119.01 42.81
C LYS D 93 29.24 119.52 41.40
N LYS D 94 30.35 120.24 41.21
CA LYS D 94 30.75 120.79 39.92
C LYS D 94 30.96 119.69 38.87
N GLU D 95 31.70 118.64 39.23
CA GLU D 95 31.91 117.49 38.35
C GLU D 95 30.62 116.72 38.04
N LEU D 96 29.70 116.69 38.99
CA LEU D 96 28.41 116.09 38.78
C LEU D 96 27.49 116.96 37.92
N GLU D 97 27.66 118.29 37.95
CA GLU D 97 26.95 119.20 37.01
C GLU D 97 27.46 119.04 35.58
N VAL D 98 28.76 118.88 35.44
CA VAL D 98 29.39 118.53 34.16
C VAL D 98 28.81 117.21 33.58
N LEU D 99 28.81 116.14 34.36
CA LEU D 99 28.21 114.86 33.98
C LEU D 99 26.74 115.03 33.54
N SER D 100 25.96 115.67 34.40
CA SER D 100 24.56 115.95 34.10
C SER D 100 24.36 116.70 32.76
N GLN D 101 25.26 117.64 32.47
CA GLN D 101 25.23 118.42 31.22
C GLN D 101 25.50 117.55 30.01
N LYS D 102 26.45 116.63 30.17
CA LYS D 102 26.83 115.75 29.06
C LYS D 102 25.76 114.69 28.85
N LEU D 103 25.11 114.27 29.92
CA LEU D 103 23.95 113.36 29.83
C LEU D 103 22.77 114.00 29.12
N ARG D 104 22.48 115.28 29.42
CA ARG D 104 21.45 116.03 28.73
C ARG D 104 21.66 116.08 27.22
N ALA D 105 22.90 116.37 26.79
CA ALA D 105 23.26 116.49 25.39
C ALA D 105 23.05 115.18 24.63
N LEU D 106 23.20 114.06 25.34
CA LEU D 106 22.97 112.71 24.82
C LEU D 106 21.50 112.32 24.71
N MET D 107 20.63 113.07 25.39
CA MET D 107 19.19 112.82 25.39
C MET D 107 18.46 114.09 24.99
N PRO D 108 18.32 114.32 23.67
CA PRO D 108 17.76 115.59 23.16
C PRO D 108 16.33 115.88 23.63
N TYR D 109 15.63 114.84 24.12
CA TYR D 109 14.24 114.95 24.59
C TYR D 109 14.18 115.32 26.10
N ALA D 110 15.32 115.38 26.76
CA ALA D 110 15.38 115.68 28.20
C ALA D 110 15.64 117.15 28.50
N ASP D 111 14.78 117.79 29.29
CA ASP D 111 14.97 119.18 29.72
C ASP D 111 16.24 119.27 30.57
N SER D 112 16.40 118.30 31.46
CA SER D 112 17.56 118.21 32.35
C SER D 112 17.67 116.78 32.82
N VAL D 113 18.85 116.44 33.32
CA VAL D 113 19.07 115.13 33.88
C VAL D 113 19.45 115.34 35.35
N ASN D 114 18.62 114.87 36.26
CA ASN D 114 18.94 115.00 37.68
C ASN D 114 19.82 113.85 38.16
N ILE D 115 20.89 114.17 38.86
CA ILE D 115 21.76 113.17 39.43
C ILE D 115 21.39 113.03 40.89
N THR D 116 21.06 111.81 41.28
CA THR D 116 20.57 111.51 42.63
C THR D 116 21.39 110.38 43.20
N LEU D 117 21.84 110.58 44.44
CA LEU D 117 22.68 109.62 45.14
C LEU D 117 21.82 108.57 45.81
N MET D 118 22.18 107.31 45.63
CA MET D 118 21.47 106.20 46.20
C MET D 118 22.38 105.36 47.10
N ASP D 119 21.81 104.95 48.23
CA ASP D 119 22.57 104.28 49.25
C ASP D 119 22.80 102.78 48.89
N ASP D 120 24.07 102.38 48.84
CA ASP D 120 24.48 100.96 48.56
C ASP D 120 23.92 99.92 49.55
N VAL D 121 23.88 100.31 50.81
CA VAL D 121 23.39 99.43 51.87
C VAL D 121 21.89 99.22 51.73
N THR D 122 21.18 100.30 51.39
CA THR D 122 19.79 100.24 50.99
C THR D 122 19.61 99.38 49.75
N ALA D 123 20.49 99.51 48.75
CA ALA D 123 20.36 98.74 47.49
C ALA D 123 20.40 97.23 47.75
N ALA D 124 21.32 96.82 48.64
CA ALA D 124 21.50 95.42 48.99
C ALA D 124 20.40 94.95 49.92
N GLY D 125 19.94 95.82 50.81
CA GLY D 125 18.88 95.48 51.76
C GLY D 125 17.55 95.23 51.08
N GLN D 126 17.24 95.99 50.03
CA GLN D 126 16.01 95.76 49.28
C GLN D 126 16.06 94.43 48.52
N ALA D 127 17.25 94.05 48.06
CA ALA D 127 17.45 92.73 47.46
C ALA D 127 17.17 91.64 48.52
N GLU D 128 17.75 91.79 49.72
CA GLU D 128 17.55 90.82 50.82
C GLU D 128 16.11 90.66 51.23
N ALA D 129 15.42 91.79 51.41
CA ALA D 129 14.06 91.83 51.88
C ALA D 129 13.16 91.05 50.93
N GLY D 130 13.25 91.34 49.63
CA GLY D 130 12.50 90.61 48.59
C GLY D 130 12.73 89.10 48.59
N LEU D 131 13.93 88.67 48.90
CA LEU D 131 14.21 87.24 49.07
C LEU D 131 13.63 86.64 50.40
N LYS D 132 13.70 87.42 51.47
CA LYS D 132 13.11 87.01 52.74
C LYS D 132 11.60 86.91 52.64
N GLN D 133 11.00 87.85 51.92
CA GLN D 133 9.55 87.88 51.68
C GLN D 133 9.00 86.60 51.09
N GLN D 134 9.82 85.91 50.30
CA GLN D 134 9.39 84.71 49.63
C GLN D 134 9.99 83.45 50.26
N ALA D 135 10.49 83.61 51.49
CA ALA D 135 11.07 82.47 52.24
C ALA D 135 11.94 81.62 51.31
N LEU D 136 12.78 82.33 50.55
CA LEU D 136 13.78 81.73 49.66
C LEU D 136 15.08 81.52 50.40
N PRO D 137 15.62 80.29 50.35
CA PRO D 137 16.94 80.20 50.94
C PRO D 137 17.92 80.90 49.97
N TYR D 138 18.96 81.54 50.51
CA TYR D 138 19.92 82.31 49.71
C TYR D 138 21.16 82.46 50.58
N SER D 139 22.33 82.62 49.95
CA SER D 139 23.50 83.19 50.63
C SER D 139 23.81 84.52 50.00
N ARG D 140 23.92 85.52 50.86
CA ARG D 140 24.47 86.80 50.53
C ARG D 140 25.98 86.73 50.59
N ARG D 141 26.63 86.95 49.47
CA ARG D 141 28.08 86.93 49.43
C ARG D 141 28.55 88.34 49.09
N ASN D 142 29.20 89.00 50.05
CA ASN D 142 29.78 90.33 49.82
C ASN D 142 31.16 90.26 49.16
N HIS D 143 31.27 90.86 47.99
CA HIS D 143 32.55 90.91 47.27
C HIS D 143 33.00 92.34 47.25
N LYS D 144 34.17 92.55 46.65
CA LYS D 144 34.68 93.90 46.48
C LYS D 144 33.95 94.59 45.32
N GLY D 145 33.18 95.61 45.67
CA GLY D 145 32.37 96.38 44.70
C GLY D 145 31.06 95.74 44.25
N GLY D 146 30.63 94.71 44.97
CA GLY D 146 29.31 94.14 44.73
C GLY D 146 28.86 93.11 45.75
N VAL D 147 27.64 92.64 45.54
CA VAL D 147 27.05 91.61 46.38
C VAL D 147 26.42 90.63 45.42
N THR D 148 26.66 89.34 45.63
CA THR D 148 25.89 88.30 44.97
C THR D 148 24.94 87.60 45.95
N PHE D 149 23.66 87.53 45.58
CA PHE D 149 22.69 86.69 46.31
C PHE D 149 22.51 85.39 45.53
N VAL D 150 22.96 84.28 46.12
CA VAL D 150 22.82 82.99 45.49
C VAL D 150 21.57 82.29 46.03
N ILE D 151 20.55 82.09 45.19
CA ILE D 151 19.34 81.41 45.60
C ILE D 151 19.59 79.90 45.61
N GLN D 152 19.29 79.28 46.74
CA GLN D 152 19.59 77.87 46.99
C GLN D 152 18.38 76.96 46.91
N GLY D 153 18.65 75.65 46.88
CA GLY D 153 17.62 74.62 46.94
C GLY D 153 16.76 74.52 45.71
N ALA D 154 15.96 73.45 45.66
CA ALA D 154 15.01 73.28 44.57
C ALA D 154 13.79 74.13 44.83
N LEU D 155 13.11 74.54 43.76
CA LEU D 155 11.88 75.29 43.86
C LEU D 155 10.87 74.79 42.82
N ASP D 156 9.59 74.81 43.15
CA ASP D 156 8.58 74.42 42.17
C ASP D 156 8.39 75.49 41.08
N ASP D 157 7.64 75.16 40.03
CA ASP D 157 7.51 76.03 38.85
C ASP D 157 6.96 77.40 39.22
N VAL D 158 6.02 77.44 40.16
CA VAL D 158 5.42 78.68 40.66
C VAL D 158 6.47 79.54 41.38
N GLU D 159 7.27 78.89 42.23
CA GLU D 159 8.28 79.56 43.02
C GLU D 159 9.46 80.03 42.15
N ILE D 160 9.76 79.27 41.11
CA ILE D 160 10.79 79.66 40.14
C ILE D 160 10.34 80.94 39.43
N LEU D 161 9.07 80.96 39.05
CA LEU D 161 8.44 82.11 38.39
C LEU D 161 8.42 83.35 39.27
N ARG D 162 8.02 83.19 40.54
CA ARG D 162 7.89 84.30 41.47
C ARG D 162 9.24 84.92 41.83
N ALA D 163 10.27 84.08 41.88
CA ALA D 163 11.65 84.52 42.09
C ALA D 163 12.23 85.25 40.87
N ARG D 164 11.86 84.80 39.67
CA ARG D 164 12.31 85.45 38.43
C ARG D 164 11.68 86.82 38.28
N GLN D 165 10.41 86.92 38.64
CA GLN D 165 9.74 88.21 38.61
C GLN D 165 10.28 89.19 39.64
N PHE D 166 10.70 88.70 40.81
CA PHE D 166 11.33 89.58 41.79
C PHE D 166 12.66 90.11 41.25
N VAL D 167 13.47 89.19 40.75
CA VAL D 167 14.78 89.52 40.21
C VAL D 167 14.69 90.53 39.05
N ASP D 168 13.76 90.28 38.13
CA ASP D 168 13.50 91.14 36.97
C ASP D 168 13.12 92.56 37.42
N SER D 169 12.28 92.61 38.44
CA SER D 169 11.80 93.86 39.01
C SER D 169 12.94 94.64 39.67
N TYR D 170 13.77 93.92 40.41
CA TYR D 170 14.90 94.50 41.11
C TYR D 170 15.84 95.19 40.11
N TYR D 171 16.20 94.46 39.08
CA TYR D 171 17.08 94.95 38.03
C TYR D 171 16.49 96.17 37.30
N ARG D 172 15.18 96.19 37.12
CA ARG D 172 14.54 97.34 36.49
C ARG D 172 14.68 98.60 37.33
N THR D 173 14.62 98.44 38.66
CA THR D 173 14.78 99.54 39.58
C THR D 173 16.26 99.94 39.72
N TRP D 174 17.11 98.96 40.07
CA TRP D 174 18.50 99.23 40.46
C TRP D 174 19.58 98.98 39.40
N GLY D 175 19.22 98.40 38.26
CA GLY D 175 20.22 97.89 37.32
C GLY D 175 20.95 96.66 37.85
N GLY D 176 21.96 96.19 37.11
CA GLY D 176 22.70 94.97 37.52
C GLY D 176 24.18 95.19 37.78
N ARG D 177 24.53 96.43 38.12
CA ARG D 177 25.92 96.83 38.27
C ARG D 177 26.50 96.63 39.66
N TYR D 178 25.67 96.40 40.66
CA TYR D 178 26.14 96.33 42.05
C TYR D 178 25.68 95.02 42.69
N VAL D 179 24.38 94.89 42.95
CA VAL D 179 23.82 93.64 43.40
C VAL D 179 23.45 92.75 42.22
N GLN D 180 23.85 91.48 42.31
CA GLN D 180 23.49 90.46 41.32
C GLN D 180 22.90 89.26 41.97
N PHE D 181 22.09 88.52 41.23
CA PHE D 181 21.48 87.30 41.74
C PHE D 181 22.00 86.12 40.93
N ALA D 182 22.04 84.95 41.56
CA ALA D 182 22.49 83.79 40.88
C ALA D 182 21.76 82.60 41.47
N ILE D 183 21.74 81.49 40.75
CA ILE D 183 21.11 80.30 41.25
C ILE D 183 22.18 79.25 41.54
N GLU D 184 22.12 78.72 42.73
CA GLU D 184 23.05 77.70 43.18
C GLU D 184 23.11 76.50 42.23
N LEU D 185 24.32 76.00 42.03
CA LEU D 185 24.52 74.83 41.19
C LEU D 185 25.23 73.80 42.04
N LYS D 186 24.59 72.63 42.21
CA LYS D 186 25.05 71.55 43.10
C LYS D 186 25.26 70.22 42.37
N LEU E 1 -16.16 -99.25 -50.88
CA LEU E 1 -15.72 -98.28 -49.83
C LEU E 1 -14.71 -97.24 -50.35
N GLY E 2 -14.04 -97.57 -51.45
CA GLY E 2 -13.09 -96.66 -52.08
C GLY E 2 -11.89 -96.33 -51.20
N GLN E 3 -11.60 -95.03 -51.07
CA GLN E 3 -10.50 -94.54 -50.24
C GLN E 3 -10.75 -94.76 -48.74
N GLU E 4 -11.87 -95.42 -48.42
CA GLU E 4 -12.31 -95.65 -47.05
C GLU E 4 -12.18 -97.15 -46.74
N LYS E 5 -11.66 -97.90 -47.70
CA LYS E 5 -11.56 -99.37 -47.61
C LYS E 5 -10.64 -99.82 -46.45
N GLU E 6 -9.76 -98.92 -46.01
CA GLU E 6 -8.77 -99.27 -45.00
C GLU E 6 -9.23 -98.92 -43.59
N ARG E 7 -10.27 -98.09 -43.49
CA ARG E 7 -10.77 -97.61 -42.21
C ARG E 7 -11.97 -98.43 -41.72
N PHE E 8 -12.69 -99.00 -42.68
CA PHE E 8 -13.97 -99.64 -42.44
C PHE E 8 -14.05 -101.04 -43.06
N GLN E 9 -14.94 -101.85 -42.51
CA GLN E 9 -15.26 -103.16 -43.04
C GLN E 9 -16.76 -103.28 -43.05
N VAL E 10 -17.31 -103.76 -44.15
CA VAL E 10 -18.73 -104.01 -44.21
C VAL E 10 -18.98 -105.51 -44.04
N LEU E 11 -19.76 -105.88 -43.04
CA LEU E 11 -20.01 -107.30 -42.72
C LEU E 11 -21.50 -107.58 -42.77
N PRO E 12 -21.90 -108.73 -43.32
CA PRO E 12 -23.32 -109.10 -43.30
C PRO E 12 -23.76 -109.63 -41.96
N GLY E 13 -25.02 -109.37 -41.59
CA GLY E 13 -25.57 -109.89 -40.36
C GLY E 13 -26.55 -111.03 -40.59
N ARG E 14 -26.59 -111.95 -39.62
CA ARG E 14 -27.64 -112.99 -39.53
C ARG E 14 -29.05 -112.40 -39.43
N ASP E 15 -29.14 -111.14 -38.99
CA ASP E 15 -30.41 -110.42 -38.84
C ASP E 15 -30.79 -109.68 -40.12
N LYS E 16 -30.04 -109.93 -41.18
CA LYS E 16 -30.20 -109.30 -42.49
C LYS E 16 -29.74 -107.85 -42.54
N MET E 17 -29.23 -107.35 -41.41
CA MET E 17 -28.68 -105.99 -41.35
C MET E 17 -27.21 -106.01 -41.79
N LEU E 18 -26.70 -104.85 -42.18
CA LEU E 18 -25.31 -104.72 -42.55
C LEU E 18 -24.59 -103.98 -41.44
N TYR E 19 -23.37 -104.40 -41.16
CA TYR E 19 -22.56 -103.86 -40.08
C TYR E 19 -21.33 -103.18 -40.66
N VAL E 20 -21.12 -101.91 -40.30
CA VAL E 20 -19.88 -101.25 -40.68
C VAL E 20 -18.95 -101.17 -39.46
N ALA E 21 -17.82 -101.87 -39.53
CA ALA E 21 -16.85 -101.95 -38.45
C ALA E 21 -15.90 -100.81 -38.58
N ALA E 22 -15.80 -100.00 -37.54
CA ALA E 22 -14.95 -98.83 -37.50
C ALA E 22 -13.87 -99.02 -36.44
N GLN E 23 -12.81 -98.22 -36.52
CA GLN E 23 -11.59 -98.40 -35.77
C GLN E 23 -11.53 -97.48 -34.55
N ASN E 24 -12.37 -96.44 -34.55
CA ASN E 24 -12.36 -95.44 -33.47
C ASN E 24 -13.69 -94.69 -33.39
N GLU E 25 -13.80 -93.75 -32.45
CA GLU E 25 -15.09 -93.12 -32.20
C GLU E 25 -15.37 -92.07 -33.27
N ARG E 26 -14.34 -91.36 -33.69
CA ARG E 26 -14.45 -90.34 -34.71
C ARG E 26 -14.91 -90.89 -36.10
N ASP E 27 -14.34 -92.01 -36.53
CA ASP E 27 -14.84 -92.77 -37.68
C ASP E 27 -16.27 -93.32 -37.48
N THR E 28 -16.59 -93.74 -36.26
CA THR E 28 -17.92 -94.27 -35.95
C THR E 28 -19.02 -93.18 -36.07
N LEU E 29 -18.75 -92.01 -35.52
CA LEU E 29 -19.64 -90.87 -35.61
C LEU E 29 -19.83 -90.44 -37.06
N TRP E 30 -18.72 -90.25 -37.77
CA TRP E 30 -18.77 -89.89 -39.18
C TRP E 30 -19.55 -90.91 -40.01
N ALA E 31 -19.29 -92.19 -39.78
CA ALA E 31 -19.99 -93.25 -40.51
C ALA E 31 -21.50 -93.25 -40.20
N ARG E 32 -21.87 -92.99 -38.95
CA ARG E 32 -23.28 -92.93 -38.56
C ARG E 32 -24.01 -91.76 -39.24
N GLN E 33 -23.26 -90.66 -39.42
CA GLN E 33 -23.80 -89.44 -40.02
C GLN E 33 -24.12 -89.69 -41.50
N VAL E 34 -23.18 -90.32 -42.20
CA VAL E 34 -23.37 -90.73 -43.60
C VAL E 34 -24.60 -91.62 -43.75
N LEU E 35 -24.72 -92.62 -42.89
CA LEU E 35 -25.92 -93.46 -42.82
C LEU E 35 -27.20 -92.66 -42.54
N ALA E 36 -27.20 -91.84 -41.49
CA ALA E 36 -28.32 -90.94 -41.16
C ALA E 36 -28.65 -89.92 -42.26
N ARG E 37 -27.83 -89.85 -43.29
CA ARG E 37 -28.03 -88.94 -44.42
C ARG E 37 -28.74 -89.67 -45.58
N GLY E 38 -28.24 -90.85 -45.93
CA GLY E 38 -28.83 -91.69 -46.98
C GLY E 38 -29.97 -92.58 -46.52
N ASP E 39 -30.37 -92.42 -45.26
CA ASP E 39 -31.46 -93.20 -44.64
C ASP E 39 -31.20 -94.72 -44.61
N TYR E 40 -30.02 -95.11 -44.15
CA TYR E 40 -29.71 -96.52 -43.95
C TYR E 40 -29.75 -96.95 -42.49
N ASP E 41 -30.12 -96.01 -41.60
CA ASP E 41 -30.25 -96.20 -40.14
C ASP E 41 -31.05 -97.40 -39.67
N LYS E 42 -32.00 -97.82 -40.50
CA LYS E 42 -32.96 -98.85 -40.16
C LYS E 42 -32.45 -100.19 -40.69
N ASN E 43 -31.41 -100.11 -41.52
CA ASN E 43 -30.89 -101.26 -42.25
C ASN E 43 -29.40 -101.57 -42.02
N ALA E 44 -28.65 -100.60 -41.51
CA ALA E 44 -27.22 -100.76 -41.20
C ALA E 44 -26.84 -100.17 -39.85
N ARG E 45 -25.84 -100.76 -39.23
CA ARG E 45 -25.32 -100.33 -37.95
C ARG E 45 -23.81 -100.15 -38.05
N VAL E 46 -23.29 -99.18 -37.28
CA VAL E 46 -21.83 -99.00 -37.18
C VAL E 46 -21.42 -99.55 -35.83
N ILE E 47 -20.38 -100.37 -35.86
CA ILE E 47 -19.82 -101.00 -34.67
C ILE E 47 -18.34 -100.61 -34.44
N ASN E 48 -17.92 -100.63 -33.17
CA ASN E 48 -16.50 -100.50 -32.82
C ASN E 48 -16.22 -101.35 -31.60
N GLU E 49 -14.96 -101.67 -31.38
CA GLU E 49 -14.52 -102.52 -30.26
C GLU E 49 -14.96 -102.00 -28.89
N ASN E 50 -14.77 -100.71 -28.66
CA ASN E 50 -15.07 -100.10 -27.36
C ASN E 50 -16.54 -100.18 -26.98
N GLU E 51 -17.40 -99.76 -27.90
CA GLU E 51 -18.84 -99.83 -27.72
C GLU E 51 -19.32 -101.28 -27.59
N GLU E 52 -18.78 -102.17 -28.41
CA GLU E 52 -19.27 -103.54 -28.35
C GLU E 52 -18.86 -104.19 -27.03
N ASN E 53 -17.66 -103.88 -26.56
CA ASN E 53 -17.25 -104.36 -25.24
C ASN E 53 -18.14 -103.85 -24.10
N LYS E 54 -18.51 -102.57 -24.13
CA LYS E 54 -19.46 -102.05 -23.13
C LYS E 54 -20.82 -102.73 -23.22
N ARG E 55 -21.31 -102.92 -24.45
CA ARG E 55 -22.66 -103.45 -24.70
C ARG E 55 -22.77 -104.89 -24.17
N ILE E 56 -21.76 -105.71 -24.44
CA ILE E 56 -21.74 -107.10 -23.99
C ILE E 56 -21.51 -107.23 -22.48
N SER E 57 -20.66 -106.37 -21.91
CA SER E 57 -20.51 -106.27 -20.47
C SER E 57 -21.82 -106.04 -19.72
N ILE E 58 -22.66 -105.12 -20.20
CA ILE E 58 -24.01 -104.91 -19.65
C ILE E 58 -24.78 -106.22 -19.61
N TRP E 59 -24.73 -106.94 -20.72
CA TRP E 59 -25.50 -108.17 -20.82
C TRP E 59 -24.95 -109.20 -19.81
N LEU E 60 -23.63 -109.27 -19.71
CA LEU E 60 -22.96 -110.18 -18.77
C LEU E 60 -23.24 -109.82 -17.32
N ASP E 61 -23.33 -108.52 -17.01
CA ASP E 61 -23.69 -108.05 -15.66
C ASP E 61 -24.95 -108.73 -15.16
N THR E 62 -25.92 -108.92 -16.04
CA THR E 62 -27.13 -109.60 -15.62
C THR E 62 -27.13 -111.13 -15.86
N TYR E 63 -26.51 -111.63 -16.93
CA TYR E 63 -26.62 -113.08 -17.20
C TYR E 63 -25.48 -113.93 -16.68
N TYR E 64 -24.29 -113.34 -16.60
CA TYR E 64 -23.10 -114.03 -16.08
C TYR E 64 -22.41 -113.14 -15.04
N PRO E 65 -23.12 -112.77 -13.95
CA PRO E 65 -22.61 -111.75 -13.00
C PRO E 65 -21.31 -112.05 -12.30
N GLN E 66 -20.98 -113.33 -12.11
CA GLN E 66 -19.76 -113.68 -11.36
C GLN E 66 -18.59 -113.99 -12.30
N LEU E 67 -18.77 -113.68 -13.58
CA LEU E 67 -17.83 -114.11 -14.63
C LEU E 67 -16.52 -113.37 -14.51
N ALA E 68 -15.43 -114.13 -14.49
CA ALA E 68 -14.08 -113.53 -14.48
C ALA E 68 -13.52 -113.48 -15.88
N TYR E 69 -13.54 -112.30 -16.46
CA TYR E 69 -13.10 -112.12 -17.82
C TYR E 69 -12.38 -110.78 -17.98
N TYR E 70 -11.77 -110.64 -19.17
CA TYR E 70 -10.93 -109.53 -19.51
C TYR E 70 -11.63 -108.63 -20.52
N ARG E 71 -11.72 -109.12 -21.76
CA ARG E 71 -12.08 -108.29 -22.91
C ARG E 71 -12.38 -109.15 -24.16
N ILE E 72 -13.16 -108.61 -25.09
CA ILE E 72 -13.38 -109.19 -26.42
C ILE E 72 -12.56 -108.40 -27.43
N HIS E 73 -11.86 -109.13 -28.28
CA HIS E 73 -11.05 -108.59 -29.36
C HIS E 73 -11.65 -108.90 -30.72
N PHE E 74 -11.55 -107.95 -31.65
CA PHE E 74 -12.20 -108.02 -32.95
C PHE E 74 -11.20 -107.82 -34.08
N ASP E 75 -9.95 -108.22 -33.88
CA ASP E 75 -8.96 -108.18 -34.94
C ASP E 75 -9.49 -108.83 -36.22
N GLU E 76 -10.35 -109.85 -36.03
CA GLU E 76 -11.13 -110.49 -37.09
C GLU E 76 -12.62 -110.34 -36.70
N PRO E 77 -13.28 -109.25 -37.14
CA PRO E 77 -14.63 -108.98 -36.61
C PRO E 77 -15.68 -110.08 -36.80
N ARG E 78 -15.56 -110.90 -37.86
CA ARG E 78 -16.47 -112.04 -38.04
C ARG E 78 -16.19 -113.17 -37.07
N LYS E 79 -15.05 -113.12 -36.39
CA LYS E 79 -14.68 -114.15 -35.41
C LYS E 79 -14.05 -113.45 -34.22
N PRO E 80 -14.87 -112.80 -33.37
CA PRO E 80 -14.33 -112.16 -32.18
C PRO E 80 -13.74 -113.17 -31.18
N VAL E 81 -12.76 -112.73 -30.41
CA VAL E 81 -12.12 -113.57 -29.41
C VAL E 81 -12.42 -112.98 -28.02
N PHE E 82 -13.14 -113.77 -27.22
CA PHE E 82 -13.46 -113.43 -25.84
C PHE E 82 -12.42 -114.01 -24.88
N TRP E 83 -11.69 -113.12 -24.23
CA TRP E 83 -10.63 -113.46 -23.29
C TRP E 83 -11.21 -113.67 -21.90
N LEU E 84 -11.09 -114.89 -21.41
CA LEU E 84 -11.56 -115.26 -20.08
C LEU E 84 -10.37 -115.55 -19.18
N SER E 85 -10.53 -115.37 -17.87
CA SER E 85 -9.51 -115.79 -16.92
C SER E 85 -9.32 -117.30 -16.82
N ARG E 86 -8.07 -117.70 -16.96
CA ARG E 86 -7.69 -119.11 -16.89
C ARG E 86 -7.76 -119.60 -15.45
N GLN E 87 -7.19 -118.83 -14.52
CA GLN E 87 -7.23 -119.17 -13.09
C GLN E 87 -8.63 -119.16 -12.49
N ARG E 88 -9.45 -118.17 -12.87
CA ARG E 88 -10.74 -117.93 -12.19
C ARG E 88 -11.96 -118.51 -12.89
N ASN E 89 -11.71 -119.26 -13.95
CA ASN E 89 -12.80 -119.92 -14.63
C ASN E 89 -13.34 -121.07 -13.81
N THR E 90 -14.67 -121.21 -13.82
CA THR E 90 -15.39 -122.23 -13.04
C THR E 90 -16.22 -123.09 -14.00
N MET E 91 -16.31 -122.66 -15.25
CA MET E 91 -17.19 -123.32 -16.22
C MET E 91 -16.51 -124.43 -17.01
N SER E 92 -17.28 -125.47 -17.31
CA SER E 92 -16.84 -126.59 -18.11
C SER E 92 -16.86 -126.20 -19.57
N LYS E 93 -16.32 -127.07 -20.42
CA LYS E 93 -16.31 -126.85 -21.86
C LYS E 93 -17.73 -126.64 -22.37
N LYS E 94 -18.66 -127.47 -21.91
CA LYS E 94 -20.07 -127.40 -22.29
C LYS E 94 -20.70 -126.04 -21.91
N GLU E 95 -20.46 -125.59 -20.68
CA GLU E 95 -20.92 -124.29 -20.22
C GLU E 95 -20.30 -123.11 -20.98
N LEU E 96 -19.05 -123.29 -21.39
CA LEU E 96 -18.37 -122.30 -22.19
C LEU E 96 -18.86 -122.30 -23.65
N GLU E 97 -19.31 -123.45 -24.18
CA GLU E 97 -19.97 -123.51 -25.49
C GLU E 97 -21.34 -122.82 -25.48
N VAL E 98 -22.08 -123.01 -24.39
CA VAL E 98 -23.33 -122.27 -24.14
C VAL E 98 -23.10 -120.74 -24.13
N LEU E 99 -22.13 -120.27 -23.35
CA LEU E 99 -21.76 -118.85 -23.33
C LEU E 99 -21.40 -118.33 -24.73
N SER E 100 -20.51 -119.04 -25.39
CA SER E 100 -20.10 -118.71 -26.75
C SER E 100 -21.31 -118.58 -27.72
N GLN E 101 -22.29 -119.48 -27.58
CA GLN E 101 -23.51 -119.48 -28.39
C GLN E 101 -24.36 -118.25 -28.13
N LYS E 102 -24.44 -117.86 -26.87
CA LYS E 102 -25.26 -116.72 -26.47
C LYS E 102 -24.55 -115.42 -26.88
N LEU E 103 -23.23 -115.42 -26.85
CA LEU E 103 -22.45 -114.29 -27.35
C LEU E 103 -22.61 -114.11 -28.86
N ARG E 104 -22.58 -115.20 -29.62
CA ARG E 104 -22.83 -115.16 -31.05
C ARG E 104 -24.18 -114.51 -31.42
N ALA E 105 -25.24 -114.90 -30.69
CA ALA E 105 -26.60 -114.41 -30.92
C ALA E 105 -26.70 -112.90 -30.69
N LEU E 106 -25.88 -112.39 -29.78
CA LEU E 106 -25.77 -110.98 -29.47
C LEU E 106 -24.99 -110.15 -30.49
N MET E 107 -24.22 -110.84 -31.33
CA MET E 107 -23.40 -110.20 -32.37
C MET E 107 -23.72 -110.82 -33.71
N PRO E 108 -24.78 -110.31 -34.38
CA PRO E 108 -25.28 -110.92 -35.62
C PRO E 108 -24.25 -110.96 -36.76
N TYR E 109 -23.20 -110.15 -36.65
CA TYR E 109 -22.13 -110.05 -37.65
C TYR E 109 -21.00 -111.09 -37.40
N ALA E 110 -21.07 -111.81 -36.29
CA ALA E 110 -20.03 -112.78 -35.92
C ALA E 110 -20.38 -114.21 -36.36
N ASP E 111 -19.48 -114.86 -37.10
CA ASP E 111 -19.65 -116.27 -37.49
C ASP E 111 -19.65 -117.14 -36.25
N SER E 112 -18.73 -116.85 -35.33
CA SER E 112 -18.59 -117.56 -34.08
C SER E 112 -17.84 -116.66 -33.12
N VAL E 113 -17.94 -116.99 -31.84
CA VAL E 113 -17.21 -116.27 -30.82
C VAL E 113 -16.29 -117.29 -30.15
N ASN E 114 -14.98 -117.11 -30.27
CA ASN E 114 -14.05 -118.01 -29.62
C ASN E 114 -13.77 -117.57 -28.19
N ILE E 115 -13.86 -118.51 -27.26
CA ILE E 115 -13.54 -118.25 -25.87
C ILE E 115 -12.15 -118.76 -25.62
N THR E 116 -11.29 -117.85 -25.14
CA THR E 116 -9.87 -118.13 -24.95
C THR E 116 -9.49 -117.75 -23.54
N LEU E 117 -8.80 -118.65 -22.87
CA LEU E 117 -8.37 -118.48 -21.49
C LEU E 117 -7.07 -117.70 -21.44
N MET E 118 -7.03 -116.69 -20.57
CA MET E 118 -5.86 -115.85 -20.41
C MET E 118 -5.37 -115.90 -18.97
N ASP E 119 -4.04 -115.95 -18.85
CA ASP E 119 -3.40 -116.13 -17.57
C ASP E 119 -3.36 -114.81 -16.76
N ASP E 120 -3.93 -114.83 -15.55
CA ASP E 120 -3.94 -113.68 -14.61
C ASP E 120 -2.56 -113.15 -14.22
N VAL E 121 -1.63 -114.07 -14.03
CA VAL E 121 -0.27 -113.74 -13.64
C VAL E 121 0.46 -113.05 -14.79
N THR E 122 0.22 -113.55 -16.01
CA THR E 122 0.63 -112.89 -17.23
C THR E 122 -0.01 -111.50 -17.35
N ALA E 123 -1.30 -111.38 -17.03
CA ALA E 123 -2.01 -110.10 -17.16
C ALA E 123 -1.37 -109.01 -16.30
N ALA E 124 -1.01 -109.39 -15.07
CA ALA E 124 -0.40 -108.47 -14.12
C ALA E 124 1.05 -108.23 -14.45
N GLY E 125 1.74 -109.24 -14.95
CA GLY E 125 3.15 -109.13 -15.33
C GLY E 125 3.37 -108.17 -16.50
N GLN E 126 2.45 -108.19 -17.47
CA GLN E 126 2.55 -107.26 -18.59
C GLN E 126 2.31 -105.80 -18.14
N ALA E 127 1.44 -105.62 -17.14
CA ALA E 127 1.27 -104.31 -16.53
C ALA E 127 2.58 -103.87 -15.86
N GLU E 128 3.20 -104.76 -15.06
CA GLU E 128 4.48 -104.46 -14.39
C GLU E 128 5.60 -104.10 -15.33
N ALA E 129 5.76 -104.91 -16.38
CA ALA E 129 6.83 -104.75 -17.36
C ALA E 129 6.76 -103.37 -17.99
N GLY E 130 5.59 -102.99 -18.49
CA GLY E 130 5.36 -101.66 -19.08
C GLY E 130 5.69 -100.51 -18.15
N LEU E 131 5.45 -100.67 -16.84
CA LEU E 131 5.87 -99.67 -15.86
C LEU E 131 7.41 -99.67 -15.59
N LYS E 132 8.01 -100.85 -15.58
CA LYS E 132 9.46 -100.97 -15.43
C LYS E 132 10.19 -100.39 -16.63
N GLN E 133 9.62 -100.62 -17.82
CA GLN E 133 10.18 -100.09 -19.08
C GLN E 133 10.36 -98.58 -19.06
N GLN E 134 9.51 -97.88 -18.32
CA GLN E 134 9.55 -96.44 -18.29
C GLN E 134 10.14 -95.92 -16.97
N ALA E 135 10.82 -96.80 -16.24
CA ALA E 135 11.47 -96.42 -14.97
C ALA E 135 10.53 -95.53 -14.15
N LEU E 136 9.27 -95.98 -14.08
CA LEU E 136 8.23 -95.34 -13.28
C LEU E 136 8.21 -95.95 -11.88
N PRO E 137 8.26 -95.08 -10.86
CA PRO E 137 8.09 -95.70 -9.55
C PRO E 137 6.59 -96.07 -9.43
N TYR E 138 6.30 -97.17 -8.75
CA TYR E 138 4.93 -97.69 -8.62
C TYR E 138 4.95 -98.62 -7.41
N SER E 139 3.79 -98.80 -6.76
CA SER E 139 3.56 -99.93 -5.88
C SER E 139 2.49 -100.81 -6.49
N ARG E 140 2.82 -102.09 -6.63
CA ARG E 140 1.90 -103.13 -6.94
C ARG E 140 1.20 -103.55 -5.67
N ARG E 141 -0.11 -103.37 -5.62
CA ARG E 141 -0.88 -103.77 -4.45
C ARG E 141 -1.82 -104.89 -4.89
N ASN E 142 -1.58 -106.10 -4.39
CA ASN E 142 -2.46 -107.25 -4.65
C ASN E 142 -3.68 -107.28 -3.73
N HIS E 143 -4.86 -107.21 -4.32
CA HIS E 143 -6.11 -107.28 -3.56
C HIS E 143 -6.79 -108.57 -3.91
N LYS E 144 -7.94 -108.79 -3.28
CA LYS E 144 -8.74 -109.96 -3.60
C LYS E 144 -9.51 -109.73 -4.90
N GLY E 145 -9.14 -110.50 -5.92
CA GLY E 145 -9.74 -110.40 -7.26
C GLY E 145 -9.22 -109.27 -8.14
N GLY E 146 -8.12 -108.65 -7.74
CA GLY E 146 -7.46 -107.67 -8.59
C GLY E 146 -6.10 -107.21 -8.12
N VAL E 147 -5.49 -106.35 -8.93
CA VAL E 147 -4.20 -105.75 -8.61
C VAL E 147 -4.36 -104.29 -8.95
N THR E 148 -3.92 -103.42 -8.04
CA THR E 148 -3.75 -102.00 -8.35
C THR E 148 -2.26 -101.65 -8.46
N PHE E 149 -1.88 -101.02 -9.56
CA PHE E 149 -0.55 -100.39 -9.69
C PHE E 149 -0.67 -98.90 -9.43
N VAL E 150 -0.11 -98.43 -8.33
CA VAL E 150 -0.15 -97.02 -8.00
C VAL E 150 1.14 -96.35 -8.49
N ILE E 151 1.04 -95.47 -9.48
CA ILE E 151 2.20 -94.75 -9.98
C ILE E 151 2.53 -93.59 -9.04
N GLN E 152 3.78 -93.57 -8.59
CA GLN E 152 4.24 -92.64 -7.56
C GLN E 152 5.10 -91.48 -8.11
N GLY E 153 5.32 -90.48 -7.26
CA GLY E 153 6.20 -89.38 -7.54
C GLY E 153 5.69 -88.41 -8.59
N ALA E 154 6.37 -87.28 -8.72
CA ALA E 154 6.04 -86.32 -9.74
C ALA E 154 6.62 -86.77 -11.08
N LEU E 155 5.99 -86.36 -12.17
CA LEU E 155 6.48 -86.65 -13.51
C LEU E 155 6.30 -85.43 -14.40
N ASP E 156 7.23 -85.22 -15.34
CA ASP E 156 7.08 -84.11 -16.27
C ASP E 156 5.98 -84.38 -17.32
N ASP E 157 5.62 -83.36 -18.09
CA ASP E 157 4.49 -83.45 -19.02
C ASP E 157 4.64 -84.59 -20.03
N VAL E 158 5.88 -84.80 -20.49
CA VAL E 158 6.21 -85.88 -21.42
C VAL E 158 5.98 -87.25 -20.76
N GLU E 159 6.45 -87.38 -19.52
CA GLU E 159 6.36 -88.64 -18.79
C GLU E 159 4.93 -88.93 -18.36
N ILE E 160 4.16 -87.89 -18.08
CA ILE E 160 2.74 -88.04 -17.77
C ILE E 160 2.02 -88.59 -19.00
N LEU E 161 2.35 -88.03 -20.16
CA LEU E 161 1.80 -88.45 -21.44
C LEU E 161 2.16 -89.89 -21.79
N ARG E 162 3.43 -90.27 -21.61
CA ARG E 162 3.90 -91.59 -21.98
C ARG E 162 3.31 -92.69 -21.08
N ALA E 163 3.07 -92.34 -19.82
CA ALA E 163 2.40 -93.21 -18.86
C ALA E 163 0.90 -93.37 -19.14
N ARG E 164 0.26 -92.30 -19.62
CA ARG E 164 -1.16 -92.34 -19.99
C ARG E 164 -1.36 -93.20 -21.23
N GLN E 165 -0.45 -93.07 -22.19
CA GLN E 165 -0.51 -93.91 -23.37
C GLN E 165 -0.26 -95.39 -23.09
N PHE E 166 0.60 -95.70 -22.13
CA PHE E 166 0.79 -97.09 -21.74
C PHE E 166 -0.48 -97.65 -21.10
N VAL E 167 -1.03 -96.89 -20.16
CA VAL E 167 -2.22 -97.29 -19.44
C VAL E 167 -3.41 -97.51 -20.40
N ASP E 168 -3.59 -96.57 -21.33
CA ASP E 168 -4.65 -96.61 -22.35
C ASP E 168 -4.52 -97.87 -23.20
N SER E 169 -3.29 -98.17 -23.58
CA SER E 169 -2.95 -99.33 -24.39
C SER E 169 -3.25 -100.63 -23.65
N TYR E 170 -2.86 -100.66 -22.38
CA TYR E 170 -3.06 -101.83 -21.54
C TYR E 170 -4.54 -102.17 -21.45
N TYR E 171 -5.34 -101.17 -21.13
CA TYR E 171 -6.78 -101.31 -21.03
C TYR E 171 -7.44 -101.78 -22.34
N ARG E 172 -6.93 -101.29 -23.46
CA ARG E 172 -7.44 -101.73 -24.76
C ARG E 172 -7.22 -103.21 -25.00
N THR E 173 -6.07 -103.72 -24.53
CA THR E 173 -5.74 -105.13 -24.63
C THR E 173 -6.51 -105.98 -23.61
N TRP E 174 -6.38 -105.61 -22.33
CA TRP E 174 -6.86 -106.44 -21.21
C TRP E 174 -8.19 -106.03 -20.57
N GLY E 175 -8.74 -104.89 -20.95
CA GLY E 175 -9.87 -104.29 -20.19
C GLY E 175 -9.44 -103.78 -18.82
N GLY E 176 -10.42 -103.34 -18.01
CA GLY E 176 -10.09 -102.76 -16.69
C GLY E 176 -10.72 -103.52 -15.53
N ARG E 177 -11.00 -104.80 -15.74
CA ARG E 177 -11.71 -105.63 -14.78
C ARG E 177 -10.83 -106.33 -13.75
N TYR E 178 -9.53 -106.39 -13.98
CA TYR E 178 -8.63 -107.16 -13.11
C TYR E 178 -7.49 -106.28 -12.62
N VAL E 179 -6.57 -105.91 -13.51
CA VAL E 179 -5.54 -104.94 -13.19
C VAL E 179 -6.03 -103.53 -13.43
N GLN E 180 -5.79 -102.65 -12.45
CA GLN E 180 -6.10 -101.23 -12.56
C GLN E 180 -4.90 -100.40 -12.22
N PHE E 181 -4.86 -99.19 -12.75
CA PHE E 181 -3.77 -98.27 -12.46
C PHE E 181 -4.34 -97.06 -11.73
N ALA E 182 -3.51 -96.43 -10.90
CA ALA E 182 -3.92 -95.28 -10.18
C ALA E 182 -2.71 -94.38 -9.99
N ILE E 183 -2.96 -93.13 -9.69
CA ILE E 183 -1.88 -92.21 -9.44
C ILE E 183 -1.88 -91.82 -7.97
N GLU E 184 -0.72 -91.96 -7.34
CA GLU E 184 -0.54 -91.63 -5.96
C GLU E 184 -0.97 -90.21 -5.62
N LEU E 185 -1.61 -90.07 -4.47
CA LEU E 185 -2.03 -88.76 -3.99
C LEU E 185 -1.40 -88.56 -2.63
N LYS E 186 -0.59 -87.50 -2.50
CA LYS E 186 0.22 -87.20 -1.32
C LYS E 186 -0.08 -85.82 -0.73
N LEU F 1 -27.90 104.29 32.45
CA LEU F 1 -27.28 102.93 32.52
C LEU F 1 -28.33 101.79 32.42
N GLY F 2 -29.57 102.11 32.73
CA GLY F 2 -30.66 101.14 32.63
C GLY F 2 -30.52 99.95 33.58
N GLN F 3 -30.66 98.75 33.03
CA GLN F 3 -30.52 97.49 33.80
C GLN F 3 -29.06 97.26 34.27
N GLU F 4 -28.20 98.23 33.98
CA GLU F 4 -26.76 98.13 34.27
C GLU F 4 -26.42 99.13 35.39
N LYS F 5 -27.45 99.81 35.90
CA LYS F 5 -27.30 100.87 36.92
C LYS F 5 -26.70 100.33 38.23
N GLU F 6 -26.83 99.03 38.46
CA GLU F 6 -26.41 98.42 39.71
C GLU F 6 -24.98 97.88 39.65
N ARG F 7 -24.46 97.73 38.43
CA ARG F 7 -23.14 97.14 38.22
C ARG F 7 -22.07 98.21 38.03
N PHE F 8 -22.50 99.37 37.55
CA PHE F 8 -21.60 100.43 37.12
C PHE F 8 -21.99 101.79 37.71
N GLN F 9 -21.01 102.68 37.76
CA GLN F 9 -21.20 104.05 38.17
C GLN F 9 -20.46 104.91 37.17
N VAL F 10 -21.11 105.96 36.70
CA VAL F 10 -20.45 106.91 35.82
C VAL F 10 -20.05 108.14 36.64
N LEU F 11 -18.76 108.46 36.64
CA LEU F 11 -18.24 109.58 37.45
C LEU F 11 -17.54 110.57 36.54
N PRO F 12 -17.73 111.88 36.78
CA PRO F 12 -16.98 112.88 36.01
C PRO F 12 -15.55 113.03 36.48
N GLY F 13 -14.64 113.33 35.55
CA GLY F 13 -13.25 113.57 35.90
C GLY F 13 -12.87 115.04 35.83
N ARG F 14 -11.94 115.43 36.69
CA ARG F 14 -11.25 116.73 36.62
C ARG F 14 -10.53 116.95 35.28
N ASP F 15 -10.22 115.86 34.60
CA ASP F 15 -9.53 115.89 33.29
C ASP F 15 -10.52 115.96 32.14
N LYS F 16 -11.79 116.17 32.47
CA LYS F 16 -12.90 116.22 31.52
C LYS F 16 -13.29 114.87 30.94
N MET F 17 -12.60 113.82 31.37
CA MET F 17 -12.93 112.45 30.95
C MET F 17 -14.03 111.89 31.85
N LEU F 18 -14.71 110.86 31.37
CA LEU F 18 -15.73 110.19 32.15
C LEU F 18 -15.18 108.84 32.57
N TYR F 19 -15.49 108.46 33.80
CA TYR F 19 -15.00 107.22 34.40
C TYR F 19 -16.16 106.28 34.67
N VAL F 20 -16.06 105.05 34.16
CA VAL F 20 -17.05 104.04 34.51
C VAL F 20 -16.45 103.07 35.53
N ALA F 21 -17.02 103.07 36.74
CA ALA F 21 -16.53 102.25 37.85
C ALA F 21 -17.21 100.93 37.78
N ALA F 22 -16.42 99.87 37.69
CA ALA F 22 -16.91 98.50 37.59
C ALA F 22 -16.49 97.73 38.84
N GLN F 23 -17.15 96.59 39.06
CA GLN F 23 -17.08 95.83 40.31
C GLN F 23 -16.14 94.65 40.19
N ASN F 24 -15.82 94.26 38.96
CA ASN F 24 -14.97 93.08 38.71
C ASN F 24 -14.30 93.14 37.33
N GLU F 25 -13.53 92.12 36.99
CA GLU F 25 -12.73 92.19 35.77
C GLU F 25 -13.61 91.90 34.56
N ARG F 26 -14.54 90.97 34.71
CA ARG F 26 -15.46 90.59 33.65
C ARG F 26 -16.40 91.77 33.19
N ASP F 27 -16.95 92.51 34.15
CA ASP F 27 -17.64 93.77 33.86
C ASP F 27 -16.72 94.86 33.27
N THR F 28 -15.46 94.90 33.71
CA THR F 28 -14.50 95.87 33.19
C THR F 28 -14.17 95.62 31.70
N LEU F 29 -13.92 94.37 31.37
CA LEU F 29 -13.67 93.96 29.99
C LEU F 29 -14.86 94.25 29.10
N TRP F 30 -16.04 93.80 29.53
CA TRP F 30 -17.27 94.04 28.79
C TRP F 30 -17.53 95.54 28.59
N ALA F 31 -17.33 96.33 29.65
CA ALA F 31 -17.54 97.77 29.56
C ALA F 31 -16.54 98.43 28.59
N ARG F 32 -15.29 97.96 28.58
CA ARG F 32 -14.27 98.49 27.67
C ARG F 32 -14.61 98.18 26.21
N GLN F 33 -15.21 97.02 26.00
CA GLN F 33 -15.59 96.55 24.66
C GLN F 33 -16.69 97.44 24.08
N VAL F 34 -17.70 97.72 24.90
CA VAL F 34 -18.78 98.64 24.55
C VAL F 34 -18.24 100.02 24.17
N LEU F 35 -17.34 100.54 24.99
CA LEU F 35 -16.63 101.78 24.69
C LEU F 35 -15.83 101.70 23.38
N ALA F 36 -14.98 100.68 23.23
CA ALA F 36 -14.23 100.42 21.99
C ALA F 36 -15.10 100.18 20.75
N ARG F 37 -16.41 100.09 20.95
CA ARG F 37 -17.37 99.89 19.85
C ARG F 37 -17.98 101.24 19.41
N GLY F 38 -18.42 102.04 20.38
CA GLY F 38 -18.97 103.36 20.12
C GLY F 38 -17.94 104.48 20.01
N ASP F 39 -16.66 104.11 20.05
CA ASP F 39 -15.52 105.04 19.98
C ASP F 39 -15.50 106.09 21.10
N TYR F 40 -15.63 105.63 22.33
CA TYR F 40 -15.50 106.51 23.49
C TYR F 40 -14.17 106.33 24.23
N ASP F 41 -13.30 105.46 23.69
CA ASP F 41 -11.95 105.14 24.20
C ASP F 41 -11.06 106.33 24.54
N LYS F 42 -11.27 107.43 23.84
CA LYS F 42 -10.41 108.60 23.91
C LYS F 42 -11.01 109.57 24.92
N ASN F 43 -12.24 109.29 25.32
CA ASN F 43 -13.04 110.20 26.16
C ASN F 43 -13.54 109.60 27.48
N ALA F 44 -13.54 108.27 27.58
CA ALA F 44 -13.97 107.57 28.80
C ALA F 44 -13.02 106.41 29.17
N ARG F 45 -12.92 106.15 30.46
CA ARG F 45 -12.11 105.09 30.99
C ARG F 45 -12.95 104.21 31.92
N VAL F 46 -12.62 102.92 31.96
CA VAL F 46 -13.26 102.01 32.92
C VAL F 46 -12.24 101.74 34.01
N ILE F 47 -12.70 101.87 35.24
CA ILE F 47 -11.88 101.64 36.43
C ILE F 47 -12.44 100.51 37.32
N ASN F 48 -11.54 99.84 38.06
CA ASN F 48 -11.95 98.90 39.11
C ASN F 48 -10.94 98.97 40.24
N GLU F 49 -11.35 98.52 41.41
CA GLU F 49 -10.52 98.55 42.62
C GLU F 49 -9.16 97.86 42.46
N ASN F 50 -9.16 96.67 41.87
CA ASN F 50 -7.95 95.89 41.72
C ASN F 50 -6.88 96.55 40.86
N GLU F 51 -7.29 97.00 39.68
CA GLU F 51 -6.42 97.72 38.76
C GLU F 51 -5.96 99.04 39.35
N GLU F 52 -6.86 99.77 40.01
CA GLU F 52 -6.45 101.06 40.54
C GLU F 52 -5.45 100.89 41.67
N ASN F 53 -5.65 99.87 42.49
CA ASN F 53 -4.67 99.54 43.53
C ASN F 53 -3.29 99.19 42.97
N LYS F 54 -3.24 98.38 41.90
CA LYS F 54 -1.96 98.10 41.25
C LYS F 54 -1.31 99.36 40.67
N ARG F 55 -2.12 100.21 40.02
CA ARG F 55 -1.63 101.39 39.30
C ARG F 55 -0.99 102.38 40.30
N ILE F 56 -1.65 102.61 41.41
CA ILE F 56 -1.15 103.52 42.45
C ILE F 56 0.06 102.95 43.21
N SER F 57 0.06 101.65 43.47
CA SER F 57 1.23 100.97 44.00
C SER F 57 2.51 101.18 43.19
N ILE F 58 2.42 101.07 41.86
CA ILE F 58 3.54 101.39 40.95
C ILE F 58 4.05 102.78 41.23
N TRP F 59 3.13 103.73 41.33
CA TRP F 59 3.53 105.12 41.52
C TRP F 59 4.22 105.29 42.89
N LEU F 60 3.67 104.63 43.89
CA LEU F 60 4.24 104.66 45.25
C LEU F 60 5.61 103.99 45.32
N ASP F 61 5.80 102.90 44.56
CA ASP F 61 7.11 102.24 44.48
C ASP F 61 8.22 103.23 44.16
N THR F 62 7.94 104.19 43.29
CA THR F 62 8.97 105.18 42.99
C THR F 62 8.89 106.47 43.85
N TYR F 63 7.70 106.93 44.24
CA TYR F 63 7.64 108.22 44.97
C TYR F 63 7.61 108.11 46.48
N TYR F 64 7.04 107.02 47.00
CA TYR F 64 6.98 106.77 48.44
C TYR F 64 7.45 105.34 48.73
N PRO F 65 8.73 105.02 48.37
CA PRO F 65 9.21 103.62 48.41
C PRO F 65 9.22 102.95 49.78
N GLN F 66 9.33 103.71 50.86
CA GLN F 66 9.41 103.09 52.19
C GLN F 66 8.05 103.09 52.89
N LEU F 67 7.00 103.40 52.15
CA LEU F 67 5.67 103.64 52.72
C LEU F 67 5.06 102.36 53.24
N ALA F 68 4.61 102.38 54.49
CA ALA F 68 3.92 101.23 55.08
C ALA F 68 2.41 101.42 54.97
N TYR F 69 1.82 100.71 54.04
CA TYR F 69 0.41 100.84 53.77
C TYR F 69 -0.20 99.49 53.41
N TYR F 70 -1.53 99.49 53.35
CA TYR F 70 -2.33 98.33 53.15
C TYR F 70 -2.95 98.35 51.75
N ARG F 71 -3.94 99.22 51.57
CA ARG F 71 -4.83 99.17 50.41
C ARG F 71 -5.70 100.44 50.32
N ILE F 72 -6.17 100.75 49.10
CA ILE F 72 -7.16 101.81 48.85
C ILE F 72 -8.51 101.13 48.61
N HIS F 73 -9.54 101.66 49.27
CA HIS F 73 -10.92 101.21 49.14
C HIS F 73 -11.77 102.26 48.44
N PHE F 74 -12.71 101.80 47.62
CA PHE F 74 -13.52 102.66 46.76
C PHE F 74 -15.01 102.41 46.96
N ASP F 75 -15.41 102.01 48.16
CA ASP F 75 -16.82 101.86 48.49
C ASP F 75 -17.60 103.10 48.06
N GLU F 76 -16.94 104.26 48.16
CA GLU F 76 -17.42 105.54 47.64
C GLU F 76 -16.36 106.04 46.62
N PRO F 77 -16.52 105.68 45.33
CA PRO F 77 -15.43 105.96 44.38
C PRO F 77 -14.98 107.43 44.25
N ARG F 78 -15.89 108.39 44.47
CA ARG F 78 -15.51 109.80 44.47
C ARG F 78 -14.70 110.20 45.71
N LYS F 79 -14.66 109.34 46.71
CA LYS F 79 -13.92 109.60 47.94
C LYS F 79 -13.24 108.30 48.36
N PRO F 80 -12.17 107.91 47.66
CA PRO F 80 -11.46 106.69 48.06
C PRO F 80 -10.79 106.83 49.43
N VAL F 81 -10.64 105.70 50.12
CA VAL F 81 -10.01 105.67 51.44
C VAL F 81 -8.71 104.86 51.33
N PHE F 82 -7.60 105.54 51.57
CA PHE F 82 -6.27 104.95 51.60
C PHE F 82 -5.90 104.54 53.03
N TRP F 83 -5.76 103.23 53.22
CA TRP F 83 -5.43 102.62 54.50
C TRP F 83 -3.91 102.58 54.69
N LEU F 84 -3.44 103.29 55.70
CA LEU F 84 -2.04 103.33 56.04
C LEU F 84 -1.81 102.64 57.37
N SER F 85 -0.61 102.11 57.58
CA SER F 85 -0.25 101.57 58.89
C SER F 85 -0.12 102.61 59.99
N ARG F 86 -0.83 102.36 61.09
CA ARG F 86 -0.83 103.24 62.25
C ARG F 86 0.50 103.14 62.99
N GLN F 87 0.96 101.91 63.22
CA GLN F 87 2.25 101.67 63.90
C GLN F 87 3.46 102.16 63.10
N ARG F 88 3.44 101.94 61.78
CA ARG F 88 4.65 102.15 60.94
C ARG F 88 4.68 103.49 60.20
N ASN F 89 3.70 104.33 60.48
CA ASN F 89 3.70 105.64 59.88
C ASN F 89 4.78 106.51 60.48
N THR F 90 5.44 107.30 59.62
CA THR F 90 6.55 108.17 60.00
C THR F 90 6.20 109.62 59.61
N MET F 91 5.12 109.79 58.86
CA MET F 91 4.77 111.10 58.32
C MET F 91 3.84 111.90 59.22
N SER F 92 4.05 113.22 59.21
CA SER F 92 3.23 114.16 59.94
C SER F 92 1.94 114.40 59.20
N LYS F 93 1.00 115.11 59.82
CA LYS F 93 -0.26 115.46 59.21
C LYS F 93 -0.04 116.20 57.90
N LYS F 94 0.89 117.15 57.90
CA LYS F 94 1.26 117.95 56.73
C LYS F 94 1.76 117.06 55.57
N GLU F 95 2.67 116.15 55.88
CA GLU F 95 3.19 115.19 54.89
C GLU F 95 2.12 114.23 54.37
N LEU F 96 1.17 113.88 55.22
CA LEU F 96 0.06 113.06 54.82
C LEU F 96 -0.96 113.83 53.99
N GLU F 97 -1.10 115.15 54.20
CA GLU F 97 -1.92 116.01 53.31
C GLU F 97 -1.30 116.16 51.92
N VAL F 98 0.02 116.29 51.88
CA VAL F 98 0.79 116.25 50.63
C VAL F 98 0.55 114.94 49.85
N LEU F 99 0.73 113.79 50.51
CA LEU F 99 0.44 112.48 49.91
C LEU F 99 -1.00 112.41 49.37
N SER F 100 -1.95 112.75 50.22
CA SER F 100 -3.36 112.77 49.82
C SER F 100 -3.63 113.64 48.57
N GLN F 101 -2.94 114.78 48.48
CA GLN F 101 -3.05 115.70 47.33
C GLN F 101 -2.52 115.07 46.06
N LYS F 102 -1.41 114.35 46.19
CA LYS F 102 -0.77 113.72 45.03
C LYS F 102 -1.58 112.50 44.60
N LEU F 103 -2.20 111.83 45.55
CA LEU F 103 -3.12 110.72 45.24
C LEU F 103 -4.36 111.20 44.50
N ARG F 104 -4.93 112.32 44.93
CA ARG F 104 -6.06 112.94 44.24
C ARG F 104 -5.77 113.25 42.76
N ALA F 105 -4.59 113.83 42.50
CA ALA F 105 -4.17 114.20 41.15
C ALA F 105 -4.06 113.00 40.23
N LEU F 106 -3.70 111.85 40.81
CA LEU F 106 -3.61 110.58 40.12
C LEU F 106 -4.95 109.90 39.82
N MET F 107 -6.00 110.37 40.51
CA MET F 107 -7.35 109.82 40.35
C MET F 107 -8.31 110.95 40.04
N PRO F 108 -8.41 111.34 38.75
CA PRO F 108 -9.18 112.52 38.34
C PRO F 108 -10.69 112.44 38.71
N TYR F 109 -11.17 111.22 39.00
CA TYR F 109 -12.58 110.97 39.35
C TYR F 109 -12.82 111.12 40.88
N ALA F 110 -11.77 111.32 41.65
CA ALA F 110 -11.87 111.42 43.12
C ALA F 110 -11.95 112.87 43.61
N ASP F 111 -12.98 113.19 44.39
CA ASP F 111 -13.11 114.53 45.00
C ASP F 111 -11.95 114.75 45.97
N SER F 112 -11.64 113.73 46.74
CA SER F 112 -10.55 113.76 47.71
C SER F 112 -10.17 112.34 48.03
N VAL F 113 -8.98 112.17 48.58
CA VAL F 113 -8.51 110.88 49.01
C VAL F 113 -8.29 110.97 50.52
N ASN F 114 -9.05 110.21 51.29
CA ASN F 114 -8.86 110.20 52.73
C ASN F 114 -7.80 109.20 53.15
N ILE F 115 -6.86 109.65 53.98
CA ILE F 115 -5.84 108.77 54.51
C ILE F 115 -6.26 108.38 55.90
N THR F 116 -6.34 107.06 56.11
CA THR F 116 -6.84 106.49 57.36
C THR F 116 -5.83 105.49 57.87
N LEU F 117 -5.51 105.60 59.15
CA LEU F 117 -4.54 104.74 59.81
C LEU F 117 -5.19 103.46 60.27
N MET F 118 -4.55 102.34 59.97
CA MET F 118 -5.06 101.03 60.34
C MET F 118 -4.05 100.29 61.21
N ASP F 119 -4.58 99.62 62.22
CA ASP F 119 -3.76 98.98 63.22
C ASP F 119 -3.20 97.63 62.71
N ASP F 120 -1.86 97.50 62.73
CA ASP F 120 -1.14 96.27 62.32
C ASP F 120 -1.52 95.01 63.12
N VAL F 121 -1.73 95.19 64.41
CA VAL F 121 -2.09 94.11 65.30
C VAL F 121 -3.51 93.61 65.02
N THR F 122 -4.40 94.56 64.74
CA THR F 122 -5.72 94.27 64.21
C THR F 122 -5.63 93.56 62.86
N ALA F 123 -4.74 94.00 61.97
CA ALA F 123 -4.60 93.41 60.62
C ALA F 123 -4.27 91.91 60.70
N ALA F 124 -3.34 91.59 61.60
CA ALA F 124 -2.89 90.22 61.80
C ALA F 124 -3.91 89.41 62.57
N GLY F 125 -4.60 90.03 63.51
CA GLY F 125 -5.62 89.36 64.31
C GLY F 125 -6.83 88.93 63.50
N GLN F 126 -7.22 89.75 62.52
CA GLN F 126 -8.32 89.39 61.63
C GLN F 126 -7.93 88.21 60.73
N ALA F 127 -6.65 88.14 60.33
CA ALA F 127 -6.15 86.99 59.61
C ALA F 127 -6.25 85.74 60.49
N GLU F 128 -5.80 85.83 61.75
CA GLU F 128 -5.85 84.70 62.70
C GLU F 128 -7.25 84.19 62.96
N ALA F 129 -8.16 85.12 63.21
CA ALA F 129 -9.55 84.81 63.55
C ALA F 129 -10.19 84.01 62.43
N GLY F 130 -10.08 84.47 61.19
CA GLY F 130 -10.59 83.76 60.02
C GLY F 130 -10.04 82.36 59.85
N LEU F 131 -8.79 82.13 60.22
CA LEU F 131 -8.22 80.78 60.24
C LEU F 131 -8.73 79.90 61.43
N LYS F 132 -8.92 80.52 62.58
CA LYS F 132 -9.49 79.83 63.75
C LYS F 132 -10.94 79.44 63.50
N GLN F 133 -11.68 80.33 62.83
CA GLN F 133 -13.08 80.10 62.47
C GLN F 133 -13.30 78.82 61.67
N GLN F 134 -12.30 78.43 60.90
CA GLN F 134 -12.40 77.26 60.03
C GLN F 134 -11.59 76.08 60.58
N ALA F 135 -11.21 76.17 61.86
CA ALA F 135 -10.47 75.08 62.51
C ALA F 135 -9.37 74.56 61.58
N LEU F 136 -8.66 75.52 60.99
CA LEU F 136 -7.50 75.27 60.12
C LEU F 136 -6.22 75.24 60.96
N PRO F 137 -5.45 74.17 60.81
CA PRO F 137 -4.16 74.27 61.51
C PRO F 137 -3.30 75.27 60.72
N TYR F 138 -2.46 76.04 61.41
CA TYR F 138 -1.64 77.08 60.81
C TYR F 138 -0.52 77.37 61.80
N SER F 139 0.62 77.86 61.31
CA SER F 139 1.60 78.55 62.15
C SER F 139 1.66 80.00 61.71
N ARG F 140 1.49 80.87 62.70
CA ARG F 140 1.76 82.27 62.58
C ARG F 140 3.25 82.50 62.78
N ARG F 141 3.91 83.00 61.75
CA ARG F 141 5.34 83.29 61.84
C ARG F 141 5.51 84.79 61.71
N ASN F 142 5.94 85.43 62.80
CA ASN F 142 6.22 86.88 62.79
C ASN F 142 7.63 87.18 62.26
N HIS F 143 7.69 87.94 61.18
CA HIS F 143 8.97 88.34 60.60
C HIS F 143 9.11 89.83 60.79
N LYS F 144 10.24 90.36 60.33
CA LYS F 144 10.45 91.79 60.36
C LYS F 144 9.67 92.47 59.24
N GLY F 145 8.67 93.26 59.63
CA GLY F 145 7.79 93.97 58.69
C GLY F 145 6.68 93.14 58.05
N GLY F 146 6.43 91.95 58.59
CA GLY F 146 5.28 91.16 58.18
C GLY F 146 5.00 89.93 59.01
N VAL F 147 3.92 89.25 58.63
CA VAL F 147 3.52 88.02 59.28
C VAL F 147 3.17 87.07 58.16
N THR F 148 3.67 85.85 58.24
CA THR F 148 3.19 84.76 57.39
C THR F 148 2.35 83.76 58.20
N PHE F 149 1.15 83.48 57.70
CA PHE F 149 0.34 82.37 58.22
C PHE F 149 0.49 81.17 57.29
N VAL F 150 1.13 80.11 57.78
CA VAL F 150 1.32 78.92 56.99
C VAL F 150 0.21 77.90 57.33
N ILE F 151 -0.68 77.63 56.37
CA ILE F 151 -1.74 76.66 56.58
C ILE F 151 -1.18 75.25 56.44
N GLN F 152 -1.41 74.43 57.46
CA GLN F 152 -0.83 73.09 57.56
C GLN F 152 -1.81 71.97 57.26
N GLY F 153 -1.26 70.76 57.10
CA GLY F 153 -2.05 69.54 56.95
C GLY F 153 -2.79 69.43 55.64
N ALA F 154 -3.32 68.24 55.38
CA ALA F 154 -4.14 68.03 54.20
C ALA F 154 -5.54 68.57 54.44
N LEU F 155 -6.20 68.97 53.37
CA LEU F 155 -7.59 69.44 53.45
C LEU F 155 -8.38 68.88 52.26
N ASP F 156 -9.66 68.59 52.48
CA ASP F 156 -10.50 68.14 51.36
C ASP F 156 -10.85 69.29 50.40
N ASP F 157 -11.43 68.95 49.25
CA ASP F 157 -11.68 69.93 48.18
C ASP F 157 -12.53 71.11 48.66
N VAL F 158 -13.52 70.82 49.51
CA VAL F 158 -14.39 71.83 50.09
C VAL F 158 -13.60 72.78 51.01
N GLU F 159 -12.74 72.20 51.84
CA GLU F 159 -11.95 72.95 52.79
C GLU F 159 -10.85 73.76 52.11
N ILE F 160 -10.33 73.24 51.01
CA ILE F 160 -9.35 73.95 50.19
C ILE F 160 -10.01 75.20 49.60
N LEU F 161 -11.23 75.01 49.11
CA LEU F 161 -12.03 76.08 48.54
C LEU F 161 -12.39 77.16 49.57
N ARG F 162 -12.82 76.75 50.75
CA ARG F 162 -13.26 77.67 51.79
C ARG F 162 -12.10 78.50 52.35
N ALA F 163 -10.91 77.89 52.39
CA ALA F 163 -9.68 78.58 52.78
C ALA F 163 -9.18 79.56 51.71
N ARG F 164 -9.37 79.21 50.44
CA ARG F 164 -9.00 80.11 49.33
C ARG F 164 -9.90 81.33 49.30
N GLN F 165 -11.19 81.11 49.53
CA GLN F 165 -12.12 82.22 49.60
C GLN F 165 -11.86 83.15 50.79
N PHE F 166 -11.43 82.61 51.93
CA PHE F 166 -11.07 83.46 53.05
C PHE F 166 -9.85 84.32 52.71
N VAL F 167 -8.82 83.66 52.17
CA VAL F 167 -7.58 84.31 51.81
C VAL F 167 -7.82 85.43 50.78
N ASP F 168 -8.62 85.13 49.75
CA ASP F 168 -8.97 86.07 48.68
C ASP F 168 -9.67 87.30 49.26
N SER F 169 -10.58 87.04 50.19
CA SER F 169 -11.35 88.07 50.86
C SER F 169 -10.45 88.98 51.71
N TYR F 170 -9.53 88.34 52.44
CA TYR F 170 -8.60 89.05 53.31
C TYR F 170 -7.77 90.03 52.49
N TYR F 171 -7.19 89.54 51.41
CA TYR F 171 -6.38 90.34 50.51
C TYR F 171 -7.16 91.51 49.88
N ARG F 172 -8.43 91.28 49.57
CA ARG F 172 -9.26 92.35 49.04
C ARG F 172 -9.46 93.48 50.04
N THR F 173 -9.57 93.13 51.31
CA THR F 173 -9.70 94.11 52.38
C THR F 173 -8.36 94.79 52.71
N TRP F 174 -7.35 93.97 53.01
CA TRP F 174 -6.07 94.46 53.56
C TRP F 174 -4.89 94.58 52.57
N GLY F 175 -5.05 94.10 51.34
CA GLY F 175 -3.90 93.93 50.45
C GLY F 175 -2.96 92.82 50.89
N GLY F 176 -1.82 92.68 50.20
CA GLY F 176 -0.88 91.58 50.53
C GLY F 176 0.51 92.07 50.94
N ARG F 177 0.56 93.29 51.46
CA ARG F 177 1.82 93.95 51.79
C ARG F 177 2.34 93.69 53.19
N TYR F 178 1.50 93.16 54.08
CA TYR F 178 1.90 92.99 55.49
C TYR F 178 1.68 91.54 55.92
N VAL F 179 0.43 91.12 56.04
CA VAL F 179 0.13 89.73 56.29
C VAL F 179 0.03 88.95 54.99
N GLN F 180 0.69 87.79 54.94
CA GLN F 180 0.63 86.88 53.82
C GLN F 180 0.26 85.49 54.27
N PHE F 181 -0.31 84.71 53.37
CA PHE F 181 -0.68 83.34 53.69
C PHE F 181 0.13 82.41 52.78
N ALA F 182 0.39 81.20 53.26
CA ALA F 182 1.13 80.25 52.51
C ALA F 182 0.62 78.87 52.87
N ILE F 183 0.89 77.90 52.02
CA ILE F 183 0.50 76.54 52.32
C ILE F 183 1.75 75.70 52.57
N GLU F 184 1.73 75.00 53.69
CA GLU F 184 2.82 74.15 54.10
C GLU F 184 3.21 73.14 53.01
N LEU F 185 4.50 72.92 52.87
CA LEU F 185 5.01 71.94 51.92
C LEU F 185 5.87 70.97 52.70
N LYS F 186 5.49 69.69 52.68
CA LYS F 186 6.11 68.62 53.47
C LYS F 186 6.64 67.47 52.60
N LEU G 1 -51.84 90.91 41.93
CA LEU G 1 -50.94 89.69 41.90
C LEU G 1 -51.70 88.39 41.57
N GLY G 2 -53.01 88.40 41.80
CA GLY G 2 -53.85 87.25 41.48
C GLY G 2 -53.52 86.00 42.29
N GLN G 3 -53.35 84.88 41.58
CA GLN G 3 -52.99 83.59 42.21
C GLN G 3 -51.56 83.60 42.78
N GLU G 4 -50.91 84.75 42.69
CA GLU G 4 -49.52 84.93 43.10
C GLU G 4 -49.46 85.80 44.35
N LYS G 5 -50.65 86.17 44.85
CA LYS G 5 -50.79 87.09 45.99
C LYS G 5 -50.18 86.52 47.29
N GLU G 6 -50.03 85.20 47.33
CA GLU G 6 -49.57 84.54 48.55
C GLU G 6 -48.07 84.31 48.54
N ARG G 7 -47.44 84.43 47.37
CA ARG G 7 -46.02 84.16 47.22
C ARG G 7 -45.20 85.44 47.25
N PHE G 8 -45.83 86.55 46.88
CA PHE G 8 -45.17 87.82 46.67
C PHE G 8 -45.88 88.98 47.37
N GLN G 9 -45.12 90.04 47.62
CA GLN G 9 -45.62 91.27 48.17
C GLN G 9 -45.03 92.39 47.36
N VAL G 10 -45.85 93.34 46.95
CA VAL G 10 -45.35 94.51 46.26
C VAL G 10 -45.29 95.67 47.25
N LEU G 11 -44.10 96.25 47.41
CA LEU G 11 -43.89 97.33 48.39
C LEU G 11 -43.36 98.56 47.68
N PRO G 12 -43.85 99.76 48.05
CA PRO G 12 -43.29 100.98 47.47
C PRO G 12 -41.94 101.37 48.09
N GLY G 13 -41.08 101.97 47.29
CA GLY G 13 -39.80 102.44 47.80
C GLY G 13 -39.74 103.96 47.93
N ARG G 14 -38.97 104.41 48.92
CA ARG G 14 -38.58 105.82 49.07
C ARG G 14 -37.84 106.37 47.84
N ASP G 15 -37.25 105.47 47.06
CA ASP G 15 -36.50 105.81 45.83
C ASP G 15 -37.40 105.84 44.61
N LYS G 16 -38.71 105.73 44.85
CA LYS G 16 -39.74 105.69 43.82
C LYS G 16 -39.79 104.37 43.04
N MET G 17 -38.92 103.43 43.40
CA MET G 17 -38.93 102.10 42.80
C MET G 17 -39.93 101.20 43.52
N LEU G 18 -40.34 100.13 42.85
CA LEU G 18 -41.23 99.15 43.46
C LEU G 18 -40.43 97.91 43.77
N TYR G 19 -40.73 97.31 44.91
CA TYR G 19 -40.02 96.14 45.40
C TYR G 19 -40.97 94.94 45.44
N VAL G 20 -40.58 93.85 44.79
CA VAL G 20 -41.34 92.61 44.93
C VAL G 20 -40.61 91.66 45.87
N ALA G 21 -41.25 91.37 47.02
CA ALA G 21 -40.67 90.53 48.07
C ALA G 21 -41.03 89.12 47.78
N ALA G 22 -40.03 88.26 47.65
CA ALA G 22 -40.21 86.85 47.33
C ALA G 22 -39.71 86.02 48.51
N GLN G 23 -40.12 84.75 48.54
CA GLN G 23 -39.97 83.86 49.68
C GLN G 23 -38.79 82.92 49.51
N ASN G 24 -38.31 82.78 48.27
CA ASN G 24 -37.21 81.85 47.97
C ASN G 24 -36.49 82.24 46.68
N GLU G 25 -35.48 81.45 46.29
CA GLU G 25 -34.64 81.85 45.17
C GLU G 25 -35.36 81.55 43.84
N ARG G 26 -36.08 80.44 43.80
CA ARG G 26 -36.83 80.03 42.63
C ARG G 26 -37.96 81.03 42.23
N ASP G 27 -38.72 81.51 43.21
CA ASP G 27 -39.65 82.63 43.02
C ASP G 27 -38.95 83.95 42.64
N THR G 28 -37.77 84.20 43.20
CA THR G 28 -37.00 85.40 42.89
C THR G 28 -36.53 85.44 41.43
N LEU G 29 -35.99 84.32 40.95
CA LEU G 29 -35.57 84.16 39.58
C LEU G 29 -36.74 84.32 38.62
N TRP G 30 -37.82 83.58 38.88
CA TRP G 30 -39.02 83.66 38.07
C TRP G 30 -39.58 85.08 38.02
N ALA G 31 -39.63 85.75 39.18
CA ALA G 31 -40.14 87.11 39.24
C ALA G 31 -39.25 88.09 38.46
N ARG G 32 -37.93 87.90 38.52
CA ARG G 32 -36.99 88.74 37.78
C ARG G 32 -37.16 88.57 36.25
N GLN G 33 -37.48 87.34 35.84
CA GLN G 33 -37.66 86.99 34.45
C GLN G 33 -38.89 87.71 33.87
N VAL G 34 -39.98 87.66 34.62
CA VAL G 34 -41.22 88.37 34.28
C VAL G 34 -40.96 89.87 34.12
N LEU G 35 -40.25 90.45 35.08
CA LEU G 35 -39.81 91.85 35.00
C LEU G 35 -38.93 92.11 33.76
N ALA G 36 -37.88 91.31 33.58
CA ALA G 36 -37.00 91.40 32.38
C ALA G 36 -37.72 91.15 31.04
N ARG G 37 -38.99 90.76 31.11
CA ARG G 37 -39.81 90.53 29.93
C ARG G 37 -40.66 91.76 29.58
N GLY G 38 -41.33 92.32 30.60
CA GLY G 38 -42.14 93.53 30.45
C GLY G 38 -41.37 94.83 30.57
N ASP G 39 -40.04 94.73 30.69
CA ASP G 39 -39.13 95.87 30.83
C ASP G 39 -39.41 96.75 32.06
N TYR G 40 -39.52 96.10 33.22
CA TYR G 40 -39.65 96.83 34.48
C TYR G 40 -38.37 96.83 35.31
N ASP G 41 -37.30 96.24 34.75
CA ASP G 41 -35.95 96.14 35.35
C ASP G 41 -35.35 97.42 35.90
N LYS G 42 -35.75 98.54 35.32
CA LYS G 42 -35.18 99.84 35.61
C LYS G 42 -36.03 100.53 36.66
N ASN G 43 -37.21 99.94 36.92
CA ASN G 43 -38.23 100.54 37.78
C ASN G 43 -38.67 99.68 38.97
N ALA G 44 -38.39 98.38 38.91
CA ALA G 44 -38.73 97.44 39.99
C ALA G 44 -37.59 96.47 40.31
N ARG G 45 -37.52 96.06 41.56
CA ARG G 45 -36.52 95.12 42.04
C ARG G 45 -37.21 93.98 42.77
N VAL G 46 -36.62 92.79 42.69
CA VAL G 46 -37.10 91.65 43.46
C VAL G 46 -36.13 91.45 44.60
N ILE G 47 -36.68 91.30 45.80
CA ILE G 47 -35.91 91.09 47.03
C ILE G 47 -36.26 89.76 47.72
N ASN G 48 -35.30 89.21 48.45
CA ASN G 48 -35.56 88.06 49.33
C ASN G 48 -34.67 88.19 50.55
N GLU G 49 -35.04 87.50 51.62
CA GLU G 49 -34.32 87.54 52.91
C GLU G 49 -32.84 87.17 52.78
N ASN G 50 -32.54 86.10 52.06
CA ASN G 50 -31.17 85.62 51.93
C ASN G 50 -30.22 86.59 51.26
N GLU G 51 -30.65 87.10 50.10
CA GLU G 51 -29.90 88.11 49.36
C GLU G 51 -29.76 89.40 50.14
N GLU G 52 -30.84 89.83 50.81
CA GLU G 52 -30.76 91.09 51.51
C GLU G 52 -29.82 90.99 52.71
N ASN G 53 -29.84 89.84 53.38
CA ASN G 53 -28.89 89.59 54.45
C ASN G 53 -27.44 89.61 53.98
N LYS G 54 -27.15 88.98 52.84
CA LYS G 54 -25.79 89.06 52.28
C LYS G 54 -25.39 90.48 51.91
N ARG G 55 -26.33 91.23 51.30
CA ARG G 55 -26.06 92.57 50.78
C ARG G 55 -25.72 93.53 51.94
N ILE G 56 -26.49 93.46 53.01
CA ILE G 56 -26.26 94.31 54.18
C ILE G 56 -25.01 93.92 54.97
N SER G 57 -24.74 92.61 55.08
CA SER G 57 -23.49 92.12 55.64
C SER G 57 -22.23 92.71 54.96
N ILE G 58 -22.21 92.75 53.63
CA ILE G 58 -21.12 93.41 52.89
C ILE G 58 -20.95 94.84 53.36
N TRP G 59 -22.05 95.55 53.50
CA TRP G 59 -21.98 96.95 53.88
C TRP G 59 -21.43 97.07 55.31
N LEU G 60 -21.89 96.17 56.19
CA LEU G 60 -21.43 96.14 57.58
C LEU G 60 -19.95 95.77 57.70
N ASP G 61 -19.48 94.86 56.83
CA ASP G 61 -18.06 94.49 56.80
C ASP G 61 -17.17 95.73 56.71
N THR G 62 -17.59 96.72 55.93
CA THR G 62 -16.80 97.93 55.85
C THR G 62 -17.20 99.04 56.85
N TYR G 63 -18.49 99.19 57.18
CA TYR G 63 -18.88 100.33 58.04
C TYR G 63 -18.98 100.02 59.52
N TYR G 64 -19.33 98.77 59.85
CA TYR G 64 -19.43 98.32 61.24
C TYR G 64 -18.67 96.99 61.41
N PRO G 65 -17.34 97.00 61.13
CA PRO G 65 -16.57 95.74 61.04
C PRO G 65 -16.51 94.90 62.31
N GLN G 66 -16.63 95.52 63.49
CA GLN G 66 -16.51 94.74 64.74
C GLN G 66 -17.87 94.37 65.30
N LEU G 67 -18.92 94.55 64.51
CA LEU G 67 -20.30 94.44 64.98
C LEU G 67 -20.64 93.00 65.28
N ALA G 68 -21.18 92.75 66.48
CA ALA G 68 -21.64 91.42 66.86
C ALA G 68 -23.13 91.31 66.65
N TYR G 69 -23.50 90.63 65.58
CA TYR G 69 -24.89 90.50 65.20
C TYR G 69 -25.16 89.12 64.62
N TYR G 70 -26.45 88.85 64.44
CA TYR G 70 -26.98 87.58 64.03
C TYR G 70 -27.49 87.66 62.60
N ARG G 71 -28.63 88.33 62.43
CA ARG G 71 -29.41 88.25 61.19
C ARG G 71 -30.53 89.32 61.17
N ILE G 72 -30.97 89.69 59.97
CA ILE G 72 -32.16 90.54 59.76
C ILE G 72 -33.30 89.65 59.30
N HIS G 73 -34.46 89.85 59.92
CA HIS G 73 -35.70 89.15 59.62
C HIS G 73 -36.71 90.09 58.98
N PHE G 74 -37.48 89.55 58.03
CA PHE G 74 -38.39 90.33 57.20
C PHE G 74 -39.80 89.76 57.23
N ASP G 75 -40.18 89.13 58.34
CA ASP G 75 -41.55 88.65 58.51
C ASP G 75 -42.55 89.75 58.18
N GLU G 76 -42.17 90.99 58.46
CA GLU G 76 -42.87 92.20 58.05
C GLU G 76 -41.89 93.04 57.20
N PRO G 77 -41.88 92.84 55.87
CA PRO G 77 -40.82 93.47 55.07
C PRO G 77 -40.68 95.00 55.16
N ARG G 78 -41.80 95.71 55.41
CA ARG G 78 -41.73 97.15 55.62
C ARG G 78 -41.11 97.54 56.95
N LYS G 79 -40.95 96.57 57.85
CA LYS G 79 -40.36 96.82 59.16
C LYS G 79 -39.45 95.64 59.49
N PRO G 80 -38.27 95.57 58.85
CA PRO G 80 -37.34 94.48 59.15
C PRO G 80 -36.82 94.57 60.60
N VAL G 81 -36.46 93.42 61.16
CA VAL G 81 -35.93 93.35 62.51
C VAL G 81 -34.47 92.85 62.42
N PHE G 82 -33.56 93.70 62.85
CA PHE G 82 -32.14 93.39 62.94
C PHE G 82 -31.78 92.87 64.33
N TRP G 83 -31.37 91.61 64.37
CA TRP G 83 -31.00 90.92 65.59
C TRP G 83 -29.53 91.16 65.91
N LEU G 84 -29.29 91.81 67.04
CA LEU G 84 -27.96 92.09 67.53
C LEU G 84 -27.67 91.29 68.77
N SER G 85 -26.40 91.00 69.03
CA SER G 85 -26.00 90.38 70.29
C SER G 85 -26.19 91.26 71.51
N ARG G 86 -26.89 90.71 72.50
CA ARG G 86 -27.16 91.41 73.75
C ARG G 86 -25.89 91.49 74.59
N GLN G 87 -25.19 90.36 74.73
CA GLN G 87 -23.93 90.30 75.48
C GLN G 87 -22.81 91.13 74.86
N ARG G 88 -22.69 91.10 73.53
CA ARG G 88 -21.50 91.66 72.83
C ARG G 88 -21.71 93.06 72.26
N ASN G 89 -22.86 93.64 72.55
CA ASN G 89 -23.12 94.99 72.12
C ASN G 89 -22.28 95.97 72.91
N THR G 90 -21.77 96.99 72.22
CA THR G 90 -20.89 98.02 72.80
C THR G 90 -21.52 99.40 72.56
N MET G 91 -22.57 99.45 71.73
CA MET G 91 -23.16 100.71 71.32
C MET G 91 -24.29 101.18 72.22
N SER G 92 -24.37 102.49 72.38
CA SER G 92 -25.43 103.15 73.15
C SER G 92 -26.69 103.21 72.32
N LYS G 93 -27.79 103.61 72.94
CA LYS G 93 -29.06 103.78 72.26
C LYS G 93 -28.92 104.72 71.07
N LYS G 94 -28.21 105.84 71.27
CA LYS G 94 -27.96 106.84 70.24
C LYS G 94 -27.19 106.25 69.04
N GLU G 95 -26.13 105.51 69.32
CA GLU G 95 -25.36 104.82 68.28
C GLU G 95 -26.15 103.74 67.55
N LEU G 96 -27.05 103.09 68.26
CA LEU G 96 -27.93 102.12 67.67
C LEU G 96 -29.05 102.77 66.84
N GLU G 97 -29.49 103.99 67.19
CA GLU G 97 -30.41 104.78 66.34
C GLU G 97 -29.74 105.24 65.04
N VAL G 98 -28.49 105.64 65.14
CA VAL G 98 -27.65 105.93 63.97
C VAL G 98 -27.54 104.72 63.02
N LEU G 99 -27.17 103.55 63.55
CA LEU G 99 -27.13 102.31 62.78
C LEU G 99 -28.47 102.00 62.10
N SER G 100 -29.54 102.02 62.89
CA SER G 100 -30.88 101.82 62.38
C SER G 100 -31.26 102.77 61.22
N GLN G 101 -30.82 104.04 61.33
CA GLN G 101 -31.05 105.06 60.29
C GLN G 101 -30.32 104.73 59.00
N LYS G 102 -29.09 104.24 59.15
CA LYS G 102 -28.26 103.92 57.99
C LYS G 102 -28.75 102.64 57.34
N LEU G 103 -29.27 101.72 58.14
CA LEU G 103 -29.91 100.50 57.62
C LEU G 103 -31.18 100.81 56.84
N ARG G 104 -32.01 101.72 57.35
CA ARG G 104 -33.19 102.18 56.63
C ARG G 104 -32.88 102.73 55.23
N ALA G 105 -31.85 103.59 55.15
CA ALA G 105 -31.42 104.22 53.90
C ALA G 105 -30.99 103.19 52.85
N LEU G 106 -30.44 102.08 53.33
CA LEU G 106 -30.02 100.95 52.49
C LEU G 106 -31.17 100.07 52.00
N MET G 107 -32.34 100.21 52.64
CA MET G 107 -33.52 99.42 52.29
C MET G 107 -34.68 100.36 52.03
N PRO G 108 -34.78 100.89 50.78
CA PRO G 108 -35.76 101.93 50.47
C PRO G 108 -37.23 101.50 50.68
N TYR G 109 -37.46 100.17 50.77
CA TYR G 109 -38.80 99.60 50.96
C TYR G 109 -39.16 99.48 52.47
N ALA G 110 -38.23 99.78 53.35
CA ALA G 110 -38.44 99.67 54.80
C ALA G 110 -38.87 100.99 55.45
N ASP G 111 -39.99 100.98 56.17
CA ASP G 111 -40.46 102.17 56.92
C ASP G 111 -39.43 102.49 58.01
N SER G 112 -38.96 101.45 58.68
CA SER G 112 -37.97 101.58 59.75
C SER G 112 -37.30 100.24 59.91
N VAL G 113 -36.16 100.25 60.56
CA VAL G 113 -35.45 99.03 60.86
C VAL G 113 -35.34 98.96 62.39
N ASN G 114 -35.97 97.96 62.99
CA ASN G 114 -35.88 97.79 64.44
C ASN G 114 -34.65 96.99 64.83
N ILE G 115 -33.88 97.49 65.78
CA ILE G 115 -32.73 96.79 66.30
C ILE G 115 -33.15 96.13 67.59
N THR G 116 -32.96 94.81 67.63
CA THR G 116 -33.40 93.98 68.76
C THR G 116 -32.23 93.15 69.23
N LEU G 117 -32.03 93.15 70.54
CA LEU G 117 -30.95 92.44 71.18
C LEU G 117 -31.34 91.00 71.43
N MET G 118 -30.44 90.07 71.05
CA MET G 118 -30.68 88.66 71.21
C MET G 118 -29.59 88.04 72.08
N ASP G 119 -30.02 87.13 72.95
CA ASP G 119 -29.16 86.54 73.93
C ASP G 119 -28.28 85.42 73.33
N ASP G 120 -26.96 85.57 73.45
CA ASP G 120 -25.96 84.58 72.97
C ASP G 120 -26.11 83.17 73.57
N VAL G 121 -26.44 83.14 74.84
CA VAL G 121 -26.61 81.88 75.57
C VAL G 121 -27.85 81.15 75.09
N THR G 122 -28.92 81.93 74.85
CA THR G 122 -30.10 81.45 74.17
C THR G 122 -29.78 80.95 72.76
N ALA G 123 -28.95 81.69 72.01
CA ALA G 123 -28.60 81.33 70.63
C ALA G 123 -27.96 79.93 70.56
N ALA G 124 -27.04 79.70 71.50
CA ALA G 124 -26.32 78.43 71.57
C ALA G 124 -27.19 77.32 72.14
N GLY G 125 -28.06 77.67 73.08
CA GLY G 125 -28.96 76.70 73.70
C GLY G 125 -29.98 76.14 72.73
N GLN G 126 -30.48 76.99 71.83
CA GLN G 126 -31.42 76.53 70.80
C GLN G 126 -30.73 75.59 69.80
N ALA G 127 -29.44 75.85 69.52
CA ALA G 127 -28.65 74.92 68.71
C ALA G 127 -28.54 73.57 69.43
N GLU G 128 -28.19 73.58 70.73
CA GLU G 128 -28.07 72.35 71.53
C GLU G 128 -29.33 71.53 71.60
N ALA G 129 -30.45 72.21 71.88
CA ALA G 129 -31.75 71.58 72.04
C ALA G 129 -32.12 70.81 70.78
N GLY G 130 -32.03 71.46 69.62
CA GLY G 130 -32.30 70.83 68.32
C GLY G 130 -31.45 69.60 68.04
N LEU G 131 -30.21 69.59 68.50
CA LEU G 131 -29.37 68.39 68.41
C LEU G 131 -29.76 67.28 69.43
N LYS G 132 -30.14 67.68 70.63
CA LYS G 132 -30.62 66.74 71.65
C LYS G 132 -31.93 66.09 71.22
N GLN G 133 -32.80 66.90 70.60
CA GLN G 133 -34.09 66.42 70.08
C GLN G 133 -33.98 65.26 69.12
N GLN G 134 -32.87 65.18 68.40
CA GLN G 134 -32.67 64.15 67.41
C GLN G 134 -31.65 63.10 67.87
N ALA G 135 -31.39 63.09 69.18
CA ALA G 135 -30.47 62.10 69.78
C ALA G 135 -29.22 61.95 68.89
N LEU G 136 -28.70 63.11 68.48
CA LEU G 136 -27.47 63.23 67.70
C LEU G 136 -26.27 63.34 68.64
N PRO G 137 -25.26 62.49 68.44
CA PRO G 137 -24.09 62.75 69.26
C PRO G 137 -23.41 64.00 68.68
N TYR G 138 -22.80 64.82 69.54
CA TYR G 138 -22.20 66.09 69.14
C TYR G 138 -21.23 66.47 70.26
N SER G 139 -20.19 67.25 69.93
CA SER G 139 -19.44 68.00 70.94
C SER G 139 -19.67 69.48 70.69
N ARG G 140 -20.09 70.15 71.74
CA ARG G 140 -20.11 71.58 71.82
C ARG G 140 -18.73 72.09 72.17
N ARG G 141 -18.13 72.84 71.28
CA ARG G 141 -16.81 73.40 71.54
C ARG G 141 -16.96 74.91 71.61
N ASN G 142 -16.74 75.48 72.79
CA ASN G 142 -16.77 76.94 72.99
C ASN G 142 -15.44 77.59 72.62
N HIS G 143 -15.47 78.49 71.66
CA HIS G 143 -14.28 79.23 71.25
C HIS G 143 -14.48 80.66 71.63
N LYS G 144 -13.47 81.47 71.34
CA LYS G 144 -13.57 82.90 71.56
C LYS G 144 -14.41 83.55 70.45
N GLY G 145 -15.57 84.05 70.85
CA GLY G 145 -16.53 84.68 69.92
C GLY G 145 -17.39 83.75 69.09
N GLY G 146 -17.40 82.47 69.47
CA GLY G 146 -18.32 81.52 68.85
C GLY G 146 -18.39 80.16 69.50
N VAL G 147 -19.27 79.33 68.95
CA VAL G 147 -19.44 77.96 69.41
C VAL G 147 -19.49 77.13 68.16
N THR G 148 -18.75 76.02 68.13
CA THR G 148 -18.93 75.01 67.11
C THR G 148 -19.59 73.74 67.71
N PHE G 149 -20.67 73.29 67.08
CA PHE G 149 -21.24 71.97 67.39
C PHE G 149 -20.78 70.97 66.34
N VAL G 150 -19.95 70.01 66.76
CA VAL G 150 -19.46 69.00 65.85
C VAL G 150 -20.34 67.75 65.97
N ILE G 151 -21.09 67.42 64.91
CA ILE G 151 -21.93 66.23 64.90
C ILE G 151 -21.07 65.01 64.64
N GLN G 152 -21.17 64.02 65.54
CA GLN G 152 -20.32 62.84 65.52
C GLN G 152 -21.02 61.58 65.01
N GLY G 153 -20.22 60.55 64.75
CA GLY G 153 -20.70 59.23 64.38
C GLY G 153 -21.31 59.15 63.01
N ALA G 154 -21.57 57.93 62.56
CA ALA G 154 -22.24 57.71 61.29
C ALA G 154 -23.74 57.91 61.47
N LEU G 155 -24.40 58.30 60.39
CA LEU G 155 -25.85 58.45 60.39
C LEU G 155 -26.43 57.92 59.09
N ASP G 156 -27.64 57.35 59.15
CA ASP G 156 -28.29 56.89 57.92
C ASP G 156 -28.80 58.06 57.07
N ASP G 157 -29.23 57.76 55.85
CA ASP G 157 -29.60 58.81 54.88
C ASP G 157 -30.72 59.70 55.41
N VAL G 158 -31.68 59.11 56.12
CA VAL G 158 -32.78 59.83 56.75
C VAL G 158 -32.28 60.79 57.83
N GLU G 159 -31.37 60.30 58.67
CA GLU G 159 -30.82 61.06 59.77
C GLU G 159 -29.89 62.16 59.29
N ILE G 160 -29.18 61.91 58.19
CA ILE G 160 -28.34 62.92 57.56
C ILE G 160 -29.22 64.07 57.07
N LEU G 161 -30.33 63.70 56.44
CA LEU G 161 -31.31 64.65 55.93
C LEU G 161 -31.96 65.49 57.04
N ARG G 162 -32.36 64.82 58.13
CA ARG G 162 -33.06 65.50 59.23
C ARG G 162 -32.14 66.46 59.98
N ALA G 163 -30.86 66.12 60.06
CA ALA G 163 -29.83 66.97 60.64
C ALA G 163 -29.49 68.18 59.74
N ARG G 164 -29.51 67.97 58.43
CA ARG G 164 -29.27 69.06 57.48
C ARG G 164 -30.42 70.07 57.50
N GLN G 165 -31.63 69.57 57.60
CA GLN G 165 -32.79 70.44 57.71
C GLN G 165 -32.82 71.23 59.02
N PHE G 166 -32.35 70.64 60.12
CA PHE G 166 -32.25 71.38 61.36
C PHE G 166 -31.24 72.52 61.24
N VAL G 167 -30.05 72.16 60.72
CA VAL G 167 -28.96 73.10 60.56
C VAL G 167 -29.37 74.28 59.65
N ASP G 168 -30.02 73.95 58.52
CA ASP G 168 -30.50 74.94 57.55
C ASP G 168 -31.49 75.91 58.20
N SER G 169 -32.37 75.34 59.00
CA SER G 169 -33.38 76.09 59.72
C SER G 169 -32.75 77.03 60.75
N TYR G 170 -31.78 76.51 61.48
CA TYR G 170 -31.08 77.27 62.50
C TYR G 170 -30.43 78.52 61.89
N TYR G 171 -29.69 78.30 60.82
CA TYR G 171 -29.01 79.37 60.10
C TYR G 171 -29.99 80.42 59.55
N ARG G 172 -31.15 79.98 59.10
CA ARG G 172 -32.16 80.92 58.62
C ARG G 172 -32.66 81.84 59.72
N THR G 173 -32.78 81.30 60.93
CA THR G 173 -33.18 82.08 62.09
C THR G 173 -32.05 82.96 62.62
N TRP G 174 -30.90 82.35 62.91
CA TRP G 174 -29.80 83.00 63.63
C TRP G 174 -28.62 83.50 62.79
N GLY G 175 -28.59 83.17 61.50
CA GLY G 175 -27.37 83.37 60.70
C GLY G 175 -26.25 82.42 61.09
N GLY G 176 -25.06 82.61 60.50
CA GLY G 176 -23.93 81.70 60.78
C GLY G 176 -22.71 82.40 61.37
N ARG G 177 -22.95 83.54 62.03
CA ARG G 177 -21.89 84.38 62.55
C ARG G 177 -21.42 84.04 63.95
N TYR G 178 -22.17 83.24 64.69
CA TYR G 178 -21.85 82.96 66.09
C TYR G 178 -21.77 81.46 66.33
N VAL G 179 -22.90 80.77 66.29
CA VAL G 179 -22.92 79.32 66.35
C VAL G 179 -22.76 78.73 64.95
N GLN G 180 -21.86 77.75 64.83
CA GLN G 180 -21.65 77.00 63.59
C GLN G 180 -21.73 75.53 63.85
N PHE G 181 -22.07 74.77 62.82
CA PHE G 181 -22.15 73.32 62.93
C PHE G 181 -21.09 72.71 61.99
N ALA G 182 -20.62 71.53 62.35
CA ALA G 182 -19.65 70.86 61.56
C ALA G 182 -19.86 69.37 61.71
N ILE G 183 -19.34 68.60 60.79
CA ILE G 183 -19.44 67.17 60.87
C ILE G 183 -18.05 66.58 61.15
N GLU G 184 -18.00 65.74 62.16
CA GLU G 184 -16.78 65.09 62.56
C GLU G 184 -16.11 64.32 61.41
N LEU G 185 -14.80 64.41 61.36
CA LEU G 185 -14.02 63.70 60.35
C LEU G 185 -13.03 62.82 61.09
N LYS G 186 -13.12 61.51 60.88
CA LYS G 186 -12.35 60.49 61.58
C LYS G 186 -11.51 59.61 60.64
N LEU H 1 -40.89 -98.76 -35.73
CA LEU H 1 -40.16 -97.78 -34.85
C LEU H 1 -39.01 -97.06 -35.57
N GLY H 2 -38.53 -97.65 -36.66
CA GLY H 2 -37.47 -97.05 -37.46
C GLY H 2 -36.16 -96.88 -36.73
N GLN H 3 -35.59 -95.67 -36.79
CA GLN H 3 -34.34 -95.33 -36.11
C GLN H 3 -34.49 -95.32 -34.57
N GLU H 4 -35.68 -95.68 -34.10
CA GLU H 4 -36.04 -95.65 -32.69
C GLU H 4 -36.20 -97.08 -32.17
N LYS H 5 -35.93 -98.05 -33.05
CA LYS H 5 -36.12 -99.47 -32.77
C LYS H 5 -35.21 -99.98 -31.63
N GLU H 6 -34.13 -99.24 -31.38
CA GLU H 6 -33.14 -99.66 -30.40
C GLU H 6 -33.39 -99.06 -29.02
N ARG H 7 -34.22 -98.02 -28.96
CA ARG H 7 -34.48 -97.30 -27.72
C ARG H 7 -35.78 -97.77 -27.06
N PHE H 8 -36.69 -98.28 -27.88
CA PHE H 8 -38.04 -98.61 -27.47
C PHE H 8 -38.47 -100.02 -27.90
N GLN H 9 -39.45 -100.55 -27.18
CA GLN H 9 -40.08 -101.80 -27.50
C GLN H 9 -41.57 -101.60 -27.39
N VAL H 10 -42.31 -102.07 -28.39
CA VAL H 10 -43.75 -102.02 -28.32
C VAL H 10 -44.28 -103.40 -27.93
N LEU H 11 -45.04 -103.47 -26.83
CA LEU H 11 -45.53 -104.75 -26.30
C LEU H 11 -47.05 -104.70 -26.23
N PRO H 12 -47.72 -105.79 -26.59
CA PRO H 12 -49.18 -105.84 -26.43
C PRO H 12 -49.60 -106.10 -24.99
N GLY H 13 -50.73 -105.55 -24.58
CA GLY H 13 -51.26 -105.78 -23.26
C GLY H 13 -52.48 -106.69 -23.27
N ARG H 14 -52.61 -107.46 -22.18
CA ARG H 14 -53.84 -108.23 -21.88
C ARG H 14 -55.08 -107.34 -21.77
N ASP H 15 -54.88 -106.06 -21.50
CA ASP H 15 -55.95 -105.06 -21.38
C ASP H 15 -56.29 -104.41 -22.71
N LYS H 16 -55.71 -104.96 -23.78
CA LYS H 16 -55.85 -104.47 -25.14
C LYS H 16 -55.10 -103.15 -25.42
N MET H 17 -54.40 -102.64 -24.40
CA MET H 17 -53.58 -101.45 -24.56
C MET H 17 -52.20 -101.83 -25.10
N LEU H 18 -51.50 -100.87 -25.68
CA LEU H 18 -50.15 -101.08 -26.15
C LEU H 18 -49.19 -100.38 -25.20
N TYR H 19 -48.06 -101.03 -24.94
CA TYR H 19 -47.07 -100.55 -24.00
C TYR H 19 -45.79 -100.23 -24.75
N VAL H 20 -45.29 -99.01 -24.58
CA VAL H 20 -43.97 -98.67 -25.13
C VAL H 20 -42.94 -98.65 -23.99
N ALA H 21 -41.98 -99.58 -24.05
CA ALA H 21 -40.96 -99.74 -23.02
C ALA H 21 -39.81 -98.86 -23.37
N ALA H 22 -39.46 -97.96 -22.45
CA ALA H 22 -38.37 -97.01 -22.64
C ALA H 22 -37.27 -97.31 -21.63
N GLN H 23 -36.08 -96.76 -21.89
CA GLN H 23 -34.84 -97.11 -21.20
C GLN H 23 -34.49 -96.09 -20.13
N ASN H 24 -35.09 -94.90 -20.22
CA ASN H 24 -34.78 -93.81 -19.27
C ASN H 24 -35.92 -92.79 -19.22
N GLU H 25 -35.74 -91.74 -18.42
CA GLU H 25 -36.84 -90.82 -18.17
C GLU H 25 -37.00 -89.86 -19.35
N ARG H 26 -35.90 -89.44 -19.92
CA ARG H 26 -35.88 -88.56 -21.07
C ARG H 26 -36.58 -89.15 -22.33
N ASP H 27 -36.29 -90.42 -22.64
CA ASP H 27 -37.05 -91.18 -23.64
C ASP H 27 -38.53 -91.39 -23.28
N THR H 28 -38.82 -91.58 -22.00
CA THR H 28 -40.19 -91.76 -21.53
C THR H 28 -41.04 -90.49 -21.73
N LEU H 29 -40.49 -89.35 -21.35
CA LEU H 29 -41.13 -88.06 -21.55
C LEU H 29 -41.36 -87.78 -23.02
N TRP H 30 -40.31 -87.92 -23.82
CA TRP H 30 -40.42 -87.71 -25.26
C TRP H 30 -41.46 -88.64 -25.90
N ALA H 31 -41.45 -89.91 -25.50
CA ALA H 31 -42.42 -90.87 -26.04
C ALA H 31 -43.86 -90.52 -25.64
N ARG H 32 -44.05 -90.04 -24.42
CA ARG H 32 -45.38 -89.63 -23.95
C ARG H 32 -45.90 -88.41 -24.72
N GLN H 33 -44.98 -87.53 -25.10
CA GLN H 33 -45.30 -86.30 -25.83
C GLN H 33 -45.80 -86.65 -27.24
N VAL H 34 -45.09 -87.55 -27.90
CA VAL H 34 -45.48 -88.07 -29.21
C VAL H 34 -46.88 -88.68 -29.17
N LEU H 35 -47.12 -89.52 -28.17
CA LEU H 35 -48.45 -90.08 -27.90
C LEU H 35 -49.51 -88.98 -27.66
N ALA H 36 -49.24 -88.07 -26.72
CA ALA H 36 -50.11 -86.92 -26.45
C ALA H 36 -50.33 -85.98 -27.65
N ARG H 37 -49.60 -86.22 -28.73
CA ARG H 37 -49.73 -85.43 -29.97
C ARG H 37 -50.67 -86.11 -30.97
N GLY H 38 -50.47 -87.41 -31.18
CA GLY H 38 -51.30 -88.22 -32.07
C GLY H 38 -52.56 -88.79 -31.42
N ASP H 39 -52.80 -88.40 -30.16
CA ASP H 39 -53.96 -88.85 -29.38
C ASP H 39 -54.03 -90.37 -29.16
N TYR H 40 -52.91 -90.94 -28.73
CA TYR H 40 -52.88 -92.36 -28.37
C TYR H 40 -52.87 -92.58 -26.85
N ASP H 41 -52.96 -91.49 -26.08
CA ASP H 41 -52.98 -91.47 -24.60
C ASP H 41 -53.96 -92.41 -23.93
N LYS H 42 -55.06 -92.70 -24.63
CA LYS H 42 -56.18 -93.46 -24.08
C LYS H 42 -55.99 -94.93 -24.45
N ASN H 43 -55.05 -95.17 -25.36
CA ASN H 43 -54.85 -96.50 -25.96
C ASN H 43 -53.44 -97.08 -25.79
N ALA H 44 -52.46 -96.24 -25.46
CA ALA H 44 -51.07 -96.67 -25.23
C ALA H 44 -50.45 -96.02 -23.99
N ARG H 45 -49.54 -96.74 -23.36
CA ARG H 45 -48.84 -96.28 -22.20
C ARG H 45 -47.32 -96.44 -22.42
N VAL H 46 -46.55 -95.53 -21.83
CA VAL H 46 -45.09 -95.65 -21.85
C VAL H 46 -44.68 -96.12 -20.46
N ILE H 47 -43.83 -97.14 -20.45
CA ILE H 47 -43.31 -97.72 -19.22
C ILE H 47 -41.76 -97.65 -19.13
N ASN H 48 -41.24 -97.60 -17.91
CA ASN H 48 -39.79 -97.73 -17.68
C ASN H 48 -39.58 -98.47 -16.38
N GLU H 49 -38.40 -99.03 -16.20
CA GLU H 49 -38.04 -99.82 -15.01
C GLU H 49 -38.23 -99.05 -13.69
N ASN H 50 -37.76 -97.81 -13.65
CA ASN H 50 -37.81 -97.01 -12.44
C ASN H 50 -39.23 -96.72 -11.94
N GLU H 51 -40.07 -96.24 -12.86
CA GLU H 51 -41.48 -95.98 -12.57
C GLU H 51 -42.22 -97.25 -12.21
N GLU H 52 -41.95 -98.34 -12.93
CA GLU H 52 -42.70 -99.56 -12.67
C GLU H 52 -42.32 -100.12 -11.30
N ASN H 53 -41.04 -100.03 -10.95
CA ASN H 53 -40.61 -100.41 -9.61
C ASN H 53 -41.27 -99.59 -8.50
N LYS H 54 -41.37 -98.27 -8.68
CA LYS H 54 -42.09 -97.45 -7.70
C LYS H 54 -43.57 -97.83 -7.60
N ARG H 55 -44.20 -98.06 -8.77
CA ARG H 55 -45.65 -98.30 -8.85
C ARG H 55 -46.01 -99.62 -8.12
N ILE H 56 -45.22 -100.65 -8.35
CA ILE H 56 -45.44 -101.95 -7.71
C ILE H 56 -45.10 -101.94 -6.21
N SER H 57 -44.04 -101.23 -5.83
CA SER H 57 -43.75 -101.00 -4.42
C SER H 57 -44.91 -100.40 -3.63
N ILE H 58 -45.58 -99.38 -4.18
CA ILE H 58 -46.80 -98.82 -3.57
C ILE H 58 -47.81 -99.91 -3.31
N TRP H 59 -48.02 -100.76 -4.31
CA TRP H 59 -49.02 -101.80 -4.18
C TRP H 59 -48.61 -102.80 -3.09
N LEU H 60 -47.32 -103.14 -3.06
CA LEU H 60 -46.78 -104.05 -2.06
C LEU H 60 -46.85 -103.47 -0.65
N ASP H 61 -46.63 -102.15 -0.52
CA ASP H 61 -46.76 -101.46 0.77
C ASP H 61 -48.08 -101.78 1.45
N THR H 62 -49.16 -101.86 0.67
CA THR H 62 -50.42 -102.21 1.25
C THR H 62 -50.77 -103.72 1.23
N TYR H 63 -50.36 -104.47 0.20
CA TYR H 63 -50.79 -105.88 0.13
C TYR H 63 -49.81 -106.89 0.70
N TYR H 64 -48.51 -106.57 0.61
CA TYR H 64 -47.46 -107.43 1.15
C TYR H 64 -46.50 -106.59 2.00
N PRO H 65 -47.02 -105.95 3.08
CA PRO H 65 -46.23 -104.96 3.84
C PRO H 65 -44.96 -105.45 4.50
N GLN H 66 -44.87 -106.74 4.84
CA GLN H 66 -43.68 -107.25 5.55
C GLN H 66 -42.70 -107.92 4.58
N LEU H 67 -42.93 -107.74 3.28
CA LEU H 67 -42.21 -108.47 2.24
C LEU H 67 -40.76 -108.03 2.18
N ALA H 68 -39.85 -108.99 2.23
CA ALA H 68 -38.42 -108.70 2.06
C ALA H 68 -37.99 -108.95 0.63
N TYR H 69 -37.81 -107.87 -0.09
CA TYR H 69 -37.48 -107.95 -1.49
C TYR H 69 -36.52 -106.83 -1.88
N TYR H 70 -36.00 -106.96 -3.10
CA TYR H 70 -34.99 -106.11 -3.66
C TYR H 70 -35.58 -105.21 -4.73
N ARG H 71 -35.89 -105.82 -5.89
CA ARG H 71 -36.17 -105.06 -7.11
C ARG H 71 -36.75 -105.99 -8.21
N ILE H 72 -37.50 -105.40 -9.15
CA ILE H 72 -37.96 -106.07 -10.38
C ILE H 72 -37.08 -105.60 -11.53
N HIS H 73 -36.63 -106.56 -12.32
CA HIS H 73 -35.82 -106.33 -13.51
C HIS H 73 -36.61 -106.68 -14.77
N PHE H 74 -36.39 -105.89 -15.83
CA PHE H 74 -37.17 -105.97 -17.07
C PHE H 74 -36.25 -106.13 -18.28
N ASP H 75 -35.10 -106.76 -18.11
CA ASP H 75 -34.23 -107.07 -19.22
C ASP H 75 -35.01 -107.73 -20.36
N GLU H 76 -36.02 -108.51 -19.99
CA GLU H 76 -37.01 -109.09 -20.89
C GLU H 76 -38.40 -108.57 -20.42
N PRO H 77 -38.86 -107.43 -20.97
CA PRO H 77 -40.07 -106.81 -20.40
C PRO H 77 -41.34 -107.68 -20.36
N ARG H 78 -41.49 -108.61 -21.31
CA ARG H 78 -42.62 -109.55 -21.27
C ARG H 78 -42.49 -110.60 -20.17
N LYS H 79 -41.32 -110.71 -19.57
CA LYS H 79 -41.07 -111.67 -18.51
C LYS H 79 -40.21 -110.98 -17.46
N PRO H 80 -40.80 -110.08 -16.65
CA PRO H 80 -40.01 -109.42 -15.61
C PRO H 80 -39.56 -110.42 -14.52
N VAL H 81 -38.43 -110.11 -13.89
CA VAL H 81 -37.90 -110.95 -12.82
C VAL H 81 -37.95 -110.14 -11.50
N PHE H 82 -38.73 -110.65 -10.56
CA PHE H 82 -38.84 -110.09 -9.22
C PHE H 82 -37.86 -110.76 -8.27
N TRP H 83 -36.91 -109.99 -7.79
CA TRP H 83 -35.86 -110.44 -6.88
C TRP H 83 -36.34 -110.35 -5.43
N LEU H 84 -36.42 -111.49 -4.79
CA LEU H 84 -36.83 -111.60 -3.40
C LEU H 84 -35.66 -112.03 -2.55
N SER H 85 -35.66 -111.66 -1.27
CA SER H 85 -34.66 -112.17 -0.34
C SER H 85 -34.77 -113.66 -0.05
N ARG H 86 -33.65 -114.35 -0.22
CA ARG H 86 -33.57 -115.78 0.02
C ARG H 86 -33.60 -116.07 1.51
N GLN H 87 -32.80 -115.33 2.29
CA GLN H 87 -32.77 -115.49 3.76
C GLN H 87 -34.08 -115.10 4.44
N ARG H 88 -34.72 -114.02 3.98
CA ARG H 88 -35.85 -113.42 4.72
C ARG H 88 -37.22 -113.81 4.18
N ASN H 89 -37.24 -114.71 3.21
CA ASN H 89 -38.50 -115.19 2.70
C ASN H 89 -39.18 -116.08 3.71
N THR H 90 -40.51 -115.95 3.80
CA THR H 90 -41.35 -116.67 4.76
C THR H 90 -42.43 -117.44 3.99
N MET H 91 -42.55 -117.17 2.69
CA MET H 91 -43.62 -117.73 1.89
C MET H 91 -43.26 -119.04 1.21
N SER H 92 -44.26 -119.91 1.10
CA SER H 92 -44.13 -121.19 0.44
C SER H 92 -44.20 -120.99 -1.06
N LYS H 93 -43.93 -122.05 -1.82
CA LYS H 93 -44.01 -122.02 -3.27
C LYS H 93 -45.40 -121.57 -3.71
N LYS H 94 -46.44 -122.12 -3.08
CA LYS H 94 -47.83 -121.78 -3.37
C LYS H 94 -48.12 -120.28 -3.14
N GLU H 95 -47.69 -119.76 -2.00
CA GLU H 95 -47.83 -118.33 -1.70
C GLU H 95 -47.04 -117.42 -2.65
N LEU H 96 -45.91 -117.91 -3.11
CA LEU H 96 -45.11 -117.20 -4.09
C LEU H 96 -45.72 -117.27 -5.49
N GLU H 97 -46.44 -118.34 -5.82
CA GLU H 97 -47.23 -118.41 -7.08
C GLU H 97 -48.42 -117.46 -7.07
N VAL H 98 -49.08 -117.35 -5.92
CA VAL H 98 -50.11 -116.33 -5.70
C VAL H 98 -49.57 -114.90 -5.91
N LEU H 99 -48.47 -114.55 -5.26
CA LEU H 99 -47.81 -113.26 -5.45
C LEU H 99 -47.49 -113.00 -6.93
N SER H 100 -46.82 -113.96 -7.55
CA SER H 100 -46.49 -113.88 -8.96
C SER H 100 -47.72 -113.62 -9.86
N GLN H 101 -48.85 -114.25 -9.53
CA GLN H 101 -50.12 -114.09 -10.26
C GLN H 101 -50.66 -112.68 -10.12
N LYS H 102 -50.55 -112.15 -8.91
CA LYS H 102 -51.08 -110.81 -8.63
C LYS H 102 -50.16 -109.75 -9.25
N LEU H 103 -48.86 -110.04 -9.30
CA LEU H 103 -47.92 -109.17 -10.01
C LEU H 103 -48.17 -109.13 -11.51
N ARG H 104 -48.45 -110.29 -12.11
CA ARG H 104 -48.82 -110.36 -13.53
C ARG H 104 -50.03 -109.49 -13.88
N ALA H 105 -51.07 -109.56 -13.05
CA ALA H 105 -52.31 -108.81 -13.25
C ALA H 105 -52.08 -107.30 -13.23
N LEU H 106 -51.09 -106.88 -12.44
CA LEU H 106 -50.66 -105.49 -12.33
C LEU H 106 -49.82 -104.98 -13.50
N MET H 107 -49.30 -105.92 -14.31
CA MET H 107 -48.46 -105.60 -15.45
C MET H 107 -49.03 -106.28 -16.68
N PRO H 108 -50.03 -105.64 -17.34
CA PRO H 108 -50.75 -106.28 -18.45
C PRO H 108 -49.87 -106.67 -19.64
N TYR H 109 -48.66 -106.10 -19.72
CA TYR H 109 -47.69 -106.35 -20.79
C TYR H 109 -46.79 -107.57 -20.47
N ALA H 110 -46.89 -108.11 -19.28
CA ALA H 110 -46.05 -109.25 -18.84
C ALA H 110 -46.72 -110.61 -19.06
N ASP H 111 -46.05 -111.52 -19.76
CA ASP H 111 -46.55 -112.89 -19.95
C ASP H 111 -46.61 -113.59 -18.59
N SER H 112 -45.57 -113.40 -17.80
CA SER H 112 -45.46 -113.97 -16.46
C SER H 112 -44.46 -113.15 -15.69
N VAL H 113 -44.50 -113.28 -14.38
CA VAL H 113 -43.55 -112.63 -13.51
C VAL H 113 -42.80 -113.73 -12.77
N ASN H 114 -41.50 -113.86 -13.00
CA ASN H 114 -40.71 -114.86 -12.28
C ASN H 114 -40.21 -114.33 -10.95
N ILE H 115 -40.42 -115.10 -9.90
CA ILE H 115 -39.92 -114.75 -8.59
C ILE H 115 -38.64 -115.51 -8.37
N THR H 116 -37.58 -114.76 -8.07
CA THR H 116 -36.23 -115.32 -7.93
C THR H 116 -35.66 -114.86 -6.61
N LEU H 117 -35.10 -115.81 -5.88
CA LEU H 117 -34.51 -115.56 -4.56
C LEU H 117 -33.09 -115.09 -4.71
N MET H 118 -32.76 -114.02 -3.99
CA MET H 118 -31.44 -113.44 -4.02
C MET H 118 -30.83 -113.42 -2.63
N ASP H 119 -29.55 -113.73 -2.58
CA ASP H 119 -28.84 -113.90 -1.34
C ASP H 119 -28.45 -112.53 -0.71
N ASP H 120 -28.91 -112.29 0.52
CA ASP H 120 -28.59 -111.05 1.29
C ASP H 120 -27.09 -110.79 1.52
N VAL H 121 -26.36 -111.87 1.76
CA VAL H 121 -24.93 -111.79 2.02
C VAL H 121 -24.18 -111.42 0.73
N THR H 122 -24.63 -112.00 -0.38
CA THR H 122 -24.21 -111.58 -1.70
C THR H 122 -24.56 -110.12 -1.97
N ALA H 123 -25.75 -109.69 -1.59
CA ALA H 123 -26.20 -108.30 -1.85
C ALA H 123 -25.27 -107.29 -1.18
N ALA H 124 -24.89 -107.58 0.06
CA ALA H 124 -24.03 -106.72 0.84
C ALA H 124 -22.59 -106.82 0.38
N GLY H 125 -22.16 -108.02 -0.02
CA GLY H 125 -20.80 -108.26 -0.51
C GLY H 125 -20.50 -107.52 -1.80
N GLN H 126 -21.49 -107.45 -2.70
CA GLN H 126 -21.31 -106.70 -3.94
C GLN H 126 -21.20 -105.20 -3.68
N ALA H 127 -21.91 -104.71 -2.66
CA ALA H 127 -21.76 -103.33 -2.22
C ALA H 127 -20.33 -103.10 -1.70
N GLU H 128 -19.83 -104.00 -0.84
CA GLU H 128 -18.46 -103.92 -0.29
C GLU H 128 -17.38 -103.92 -1.35
N ALA H 129 -17.49 -104.86 -2.28
CA ALA H 129 -16.51 -105.05 -3.34
C ALA H 129 -16.35 -103.79 -4.16
N GLY H 130 -17.46 -103.21 -4.62
CA GLY H 130 -17.46 -101.95 -5.37
C GLY H 130 -16.82 -100.79 -4.63
N LEU H 131 -16.96 -100.74 -3.31
CA LEU H 131 -16.25 -99.74 -2.49
C LEU H 131 -14.73 -100.05 -2.33
N LYS H 132 -14.39 -101.32 -2.20
CA LYS H 132 -12.99 -101.74 -2.12
C LYS H 132 -12.27 -101.47 -3.44
N GLN H 133 -12.98 -101.70 -4.54
CA GLN H 133 -12.45 -101.46 -5.89
C GLN H 133 -11.96 -100.05 -6.10
N GLN H 134 -12.57 -99.10 -5.41
CA GLN H 134 -12.23 -97.70 -5.57
C GLN H 134 -11.43 -97.16 -4.38
N ALA H 135 -10.88 -98.07 -3.59
CA ALA H 135 -10.05 -97.70 -2.43
C ALA H 135 -10.71 -96.54 -1.68
N LEU H 136 -12.01 -96.69 -1.46
CA LEU H 136 -12.84 -95.76 -0.68
C LEU H 136 -12.84 -96.16 0.79
N PRO H 137 -12.52 -95.22 1.67
CA PRO H 137 -12.70 -95.63 3.06
C PRO H 137 -14.21 -95.65 3.33
N TYR H 138 -14.67 -96.57 4.17
CA TYR H 138 -16.09 -96.76 4.46
C TYR H 138 -16.16 -97.52 5.78
N SER H 139 -17.26 -97.37 6.52
CA SER H 139 -17.63 -98.32 7.57
C SER H 139 -18.92 -99.01 7.15
N ARG H 140 -18.86 -100.32 7.16
CA ARG H 140 -20.01 -101.18 7.06
C ARG H 140 -20.66 -101.29 8.42
N ARG H 141 -21.90 -100.82 8.53
CA ARG H 141 -22.62 -100.91 9.78
C ARG H 141 -23.80 -101.83 9.57
N ASN H 142 -23.78 -103.00 10.21
CA ASN H 142 -24.90 -103.96 10.16
C ASN H 142 -26.00 -103.61 11.15
N HIS H 143 -27.19 -103.36 10.64
CA HIS H 143 -28.34 -103.06 11.49
C HIS H 143 -29.31 -104.21 11.37
N LYS H 144 -30.42 -104.11 12.10
CA LYS H 144 -31.47 -105.10 11.98
C LYS H 144 -32.28 -104.87 10.72
N GLY H 145 -32.18 -105.82 9.80
CA GLY H 145 -32.86 -105.75 8.49
C GLY H 145 -32.23 -104.87 7.43
N GLY H 146 -30.98 -104.46 7.67
CA GLY H 146 -30.21 -103.76 6.65
C GLY H 146 -28.75 -103.54 6.98
N VAL H 147 -28.06 -102.94 6.02
CA VAL H 147 -26.65 -102.60 6.16
C VAL H 147 -26.53 -101.19 5.63
N THR H 148 -25.85 -100.33 6.39
CA THR H 148 -25.41 -99.04 5.87
C THR H 148 -23.89 -99.02 5.63
N PHE H 149 -23.49 -98.64 4.42
CA PHE H 149 -22.08 -98.33 4.13
C PHE H 149 -21.88 -96.83 4.18
N VAL H 150 -21.12 -96.36 5.17
CA VAL H 150 -20.85 -94.95 5.30
C VAL H 150 -19.50 -94.62 4.66
N ILE H 151 -19.51 -93.87 3.56
CA ILE H 151 -18.28 -93.48 2.88
C ILE H 151 -17.63 -92.33 3.65
N GLN H 152 -16.36 -92.52 4.00
CA GLN H 152 -15.62 -91.59 4.86
C GLN H 152 -14.61 -90.72 4.10
N GLY H 153 -14.11 -89.70 4.80
CA GLY H 153 -13.04 -88.84 4.31
C GLY H 153 -13.44 -87.94 3.17
N ALA H 154 -12.56 -87.00 2.84
CA ALA H 154 -12.77 -86.11 1.72
C ALA H 154 -12.42 -86.83 0.43
N LEU H 155 -13.07 -86.44 -0.65
CA LEU H 155 -12.77 -86.98 -1.98
C LEU H 155 -12.76 -85.87 -3.01
N ASP H 156 -11.91 -85.98 -4.03
CA ASP H 156 -11.92 -84.98 -5.10
C ASP H 156 -13.14 -85.13 -6.02
N ASP H 157 -13.35 -84.16 -6.91
CA ASP H 157 -14.56 -84.10 -7.74
C ASP H 157 -14.74 -85.36 -8.58
N VAL H 158 -13.62 -85.89 -9.09
CA VAL H 158 -13.61 -87.12 -9.88
C VAL H 158 -14.04 -88.32 -9.04
N GLU H 159 -13.51 -88.40 -7.82
CA GLU H 159 -13.78 -89.51 -6.92
C GLU H 159 -15.20 -89.44 -6.37
N ILE H 160 -15.71 -88.23 -6.18
CA ILE H 160 -17.09 -88.03 -5.76
C ILE H 160 -18.03 -88.55 -6.85
N LEU H 161 -17.69 -88.22 -8.09
CA LEU H 161 -18.43 -88.66 -9.27
C LEU H 161 -18.42 -90.18 -9.44
N ARG H 162 -17.24 -90.79 -9.30
CA ARG H 162 -17.08 -92.23 -9.51
C ARG H 162 -17.80 -93.05 -8.43
N ALA H 163 -17.84 -92.51 -7.21
CA ALA H 163 -18.59 -93.11 -6.10
C ALA H 163 -20.11 -92.96 -6.27
N ARG H 164 -20.56 -91.84 -6.84
CA ARG H 164 -21.98 -91.61 -7.11
C ARG H 164 -22.46 -92.56 -8.20
N GLN H 165 -21.65 -92.74 -9.23
CA GLN H 165 -21.99 -93.68 -10.29
C GLN H 165 -22.03 -95.13 -9.81
N PHE H 166 -21.15 -95.51 -8.88
CA PHE H 166 -21.21 -96.84 -8.32
C PHE H 166 -22.51 -97.04 -7.53
N VAL H 167 -22.81 -96.08 -6.66
CA VAL H 167 -23.99 -96.12 -5.83
C VAL H 167 -25.27 -96.18 -6.67
N ASP H 168 -25.34 -95.35 -7.70
CA ASP H 168 -26.48 -95.28 -8.63
C ASP H 168 -26.69 -96.63 -9.32
N SER H 169 -25.59 -97.23 -9.72
CA SER H 169 -25.58 -98.53 -10.40
C SER H 169 -26.06 -99.64 -9.46
N TYR H 170 -25.58 -99.60 -8.23
CA TYR H 170 -25.93 -100.59 -7.22
C TYR H 170 -27.44 -100.59 -7.00
N TYR H 171 -27.98 -99.40 -6.77
CA TYR H 171 -29.40 -99.22 -6.55
C TYR H 171 -30.25 -99.68 -7.74
N ARG H 172 -29.76 -99.46 -8.95
CA ARG H 172 -30.47 -99.92 -10.13
C ARG H 172 -30.58 -101.44 -10.18
N THR H 173 -29.53 -102.12 -9.73
CA THR H 173 -29.50 -103.57 -9.66
C THR H 173 -30.33 -104.10 -8.48
N TRP H 174 -30.02 -103.63 -7.28
CA TRP H 174 -30.54 -104.19 -6.03
C TRP H 174 -31.70 -103.43 -5.36
N GLY H 175 -32.04 -102.24 -5.85
CA GLY H 175 -32.93 -101.35 -5.11
C GLY H 175 -32.29 -100.78 -3.86
N GLY H 176 -33.07 -100.04 -3.06
CA GLY H 176 -32.52 -99.40 -1.85
C GLY H 176 -33.18 -99.86 -0.55
N ARG H 177 -33.74 -101.07 -0.58
CA ARG H 177 -34.51 -101.60 0.54
C ARG H 177 -33.70 -102.34 1.59
N TYR H 178 -32.47 -102.71 1.28
CA TYR H 178 -31.68 -103.54 2.20
C TYR H 178 -30.33 -102.87 2.48
N VAL H 179 -29.45 -102.83 1.50
CA VAL H 179 -28.21 -102.08 1.61
C VAL H 179 -28.42 -100.63 1.22
N GLN H 180 -27.92 -99.71 2.05
CA GLN H 180 -27.94 -98.29 1.76
C GLN H 180 -26.57 -97.70 1.90
N PHE H 181 -26.33 -96.59 1.22
CA PHE H 181 -25.04 -95.90 1.31
C PHE H 181 -25.28 -94.51 1.90
N ALA H 182 -24.27 -93.99 2.57
CA ALA H 182 -24.37 -92.70 3.17
C ALA H 182 -22.99 -92.07 3.15
N ILE H 183 -22.94 -90.76 3.30
CA ILE H 183 -21.67 -90.07 3.35
C ILE H 183 -21.46 -89.52 4.75
N GLU H 184 -20.30 -89.84 5.30
CA GLU H 184 -19.93 -89.39 6.62
C GLU H 184 -20.03 -87.88 6.79
N LEU H 185 -20.50 -87.46 7.96
CA LEU H 185 -20.60 -86.05 8.27
C LEU H 185 -19.83 -85.83 9.55
N LYS H 186 -18.81 -84.97 9.48
CA LYS H 186 -17.85 -84.71 10.56
C LYS H 186 -17.79 -83.23 10.97
N LEU I 1 -104.30 -32.90 27.32
CA LEU I 1 -102.82 -32.66 27.47
C LEU I 1 -101.99 -33.39 26.40
N GLY I 2 -102.57 -34.42 25.79
CA GLY I 2 -101.91 -35.16 24.72
C GLY I 2 -100.64 -35.87 25.16
N GLN I 3 -99.57 -35.67 24.40
CA GLN I 3 -98.24 -36.26 24.71
C GLN I 3 -97.61 -35.67 25.98
N GLU I 4 -98.37 -34.79 26.65
CA GLU I 4 -97.90 -34.06 27.83
C GLU I 4 -98.67 -34.57 29.06
N LYS I 5 -99.53 -35.57 28.84
CA LYS I 5 -100.41 -36.13 29.88
C LYS I 5 -99.63 -36.75 31.04
N GLU I 6 -98.38 -37.13 30.78
CA GLU I 6 -97.57 -37.83 31.76
C GLU I 6 -96.71 -36.89 32.60
N ARG I 7 -96.55 -35.65 32.12
CA ARG I 7 -95.68 -34.68 32.77
C ARG I 7 -96.47 -33.73 33.66
N PHE I 8 -97.74 -33.55 33.32
CA PHE I 8 -98.59 -32.55 33.93
C PHE I 8 -99.94 -33.10 34.38
N GLN I 9 -100.55 -32.41 35.33
CA GLN I 9 -101.88 -32.71 35.80
C GLN I 9 -102.63 -31.40 35.87
N VAL I 10 -103.84 -31.38 35.35
CA VAL I 10 -104.68 -30.20 35.47
C VAL I 10 -105.70 -30.43 36.59
N LEU I 11 -105.69 -29.54 37.59
CA LEU I 11 -106.57 -29.69 38.76
C LEU I 11 -107.45 -28.46 38.91
N PRO I 12 -108.73 -28.64 39.24
CA PRO I 12 -109.59 -27.48 39.50
C PRO I 12 -109.34 -26.86 40.87
N GLY I 13 -109.49 -25.54 40.97
CA GLY I 13 -109.36 -24.86 42.23
C GLY I 13 -110.70 -24.42 42.82
N ARG I 14 -110.76 -24.40 44.15
CA ARG I 14 -111.86 -23.77 44.90
C ARG I 14 -112.03 -22.28 44.57
N ASP I 15 -110.95 -21.66 44.08
CA ASP I 15 -110.94 -20.24 43.71
C ASP I 15 -111.36 -20.03 42.26
N LYS I 16 -111.85 -21.10 41.64
CA LYS I 16 -112.26 -21.13 40.23
C LYS I 16 -111.10 -21.08 39.24
N MET I 17 -109.87 -21.04 39.75
CA MET I 17 -108.68 -21.08 38.91
C MET I 17 -108.32 -22.53 38.58
N LEU I 18 -107.53 -22.72 37.53
CA LEU I 18 -107.06 -24.04 37.17
C LEU I 18 -105.58 -24.11 37.51
N TYR I 19 -105.17 -25.27 38.01
CA TYR I 19 -103.80 -25.50 38.46
C TYR I 19 -103.15 -26.55 37.58
N VAL I 20 -101.99 -26.22 37.01
CA VAL I 20 -101.22 -27.24 36.29
C VAL I 20 -100.04 -27.69 37.16
N ALA I 21 -100.06 -28.96 37.56
CA ALA I 21 -99.04 -29.53 38.45
C ALA I 21 -97.94 -30.06 37.59
N ALA I 22 -96.72 -29.57 37.84
CA ALA I 22 -95.54 -29.95 37.08
C ALA I 22 -94.57 -30.67 38.03
N GLN I 23 -93.61 -31.37 37.43
CA GLN I 23 -92.75 -32.32 38.11
C GLN I 23 -91.38 -31.72 38.42
N ASN I 24 -91.05 -30.62 37.73
CA ASN I 24 -89.73 -29.99 37.88
C ASN I 24 -89.76 -28.52 37.44
N GLU I 25 -88.61 -27.84 37.52
CA GLU I 25 -88.60 -26.40 37.29
C GLU I 25 -88.65 -26.12 35.80
N ARG I 26 -87.97 -26.93 35.02
CA ARG I 26 -87.93 -26.80 33.56
C ARG I 26 -89.34 -26.97 32.89
N ASP I 27 -90.10 -27.97 33.31
CA ASP I 27 -91.51 -28.11 32.94
C ASP I 27 -92.40 -26.95 33.47
N THR I 28 -92.09 -26.44 34.65
CA THR I 28 -92.84 -25.33 35.23
C THR I 28 -92.66 -24.03 34.41
N LEU I 29 -91.43 -23.72 34.06
CA LEU I 29 -91.11 -22.58 33.23
C LEU I 29 -91.76 -22.68 31.87
N TRP I 30 -91.57 -23.83 31.20
CA TRP I 30 -92.17 -24.07 29.90
C TRP I 30 -93.71 -23.96 29.95
N ALA I 31 -94.31 -24.53 30.99
CA ALA I 31 -95.77 -24.47 31.13
C ALA I 31 -96.25 -23.03 31.36
N ARG I 32 -95.50 -22.24 32.12
CA ARG I 32 -95.84 -20.84 32.37
C ARG I 32 -95.76 -20.01 31.08
N GLN I 33 -94.81 -20.35 30.23
CA GLN I 33 -94.58 -19.66 28.96
C GLN I 33 -95.77 -19.88 28.01
N VAL I 34 -96.20 -21.13 27.92
CA VAL I 34 -97.39 -21.51 27.15
C VAL I 34 -98.62 -20.73 27.61
N LEU I 35 -98.83 -20.70 28.92
CA LEU I 35 -99.89 -19.88 29.52
C LEU I 35 -99.74 -18.39 29.20
N ALA I 36 -98.56 -17.82 29.45
CA ALA I 36 -98.25 -16.42 29.10
C ALA I 36 -98.35 -16.09 27.60
N ARG I 37 -98.56 -17.13 26.78
CA ARG I 37 -98.71 -16.97 25.33
C ARG I 37 -100.19 -16.91 24.93
N GLY I 38 -100.99 -17.85 25.47
CA GLY I 38 -102.43 -17.91 25.23
C GLY I 38 -103.26 -17.03 26.16
N ASP I 39 -102.58 -16.25 27.00
CA ASP I 39 -103.22 -15.35 27.98
C ASP I 39 -104.11 -16.07 29.00
N TYR I 40 -103.58 -17.12 29.61
CA TYR I 40 -104.29 -17.80 30.69
C TYR I 40 -103.72 -17.48 32.07
N ASP I 41 -102.73 -16.59 32.11
CA ASP I 41 -102.04 -16.10 33.33
C ASP I 41 -102.93 -15.65 34.48
N LYS I 42 -104.12 -15.16 34.12
CA LYS I 42 -105.03 -14.55 35.07
C LYS I 42 -106.02 -15.60 35.55
N ASN I 43 -106.01 -16.74 34.88
CA ASN I 43 -107.00 -17.80 35.09
C ASN I 43 -106.41 -19.18 35.47
N ALA I 44 -105.12 -19.38 35.22
CA ALA I 44 -104.42 -20.63 35.55
C ALA I 44 -103.04 -20.38 36.18
N ARG I 45 -102.64 -21.29 37.05
CA ARG I 45 -101.37 -21.25 37.72
C ARG I 45 -100.63 -22.58 37.52
N VAL I 46 -99.30 -22.51 37.47
CA VAL I 46 -98.49 -23.73 37.43
C VAL I 46 -97.88 -23.88 38.80
N ILE I 47 -97.99 -25.09 39.33
CA ILE I 47 -97.46 -25.45 40.64
C ILE I 47 -96.41 -26.59 40.56
N ASN I 48 -95.48 -26.60 41.53
CA ASN I 48 -94.57 -27.74 41.69
C ASN I 48 -94.29 -27.90 43.18
N GLU I 49 -93.84 -29.09 43.55
CA GLU I 49 -93.55 -29.43 44.96
C GLU I 49 -92.57 -28.47 45.64
N ASN I 50 -91.48 -28.14 44.96
CA ASN I 50 -90.44 -27.30 45.53
C ASN I 50 -90.90 -25.89 45.87
N GLU I 51 -91.55 -25.24 44.91
CA GLU I 51 -92.12 -23.92 45.09
C GLU I 51 -93.22 -23.92 46.13
N GLU I 52 -94.08 -24.95 46.11
CA GLU I 52 -95.18 -24.95 47.06
C GLU I 52 -94.67 -25.13 48.49
N ASN I 53 -93.65 -25.96 48.64
CA ASN I 53 -93.01 -26.11 49.94
C ASN I 53 -92.38 -24.82 50.45
N LYS I 54 -91.69 -24.07 49.58
CA LYS I 54 -91.17 -22.77 49.99
C LYS I 54 -92.28 -21.79 50.37
N ARG I 55 -93.35 -21.77 49.57
CA ARG I 55 -94.45 -20.80 49.73
C ARG I 55 -95.15 -21.02 51.08
N ILE I 56 -95.43 -22.27 51.41
CA ILE I 56 -96.09 -22.61 52.68
C ILE I 56 -95.18 -22.42 53.90
N SER I 57 -93.89 -22.74 53.75
CA SER I 57 -92.90 -22.42 54.77
C SER I 57 -92.88 -20.95 55.18
N ILE I 58 -92.91 -20.03 54.20
CA ILE I 58 -93.03 -18.58 54.48
C ILE I 58 -94.23 -18.32 55.36
N TRP I 59 -95.35 -18.92 55.02
CA TRP I 59 -96.58 -18.66 55.76
C TRP I 59 -96.44 -19.20 57.20
N LEU I 60 -95.84 -20.38 57.32
CA LEU I 60 -95.60 -21.01 58.62
C LEU I 60 -94.61 -20.21 59.48
N ASP I 61 -93.60 -19.61 58.84
CA ASP I 61 -92.64 -18.75 59.55
C ASP I 61 -93.35 -17.69 60.37
N THR I 62 -94.43 -17.13 59.83
CA THR I 62 -95.17 -16.15 60.60
C THR I 62 -96.35 -16.71 61.43
N TYR I 63 -97.05 -17.75 60.95
CA TYR I 63 -98.24 -18.21 61.71
C TYR I 63 -97.99 -19.35 62.67
N TYR I 64 -97.04 -20.22 62.34
CA TYR I 64 -96.66 -21.35 63.19
C TYR I 64 -95.14 -21.38 63.38
N PRO I 65 -94.56 -20.30 63.96
CA PRO I 65 -93.09 -20.14 63.99
C PRO I 65 -92.30 -21.21 64.72
N GLN I 66 -92.91 -21.87 65.72
CA GLN I 66 -92.16 -22.87 66.50
C GLN I 66 -92.42 -24.29 66.01
N LEU I 67 -93.05 -24.41 64.84
CA LEU I 67 -93.55 -25.68 64.35
C LEU I 67 -92.40 -26.59 63.95
N ALA I 68 -92.42 -27.82 64.46
CA ALA I 68 -91.42 -28.83 64.08
C ALA I 68 -91.99 -29.73 63.00
N TYR I 69 -91.53 -29.49 61.79
CA TYR I 69 -92.02 -30.23 60.65
C TYR I 69 -90.90 -30.48 59.64
N TYR I 70 -91.24 -31.32 58.66
CA TYR I 70 -90.33 -31.82 57.68
C TYR I 70 -90.63 -31.18 56.32
N ARG I 71 -91.73 -31.64 55.71
CA ARG I 71 -92.01 -31.37 54.30
C ARG I 71 -93.46 -31.75 53.93
N ILE I 72 -93.99 -31.14 52.87
CA ILE I 72 -95.28 -31.51 52.26
C ILE I 72 -94.97 -32.28 50.97
N HIS I 73 -95.67 -33.41 50.83
CA HIS I 73 -95.58 -34.28 49.65
C HIS I 73 -96.87 -34.23 48.84
N PHE I 74 -96.73 -34.29 47.52
CA PHE I 74 -97.84 -34.11 46.59
C PHE I 74 -97.95 -35.26 45.61
N ASP I 75 -97.54 -36.46 46.03
CA ASP I 75 -97.71 -37.65 45.21
C ASP I 75 -99.13 -37.75 44.68
N GLU I 76 -100.09 -37.27 45.49
CA GLU I 76 -101.48 -37.09 45.11
C GLU I 76 -101.81 -35.58 45.31
N PRO I 77 -101.62 -34.75 44.25
CA PRO I 77 -101.72 -33.31 44.47
C PRO I 77 -103.04 -32.77 45.06
N ARG I 78 -104.17 -33.45 44.80
CA ARG I 78 -105.44 -33.07 45.42
C ARG I 78 -105.51 -33.40 46.90
N LYS I 79 -104.57 -34.21 47.38
CA LYS I 79 -104.53 -34.60 48.78
C LYS I 79 -103.07 -34.58 49.23
N PRO I 80 -102.49 -33.39 49.43
CA PRO I 80 -101.10 -33.32 49.89
C PRO I 80 -100.94 -33.89 51.31
N VAL I 81 -99.76 -34.41 51.60
CA VAL I 81 -99.44 -34.97 52.91
C VAL I 81 -98.36 -34.09 53.56
N PHE I 82 -98.72 -33.47 54.68
CA PHE I 82 -97.82 -32.67 55.49
C PHE I 82 -97.19 -33.52 56.59
N TRP I 83 -95.88 -33.69 56.50
CA TRP I 83 -95.09 -34.48 57.43
C TRP I 83 -94.66 -33.62 58.62
N LEU I 84 -95.14 -33.99 59.79
CA LEU I 84 -94.81 -33.31 61.04
C LEU I 84 -93.95 -34.20 61.90
N SER I 85 -93.13 -33.61 62.76
CA SER I 85 -92.39 -34.38 63.76
C SER I 85 -93.26 -35.03 64.82
N ARG I 86 -93.08 -36.32 65.00
CA ARG I 86 -93.82 -37.11 65.98
C ARG I 86 -93.33 -36.79 67.39
N GLN I 87 -92.01 -36.76 67.57
CA GLN I 87 -91.40 -36.43 68.87
C GLN I 87 -91.65 -34.99 69.31
N ARG I 88 -91.57 -34.04 68.38
CA ARG I 88 -91.56 -32.61 68.72
C ARG I 88 -92.91 -31.90 68.58
N ASN I 89 -93.93 -32.68 68.28
CA ASN I 89 -95.26 -32.13 68.20
C ASN I 89 -95.78 -31.77 69.57
N THR I 90 -96.47 -30.63 69.66
CA THR I 90 -97.01 -30.08 70.90
C THR I 90 -98.52 -29.89 70.76
N MET I 91 -99.02 -30.04 69.54
CA MET I 91 -100.42 -29.75 69.25
C MET I 91 -101.34 -30.95 69.38
N SER I 92 -102.56 -30.69 69.84
CA SER I 92 -103.59 -31.69 69.99
C SER I 92 -104.22 -31.96 68.63
N LYS I 93 -105.06 -32.99 68.56
CA LYS I 93 -105.77 -33.35 67.35
C LYS I 93 -106.55 -32.15 66.82
N LYS I 94 -107.25 -31.44 67.72
CA LYS I 94 -108.04 -30.26 67.39
C LYS I 94 -107.18 -29.15 66.77
N GLU I 95 -106.04 -28.85 67.39
CA GLU I 95 -105.09 -27.87 66.86
C GLU I 95 -104.47 -28.28 65.53
N LEU I 96 -104.28 -29.58 65.33
CA LEU I 96 -103.80 -30.10 64.08
C LEU I 96 -104.87 -30.09 62.99
N GLU I 97 -106.16 -30.21 63.36
CA GLU I 97 -107.28 -30.02 62.40
C GLU I 97 -107.41 -28.55 61.96
N VAL I 98 -107.22 -27.64 62.90
CA VAL I 98 -107.10 -26.21 62.59
C VAL I 98 -105.97 -25.91 61.59
N LEU I 99 -104.76 -26.38 61.86
CA LEU I 99 -103.62 -26.25 60.95
C LEU I 99 -103.95 -26.82 59.55
N SER I 100 -104.43 -28.05 59.52
CA SER I 100 -104.83 -28.69 58.28
C SER I 100 -105.86 -27.86 57.46
N GLN I 101 -106.80 -27.22 58.18
CA GLN I 101 -107.83 -26.36 57.56
C GLN I 101 -107.22 -25.13 56.93
N LYS I 102 -106.24 -24.55 57.64
CA LYS I 102 -105.60 -23.33 57.16
C LYS I 102 -104.64 -23.65 56.00
N LEU I 103 -104.05 -24.83 56.03
CA LEU I 103 -103.24 -25.32 54.90
C LEU I 103 -104.08 -25.55 53.66
N ARG I 104 -105.26 -26.15 53.81
CA ARG I 104 -106.19 -26.32 52.71
C ARG I 104 -106.56 -25.01 52.00
N ALA I 105 -106.86 -23.98 52.80
CA ALA I 105 -107.25 -22.67 52.30
C ALA I 105 -106.15 -22.02 51.47
N LEU I 106 -104.90 -22.32 51.83
CA LEU I 106 -103.71 -21.85 51.12
C LEU I 106 -103.42 -22.59 49.81
N MET I 107 -104.06 -23.76 49.64
CA MET I 107 -103.87 -24.59 48.44
C MET I 107 -105.23 -24.89 47.84
N PRO I 108 -105.75 -23.96 47.00
CA PRO I 108 -107.12 -24.07 46.48
C PRO I 108 -107.37 -25.34 45.64
N TYR I 109 -106.30 -25.99 45.19
CA TYR I 109 -106.36 -27.22 44.37
C TYR I 109 -106.41 -28.49 45.25
N ALA I 110 -106.26 -28.35 46.55
CA ALA I 110 -106.25 -29.49 47.48
C ALA I 110 -107.62 -29.78 48.11
N ASP I 111 -108.11 -31.01 47.97
CA ASP I 111 -109.37 -31.42 48.61
C ASP I 111 -109.22 -31.35 50.13
N SER I 112 -108.08 -31.82 50.61
CA SER I 112 -107.74 -31.81 52.03
C SER I 112 -106.24 -31.92 52.16
N VAL I 113 -105.74 -31.56 53.33
CA VAL I 113 -104.35 -31.68 53.63
C VAL I 113 -104.23 -32.64 54.81
N ASN I 114 -103.60 -33.79 54.59
CA ASN I 114 -103.41 -34.74 55.69
C ASN I 114 -102.14 -34.44 56.47
N ILE I 115 -102.27 -34.38 57.80
CA ILE I 115 -101.13 -34.18 58.65
C ILE I 115 -100.71 -35.54 59.18
N THR I 116 -99.44 -35.85 58.94
CA THR I 116 -98.89 -37.18 59.28
C THR I 116 -97.62 -36.97 60.09
N LEU I 117 -97.54 -37.70 61.19
CA LEU I 117 -96.41 -37.63 62.10
C LEU I 117 -95.29 -38.52 61.63
N MET I 118 -94.08 -37.98 61.62
CA MET I 118 -92.91 -38.70 61.19
C MET I 118 -91.87 -38.75 62.30
N ASP I 119 -91.24 -39.91 62.43
CA ASP I 119 -90.33 -40.18 63.51
C ASP I 119 -88.93 -39.54 63.24
N ASP I 120 -88.48 -38.68 64.17
CA ASP I 120 -87.16 -38.02 64.11
C ASP I 120 -85.95 -38.98 64.06
N VAL I 121 -86.06 -40.07 64.81
CA VAL I 121 -85.01 -41.06 64.88
C VAL I 121 -84.90 -41.83 63.57
N THR I 122 -86.07 -42.13 62.98
CA THR I 122 -86.16 -42.64 61.63
C THR I 122 -85.59 -41.65 60.63
N ALA I 123 -85.88 -40.36 60.77
CA ALA I 123 -85.41 -39.33 59.83
C ALA I 123 -83.88 -39.30 59.76
N ALA I 124 -83.25 -39.38 60.93
CA ALA I 124 -81.80 -39.36 61.04
C ALA I 124 -81.19 -40.68 60.63
N GLY I 125 -81.87 -41.78 60.93
CA GLY I 125 -81.39 -43.12 60.57
C GLY I 125 -81.35 -43.35 59.07
N GLN I 126 -82.33 -42.81 58.34
CA GLN I 126 -82.33 -42.92 56.89
C GLN I 126 -81.19 -42.09 56.27
N ALA I 127 -80.85 -40.97 56.90
CA ALA I 127 -79.68 -40.19 56.49
C ALA I 127 -78.41 -41.04 56.71
N GLU I 128 -78.26 -41.66 57.88
CA GLU I 128 -77.10 -42.50 58.20
C GLU I 128 -76.93 -43.67 57.26
N ALA I 129 -78.03 -44.38 57.00
CA ALA I 129 -78.03 -45.58 56.17
C ALA I 129 -77.51 -45.26 54.78
N GLY I 130 -78.06 -44.22 54.15
CA GLY I 130 -77.61 -43.75 52.83
C GLY I 130 -76.14 -43.39 52.77
N LEU I 131 -75.58 -42.85 53.85
CA LEU I 131 -74.13 -42.62 53.93
C LEU I 131 -73.30 -43.93 54.14
N LYS I 132 -73.82 -44.85 54.93
CA LYS I 132 -73.19 -46.14 55.13
C LYS I 132 -73.19 -46.96 53.84
N GLN I 133 -74.29 -46.87 53.10
CA GLN I 133 -74.44 -47.56 51.81
C GLN I 133 -73.34 -47.24 50.81
N GLN I 134 -72.79 -46.03 50.91
CA GLN I 134 -71.77 -45.58 49.98
C GLN I 134 -70.39 -45.55 50.63
N ALA I 135 -70.25 -46.24 51.76
CA ALA I 135 -68.95 -46.33 52.46
C ALA I 135 -68.28 -44.95 52.48
N LEU I 136 -69.10 -43.95 52.84
CA LEU I 136 -68.66 -42.57 53.02
C LEU I 136 -68.23 -42.35 54.46
N PRO I 137 -67.02 -41.81 54.67
CA PRO I 137 -66.74 -41.47 56.05
C PRO I 137 -67.57 -40.22 56.38
N TYR I 138 -68.04 -40.11 57.62
CA TYR I 138 -68.91 -39.02 58.06
C TYR I 138 -68.82 -38.97 59.58
N SER I 139 -69.07 -37.81 60.18
CA SER I 139 -69.41 -37.72 61.59
C SER I 139 -70.84 -37.22 61.70
N ARG I 140 -71.62 -37.98 62.44
CA ARG I 140 -72.92 -37.58 62.90
C ARG I 140 -72.75 -36.73 64.14
N ARG I 141 -73.18 -35.47 64.05
CA ARG I 141 -73.10 -34.57 65.18
C ARG I 141 -74.52 -34.22 65.59
N ASN I 142 -74.93 -34.68 66.78
CA ASN I 142 -76.26 -34.35 67.34
C ASN I 142 -76.26 -32.99 68.04
N HIS I 143 -77.08 -32.08 67.55
CA HIS I 143 -77.22 -30.76 68.16
C HIS I 143 -78.60 -30.67 68.76
N LYS I 144 -78.89 -29.54 69.38
CA LYS I 144 -80.21 -29.28 69.90
C LYS I 144 -81.17 -28.90 68.76
N GLY I 145 -82.13 -29.78 68.52
CA GLY I 145 -83.11 -29.61 67.44
C GLY I 145 -82.65 -29.95 66.03
N GLY I 146 -81.52 -30.62 65.93
CA GLY I 146 -81.07 -31.14 64.64
C GLY I 146 -79.88 -32.07 64.70
N VAL I 147 -79.52 -32.57 63.52
CA VAL I 147 -78.36 -33.44 63.36
C VAL I 147 -77.64 -32.92 62.14
N THR I 148 -76.32 -32.76 62.25
CA THR I 148 -75.48 -32.55 61.09
C THR I 148 -74.64 -33.80 60.77
N PHE I 149 -74.70 -34.27 59.53
CA PHE I 149 -73.78 -35.29 59.03
C PHE I 149 -72.68 -34.61 58.23
N VAL I 150 -71.46 -34.65 58.75
CA VAL I 150 -70.33 -34.05 58.06
C VAL I 150 -69.58 -35.13 57.26
N ILE I 151 -69.64 -35.04 55.93
CA ILE I 151 -68.94 -35.99 55.07
C ILE I 151 -67.45 -35.63 55.03
N GLN I 152 -66.61 -36.62 55.35
CA GLN I 152 -65.17 -36.43 55.50
C GLN I 152 -64.35 -36.98 54.33
N GLY I 153 -63.07 -36.60 54.31
CA GLY I 153 -62.10 -37.12 53.36
C GLY I 153 -62.30 -36.65 51.94
N ALA I 154 -61.32 -36.93 51.10
CA ALA I 154 -61.42 -36.61 49.69
C ALA I 154 -62.25 -37.67 48.99
N LEU I 155 -62.91 -37.29 47.90
CA LEU I 155 -63.69 -38.21 47.10
C LEU I 155 -63.46 -37.92 45.62
N ASP I 156 -63.48 -38.96 44.78
CA ASP I 156 -63.35 -38.73 43.33
C ASP I 156 -64.63 -38.13 42.74
N ASP I 157 -64.57 -37.70 41.48
CA ASP I 157 -65.66 -36.99 40.84
C ASP I 157 -66.96 -37.78 40.83
N VAL I 158 -66.85 -39.10 40.63
CA VAL I 158 -67.98 -40.03 40.64
C VAL I 158 -68.61 -40.08 42.05
N GLU I 159 -67.76 -40.19 43.07
CA GLU I 159 -68.21 -40.30 44.43
C GLU I 159 -68.78 -38.98 44.96
N ILE I 160 -68.25 -37.87 44.48
CA ILE I 160 -68.79 -36.54 44.79
C ILE I 160 -70.21 -36.44 44.23
N LEU I 161 -70.37 -36.90 43.01
CA LEU I 161 -71.66 -36.91 42.32
C LEU I 161 -72.69 -37.81 43.01
N ARG I 162 -72.28 -39.02 43.39
CA ARG I 162 -73.18 -39.99 44.00
C ARG I 162 -73.65 -39.55 45.40
N ALA I 163 -72.76 -38.85 46.11
CA ALA I 163 -73.08 -38.26 47.41
C ALA I 163 -74.01 -37.04 47.29
N ARG I 164 -73.86 -36.26 46.23
CA ARG I 164 -74.72 -35.11 45.98
C ARG I 164 -76.13 -35.57 45.61
N GLN I 165 -76.21 -36.62 44.80
CA GLN I 165 -77.50 -37.19 44.47
C GLN I 165 -78.22 -37.81 45.66
N PHE I 166 -77.48 -38.41 46.60
CA PHE I 166 -78.11 -38.92 47.80
C PHE I 166 -78.67 -37.79 48.64
N VAL I 167 -77.84 -36.76 48.85
CA VAL I 167 -78.20 -35.62 49.65
C VAL I 167 -79.44 -34.90 49.07
N ASP I 168 -79.44 -34.69 47.75
CA ASP I 168 -80.54 -34.05 47.02
C ASP I 168 -81.84 -34.83 47.21
N SER I 169 -81.72 -36.15 47.12
CA SER I 169 -82.84 -37.06 47.28
C SER I 169 -83.41 -37.01 48.71
N TYR I 170 -82.51 -37.00 49.68
CA TYR I 170 -82.88 -36.96 51.08
C TYR I 170 -83.70 -35.71 51.36
N TYR I 171 -83.19 -34.57 50.94
CA TYR I 171 -83.86 -33.29 51.11
C TYR I 171 -85.23 -33.24 50.43
N ARG I 172 -85.35 -33.87 49.27
CA ARG I 172 -86.64 -33.93 48.59
C ARG I 172 -87.68 -34.68 49.39
N THR I 173 -87.25 -35.75 50.07
CA THR I 173 -88.12 -36.54 50.93
C THR I 173 -88.42 -35.82 52.26
N TRP I 174 -87.35 -35.44 52.97
CA TRP I 174 -87.46 -34.96 54.36
C TRP I 174 -87.39 -33.44 54.57
N GLY I 175 -87.08 -32.68 53.53
CA GLY I 175 -86.73 -31.26 53.71
C GLY I 175 -85.38 -31.07 54.39
N GLY I 176 -85.04 -29.82 54.70
CA GLY I 176 -83.71 -29.53 55.31
C GLY I 176 -83.81 -28.88 56.69
N ARG I 177 -84.93 -29.12 57.37
CA ARG I 177 -85.23 -28.46 58.65
C ARG I 177 -84.71 -29.18 59.88
N TYR I 178 -84.32 -30.43 59.75
CA TYR I 178 -83.93 -31.24 60.91
C TYR I 178 -82.53 -31.84 60.69
N VAL I 179 -82.42 -32.80 59.79
CA VAL I 179 -81.12 -33.32 59.40
C VAL I 179 -80.52 -32.48 58.28
N GLN I 180 -79.25 -32.12 58.43
CA GLN I 180 -78.49 -31.41 57.41
C GLN I 180 -77.20 -32.11 57.12
N PHE I 181 -76.67 -31.90 55.92
CA PHE I 181 -75.40 -32.50 55.54
C PHE I 181 -74.40 -31.38 55.28
N ALA I 182 -73.12 -31.69 55.48
CA ALA I 182 -72.09 -30.72 55.27
C ALA I 182 -70.85 -31.46 54.82
N ILE I 183 -69.93 -30.74 54.21
CA ILE I 183 -68.69 -31.34 53.80
C ILE I 183 -67.55 -30.78 54.65
N GLU I 184 -66.77 -31.69 55.20
CA GLU I 184 -65.64 -31.34 56.03
C GLU I 184 -64.67 -30.38 55.34
N LEU I 185 -64.16 -29.43 56.11
CA LEU I 185 -63.19 -28.48 55.60
C LEU I 185 -61.97 -28.58 56.49
N LYS I 186 -60.83 -28.93 55.89
CA LYS I 186 -59.57 -29.22 56.59
C LYS I 186 -58.42 -28.31 56.11
N LEU J 1 63.50 88.62 -28.75
CA LEU J 1 63.06 87.41 -27.98
C LEU J 1 61.65 87.58 -27.36
N GLY J 2 61.22 88.82 -27.21
CA GLY J 2 59.88 89.11 -26.69
C GLY J 2 59.66 88.63 -25.26
N GLN J 3 58.56 87.91 -25.04
CA GLN J 3 58.22 87.36 -23.72
C GLN J 3 59.19 86.23 -23.29
N GLU J 4 60.21 86.00 -24.12
CA GLU J 4 61.17 84.92 -23.91
C GLU J 4 62.53 85.54 -23.55
N LYS J 5 62.56 86.87 -23.44
CA LYS J 5 63.80 87.62 -23.19
C LYS J 5 64.44 87.27 -21.84
N GLU J 6 63.64 86.73 -20.92
CA GLU J 6 64.11 86.44 -19.57
C GLU J 6 64.62 85.02 -19.41
N ARG J 7 64.28 84.15 -20.38
CA ARG J 7 64.62 82.74 -20.31
C ARG J 7 65.88 82.43 -21.13
N PHE J 8 66.12 83.25 -22.14
CA PHE J 8 67.15 83.01 -23.13
C PHE J 8 68.04 84.23 -23.37
N GLN J 9 69.24 83.96 -23.88
CA GLN J 9 70.17 84.98 -24.29
C GLN J 9 70.71 84.58 -25.63
N VAL J 10 70.75 85.51 -26.57
CA VAL J 10 71.35 85.24 -27.86
C VAL J 10 72.76 85.85 -27.89
N LEU J 11 73.76 85.03 -28.13
CA LEU J 11 75.17 85.48 -28.12
C LEU J 11 75.81 85.19 -29.47
N PRO J 12 76.62 86.13 -29.98
CA PRO J 12 77.35 85.86 -31.21
C PRO J 12 78.56 84.96 -31.00
N GLY J 13 78.89 84.14 -32.00
CA GLY J 13 80.06 83.30 -31.92
C GLY J 13 81.19 83.77 -32.82
N ARG J 14 82.41 83.52 -32.38
CA ARG J 14 83.63 83.68 -33.20
C ARG J 14 83.59 82.83 -34.48
N ASP J 15 82.79 81.77 -34.46
CA ASP J 15 82.62 80.86 -35.60
C ASP J 15 81.52 81.31 -36.54
N LYS J 16 81.02 82.53 -36.30
CA LYS J 16 79.92 83.14 -37.05
C LYS J 16 78.55 82.53 -36.77
N MET J 17 78.51 81.54 -35.87
CA MET J 17 77.25 80.93 -35.45
C MET J 17 76.64 81.75 -34.32
N LEU J 18 75.33 81.58 -34.11
CA LEU J 18 74.64 82.24 -33.01
C LEU J 18 74.33 81.20 -31.96
N TYR J 19 74.46 81.61 -30.70
CA TYR J 19 74.29 80.74 -29.56
C TYR J 19 73.08 81.21 -28.75
N VAL J 20 72.14 80.31 -28.50
CA VAL J 20 71.04 80.64 -27.59
C VAL J 20 71.27 79.94 -26.24
N ALA J 21 71.49 80.75 -25.20
CA ALA J 21 71.79 80.26 -23.85
C ALA J 21 70.50 80.05 -23.14
N ALA J 22 70.28 78.82 -22.67
CA ALA J 22 69.07 78.43 -21.98
C ALA J 22 69.41 78.06 -20.54
N GLN J 23 68.40 78.02 -19.68
CA GLN J 23 68.54 77.93 -18.24
C GLN J 23 68.33 76.51 -17.74
N ASN J 24 67.71 75.67 -18.57
CA ASN J 24 67.38 74.29 -18.18
C ASN J 24 67.18 73.39 -19.40
N GLU J 25 66.87 72.11 -19.17
CA GLU J 25 66.84 71.16 -20.28
C GLU J 25 65.55 71.32 -21.07
N ARG J 26 64.45 71.59 -20.38
CA ARG J 26 63.15 71.78 -20.99
C ARG J 26 63.10 73.01 -21.96
N ASP J 27 63.66 74.14 -21.53
CA ASP J 27 63.91 75.28 -22.43
C ASP J 27 64.88 74.98 -23.57
N THR J 28 65.89 74.15 -23.32
CA THR J 28 66.86 73.78 -24.34
C THR J 28 66.22 72.93 -25.46
N LEU J 29 65.43 71.95 -25.08
CA LEU J 29 64.70 71.11 -26.00
C LEU J 29 63.72 71.94 -26.82
N TRP J 30 62.90 72.73 -26.15
CA TRP J 30 61.95 73.61 -26.82
C TRP J 30 62.64 74.57 -27.80
N ALA J 31 63.74 75.16 -27.36
CA ALA J 31 64.49 76.08 -28.22
C ALA J 31 65.07 75.37 -29.45
N ARG J 32 65.55 74.14 -29.28
CA ARG J 32 66.09 73.36 -30.39
C ARG J 32 65.00 73.00 -31.41
N GLN J 33 63.79 72.78 -30.91
CA GLN J 33 62.65 72.41 -31.74
C GLN J 33 62.25 73.59 -32.64
N VAL J 34 62.18 74.77 -32.05
CA VAL J 34 61.93 76.02 -32.78
C VAL J 34 62.95 76.22 -33.89
N LEU J 35 64.23 76.06 -33.55
CA LEU J 35 65.31 76.09 -34.54
C LEU J 35 65.15 75.03 -35.64
N ALA J 36 64.96 73.77 -35.24
CA ALA J 36 64.70 72.66 -36.19
C ALA J 36 63.42 72.83 -37.03
N ARG J 37 62.64 73.86 -36.73
CA ARG J 37 61.41 74.19 -37.47
C ARG J 37 61.67 75.25 -38.54
N GLY J 38 62.36 76.32 -38.15
CA GLY J 38 62.73 77.40 -39.07
C GLY J 38 64.03 77.18 -39.84
N ASP J 39 64.60 75.98 -39.67
CA ASP J 39 65.86 75.58 -40.32
C ASP J 39 67.06 76.48 -39.97
N TYR J 40 67.26 76.71 -38.68
CA TYR J 40 68.43 77.43 -38.21
C TYR J 40 69.50 76.52 -37.59
N ASP J 41 69.23 75.20 -37.61
CA ASP J 41 70.11 74.13 -37.09
C ASP J 41 71.56 74.17 -37.52
N LYS J 42 71.81 74.74 -38.70
CA LYS J 42 73.11 74.74 -39.34
C LYS J 42 73.82 76.03 -39.00
N ASN J 43 73.07 76.97 -38.43
CA ASN J 43 73.53 78.34 -38.19
C ASN J 43 73.46 78.80 -36.72
N ALA J 44 72.67 78.10 -35.90
CA ALA J 44 72.53 78.42 -34.48
C ALA J 44 72.56 77.17 -33.59
N ARG J 45 73.06 77.34 -32.38
CA ARG J 45 73.14 76.28 -31.40
C ARG J 45 72.50 76.73 -30.10
N VAL J 46 71.91 75.79 -29.37
CA VAL J 46 71.38 76.07 -28.03
C VAL J 46 72.35 75.46 -27.05
N ILE J 47 72.71 76.26 -26.06
CA ILE J 47 73.63 75.86 -24.99
C ILE J 47 72.99 75.94 -23.59
N ASN J 48 73.47 75.11 -22.66
CA ASN J 48 73.11 75.23 -21.25
C ASN J 48 74.31 74.83 -20.42
N GLU J 49 74.31 75.25 -19.15
CA GLU J 49 75.41 74.99 -18.23
C GLU J 49 75.75 73.50 -18.07
N ASN J 50 74.72 72.67 -17.90
CA ASN J 50 74.91 71.25 -17.67
C ASN J 50 75.60 70.52 -18.82
N GLU J 51 75.07 70.72 -20.02
CA GLU J 51 75.64 70.17 -21.24
C GLU J 51 77.04 70.70 -21.50
N GLU J 52 77.24 72.00 -21.29
CA GLU J 52 78.56 72.55 -21.59
C GLU J 52 79.60 72.01 -20.62
N ASN J 53 79.21 71.86 -19.36
CA ASN J 53 80.10 71.23 -18.39
C ASN J 53 80.47 69.79 -18.75
N LYS J 54 79.50 69.00 -19.20
CA LYS J 54 79.81 67.64 -19.66
C LYS J 54 80.74 67.65 -20.87
N ARG J 55 80.46 68.55 -21.83
CA ARG J 55 81.18 68.59 -23.10
C ARG J 55 82.67 68.94 -22.87
N ILE J 56 82.92 69.92 -22.02
CA ILE J 56 84.28 70.33 -21.70
C ILE J 56 85.04 69.30 -20.84
N SER J 57 84.34 68.67 -19.89
CA SER J 57 84.88 67.55 -19.16
C SER J 57 85.43 66.42 -20.03
N ILE J 58 84.69 66.02 -21.07
CA ILE J 58 85.17 65.05 -22.06
C ILE J 58 86.48 65.50 -22.64
N TRP J 59 86.56 66.77 -23.02
CA TRP J 59 87.77 67.26 -23.65
C TRP J 59 88.94 67.23 -22.65
N LEU J 60 88.65 67.61 -21.40
CA LEU J 60 89.65 67.60 -20.34
C LEU J 60 90.12 66.18 -20.00
N ASP J 61 89.20 65.20 -20.05
CA ASP J 61 89.56 63.79 -19.82
C ASP J 61 90.73 63.36 -20.70
N THR J 62 90.75 63.84 -21.95
CA THR J 62 91.87 63.50 -22.80
C THR J 62 93.03 64.52 -22.78
N TYR J 63 92.77 65.83 -22.65
CA TYR J 63 93.88 66.80 -22.75
C TYR J 63 94.50 67.22 -21.43
N TYR J 64 93.70 67.23 -20.37
CA TYR J 64 94.17 67.58 -19.03
C TYR J 64 93.71 66.50 -18.02
N PRO J 65 94.12 65.23 -18.23
CA PRO J 65 93.57 64.10 -17.46
C PRO J 65 93.77 64.14 -15.95
N GLN J 66 94.83 64.80 -15.47
CA GLN J 66 95.12 64.80 -14.02
C GLN J 66 94.59 66.08 -13.35
N LEU J 67 93.78 66.84 -14.08
CA LEU J 67 93.38 68.18 -13.66
C LEU J 67 92.43 68.11 -12.47
N ALA J 68 92.75 68.86 -11.43
CA ALA J 68 91.86 68.95 -10.25
C ALA J 68 91.01 70.19 -10.35
N TYR J 69 89.75 69.98 -10.70
CA TYR J 69 88.84 71.08 -10.90
C TYR J 69 87.43 70.70 -10.43
N TYR J 70 86.59 71.73 -10.39
CA TYR J 70 85.25 71.66 -9.86
C TYR J 70 84.23 71.73 -11.00
N ARG J 71 84.08 72.93 -11.57
CA ARG J 71 82.95 73.24 -12.45
C ARG J 71 83.18 74.59 -13.17
N ILE J 72 82.52 74.75 -14.33
CA ILE J 72 82.44 76.03 -15.05
C ILE J 72 81.08 76.64 -14.80
N HIS J 73 81.07 77.93 -14.47
CA HIS J 73 79.88 78.71 -14.24
C HIS J 73 79.68 79.75 -15.34
N PHE J 74 78.42 79.98 -15.72
CA PHE J 74 78.06 80.82 -16.86
C PHE J 74 77.07 81.91 -16.46
N ASP J 75 77.14 82.37 -15.21
CA ASP J 75 76.31 83.49 -14.77
C ASP J 75 76.42 84.65 -15.76
N GLU J 76 77.59 84.80 -16.36
CA GLU J 76 77.86 85.72 -17.47
C GLU J 76 78.36 84.85 -18.66
N PRO J 77 77.44 84.38 -19.53
CA PRO J 77 77.85 83.41 -20.53
C PRO J 77 79.00 83.81 -21.49
N ARG J 78 79.14 85.12 -21.77
CA ARG J 78 80.27 85.59 -22.57
C ARG J 78 81.60 85.55 -21.82
N LYS J 79 81.54 85.36 -20.50
CA LYS J 79 82.73 85.29 -19.68
C LYS J 79 82.54 84.18 -18.65
N PRO J 80 82.63 82.91 -19.09
CA PRO J 80 82.49 81.80 -18.13
C PRO J 80 83.62 81.78 -17.11
N VAL J 81 83.33 81.26 -15.91
CA VAL J 81 84.32 81.14 -14.85
C VAL J 81 84.57 79.65 -14.58
N PHE J 82 85.80 79.23 -14.81
CA PHE J 82 86.27 77.88 -14.54
C PHE J 82 86.90 77.79 -13.16
N TRP J 83 86.24 77.03 -12.29
CA TRP J 83 86.67 76.83 -10.91
C TRP J 83 87.66 75.68 -10.82
N LEU J 84 88.88 76.01 -10.41
CA LEU J 84 89.94 75.04 -10.23
C LEU J 84 90.25 74.88 -8.76
N SER J 85 90.78 73.71 -8.36
CA SER J 85 91.27 73.54 -7.00
C SER J 85 92.51 74.34 -6.67
N ARG J 86 92.42 75.08 -5.57
CA ARG J 86 93.51 75.92 -5.10
C ARG J 86 94.62 75.05 -4.51
N GLN J 87 94.24 74.08 -3.67
CA GLN J 87 95.21 73.15 -3.06
C GLN J 87 95.89 72.24 -4.06
N ARG J 88 95.13 71.73 -5.04
CA ARG J 88 95.63 70.65 -5.92
C ARG J 88 96.14 71.13 -7.28
N ASN J 89 96.21 72.44 -7.45
CA ASN J 89 96.74 72.98 -8.68
C ASN J 89 98.24 72.79 -8.72
N THR J 90 98.75 72.45 -9.92
CA THR J 90 100.16 72.17 -10.16
C THR J 90 100.68 73.11 -11.25
N MET J 91 99.77 73.82 -11.90
CA MET J 91 100.13 74.66 -13.05
C MET J 91 100.47 76.09 -12.69
N SER J 92 101.42 76.65 -13.44
CA SER J 92 101.85 78.02 -13.29
C SER J 92 100.85 78.93 -13.97
N LYS J 93 101.01 80.24 -13.77
CA LYS J 93 100.17 81.24 -14.40
C LYS J 93 100.16 81.06 -15.91
N LYS J 94 101.34 80.86 -16.49
CA LYS J 94 101.52 80.65 -17.93
C LYS J 94 100.74 79.42 -18.43
N GLU J 95 100.88 78.31 -17.73
CA GLU J 95 100.13 77.08 -18.06
C GLU J 95 98.62 77.23 -17.90
N LEU J 96 98.21 78.04 -16.94
CA LEU J 96 96.81 78.34 -16.74
C LEU J 96 96.27 79.32 -17.80
N GLU J 97 97.11 80.20 -18.34
CA GLU J 97 96.74 81.05 -19.50
C GLU J 97 96.57 80.21 -20.78
N VAL J 98 97.46 79.25 -20.97
CA VAL J 98 97.32 78.24 -22.03
C VAL J 98 95.99 77.48 -21.94
N LEU J 99 95.68 76.92 -20.78
CA LEU J 99 94.40 76.24 -20.54
C LEU J 99 93.20 77.16 -20.86
N SER J 100 93.22 78.34 -20.27
CA SER J 100 92.18 79.34 -20.52
C SER J 100 91.98 79.65 -22.03
N GLN J 101 93.08 79.70 -22.78
CA GLN J 101 93.06 79.94 -24.23
C GLN J 101 92.40 78.81 -24.98
N LYS J 102 92.70 77.58 -24.55
CA LYS J 102 92.16 76.39 -25.20
C LYS J 102 90.69 76.23 -24.84
N LEU J 103 90.32 76.62 -23.63
CA LEU J 103 88.91 76.64 -23.22
C LEU J 103 88.09 77.65 -24.03
N ARG J 104 88.64 78.85 -24.25
CA ARG J 104 88.01 79.85 -25.09
C ARG J 104 87.69 79.34 -26.51
N ALA J 105 88.67 78.67 -27.13
CA ALA J 105 88.54 78.14 -28.48
C ALA J 105 87.43 77.11 -28.60
N LEU J 106 87.19 76.38 -27.49
CA LEU J 106 86.12 75.40 -27.37
C LEU J 106 84.73 75.99 -27.16
N MET J 107 84.69 77.27 -26.78
CA MET J 107 83.43 77.97 -26.53
C MET J 107 83.41 79.25 -27.35
N PRO J 108 82.98 79.15 -28.63
CA PRO J 108 83.06 80.28 -29.56
C PRO J 108 82.25 81.52 -29.12
N TYR J 109 81.31 81.33 -28.18
CA TYR J 109 80.45 82.40 -27.66
C TYR J 109 81.10 83.12 -26.45
N ALA J 110 82.24 82.64 -25.98
CA ALA J 110 82.93 83.22 -24.82
C ALA J 110 84.01 84.23 -25.21
N ASP J 111 83.95 85.44 -24.67
CA ASP J 111 84.99 86.46 -24.89
C ASP J 111 86.30 85.97 -24.29
N SER J 112 86.21 85.40 -23.10
CA SER J 112 87.36 84.86 -22.37
C SER J 112 86.83 83.87 -21.36
N VAL J 113 87.73 83.03 -20.88
CA VAL J 113 87.40 82.09 -19.84
C VAL J 113 88.30 82.42 -18.65
N ASN J 114 87.70 82.83 -17.54
CA ASN J 114 88.49 83.12 -16.34
C ASN J 114 88.71 81.87 -15.51
N ILE J 115 89.96 81.63 -15.13
CA ILE J 115 90.29 80.51 -14.26
C ILE J 115 90.42 81.05 -12.87
N THR J 116 89.65 80.45 -11.96
CA THR J 116 89.56 80.91 -10.56
C THR J 116 89.79 79.73 -9.66
N LEU J 117 90.65 79.93 -8.68
CA LEU J 117 91.02 78.90 -7.72
C LEU J 117 90.03 78.85 -6.59
N MET J 118 89.57 77.65 -6.26
CA MET J 118 88.61 77.44 -5.20
C MET J 118 89.17 76.51 -4.13
N ASP J 119 88.89 76.86 -2.89
CA ASP J 119 89.46 76.18 -1.76
C ASP J 119 88.73 74.84 -1.46
N ASP J 120 89.48 73.74 -1.47
CA ASP J 120 88.96 72.37 -1.16
C ASP J 120 88.30 72.22 0.21
N VAL J 121 88.89 72.89 1.20
CA VAL J 121 88.40 72.84 2.57
C VAL J 121 87.07 73.58 2.68
N THR J 122 86.98 74.72 1.98
CA THR J 122 85.74 75.43 1.78
C THR J 122 84.72 74.56 1.05
N ALA J 123 85.13 73.84 0.01
CA ALA J 123 84.22 73.00 -0.78
C ALA J 123 83.52 71.95 0.08
N ALA J 124 84.32 71.32 0.95
CA ALA J 124 83.83 70.28 1.84
C ALA J 124 83.03 70.87 2.99
N GLY J 125 83.43 72.03 3.48
CA GLY J 125 82.75 72.71 4.58
C GLY J 125 81.35 73.17 4.21
N GLN J 126 81.17 73.63 2.97
CA GLN J 126 79.84 74.02 2.51
C GLN J 126 78.92 72.80 2.37
N ALA J 127 79.48 71.65 2.00
CA ALA J 127 78.73 70.40 2.01
C ALA J 127 78.29 70.06 3.44
N GLU J 128 79.22 70.13 4.40
CA GLU J 128 78.92 69.85 5.82
C GLU J 128 77.85 70.74 6.40
N ALA J 129 77.99 72.05 6.16
CA ALA J 129 77.08 73.06 6.70
C ALA J 129 75.66 72.78 6.26
N GLY J 130 75.45 72.57 4.96
CA GLY J 130 74.13 72.23 4.40
C GLY J 130 73.51 70.98 5.01
N LEU J 131 74.32 69.99 5.36
CA LEU J 131 73.82 68.82 6.09
C LEU J 131 73.50 69.10 7.58
N LYS J 132 74.32 69.93 8.22
CA LYS J 132 74.07 70.35 9.61
C LYS J 132 72.81 71.19 9.70
N GLN J 133 72.61 72.05 8.70
CA GLN J 133 71.41 72.91 8.62
C GLN J 133 70.11 72.14 8.68
N GLN J 134 70.12 70.91 8.19
CA GLN J 134 68.91 70.10 8.12
C GLN J 134 68.93 68.99 9.17
N ALA J 135 69.80 69.12 10.16
CA ALA J 135 69.89 68.14 11.26
C ALA J 135 69.81 66.72 10.69
N LEU J 136 70.59 66.51 9.63
CA LEU J 136 70.75 65.21 8.98
C LEU J 136 71.91 64.44 9.60
N PRO J 137 71.66 63.20 10.03
CA PRO J 137 72.83 62.47 10.47
C PRO J 137 73.64 62.10 9.20
N TYR J 138 74.96 62.08 9.31
CA TYR J 138 75.85 61.83 8.18
C TYR J 138 77.19 61.41 8.78
N SER J 139 77.98 60.64 8.03
CA SER J 139 79.41 60.50 8.29
C SER J 139 80.17 61.12 7.12
N ARG J 140 81.06 62.03 7.47
CA ARG J 140 82.06 62.54 6.58
C ARG J 140 83.22 61.56 6.52
N ARG J 141 83.47 61.01 5.35
CA ARG J 141 84.58 60.08 5.17
C ARG J 141 85.57 60.72 4.24
N ASN J 142 86.75 61.08 4.76
CA ASN J 142 87.84 61.63 3.94
C ASN J 142 88.65 60.55 3.24
N HIS J 143 88.67 60.58 1.91
CA HIS J 143 89.44 59.63 1.13
C HIS J 143 90.56 60.39 0.45
N LYS J 144 91.38 59.66 -0.29
CA LYS J 144 92.43 60.29 -1.07
C LYS J 144 91.85 60.93 -2.33
N GLY J 145 91.91 62.25 -2.37
CA GLY J 145 91.36 63.04 -3.49
C GLY J 145 89.86 63.27 -3.50
N GLY J 146 89.21 62.97 -2.38
CA GLY J 146 87.81 63.31 -2.21
C GLY J 146 87.24 63.12 -0.83
N VAL J 147 85.97 63.47 -0.69
CA VAL J 147 85.25 63.32 0.55
C VAL J 147 83.91 62.72 0.16
N THR J 148 83.48 61.69 0.88
CA THR J 148 82.11 61.22 0.80
C THR J 148 81.33 61.57 2.07
N PHE J 149 80.18 62.21 1.89
CA PHE J 149 79.21 62.39 2.99
C PHE J 149 78.11 61.33 2.87
N VAL J 150 78.08 60.41 3.82
CA VAL J 150 77.07 59.37 3.81
C VAL J 150 75.90 59.78 4.72
N ILE J 151 74.73 60.03 4.13
CA ILE J 151 73.55 60.40 4.91
C ILE J 151 72.94 59.14 5.52
N GLN J 152 72.77 59.18 6.84
CA GLN J 152 72.33 58.03 7.62
C GLN J 152 70.87 58.10 8.06
N GLY J 153 70.37 56.95 8.55
CA GLY J 153 69.05 56.85 9.16
C GLY J 153 67.92 56.98 8.17
N ALA J 154 66.71 56.68 8.64
CA ALA J 154 65.51 56.83 7.83
C ALA J 154 65.10 58.29 7.82
N LEU J 155 64.44 58.72 6.75
CA LEU J 155 63.91 60.07 6.65
C LEU J 155 62.52 60.03 6.02
N ASP J 156 61.64 60.94 6.43
CA ASP J 156 60.31 61.01 5.81
C ASP J 156 60.38 61.61 4.40
N ASP J 157 59.26 61.54 3.67
CA ASP J 157 59.24 61.94 2.26
C ASP J 157 59.67 63.39 2.05
N VAL J 158 59.26 64.25 2.97
CA VAL J 158 59.64 65.68 2.96
C VAL J 158 61.15 65.84 3.15
N GLU J 159 61.71 65.11 4.11
CA GLU J 159 63.12 65.20 4.44
C GLU J 159 63.99 64.57 3.35
N ILE J 160 63.47 63.54 2.70
CA ILE J 160 64.15 62.92 1.56
C ILE J 160 64.25 63.94 0.43
N LEU J 161 63.14 64.65 0.20
CA LEU J 161 63.05 65.69 -0.82
C LEU J 161 63.99 66.86 -0.54
N ARG J 162 64.01 67.33 0.71
CA ARG J 162 64.81 68.50 1.10
C ARG J 162 66.32 68.21 1.02
N ALA J 163 66.69 66.96 1.31
CA ALA J 163 68.06 66.49 1.18
C ALA J 163 68.49 66.32 -0.28
N ARG J 164 67.57 65.89 -1.13
CA ARG J 164 67.84 65.75 -2.57
C ARG J 164 68.04 67.11 -3.22
N GLN J 165 67.22 68.08 -2.81
CA GLN J 165 67.38 69.42 -3.32
C GLN J 165 68.67 70.09 -2.85
N PHE J 166 69.12 69.81 -1.64
CA PHE J 166 70.41 70.32 -1.19
C PHE J 166 71.54 69.74 -2.02
N VAL J 167 71.52 68.41 -2.18
CA VAL J 167 72.53 67.70 -2.92
C VAL J 167 72.61 68.18 -4.38
N ASP J 168 71.45 68.32 -5.01
CA ASP J 168 71.32 68.79 -6.39
C ASP J 168 71.93 70.18 -6.55
N SER J 169 71.63 71.04 -5.57
CA SER J 169 72.12 72.40 -5.54
C SER J 169 73.64 72.46 -5.38
N TYR J 170 74.15 71.60 -4.50
CA TYR J 170 75.57 71.53 -4.23
C TYR J 170 76.34 71.18 -5.50
N TYR J 171 75.89 70.12 -6.16
CA TYR J 171 76.48 69.66 -7.40
C TYR J 171 76.44 70.72 -8.51
N ARG J 172 75.36 71.49 -8.57
CA ARG J 172 75.27 72.56 -9.55
C ARG J 172 76.33 73.63 -9.33
N THR J 173 76.63 73.91 -8.07
CA THR J 173 77.66 74.87 -7.71
C THR J 173 79.07 74.29 -7.90
N TRP J 174 79.33 73.15 -7.26
CA TRP J 174 80.68 72.59 -7.15
C TRP J 174 81.04 71.43 -8.11
N GLY J 175 80.07 70.92 -8.86
CA GLY J 175 80.26 69.66 -9.59
C GLY J 175 80.34 68.45 -8.67
N GLY J 176 80.64 67.27 -9.23
CA GLY J 176 80.69 66.04 -8.42
C GLY J 176 82.04 65.36 -8.43
N ARG J 177 83.10 66.14 -8.68
CA ARG J 177 84.45 65.62 -8.84
C ARG J 177 85.26 65.49 -7.56
N TYR J 178 84.81 66.12 -6.48
CA TYR J 178 85.60 66.14 -5.24
C TYR J 178 84.76 65.66 -4.07
N VAL J 179 83.77 66.43 -3.66
CA VAL J 179 82.82 65.99 -2.66
C VAL J 179 81.67 65.24 -3.31
N GLN J 180 81.33 64.08 -2.75
CA GLN J 180 80.18 63.28 -3.18
C GLN J 180 79.30 62.96 -2.02
N PHE J 181 78.03 62.71 -2.30
CA PHE J 181 77.08 62.33 -1.25
C PHE J 181 76.57 60.92 -1.55
N ALA J 182 76.19 60.21 -0.49
CA ALA J 182 75.70 58.88 -0.66
C ALA J 182 74.69 58.64 0.45
N ILE J 183 73.86 57.64 0.26
CA ILE J 183 72.88 57.28 1.28
C ILE J 183 73.26 55.94 1.87
N GLU J 184 73.32 55.90 3.19
CA GLU J 184 73.65 54.71 3.93
C GLU J 184 72.75 53.52 3.57
N LEU J 185 73.35 52.35 3.48
CA LEU J 185 72.61 51.14 3.20
C LEU J 185 72.90 50.17 4.33
N LYS J 186 71.84 49.75 5.04
CA LYS J 186 71.91 48.93 6.25
C LYS J 186 71.12 47.63 6.13
N LEU K 1 -63.48 -91.17 -19.22
CA LEU K 1 -62.48 -90.28 -18.53
C LEU K 1 -61.29 -89.92 -19.42
N GLY K 2 -61.04 -90.72 -20.44
CA GLY K 2 -59.96 -90.47 -21.39
C GLY K 2 -58.58 -90.50 -20.77
N GLN K 3 -57.78 -89.45 -21.04
CA GLN K 3 -56.43 -89.31 -20.49
C GLN K 3 -56.43 -89.09 -18.97
N GLU K 4 -57.62 -89.12 -18.37
CA GLU K 4 -57.83 -88.84 -16.96
C GLU K 4 -58.23 -90.14 -16.25
N LYS K 5 -58.25 -91.24 -17.00
CA LYS K 5 -58.70 -92.55 -16.51
C LYS K 5 -57.81 -93.08 -15.38
N GLU K 6 -56.58 -92.58 -15.30
CA GLU K 6 -55.62 -93.09 -14.34
C GLU K 6 -55.61 -92.29 -13.04
N ARG K 7 -56.20 -91.09 -13.07
CA ARG K 7 -56.19 -90.19 -11.93
C ARG K 7 -57.49 -90.28 -11.13
N PHE K 8 -58.56 -90.68 -11.81
CA PHE K 8 -59.90 -90.66 -11.27
C PHE K 8 -60.64 -91.98 -11.46
N GLN K 9 -61.65 -92.20 -10.62
CA GLN K 9 -62.55 -93.32 -10.72
C GLN K 9 -63.95 -92.78 -10.55
N VAL K 10 -64.86 -93.19 -11.41
CA VAL K 10 -66.25 -92.83 -11.26
C VAL K 10 -67.01 -94.01 -10.64
N LEU K 11 -67.64 -93.77 -9.50
CA LEU K 11 -68.35 -94.85 -8.78
C LEU K 11 -69.81 -94.47 -8.60
N PRO K 12 -70.73 -95.42 -8.77
CA PRO K 12 -72.14 -95.14 -8.51
C PRO K 12 -72.47 -95.12 -7.02
N GLY K 13 -73.42 -94.29 -6.62
CA GLY K 13 -73.86 -94.25 -5.24
C GLY K 13 -75.23 -94.87 -5.04
N ARG K 14 -75.42 -95.46 -3.86
CA ARG K 14 -76.74 -95.90 -3.37
C ARG K 14 -77.76 -94.75 -3.31
N ASP K 15 -77.27 -93.52 -3.23
CA ASP K 15 -78.10 -92.32 -3.16
C ASP K 15 -78.42 -91.77 -4.55
N LYS K 16 -78.06 -92.55 -5.57
CA LYS K 16 -78.24 -92.21 -6.98
C LYS K 16 -77.26 -91.13 -7.48
N MET K 17 -76.38 -90.66 -6.60
CA MET K 17 -75.35 -89.71 -6.97
C MET K 17 -74.14 -90.44 -7.54
N LEU K 18 -73.31 -89.71 -8.27
CA LEU K 18 -72.07 -90.28 -8.82
C LEU K 18 -70.92 -89.70 -8.03
N TYR K 19 -69.93 -90.54 -7.77
CA TYR K 19 -68.77 -90.17 -6.97
C TYR K 19 -67.52 -90.23 -7.84
N VAL K 20 -66.77 -89.13 -7.88
CA VAL K 20 -65.46 -89.15 -8.54
C VAL K 20 -64.35 -89.22 -7.49
N ALA K 21 -63.62 -90.33 -7.48
CA ALA K 21 -62.56 -90.59 -6.52
C ALA K 21 -61.29 -90.03 -7.06
N ALA K 22 -60.67 -89.13 -6.30
CA ALA K 22 -59.44 -88.46 -6.68
C ALA K 22 -58.33 -88.87 -5.72
N GLN K 23 -57.09 -88.62 -6.13
CA GLN K 23 -55.89 -89.14 -5.48
C GLN K 23 -55.23 -88.11 -4.60
N ASN K 24 -55.59 -86.83 -4.80
CA ASN K 24 -54.97 -85.73 -4.04
C ASN K 24 -55.86 -84.49 -4.04
N GLU K 25 -55.40 -83.41 -3.40
CA GLU K 25 -56.25 -82.25 -3.21
C GLU K 25 -56.33 -81.43 -4.50
N ARG K 26 -55.21 -81.34 -5.20
CA ARG K 26 -55.13 -80.62 -6.46
C ARG K 26 -56.05 -81.20 -7.58
N ASP K 27 -56.06 -82.52 -7.73
CA ASP K 27 -57.04 -83.22 -8.57
C ASP K 27 -58.49 -83.06 -8.07
N THR K 28 -58.69 -83.03 -6.76
CA THR K 28 -60.02 -82.85 -6.18
C THR K 28 -60.61 -81.46 -6.50
N LEU K 29 -59.80 -80.42 -6.33
CA LEU K 29 -60.18 -79.06 -6.65
C LEU K 29 -60.48 -78.91 -8.12
N TRP K 30 -59.57 -79.37 -8.97
CA TRP K 30 -59.76 -79.33 -10.41
C TRP K 30 -61.03 -80.08 -10.85
N ALA K 31 -61.26 -81.26 -10.28
CA ALA K 31 -62.44 -82.05 -10.61
C ALA K 31 -63.73 -81.34 -10.18
N ARG K 32 -63.70 -80.68 -9.01
CA ARG K 32 -64.87 -79.95 -8.52
C ARG K 32 -65.20 -78.75 -9.42
N GLN K 33 -64.16 -78.14 -9.97
CA GLN K 33 -64.28 -76.97 -10.85
C GLN K 33 -64.98 -77.37 -12.15
N VAL K 34 -64.53 -78.47 -12.73
CA VAL K 34 -65.15 -79.05 -13.93
C VAL K 34 -66.63 -79.33 -13.71
N LEU K 35 -66.94 -79.97 -12.58
CA LEU K 35 -68.33 -80.19 -12.17
C LEU K 35 -69.11 -78.88 -12.00
N ALA K 36 -68.57 -77.94 -11.23
CA ALA K 36 -69.16 -76.60 -11.05
C ALA K 36 -69.29 -75.78 -12.35
N ARG K 37 -68.73 -76.31 -13.44
CA ARG K 37 -68.81 -75.66 -14.76
C ARG K 37 -69.96 -76.24 -15.59
N GLY K 38 -70.05 -77.57 -15.63
CA GLY K 38 -71.11 -78.28 -16.35
C GLY K 38 -72.40 -78.48 -15.54
N ASP K 39 -72.43 -77.90 -14.35
CA ASP K 39 -73.58 -77.99 -13.42
C ASP K 39 -73.94 -79.42 -13.00
N TYR K 40 -72.93 -80.17 -12.56
CA TYR K 40 -73.16 -81.50 -12.02
C TYR K 40 -73.05 -81.55 -10.49
N ASP K 41 -72.83 -80.37 -9.88
CA ASP K 41 -72.71 -80.17 -8.41
C ASP K 41 -73.81 -80.79 -7.55
N LYS K 42 -74.99 -80.92 -8.12
CA LYS K 42 -76.18 -81.35 -7.42
C LYS K 42 -76.35 -82.85 -7.59
N ASN K 43 -75.56 -83.41 -8.51
CA ASN K 43 -75.69 -84.80 -8.94
C ASN K 43 -74.42 -85.65 -8.78
N ALA K 44 -73.28 -85.00 -8.64
CA ALA K 44 -71.99 -85.69 -8.45
C ALA K 44 -71.13 -85.05 -7.36
N ARG K 45 -70.33 -85.87 -6.70
CA ARG K 45 -69.43 -85.43 -5.65
C ARG K 45 -68.02 -85.94 -5.95
N VAL K 46 -67.02 -85.16 -5.54
CA VAL K 46 -65.63 -85.60 -5.63
C VAL K 46 -65.19 -85.97 -4.24
N ILE K 47 -64.57 -87.13 -4.14
CA ILE K 47 -64.06 -87.67 -2.88
C ILE K 47 -62.54 -87.92 -2.91
N ASN K 48 -61.91 -87.85 -1.74
CA ASN K 48 -60.51 -88.26 -1.59
C ASN K 48 -60.33 -88.86 -0.21
N GLU K 49 -59.28 -89.65 -0.05
CA GLU K 49 -58.98 -90.34 1.22
C GLU K 49 -58.88 -89.40 2.43
N ASN K 50 -58.17 -88.30 2.26
CA ASN K 50 -57.94 -87.36 3.36
C ASN K 50 -59.21 -86.72 3.91
N GLU K 51 -60.01 -86.18 2.99
CA GLU K 51 -61.31 -85.59 3.34
C GLU K 51 -62.26 -86.62 3.91
N GLU K 52 -62.29 -87.82 3.32
CA GLU K 52 -63.24 -88.80 3.81
C GLU K 52 -62.86 -89.26 5.21
N ASN K 53 -61.57 -89.40 5.46
CA ASN K 53 -61.09 -89.72 6.81
C ASN K 53 -61.47 -88.65 7.84
N LYS K 54 -61.31 -87.36 7.49
CA LYS K 54 -61.75 -86.30 8.39
C LYS K 54 -63.26 -86.33 8.63
N ARG K 55 -64.03 -86.55 7.56
CA ARG K 55 -65.49 -86.49 7.61
C ARG K 55 -66.04 -87.60 8.53
N ILE K 56 -65.52 -88.80 8.39
CA ILE K 56 -65.93 -89.94 9.21
C ILE K 56 -65.46 -89.83 10.67
N SER K 57 -64.26 -89.31 10.89
CA SER K 57 -63.78 -88.98 12.22
C SER K 57 -64.72 -88.06 13.01
N ILE K 58 -65.22 -87.00 12.37
CA ILE K 58 -66.23 -86.12 12.98
C ILE K 58 -67.41 -86.92 13.44
N TRP K 59 -67.89 -87.82 12.59
CA TRP K 59 -69.07 -88.60 12.93
C TRP K 59 -68.77 -89.52 14.12
N LEU K 60 -67.58 -90.13 14.10
CA LEU K 60 -67.14 -91.00 15.18
C LEU K 60 -66.95 -90.26 16.50
N ASP K 61 -66.46 -89.01 16.43
CA ASP K 61 -66.32 -88.17 17.63
C ASP K 61 -67.62 -88.11 18.43
N THR K 62 -68.75 -88.04 17.73
CA THR K 62 -70.01 -88.04 18.44
C THR K 62 -70.65 -89.43 18.65
N TYR K 63 -70.51 -90.37 17.70
CA TYR K 63 -71.23 -91.66 17.86
C TYR K 63 -70.42 -92.78 18.48
N TYR K 64 -69.11 -92.75 18.28
CA TYR K 64 -68.20 -93.75 18.85
C TYR K 64 -67.00 -93.05 19.52
N PRO K 65 -67.28 -92.18 20.53
CA PRO K 65 -66.24 -91.30 21.09
C PRO K 65 -65.04 -91.98 21.73
N GLN K 66 -65.20 -93.20 22.24
CA GLN K 66 -64.07 -93.86 22.93
C GLN K 66 -63.34 -94.84 22.00
N LEU K 67 -63.65 -94.76 20.70
CA LEU K 67 -63.20 -95.77 19.73
C LEU K 67 -61.71 -95.65 19.50
N ALA K 68 -61.01 -96.78 19.63
CA ALA K 68 -59.56 -96.82 19.34
C ALA K 68 -59.34 -97.33 17.92
N TYR K 69 -59.02 -96.41 17.05
CA TYR K 69 -58.83 -96.72 15.66
C TYR K 69 -57.71 -95.89 15.05
N TYR K 70 -57.35 -96.28 13.83
CA TYR K 70 -56.23 -95.73 13.10
C TYR K 70 -56.72 -94.86 11.94
N ARG K 71 -57.25 -95.53 10.91
CA ARG K 71 -57.49 -94.88 9.62
C ARG K 71 -58.35 -95.79 8.69
N ILE K 72 -59.04 -95.17 7.73
CA ILE K 72 -59.74 -95.87 6.64
C ILE K 72 -58.91 -95.74 5.38
N HIS K 73 -58.74 -96.86 4.69
CA HIS K 73 -58.02 -96.96 3.44
C HIS K 73 -58.97 -97.26 2.29
N PHE K 74 -58.69 -96.68 1.13
CA PHE K 74 -59.58 -96.74 -0.03
C PHE K 74 -58.84 -97.24 -1.28
N ASP K 75 -57.84 -98.08 -1.09
CA ASP K 75 -57.15 -98.70 -2.21
C ASP K 75 -58.15 -99.30 -3.19
N GLU K 76 -59.26 -99.79 -2.64
CA GLU K 76 -60.43 -100.25 -3.40
C GLU K 76 -61.63 -99.39 -2.91
N PRO K 77 -61.89 -98.25 -3.58
CA PRO K 77 -62.89 -97.33 -3.02
C PRO K 77 -64.31 -97.88 -2.78
N ARG K 78 -64.74 -98.87 -3.57
CA ARG K 78 -66.02 -99.53 -3.34
C ARG K 78 -66.01 -100.44 -2.11
N LYS K 79 -64.83 -100.73 -1.59
CA LYS K 79 -64.70 -101.58 -0.42
C LYS K 79 -63.62 -100.99 0.47
N PRO K 80 -63.93 -99.89 1.18
CA PRO K 80 -62.93 -99.30 2.07
C PRO K 80 -62.59 -100.23 3.25
N VAL K 81 -61.38 -100.10 3.77
CA VAL K 81 -60.92 -100.90 4.90
C VAL K 81 -60.68 -99.94 6.09
N PHE K 82 -61.45 -100.16 7.14
CA PHE K 82 -61.33 -99.43 8.39
C PHE K 82 -60.42 -100.18 9.37
N TRP K 83 -59.29 -99.57 9.67
CA TRP K 83 -58.27 -100.12 10.56
C TRP K 83 -58.58 -99.76 12.01
N LEU K 84 -58.84 -100.78 12.81
CA LEU K 84 -59.13 -100.63 14.22
C LEU K 84 -57.99 -101.19 15.04
N SER K 85 -57.80 -100.69 16.26
CA SER K 85 -56.84 -101.29 17.18
C SER K 85 -57.22 -102.67 17.68
N ARG K 86 -56.30 -103.59 17.53
CA ARG K 86 -56.49 -104.99 17.96
C ARG K 86 -56.44 -105.08 19.48
N GLN K 87 -55.44 -104.43 20.09
CA GLN K 87 -55.30 -104.42 21.56
C GLN K 87 -56.43 -103.68 22.27
N ARG K 88 -56.87 -102.55 21.71
CA ARG K 88 -57.78 -101.63 22.42
C ARG K 88 -59.25 -101.77 22.03
N ASN K 89 -59.55 -102.77 21.21
CA ASN K 89 -60.91 -103.02 20.85
C ASN K 89 -61.67 -103.62 22.02
N THR K 90 -62.93 -103.19 22.18
CA THR K 90 -63.80 -103.60 23.28
C THR K 90 -65.09 -104.20 22.69
N MET K 91 -65.27 -104.06 21.39
CA MET K 91 -66.51 -104.47 20.73
C MET K 91 -66.49 -105.91 20.22
N SER K 92 -67.65 -106.55 20.30
CA SER K 92 -67.84 -107.89 19.81
C SER K 92 -68.02 -107.85 18.31
N LYS K 93 -68.04 -109.03 17.69
CA LYS K 93 -68.26 -109.15 16.25
C LYS K 93 -69.55 -108.47 15.84
N LYS K 94 -70.61 -108.71 16.61
CA LYS K 94 -71.93 -108.12 16.37
C LYS K 94 -71.90 -106.57 16.41
N GLU K 95 -71.25 -106.03 17.44
CA GLU K 95 -71.07 -104.58 17.56
C GLU K 95 -70.20 -103.98 16.44
N LEU K 96 -69.23 -104.75 15.97
CA LEU K 96 -68.41 -104.35 14.86
C LEU K 96 -69.16 -104.45 13.52
N GLU K 97 -70.11 -105.38 13.38
CA GLU K 97 -71.00 -105.43 12.21
C GLU K 97 -71.97 -104.24 12.16
N VAL K 98 -72.48 -103.85 13.33
CA VAL K 98 -73.26 -102.62 13.49
C VAL K 98 -72.46 -101.37 13.04
N LEU K 99 -71.25 -101.20 13.56
CA LEU K 99 -70.36 -100.11 13.15
C LEU K 99 -70.13 -100.11 11.64
N SER K 100 -69.73 -101.25 11.10
CA SER K 100 -69.52 -101.42 9.68
C SER K 100 -70.76 -101.01 8.83
N GLN K 101 -71.96 -101.34 9.33
CA GLN K 101 -73.24 -100.99 8.67
C GLN K 101 -73.45 -99.49 8.65
N LYS K 102 -73.12 -98.85 9.76
CA LYS K 102 -73.33 -97.41 9.89
C LYS K 102 -72.28 -96.66 9.07
N LEU K 103 -71.08 -97.22 8.98
CA LEU K 103 -70.04 -96.67 8.10
C LEU K 103 -70.43 -96.75 6.62
N ARG K 104 -70.99 -97.89 6.20
CA ARG K 104 -71.50 -98.05 4.84
C ARG K 104 -72.54 -96.99 4.46
N ALA K 105 -73.50 -96.72 5.36
CA ALA K 105 -74.56 -95.76 5.14
C ALA K 105 -74.03 -94.34 4.94
N LEU K 106 -72.90 -94.06 5.59
CA LEU K 106 -72.19 -92.78 5.49
C LEU K 106 -71.38 -92.62 4.20
N MET K 107 -71.14 -93.73 3.50
CA MET K 107 -70.36 -93.74 2.25
C MET K 107 -71.17 -94.43 1.18
N PRO K 108 -72.07 -93.67 0.50
CA PRO K 108 -73.02 -94.26 -0.46
C PRO K 108 -72.34 -94.98 -1.64
N TYR K 109 -71.05 -94.70 -1.87
CA TYR K 109 -70.27 -95.28 -2.97
C TYR K 109 -69.59 -96.61 -2.54
N ALA K 110 -69.70 -96.98 -1.27
CA ALA K 110 -69.08 -98.20 -0.74
C ALA K 110 -70.03 -99.41 -0.73
N ASP K 111 -69.63 -100.51 -1.35
CA ASP K 111 -70.42 -101.76 -1.31
C ASP K 111 -70.49 -102.27 0.14
N SER K 112 -69.36 -102.20 0.81
CA SER K 112 -69.25 -102.62 2.21
C SER K 112 -68.03 -101.96 2.80
N VAL K 113 -67.98 -101.92 4.12
CA VAL K 113 -66.84 -101.39 4.82
C VAL K 113 -66.27 -102.53 5.66
N ASN K 114 -65.04 -102.96 5.35
CA ASN K 114 -64.41 -104.01 6.14
C ASN K 114 -63.69 -103.44 7.35
N ILE K 115 -63.95 -104.03 8.52
CA ILE K 115 -63.28 -103.64 9.73
C ILE K 115 -62.16 -104.63 9.97
N THR K 116 -60.95 -104.09 10.09
CA THR K 116 -59.73 -104.91 10.21
C THR K 116 -58.95 -104.43 11.42
N LEU K 117 -58.54 -105.38 12.24
CA LEU K 117 -57.80 -105.11 13.46
C LEU K 117 -56.33 -104.98 13.16
N MET K 118 -55.71 -103.92 13.70
CA MET K 118 -54.31 -103.65 13.49
C MET K 118 -53.59 -103.59 14.84
N ASP K 119 -52.39 -104.18 14.84
CA ASP K 119 -51.63 -104.34 16.05
C ASP K 119 -50.90 -103.02 16.45
N ASP K 120 -51.18 -102.55 17.67
CA ASP K 120 -50.55 -101.32 18.23
C ASP K 120 -49.01 -101.38 18.33
N VAL K 121 -48.51 -102.54 18.66
CA VAL K 121 -47.06 -102.75 18.81
C VAL K 121 -46.38 -102.69 17.44
N THR K 122 -47.04 -103.29 16.46
CA THR K 122 -46.67 -103.14 15.06
C THR K 122 -46.74 -101.68 14.61
N ALA K 123 -47.78 -100.95 15.01
CA ALA K 123 -47.96 -99.54 14.61
C ALA K 123 -46.77 -98.68 15.05
N ALA K 124 -46.35 -98.91 16.30
CA ALA K 124 -45.25 -98.16 16.90
C ALA K 124 -43.91 -98.63 16.36
N GLY K 125 -43.78 -99.93 16.09
CA GLY K 125 -42.56 -100.51 15.56
C GLY K 125 -42.23 -100.02 14.16
N GLN K 126 -43.25 -99.85 13.33
CA GLN K 126 -43.05 -99.30 11.98
C GLN K 126 -42.61 -97.84 12.03
N ALA K 127 -43.11 -97.09 13.02
CA ALA K 127 -42.64 -95.74 13.26
C ALA K 127 -41.15 -95.76 13.64
N GLU K 128 -40.77 -96.64 14.58
CA GLU K 128 -39.36 -96.78 15.03
C GLU K 128 -38.41 -97.15 13.91
N ALA K 129 -38.80 -98.15 13.12
CA ALA K 129 -37.98 -98.67 12.03
C ALA K 129 -37.64 -97.57 11.05
N GLY K 130 -38.65 -96.84 10.59
CA GLY K 130 -38.47 -95.70 9.67
C GLY K 130 -37.52 -94.62 10.20
N LEU K 131 -37.54 -94.38 11.51
CA LEU K 131 -36.56 -93.48 12.12
C LEU K 131 -35.12 -94.08 12.23
N LYS K 132 -35.04 -95.38 12.52
CA LYS K 132 -33.76 -96.07 12.55
C LYS K 132 -33.12 -96.13 11.16
N GLN K 133 -33.96 -96.34 10.16
CA GLN K 133 -33.53 -96.38 8.75
C GLN K 133 -32.77 -95.13 8.32
N GLN K 134 -33.11 -94.00 8.91
CA GLN K 134 -32.51 -92.74 8.54
C GLN K 134 -31.51 -92.25 9.59
N ALA K 135 -31.09 -93.16 10.46
CA ALA K 135 -30.08 -92.83 11.50
C ALA K 135 -30.42 -91.47 12.13
N LEU K 136 -31.70 -91.31 12.45
CA LEU K 136 -32.25 -90.14 13.15
C LEU K 136 -32.19 -90.36 14.65
N PRO K 137 -31.60 -89.41 15.38
CA PRO K 137 -31.73 -89.59 16.82
C PRO K 137 -33.18 -89.26 17.18
N TYR K 138 -33.74 -89.95 18.18
CA TYR K 138 -35.14 -89.80 18.58
C TYR K 138 -35.23 -90.36 20.00
N SER K 139 -36.21 -89.88 20.78
CA SER K 139 -36.66 -90.60 21.97
C SER K 139 -38.11 -91.04 21.73
N ARG K 140 -38.32 -92.34 21.93
CA ARG K 140 -39.61 -92.92 22.01
C ARG K 140 -40.15 -92.72 23.42
N ARG K 141 -41.24 -91.99 23.54
CA ARG K 141 -41.85 -91.77 24.84
C ARG K 141 -43.21 -92.44 24.84
N ASN K 142 -43.37 -93.49 25.63
CA ASN K 142 -44.66 -94.19 25.78
C ASN K 142 -45.56 -93.49 26.80
N HIS K 143 -46.73 -93.05 26.35
CA HIS K 143 -47.71 -92.42 27.21
C HIS K 143 -48.90 -93.33 27.31
N LYS K 144 -49.88 -92.90 28.09
CA LYS K 144 -51.13 -93.65 28.19
C LYS K 144 -51.99 -93.40 26.96
N GLY K 145 -52.17 -94.45 26.17
CA GLY K 145 -52.94 -94.39 24.92
C GLY K 145 -52.24 -93.80 23.70
N GLY K 146 -50.92 -93.65 23.80
CA GLY K 146 -50.12 -93.26 22.65
C GLY K 146 -48.62 -93.32 22.83
N VAL K 147 -47.92 -93.00 21.76
CA VAL K 147 -46.47 -92.97 21.76
C VAL K 147 -46.11 -91.69 21.05
N THR K 148 -45.18 -90.91 21.62
CA THR K 148 -44.55 -89.81 20.91
C THR K 148 -43.10 -90.16 20.56
N PHE K 149 -42.73 -90.01 19.29
CA PHE K 149 -41.33 -90.06 18.87
C PHE K 149 -40.82 -88.64 18.70
N VAL K 150 -39.90 -88.24 19.57
CA VAL K 150 -39.32 -86.91 19.49
C VAL K 150 -37.99 -86.97 18.71
N ILE K 151 -37.95 -86.36 17.52
CA ILE K 151 -36.74 -86.33 16.73
C ILE K 151 -35.80 -85.26 17.27
N GLN K 152 -34.57 -85.68 17.57
CA GLN K 152 -33.58 -84.83 18.24
C GLN K 152 -32.49 -84.30 17.31
N GLY K 153 -31.72 -83.33 17.82
CA GLY K 153 -30.55 -82.80 17.15
C GLY K 153 -30.86 -81.97 15.93
N ALA K 154 -29.84 -81.29 15.42
CA ALA K 154 -29.97 -80.52 14.19
C ALA K 154 -29.90 -81.45 13.00
N LEU K 155 -30.55 -81.06 11.91
CA LEU K 155 -30.50 -81.81 10.67
C LEU K 155 -30.36 -80.85 9.49
N ASP K 156 -29.65 -81.26 8.44
CA ASP K 156 -29.54 -80.42 7.24
C ASP K 156 -30.85 -80.41 6.44
N ASP K 157 -30.95 -79.53 5.44
CA ASP K 157 -32.19 -79.32 4.70
C ASP K 157 -32.71 -80.60 4.05
N VAL K 158 -31.78 -81.41 3.54
CA VAL K 158 -32.08 -82.70 2.92
C VAL K 158 -32.67 -83.67 3.95
N GLU K 159 -32.05 -83.72 5.13
CA GLU K 159 -32.46 -84.63 6.18
C GLU K 159 -33.78 -84.18 6.83
N ILE K 160 -34.01 -82.88 6.88
CA ILE K 160 -35.28 -82.32 7.36
C ILE K 160 -36.39 -82.77 6.41
N LEU K 161 -36.12 -82.68 5.11
CA LEU K 161 -37.04 -83.08 4.06
C LEU K 161 -37.36 -84.57 4.10
N ARG K 162 -36.33 -85.40 4.24
CA ARG K 162 -36.48 -86.85 4.22
C ARG K 162 -37.24 -87.37 5.45
N ALA K 163 -37.07 -86.69 6.58
CA ALA K 163 -37.82 -86.97 7.81
C ALA K 163 -39.28 -86.53 7.72
N ARG K 164 -39.54 -85.42 7.04
CA ARG K 164 -40.90 -84.92 6.84
C ARG K 164 -41.67 -85.85 5.91
N GLN K 165 -41.01 -86.34 4.87
CA GLN K 165 -41.64 -87.30 3.98
C GLN K 165 -41.92 -88.64 4.65
N PHE K 166 -41.06 -89.08 5.56
CA PHE K 166 -41.34 -90.30 6.31
C PHE K 166 -42.58 -90.11 7.19
N VAL K 167 -42.59 -89.01 7.94
CA VAL K 167 -43.66 -88.70 8.85
C VAL K 167 -45.01 -88.59 8.11
N ASP K 168 -45.01 -87.88 6.98
CA ASP K 168 -46.19 -87.68 6.13
C ASP K 168 -46.74 -89.03 5.65
N SER K 169 -45.82 -89.90 5.25
CA SER K 169 -46.14 -91.22 4.77
C SER K 169 -46.75 -92.09 5.87
N TYR K 170 -46.16 -92.01 7.06
CA TYR K 170 -46.61 -92.77 8.21
C TYR K 170 -48.06 -92.42 8.54
N TYR K 171 -48.32 -91.13 8.64
CA TYR K 171 -49.65 -90.62 8.93
C TYR K 171 -50.68 -91.02 7.87
N ARG K 172 -50.26 -91.06 6.61
CA ARG K 172 -51.17 -91.49 5.55
C ARG K 172 -51.59 -92.94 5.71
N THR K 173 -50.66 -93.78 6.18
CA THR K 173 -50.93 -95.18 6.45
C THR K 173 -51.74 -95.38 7.75
N TRP K 174 -51.21 -94.85 8.85
CA TRP K 174 -51.73 -95.12 10.20
C TRP K 174 -52.64 -94.06 10.83
N GLY K 175 -52.77 -92.89 10.20
CA GLY K 175 -53.39 -91.75 10.87
C GLY K 175 -52.53 -91.18 11.99
N GLY K 176 -53.06 -90.20 12.73
CA GLY K 176 -52.27 -89.55 13.80
C GLY K 176 -52.90 -89.70 15.19
N ARG K 177 -53.68 -90.76 15.37
CA ARG K 177 -54.44 -90.97 16.60
C ARG K 177 -53.71 -91.74 17.68
N TYR K 178 -52.62 -92.40 17.35
CA TYR K 178 -51.92 -93.27 18.31
C TYR K 178 -50.45 -92.88 18.41
N VAL K 179 -49.67 -93.14 17.36
CA VAL K 179 -48.30 -92.67 17.30
C VAL K 179 -48.25 -91.27 16.72
N GLN K 180 -47.50 -90.38 17.39
CA GLN K 180 -47.24 -89.03 16.92
C GLN K 180 -45.77 -88.74 16.89
N PHE K 181 -45.38 -87.80 16.04
CA PHE K 181 -43.98 -87.41 15.95
C PHE K 181 -43.87 -85.93 16.37
N ALA K 182 -42.70 -85.57 16.89
CA ALA K 182 -42.49 -84.23 17.30
C ALA K 182 -41.01 -83.92 17.11
N ILE K 183 -40.69 -82.64 17.07
CA ILE K 183 -39.30 -82.25 16.94
C ILE K 183 -38.86 -81.59 18.24
N GLU K 184 -37.74 -82.07 18.75
CA GLU K 184 -37.16 -81.57 19.97
C GLU K 184 -36.92 -80.05 19.94
N LEU K 185 -37.19 -79.41 21.06
CA LEU K 185 -36.97 -77.98 21.19
C LEU K 185 -36.05 -77.78 22.37
N LYS K 186 -34.88 -77.18 22.11
CA LYS K 186 -33.80 -77.01 23.08
C LYS K 186 -33.40 -75.53 23.28
N LEU L 1 -89.55 48.08 48.72
CA LEU L 1 -88.24 47.38 48.62
C LEU L 1 -88.33 46.04 47.88
N GLY L 2 -89.53 45.48 47.82
CA GLY L 2 -89.76 44.23 47.10
C GLY L 2 -89.01 43.04 47.67
N GLN L 3 -88.32 42.30 46.79
CA GLN L 3 -87.50 41.15 47.19
C GLN L 3 -86.27 41.54 48.03
N GLU L 4 -86.16 42.83 48.34
CA GLU L 4 -85.03 43.41 49.05
C GLU L 4 -85.48 43.85 50.45
N LYS L 5 -86.76 43.58 50.75
CA LYS L 5 -87.40 44.01 52.01
C LYS L 5 -86.73 43.38 53.25
N GLU L 6 -86.04 42.26 53.04
CA GLU L 6 -85.46 41.52 54.15
C GLU L 6 -84.01 41.90 54.42
N ARG L 7 -83.39 42.58 53.46
CA ARG L 7 -81.97 42.93 53.54
C ARG L 7 -81.79 44.38 54.01
N PHE L 8 -82.80 45.20 53.77
CA PHE L 8 -82.72 46.63 53.97
C PHE L 8 -83.93 47.18 54.75
N GLN L 9 -83.71 48.33 55.37
CA GLN L 9 -84.74 49.07 56.05
C GLN L 9 -84.61 50.52 55.63
N VAL L 10 -85.71 51.14 55.28
CA VAL L 10 -85.71 52.56 54.97
C VAL L 10 -86.24 53.33 56.18
N LEU L 11 -85.44 54.25 56.70
CA LEU L 11 -85.81 55.01 57.91
C LEU L 11 -85.78 56.49 57.59
N PRO L 12 -86.77 57.25 58.11
CA PRO L 12 -86.73 58.70 57.94
C PRO L 12 -85.75 59.38 58.88
N GLY L 13 -85.15 60.47 58.43
CA GLY L 13 -84.25 61.25 59.28
C GLY L 13 -84.86 62.56 59.74
N ARG L 14 -84.46 62.98 60.94
CA ARG L 14 -84.73 64.33 61.46
C ARG L 14 -84.17 65.44 60.56
N ASP L 15 -83.18 65.09 59.74
CA ASP L 15 -82.53 66.03 58.81
C ASP L 15 -83.23 66.05 57.45
N LYS L 16 -84.38 65.38 57.39
CA LYS L 16 -85.19 65.23 56.19
C LYS L 16 -84.60 64.27 55.15
N MET L 17 -83.44 63.68 55.47
CA MET L 17 -82.83 62.68 54.61
C MET L 17 -83.41 61.31 54.91
N LEU L 18 -83.26 60.39 53.95
CA LEU L 18 -83.70 59.02 54.14
C LEU L 18 -82.49 58.14 54.33
N TYR L 19 -82.61 57.18 55.23
CA TYR L 19 -81.52 56.28 55.60
C TYR L 19 -81.88 54.87 55.19
N VAL L 20 -80.99 54.23 54.42
CA VAL L 20 -81.16 52.81 54.12
C VAL L 20 -80.19 51.99 54.98
N ALA L 21 -80.75 51.17 55.88
CA ALA L 21 -79.97 50.37 56.81
C ALA L 21 -79.67 49.06 56.17
N ALA L 22 -78.38 48.74 56.05
CA ALA L 22 -77.91 47.52 55.42
C ALA L 22 -77.23 46.65 56.47
N GLN L 23 -77.05 45.37 56.15
CA GLN L 23 -76.66 44.33 57.08
C GLN L 23 -75.17 44.00 56.96
N ASN L 24 -74.56 44.41 55.85
CA ASN L 24 -73.14 44.11 55.59
C ASN L 24 -72.53 45.08 54.58
N GLU L 25 -71.26 44.89 54.25
CA GLU L 25 -70.56 45.88 53.44
C GLU L 25 -70.95 45.71 51.96
N ARG L 26 -71.11 44.47 51.54
CA ARG L 26 -71.49 44.14 50.17
C ARG L 26 -72.89 44.70 49.77
N ASP L 27 -73.88 44.56 50.65
CA ASP L 27 -75.18 45.24 50.52
C ASP L 27 -75.08 46.77 50.59
N THR L 28 -74.17 47.29 51.41
CA THR L 28 -73.98 48.72 51.54
C THR L 28 -73.41 49.35 50.24
N LEU L 29 -72.42 48.70 49.67
CA LEU L 29 -71.82 49.12 48.41
C LEU L 29 -72.85 49.07 47.29
N TRP L 30 -73.52 47.93 47.15
CA TRP L 30 -74.56 47.76 46.15
C TRP L 30 -75.67 48.81 46.29
N ALA L 31 -76.11 49.06 47.52
CA ALA L 31 -77.16 50.04 47.77
C ALA L 31 -76.70 51.46 47.41
N ARG L 32 -75.44 51.78 47.70
CA ARG L 32 -74.87 53.09 47.36
C ARG L 32 -74.80 53.30 45.85
N GLN L 33 -74.52 52.22 45.13
CA GLN L 33 -74.41 52.24 43.67
C GLN L 33 -75.75 52.55 43.03
N VAL L 34 -76.80 51.87 43.51
CA VAL L 34 -78.18 52.12 43.08
C VAL L 34 -78.57 53.58 43.30
N LEU L 35 -78.27 54.10 44.48
CA LEU L 35 -78.47 55.51 44.79
C LEU L 35 -77.67 56.43 43.85
N ALA L 36 -76.35 56.19 43.72
CA ALA L 36 -75.49 56.94 42.79
C ALA L 36 -75.90 56.82 41.30
N ARG L 37 -76.88 55.96 41.03
CA ARG L 37 -77.41 55.77 39.67
C ARG L 37 -78.66 56.62 39.43
N GLY L 38 -79.59 56.57 40.37
CA GLY L 38 -80.82 57.36 40.32
C GLY L 38 -80.71 58.78 40.88
N ASP L 39 -79.48 59.15 41.25
CA ASP L 39 -79.17 60.48 41.81
C ASP L 39 -79.91 60.80 43.12
N TYR L 40 -79.85 59.86 44.06
CA TYR L 40 -80.40 60.09 45.38
C TYR L 40 -79.33 60.36 46.44
N ASP L 41 -78.06 60.41 46.00
CA ASP L 41 -76.86 60.67 46.85
C ASP L 41 -76.93 61.88 47.76
N LYS L 42 -77.71 62.88 47.36
CA LYS L 42 -77.79 64.16 48.04
C LYS L 42 -78.95 64.14 49.02
N ASN L 43 -79.78 63.10 48.90
CA ASN L 43 -81.04 62.99 49.63
C ASN L 43 -81.18 61.73 50.50
N ALA L 44 -80.37 60.71 50.23
CA ALA L 44 -80.38 59.45 50.98
C ALA L 44 -78.97 58.95 51.31
N ARG L 45 -78.86 58.26 52.43
CA ARG L 45 -77.61 57.69 52.90
C ARG L 45 -77.82 56.21 53.21
N VAL L 46 -76.76 55.42 53.00
CA VAL L 46 -76.78 54.02 53.39
C VAL L 46 -75.94 53.90 54.64
N ILE L 47 -76.49 53.22 55.64
CA ILE L 47 -75.83 52.99 56.92
C ILE L 47 -75.65 51.49 57.23
N ASN L 48 -74.61 51.17 58.01
CA ASN L 48 -74.45 49.81 58.55
C ASN L 48 -73.82 49.93 59.93
N GLU L 49 -73.97 48.88 60.73
CA GLU L 49 -73.46 48.84 62.11
C GLU L 49 -71.97 49.13 62.22
N ASN L 50 -71.16 48.50 61.36
CA ASN L 50 -69.72 48.64 61.42
C ASN L 50 -69.22 50.06 61.19
N GLU L 51 -69.70 50.66 60.10
CA GLU L 51 -69.38 52.04 59.75
C GLU L 51 -69.89 53.01 60.81
N GLU L 52 -71.11 52.78 61.32
CA GLU L 52 -71.64 53.73 62.28
C GLU L 52 -70.87 53.66 63.58
N ASN L 53 -70.47 52.46 63.97
CA ASN L 53 -69.61 52.30 65.14
C ASN L 53 -68.26 53.02 65.00
N LYS L 54 -67.63 52.90 63.83
CA LYS L 54 -66.39 53.65 63.59
C LYS L 54 -66.60 55.16 63.64
N ARG L 55 -67.69 55.62 63.01
CA ARG L 55 -67.98 57.05 62.86
C ARG L 55 -68.20 57.70 64.24
N ILE L 56 -68.96 57.05 65.09
CA ILE L 56 -69.24 57.55 66.44
C ILE L 56 -68.02 57.47 67.37
N SER L 57 -67.24 56.40 67.25
CA SER L 57 -65.96 56.30 67.93
C SER L 57 -65.02 57.47 67.68
N ILE L 58 -64.87 57.90 66.42
CA ILE L 58 -64.12 59.11 66.07
C ILE L 58 -64.61 60.29 66.87
N TRP L 59 -65.93 60.45 66.92
CA TRP L 59 -66.49 61.61 67.61
C TRP L 59 -66.19 61.52 69.11
N LEU L 60 -66.31 60.31 69.65
CA LEU L 60 -66.03 60.08 71.07
C LEU L 60 -64.55 60.28 71.41
N ASP L 61 -63.66 59.91 70.49
CA ASP L 61 -62.21 60.16 70.67
C ASP L 61 -61.92 61.60 71.02
N THR L 62 -62.65 62.54 70.42
CA THR L 62 -62.45 63.92 70.76
C THR L 62 -63.38 64.47 71.86
N TYR L 63 -64.65 64.01 71.94
CA TYR L 63 -65.57 64.61 72.93
C TYR L 63 -65.66 63.89 74.26
N TYR L 64 -65.48 62.56 74.24
CA TYR L 64 -65.52 61.74 75.44
C TYR L 64 -64.29 60.82 75.48
N PRO L 65 -63.06 61.42 75.48
CA PRO L 65 -61.83 60.64 75.31
C PRO L 65 -61.54 59.57 76.34
N GLN L 66 -62.02 59.73 77.57
CA GLN L 66 -61.71 58.75 78.63
C GLN L 66 -62.83 57.73 78.81
N LEU L 67 -63.77 57.71 77.87
CA LEU L 67 -65.01 56.95 78.01
C LEU L 67 -64.72 55.46 77.92
N ALA L 68 -65.22 54.71 78.90
CA ALA L 68 -65.11 53.25 78.88
C ALA L 68 -66.39 52.63 78.35
N TYR L 69 -66.31 52.19 77.11
CA TYR L 69 -67.47 51.65 76.43
C TYR L 69 -67.06 50.49 75.52
N TYR L 70 -68.10 49.80 75.03
CA TYR L 70 -67.99 48.60 74.26
C TYR L 70 -68.34 48.87 72.80
N ARG L 71 -69.64 49.06 72.55
CA ARG L 71 -70.18 49.05 71.19
C ARG L 71 -71.64 49.56 71.17
N ILE L 72 -72.07 50.05 70.01
CA ILE L 72 -73.48 50.39 69.73
C ILE L 72 -74.09 49.28 68.88
N HIS L 73 -75.27 48.85 69.27
CA HIS L 73 -76.05 47.84 68.58
C HIS L 73 -77.31 48.44 67.96
N PHE L 74 -77.67 47.95 66.77
CA PHE L 74 -78.75 48.51 65.97
C PHE L 74 -79.77 47.46 65.58
N ASP L 75 -79.95 46.45 66.43
CA ASP L 75 -80.99 45.44 66.20
C ASP L 75 -82.33 46.11 65.91
N GLU L 76 -82.54 47.28 66.53
CA GLU L 76 -83.66 48.17 66.25
C GLU L 76 -83.04 49.54 65.82
N PRO L 77 -82.82 49.74 64.52
CA PRO L 77 -82.05 50.93 64.09
C PRO L 77 -82.60 52.30 64.53
N ARG L 78 -83.92 52.42 64.70
CA ARG L 78 -84.51 53.67 65.22
C ARG L 78 -84.24 53.87 66.70
N LYS L 79 -83.78 52.83 67.38
CA LYS L 79 -83.48 52.90 68.81
C LYS L 79 -82.19 52.14 69.06
N PRO L 80 -81.04 52.70 68.68
CA PRO L 80 -79.77 52.03 68.94
C PRO L 80 -79.47 51.90 70.44
N VAL L 81 -78.72 50.86 70.80
CA VAL L 81 -78.35 50.63 72.20
C VAL L 81 -76.82 50.77 72.30
N PHE L 82 -76.40 51.76 73.08
CA PHE L 82 -75.00 52.01 73.39
C PHE L 82 -74.58 51.31 74.68
N TRP L 83 -73.70 50.35 74.53
CA TRP L 83 -73.18 49.54 75.63
C TRP L 83 -72.00 50.23 76.29
N LEU L 84 -72.18 50.57 77.56
CA LEU L 84 -71.14 51.22 78.35
C LEU L 84 -70.65 50.26 79.43
N SER L 85 -69.42 50.43 79.88
CA SER L 85 -68.93 49.67 81.03
C SER L 85 -69.59 50.04 82.34
N ARG L 86 -70.08 49.02 83.03
CA ARG L 86 -70.75 49.18 84.32
C ARG L 86 -69.73 49.49 85.40
N GLN L 87 -68.63 48.74 85.44
CA GLN L 87 -67.55 48.97 86.40
C GLN L 87 -66.82 50.30 86.22
N ARG L 88 -66.57 50.70 84.96
CA ARG L 88 -65.68 51.84 84.67
C ARG L 88 -66.42 53.15 84.38
N ASN L 89 -67.72 53.13 84.53
CA ASN L 89 -68.49 54.34 84.36
C ASN L 89 -68.23 55.30 85.50
N THR L 90 -68.14 56.59 85.16
CA THR L 90 -67.85 57.67 86.11
C THR L 90 -68.98 58.71 86.04
N MET L 91 -69.85 58.58 85.05
CA MET L 91 -70.89 59.57 84.82
C MET L 91 -72.19 59.30 85.54
N SER L 92 -72.84 60.38 85.95
CA SER L 92 -74.14 60.32 86.61
C SER L 92 -75.22 60.13 85.57
N LYS L 93 -76.45 59.89 86.02
CA LYS L 93 -77.60 59.72 85.14
C LYS L 93 -77.74 60.95 84.24
N LYS L 94 -77.61 62.14 84.81
CA LYS L 94 -77.71 63.41 84.09
C LYS L 94 -76.66 63.51 82.98
N GLU L 95 -75.40 63.21 83.31
CA GLU L 95 -74.32 63.19 82.33
C GLU L 95 -74.50 62.14 81.23
N LEU L 96 -75.10 61.01 81.59
CA LEU L 96 -75.42 59.99 80.64
C LEU L 96 -76.62 60.36 79.75
N GLU L 97 -77.57 61.16 80.26
CA GLU L 97 -78.65 61.73 79.42
C GLU L 97 -78.12 62.76 78.42
N VAL L 98 -77.17 63.57 78.86
CA VAL L 98 -76.43 64.48 77.98
C VAL L 98 -75.72 63.72 76.83
N LEU L 99 -74.94 62.69 77.17
CA LEU L 99 -74.29 61.83 76.17
C LEU L 99 -75.31 61.24 75.19
N SER L 100 -76.35 60.62 75.72
CA SER L 100 -77.42 60.06 74.91
C SER L 100 -78.04 61.08 73.93
N GLN L 101 -78.20 62.32 74.39
CA GLN L 101 -78.75 63.42 73.57
C GLN L 101 -77.82 63.78 72.42
N LYS L 102 -76.52 63.79 72.72
CA LYS L 102 -75.53 64.16 71.71
C LYS L 102 -75.36 63.02 70.71
N LEU L 103 -75.50 61.78 71.19
CA LEU L 103 -75.50 60.62 70.28
C LEU L 103 -76.70 60.62 69.34
N ARG L 104 -77.88 60.95 69.85
CA ARG L 104 -79.07 61.10 69.01
C ARG L 104 -78.90 62.09 67.87
N ALA L 105 -78.32 63.26 68.18
CA ALA L 105 -78.09 64.34 67.22
C ALA L 105 -77.16 63.90 66.08
N LEU L 106 -76.24 62.99 66.41
CA LEU L 106 -75.29 62.40 65.46
C LEU L 106 -75.90 61.31 64.57
N MET L 107 -77.07 60.81 64.96
CA MET L 107 -77.76 59.76 64.22
C MET L 107 -79.18 60.22 63.94
N PRO L 108 -79.37 60.99 62.83
CA PRO L 108 -80.66 61.60 62.55
C PRO L 108 -81.82 60.60 62.36
N TYR L 109 -81.48 59.32 62.12
CA TYR L 109 -82.45 58.25 61.90
C TYR L 109 -82.88 57.57 63.24
N ALA L 110 -82.25 57.96 64.34
CA ALA L 110 -82.54 57.37 65.66
C ALA L 110 -83.56 58.18 66.47
N ASP L 111 -84.63 57.54 66.92
CA ASP L 111 -85.63 58.19 67.80
C ASP L 111 -84.96 58.57 69.12
N SER L 112 -84.15 57.66 69.64
CA SER L 112 -83.42 57.84 70.88
C SER L 112 -82.27 56.87 70.89
N VAL L 113 -81.30 57.16 71.75
CA VAL L 113 -80.17 56.27 71.93
C VAL L 113 -80.20 55.82 73.38
N ASN L 114 -80.39 54.53 73.62
CA ASN L 114 -80.39 54.02 74.99
C ASN L 114 -78.98 53.67 75.43
N ILE L 115 -78.61 54.15 76.62
CA ILE L 115 -77.32 53.83 77.20
C ILE L 115 -77.54 52.73 78.20
N THR L 116 -76.80 51.63 78.00
CA THR L 116 -76.96 50.42 78.81
C THR L 116 -75.61 50.00 79.32
N LEU L 117 -75.56 49.72 80.61
CA LEU L 117 -74.33 49.33 81.31
C LEU L 117 -74.09 47.85 81.15
N MET L 118 -72.87 47.48 80.79
CA MET L 118 -72.49 46.11 80.58
C MET L 118 -71.32 45.73 81.50
N ASP L 119 -71.42 44.53 82.05
CA ASP L 119 -70.49 44.08 83.05
C ASP L 119 -69.15 43.60 82.41
N ASP L 120 -68.04 44.21 82.82
CA ASP L 120 -66.67 43.85 82.36
C ASP L 120 -66.26 42.39 82.61
N VAL L 121 -66.68 41.87 83.75
CA VAL L 121 -66.36 40.50 84.13
C VAL L 121 -67.12 39.51 83.27
N THR L 122 -68.38 39.85 82.98
CA THR L 122 -69.18 39.16 81.98
C THR L 122 -68.55 39.25 80.60
N ALA L 123 -68.03 40.42 80.22
CA ALA L 123 -67.43 40.63 78.89
C ALA L 123 -66.25 39.68 78.66
N ALA L 124 -65.41 39.56 79.70
CA ALA L 124 -64.22 38.70 79.64
C ALA L 124 -64.59 37.24 79.77
N GLY L 125 -65.61 36.94 80.56
CA GLY L 125 -66.08 35.56 80.76
C GLY L 125 -66.66 34.95 79.50
N GLN L 126 -67.39 35.76 78.72
CA GLN L 126 -67.92 35.27 77.45
C GLN L 126 -66.81 35.00 76.44
N ALA L 127 -65.73 35.79 76.49
CA ALA L 127 -64.55 35.52 75.69
C ALA L 127 -63.93 34.17 76.11
N GLU L 128 -63.76 33.95 77.42
CA GLU L 128 -63.20 32.70 77.95
C GLU L 128 -64.00 31.47 77.57
N ALA L 129 -65.32 31.56 77.75
CA ALA L 129 -66.23 30.46 77.51
C ALA L 129 -66.12 29.98 76.06
N GLY L 130 -66.20 30.92 75.11
CA GLY L 130 -66.04 30.62 73.68
C GLY L 130 -64.72 29.95 73.33
N LEU L 131 -63.65 30.30 74.02
CA LEU L 131 -62.37 29.59 73.85
C LEU L 131 -62.35 28.18 74.51
N LYS L 132 -62.98 28.04 75.67
CA LYS L 132 -63.10 26.74 76.33
C LYS L 132 -63.98 25.79 75.51
N GLN L 133 -65.03 26.33 74.92
CA GLN L 133 -65.94 25.56 74.05
C GLN L 133 -65.24 24.85 72.92
N GLN L 134 -64.14 25.42 72.44
CA GLN L 134 -63.42 24.87 71.31
C GLN L 134 -62.11 24.21 71.74
N ALA L 135 -61.99 23.93 73.04
CA ALA L 135 -60.81 23.25 73.59
C ALA L 135 -59.53 23.86 72.96
N LEU L 136 -59.52 25.19 72.93
CA LEU L 136 -58.38 25.98 72.47
C LEU L 136 -57.45 26.29 73.64
N PRO L 137 -56.16 25.98 73.48
CA PRO L 137 -55.30 26.44 74.55
C PRO L 137 -55.17 27.97 74.41
N TYR L 138 -55.06 28.68 75.53
CA TYR L 138 -55.01 30.14 75.54
C TYR L 138 -54.41 30.53 76.89
N SER L 139 -53.78 31.71 76.96
CA SER L 139 -53.53 32.38 78.24
C SER L 139 -54.34 33.66 78.26
N ARG L 140 -55.11 33.80 79.33
CA ARG L 140 -55.75 35.02 79.70
C ARG L 140 -54.76 35.89 80.43
N ARG L 141 -54.45 37.05 79.87
CA ARG L 141 -53.53 37.98 80.50
C ARG L 141 -54.32 39.22 80.87
N ASN L 142 -54.49 39.47 82.16
CA ASN L 142 -55.16 40.69 82.65
C ASN L 142 -54.21 41.88 82.72
N HIS L 143 -54.52 42.93 81.97
CA HIS L 143 -53.72 44.15 81.99
C HIS L 143 -54.56 45.23 82.62
N LYS L 144 -53.96 46.41 82.72
CA LYS L 144 -54.69 47.57 83.21
C LYS L 144 -55.60 48.12 82.13
N GLY L 145 -56.91 48.01 82.38
CA GLY L 145 -57.94 48.45 81.42
C GLY L 145 -58.24 47.53 80.25
N GLY L 146 -57.73 46.29 80.33
CA GLY L 146 -58.10 45.28 79.36
C GLY L 146 -57.64 43.87 79.67
N VAL L 147 -58.02 42.96 78.79
CA VAL L 147 -57.63 41.56 78.91
C VAL L 147 -57.21 41.15 77.51
N THR L 148 -56.06 40.48 77.41
CA THR L 148 -55.68 39.80 76.18
C THR L 148 -55.79 38.28 76.35
N PHE L 149 -56.51 37.63 75.44
CA PHE L 149 -56.49 36.17 75.32
C PHE L 149 -55.55 35.76 74.21
N VAL L 150 -54.44 35.12 74.57
CA VAL L 150 -53.47 34.67 73.58
C VAL L 150 -53.73 33.20 73.25
N ILE L 151 -54.17 32.92 72.01
CA ILE L 151 -54.42 31.56 71.58
C ILE L 151 -53.09 30.88 71.24
N GLN L 152 -52.85 29.73 71.86
CA GLN L 152 -51.58 29.01 71.78
C GLN L 152 -51.62 27.78 70.88
N GLY L 153 -50.43 27.26 70.58
CA GLY L 153 -50.27 26.01 69.85
C GLY L 153 -50.65 26.09 68.39
N ALA L 154 -50.31 25.05 67.65
CA ALA L 154 -50.69 24.95 66.25
C ALA L 154 -52.14 24.49 66.15
N LEU L 155 -52.80 24.89 65.07
CA LEU L 155 -54.17 24.46 64.81
C LEU L 155 -54.33 24.14 63.33
N ASP L 156 -55.18 23.15 63.01
CA ASP L 156 -55.43 22.84 61.60
C ASP L 156 -56.32 23.91 60.94
N ASP L 157 -56.46 23.83 59.61
CA ASP L 157 -57.15 24.87 58.85
C ASP L 157 -58.59 25.09 59.31
N VAL L 158 -59.26 23.99 59.66
CA VAL L 158 -60.63 24.01 60.18
C VAL L 158 -60.69 24.75 61.53
N GLU L 159 -59.74 24.43 62.41
CA GLU L 159 -59.69 25.00 63.73
C GLU L 159 -59.27 26.47 63.71
N ILE L 160 -58.42 26.82 62.75
CA ILE L 160 -58.02 28.22 62.53
C ILE L 160 -59.26 29.02 62.13
N LEU L 161 -60.05 28.45 61.23
CA LEU L 161 -61.28 29.04 60.74
C LEU L 161 -62.33 29.22 61.84
N ARG L 162 -62.52 28.18 62.66
CA ARG L 162 -63.54 28.19 63.70
C ARG L 162 -63.20 29.18 64.82
N ALA L 163 -61.91 29.35 65.09
CA ALA L 163 -61.41 30.34 66.04
C ALA L 163 -61.52 31.78 65.51
N ARG L 164 -61.33 31.96 64.20
CA ARG L 164 -61.48 33.27 63.57
C ARG L 164 -62.94 33.71 63.58
N GLN L 165 -63.84 32.77 63.31
CA GLN L 165 -65.26 33.06 63.36
C GLN L 165 -65.75 33.38 64.77
N PHE L 166 -65.19 32.73 65.80
CA PHE L 166 -65.54 33.08 67.16
C PHE L 166 -65.09 34.50 67.49
N VAL L 167 -63.83 34.79 67.17
CA VAL L 167 -63.24 36.08 67.45
C VAL L 167 -64.02 37.21 66.74
N ASP L 168 -64.35 37.00 65.46
CA ASP L 168 -65.10 37.95 64.64
C ASP L 168 -66.47 38.23 65.27
N SER L 169 -67.10 37.17 65.74
CA SER L 169 -68.41 37.24 66.37
C SER L 169 -68.35 38.02 67.68
N TYR L 170 -67.31 37.74 68.47
CA TYR L 170 -67.11 38.39 69.76
C TYR L 170 -67.01 39.89 69.57
N TYR L 171 -66.15 40.30 68.65
CA TYR L 171 -65.92 41.70 68.34
C TYR L 171 -67.19 42.39 67.83
N ARG L 172 -68.00 41.69 67.06
CA ARG L 172 -69.27 42.25 66.60
C ARG L 172 -70.22 42.56 67.74
N THR L 173 -70.21 41.71 68.76
CA THR L 173 -71.03 41.91 69.96
C THR L 173 -70.43 42.98 70.88
N TRP L 174 -69.17 42.80 71.27
CA TRP L 174 -68.52 43.60 72.32
C TRP L 174 -67.59 44.73 71.86
N GLY L 175 -67.29 44.81 70.57
CA GLY L 175 -66.21 45.68 70.10
C GLY L 175 -64.83 45.18 70.50
N GLY L 176 -63.79 45.97 70.21
CA GLY L 176 -62.41 45.53 70.53
C GLY L 176 -61.67 46.45 71.50
N ARG L 177 -62.44 47.16 72.33
CA ARG L 177 -61.90 48.17 73.21
C ARG L 177 -61.47 47.66 74.58
N TYR L 178 -61.88 46.46 74.96
CA TYR L 178 -61.61 45.95 76.30
C TYR L 178 -60.92 44.59 76.22
N VAL L 179 -61.64 43.56 75.80
CA VAL L 179 -61.04 42.27 75.55
C VAL L 179 -60.51 42.20 74.12
N GLN L 180 -59.26 41.72 73.98
CA GLN L 180 -58.63 41.49 72.70
C GLN L 180 -58.10 40.09 72.60
N PHE L 181 -57.99 39.58 71.38
CA PHE L 181 -57.44 38.25 71.17
C PHE L 181 -56.15 38.39 70.36
N ALA L 182 -55.25 37.43 70.55
CA ALA L 182 -54.02 37.44 69.85
C ALA L 182 -53.59 36.00 69.63
N ILE L 183 -52.68 35.79 68.69
CA ILE L 183 -52.17 34.47 68.44
C ILE L 183 -50.71 34.41 68.87
N GLU L 184 -50.40 33.41 69.67
CA GLU L 184 -49.07 33.20 70.16
C GLU L 184 -48.03 33.11 69.04
N LEU L 185 -46.87 33.71 69.29
CA LEU L 185 -45.78 33.65 68.32
C LEU L 185 -44.59 33.07 69.06
N LYS L 186 -44.07 31.94 68.54
CA LYS L 186 -43.01 31.14 69.17
C LYS L 186 -41.80 30.96 68.25
N LEU M 1 9.03 -92.60 -63.64
CA LEU M 1 9.18 -91.71 -62.44
C LEU M 1 9.98 -90.43 -62.75
N GLY M 2 10.78 -90.47 -63.81
CA GLY M 2 11.54 -89.30 -64.24
C GLY M 2 12.58 -88.84 -63.22
N GLN M 3 12.58 -87.54 -62.90
CA GLN M 3 13.49 -86.95 -61.93
C GLN M 3 13.20 -87.43 -60.49
N GLU M 4 12.24 -88.34 -60.36
CA GLU M 4 11.76 -88.84 -59.07
C GLU M 4 12.18 -90.31 -58.93
N LYS M 5 12.92 -90.81 -59.92
CA LYS M 5 13.34 -92.22 -59.99
C LYS M 5 14.25 -92.62 -58.82
N GLU M 6 14.89 -91.63 -58.20
CA GLU M 6 15.86 -91.88 -57.15
C GLU M 6 15.24 -91.84 -55.75
N ARG M 7 14.04 -91.28 -55.65
CA ARG M 7 13.38 -91.08 -54.37
C ARG M 7 12.34 -92.18 -54.10
N PHE M 8 11.83 -92.76 -55.19
CA PHE M 8 10.71 -93.68 -55.13
C PHE M 8 10.97 -94.96 -55.93
N GLN M 9 10.24 -96.01 -55.56
CA GLN M 9 10.24 -97.27 -56.26
C GLN M 9 8.81 -97.70 -56.42
N VAL M 10 8.45 -98.11 -57.62
CA VAL M 10 7.12 -98.65 -57.84
C VAL M 10 7.19 -100.18 -57.87
N LEU M 11 6.44 -100.83 -57.00
CA LEU M 11 6.49 -102.30 -56.88
C LEU M 11 5.10 -102.87 -57.10
N PRO M 12 5.00 -103.99 -57.82
CA PRO M 12 3.69 -104.65 -57.98
C PRO M 12 3.29 -105.43 -56.74
N GLY M 13 1.99 -105.49 -56.46
CA GLY M 13 1.48 -106.28 -55.36
C GLY M 13 0.79 -107.55 -55.81
N ARG M 14 0.88 -108.58 -54.97
CA ARG M 14 0.08 -109.81 -55.10
C ARG M 14 -1.43 -109.54 -55.06
N ASP M 15 -1.81 -108.41 -54.48
CA ASP M 15 -3.22 -108.00 -54.37
C ASP M 15 -3.67 -107.18 -55.59
N LYS M 16 -2.81 -107.13 -56.60
CA LYS M 16 -3.01 -106.37 -57.83
C LYS M 16 -2.88 -104.86 -57.66
N MET M 17 -2.57 -104.42 -56.43
CA MET M 17 -2.32 -103.00 -56.16
C MET M 17 -0.87 -102.66 -56.47
N LEU M 18 -0.60 -101.38 -56.67
CA LEU M 18 0.76 -100.91 -56.89
C LEU M 18 1.22 -100.19 -55.64
N TYR M 19 2.49 -100.40 -55.30
CA TYR M 19 3.09 -99.85 -54.10
C TYR M 19 4.18 -98.86 -54.47
N VAL M 20 4.09 -97.63 -53.96
CA VAL M 20 5.18 -96.68 -54.13
C VAL M 20 5.99 -96.59 -52.83
N ALA M 21 7.25 -97.02 -52.89
CA ALA M 21 8.14 -97.05 -51.72
C ALA M 21 8.83 -95.73 -51.64
N ALA M 22 8.67 -95.06 -50.49
CA ALA M 22 9.25 -93.75 -50.25
C ALA M 22 10.28 -93.87 -49.12
N GLN M 23 11.13 -92.86 -49.01
CA GLN M 23 12.33 -92.88 -48.17
C GLN M 23 12.11 -92.14 -46.86
N ASN M 24 11.06 -91.31 -46.82
CA ASN M 24 10.78 -90.49 -45.61
C ASN M 24 9.32 -90.04 -45.58
N GLU M 25 8.95 -89.28 -44.55
CA GLU M 25 7.54 -88.97 -44.34
C GLU M 25 7.11 -87.87 -45.30
N ARG M 26 7.98 -86.91 -45.54
CA ARG M 26 7.73 -85.80 -46.44
C ARG M 26 7.48 -86.25 -47.92
N ASP M 27 8.31 -87.16 -48.42
CA ASP M 27 8.06 -87.84 -49.70
C ASP M 27 6.78 -88.70 -49.70
N THR M 28 6.47 -89.33 -48.57
CA THR M 28 5.27 -90.15 -48.44
C THR M 28 3.98 -89.31 -48.54
N LEU M 29 3.95 -88.20 -47.83
CA LEU M 29 2.84 -87.26 -47.87
C LEU M 29 2.66 -86.69 -49.27
N TRP M 30 3.74 -86.19 -49.84
CA TRP M 30 3.70 -85.64 -51.20
C TRP M 30 3.22 -86.69 -52.22
N ALA M 31 3.74 -87.91 -52.11
CA ALA M 31 3.33 -88.98 -53.02
C ALA M 31 1.86 -89.33 -52.86
N ARG M 32 1.35 -89.32 -51.63
CA ARG M 32 -0.07 -89.61 -51.37
C ARG M 32 -0.97 -88.52 -51.96
N GLN M 33 -0.49 -87.29 -51.94
CA GLN M 33 -1.23 -86.13 -52.45
C GLN M 33 -1.39 -86.24 -53.97
N VAL M 34 -0.30 -86.57 -54.65
CA VAL M 34 -0.30 -86.82 -56.09
C VAL M 34 -1.31 -87.91 -56.47
N LEU M 35 -1.26 -89.02 -55.73
CA LEU M 35 -2.24 -90.09 -55.88
C LEU M 35 -3.69 -89.62 -55.63
N ALA M 36 -3.92 -88.96 -54.49
CA ALA M 36 -5.24 -88.37 -54.16
C ALA M 36 -5.72 -87.29 -55.15
N ARG M 37 -4.85 -86.92 -56.09
CA ARG M 37 -5.18 -85.93 -57.12
C ARG M 37 -5.63 -86.61 -58.42
N GLY M 38 -4.87 -87.62 -58.85
CA GLY M 38 -5.19 -88.41 -60.05
C GLY M 38 -6.15 -89.57 -59.81
N ASP M 39 -6.66 -89.67 -58.58
CA ASP M 39 -7.58 -90.73 -58.16
C ASP M 39 -7.01 -92.16 -58.29
N TYR M 40 -5.81 -92.35 -57.76
CA TYR M 40 -5.21 -93.69 -57.71
C TYR M 40 -5.25 -94.31 -56.32
N ASP M 41 -5.87 -93.59 -55.37
CA ASP M 41 -6.05 -94.00 -53.95
C ASP M 41 -6.60 -95.40 -53.71
N LYS M 42 -7.39 -95.88 -54.66
CA LYS M 42 -8.11 -97.12 -54.54
C LYS M 42 -7.29 -98.24 -55.16
N ASN M 43 -6.25 -97.84 -55.89
CA ASN M 43 -5.45 -98.75 -56.71
C ASN M 43 -3.94 -98.78 -56.37
N ALA M 44 -3.46 -97.74 -55.68
CA ALA M 44 -2.05 -97.65 -55.27
C ALA M 44 -1.90 -97.18 -53.83
N ARG M 45 -0.82 -97.63 -53.19
CA ARG M 45 -0.49 -97.28 -51.82
C ARG M 45 0.95 -96.78 -51.76
N VAL M 46 1.20 -95.84 -50.84
CA VAL M 46 2.57 -95.38 -50.59
C VAL M 46 2.99 -96.02 -49.28
N ILE M 47 4.19 -96.59 -49.31
CA ILE M 47 4.79 -97.24 -48.15
C ILE M 47 6.13 -96.60 -47.73
N ASN M 48 6.47 -96.71 -46.45
CA ASN M 48 7.80 -96.33 -45.96
C ASN M 48 8.17 -97.26 -44.83
N GLU M 49 9.46 -97.34 -44.54
CA GLU M 49 9.99 -98.22 -43.49
C GLU M 49 9.37 -97.99 -42.11
N ASN M 50 9.27 -96.73 -41.72
CA ASN M 50 8.75 -96.39 -40.39
C ASN M 50 7.31 -96.82 -40.15
N GLU M 51 6.44 -96.46 -41.10
CA GLU M 51 5.04 -96.87 -41.05
C GLU M 51 4.88 -98.37 -41.14
N GLU M 52 5.66 -99.01 -42.01
CA GLU M 52 5.47 -100.45 -42.15
C GLU M 52 5.91 -101.18 -40.89
N ASN M 53 6.99 -100.69 -40.28
CA ASN M 53 7.41 -101.25 -39.00
C ASN M 53 6.36 -101.09 -37.89
N LYS M 54 5.73 -99.92 -37.80
CA LYS M 54 4.63 -99.75 -36.84
C LYS M 54 3.45 -100.68 -37.13
N ARG M 55 3.10 -100.80 -38.42
CA ARG M 55 1.91 -101.56 -38.85
C ARG M 55 2.08 -103.04 -38.51
N ILE M 56 3.25 -103.60 -38.79
CA ILE M 56 3.55 -105.00 -38.50
C ILE M 56 3.70 -105.28 -37.00
N SER M 57 4.31 -104.35 -36.25
CA SER M 57 4.34 -104.42 -34.80
C SER M 57 2.96 -104.57 -34.16
N ILE M 58 1.97 -103.79 -34.60
CA ILE M 58 0.58 -103.93 -34.15
C ILE M 58 0.12 -105.36 -34.35
N TRP M 59 0.39 -105.91 -35.53
CA TRP M 59 -0.09 -107.25 -35.83
C TRP M 59 0.60 -108.27 -34.91
N LEU M 60 1.91 -108.07 -34.70
CA LEU M 60 2.68 -108.94 -33.81
C LEU M 60 2.23 -108.85 -32.36
N ASP M 61 1.86 -107.64 -31.92
CA ASP M 61 1.32 -107.46 -30.56
C ASP M 61 0.20 -108.44 -30.25
N THR M 62 -0.65 -108.70 -31.25
CA THR M 62 -1.71 -109.66 -31.02
C THR M 62 -1.36 -111.11 -31.43
N TYR M 63 -0.59 -111.33 -32.49
CA TYR M 63 -0.35 -112.72 -32.95
C TYR M 63 0.91 -113.38 -32.42
N TYR M 64 1.94 -112.57 -32.17
CA TYR M 64 3.20 -113.07 -31.62
C TYR M 64 3.63 -112.20 -30.42
N PRO M 65 2.77 -112.13 -29.36
CA PRO M 65 2.98 -111.17 -28.27
C PRO M 65 4.28 -111.30 -27.49
N GLN M 66 4.86 -112.49 -27.41
CA GLN M 66 6.08 -112.68 -26.60
C GLN M 66 7.34 -112.62 -27.46
N LEU M 67 7.19 -112.18 -28.72
CA LEU M 67 8.26 -112.26 -29.71
C LEU M 67 9.37 -111.29 -29.39
N ALA M 68 10.60 -111.79 -29.36
CA ALA M 68 11.77 -110.94 -29.15
C ALA M 68 12.41 -110.59 -30.49
N TYR M 69 12.18 -109.37 -30.91
CA TYR M 69 12.65 -108.92 -32.20
C TYR M 69 13.07 -107.46 -32.13
N TYR M 70 13.71 -107.03 -33.23
CA TYR M 70 14.31 -105.73 -33.36
C TYR M 70 13.50 -104.87 -34.32
N ARG M 71 13.60 -105.20 -35.61
CA ARG M 71 13.14 -104.30 -36.69
C ARG M 71 13.13 -105.03 -38.05
N ILE M 72 12.30 -104.55 -38.97
CA ILE M 72 12.30 -104.97 -40.38
C ILE M 72 12.99 -103.90 -41.21
N HIS M 73 13.89 -104.35 -42.07
CA HIS M 73 14.63 -103.51 -43.00
C HIS M 73 14.20 -103.75 -44.44
N PHE M 74 14.15 -102.68 -45.23
CA PHE M 74 13.62 -102.71 -46.58
C PHE M 74 14.62 -102.17 -47.60
N ASP M 75 15.92 -102.33 -47.33
CA ASP M 75 16.94 -101.94 -48.28
C ASP M 75 16.65 -102.50 -49.66
N GLU M 76 16.02 -103.69 -49.68
CA GLU M 76 15.48 -104.32 -50.87
C GLU M 76 13.95 -104.54 -50.60
N PRO M 77 13.11 -103.57 -50.97
CA PRO M 77 11.70 -103.64 -50.56
C PRO M 77 10.93 -104.91 -50.96
N ARG M 78 11.28 -105.53 -52.09
CA ARG M 78 10.66 -106.79 -52.49
C ARG M 78 11.11 -107.97 -51.64
N LYS M 79 12.17 -107.78 -50.84
CA LYS M 79 12.69 -108.83 -49.98
C LYS M 79 13.07 -108.19 -48.65
N PRO M 80 12.08 -107.84 -47.81
CA PRO M 80 12.39 -107.26 -46.51
C PRO M 80 13.12 -108.26 -45.59
N VAL M 81 13.94 -107.74 -44.69
CA VAL M 81 14.67 -108.56 -43.74
C VAL M 81 14.15 -108.24 -42.32
N PHE M 82 13.58 -109.25 -41.69
CA PHE M 82 13.10 -109.18 -40.32
C PHE M 82 14.18 -109.65 -39.34
N TRP M 83 14.65 -108.73 -38.52
CA TRP M 83 15.69 -108.97 -37.54
C TRP M 83 15.08 -109.49 -36.23
N LEU M 84 15.44 -110.70 -35.88
CA LEU M 84 14.98 -111.34 -34.66
C LEU M 84 16.13 -111.50 -33.69
N SER M 85 15.85 -111.55 -32.40
CA SER M 85 16.88 -111.87 -31.41
C SER M 85 17.38 -113.29 -31.48
N ARG M 86 18.70 -113.41 -31.54
CA ARG M 86 19.37 -114.71 -31.61
C ARG M 86 19.31 -115.39 -30.25
N GLN M 87 19.64 -114.65 -29.19
CA GLN M 87 19.59 -115.19 -27.81
C GLN M 87 18.19 -115.54 -27.35
N ARG M 88 17.18 -114.71 -27.69
CA ARG M 88 15.84 -114.83 -27.09
C ARG M 88 14.83 -115.56 -27.98
N ASN M 89 15.30 -116.09 -29.09
CA ASN M 89 14.42 -116.86 -29.94
C ASN M 89 14.09 -118.18 -29.31
N THR M 90 12.82 -118.60 -29.46
CA THR M 90 12.29 -119.83 -28.88
C THR M 90 11.72 -120.70 -30.00
N MET M 91 11.63 -120.14 -31.19
CA MET M 91 10.98 -120.84 -32.32
C MET M 91 11.93 -121.66 -33.16
N SER M 92 11.42 -122.78 -33.65
CA SER M 92 12.15 -123.68 -34.54
C SER M 92 12.14 -123.10 -35.94
N LYS M 93 12.92 -123.72 -36.84
CA LYS M 93 12.97 -123.31 -38.24
C LYS M 93 11.58 -123.34 -38.84
N LYS M 94 10.81 -124.40 -38.57
CA LYS M 94 9.45 -124.56 -39.06
C LYS M 94 8.52 -123.42 -38.60
N GLU M 95 8.57 -123.12 -37.30
CA GLU M 95 7.81 -122.00 -36.74
C GLU M 95 8.22 -120.63 -37.28
N LEU M 96 9.50 -120.49 -37.60
CA LEU M 96 10.00 -119.28 -38.21
C LEU M 96 9.62 -119.19 -39.70
N GLU M 97 9.46 -120.31 -40.40
CA GLU M 97 8.92 -120.34 -41.77
C GLU M 97 7.43 -119.95 -41.80
N VAL M 98 6.68 -120.44 -40.82
CA VAL M 98 5.29 -120.01 -40.59
C VAL M 98 5.19 -118.48 -40.38
N LEU M 99 5.97 -117.92 -39.46
CA LEU M 99 6.03 -116.48 -39.24
C LEU M 99 6.35 -115.71 -40.52
N SER M 100 7.43 -116.13 -41.19
CA SER M 100 7.83 -115.54 -42.45
C SER M 100 6.70 -115.54 -43.51
N GLN M 101 5.92 -116.62 -43.56
CA GLN M 101 4.77 -116.76 -44.47
C GLN M 101 3.68 -115.78 -44.16
N LYS M 102 3.43 -115.60 -42.87
CA LYS M 102 2.36 -114.71 -42.42
C LYS M 102 2.78 -113.25 -42.60
N LEU M 103 4.08 -112.98 -42.44
CA LEU M 103 4.63 -111.65 -42.73
C LEU M 103 4.54 -111.30 -44.23
N ARG M 104 4.84 -112.26 -45.10
CA ARG M 104 4.68 -112.08 -46.53
C ARG M 104 3.25 -111.68 -46.94
N ALA M 105 2.26 -112.37 -46.38
CA ALA M 105 0.84 -112.14 -46.66
C ALA M 105 0.41 -110.73 -46.26
N LEU M 106 1.04 -110.20 -45.23
CA LEU M 106 0.82 -108.84 -44.73
C LEU M 106 1.47 -107.74 -45.58
N MET M 107 2.42 -108.14 -46.43
CA MET M 107 3.15 -107.21 -47.29
C MET M 107 3.05 -107.70 -48.72
N PRO M 108 1.96 -107.33 -49.43
CA PRO M 108 1.67 -107.86 -50.76
C PRO M 108 2.76 -107.52 -51.81
N TYR M 109 3.61 -106.54 -51.52
CA TYR M 109 4.69 -106.09 -52.40
C TYR M 109 6.00 -106.89 -52.16
N ALA M 110 6.02 -107.75 -51.16
CA ALA M 110 7.22 -108.54 -50.81
C ALA M 110 7.22 -109.93 -51.45
N ASP M 111 8.28 -110.27 -52.17
CA ASP M 111 8.43 -111.63 -52.74
C ASP M 111 8.54 -112.65 -51.61
N SER M 112 9.31 -112.28 -50.59
CA SER M 112 9.53 -113.13 -49.42
C SER M 112 10.01 -112.23 -48.29
N VAL M 113 9.90 -112.73 -47.08
CA VAL M 113 10.38 -112.04 -45.93
C VAL M 113 11.45 -112.92 -45.29
N ASN M 114 12.69 -112.45 -45.27
CA ASN M 114 13.77 -113.23 -44.64
C ASN M 114 13.85 -112.94 -43.15
N ILE M 115 13.90 -114.00 -42.35
CA ILE M 115 14.06 -113.86 -40.92
C ILE M 115 15.53 -114.10 -40.61
N THR M 116 16.12 -113.10 -39.95
CA THR M 116 17.57 -113.11 -39.66
C THR M 116 17.75 -112.86 -38.18
N LEU M 117 18.58 -113.68 -37.56
CA LEU M 117 18.87 -113.60 -36.14
C LEU M 117 19.96 -112.59 -35.88
N MET M 118 19.73 -111.73 -34.90
CA MET M 118 20.67 -110.69 -34.55
C MET M 118 21.08 -110.83 -33.08
N ASP M 119 22.37 -110.63 -32.83
CA ASP M 119 22.94 -110.85 -31.53
C ASP M 119 22.65 -109.67 -30.57
N ASP M 120 22.02 -109.98 -29.43
CA ASP M 120 21.70 -108.98 -28.37
C ASP M 120 22.91 -108.24 -27.79
N VAL M 121 24.00 -108.97 -27.63
CA VAL M 121 25.23 -108.41 -27.08
C VAL M 121 25.86 -107.45 -28.06
N THR M 122 25.82 -107.81 -29.35
CA THR M 122 26.16 -106.92 -30.44
C THR M 122 25.24 -105.69 -30.45
N ALA M 123 23.94 -105.88 -30.25
CA ALA M 123 22.96 -104.77 -30.29
C ALA M 123 23.31 -103.69 -29.25
N ALA M 124 23.65 -104.16 -28.04
CA ALA M 124 23.99 -103.27 -26.94
C ALA M 124 25.37 -102.69 -27.10
N GLY M 125 26.30 -103.46 -27.66
CA GLY M 125 27.67 -103.00 -27.88
C GLY M 125 27.76 -101.89 -28.91
N GLN M 126 26.94 -101.95 -29.94
CA GLN M 126 26.89 -100.88 -30.94
C GLN M 126 26.32 -99.59 -30.34
N ALA M 127 25.37 -99.73 -29.41
CA ALA M 127 24.88 -98.58 -28.67
C ALA M 127 26.02 -97.96 -27.83
N GLU M 128 26.76 -98.81 -27.10
CA GLU M 128 27.90 -98.34 -26.28
C GLU M 128 28.97 -97.63 -27.06
N ALA M 129 29.37 -98.25 -28.18
CA ALA M 129 30.44 -97.74 -29.03
C ALA M 129 30.12 -96.33 -29.51
N GLY M 130 28.93 -96.14 -30.05
CA GLY M 130 28.46 -94.82 -30.50
C GLY M 130 28.47 -93.75 -29.41
N LEU M 131 28.18 -94.13 -28.18
CA LEU M 131 28.32 -93.20 -27.04
C LEU M 131 29.80 -92.93 -26.63
N LYS M 132 30.64 -93.96 -26.70
CA LYS M 132 32.07 -93.80 -26.42
C LYS M 132 32.73 -92.92 -27.49
N GLN M 133 32.30 -93.09 -28.73
CA GLN M 133 32.80 -92.30 -29.87
C GLN M 133 32.67 -90.80 -29.67
N GLN M 134 31.64 -90.40 -28.92
CA GLN M 134 31.36 -88.99 -28.71
C GLN M 134 31.73 -88.55 -27.30
N ALA M 135 32.54 -89.36 -26.62
CA ALA M 135 33.01 -89.03 -25.26
C ALA M 135 31.85 -88.48 -24.43
N LEU M 136 30.72 -89.18 -24.53
CA LEU M 136 29.51 -88.89 -23.76
C LEU M 136 29.53 -89.66 -22.45
N PRO M 137 29.34 -88.96 -21.32
CA PRO M 137 29.20 -89.76 -20.12
C PRO M 137 27.82 -90.45 -20.18
N TYR M 138 27.73 -91.67 -19.67
CA TYR M 138 26.51 -92.47 -19.72
C TYR M 138 26.64 -93.53 -18.65
N SER M 139 25.51 -94.03 -18.13
CA SER M 139 25.47 -95.30 -17.41
C SER M 139 24.66 -96.29 -18.22
N ARG M 140 25.27 -97.43 -18.48
CA ARG M 140 24.62 -98.60 -18.98
C ARG M 140 23.95 -99.33 -17.85
N ARG M 141 22.62 -99.42 -17.90
CA ARG M 141 21.88 -100.13 -16.87
C ARG M 141 21.24 -101.34 -17.52
N ASN M 142 21.70 -102.54 -17.13
CA ASN M 142 21.10 -103.80 -17.63
C ASN M 142 19.87 -104.19 -16.82
N HIS M 143 18.74 -104.30 -17.50
CA HIS M 143 17.49 -104.72 -16.88
C HIS M 143 17.13 -106.07 -17.44
N LYS M 144 16.02 -106.60 -16.95
CA LYS M 144 15.51 -107.86 -17.48
C LYS M 144 14.80 -107.61 -18.81
N GLY M 145 15.40 -108.16 -19.87
CA GLY M 145 14.87 -107.98 -21.24
C GLY M 145 15.18 -106.67 -21.93
N GLY M 146 16.10 -105.89 -21.36
CA GLY M 146 16.59 -104.70 -22.03
C GLY M 146 17.78 -104.03 -21.37
N VAL M 147 18.23 -102.96 -22.02
CA VAL M 147 19.34 -102.17 -21.52
C VAL M 147 18.90 -100.73 -21.70
N THR M 148 19.08 -99.93 -20.66
CA THR M 148 18.96 -98.48 -20.78
C THR M 148 20.34 -97.80 -20.69
N PHE M 149 20.65 -96.97 -21.68
CA PHE M 149 21.82 -96.07 -21.61
C PHE M 149 21.36 -94.69 -21.20
N VAL M 150 21.73 -94.26 -20.00
CA VAL M 150 21.37 -92.96 -19.51
C VAL M 150 22.51 -91.97 -19.78
N ILE M 151 22.29 -91.00 -20.67
CA ILE M 151 23.29 -90.00 -20.98
C ILE M 151 23.31 -88.93 -19.88
N GLN M 152 24.49 -88.72 -19.31
CA GLN M 152 24.67 -87.86 -18.15
C GLN M 152 25.29 -86.48 -18.47
N GLY M 153 25.23 -85.60 -17.50
CA GLY M 153 25.88 -84.29 -17.56
C GLY M 153 25.24 -83.33 -18.53
N ALA M 154 25.67 -82.07 -18.46
CA ALA M 154 25.20 -81.06 -19.39
C ALA M 154 25.95 -81.20 -20.71
N LEU M 155 25.32 -80.80 -21.79
CA LEU M 155 25.94 -80.79 -23.11
C LEU M 155 25.57 -79.52 -23.86
N ASP M 156 26.48 -79.00 -24.68
CA ASP M 156 26.16 -77.83 -25.49
C ASP M 156 25.22 -78.18 -26.66
N ASP M 157 24.70 -77.16 -27.33
CA ASP M 157 23.67 -77.36 -28.37
C ASP M 157 24.13 -78.28 -29.48
N VAL M 158 25.40 -78.18 -29.85
CA VAL M 158 26.03 -79.03 -30.86
C VAL M 158 26.07 -80.49 -30.40
N GLU M 159 26.47 -80.69 -29.15
CA GLU M 159 26.60 -82.03 -28.58
C GLU M 159 25.24 -82.67 -28.33
N ILE M 160 24.25 -81.85 -27.99
CA ILE M 160 22.88 -82.33 -27.83
C ILE M 160 22.37 -82.85 -29.18
N LEU M 161 22.65 -82.08 -30.23
CA LEU M 161 22.29 -82.42 -31.60
C LEU M 161 22.97 -83.70 -32.08
N ARG M 162 24.28 -83.83 -31.83
CA ARG M 162 25.06 -84.97 -32.30
C ARG M 162 24.66 -86.27 -31.60
N ALA M 163 24.26 -86.16 -30.34
CA ALA M 163 23.73 -87.27 -29.55
C ALA M 163 22.33 -87.69 -30.00
N ARG M 164 21.51 -86.72 -30.39
CA ARG M 164 20.16 -87.00 -30.89
C ARG M 164 20.22 -87.71 -32.24
N GLN M 165 21.14 -87.27 -33.09
CA GLN M 165 21.34 -87.93 -34.37
C GLN M 165 21.88 -89.36 -34.23
N PHE M 166 22.73 -89.61 -33.25
CA PHE M 166 23.20 -90.97 -33.01
C PHE M 166 22.04 -91.85 -32.57
N VAL M 167 21.28 -91.36 -31.60
CA VAL M 167 20.15 -92.09 -31.04
C VAL M 167 19.11 -92.42 -32.13
N ASP M 168 18.79 -91.41 -32.94
CA ASP M 168 17.82 -91.54 -34.05
C ASP M 168 18.28 -92.62 -35.04
N SER M 169 19.57 -92.60 -35.34
CA SER M 169 20.20 -93.54 -36.24
C SER M 169 20.15 -94.97 -35.69
N TYR M 170 20.44 -95.09 -34.41
CA TYR M 170 20.45 -96.38 -33.72
C TYR M 170 19.07 -97.03 -33.82
N TYR M 171 18.05 -96.27 -33.46
CA TYR M 171 16.67 -96.71 -33.50
C TYR M 171 16.22 -97.12 -34.92
N ARG M 172 16.69 -96.39 -35.92
CA ARG M 172 16.37 -96.75 -37.30
C ARG M 172 16.93 -98.11 -37.69
N THR M 173 18.12 -98.42 -37.19
CA THR M 173 18.75 -99.71 -37.43
C THR M 173 18.12 -100.82 -36.58
N TRP M 174 18.09 -100.62 -35.27
CA TRP M 174 17.73 -101.66 -34.30
C TRP M 174 16.29 -101.63 -33.74
N GLY M 175 15.53 -100.59 -34.02
CA GLY M 175 14.27 -100.35 -33.31
C GLY M 175 14.48 -99.95 -31.86
N GLY M 176 13.38 -99.83 -31.10
CA GLY M 176 13.49 -99.39 -29.69
C GLY M 176 12.96 -100.41 -28.69
N ARG M 177 12.99 -101.68 -29.08
CA ARG M 177 12.41 -102.76 -28.28
C ARG M 177 13.35 -103.40 -27.28
N TYR M 178 14.64 -103.15 -27.39
CA TYR M 178 15.62 -103.83 -26.55
C TYR M 178 16.52 -102.81 -25.85
N VAL M 179 17.39 -102.14 -26.60
CA VAL M 179 18.17 -101.04 -26.07
C VAL M 179 17.39 -99.73 -26.18
N GLN M 180 17.37 -98.97 -25.10
CA GLN M 180 16.77 -97.64 -25.06
C GLN M 180 17.74 -96.63 -24.52
N PHE M 181 17.55 -95.37 -24.89
CA PHE M 181 18.41 -94.31 -24.40
C PHE M 181 17.53 -93.34 -23.58
N ALA M 182 18.16 -92.68 -22.62
CA ALA M 182 17.46 -91.75 -21.80
C ALA M 182 18.43 -90.66 -21.40
N ILE M 183 17.90 -89.53 -20.97
CA ILE M 183 18.74 -88.45 -20.51
C ILE M 183 18.56 -88.27 -19.01
N GLU M 184 19.68 -88.25 -18.32
CA GLU M 184 19.70 -88.09 -16.88
C GLU M 184 18.94 -86.84 -16.42
N LEU M 185 18.22 -86.99 -15.32
CA LEU M 185 17.49 -85.87 -14.74
C LEU M 185 17.97 -85.73 -13.31
N LYS M 186 18.53 -84.55 -12.98
CA LYS M 186 19.18 -84.27 -11.70
C LYS M 186 18.54 -83.06 -10.98
N LEU N 1 -96.28 -57.04 13.43
CA LEU N 1 -94.90 -56.53 13.74
C LEU N 1 -93.87 -56.92 12.67
N GLY N 2 -94.16 -57.96 11.90
CA GLY N 2 -93.30 -58.38 10.81
C GLY N 2 -91.93 -58.88 11.28
N GLN N 3 -90.87 -58.35 10.66
CA GLN N 3 -89.49 -58.69 11.00
C GLN N 3 -89.09 -58.16 12.40
N GLU N 4 -90.05 -57.56 13.09
CA GLU N 4 -89.84 -56.92 14.38
C GLU N 4 -90.55 -57.73 15.47
N LYS N 5 -91.16 -58.86 15.05
CA LYS N 5 -91.96 -59.72 15.94
C LYS N 5 -91.14 -60.32 17.08
N GLU N 6 -89.82 -60.38 16.90
CA GLU N 6 -88.96 -61.04 17.86
C GLU N 6 -88.37 -60.06 18.88
N ARG N 7 -88.45 -58.76 18.56
CA ARG N 7 -87.86 -57.73 19.40
C ARG N 7 -88.89 -57.09 20.33
N PHE N 8 -90.15 -57.13 19.89
CA PHE N 8 -91.23 -56.41 20.53
C PHE N 8 -92.46 -57.30 20.78
N GLN N 9 -93.26 -56.88 21.75
CA GLN N 9 -94.52 -57.51 22.06
C GLN N 9 -95.54 -56.40 22.21
N VAL N 10 -96.70 -56.56 21.58
CA VAL N 10 -97.78 -55.61 21.77
C VAL N 10 -98.78 -56.19 22.76
N LEU N 11 -99.04 -55.47 23.85
CA LEU N 11 -99.94 -55.96 24.91
C LEU N 11 -101.07 -54.96 25.11
N PRO N 12 -102.30 -55.45 25.31
CA PRO N 12 -103.41 -54.53 25.62
C PRO N 12 -103.39 -54.06 27.07
N GLY N 13 -103.83 -52.84 27.30
CA GLY N 13 -103.93 -52.32 28.65
C GLY N 13 -105.37 -52.25 29.15
N ARG N 14 -105.52 -52.42 30.46
CA ARG N 14 -106.78 -52.15 31.18
C ARG N 14 -107.24 -50.69 31.02
N ASP N 15 -106.30 -49.80 30.70
CA ASP N 15 -106.57 -48.37 30.52
C ASP N 15 -106.94 -48.04 29.06
N LYS N 16 -107.13 -49.10 28.27
CA LYS N 16 -107.43 -49.04 26.84
C LYS N 16 -106.25 -48.61 25.97
N MET N 17 -105.09 -48.39 26.61
CA MET N 17 -103.87 -48.07 25.87
C MET N 17 -103.18 -49.35 25.42
N LEU N 18 -102.31 -49.23 24.43
CA LEU N 18 -101.53 -50.36 23.95
C LEU N 18 -100.10 -50.18 24.43
N TYR N 19 -99.48 -51.27 24.82
CA TYR N 19 -98.14 -51.29 25.36
C TYR N 19 -97.21 -52.05 24.42
N VAL N 20 -96.11 -51.41 24.01
CA VAL N 20 -95.10 -52.13 23.25
C VAL N 20 -93.91 -52.45 24.17
N ALA N 21 -93.67 -53.74 24.41
CA ALA N 21 -92.63 -54.21 25.31
C ALA N 21 -91.38 -54.38 24.51
N ALA N 22 -90.31 -53.68 24.92
CA ALA N 22 -89.03 -53.70 24.24
C ALA N 22 -87.99 -54.32 25.18
N GLN N 23 -86.86 -54.73 24.58
CA GLN N 23 -85.86 -55.56 25.24
C GLN N 23 -84.68 -54.74 25.74
N ASN N 24 -84.55 -53.51 25.21
CA ASN N 24 -83.41 -52.65 25.57
C ASN N 24 -83.73 -51.18 25.31
N GLU N 25 -82.77 -50.29 25.57
CA GLU N 25 -83.06 -48.86 25.51
C GLU N 25 -83.07 -48.39 24.06
N ARG N 26 -82.17 -48.93 23.25
CA ARG N 26 -82.08 -48.60 21.85
C ARG N 26 -83.36 -48.96 21.03
N ASP N 27 -83.90 -50.15 21.26
CA ASP N 27 -85.23 -50.52 20.74
C ASP N 27 -86.37 -49.66 21.31
N THR N 28 -86.28 -49.26 22.57
CA THR N 28 -87.28 -48.41 23.21
C THR N 28 -87.33 -47.01 22.58
N LEU N 29 -86.18 -46.41 22.37
CA LEU N 29 -86.05 -45.12 21.72
C LEU N 29 -86.58 -45.17 20.30
N TRP N 30 -86.10 -46.15 19.53
CA TRP N 30 -86.55 -46.34 18.16
C TRP N 30 -88.06 -46.54 18.08
N ALA N 31 -88.61 -47.37 18.97
CA ALA N 31 -90.05 -47.63 18.99
C ALA N 31 -90.84 -46.36 19.34
N ARG N 32 -90.32 -45.55 20.26
CA ARG N 32 -90.99 -44.30 20.63
C ARG N 32 -91.01 -43.30 19.47
N GLN N 33 -89.95 -43.32 18.67
CA GLN N 33 -89.79 -42.43 17.52
C GLN N 33 -90.84 -42.76 16.46
N VAL N 34 -90.98 -44.04 16.17
CA VAL N 34 -92.00 -44.55 15.24
C VAL N 34 -93.40 -44.11 15.68
N LEU N 35 -93.70 -44.31 16.96
CA LEU N 35 -94.95 -43.82 17.56
C LEU N 35 -95.10 -42.30 17.43
N ALA N 36 -94.10 -41.53 17.85
CA ALA N 36 -94.08 -40.06 17.71
C ALA N 36 -94.14 -39.56 16.25
N ARG N 37 -94.07 -40.50 15.30
CA ARG N 37 -94.16 -40.18 13.86
C ARG N 37 -95.59 -40.37 13.34
N GLY N 38 -96.19 -41.52 13.69
CA GLY N 38 -97.57 -41.84 13.31
C GLY N 38 -98.63 -41.29 14.25
N ASP N 39 -98.19 -40.51 15.24
CA ASP N 39 -99.07 -39.90 16.25
C ASP N 39 -99.86 -40.92 17.10
N TYR N 40 -99.15 -41.91 17.63
CA TYR N 40 -99.76 -42.87 18.54
C TYR N 40 -99.37 -42.63 20.01
N ASP N 41 -98.59 -41.56 20.24
CA ASP N 41 -98.11 -41.12 21.58
C ASP N 41 -99.15 -41.01 22.68
N LYS N 42 -100.39 -40.74 22.28
CA LYS N 42 -101.48 -40.46 23.19
C LYS N 42 -102.25 -41.74 23.46
N ASN N 43 -101.94 -42.77 22.65
CA ASN N 43 -102.69 -44.03 22.65
C ASN N 43 -101.84 -45.28 22.92
N ALA N 44 -100.53 -45.18 22.76
CA ALA N 44 -99.60 -46.29 23.01
C ALA N 44 -98.35 -45.86 23.79
N ARG N 45 -97.83 -46.78 24.56
CA ARG N 45 -96.63 -46.56 25.36
C ARG N 45 -95.62 -47.67 25.08
N VAL N 46 -94.34 -47.32 25.16
CA VAL N 46 -93.27 -48.32 25.05
C VAL N 46 -92.73 -48.54 26.44
N ILE N 47 -92.61 -49.80 26.81
CA ILE N 47 -92.11 -50.22 28.11
C ILE N 47 -90.84 -51.09 28.00
N ASN N 48 -90.00 -51.05 29.04
CA ASN N 48 -88.86 -51.99 29.16
C ASN N 48 -88.66 -52.28 30.63
N GLU N 49 -87.98 -53.39 30.91
CA GLU N 49 -87.72 -53.86 32.28
C GLU N 49 -87.02 -52.82 33.16
N ASN N 50 -85.99 -52.19 32.62
CA ASN N 50 -85.20 -51.23 33.38
C ASN N 50 -85.97 -50.00 33.84
N GLU N 51 -86.68 -49.39 32.91
CA GLU N 51 -87.53 -48.24 33.19
C GLU N 51 -88.67 -48.62 34.12
N GLU N 52 -89.29 -49.78 33.90
CA GLU N 52 -90.43 -50.13 34.74
C GLU N 52 -89.97 -50.40 36.17
N ASN N 53 -88.81 -51.02 36.31
CA ASN N 53 -88.24 -51.21 37.64
C ASN N 53 -87.94 -49.89 38.36
N LYS N 54 -87.37 -48.91 37.65
CA LYS N 54 -87.18 -47.59 38.26
C LYS N 54 -88.49 -46.93 38.65
N ARG N 55 -89.49 -47.01 37.76
CA ARG N 55 -90.78 -46.33 37.94
C ARG N 55 -91.51 -46.87 39.18
N ILE N 56 -91.53 -48.18 39.34
CA ILE N 56 -92.18 -48.82 40.47
C ILE N 56 -91.41 -48.62 41.79
N SER N 57 -90.08 -48.64 41.74
CA SER N 57 -89.26 -48.26 42.87
C SER N 57 -89.58 -46.89 43.45
N ILE N 58 -89.74 -45.87 42.60
CA ILE N 58 -90.19 -44.54 43.02
C ILE N 58 -91.46 -44.64 43.82
N TRP N 59 -92.42 -45.41 43.30
CA TRP N 59 -93.71 -45.52 43.95
C TRP N 59 -93.55 -46.21 45.32
N LEU N 60 -92.72 -47.24 45.35
CA LEU N 60 -92.45 -47.97 46.59
C LEU N 60 -91.71 -47.12 47.62
N ASP N 61 -90.81 -46.25 47.16
CA ASP N 61 -90.11 -45.30 48.05
C ASP N 61 -91.09 -44.52 48.93
N THR N 62 -92.22 -44.14 48.36
CA THR N 62 -93.21 -43.44 49.16
C THR N 62 -94.29 -44.35 49.81
N TYR N 63 -94.72 -45.43 49.15
CA TYR N 63 -95.82 -46.22 49.73
C TYR N 63 -95.40 -47.41 50.56
N TYR N 64 -94.25 -48.01 50.23
CA TYR N 64 -93.71 -49.14 50.97
C TYR N 64 -92.23 -48.90 51.29
N PRO N 65 -91.93 -47.80 52.05
CA PRO N 65 -90.54 -47.34 52.24
C PRO N 65 -89.58 -48.32 52.91
N GLN N 66 -90.09 -49.22 53.75
CA GLN N 66 -89.21 -50.14 54.48
C GLN N 66 -89.12 -51.50 53.80
N LEU N 67 -89.63 -51.58 52.58
CA LEU N 67 -89.81 -52.86 51.89
C LEU N 67 -88.47 -53.45 51.50
N ALA N 68 -88.26 -54.71 51.85
CA ALA N 68 -87.04 -55.43 51.45
C ALA N 68 -87.32 -56.28 50.22
N TYR N 69 -86.84 -55.78 49.09
CA TYR N 69 -87.10 -56.44 47.83
C TYR N 69 -85.88 -56.33 46.91
N TYR N 70 -85.96 -57.08 45.82
CA TYR N 70 -84.90 -57.23 44.86
C TYR N 70 -85.24 -56.50 43.56
N ARG N 71 -86.18 -57.07 42.81
CA ARG N 71 -86.42 -56.68 41.42
C ARG N 71 -87.73 -57.31 40.88
N ILE N 72 -88.31 -56.68 39.85
CA ILE N 72 -89.42 -57.23 39.08
C ILE N 72 -88.89 -57.75 37.75
N HIS N 73 -89.31 -58.95 37.40
CA HIS N 73 -88.96 -59.61 36.15
C HIS N 73 -90.17 -59.72 35.24
N PHE N 74 -89.94 -59.56 33.93
CA PHE N 74 -90.99 -59.49 32.93
C PHE N 74 -90.78 -60.51 31.81
N ASP N 75 -90.16 -61.64 32.12
CA ASP N 75 -90.00 -62.71 31.16
C ASP N 75 -91.35 -63.03 30.49
N GLU N 76 -92.42 -62.87 31.26
CA GLU N 76 -93.80 -62.93 30.77
C GLU N 76 -94.45 -61.56 31.11
N PRO N 77 -94.39 -60.59 30.19
CA PRO N 77 -94.82 -59.23 30.56
C PRO N 77 -96.25 -59.07 31.09
N ARG N 78 -97.18 -59.93 30.65
CA ARG N 78 -98.54 -59.90 31.18
C ARG N 78 -98.64 -60.44 32.61
N LYS N 79 -97.58 -61.09 33.07
CA LYS N 79 -97.55 -61.65 34.41
C LYS N 79 -96.15 -61.39 34.99
N PRO N 80 -95.86 -60.15 35.38
CA PRO N 80 -94.56 -59.85 35.98
C PRO N 80 -94.37 -60.57 37.33
N VAL N 81 -93.13 -60.86 37.67
CA VAL N 81 -92.80 -61.51 38.93
C VAL N 81 -91.96 -60.53 39.77
N PHE N 82 -92.53 -60.16 40.92
CA PHE N 82 -91.88 -59.31 41.90
C PHE N 82 -91.15 -60.14 42.95
N TRP N 83 -89.83 -60.03 42.96
CA TRP N 83 -88.95 -60.76 43.86
C TRP N 83 -88.80 -60.00 45.18
N LEU N 84 -89.26 -60.62 46.26
CA LEU N 84 -89.17 -60.05 47.59
C LEU N 84 -88.19 -60.86 48.42
N SER N 85 -87.58 -60.24 49.42
CA SER N 85 -86.76 -60.98 50.38
C SER N 85 -87.54 -61.92 51.27
N ARG N 86 -87.09 -63.16 51.31
CA ARG N 86 -87.71 -64.21 52.12
C ARG N 86 -87.39 -63.99 53.60
N GLN N 87 -86.12 -63.71 53.90
CA GLN N 87 -85.68 -63.44 55.28
C GLN N 87 -86.27 -62.16 55.86
N ARG N 88 -86.34 -61.09 55.05
CA ARG N 88 -86.66 -59.75 55.58
C ARG N 88 -88.12 -59.34 55.39
N ASN N 89 -88.93 -60.26 54.91
CA ASN N 89 -90.34 -59.97 54.77
C ASN N 89 -91.01 -59.92 56.12
N THR N 90 -91.93 -58.97 56.27
CA THR N 90 -92.66 -58.73 57.53
C THR N 90 -94.17 -58.83 57.26
N MET N 91 -94.54 -58.91 55.99
CA MET N 91 -95.95 -58.89 55.61
C MET N 91 -96.58 -60.25 55.52
N SER N 92 -97.86 -60.31 55.89
CA SER N 92 -98.66 -61.52 55.81
C SER N 92 -99.12 -61.73 54.39
N LYS N 93 -99.72 -62.88 54.12
CA LYS N 93 -100.26 -63.21 52.81
C LYS N 93 -101.24 -62.14 52.35
N LYS N 94 -102.13 -61.72 53.26
CA LYS N 94 -103.13 -60.70 52.99
C LYS N 94 -102.49 -59.36 52.59
N GLU N 95 -101.49 -58.93 53.35
CA GLU N 95 -100.74 -57.71 53.04
C GLU N 95 -99.97 -57.78 51.73
N LEU N 96 -99.48 -58.99 51.40
CA LEU N 96 -98.82 -59.22 50.15
C LEU N 96 -99.81 -59.28 48.97
N GLU N 97 -101.05 -59.71 49.19
CA GLU N 97 -102.11 -59.62 48.16
C GLU N 97 -102.52 -58.18 47.88
N VAL N 98 -102.60 -57.37 48.94
CA VAL N 98 -102.79 -55.92 48.83
C VAL N 98 -101.68 -55.27 47.97
N LEU N 99 -100.42 -55.53 48.30
CA LEU N 99 -99.28 -55.03 47.52
C LEU N 99 -99.38 -55.45 46.05
N SER N 100 -99.58 -56.74 45.82
CA SER N 100 -99.75 -57.28 44.48
C SER N 100 -100.88 -56.57 43.68
N GLN N 101 -101.98 -56.25 44.36
CA GLN N 101 -103.12 -55.53 43.76
C GLN N 101 -102.75 -54.13 43.35
N LYS N 102 -101.98 -53.46 44.20
CA LYS N 102 -101.58 -52.08 43.94
C LYS N 102 -100.51 -52.05 42.84
N LEU N 103 -99.68 -53.08 42.79
CA LEU N 103 -98.71 -53.22 41.69
C LEU N 103 -99.39 -53.45 40.34
N ARG N 104 -100.42 -54.29 40.32
CA ARG N 104 -101.22 -54.51 39.13
C ARG N 104 -101.81 -53.21 38.55
N ALA N 105 -102.39 -52.38 39.43
CA ALA N 105 -103.02 -51.12 39.06
C ALA N 105 -102.04 -50.15 38.42
N LEU N 106 -100.78 -50.24 38.85
CA LEU N 106 -99.67 -49.45 38.32
C LEU N 106 -99.13 -49.93 36.97
N MET N 107 -99.49 -51.17 36.60
CA MET N 107 -99.06 -51.77 35.34
C MET N 107 -100.27 -52.25 34.57
N PRO N 108 -100.92 -51.36 33.80
CA PRO N 108 -102.20 -51.67 33.15
C PRO N 108 -102.12 -52.84 32.15
N TYR N 109 -100.90 -53.18 31.72
CA TYR N 109 -100.64 -54.28 30.76
C TYR N 109 -100.47 -55.65 31.47
N ALA N 110 -100.45 -55.64 32.80
CA ALA N 110 -100.25 -56.88 33.58
C ALA N 110 -101.57 -57.52 34.03
N ASP N 111 -101.76 -58.80 33.71
CA ASP N 111 -102.94 -59.55 34.17
C ASP N 111 -102.91 -59.66 35.69
N SER N 112 -101.73 -59.94 36.23
CA SER N 112 -101.50 -60.05 37.67
C SER N 112 -100.03 -59.87 37.92
N VAL N 113 -99.69 -59.57 39.17
CA VAL N 113 -98.32 -59.45 39.56
C VAL N 113 -98.07 -60.51 40.63
N ASN N 114 -97.20 -61.47 40.35
CA ASN N 114 -96.89 -62.50 41.34
C ASN N 114 -95.77 -62.04 42.26
N ILE N 115 -95.99 -62.20 43.56
CA ILE N 115 -94.97 -61.89 44.54
C ILE N 115 -94.31 -63.18 44.94
N THR N 116 -92.99 -63.20 44.79
CA THR N 116 -92.19 -64.41 45.02
C THR N 116 -91.05 -64.07 45.95
N LEU N 117 -90.89 -64.90 46.96
CA LEU N 117 -89.86 -64.72 47.98
C LEU N 117 -88.54 -65.30 47.52
N MET N 118 -87.48 -64.52 47.67
CA MET N 118 -86.15 -64.91 47.27
C MET N 118 -85.21 -64.89 48.46
N ASP N 119 -84.36 -65.91 48.51
CA ASP N 119 -83.48 -66.13 49.63
C ASP N 119 -82.24 -65.19 49.59
N ASP N 120 -82.06 -64.39 50.63
CA ASP N 120 -80.90 -63.47 50.78
C ASP N 120 -79.52 -64.14 50.73
N VAL N 121 -79.43 -65.32 51.33
CA VAL N 121 -78.20 -66.07 51.39
C VAL N 121 -77.85 -66.62 50.00
N THR N 122 -78.87 -67.07 49.29
CA THR N 122 -78.76 -67.40 47.87
C THR N 122 -78.35 -66.19 47.05
N ALA N 123 -78.92 -65.01 47.33
CA ALA N 123 -78.63 -63.79 46.56
C ALA N 123 -77.13 -63.45 46.63
N ALA N 124 -76.58 -63.56 47.84
CA ALA N 124 -75.18 -63.24 48.10
C ALA N 124 -74.27 -64.34 47.59
N GLY N 125 -74.72 -65.59 47.69
CA GLY N 125 -73.94 -66.73 47.21
C GLY N 125 -73.75 -66.75 45.71
N GLN N 126 -74.78 -66.33 44.97
CA GLN N 126 -74.65 -66.23 43.51
C GLN N 126 -73.69 -65.12 43.11
N ALA N 127 -73.64 -64.04 43.89
CA ALA N 127 -72.64 -63.00 43.69
C ALA N 127 -71.24 -63.58 43.91
N GLU N 128 -71.05 -64.31 45.02
CA GLU N 128 -69.74 -64.93 45.35
C GLU N 128 -69.26 -65.90 44.29
N ALA N 129 -70.16 -66.78 43.85
CA ALA N 129 -69.85 -67.83 42.89
C ALA N 129 -69.31 -67.23 41.60
N GLY N 130 -70.04 -66.25 41.06
CA GLY N 130 -69.61 -65.52 39.84
C GLY N 130 -68.24 -64.86 39.96
N LEU N 131 -67.90 -64.37 41.14
CA LEU N 131 -66.54 -63.86 41.38
C LEU N 131 -65.46 -64.97 41.51
N LYS N 132 -65.83 -66.09 42.14
CA LYS N 132 -64.94 -67.25 42.25
C LYS N 132 -64.68 -67.86 40.88
N GLN N 133 -65.71 -67.89 40.04
CA GLN N 133 -65.63 -68.42 38.68
C GLN N 133 -64.56 -67.74 37.83
N GLN N 134 -64.30 -66.47 38.12
CA GLN N 134 -63.35 -65.70 37.35
C GLN N 134 -62.05 -65.47 38.12
N ALA N 135 -61.84 -66.26 39.17
CA ALA N 135 -60.60 -66.19 39.97
C ALA N 135 -60.25 -64.71 40.22
N LEU N 136 -61.27 -63.95 40.61
CA LEU N 136 -61.16 -62.55 40.99
C LEU N 136 -60.89 -62.44 42.49
N PRO N 137 -59.84 -61.70 42.87
CA PRO N 137 -59.73 -61.50 44.30
C PRO N 137 -60.83 -60.51 44.70
N TYR N 138 -61.40 -60.67 45.90
CA TYR N 138 -62.51 -59.85 46.38
C TYR N 138 -62.53 -60.00 47.90
N SER N 139 -63.05 -59.00 48.60
CA SER N 139 -63.50 -59.17 49.99
C SER N 139 -65.01 -59.00 50.02
N ARG N 140 -65.66 -60.00 50.59
CA ARG N 140 -67.04 -59.94 50.97
C ARG N 140 -67.16 -59.24 52.31
N ARG N 141 -67.83 -58.10 52.32
CA ARG N 141 -68.02 -57.37 53.57
C ARG N 141 -69.51 -57.38 53.88
N ASN N 142 -69.89 -58.07 54.95
CA ASN N 142 -71.29 -58.10 55.42
C ASN N 142 -71.63 -56.88 56.28
N HIS N 143 -72.59 -56.09 55.83
CA HIS N 143 -73.06 -54.93 56.58
C HIS N 143 -74.46 -55.21 57.04
N LYS N 144 -75.02 -54.25 57.76
CA LYS N 144 -76.40 -54.35 58.19
C LYS N 144 -77.34 -54.02 57.03
N GLY N 145 -78.07 -55.05 56.58
CA GLY N 145 -79.00 -54.93 55.45
C GLY N 145 -78.39 -54.97 54.06
N GLY N 146 -77.12 -55.38 53.98
CA GLY N 146 -76.50 -55.62 52.69
C GLY N 146 -75.13 -56.28 52.74
N VAL N 147 -74.60 -56.53 51.56
CA VAL N 147 -73.27 -57.11 51.40
C VAL N 147 -72.60 -56.29 50.34
N THR N 148 -71.35 -55.89 50.58
CA THR N 148 -70.51 -55.34 49.53
C THR N 148 -69.39 -56.34 49.15
N PHE N 149 -69.28 -56.64 47.86
CA PHE N 149 -68.12 -57.37 47.33
C PHE N 149 -67.14 -56.38 46.72
N VAL N 150 -65.98 -56.23 47.35
CA VAL N 150 -64.96 -55.32 46.84
C VAL N 150 -63.96 -56.11 45.99
N ILE N 151 -63.93 -55.85 44.68
CA ILE N 151 -62.99 -56.51 43.79
C ILE N 151 -61.62 -55.86 43.92
N GLN N 152 -60.62 -56.68 44.20
CA GLN N 152 -59.26 -56.22 44.51
C GLN N 152 -58.26 -56.42 43.36
N GLY N 153 -57.10 -55.79 43.51
CA GLY N 153 -55.97 -55.97 42.60
C GLY N 153 -56.18 -55.36 41.24
N ALA N 154 -55.10 -55.31 40.46
CA ALA N 154 -55.18 -54.83 39.09
C ALA N 154 -55.72 -55.95 38.20
N LEU N 155 -56.37 -55.55 37.11
CA LEU N 155 -56.87 -56.50 36.12
C LEU N 155 -56.62 -55.97 34.72
N ASP N 156 -56.36 -56.86 33.76
CA ASP N 156 -56.18 -56.43 32.38
C ASP N 156 -57.53 -56.03 31.74
N ASP N 157 -57.47 -55.43 30.55
CA ASP N 157 -58.66 -54.86 29.90
C ASP N 157 -59.74 -55.92 29.68
N VAL N 158 -59.33 -57.13 29.33
CA VAL N 158 -60.24 -58.27 29.14
C VAL N 158 -60.93 -58.64 30.45
N GLU N 159 -60.15 -58.71 31.52
CA GLU N 159 -60.65 -59.10 32.84
C GLU N 159 -61.54 -58.02 33.44
N ILE N 160 -61.22 -56.75 33.15
CA ILE N 160 -62.05 -55.63 33.58
C ILE N 160 -63.42 -55.75 32.91
N LEU N 161 -63.41 -56.06 31.62
CA LEU N 161 -64.61 -56.23 30.82
C LEU N 161 -65.46 -57.42 31.30
N ARG N 162 -64.82 -58.55 31.58
CA ARG N 162 -65.53 -59.77 31.98
C ARG N 162 -66.16 -59.63 33.36
N ALA N 163 -65.51 -58.86 34.23
CA ALA N 163 -66.04 -58.53 35.56
C ALA N 163 -67.20 -57.52 35.49
N ARG N 164 -67.14 -56.59 34.56
CA ARG N 164 -68.22 -55.62 34.36
C ARG N 164 -69.46 -56.30 33.81
N GLN N 165 -69.26 -57.23 32.89
CA GLN N 165 -70.39 -58.00 32.36
C GLN N 165 -71.03 -58.92 33.41
N PHE N 166 -70.23 -59.48 34.32
CA PHE N 166 -70.81 -60.27 35.40
C PHE N 166 -71.66 -59.39 36.31
N VAL N 167 -71.08 -58.25 36.72
CA VAL N 167 -71.75 -57.32 37.61
C VAL N 167 -73.06 -56.81 37.01
N ASP N 168 -73.02 -56.43 35.72
CA ASP N 168 -74.18 -55.94 34.98
C ASP N 168 -75.29 -56.99 34.95
N SER N 169 -74.88 -58.23 34.72
CA SER N 169 -75.79 -59.36 34.66
C SER N 169 -76.46 -59.63 36.02
N TYR N 170 -75.64 -59.55 37.06
CA TYR N 170 -76.11 -59.79 38.42
C TYR N 170 -77.20 -58.79 38.78
N TYR N 171 -76.92 -57.51 38.54
CA TYR N 171 -77.86 -56.44 38.81
C TYR N 171 -79.16 -56.58 38.01
N ARG N 172 -79.06 -57.06 36.77
CA ARG N 172 -80.26 -57.28 35.97
C ARG N 172 -81.16 -58.34 36.58
N THR N 173 -80.55 -59.37 37.17
CA THR N 173 -81.29 -60.43 37.84
C THR N 173 -81.82 -59.99 39.22
N TRP N 174 -80.91 -59.50 40.06
CA TRP N 174 -81.21 -59.23 41.47
C TRP N 174 -81.49 -57.78 41.88
N GLY N 175 -81.28 -56.83 40.96
CA GLY N 175 -81.26 -55.41 41.34
C GLY N 175 -80.03 -55.04 42.17
N GLY N 176 -79.98 -53.80 42.65
CA GLY N 176 -78.80 -53.34 43.42
C GLY N 176 -79.13 -52.91 44.84
N ARG N 177 -80.21 -53.46 45.39
CA ARG N 177 -80.72 -53.06 46.70
C ARG N 177 -80.14 -53.81 47.88
N TYR N 178 -79.48 -54.94 47.63
CA TYR N 178 -79.01 -55.79 48.72
C TYR N 178 -77.50 -56.06 48.57
N VAL N 179 -77.13 -56.84 47.57
CA VAL N 179 -75.72 -57.02 47.24
C VAL N 179 -75.25 -55.93 46.29
N GLN N 180 -74.10 -55.34 46.60
CA GLN N 180 -73.44 -54.36 45.75
C GLN N 180 -72.02 -54.74 45.50
N PHE N 181 -71.47 -54.26 44.38
CA PHE N 181 -70.08 -54.53 44.05
C PHE N 181 -69.33 -53.20 44.03
N ALA N 182 -68.03 -53.25 44.31
CA ALA N 182 -67.22 -52.09 44.31
C ALA N 182 -65.83 -52.48 43.89
N ILE N 183 -65.04 -51.52 43.47
CA ILE N 183 -63.68 -51.78 43.10
C ILE N 183 -62.74 -51.12 44.11
N GLU N 184 -61.82 -51.91 44.63
CA GLU N 184 -60.86 -51.46 45.59
C GLU N 184 -60.07 -50.24 45.12
N LEU N 185 -59.84 -49.32 46.03
CA LEU N 185 -59.06 -48.13 45.74
C LEU N 185 -57.90 -48.10 46.72
N LYS N 186 -56.68 -48.12 46.19
CA LYS N 186 -55.43 -48.22 46.97
C LYS N 186 -54.47 -47.05 46.70
N LEU O 1 86.95 17.77 -69.49
CA LEU O 1 86.23 17.37 -68.24
C LEU O 1 85.43 18.53 -67.62
N GLY O 2 85.80 19.76 -67.97
CA GLY O 2 85.08 20.94 -67.48
C GLY O 2 85.14 21.13 -65.98
N GLN O 3 83.98 21.35 -65.36
CA GLN O 3 83.85 21.51 -63.91
C GLN O 3 84.15 20.19 -63.15
N GLU O 4 84.55 19.16 -63.88
CA GLU O 4 84.79 17.83 -63.35
C GLU O 4 86.30 17.54 -63.42
N LYS O 5 87.06 18.53 -63.87
CA LYS O 5 88.51 18.40 -64.09
C LYS O 5 89.28 18.11 -62.79
N GLU O 6 88.67 18.45 -61.65
CA GLU O 6 89.33 18.33 -60.37
C GLU O 6 89.02 17.00 -59.67
N ARG O 7 87.99 16.32 -60.14
CA ARG O 7 87.52 15.09 -59.50
C ARG O 7 88.06 13.85 -60.25
N PHE O 8 88.35 14.03 -61.53
CA PHE O 8 88.69 12.94 -62.43
C PHE O 8 89.96 13.22 -63.25
N GLN O 9 90.58 12.14 -63.70
CA GLN O 9 91.70 12.19 -64.59
C GLN O 9 91.47 11.19 -65.69
N VAL O 10 91.67 11.60 -66.93
CA VAL O 10 91.58 10.67 -68.04
C VAL O 10 92.98 10.25 -68.46
N LEU O 11 93.24 8.95 -68.43
CA LEU O 11 94.58 8.41 -68.75
C LEU O 11 94.48 7.44 -69.91
N PRO O 12 95.44 7.48 -70.84
CA PRO O 12 95.46 6.48 -71.91
C PRO O 12 95.98 5.13 -71.46
N GLY O 13 95.47 4.06 -72.04
CA GLY O 13 95.96 2.72 -71.75
C GLY O 13 96.79 2.14 -72.86
N ARG O 14 97.77 1.30 -72.48
CA ARG O 14 98.52 0.45 -73.40
C ARG O 14 97.61 -0.51 -74.19
N ASP O 15 96.43 -0.78 -73.66
CA ASP O 15 95.44 -1.67 -74.28
C ASP O 15 94.50 -0.91 -75.22
N LYS O 16 94.83 0.36 -75.46
CA LYS O 16 94.06 1.29 -76.28
C LYS O 16 92.76 1.76 -75.63
N MET O 17 92.50 1.31 -74.41
CA MET O 17 91.34 1.76 -73.65
C MET O 17 91.68 3.05 -72.91
N LEU O 18 90.64 3.79 -72.52
CA LEU O 18 90.82 5.01 -71.74
C LEU O 18 90.38 4.73 -70.33
N TYR O 19 91.12 5.29 -69.38
CA TYR O 19 90.90 5.08 -67.96
C TYR O 19 90.48 6.39 -67.31
N VAL O 20 89.34 6.38 -66.61
CA VAL O 20 88.96 7.56 -65.82
C VAL O 20 89.23 7.27 -64.34
N ALA O 21 90.18 8.03 -63.75
CA ALA O 21 90.60 7.85 -62.37
C ALA O 21 89.72 8.69 -61.51
N ALA O 22 89.05 8.05 -60.55
CA ALA O 22 88.14 8.71 -59.64
C ALA O 22 88.69 8.61 -58.21
N GLN O 23 88.16 9.45 -57.33
CA GLN O 23 88.71 9.69 -56.00
C GLN O 23 87.95 8.92 -54.94
N ASN O 24 86.74 8.46 -55.28
CA ASN O 24 85.89 7.75 -54.30
C ASN O 24 84.85 6.88 -55.01
N GLU O 25 84.01 6.21 -54.23
CA GLU O 25 83.11 5.22 -54.82
C GLU O 25 81.93 5.92 -55.47
N ARG O 26 81.44 6.98 -54.86
CA ARG O 26 80.33 7.76 -55.36
C ARG O 26 80.61 8.42 -56.75
N ASP O 27 81.80 9.02 -56.90
CA ASP O 27 82.29 9.47 -58.21
C ASP O 27 82.51 8.33 -59.21
N THR O 28 82.95 7.17 -58.73
CA THR O 28 83.15 6.00 -59.59
C THR O 28 81.84 5.47 -60.18
N LEU O 29 80.83 5.35 -59.33
CA LEU O 29 79.50 4.93 -59.75
C LEU O 29 78.90 5.91 -60.74
N TRP O 30 78.91 7.20 -60.39
CA TRP O 30 78.41 8.24 -61.27
C TRP O 30 79.13 8.24 -62.62
N ALA O 31 80.45 8.12 -62.60
CA ALA O 31 81.24 8.10 -63.83
C ALA O 31 80.90 6.87 -64.70
N ARG O 32 80.68 5.72 -64.06
CA ARG O 32 80.32 4.50 -64.79
C ARG O 32 78.95 4.63 -65.46
N GLN O 33 78.04 5.36 -64.79
CA GLN O 33 76.68 5.57 -65.27
C GLN O 33 76.70 6.42 -66.54
N VAL O 34 77.48 7.51 -66.50
CA VAL O 34 77.69 8.37 -67.66
C VAL O 34 78.22 7.59 -68.85
N LEU O 35 79.25 6.77 -68.60
CA LEU O 35 79.78 5.85 -69.60
C LEU O 35 78.72 4.87 -70.13
N ALA O 36 78.03 4.17 -69.23
CA ALA O 36 76.93 3.25 -69.59
C ALA O 36 75.75 3.94 -70.30
N ARG O 37 75.79 5.27 -70.38
CA ARG O 37 74.75 6.05 -71.06
C ARG O 37 75.16 6.38 -72.50
N GLY O 38 76.39 6.85 -72.68
CA GLY O 38 76.96 7.16 -73.99
C GLY O 38 77.59 5.98 -74.72
N ASP O 39 77.46 4.79 -74.12
CA ASP O 39 78.01 3.54 -74.66
C ASP O 39 79.53 3.54 -74.84
N TYR O 40 80.24 3.95 -73.79
CA TYR O 40 81.70 3.88 -73.79
C TYR O 40 82.25 2.73 -72.94
N ASP O 41 81.33 1.92 -72.39
CA ASP O 41 81.63 0.73 -71.55
C ASP O 41 82.64 -0.26 -72.10
N LYS O 42 82.72 -0.32 -73.43
CA LYS O 42 83.53 -1.31 -74.12
C LYS O 42 84.88 -0.70 -74.44
N ASN O 43 84.99 0.61 -74.25
CA ASN O 43 86.15 1.40 -74.65
C ASN O 43 86.83 2.19 -73.51
N ALA O 44 86.12 2.39 -72.41
CA ALA O 44 86.66 3.10 -71.24
C ALA O 44 86.31 2.42 -69.92
N ARG O 45 87.19 2.56 -68.95
CA ARG O 45 87.02 2.00 -67.63
C ARG O 45 87.21 3.09 -66.58
N VAL O 46 86.48 2.97 -65.46
CA VAL O 46 86.66 3.87 -64.32
C VAL O 46 87.42 3.09 -63.28
N ILE O 47 88.46 3.73 -62.76
CA ILE O 47 89.33 3.16 -61.72
C ILE O 47 89.33 4.00 -60.43
N ASN O 48 89.58 3.35 -59.30
CA ASN O 48 89.83 4.05 -58.03
C ASN O 48 90.82 3.25 -57.23
N GLU O 49 91.47 3.90 -56.27
CA GLU O 49 92.51 3.28 -55.43
C GLU O 49 92.02 2.03 -54.70
N ASN O 50 90.84 2.10 -54.09
CA ASN O 50 90.32 1.00 -53.30
C ASN O 50 90.08 -0.29 -54.10
N GLU O 51 89.37 -0.13 -55.23
CA GLU O 51 89.11 -1.24 -56.13
C GLU O 51 90.39 -1.78 -56.74
N GLU O 52 91.32 -0.89 -57.12
CA GLU O 52 92.53 -1.38 -57.75
C GLU O 52 93.38 -2.16 -56.76
N ASN O 53 93.41 -1.69 -55.52
CA ASN O 53 94.10 -2.42 -54.46
C ASN O 53 93.50 -3.81 -54.21
N LYS O 54 92.18 -3.92 -54.18
CA LYS O 54 91.54 -5.24 -54.06
C LYS O 54 91.86 -6.14 -55.25
N ARG O 55 91.81 -5.58 -56.46
CA ARG O 55 91.97 -6.34 -57.71
C ARG O 55 93.38 -6.94 -57.78
N ILE O 56 94.38 -6.15 -57.45
CA ILE O 56 95.77 -6.59 -57.48
C ILE O 56 96.10 -7.57 -56.34
N SER O 57 95.53 -7.35 -55.15
CA SER O 57 95.62 -8.31 -54.07
C SER O 57 95.15 -9.71 -54.45
N ILE O 58 94.00 -9.84 -55.13
CA ILE O 58 93.53 -11.12 -55.66
C ILE O 58 94.61 -11.77 -56.51
N TRP O 59 95.21 -10.99 -57.38
CA TRP O 59 96.20 -11.55 -58.29
C TRP O 59 97.43 -12.02 -57.48
N LEU O 60 97.83 -11.22 -56.49
CA LEU O 60 98.96 -11.56 -55.62
C LEU O 60 98.68 -12.80 -54.77
N ASP O 61 97.43 -12.95 -54.31
CA ASP O 61 97.03 -14.15 -53.55
C ASP O 61 97.43 -15.43 -54.28
N THR O 62 97.28 -15.43 -55.59
CA THR O 62 97.69 -16.61 -56.33
C THR O 62 99.14 -16.58 -56.87
N TYR O 63 99.67 -15.42 -57.27
CA TYR O 63 101.02 -15.43 -57.88
C TYR O 63 102.17 -15.13 -56.93
N TYR O 64 101.90 -14.34 -55.90
CA TYR O 64 102.89 -14.01 -54.87
C TYR O 64 102.31 -14.23 -53.47
N PRO O 65 101.89 -15.49 -53.16
CA PRO O 65 101.11 -15.75 -51.93
C PRO O 65 101.80 -15.43 -50.62
N GLN O 66 103.12 -15.48 -50.57
CA GLN O 66 103.83 -15.25 -49.29
C GLN O 66 104.32 -13.81 -49.17
N LEU O 67 103.86 -12.94 -50.08
CA LEU O 67 104.40 -11.59 -50.21
C LEU O 67 104.02 -10.74 -49.03
N ALA O 68 105.01 -10.09 -48.43
CA ALA O 68 104.76 -9.15 -47.32
C ALA O 68 104.72 -7.73 -47.85
N TYR O 69 103.52 -7.20 -47.95
CA TYR O 69 103.32 -5.89 -48.51
C TYR O 69 102.18 -5.17 -47.78
N TYR O 70 102.08 -3.88 -48.09
CA TYR O 70 101.18 -2.96 -47.46
C TYR O 70 100.05 -2.59 -48.41
N ARG O 71 100.38 -1.77 -49.42
CA ARG O 71 99.37 -1.08 -50.23
C ARG O 71 100.02 -0.43 -51.47
N ILE O 72 99.21 -0.21 -52.52
CA ILE O 72 99.59 0.57 -53.70
C ILE O 72 98.93 1.94 -53.60
N HIS O 73 99.72 2.97 -53.85
CA HIS O 73 99.28 4.35 -53.85
C HIS O 73 99.32 4.93 -55.26
N PHE O 74 98.33 5.78 -55.58
CA PHE O 74 98.12 6.30 -56.92
C PHE O 74 98.06 7.82 -56.92
N ASP O 75 98.77 8.47 -56.00
CA ASP O 75 98.87 9.92 -56.00
C ASP O 75 99.25 10.45 -57.38
N GLU O 76 100.03 9.65 -58.10
CA GLU O 76 100.35 9.86 -59.51
C GLU O 76 99.89 8.58 -60.27
N PRO O 77 98.64 8.57 -60.77
CA PRO O 77 98.10 7.32 -61.30
C PRO O 77 98.89 6.65 -62.44
N ARG O 78 99.60 7.43 -63.26
CA ARG O 78 100.46 6.85 -64.29
C ARG O 78 101.73 6.22 -63.73
N LYS O 79 102.02 6.47 -62.46
CA LYS O 79 103.19 5.90 -61.81
C LYS O 79 102.78 5.49 -60.39
N PRO O 80 102.04 4.39 -60.26
CA PRO O 80 101.66 3.93 -58.92
C PRO O 80 102.88 3.49 -58.10
N VAL O 81 102.77 3.62 -56.78
CA VAL O 81 103.84 3.22 -55.87
C VAL O 81 103.33 2.04 -55.02
N PHE O 82 103.99 0.90 -55.17
CA PHE O 82 103.72 -0.30 -54.40
C PHE O 82 104.62 -0.37 -53.18
N TRP O 83 104.00 -0.29 -52.01
CA TRP O 83 104.68 -0.32 -50.72
C TRP O 83 104.88 -1.76 -50.26
N LEU O 84 106.14 -2.16 -50.14
CA LEU O 84 106.51 -3.48 -49.68
C LEU O 84 107.15 -3.39 -48.32
N SER O 85 107.08 -4.45 -47.52
CA SER O 85 107.82 -4.52 -46.27
C SER O 85 109.33 -4.60 -46.43
N ARG O 86 110.02 -3.71 -45.74
CA ARG O 86 111.47 -3.63 -45.77
C ARG O 86 112.07 -4.80 -44.98
N GLN O 87 111.54 -5.03 -43.78
CA GLN O 87 112.01 -6.15 -42.94
C GLN O 87 111.71 -7.52 -43.52
N ARG O 88 110.53 -7.70 -44.12
CA ARG O 88 110.05 -9.04 -44.50
C ARG O 88 110.24 -9.38 -45.99
N ASN O 89 110.92 -8.51 -46.70
CA ASN O 89 111.23 -8.77 -48.08
C ASN O 89 112.28 -9.86 -48.19
N THR O 90 112.10 -10.75 -49.17
CA THR O 90 112.97 -11.90 -49.41
C THR O 90 113.51 -11.83 -50.85
N MET O 91 112.96 -10.91 -51.64
CA MET O 91 113.29 -10.85 -53.06
C MET O 91 114.45 -9.91 -53.37
N SER O 92 115.24 -10.30 -54.38
CA SER O 92 116.35 -9.51 -54.87
C SER O 92 115.83 -8.41 -55.76
N LYS O 93 116.71 -7.49 -56.16
CA LYS O 93 116.37 -6.40 -57.05
C LYS O 93 115.77 -6.95 -58.34
N LYS O 94 116.39 -7.99 -58.90
CA LYS O 94 115.94 -8.65 -60.13
C LYS O 94 114.52 -9.21 -59.99
N GLU O 95 114.26 -9.93 -58.90
CA GLU O 95 112.92 -10.45 -58.59
C GLU O 95 111.87 -9.36 -58.37
N LEU O 96 112.31 -8.24 -57.80
CA LEU O 96 111.45 -7.11 -57.61
C LEU O 96 111.18 -6.34 -58.92
N GLU O 97 112.13 -6.37 -59.88
CA GLU O 97 111.90 -5.84 -61.24
C GLU O 97 110.90 -6.69 -62.03
N VAL O 98 111.01 -8.00 -61.87
CA VAL O 98 110.02 -8.95 -62.40
C VAL O 98 108.60 -8.66 -61.86
N LEU O 99 108.46 -8.56 -60.55
CA LEU O 99 107.17 -8.20 -59.92
C LEU O 99 106.63 -6.87 -60.46
N SER O 100 107.46 -5.84 -60.45
CA SER O 100 107.11 -4.54 -61.00
C SER O 100 106.61 -4.60 -62.45
N GLN O 101 107.25 -5.46 -63.27
CA GLN O 101 106.87 -5.67 -64.68
C GLN O 101 105.50 -6.30 -64.80
N LYS O 102 105.23 -7.27 -63.93
CA LYS O 102 103.96 -7.99 -63.97
C LYS O 102 102.84 -7.11 -63.42
N LEU O 103 103.17 -6.24 -62.46
CA LEU O 103 102.21 -5.24 -61.97
C LEU O 103 101.85 -4.22 -63.04
N ARG O 104 102.84 -3.74 -63.79
CA ARG O 104 102.60 -2.85 -64.91
C ARG O 104 101.62 -3.42 -65.95
N ALA O 105 101.80 -4.69 -66.31
CA ALA O 105 100.98 -5.37 -67.30
C ALA O 105 99.52 -5.47 -66.85
N LEU O 106 99.32 -5.55 -65.54
CA LEU O 106 98.01 -5.58 -64.90
C LEU O 106 97.30 -4.23 -64.83
N MET O 107 98.08 -3.15 -65.03
CA MET O 107 97.56 -1.78 -64.96
C MET O 107 97.95 -1.06 -66.24
N PRO O 108 97.13 -1.22 -67.32
CA PRO O 108 97.49 -0.70 -68.64
C PRO O 108 97.66 0.83 -68.68
N TYR O 109 97.14 1.53 -67.67
CA TYR O 109 97.21 2.99 -67.55
C TYR O 109 98.51 3.46 -66.84
N ALA O 110 99.29 2.53 -66.32
CA ALA O 110 100.52 2.85 -65.58
C ALA O 110 101.77 2.81 -66.47
N ASP O 111 102.54 3.90 -66.49
CA ASP O 111 103.82 3.94 -67.22
C ASP O 111 104.78 2.94 -66.60
N SER O 112 104.81 2.91 -65.28
CA SER O 112 105.66 1.99 -64.51
C SER O 112 105.08 1.87 -63.12
N VAL O 113 105.49 0.83 -62.43
CA VAL O 113 105.07 0.62 -61.06
C VAL O 113 106.34 0.64 -60.21
N ASN O 114 106.47 1.62 -59.33
CA ASN O 114 107.64 1.68 -58.45
C ASN O 114 107.42 0.84 -57.19
N ILE O 115 108.39 -0.01 -56.87
CA ILE O 115 108.35 -0.79 -55.66
C ILE O 115 109.20 -0.09 -54.63
N THR O 116 108.57 0.20 -53.49
CA THR O 116 109.22 0.98 -52.42
C THR O 116 109.07 0.22 -51.13
N LEU O 117 110.18 0.10 -50.41
CA LEU O 117 110.25 -0.61 -49.15
C LEU O 117 109.82 0.28 -48.01
N MET O 118 108.94 -0.23 -47.16
CA MET O 118 108.43 0.49 -46.03
C MET O 118 108.73 -0.24 -44.73
N ASP O 119 109.11 0.54 -43.73
CA ASP O 119 109.57 0.00 -42.47
C ASP O 119 108.38 -0.45 -41.58
N ASP O 120 108.38 -1.73 -41.19
CA ASP O 120 107.36 -2.33 -40.29
C ASP O 120 107.23 -1.64 -38.91
N VAL O 121 108.36 -1.25 -38.36
CA VAL O 121 108.41 -0.60 -37.06
C VAL O 121 107.81 0.80 -37.15
N THR O 122 108.11 1.49 -38.25
CA THR O 122 107.45 2.73 -38.60
C THR O 122 105.95 2.52 -38.79
N ALA O 123 105.55 1.45 -39.46
CA ALA O 123 104.12 1.18 -39.74
C ALA O 123 103.32 1.08 -38.44
N ALA O 124 103.89 0.36 -37.47
CA ALA O 124 103.25 0.14 -36.19
C ALA O 124 103.33 1.39 -35.31
N GLY O 125 104.43 2.12 -35.41
CA GLY O 125 104.61 3.35 -34.65
C GLY O 125 103.64 4.45 -35.03
N GLN O 126 103.33 4.55 -36.32
CA GLN O 126 102.35 5.54 -36.78
C GLN O 126 100.94 5.18 -36.29
N ALA O 127 100.64 3.89 -36.19
CA ALA O 127 99.40 3.43 -35.59
C ALA O 127 99.35 3.85 -34.11
N GLU O 128 100.43 3.60 -33.36
CA GLU O 128 100.53 3.97 -31.93
C GLU O 128 100.37 5.45 -31.68
N ALA O 129 101.08 6.26 -32.46
CA ALA O 129 101.10 7.71 -32.32
C ALA O 129 99.69 8.26 -32.46
N GLY O 130 98.99 7.88 -33.52
CA GLY O 130 97.59 8.29 -33.75
C GLY O 130 96.64 7.92 -32.61
N LEU O 131 96.87 6.79 -31.96
CA LEU O 131 96.10 6.44 -30.75
C LEU O 131 96.50 7.26 -29.50
N LYS O 132 97.79 7.54 -29.36
CA LYS O 132 98.28 8.38 -28.25
C LYS O 132 97.78 9.81 -28.40
N GLN O 133 97.74 10.29 -29.64
CA GLN O 133 97.23 11.64 -29.96
C GLN O 133 95.83 11.90 -29.46
N GLN O 134 95.03 10.85 -29.38
CA GLN O 134 93.63 10.98 -28.98
C GLN O 134 93.40 10.45 -27.57
N ALA O 135 94.49 10.28 -26.82
CA ALA O 135 94.41 9.81 -25.42
C ALA O 135 93.40 8.65 -25.33
N LEU O 136 93.53 7.73 -26.26
CA LEU O 136 92.75 6.49 -26.33
C LEU O 136 93.46 5.39 -25.55
N PRO O 137 92.74 4.74 -24.63
CA PRO O 137 93.42 3.60 -24.03
C PRO O 137 93.43 2.49 -25.09
N TYR O 138 94.48 1.67 -25.12
CA TYR O 138 94.66 0.63 -26.12
C TYR O 138 95.68 -0.35 -25.54
N SER O 139 95.63 -1.61 -25.97
CA SER O 139 96.76 -2.53 -25.82
C SER O 139 97.29 -2.86 -27.21
N ARG O 140 98.59 -2.65 -27.37
CA ARG O 140 99.34 -3.14 -28.48
C ARG O 140 99.70 -4.58 -28.24
N ARG O 141 99.21 -5.48 -29.08
CA ARG O 141 99.52 -6.90 -28.96
C ARG O 141 100.33 -7.29 -30.17
N ASN O 142 101.61 -7.63 -29.97
CA ASN O 142 102.48 -8.11 -31.05
C ASN O 142 102.29 -9.61 -31.30
N HIS O 143 101.89 -9.96 -32.51
CA HIS O 143 101.72 -11.36 -32.91
C HIS O 143 102.77 -11.67 -33.94
N LYS O 144 102.77 -12.92 -34.38
CA LYS O 144 103.67 -13.33 -35.45
C LYS O 144 103.13 -12.85 -36.80
N GLY O 145 103.88 -11.92 -37.39
CA GLY O 145 103.49 -11.31 -38.69
C GLY O 145 102.44 -10.22 -38.64
N GLY O 146 102.15 -9.72 -37.44
CA GLY O 146 101.29 -8.56 -37.30
C GLY O 146 101.22 -7.97 -35.91
N VAL O 147 100.45 -6.88 -35.81
CA VAL O 147 100.23 -6.20 -34.55
C VAL O 147 98.74 -5.93 -34.53
N THR O 148 98.09 -6.22 -33.40
CA THR O 148 96.74 -5.74 -33.14
C THR O 148 96.75 -4.64 -32.06
N PHE O 149 96.13 -3.51 -32.37
CA PHE O 149 95.84 -2.48 -31.37
C PHE O 149 94.40 -2.61 -30.93
N VAL O 150 94.18 -3.00 -29.68
CA VAL O 150 92.84 -3.15 -29.14
C VAL O 150 92.46 -1.86 -28.39
N ILE O 151 91.48 -1.12 -28.91
CA ILE O 151 91.02 0.09 -28.25
C ILE O 151 90.08 -0.28 -27.10
N GLN O 152 90.40 0.23 -25.91
CA GLN O 152 89.72 -0.14 -24.68
C GLN O 152 88.75 0.94 -24.16
N GLY O 153 87.94 0.54 -23.20
CA GLY O 153 87.05 1.46 -22.49
C GLY O 153 85.90 1.98 -23.31
N ALA O 154 84.96 2.63 -22.64
CA ALA O 154 83.84 3.27 -23.32
C ALA O 154 84.29 4.60 -23.89
N LEU O 155 83.65 5.01 -24.98
CA LEU O 155 83.92 6.31 -25.59
C LEU O 155 82.60 6.96 -26.00
N ASP O 156 82.53 8.30 -25.92
CA ASP O 156 81.34 9.00 -26.38
C ASP O 156 81.24 9.01 -27.91
N ASP O 157 80.09 9.45 -28.44
CA ASP O 157 79.80 9.37 -29.87
C ASP O 157 80.84 10.11 -30.71
N VAL O 158 81.30 11.26 -30.20
CA VAL O 158 82.34 12.06 -30.85
C VAL O 158 83.67 11.30 -30.90
N GLU O 159 84.04 10.68 -29.78
CA GLU O 159 85.28 9.96 -29.66
C GLU O 159 85.27 8.66 -30.46
N ILE O 160 84.10 8.04 -30.56
CA ILE O 160 83.92 6.86 -31.40
C ILE O 160 84.17 7.23 -32.86
N LEU O 161 83.60 8.36 -33.26
CA LEU O 161 83.74 8.91 -34.60
C LEU O 161 85.19 9.27 -34.94
N ARG O 162 85.88 9.95 -34.02
CA ARG O 162 87.24 10.41 -34.24
C ARG O 162 88.24 9.25 -34.33
N ALA O 163 87.96 8.18 -33.57
CA ALA O 163 88.74 6.95 -33.63
C ALA O 163 88.50 6.15 -34.92
N ARG O 164 87.26 6.18 -35.42
CA ARG O 164 86.92 5.51 -36.67
C ARG O 164 87.58 6.21 -37.85
N GLN O 165 87.59 7.53 -37.82
CA GLN O 165 88.27 8.30 -38.85
C GLN O 165 89.78 8.10 -38.85
N PHE O 166 90.38 7.94 -37.68
CA PHE O 166 91.81 7.65 -37.62
C PHE O 166 92.11 6.29 -38.24
N VAL O 167 91.33 5.29 -37.81
CA VAL O 167 91.49 3.93 -38.27
C VAL O 167 91.32 3.84 -39.81
N ASP O 168 90.27 4.49 -40.32
CA ASP O 168 89.97 4.53 -41.75
C ASP O 168 91.13 5.13 -42.55
N SER O 169 91.68 6.20 -41.99
CA SER O 169 92.80 6.92 -42.58
C SER O 169 94.06 6.06 -42.61
N TYR O 170 94.30 5.36 -41.51
CA TYR O 170 95.46 4.50 -41.37
C TYR O 170 95.44 3.41 -42.44
N TYR O 171 94.31 2.74 -42.56
CA TYR O 171 94.11 1.69 -43.53
C TYR O 171 94.27 2.18 -44.98
N ARG O 172 93.83 3.41 -45.24
CA ARG O 172 93.99 3.98 -46.58
C ARG O 172 95.46 4.17 -46.94
N THR O 173 96.26 4.54 -45.94
CA THR O 173 97.70 4.71 -46.13
C THR O 173 98.42 3.35 -46.19
N TRP O 174 98.23 2.52 -45.16
CA TRP O 174 99.02 1.30 -44.95
C TRP O 174 98.37 -0.02 -45.37
N GLY O 175 97.09 0.00 -45.73
CA GLY O 175 96.32 -1.25 -45.87
C GLY O 175 96.06 -1.94 -44.55
N GLY O 176 95.47 -3.14 -44.59
CA GLY O 176 95.13 -3.86 -43.34
C GLY O 176 95.82 -5.20 -43.19
N ARG O 177 96.98 -5.35 -43.85
CA ARG O 177 97.69 -6.62 -43.91
C ARG O 177 98.68 -6.86 -42.78
N TYR O 178 99.03 -5.83 -42.03
CA TYR O 178 100.06 -5.95 -41.01
C TYR O 178 99.54 -5.46 -39.66
N VAL O 179 99.33 -4.17 -39.52
CA VAL O 179 98.68 -3.62 -38.33
C VAL O 179 97.17 -3.64 -38.50
N GLN O 180 96.47 -4.13 -37.47
CA GLN O 180 95.02 -4.12 -37.41
C GLN O 180 94.54 -3.49 -36.13
N PHE O 181 93.33 -2.97 -36.16
CA PHE O 181 92.74 -2.36 -34.96
C PHE O 181 91.50 -3.17 -34.58
N ALA O 182 91.17 -3.17 -33.30
CA ALA O 182 90.03 -3.89 -32.83
C ALA O 182 89.48 -3.13 -31.63
N ILE O 183 88.23 -3.41 -31.30
CA ILE O 183 87.64 -2.79 -30.14
C ILE O 183 87.40 -3.84 -29.07
N GLU O 184 87.88 -3.53 -27.88
CA GLU O 184 87.74 -4.41 -26.74
C GLU O 184 86.30 -4.83 -26.47
N LEU O 185 86.11 -6.08 -26.12
CA LEU O 185 84.80 -6.59 -25.79
C LEU O 185 84.88 -7.17 -24.38
N LYS O 186 84.08 -6.63 -23.47
CA LYS O 186 84.10 -6.94 -22.04
C LYS O 186 82.74 -7.44 -21.52
N LEU P 1 32.94 -79.22 -73.12
CA LEU P 1 32.82 -78.49 -71.81
C LEU P 1 33.34 -77.05 -71.89
N GLY P 2 34.19 -76.77 -72.86
CA GLY P 2 34.71 -75.43 -73.07
C GLY P 2 35.56 -74.92 -71.92
N GLN P 3 35.26 -73.70 -71.46
CA GLN P 3 35.96 -73.07 -70.34
C GLN P 3 35.68 -73.78 -69.00
N GLU P 4 34.93 -74.88 -69.07
CA GLU P 4 34.50 -75.64 -67.90
C GLU P 4 35.21 -77.00 -67.89
N LYS P 5 36.11 -77.19 -68.87
CA LYS P 5 36.81 -78.47 -69.06
C LYS P 5 37.72 -78.82 -67.87
N GLU P 6 38.08 -77.82 -67.08
CA GLU P 6 39.02 -78.01 -65.98
C GLU P 6 38.31 -78.29 -64.66
N ARG P 7 37.01 -78.00 -64.60
CA ARG P 7 36.25 -78.12 -63.37
C ARG P 7 35.46 -79.43 -63.33
N PHE P 8 35.15 -79.94 -64.52
CA PHE P 8 34.26 -81.07 -64.68
C PHE P 8 34.85 -82.17 -65.60
N GLN P 9 34.34 -83.38 -65.42
CA GLN P 9 34.66 -84.50 -66.26
C GLN P 9 33.37 -85.19 -66.62
N VAL P 10 33.17 -85.51 -67.88
CA VAL P 10 32.01 -86.28 -68.29
C VAL P 10 32.43 -87.73 -68.49
N LEU P 11 31.77 -88.64 -67.77
CA LEU P 11 32.13 -90.07 -67.82
C LEU P 11 30.91 -90.88 -68.23
N PRO P 12 31.10 -91.88 -69.09
CA PRO P 12 29.98 -92.77 -69.45
C PRO P 12 29.68 -93.78 -68.35
N GLY P 13 28.40 -94.15 -68.21
CA GLY P 13 28.01 -95.16 -67.26
C GLY P 13 27.64 -96.48 -67.92
N ARG P 14 27.90 -97.57 -67.20
CA ARG P 14 27.39 -98.90 -67.55
C ARG P 14 25.86 -98.96 -67.62
N ASP P 15 25.20 -98.03 -66.95
CA ASP P 15 23.73 -97.93 -66.92
C ASP P 15 23.20 -97.06 -68.05
N LYS P 16 24.09 -96.70 -68.97
CA LYS P 16 23.81 -95.84 -70.12
C LYS P 16 23.61 -94.37 -69.77
N MET P 17 23.74 -94.05 -68.47
CA MET P 17 23.65 -92.67 -68.02
C MET P 17 25.01 -91.99 -68.15
N LEU P 18 25.01 -90.66 -68.16
CA LEU P 18 26.25 -89.90 -68.20
C LEU P 18 26.47 -89.28 -66.83
N TYR P 19 27.72 -89.26 -66.40
CA TYR P 19 28.10 -88.77 -65.09
C TYR P 19 28.98 -87.54 -65.26
N VAL P 20 28.59 -86.44 -64.60
CA VAL P 20 29.46 -85.27 -64.55
C VAL P 20 30.13 -85.18 -63.18
N ALA P 21 31.47 -85.33 -63.17
CA ALA P 21 32.26 -85.34 -61.95
C ALA P 21 32.64 -83.93 -61.64
N ALA P 22 32.27 -83.47 -60.45
CA ALA P 22 32.54 -82.11 -59.99
C ALA P 22 33.48 -82.17 -58.80
N GLN P 23 34.09 -81.03 -58.49
CA GLN P 23 35.20 -80.92 -57.55
C GLN P 23 34.74 -80.42 -56.19
N ASN P 24 33.54 -79.84 -56.14
CA ASN P 24 33.03 -79.26 -54.89
C ASN P 24 31.50 -79.15 -54.93
N GLU P 25 30.91 -78.62 -53.86
CA GLU P 25 29.44 -78.64 -53.75
C GLU P 25 28.85 -77.53 -54.61
N ARG P 26 29.51 -76.38 -54.64
CA ARG P 26 29.08 -75.24 -55.42
C ARG P 26 29.04 -75.52 -56.96
N ASP P 27 30.07 -76.16 -57.49
CA ASP P 27 30.06 -76.70 -58.86
C ASP P 27 29.00 -77.81 -59.07
N THR P 28 28.76 -78.63 -58.07
CA THR P 28 27.76 -79.69 -58.15
C THR P 28 26.33 -79.14 -58.26
N LEU P 29 26.02 -78.15 -57.44
CA LEU P 29 24.74 -77.47 -57.46
C LEU P 29 24.52 -76.76 -58.79
N TRP P 30 25.51 -75.97 -59.21
CA TRP P 30 25.45 -75.28 -60.48
C TRP P 30 25.27 -76.24 -61.66
N ALA P 31 26.02 -77.34 -61.65
CA ALA P 31 25.92 -78.33 -62.72
C ALA P 31 24.54 -79.01 -62.74
N ARG P 32 23.97 -79.27 -61.56
CA ARG P 32 22.64 -79.87 -61.47
C ARG P 32 21.56 -78.93 -62.01
N GLN P 33 21.76 -77.63 -61.80
CA GLN P 33 20.83 -76.60 -62.23
C GLN P 33 20.78 -76.52 -63.76
N VAL P 34 21.96 -76.52 -64.37
CA VAL P 34 22.11 -76.57 -65.83
C VAL P 34 21.40 -77.78 -66.42
N LEU P 35 21.63 -78.95 -65.83
CA LEU P 35 20.91 -80.18 -66.19
C LEU P 35 19.39 -80.04 -66.02
N ALA P 36 18.94 -79.62 -64.83
CA ALA P 36 17.52 -79.35 -64.56
C ALA P 36 16.88 -78.27 -65.46
N ARG P 37 17.70 -77.61 -66.25
CA ARG P 37 17.24 -76.57 -67.19
C ARG P 37 17.02 -77.16 -68.59
N GLY P 38 18.01 -77.92 -69.08
CA GLY P 38 17.95 -78.58 -70.39
C GLY P 38 17.26 -79.94 -70.37
N ASP P 39 16.71 -80.31 -69.21
CA ASP P 39 16.01 -81.59 -69.01
C ASP P 39 16.88 -82.83 -69.25
N TYR P 40 18.06 -82.84 -68.65
CA TYR P 40 18.93 -84.01 -68.70
C TYR P 40 18.93 -84.82 -67.40
N ASP P 41 18.10 -84.38 -66.44
CA ASP P 41 17.93 -85.00 -65.10
C ASP P 41 17.68 -86.50 -65.08
N LYS P 42 17.08 -87.00 -66.15
CA LYS P 42 16.62 -88.38 -66.24
C LYS P 42 17.71 -89.21 -66.92
N ASN P 43 18.69 -88.51 -67.49
CA ASN P 43 19.72 -89.11 -68.33
C ASN P 43 21.16 -88.87 -67.86
N ALA P 44 21.37 -87.87 -67.01
CA ALA P 44 22.70 -87.54 -66.46
C ALA P 44 22.66 -87.25 -64.97
N ARG P 45 23.75 -87.55 -64.30
CA ARG P 45 23.91 -87.34 -62.87
C ARG P 45 25.20 -86.56 -62.61
N VAL P 46 25.18 -85.72 -61.58
CA VAL P 46 26.40 -85.03 -61.14
C VAL P 46 26.87 -85.73 -59.89
N ILE P 47 28.16 -86.04 -59.86
CA ILE P 47 28.81 -86.70 -58.75
C ILE P 47 29.95 -85.86 -58.14
N ASN P 48 30.21 -86.07 -56.85
CA ASN P 48 31.40 -85.49 -56.20
C ASN P 48 31.89 -86.47 -55.15
N GLU P 49 33.15 -86.32 -54.76
CA GLU P 49 33.79 -87.21 -53.77
C GLU P 49 33.04 -87.30 -52.44
N ASN P 50 32.63 -86.16 -51.91
CA ASN P 50 31.98 -86.11 -50.61
C ASN P 50 30.66 -86.86 -50.55
N GLU P 51 29.79 -86.57 -51.53
CA GLU P 51 28.51 -87.25 -51.67
C GLU P 51 28.68 -88.73 -51.95
N GLU P 52 29.64 -89.08 -52.80
CA GLU P 52 29.78 -90.49 -53.14
C GLU P 52 30.29 -91.28 -51.94
N ASN P 53 31.19 -90.67 -51.17
CA ASN P 53 31.64 -91.28 -49.93
C ASN P 53 30.50 -91.50 -48.91
N LYS P 54 29.63 -90.52 -48.75
CA LYS P 54 28.46 -90.71 -47.88
C LYS P 54 27.53 -91.81 -48.39
N ARG P 55 27.30 -91.82 -49.70
CA ARG P 55 26.33 -92.74 -50.33
C ARG P 55 26.80 -94.20 -50.16
N ILE P 56 28.07 -94.45 -50.38
CA ILE P 56 28.65 -95.78 -50.25
C ILE P 56 28.76 -96.23 -48.78
N SER P 57 29.11 -95.31 -47.88
CA SER P 57 29.06 -95.57 -46.45
C SER P 57 27.70 -96.08 -45.96
N ILE P 58 26.60 -95.47 -46.39
CA ILE P 58 25.24 -95.96 -46.09
C ILE P 58 25.11 -97.40 -46.50
N TRP P 59 25.57 -97.72 -47.70
CA TRP P 59 25.42 -99.08 -48.22
C TRP P 59 26.25 -100.04 -47.36
N LEU P 60 27.46 -99.62 -47.00
CA LEU P 60 28.35 -100.42 -46.16
C LEU P 60 27.80 -100.62 -44.75
N ASP P 61 27.14 -99.59 -44.20
CA ASP P 61 26.49 -99.71 -42.89
C ASP P 61 25.59 -100.93 -42.81
N THR P 62 24.88 -101.22 -43.90
CA THR P 62 24.06 -102.40 -43.88
C THR P 62 24.72 -103.68 -44.44
N TYR P 63 25.60 -103.59 -45.44
CA TYR P 63 26.15 -104.82 -46.04
C TYR P 63 27.49 -105.28 -45.47
N TYR P 64 28.31 -104.32 -45.04
CA TYR P 64 29.61 -104.61 -44.44
C TYR P 64 29.75 -103.85 -43.11
N PRO P 65 28.85 -104.11 -42.13
CA PRO P 65 28.76 -103.27 -40.92
C PRO P 65 30.00 -103.24 -40.04
N GLN P 66 30.82 -104.28 -40.06
CA GLN P 66 32.00 -104.32 -39.16
C GLN P 66 33.27 -103.88 -39.89
N LEU P 67 33.11 -103.32 -41.09
CA LEU P 67 34.23 -103.04 -41.99
C LEU P 67 35.09 -101.92 -41.45
N ALA P 68 36.39 -102.16 -41.36
CA ALA P 68 37.34 -101.12 -40.95
C ALA P 68 37.97 -100.47 -42.17
N TYR P 69 37.51 -99.28 -42.46
CA TYR P 69 37.95 -98.57 -43.64
C TYR P 69 38.05 -97.07 -43.36
N TYR P 70 38.65 -96.38 -44.34
CA TYR P 70 38.95 -94.98 -44.26
C TYR P 70 38.04 -94.18 -45.17
N ARG P 71 38.29 -94.30 -46.49
CA ARG P 71 37.72 -93.39 -47.48
C ARG P 71 37.96 -93.92 -48.92
N ILE P 72 37.11 -93.48 -49.84
CA ILE P 72 37.29 -93.70 -51.29
C ILE P 72 37.79 -92.41 -51.91
N HIS P 73 38.82 -92.54 -52.75
CA HIS P 73 39.42 -91.44 -53.49
C HIS P 73 39.14 -91.58 -54.98
N PHE P 74 38.92 -90.44 -55.64
CA PHE P 74 38.50 -90.40 -57.03
C PHE P 74 39.42 -89.52 -57.87
N ASP P 75 40.70 -89.44 -57.51
CA ASP P 75 41.68 -88.73 -58.31
C ASP P 75 41.59 -89.15 -59.77
N GLU P 76 41.25 -90.43 -59.98
CA GLU P 76 40.92 -90.99 -61.29
C GLU P 76 39.48 -91.55 -61.18
N PRO P 77 38.46 -90.73 -61.52
CA PRO P 77 37.08 -91.16 -61.24
C PRO P 77 36.63 -92.49 -61.87
N ARG P 78 37.19 -92.86 -63.03
CA ARG P 78 36.88 -94.16 -63.63
C ARG P 78 37.52 -95.32 -62.88
N LYS P 79 38.45 -95.03 -61.99
CA LYS P 79 39.13 -96.06 -61.20
C LYS P 79 39.28 -95.53 -59.78
N PRO P 80 38.18 -95.52 -59.00
CA PRO P 80 38.28 -95.06 -57.62
C PRO P 80 39.14 -96.00 -56.76
N VAL P 81 39.76 -95.46 -55.73
CA VAL P 81 40.60 -96.23 -54.82
C VAL P 81 39.93 -96.22 -53.42
N PHE P 82 39.55 -97.40 -52.97
CA PHE P 82 38.98 -97.62 -51.66
C PHE P 82 40.07 -98.00 -50.65
N TRP P 83 40.27 -97.11 -49.68
CA TRP P 83 41.28 -97.26 -48.64
C TRP P 83 40.70 -98.06 -47.48
N LEU P 84 41.30 -99.22 -47.24
CA LEU P 84 40.91 -100.10 -46.14
C LEU P 84 42.00 -100.15 -45.10
N SER P 85 41.65 -100.42 -43.85
CA SER P 85 42.66 -100.66 -42.82
C SER P 85 43.47 -101.93 -43.01
N ARG P 86 44.78 -101.77 -42.97
CA ARG P 86 45.71 -102.87 -43.13
C ARG P 86 45.72 -103.73 -41.87
N GLN P 87 45.80 -103.10 -40.70
CA GLN P 87 45.79 -103.80 -39.41
C GLN P 87 44.46 -104.51 -39.13
N ARG P 88 43.33 -103.85 -39.45
CA ARG P 88 42.00 -104.33 -39.00
C ARG P 88 41.23 -105.12 -40.05
N ASN P 89 41.88 -105.39 -41.17
CA ASN P 89 41.25 -106.20 -42.19
C ASN P 89 41.16 -107.64 -41.75
N THR P 90 40.04 -108.28 -42.06
CA THR P 90 39.75 -109.66 -41.69
C THR P 90 39.46 -110.48 -42.95
N MET P 91 39.32 -109.80 -44.08
CA MET P 91 38.92 -110.45 -45.32
C MET P 91 40.07 -110.93 -46.18
N SER P 92 39.85 -112.06 -46.85
CA SER P 92 40.81 -112.65 -47.75
C SER P 92 40.77 -111.91 -49.07
N LYS P 93 41.71 -112.21 -49.96
CA LYS P 93 41.77 -111.63 -51.29
C LYS P 93 40.45 -111.85 -52.02
N LYS P 94 39.92 -113.07 -51.95
CA LYS P 94 38.66 -113.45 -52.58
C LYS P 94 37.49 -112.61 -52.07
N GLU P 95 37.38 -112.47 -50.75
CA GLU P 95 36.36 -111.62 -50.13
C GLU P 95 36.50 -110.13 -50.47
N LEU P 96 37.73 -109.68 -50.64
CA LEU P 96 38.00 -108.34 -51.06
C LEU P 96 37.71 -108.13 -52.55
N GLU P 97 37.85 -109.16 -53.39
CA GLU P 97 37.40 -109.10 -54.81
C GLU P 97 35.88 -109.03 -54.92
N VAL P 98 35.19 -109.79 -54.08
CA VAL P 98 33.73 -109.69 -53.93
C VAL P 98 33.28 -108.26 -53.55
N LEU P 99 33.86 -107.69 -52.51
CA LEU P 99 33.60 -106.30 -52.11
C LEU P 99 33.83 -105.32 -53.26
N SER P 100 35.01 -105.41 -53.86
CA SER P 100 35.36 -104.57 -55.01
C SER P 100 34.32 -104.67 -56.16
N GLN P 101 33.80 -105.87 -56.40
CA GLN P 101 32.79 -106.13 -57.44
C GLN P 101 31.47 -105.44 -57.11
N LYS P 102 31.11 -105.49 -55.83
CA LYS P 102 29.84 -104.90 -55.38
C LYS P 102 29.96 -103.38 -55.35
N LEU P 103 31.15 -102.88 -55.05
CA LEU P 103 31.42 -101.44 -55.12
C LEU P 103 31.35 -100.92 -56.56
N ARG P 104 31.90 -101.65 -57.51
CA ARG P 104 31.80 -101.32 -58.92
C ARG P 104 30.35 -101.17 -59.41
N ALA P 105 29.50 -102.13 -59.02
CA ALA P 105 28.09 -102.16 -59.41
C ALA P 105 27.34 -100.93 -58.90
N LEU P 106 27.77 -100.43 -57.74
CA LEU P 106 27.23 -99.22 -57.12
C LEU P 106 27.68 -97.91 -57.76
N MET P 107 28.75 -97.99 -58.56
CA MET P 107 29.32 -96.82 -59.24
C MET P 107 29.41 -97.11 -60.72
N PRO P 108 28.31 -96.89 -61.47
CA PRO P 108 28.24 -97.28 -62.89
C PRO P 108 29.29 -96.59 -63.78
N TYR P 109 29.88 -95.50 -63.29
CA TYR P 109 30.91 -94.72 -64.01
C TYR P 109 32.34 -95.26 -63.75
N ALA P 110 32.47 -96.22 -62.85
CA ALA P 110 33.79 -96.79 -62.50
C ALA P 110 34.12 -98.06 -63.29
N ASP P 111 35.28 -98.07 -63.95
CA ASP P 111 35.76 -99.27 -64.66
C ASP P 111 36.02 -100.38 -63.65
N SER P 112 36.63 -100.01 -62.53
CA SER P 112 36.95 -100.94 -61.45
C SER P 112 37.15 -100.13 -60.19
N VAL P 113 37.06 -100.81 -59.06
CA VAL P 113 37.32 -100.19 -57.79
C VAL P 113 38.51 -100.92 -57.17
N ASN P 114 39.61 -100.20 -56.98
CA ASN P 114 40.79 -100.83 -56.35
C ASN P 114 40.71 -100.73 -54.83
N ILE P 115 40.93 -101.85 -54.16
CA ILE P 115 40.96 -101.87 -52.72
C ILE P 115 42.42 -101.85 -52.30
N THR P 116 42.75 -100.86 -51.48
CA THR P 116 44.13 -100.61 -51.06
C THR P 116 44.16 -100.52 -49.56
N LEU P 117 45.11 -101.23 -48.96
CA LEU P 117 45.28 -101.29 -47.52
C LEU P 117 46.11 -100.13 -47.04
N MET P 118 45.64 -99.47 -45.99
CA MET P 118 46.31 -98.31 -45.43
C MET P 118 46.64 -98.57 -43.95
N ASP P 119 47.83 -98.13 -43.58
CA ASP P 119 48.35 -98.40 -42.26
C ASP P 119 47.75 -97.45 -41.19
N ASP P 120 47.12 -98.04 -40.16
CA ASP P 120 46.52 -97.29 -39.02
C ASP P 120 47.52 -96.40 -38.25
N VAL P 121 48.72 -96.89 -38.08
CA VAL P 121 49.76 -96.19 -37.36
C VAL P 121 50.24 -94.97 -38.16
N THR P 122 50.36 -95.17 -39.47
CA THR P 122 50.56 -94.09 -40.41
C THR P 122 49.40 -93.08 -40.37
N ALA P 123 48.17 -93.56 -40.30
CA ALA P 123 46.98 -92.68 -40.30
C ALA P 123 47.02 -91.71 -39.11
N ALA P 124 47.37 -92.26 -37.95
CA ALA P 124 47.44 -91.48 -36.71
C ALA P 124 48.67 -90.60 -36.68
N GLY P 125 49.78 -91.09 -37.24
CA GLY P 125 51.03 -90.32 -37.28
C GLY P 125 50.94 -89.08 -38.15
N GLN P 126 50.21 -89.18 -39.26
CA GLN P 126 50.01 -88.01 -40.13
C GLN P 126 49.13 -86.96 -39.43
N ALA P 127 48.18 -87.41 -38.62
CA ALA P 127 47.39 -86.50 -37.78
C ALA P 127 48.32 -85.79 -36.79
N GLU P 128 49.18 -86.55 -36.09
CA GLU P 128 50.13 -85.98 -35.11
C GLU P 128 51.08 -84.97 -35.71
N ALA P 129 51.67 -85.32 -36.85
CA ALA P 129 52.66 -84.50 -37.53
C ALA P 129 52.07 -83.14 -37.86
N GLY P 130 50.90 -83.12 -38.49
CA GLY P 130 50.19 -81.87 -38.82
C GLY P 130 49.89 -80.99 -37.61
N LEU P 131 49.63 -81.59 -36.46
CA LEU P 131 49.48 -80.81 -35.22
C LEU P 131 50.84 -80.30 -34.65
N LYS P 132 51.89 -81.11 -34.76
CA LYS P 132 53.22 -80.70 -34.34
C LYS P 132 53.75 -79.57 -35.22
N GLN P 133 53.45 -79.66 -36.52
CA GLN P 133 53.84 -78.62 -37.49
C GLN P 133 53.37 -77.22 -37.13
N GLN P 134 52.23 -77.15 -36.45
CA GLN P 134 51.65 -75.87 -36.09
C GLN P 134 51.81 -75.56 -34.60
N ALA P 135 52.74 -76.27 -33.96
CA ALA P 135 53.04 -76.04 -32.53
C ALA P 135 51.72 -75.85 -31.75
N LEU P 136 50.78 -76.75 -32.03
CA LEU P 136 49.49 -76.83 -31.35
C LEU P 136 49.60 -77.75 -30.14
N PRO P 137 49.18 -77.26 -28.97
CA PRO P 137 49.15 -78.23 -27.89
C PRO P 137 47.96 -79.17 -28.16
N TYR P 138 48.10 -80.45 -27.80
CA TYR P 138 47.09 -81.47 -28.08
C TYR P 138 47.37 -82.61 -27.11
N SER P 139 46.35 -83.40 -26.77
CA SER P 139 46.55 -84.73 -26.21
C SER P 139 46.01 -85.75 -27.21
N ARG P 140 46.87 -86.70 -27.54
CA ARG P 140 46.52 -87.90 -28.25
C ARG P 140 45.95 -88.89 -27.27
N ARG P 141 44.68 -89.24 -27.46
CA ARG P 141 44.04 -90.23 -26.58
C ARG P 141 43.72 -91.44 -27.43
N ASN P 142 44.40 -92.57 -27.16
CA ASN P 142 44.14 -93.84 -27.84
C ASN P 142 42.96 -94.59 -27.21
N HIS P 143 41.92 -94.83 -28.00
CA HIS P 143 40.76 -95.58 -27.54
C HIS P 143 40.73 -96.89 -28.30
N LYS P 144 39.74 -97.70 -27.98
CA LYS P 144 39.54 -98.95 -28.69
C LYS P 144 38.89 -98.68 -30.05
N GLY P 145 39.66 -98.94 -31.10
CA GLY P 145 39.21 -98.70 -32.49
C GLY P 145 39.26 -97.26 -33.00
N GLY P 146 39.96 -96.39 -32.24
CA GLY P 146 40.21 -95.04 -32.72
C GLY P 146 41.19 -94.24 -31.88
N VAL P 147 41.44 -93.02 -32.35
CA VAL P 147 42.31 -92.09 -31.66
C VAL P 147 41.58 -90.77 -31.70
N THR P 148 41.51 -90.09 -30.56
CA THR P 148 41.09 -88.69 -30.53
C THR P 148 42.29 -87.77 -30.24
N PHE P 149 42.48 -86.77 -31.09
CA PHE P 149 43.42 -85.67 -30.80
C PHE P 149 42.64 -84.48 -30.27
N VAL P 150 42.84 -84.15 -28.99
CA VAL P 150 42.16 -83.02 -28.39
C VAL P 150 43.08 -81.80 -28.44
N ILE P 151 42.72 -80.78 -29.22
CA ILE P 151 43.50 -79.56 -29.31
C ILE P 151 43.21 -78.69 -28.10
N GLN P 152 44.28 -78.30 -27.40
CA GLN P 152 44.19 -77.58 -26.13
C GLN P 152 44.52 -76.09 -26.24
N GLY P 153 44.21 -75.37 -25.16
CA GLY P 153 44.56 -73.97 -25.01
C GLY P 153 43.79 -73.04 -25.92
N ALA P 154 43.93 -71.73 -25.66
CA ALA P 154 43.31 -70.73 -26.51
C ALA P 154 44.17 -70.53 -27.75
N LEU P 155 43.53 -70.12 -28.84
CA LEU P 155 44.23 -69.80 -30.08
C LEU P 155 43.64 -68.55 -30.70
N ASP P 156 44.47 -67.75 -31.37
CA ASP P 156 43.95 -66.57 -32.06
C ASP P 156 43.19 -66.94 -33.34
N ASP P 157 42.50 -65.97 -33.95
CA ASP P 157 41.61 -66.22 -35.07
C ASP P 157 42.33 -66.89 -36.24
N VAL P 158 43.58 -66.47 -36.49
CA VAL P 158 44.43 -67.03 -37.53
C VAL P 158 44.76 -68.50 -37.24
N GLU P 159 45.11 -68.79 -35.99
CA GLU P 159 45.49 -70.12 -35.57
C GLU P 159 44.30 -71.06 -35.52
N ILE P 160 43.13 -70.52 -35.19
CA ILE P 160 41.87 -71.29 -35.21
C ILE P 160 41.59 -71.71 -36.65
N LEU P 161 41.77 -70.76 -37.58
CA LEU P 161 41.58 -70.98 -39.00
C LEU P 161 42.54 -72.02 -39.57
N ARG P 162 43.83 -71.90 -39.22
CA ARG P 162 44.87 -72.79 -39.74
C ARG P 162 44.71 -74.23 -39.24
N ALA P 163 44.21 -74.37 -38.01
CA ALA P 163 43.90 -75.66 -37.42
C ALA P 163 42.64 -76.30 -38.05
N ARG P 164 41.66 -75.47 -38.39
CA ARG P 164 40.44 -75.96 -39.05
C ARG P 164 40.74 -76.44 -40.46
N GLN P 165 41.60 -75.72 -41.16
CA GLN P 165 42.02 -76.15 -42.48
C GLN P 165 42.85 -77.42 -42.47
N PHE P 166 43.66 -77.63 -41.44
CA PHE P 166 44.39 -78.89 -41.33
C PHE P 166 43.43 -80.05 -41.11
N VAL P 167 42.52 -79.86 -40.16
CA VAL P 167 41.54 -80.87 -39.80
C VAL P 167 40.67 -81.25 -41.01
N ASP P 168 40.19 -80.24 -41.73
CA ASP P 168 39.36 -80.41 -42.93
C ASP P 168 40.10 -81.22 -43.99
N SER P 169 41.37 -80.90 -44.15
CA SER P 169 42.24 -81.56 -45.11
C SER P 169 42.47 -83.03 -44.74
N TYR P 170 42.69 -83.26 -43.46
CA TYR P 170 42.94 -84.59 -42.94
C TYR P 170 41.74 -85.50 -43.24
N TYR P 171 40.56 -85.02 -42.88
CA TYR P 171 39.32 -85.73 -43.10
C TYR P 171 39.06 -86.03 -44.59
N ARG P 172 39.43 -85.09 -45.46
CA ARG P 172 39.27 -85.31 -46.89
C ARG P 172 40.13 -86.46 -47.39
N THR P 173 41.33 -86.59 -46.81
CA THR P 173 42.24 -87.67 -47.14
C THR P 173 41.82 -89.00 -46.50
N TRP P 174 41.66 -88.98 -45.18
CA TRP P 174 41.46 -90.21 -44.38
C TRP P 174 40.03 -90.55 -43.96
N GLY P 175 39.08 -89.65 -44.19
CA GLY P 175 37.75 -89.78 -43.57
C GLY P 175 37.77 -89.55 -42.07
N GLY P 176 36.63 -89.76 -41.41
CA GLY P 176 36.54 -89.50 -39.95
C GLY P 176 36.19 -90.73 -39.13
N ARG P 177 36.51 -91.91 -39.66
CA ARG P 177 36.12 -93.17 -39.06
C ARG P 177 37.12 -93.74 -38.05
N TYR P 178 38.34 -93.22 -38.02
CA TYR P 178 39.38 -93.79 -37.17
C TYR P 178 39.98 -92.71 -36.28
N VAL P 179 40.74 -91.79 -36.86
CA VAL P 179 41.23 -90.63 -36.13
C VAL P 179 40.20 -89.50 -36.17
N GLN P 180 39.94 -88.92 -35.00
CA GLN P 180 39.06 -87.76 -34.86
C GLN P 180 39.75 -86.66 -34.11
N PHE P 181 39.31 -85.42 -34.35
CA PHE P 181 39.88 -84.28 -33.65
C PHE P 181 38.78 -83.64 -32.82
N ALA P 182 39.18 -82.99 -31.73
CA ALA P 182 38.25 -82.35 -30.87
C ALA P 182 38.93 -81.14 -30.26
N ILE P 183 38.13 -80.22 -29.75
CA ILE P 183 38.69 -79.06 -29.09
C ILE P 183 38.38 -79.14 -27.60
N GLU P 184 39.42 -78.98 -26.80
CA GLU P 184 39.31 -79.01 -25.37
C GLU P 184 38.28 -78.02 -24.83
N LEU P 185 37.54 -78.46 -23.83
CA LEU P 185 36.56 -77.60 -23.19
C LEU P 185 36.89 -77.57 -21.72
N LYS P 186 37.16 -76.35 -21.21
CA LYS P 186 37.64 -76.11 -19.83
C LYS P 186 36.72 -75.18 -19.04
N LEU Q 1 -100.79 21.55 45.58
CA LEU Q 1 -99.35 21.14 45.52
C LEU Q 1 -99.11 19.93 44.61
N GLY Q 2 -100.14 19.14 44.38
CA GLY Q 2 -100.05 17.97 43.50
C GLY Q 2 -99.10 16.90 43.99
N GLN Q 3 -98.21 16.46 43.10
CA GLN Q 3 -97.19 15.45 43.43
C GLN Q 3 -96.13 15.97 44.42
N GLU Q 4 -96.34 17.20 44.89
CA GLU Q 4 -95.40 17.90 45.77
C GLU Q 4 -96.02 18.03 47.16
N LYS Q 5 -97.23 17.48 47.31
CA LYS Q 5 -98.02 17.59 48.54
C LYS Q 5 -97.33 16.95 49.76
N GLU Q 6 -96.39 16.04 49.49
CA GLU Q 6 -95.74 15.29 50.55
C GLU Q 6 -94.43 15.92 51.00
N ARG Q 7 -93.90 16.84 50.18
CA ARG Q 7 -92.61 17.46 50.44
C ARG Q 7 -92.77 18.83 51.10
N PHE Q 8 -93.91 19.45 50.85
CA PHE Q 8 -94.17 20.83 51.23
C PHE Q 8 -95.50 21.01 51.96
N GLN Q 9 -95.58 22.07 52.72
CA GLN Q 9 -96.80 22.49 53.38
C GLN Q 9 -96.96 23.97 53.16
N VAL Q 10 -98.15 24.40 52.78
CA VAL Q 10 -98.42 25.82 52.65
C VAL Q 10 -99.19 26.29 53.88
N LEU Q 11 -98.64 27.28 54.58
CA LEU Q 11 -99.24 27.78 55.83
C LEU Q 11 -99.52 29.26 55.71
N PRO Q 12 -100.67 29.72 56.21
CA PRO Q 12 -100.94 31.16 56.22
C PRO Q 12 -100.19 31.89 57.33
N GLY Q 13 -99.81 33.14 57.07
CA GLY Q 13 -99.17 33.95 58.08
C GLY Q 13 -100.07 35.03 58.63
N ARG Q 14 -99.85 35.36 59.90
CA ARG Q 14 -100.44 36.54 60.55
C ARG Q 14 -100.08 37.86 59.85
N ASP Q 15 -98.98 37.84 59.09
CA ASP Q 15 -98.49 39.00 58.34
C ASP Q 15 -99.09 39.05 56.94
N LYS Q 16 -100.06 38.18 56.69
CA LYS Q 16 -100.73 38.03 55.40
C LYS Q 16 -99.88 37.37 54.32
N MET Q 17 -98.65 37.00 54.68
CA MET Q 17 -97.77 36.27 53.77
C MET Q 17 -98.07 34.77 53.83
N LEU Q 18 -97.65 34.05 52.80
CA LEU Q 18 -97.82 32.60 52.78
C LEU Q 18 -96.45 31.99 52.98
N TYR Q 19 -96.42 30.90 53.75
CA TYR Q 19 -95.19 30.21 54.10
C TYR Q 19 -95.20 28.81 53.49
N VAL Q 20 -94.14 28.48 52.74
CA VAL Q 20 -93.99 27.11 52.26
C VAL Q 20 -92.92 26.40 53.10
N ALA Q 21 -93.35 25.37 53.84
CA ALA Q 21 -92.48 24.63 54.75
C ALA Q 21 -91.87 23.51 53.97
N ALA Q 22 -90.53 23.48 53.95
CA ALA Q 22 -89.77 22.47 53.22
C ALA Q 22 -88.98 21.63 54.22
N GLN Q 23 -88.51 20.47 53.76
CA GLN Q 23 -87.96 19.41 54.59
C GLN Q 23 -86.44 19.42 54.58
N ASN Q 24 -85.86 20.10 53.59
CA ASN Q 24 -84.39 20.13 53.42
C ASN Q 24 -83.95 21.34 52.60
N GLU Q 25 -82.64 21.46 52.37
CA GLU Q 25 -82.12 22.67 51.74
C GLU Q 25 -82.36 22.62 50.24
N ARG Q 26 -82.22 21.45 49.65
CA ARG Q 26 -82.44 21.24 48.24
C ARG Q 26 -83.90 21.55 47.77
N ASP Q 27 -84.89 21.08 48.53
CA ASP Q 27 -86.29 21.49 48.35
C ASP Q 27 -86.53 22.99 48.61
N THR Q 28 -85.82 23.56 49.58
CA THR Q 28 -85.93 24.99 49.89
C THR Q 28 -85.44 25.88 48.74
N LEU Q 29 -84.28 25.54 48.19
CA LEU Q 29 -83.72 26.24 47.04
C LEU Q 29 -84.63 26.12 45.83
N TRP Q 30 -85.04 24.90 45.51
CA TRP Q 30 -85.95 24.67 44.39
C TRP Q 30 -87.26 25.43 44.55
N ALA Q 31 -87.83 25.41 45.77
CA ALA Q 31 -89.08 26.12 46.03
C ALA Q 31 -88.92 27.63 45.88
N ARG Q 32 -87.77 28.17 46.33
CA ARG Q 32 -87.49 29.60 46.20
C ARG Q 32 -87.36 30.03 44.73
N GLN Q 33 -86.81 29.13 43.92
CA GLN Q 33 -86.60 29.37 42.49
C GLN Q 33 -87.95 29.49 41.77
N VAL Q 34 -88.83 28.55 42.06
CA VAL Q 34 -90.20 28.56 41.55
C VAL Q 34 -90.92 29.87 41.90
N LEU Q 35 -90.82 30.27 43.15
CA LEU Q 35 -91.33 31.56 43.62
C LEU Q 35 -90.69 32.75 42.86
N ALA Q 36 -89.36 32.79 42.83
CA ALA Q 36 -88.61 33.82 42.08
C ALA Q 36 -88.88 33.83 40.56
N ARG Q 37 -89.64 32.84 40.09
CA ARG Q 37 -90.02 32.73 38.68
C ARG Q 37 -91.41 33.33 38.43
N GLY Q 38 -92.38 32.96 39.27
CA GLY Q 38 -93.74 33.47 39.20
C GLY Q 38 -93.97 34.79 39.92
N ASP Q 39 -92.88 35.36 40.45
CA ASP Q 39 -92.89 36.63 41.19
C ASP Q 39 -93.77 36.61 42.45
N TYR Q 40 -93.57 35.59 43.28
CA TYR Q 40 -94.25 35.52 44.56
C TYR Q 40 -93.33 35.86 45.74
N ASP Q 41 -92.08 36.22 45.43
CA ASP Q 41 -91.02 36.61 46.41
C ASP Q 41 -91.41 37.64 47.45
N LYS Q 42 -92.36 38.49 47.10
CA LYS Q 42 -92.76 39.63 47.91
C LYS Q 42 -93.94 39.24 48.77
N ASN Q 43 -94.53 38.09 48.45
CA ASN Q 43 -95.77 37.61 49.04
C ASN Q 43 -95.70 36.24 49.74
N ALA Q 44 -94.67 35.46 49.41
CA ALA Q 44 -94.46 34.14 50.02
C ALA Q 44 -93.01 33.89 50.42
N ARG Q 45 -92.82 33.10 51.46
CA ARG Q 45 -91.50 32.74 51.97
C ARG Q 45 -91.41 31.23 52.08
N VAL Q 46 -90.19 30.71 51.87
CA VAL Q 46 -89.94 29.27 52.09
C VAL Q 46 -89.17 29.18 53.39
N ILE Q 47 -89.62 28.26 54.24
CA ILE Q 47 -89.03 28.01 55.54
C ILE Q 47 -88.53 26.54 55.69
N ASN Q 48 -87.52 26.34 56.52
CA ASN Q 48 -87.09 24.99 56.91
C ASN Q 48 -86.60 25.05 58.34
N GLU Q 49 -86.57 23.88 58.99
CA GLU Q 49 -86.16 23.76 60.40
C GLU Q 49 -84.77 24.34 60.69
N ASN Q 50 -83.80 24.00 59.84
CA ASN Q 50 -82.42 24.43 60.05
C ASN Q 50 -82.22 25.94 60.03
N GLU Q 51 -82.75 26.57 58.98
CA GLU Q 51 -82.73 28.02 58.84
C GLU Q 51 -83.50 28.72 59.95
N GLU Q 52 -84.66 28.18 60.31
CA GLU Q 52 -85.45 28.85 61.32
C GLU Q 52 -84.77 28.77 62.68
N ASN Q 53 -84.15 27.63 62.95
CA ASN Q 53 -83.36 27.50 64.17
C ASN Q 53 -82.19 28.49 64.24
N LYS Q 54 -81.47 28.66 63.13
CA LYS Q 54 -80.40 29.67 63.11
C LYS Q 54 -80.94 31.09 63.30
N ARG Q 55 -82.07 31.39 62.64
CA ARG Q 55 -82.64 32.75 62.62
C ARG Q 55 -83.08 33.14 64.06
N ILE Q 56 -83.74 32.24 64.74
CA ILE Q 56 -84.21 32.48 66.11
C ILE Q 56 -83.07 32.53 67.13
N SER Q 57 -82.07 31.66 66.96
CA SER Q 57 -80.84 31.73 67.74
C SER Q 57 -80.16 33.12 67.72
N ILE Q 58 -80.04 33.73 66.53
CA ILE Q 58 -79.53 35.10 66.41
C ILE Q 58 -80.32 36.03 67.30
N TRP Q 59 -81.64 35.92 67.24
CA TRP Q 59 -82.49 36.82 68.00
C TRP Q 59 -82.27 36.60 69.51
N LEU Q 60 -82.17 35.33 69.90
CA LEU Q 60 -81.93 34.96 71.30
C LEU Q 60 -80.56 35.42 71.79
N ASP Q 61 -79.55 35.37 70.91
CA ASP Q 61 -78.21 35.87 71.26
C ASP Q 61 -78.27 37.29 71.82
N THR Q 62 -79.13 38.12 71.25
CA THR Q 62 -79.26 39.46 71.78
C THR Q 62 -80.36 39.65 72.84
N TYR Q 63 -81.49 38.94 72.75
CA TYR Q 63 -82.58 39.20 73.72
C TYR Q 63 -82.61 38.30 74.93
N TYR Q 64 -82.14 37.06 74.76
CA TYR Q 64 -82.08 36.09 75.86
C TYR Q 64 -80.68 35.45 75.90
N PRO Q 65 -79.62 36.27 76.09
CA PRO Q 65 -78.24 35.79 75.92
C PRO Q 65 -77.80 34.67 76.86
N GLN Q 66 -78.38 34.56 78.04
CA GLN Q 66 -77.94 33.54 79.01
C GLN Q 66 -78.82 32.30 78.96
N LEU Q 67 -79.67 32.21 77.94
CA LEU Q 67 -80.73 31.19 77.87
C LEU Q 67 -80.13 29.83 77.63
N ALA Q 68 -80.51 28.86 78.47
CA ALA Q 68 -80.07 27.47 78.29
C ALA Q 68 -81.15 26.69 77.56
N TYR Q 69 -80.90 26.44 76.29
CA TYR Q 69 -81.87 25.76 75.46
C TYR Q 69 -81.16 24.84 74.45
N TYR Q 70 -81.99 24.04 73.80
CA TYR Q 70 -81.56 23.01 72.89
C TYR Q 70 -81.87 23.40 71.46
N ARG Q 71 -83.16 23.35 71.10
CA ARG Q 71 -83.60 23.40 69.70
C ARG Q 71 -85.13 23.60 69.62
N ILE Q 72 -85.59 24.15 68.48
CA ILE Q 72 -87.02 24.23 68.13
C ILE Q 72 -87.31 23.14 67.09
N HIS Q 73 -88.40 22.42 67.32
CA HIS Q 73 -88.89 21.38 66.44
C HIS Q 73 -90.20 21.80 65.78
N PHE Q 74 -90.37 21.40 64.51
CA PHE Q 74 -91.49 21.84 63.68
C PHE Q 74 -92.23 20.65 63.09
N ASP Q 75 -92.25 19.52 63.78
CA ASP Q 75 -93.03 18.37 63.35
C ASP Q 75 -94.46 18.78 63.01
N GLU Q 76 -94.96 19.78 63.74
CA GLU Q 76 -96.22 20.46 63.46
C GLU Q 76 -95.88 21.97 63.26
N PRO Q 77 -95.62 22.38 62.01
CA PRO Q 77 -95.11 23.75 61.81
C PRO Q 77 -95.97 24.90 62.36
N ARG Q 78 -97.29 24.72 62.41
CA ARG Q 78 -98.16 25.74 63.02
C ARG Q 78 -98.04 25.79 64.54
N LYS Q 79 -97.42 24.79 65.14
CA LYS Q 79 -97.24 24.72 66.58
C LYS Q 79 -95.83 24.21 66.85
N PRO Q 80 -94.81 25.06 66.65
CA PRO Q 80 -93.44 24.62 66.94
C PRO Q 80 -93.22 24.36 68.44
N VAL Q 81 -92.30 23.45 68.74
CA VAL Q 81 -91.96 23.12 70.12
C VAL Q 81 -90.51 23.57 70.39
N PHE Q 82 -90.37 24.50 71.32
CA PHE Q 82 -89.09 24.99 71.78
C PHE Q 82 -88.62 24.22 73.01
N TRP Q 83 -87.53 23.49 72.84
CA TRP Q 83 -86.92 22.65 73.88
C TRP Q 83 -85.96 23.48 74.73
N LEU Q 84 -86.29 23.60 76.00
CA LEU Q 84 -85.47 24.33 76.96
C LEU Q 84 -84.88 23.36 77.95
N SER Q 85 -83.74 23.72 78.54
CA SER Q 85 -83.16 22.93 79.63
C SER Q 85 -83.98 22.97 80.91
N ARG Q 86 -84.28 21.78 81.42
CA ARG Q 86 -85.04 21.62 82.64
C ARG Q 86 -84.19 22.00 83.86
N GLN Q 87 -82.95 21.48 83.89
CA GLN Q 87 -82.02 21.80 84.99
C GLN Q 87 -81.60 23.26 85.02
N ARG Q 88 -81.35 23.87 83.86
CA ARG Q 88 -80.71 25.20 83.79
C ARG Q 88 -81.68 26.36 83.59
N ASN Q 89 -82.97 26.05 83.62
CA ASN Q 89 -83.97 27.09 83.51
C ASN Q 89 -84.00 27.92 84.77
N THR Q 90 -84.17 29.23 84.61
CA THR Q 90 -84.18 30.21 85.70
C THR Q 90 -85.50 30.99 85.65
N MET Q 91 -86.25 30.81 84.58
CA MET Q 91 -87.47 31.61 84.36
C MET Q 91 -88.72 30.97 84.92
N SER Q 92 -89.62 31.83 85.41
CA SER Q 92 -90.92 31.42 85.93
C SER Q 92 -91.85 31.14 84.77
N LYS Q 93 -93.02 30.60 85.08
CA LYS Q 93 -94.05 30.32 84.08
C LYS Q 93 -94.40 31.60 83.32
N LYS Q 94 -94.57 32.70 84.04
CA LYS Q 94 -94.89 34.01 83.47
C LYS Q 94 -93.82 34.48 82.48
N GLU Q 95 -92.55 34.39 82.89
CA GLU Q 95 -91.42 34.74 82.01
C GLU Q 95 -91.30 33.83 80.79
N LEU Q 96 -91.67 32.57 80.96
CA LEU Q 96 -91.69 31.63 79.86
C LEU Q 96 -92.89 31.87 78.92
N GLU Q 97 -94.01 32.40 79.43
CA GLU Q 97 -95.14 32.84 78.57
C GLU Q 97 -94.78 34.07 77.74
N VAL Q 98 -94.05 35.00 78.37
CA VAL Q 98 -93.47 36.15 77.67
C VAL Q 98 -92.54 35.72 76.52
N LEU Q 99 -91.58 34.83 76.79
CA LEU Q 99 -90.70 34.27 75.76
C LEU Q 99 -91.50 33.62 74.63
N SER Q 100 -92.41 32.74 74.99
CA SER Q 100 -93.27 32.08 74.03
C SER Q 100 -94.04 33.07 73.12
N GLN Q 101 -94.50 34.19 73.70
CA GLN Q 101 -95.21 35.25 72.97
C GLN Q 101 -94.31 35.93 71.97
N LYS Q 102 -93.07 36.18 72.38
CA LYS Q 102 -92.11 36.87 71.53
C LYS Q 102 -91.63 35.94 70.42
N LEU Q 103 -91.54 34.65 70.72
CA LEU Q 103 -91.23 33.64 69.70
C LEU Q 103 -92.34 33.53 68.65
N ARG Q 104 -93.59 33.54 69.08
CA ARG Q 104 -94.72 33.55 68.17
C ARG Q 104 -94.70 34.71 67.17
N ALA Q 105 -94.40 35.92 67.67
CA ALA Q 105 -94.35 37.13 66.86
C ALA Q 105 -93.27 37.05 65.78
N LEU Q 106 -92.20 36.33 66.08
CA LEU Q 106 -91.09 36.07 65.16
C LEU Q 106 -91.38 35.03 64.09
N MET Q 107 -92.45 34.23 64.32
CA MET Q 107 -92.84 33.17 63.38
C MET Q 107 -94.31 33.36 63.03
N PRO Q 108 -94.59 34.21 62.02
CA PRO Q 108 -95.96 34.59 61.68
C PRO Q 108 -96.86 33.40 61.26
N TYR Q 109 -96.23 32.27 60.90
CA TYR Q 109 -96.94 31.05 60.48
C TYR Q 109 -97.29 30.14 61.68
N ALA Q 110 -96.84 30.49 62.87
CA ALA Q 110 -97.08 29.68 64.08
C ALA Q 110 -98.30 30.14 64.88
N ASP Q 111 -99.23 29.23 65.15
CA ASP Q 111 -100.40 29.55 66.00
C ASP Q 111 -99.92 29.87 67.41
N SER Q 112 -98.98 29.08 67.90
CA SER Q 112 -98.38 29.25 69.22
C SER Q 112 -97.05 28.54 69.23
N VAL Q 113 -96.22 28.90 70.19
CA VAL Q 113 -94.95 28.25 70.37
C VAL Q 113 -94.97 27.60 71.76
N ASN Q 114 -94.90 26.28 71.81
CA ASN Q 114 -94.87 25.60 73.11
C ASN Q 114 -93.45 25.49 73.64
N ILE Q 115 -93.27 25.88 74.90
CA ILE Q 115 -91.99 25.75 75.55
C ILE Q 115 -92.03 24.50 76.40
N THR Q 116 -91.07 23.62 76.14
CA THR Q 116 -91.01 22.29 76.77
C THR Q 116 -89.63 22.10 77.36
N LEU Q 117 -89.60 21.67 78.61
CA LEU Q 117 -88.37 21.44 79.35
C LEU Q 117 -87.82 20.08 79.04
N MET Q 118 -86.52 20.03 78.75
CA MET Q 118 -85.83 18.80 78.43
C MET Q 118 -84.69 18.56 79.40
N ASP Q 119 -84.54 17.29 79.79
CA ASP Q 119 -83.61 16.91 80.81
C ASP Q 119 -82.17 16.81 80.24
N ASP Q 120 -81.24 17.57 80.84
CA ASP Q 120 -79.80 17.57 80.47
C ASP Q 120 -79.10 16.20 80.57
N VAL Q 121 -79.47 15.46 81.60
CA VAL Q 121 -78.89 14.15 81.85
C VAL Q 121 -79.36 13.14 80.79
N THR Q 122 -80.65 13.26 80.44
CA THR Q 122 -81.21 12.57 79.30
C THR Q 122 -80.51 12.97 78.00
N ALA Q 123 -80.24 14.26 77.81
CA ALA Q 123 -79.61 14.76 76.58
C ALA Q 123 -78.24 14.11 76.35
N ALA Q 124 -77.47 14.02 77.43
CA ALA Q 124 -76.12 13.46 77.39
C ALA Q 124 -76.17 11.95 77.31
N GLY Q 125 -77.15 11.33 77.96
CA GLY Q 125 -77.31 9.87 77.95
C GLY Q 125 -77.67 9.34 76.58
N GLN Q 126 -78.50 10.07 75.83
CA GLN Q 126 -78.84 9.67 74.47
C GLN Q 126 -77.62 9.77 73.54
N ALA Q 127 -76.76 10.76 73.78
CA ALA Q 127 -75.49 10.84 73.07
C ALA Q 127 -74.63 9.61 73.37
N GLU Q 128 -74.49 9.25 74.67
CA GLU Q 128 -73.71 8.08 75.09
C GLU Q 128 -74.20 6.78 74.50
N ALA Q 129 -75.52 6.56 74.56
CA ALA Q 129 -76.15 5.34 74.11
C ALA Q 129 -75.85 5.10 72.64
N GLY Q 130 -76.07 6.11 71.79
CA GLY Q 130 -75.76 6.06 70.37
C GLY Q 130 -74.30 5.72 70.06
N LEU Q 131 -73.38 6.19 70.88
CA LEU Q 131 -71.97 5.79 70.75
C LEU Q 131 -71.68 4.34 71.24
N LYS Q 132 -72.35 3.92 72.31
CA LYS Q 132 -72.22 2.55 72.80
C LYS Q 132 -72.82 1.56 71.79
N GLN Q 133 -73.92 1.95 71.17
CA GLN Q 133 -74.58 1.13 70.13
C GLN Q 133 -73.68 0.73 68.99
N GLN Q 134 -72.70 1.58 68.70
CA GLN Q 134 -71.81 1.34 67.58
C GLN Q 134 -70.41 0.91 68.04
N ALA Q 135 -70.33 0.49 69.31
CA ALA Q 135 -69.06 0.01 69.88
C ALA Q 135 -67.91 0.94 69.45
N LEU Q 136 -68.18 2.24 69.58
CA LEU Q 136 -67.21 3.31 69.33
C LEU Q 136 -66.44 3.63 70.60
N PRO Q 137 -65.11 3.63 70.53
CA PRO Q 137 -64.44 4.10 71.73
C PRO Q 137 -64.64 5.63 71.78
N TYR Q 138 -64.76 6.19 72.98
CA TYR Q 138 -65.03 7.61 73.17
C TYR Q 138 -64.62 7.93 74.60
N SER Q 139 -64.26 9.18 74.88
CA SER Q 139 -64.25 9.71 76.24
C SER Q 139 -65.31 10.79 76.35
N ARG Q 140 -66.16 10.61 77.34
CA ARG Q 140 -67.08 11.62 77.79
C ARG Q 140 -66.34 12.57 78.72
N ARG Q 141 -66.26 13.83 78.32
CA ARG Q 141 -65.60 14.83 79.14
C ARG Q 141 -66.66 15.83 79.58
N ASN Q 142 -66.97 15.86 80.87
CA ASN Q 142 -67.91 16.83 81.44
C ASN Q 142 -67.25 18.18 81.74
N HIS Q 143 -67.73 19.23 81.10
CA HIS Q 143 -67.22 20.57 81.33
C HIS Q 143 -68.31 21.37 82.01
N LYS Q 144 -68.00 22.62 82.31
CA LYS Q 144 -68.98 23.52 82.86
C LYS Q 144 -69.93 24.02 81.78
N GLY Q 145 -71.18 23.60 81.88
CA GLY Q 145 -72.22 23.95 80.89
C GLY Q 145 -72.23 23.16 79.60
N GLY Q 146 -71.48 22.05 79.58
CA GLY Q 146 -71.56 21.13 78.46
C GLY Q 146 -70.83 19.81 78.65
N VAL Q 147 -70.94 18.97 77.63
CA VAL Q 147 -70.27 17.68 77.61
C VAL Q 147 -69.68 17.57 76.23
N THR Q 148 -68.41 17.17 76.16
CA THR Q 148 -67.81 16.74 74.90
C THR Q 148 -67.60 15.21 74.88
N PHE Q 149 -68.10 14.58 73.82
CA PHE Q 149 -67.76 13.17 73.53
C PHE Q 149 -66.67 13.13 72.47
N VAL Q 150 -65.48 12.68 72.86
CA VAL Q 150 -64.38 12.58 71.93
C VAL Q 150 -64.30 11.14 71.39
N ILE Q 151 -64.58 10.96 70.10
CA ILE Q 151 -64.49 9.64 69.48
C ILE Q 151 -63.04 9.31 69.19
N GLN Q 152 -62.59 8.15 69.69
CA GLN Q 152 -61.19 7.74 69.64
C GLN Q 152 -60.91 6.66 68.59
N GLY Q 153 -59.62 6.44 68.35
CA GLY Q 153 -59.14 5.37 67.49
C GLY Q 153 -59.44 5.56 66.03
N ALA Q 154 -58.83 4.71 65.20
CA ALA Q 154 -59.09 4.73 63.77
C ALA Q 154 -60.39 4.01 63.49
N LEU Q 155 -61.06 4.40 62.41
CA LEU Q 155 -62.28 3.74 61.97
C LEU Q 155 -62.27 3.59 60.45
N ASP Q 156 -62.85 2.51 59.94
CA ASP Q 156 -62.94 2.34 58.48
C ASP Q 156 -64.00 3.29 57.88
N ASP Q 157 -64.03 3.36 56.54
CA ASP Q 157 -64.87 4.34 55.84
C ASP Q 157 -66.34 4.18 56.18
N VAL Q 158 -66.79 2.93 56.34
CA VAL Q 158 -68.16 2.60 56.73
C VAL Q 158 -68.46 3.12 58.15
N GLU Q 159 -67.53 2.89 59.07
CA GLU Q 159 -67.70 3.28 60.46
C GLU Q 159 -67.60 4.79 60.65
N ILE Q 160 -66.79 5.43 59.82
CA ILE Q 160 -66.69 6.90 59.81
C ILE Q 160 -68.04 7.48 59.38
N LEU Q 161 -68.62 6.88 58.36
CA LEU Q 161 -69.93 7.28 57.82
C LEU Q 161 -71.05 7.07 58.84
N ARG Q 162 -71.07 5.91 59.50
CA ARG Q 162 -72.13 5.58 60.45
C ARG Q 162 -72.09 6.45 61.70
N ALA Q 163 -70.89 6.85 62.10
CA ALA Q 163 -70.67 7.78 63.20
C ALA Q 163 -71.07 9.23 62.84
N ARG Q 164 -70.83 9.62 61.59
CA ARG Q 164 -71.22 10.95 61.11
C ARG Q 164 -72.74 11.07 61.03
N GLN Q 165 -73.39 10.00 60.57
CA GLN Q 165 -74.84 9.99 60.52
C GLN Q 165 -75.48 10.00 61.92
N PHE Q 166 -74.86 9.36 62.90
CA PHE Q 166 -75.36 9.42 64.26
C PHE Q 166 -75.26 10.85 64.79
N VAL Q 167 -74.07 11.44 64.63
CA VAL Q 167 -73.79 12.77 65.10
C VAL Q 167 -74.75 13.80 64.47
N ASP Q 168 -74.94 13.71 63.16
CA ASP Q 168 -75.83 14.58 62.38
C ASP Q 168 -77.26 14.49 62.91
N SER Q 169 -77.68 13.26 63.19
CA SER Q 169 -79.00 12.98 63.70
C SER Q 169 -79.21 13.56 65.10
N TYR Q 170 -78.19 13.40 65.94
CA TYR Q 170 -78.23 13.90 67.30
C TYR Q 170 -78.43 15.41 67.32
N TYR Q 171 -77.61 16.10 66.54
CA TYR Q 171 -77.68 17.55 66.41
C TYR Q 171 -79.04 18.03 65.88
N ARG Q 172 -79.62 17.28 64.96
CA ARG Q 172 -80.94 17.64 64.45
C ARG Q 172 -82.01 17.59 65.52
N THR Q 173 -81.89 16.62 66.44
CA THR Q 173 -82.80 16.47 67.56
C THR Q 173 -82.51 17.51 68.66
N TRP Q 174 -81.27 17.54 69.13
CA TRP Q 174 -80.89 18.31 70.33
C TRP Q 174 -80.20 19.66 70.10
N GLY Q 175 -79.84 19.98 68.86
CA GLY Q 175 -78.93 21.11 68.60
C GLY Q 175 -77.51 20.85 69.06
N GLY Q 176 -76.65 21.87 68.97
CA GLY Q 176 -75.23 21.68 69.36
C GLY Q 176 -74.78 22.60 70.50
N ARG Q 177 -75.73 23.01 71.32
CA ARG Q 177 -75.48 23.99 72.38
C ARG Q 177 -75.05 23.40 73.71
N TYR Q 178 -75.21 22.09 73.89
CA TYR Q 178 -74.92 21.47 75.19
C TYR Q 178 -73.95 20.31 75.02
N VAL Q 179 -74.40 19.21 74.42
CA VAL Q 179 -73.52 18.12 74.06
C VAL Q 179 -72.88 18.36 72.70
N GLN Q 180 -71.57 18.17 72.62
CA GLN Q 180 -70.82 18.25 71.37
C GLN Q 180 -70.00 17.01 71.16
N PHE Q 181 -69.69 16.71 69.90
CA PHE Q 181 -68.86 15.56 69.58
C PHE Q 181 -67.58 16.07 68.92
N ALA Q 182 -66.51 15.31 69.08
CA ALA Q 182 -65.25 15.66 68.50
C ALA Q 182 -64.52 14.39 68.16
N ILE Q 183 -63.54 14.50 67.29
CA ILE Q 183 -62.73 13.35 66.93
C ILE Q 183 -61.32 13.54 67.48
N GLU Q 184 -60.86 12.53 68.19
CA GLU Q 184 -59.54 12.53 68.77
C GLU Q 184 -58.43 12.81 67.75
N LEU Q 185 -57.45 13.59 68.17
CA LEU Q 185 -56.32 13.90 67.32
C LEU Q 185 -55.07 13.48 68.08
N LYS Q 186 -54.30 12.56 67.49
CA LYS Q 186 -53.14 11.92 68.11
C LYS Q 186 -51.85 12.11 67.29
N LEU R 1 -72.86 71.75 47.47
CA LEU R 1 -71.73 70.77 47.39
C LEU R 1 -72.18 69.40 46.84
N GLY R 2 -73.47 69.11 46.95
CA GLY R 2 -74.02 67.86 46.42
C GLY R 2 -73.48 66.61 47.09
N GLN R 3 -73.03 65.65 46.28
CA GLN R 3 -72.45 64.40 46.78
C GLN R 3 -71.09 64.62 47.47
N GLU R 4 -70.69 65.88 47.59
CA GLU R 4 -69.40 66.27 48.14
C GLU R 4 -69.62 66.97 49.49
N LYS R 5 -70.88 67.02 49.91
CA LYS R 5 -71.30 67.73 51.14
C LYS R 5 -70.67 67.12 52.40
N GLU R 6 -70.24 65.86 52.31
CA GLU R 6 -69.74 65.15 53.47
C GLU R 6 -68.21 65.23 53.58
N ARG R 7 -67.56 65.64 52.50
CA ARG R 7 -66.10 65.69 52.45
C ARG R 7 -65.58 67.10 52.71
N PHE R 8 -66.41 68.09 52.41
CA PHE R 8 -66.02 69.49 52.41
C PHE R 8 -67.01 70.37 53.19
N GLN R 9 -66.50 71.52 53.63
CA GLN R 9 -67.30 72.53 54.28
C GLN R 9 -66.91 73.85 53.65
N VAL R 10 -67.89 74.66 53.28
CA VAL R 10 -67.62 75.99 52.79
C VAL R 10 -67.86 77.00 53.92
N LEU R 11 -66.84 77.78 54.26
CA LEU R 11 -66.93 78.73 55.37
C LEU R 11 -66.63 80.14 54.87
N PRO R 12 -67.38 81.14 55.33
CA PRO R 12 -67.07 82.52 54.96
C PRO R 12 -65.88 83.09 55.74
N GLY R 13 -65.11 83.95 55.10
CA GLY R 13 -64.00 84.60 55.77
C GLY R 13 -64.28 86.07 56.10
N ARG R 14 -63.69 86.53 57.20
CA ARG R 14 -63.63 87.96 57.55
C ARG R 14 -62.94 88.80 56.46
N ASP R 15 -62.11 88.16 55.64
CA ASP R 15 -61.38 88.81 54.55
C ASP R 15 -62.18 88.82 53.25
N LYS R 16 -63.45 88.42 53.35
CA LYS R 16 -64.38 88.30 52.23
C LYS R 16 -64.10 87.12 51.31
N MET R 17 -63.07 86.34 51.64
CA MET R 17 -62.75 85.13 50.88
C MET R 17 -63.58 83.96 51.38
N LEU R 18 -63.71 82.93 50.56
CA LEU R 18 -64.41 81.72 50.96
C LEU R 18 -63.38 80.63 51.19
N TYR R 19 -63.63 79.83 52.22
CA TYR R 19 -62.71 78.77 52.63
C TYR R 19 -63.38 77.43 52.44
N VAL R 20 -62.72 76.52 51.71
CA VAL R 20 -63.21 75.15 51.63
C VAL R 20 -62.36 74.24 52.52
N ALA R 21 -62.98 73.68 53.56
CA ALA R 21 -62.30 72.85 54.54
C ALA R 21 -62.35 71.44 54.05
N ALA R 22 -61.17 70.83 53.91
CA ALA R 22 -61.02 69.47 53.42
C ALA R 22 -60.43 68.60 54.53
N GLN R 23 -60.56 67.29 54.36
CA GLN R 23 -60.31 66.30 55.41
C GLN R 23 -58.94 65.65 55.23
N ASN R 24 -58.36 65.79 54.04
CA ASN R 24 -57.06 65.15 53.73
C ASN R 24 -56.36 65.84 52.56
N GLU R 25 -55.19 65.34 52.18
CA GLU R 25 -54.39 66.05 51.19
C GLU R 25 -54.93 65.79 49.79
N ARG R 26 -55.38 64.58 49.54
CA ARG R 26 -55.95 64.18 48.27
C ARG R 26 -57.24 64.98 47.89
N ASP R 27 -58.15 65.16 48.85
CA ASP R 27 -59.29 66.08 48.70
C ASP R 27 -58.87 67.56 48.56
N THR R 28 -57.80 67.96 49.23
CA THR R 28 -57.30 69.32 49.16
C THR R 28 -56.75 69.65 47.75
N LEU R 29 -55.95 68.75 47.21
CA LEU R 29 -55.42 68.87 45.87
C LEU R 29 -56.53 68.90 44.83
N TRP R 30 -57.43 67.93 44.90
CA TRP R 30 -58.57 67.88 43.99
C TRP R 30 -59.42 69.15 44.07
N ALA R 31 -59.69 69.63 45.28
CA ALA R 31 -60.49 70.84 45.46
C ALA R 31 -59.77 72.08 44.88
N ARG R 32 -58.44 72.14 45.04
CA ARG R 32 -57.67 73.26 44.49
C ARG R 32 -57.69 73.27 42.96
N GLN R 33 -57.71 72.07 42.37
CA GLN R 33 -57.72 71.88 40.93
C GLN R 33 -59.03 72.41 40.34
N VAL R 34 -60.14 72.03 40.97
CA VAL R 34 -61.47 72.51 40.60
C VAL R 34 -61.54 74.04 40.65
N LEU R 35 -61.04 74.62 41.73
CA LEU R 35 -60.90 76.07 41.86
C LEU R 35 -60.02 76.68 40.74
N ALA R 36 -58.80 76.14 40.57
CA ALA R 36 -57.89 76.57 39.49
C ALA R 36 -58.46 76.36 38.06
N ARG R 37 -59.61 75.72 37.96
CA ARG R 37 -60.28 75.48 36.69
C ARG R 37 -61.35 76.55 36.42
N GLY R 38 -62.18 76.82 37.42
CA GLY R 38 -63.23 77.85 37.35
C GLY R 38 -62.76 79.25 37.70
N ASP R 39 -61.46 79.41 37.92
CA ASP R 39 -60.83 80.69 38.28
C ASP R 39 -61.36 81.31 39.58
N TYR R 40 -61.41 80.50 40.63
CA TYR R 40 -61.78 81.00 41.95
C TYR R 40 -60.58 81.15 42.89
N ASP R 41 -59.38 80.88 42.36
CA ASP R 41 -58.07 80.97 43.07
C ASP R 41 -57.81 82.27 43.83
N LYS R 42 -58.41 83.35 43.35
CA LYS R 42 -58.15 84.69 43.85
C LYS R 42 -59.19 85.04 44.90
N ASN R 43 -60.23 84.19 44.96
CA ASN R 43 -61.41 84.45 45.79
C ASN R 43 -61.73 83.36 46.82
N ALA R 44 -61.17 82.17 46.64
CA ALA R 44 -61.37 81.04 47.56
C ALA R 44 -60.08 80.29 47.86
N ARG R 45 -60.00 79.73 49.06
CA ARG R 45 -58.86 78.97 49.51
C ARG R 45 -59.34 77.61 50.04
N VAL R 46 -58.49 76.59 49.88
CA VAL R 46 -58.77 75.28 50.45
C VAL R 46 -57.84 75.13 51.64
N ILE R 47 -58.44 74.71 52.76
CA ILE R 47 -57.73 74.50 54.02
C ILE R 47 -57.83 73.04 54.52
N ASN R 48 -56.82 72.60 55.26
CA ASN R 48 -56.87 71.32 55.97
C ASN R 48 -56.13 71.46 57.28
N GLU R 49 -56.41 70.57 58.22
CA GLU R 49 -55.80 70.58 59.56
C GLU R 49 -54.26 70.55 59.52
N ASN R 50 -53.70 69.67 58.72
CA ASN R 50 -52.25 69.49 58.66
C ASN R 50 -51.49 70.73 58.20
N GLU R 51 -51.94 71.30 57.07
CA GLU R 51 -51.38 72.52 56.53
C GLU R 51 -51.57 73.69 57.47
N GLU R 52 -52.76 73.80 58.08
CA GLU R 52 -53.00 74.94 58.93
C GLU R 52 -52.14 74.87 60.19
N ASN R 53 -51.96 73.66 60.71
CA ASN R 53 -51.05 73.47 61.83
C ASN R 53 -49.59 73.85 61.51
N LYS R 54 -49.11 73.45 60.33
CA LYS R 54 -47.77 73.89 59.91
C LYS R 54 -47.67 75.41 59.76
N ARG R 55 -48.69 76.01 59.15
CA ARG R 55 -48.69 77.44 58.82
C ARG R 55 -48.64 78.28 60.11
N ILE R 56 -49.44 77.92 61.10
CA ILE R 56 -49.48 78.62 62.37
C ILE R 56 -48.23 78.38 63.22
N SER R 57 -47.69 77.16 63.20
CA SER R 57 -46.41 76.87 63.81
C SER R 57 -45.26 77.79 63.33
N ILE R 58 -45.16 78.02 62.01
CA ILE R 58 -44.20 78.98 61.46
C ILE R 58 -44.37 80.32 62.12
N TRP R 59 -45.61 80.77 62.24
CA TRP R 59 -45.85 82.09 62.80
C TRP R 59 -45.43 82.13 64.27
N LEU R 60 -45.76 81.05 64.99
CA LEU R 60 -45.40 80.92 66.40
C LEU R 60 -43.88 80.84 66.61
N ASP R 61 -43.18 80.18 65.69
CA ASP R 61 -41.70 80.12 65.74
C ASP R 61 -41.09 81.51 65.88
N THR R 62 -41.66 82.49 65.20
CA THR R 62 -41.14 83.83 65.33
C THR R 62 -41.85 84.69 66.41
N TYR R 63 -43.16 84.54 66.63
CA TYR R 63 -43.83 85.44 67.59
C TYR R 63 -43.95 84.92 69.01
N TYR R 64 -44.06 83.59 69.16
CA TYR R 64 -44.15 82.95 70.45
C TYR R 64 -43.14 81.79 70.54
N PRO R 65 -41.82 82.10 70.39
CA PRO R 65 -40.79 81.05 70.23
C PRO R 65 -40.64 80.08 71.39
N GLN R 66 -40.97 80.49 72.60
CA GLN R 66 -40.76 79.60 73.77
C GLN R 66 -42.05 78.88 74.15
N LEU R 67 -43.05 78.95 73.29
CA LEU R 67 -44.40 78.49 73.62
C LEU R 67 -44.45 76.99 73.71
N ALA R 68 -45.00 76.49 74.82
CA ALA R 68 -45.19 75.04 75.00
C ALA R 68 -46.62 74.65 74.62
N TYR R 69 -46.74 74.06 73.46
CA TYR R 69 -48.05 73.71 72.94
C TYR R 69 -47.97 72.39 72.18
N TYR R 70 -49.17 71.89 71.85
CA TYR R 70 -49.38 70.61 71.24
C TYR R 70 -49.80 70.78 69.78
N ARG R 71 -51.05 71.22 69.59
CA ARG R 71 -51.72 71.15 68.29
C ARG R 71 -53.03 71.96 68.29
N ILE R 72 -53.46 72.39 67.11
CA ILE R 72 -54.79 73.00 66.88
C ILE R 72 -55.68 71.96 66.23
N HIS R 73 -56.89 71.84 66.75
CA HIS R 73 -57.92 70.95 66.26
C HIS R 73 -59.07 71.73 65.64
N PHE R 74 -59.64 71.19 64.55
CA PHE R 74 -60.64 71.87 63.76
C PHE R 74 -61.90 71.02 63.59
N ASP R 75 -62.22 70.19 64.57
CA ASP R 75 -63.45 69.42 64.56
C ASP R 75 -64.64 70.32 64.26
N GLU R 76 -64.54 71.57 64.73
CA GLU R 76 -65.48 72.65 64.40
C GLU R 76 -64.63 73.79 63.75
N PRO R 77 -64.50 73.77 62.42
CA PRO R 77 -63.55 74.70 61.79
C PRO R 77 -63.76 76.21 62.08
N ARG R 78 -65.00 76.63 62.31
CA ARG R 78 -65.26 78.03 62.69
C ARG R 78 -64.83 78.35 64.11
N LYS R 79 -64.52 77.31 64.91
CA LYS R 79 -64.09 77.50 66.28
C LYS R 79 -62.97 76.49 66.54
N PRO R 80 -61.76 76.76 66.02
CA PRO R 80 -60.65 75.85 66.28
C PRO R 80 -60.24 75.84 67.77
N VAL R 81 -59.69 74.72 68.22
CA VAL R 81 -59.25 74.58 69.60
C VAL R 81 -57.71 74.40 69.59
N PHE R 82 -57.03 75.36 70.19
CA PHE R 82 -55.59 75.34 70.37
C PHE R 82 -55.21 74.72 71.72
N TRP R 83 -54.56 73.57 71.65
CA TRP R 83 -54.12 72.81 72.81
C TRP R 83 -52.77 73.30 73.29
N LEU R 84 -52.74 73.83 74.51
CA LEU R 84 -51.53 74.31 75.14
C LEU R 84 -51.16 73.42 76.30
N SER R 85 -49.88 73.36 76.64
CA SER R 85 -49.45 72.66 77.85
C SER R 85 -49.89 73.31 79.14
N ARG R 86 -50.52 72.51 79.99
CA ARG R 86 -51.01 72.96 81.29
C ARG R 86 -49.85 73.18 82.25
N GLN R 87 -48.93 72.21 82.31
CA GLN R 87 -47.74 72.31 83.17
C GLN R 87 -46.78 73.43 82.75
N ARG R 88 -46.57 73.60 81.44
CA ARG R 88 -45.49 74.49 80.94
C ARG R 88 -45.97 75.88 80.52
N ASN R 89 -47.23 76.16 80.77
CA ASN R 89 -47.74 77.49 80.48
C ASN R 89 -47.20 78.49 81.46
N THR R 90 -46.86 79.69 80.94
CA THR R 90 -46.27 80.78 81.72
C THR R 90 -47.16 82.02 81.58
N MET R 91 -48.13 81.97 80.68
CA MET R 91 -48.96 83.13 80.37
C MET R 91 -50.22 83.22 81.21
N SER R 92 -50.60 84.47 81.52
CA SER R 92 -51.81 84.77 82.26
C SER R 92 -52.99 84.69 81.32
N LYS R 93 -54.20 84.77 81.89
CA LYS R 93 -55.43 84.77 81.11
C LYS R 93 -55.41 85.87 80.06
N LYS R 94 -54.97 87.07 80.47
CA LYS R 94 -54.88 88.24 79.58
C LYS R 94 -53.93 87.98 78.40
N GLU R 95 -52.75 87.44 78.68
CA GLU R 95 -51.78 87.07 77.65
C GLU R 95 -52.28 85.97 76.72
N LEU R 96 -53.07 85.05 77.27
CA LEU R 96 -53.67 84.01 76.49
C LEU R 96 -54.85 84.53 75.63
N GLU R 97 -55.56 85.57 76.09
CA GLU R 97 -56.58 86.27 75.26
C GLU R 97 -55.94 87.02 74.08
N VAL R 98 -54.81 87.65 74.35
CA VAL R 98 -53.97 88.27 73.30
C VAL R 98 -53.55 87.25 72.23
N LEU R 99 -52.97 86.11 72.65
CA LEU R 99 -52.61 85.02 71.74
C LEU R 99 -53.81 84.55 70.91
N SER R 100 -54.90 84.24 71.59
CA SER R 100 -56.14 83.83 70.94
C SER R 100 -56.63 84.85 69.87
N GLN R 101 -56.48 86.14 70.17
CA GLN R 101 -56.86 87.23 69.25
C GLN R 101 -55.98 87.23 68.01
N LYS R 102 -54.69 87.00 68.21
CA LYS R 102 -53.75 87.02 67.10
C LYS R 102 -53.90 85.75 66.25
N LEU R 103 -54.26 84.64 66.89
CA LEU R 103 -54.59 83.41 66.17
C LEU R 103 -55.84 83.56 65.31
N ARG R 104 -56.88 84.20 65.85
CA ARG R 104 -58.09 84.49 65.09
C ARG R 104 -57.80 85.29 63.80
N ALA R 105 -56.97 86.33 63.91
CA ALA R 105 -56.62 87.21 62.80
C ALA R 105 -55.91 86.45 61.68
N LEU R 106 -55.16 85.41 62.07
CA LEU R 106 -54.47 84.52 61.15
C LEU R 106 -55.35 83.49 60.44
N MET R 107 -56.57 83.30 60.98
CA MET R 107 -57.53 82.35 60.43
C MET R 107 -58.84 83.06 60.18
N PRO R 108 -58.97 83.71 59.01
CA PRO R 108 -60.14 84.57 58.72
C PRO R 108 -61.49 83.82 58.74
N TYR R 109 -61.44 82.48 58.66
CA TYR R 109 -62.63 81.62 58.66
C TYR R 109 -63.06 81.23 60.10
N ALA R 110 -62.27 81.59 61.09
CA ALA R 110 -62.55 81.24 62.49
C ALA R 110 -63.29 82.34 63.25
N ASP R 111 -64.42 82.01 63.86
CA ASP R 111 -65.18 82.96 64.70
C ASP R 111 -64.33 83.34 65.91
N SER R 112 -63.69 82.34 66.49
CA SER R 112 -62.82 82.51 67.65
C SER R 112 -61.89 81.32 67.72
N VAL R 113 -60.81 81.48 68.47
CA VAL R 113 -59.88 80.41 68.69
C VAL R 113 -59.87 80.15 70.20
N ASN R 114 -60.31 78.97 70.61
CA ASN R 114 -60.27 78.63 72.03
C ASN R 114 -58.93 78.05 72.44
N ILE R 115 -58.36 78.57 73.51
CA ILE R 115 -57.12 78.05 74.05
C ILE R 115 -57.47 77.15 75.20
N THR R 116 -57.00 75.91 75.10
CA THR R 116 -57.33 74.85 76.08
C THR R 116 -56.04 74.23 76.56
N LEU R 117 -55.93 74.09 77.87
CA LEU R 117 -54.75 73.53 78.52
C LEU R 117 -54.84 72.02 78.55
N MET R 118 -53.76 71.36 78.16
CA MET R 118 -53.69 69.93 78.12
C MET R 118 -52.55 69.42 79.00
N ASP R 119 -52.84 68.34 79.71
CA ASP R 119 -51.94 67.81 80.71
C ASP R 119 -50.79 66.99 80.05
N ASP R 120 -49.54 67.39 80.31
CA ASP R 120 -48.33 66.69 79.81
C ASP R 120 -48.21 65.22 80.23
N VAL R 121 -48.62 64.94 81.45
CA VAL R 121 -48.55 63.59 82.00
C VAL R 121 -49.59 62.69 81.32
N THR R 122 -50.77 63.25 81.08
CA THR R 122 -51.78 62.65 80.24
C THR R 122 -51.26 62.43 78.81
N ALA R 123 -50.55 63.41 78.25
CA ALA R 123 -50.05 63.32 76.87
C ALA R 123 -49.12 62.11 76.70
N ALA R 124 -48.24 61.94 77.68
CA ALA R 124 -47.27 60.85 77.67
C ALA R 124 -47.92 59.53 78.01
N GLY R 125 -48.89 59.54 78.91
CA GLY R 125 -49.61 58.33 79.31
C GLY R 125 -50.42 57.72 78.19
N GLN R 126 -51.02 58.56 77.36
CA GLN R 126 -51.77 58.06 76.20
C GLN R 126 -50.83 57.44 75.16
N ALA R 127 -49.62 57.98 75.04
CA ALA R 127 -48.61 57.36 74.20
C ALA R 127 -48.24 55.97 74.76
N GLU R 128 -48.00 55.88 76.08
CA GLU R 128 -47.66 54.60 76.73
C GLU R 128 -48.73 53.54 76.59
N ALA R 129 -49.98 53.94 76.84
CA ALA R 129 -51.12 53.03 76.80
C ALA R 129 -51.24 52.38 75.44
N GLY R 130 -51.21 53.19 74.38
CA GLY R 130 -51.26 52.69 72.99
C GLY R 130 -50.14 51.71 72.65
N LEU R 131 -48.96 51.91 73.21
CA LEU R 131 -47.88 50.92 73.06
C LEU R 131 -48.08 49.63 73.90
N LYS R 132 -48.62 49.77 75.10
CA LYS R 132 -48.95 48.62 75.94
C LYS R 132 -50.06 47.79 75.32
N GLN R 133 -51.04 48.47 74.73
CA GLN R 133 -52.16 47.83 74.04
C GLN R 133 -51.74 46.83 72.97
N GLN R 134 -50.60 47.10 72.34
CA GLN R 134 -50.11 46.27 71.26
C GLN R 134 -48.93 45.40 71.69
N ALA R 135 -48.76 45.26 73.00
CA ALA R 135 -47.68 44.41 73.55
C ALA R 135 -46.38 44.65 72.77
N LEU R 136 -46.09 45.93 72.56
CA LEU R 136 -44.87 46.40 71.92
C LEU R 136 -43.78 46.63 72.97
N PRO R 137 -42.61 46.03 72.76
CA PRO R 137 -41.57 46.42 73.71
C PRO R 137 -41.15 47.85 73.36
N TYR R 138 -40.79 48.66 74.36
CA TYR R 138 -40.45 50.06 74.17
C TYR R 138 -39.65 50.47 75.41
N SER R 139 -38.79 51.48 75.28
CA SER R 139 -38.28 52.23 76.43
C SER R 139 -38.80 53.65 76.34
N ARG R 140 -39.43 54.07 77.43
CA ARG R 140 -39.77 55.44 77.67
C ARG R 140 -38.55 56.16 78.21
N ARG R 141 -38.07 57.14 77.46
CA ARG R 141 -36.92 57.92 77.92
C ARG R 141 -37.39 59.35 78.15
N ASN R 142 -37.38 59.78 79.41
CA ASN R 142 -37.74 61.16 79.78
C ASN R 142 -36.56 62.11 79.61
N HIS R 143 -36.72 63.11 78.76
CA HIS R 143 -35.69 64.13 78.55
C HIS R 143 -36.21 65.43 79.08
N LYS R 144 -35.39 66.46 78.98
CA LYS R 144 -35.80 67.79 79.37
C LYS R 144 -36.69 68.40 78.28
N GLY R 145 -37.95 68.59 78.62
CA GLY R 145 -38.96 69.14 77.68
C GLY R 145 -39.55 68.17 76.68
N GLY R 146 -39.31 66.87 76.89
CA GLY R 146 -39.97 65.85 76.08
C GLY R 146 -39.78 64.43 76.56
N VAL R 147 -40.41 63.52 75.83
CA VAL R 147 -40.32 62.09 76.11
C VAL R 147 -40.12 61.44 74.76
N THR R 148 -39.15 60.53 74.68
CA THR R 148 -39.03 59.64 73.53
C THR R 148 -39.45 58.21 73.92
N PHE R 149 -40.36 57.63 73.14
CA PHE R 149 -40.66 56.19 73.24
C PHE R 149 -39.92 55.46 72.12
N VAL R 150 -38.94 54.65 72.50
CA VAL R 150 -38.19 53.88 71.53
C VAL R 150 -38.78 52.47 71.41
N ILE R 151 -39.36 52.15 70.25
CA ILE R 151 -39.93 50.83 70.03
C ILE R 151 -38.81 49.85 69.70
N GLN R 152 -38.76 48.76 70.46
CA GLN R 152 -37.68 47.78 70.38
C GLN R 152 -38.06 46.49 69.65
N GLY R 153 -37.03 45.69 69.35
CA GLY R 153 -37.20 44.35 68.78
C GLY R 153 -37.69 44.35 67.36
N ALA R 154 -37.65 43.17 66.75
CA ALA R 154 -38.17 42.98 65.41
C ALA R 154 -39.68 42.85 65.48
N LEU R 155 -40.35 43.25 64.40
CA LEU R 155 -41.79 43.11 64.28
C LEU R 155 -42.16 42.64 62.87
N ASP R 156 -43.21 41.83 62.75
CA ASP R 156 -43.66 41.42 61.42
C ASP R 156 -44.36 42.57 60.67
N ASP R 157 -44.64 42.37 59.38
CA ASP R 157 -45.16 43.43 58.52
C ASP R 157 -46.47 44.00 59.04
N VAL R 158 -47.32 43.13 59.59
CA VAL R 158 -48.60 43.52 60.19
C VAL R 158 -48.38 44.39 61.43
N GLU R 159 -47.45 43.99 62.28
CA GLU R 159 -47.15 44.69 63.51
C GLU R 159 -46.44 46.02 63.26
N ILE R 160 -45.64 46.06 62.19
CA ILE R 160 -44.98 47.31 61.77
C ILE R 160 -46.05 48.31 61.35
N LEU R 161 -47.02 47.81 60.58
CA LEU R 161 -48.15 48.60 60.10
C LEU R 161 -49.03 49.13 61.24
N ARG R 162 -49.36 48.26 62.19
CA ARG R 162 -50.25 48.61 63.29
C ARG R 162 -49.61 49.64 64.24
N ALA R 163 -48.29 49.55 64.40
CA ALA R 163 -47.50 50.52 65.17
C ALA R 163 -47.38 51.87 64.46
N ARG R 164 -47.28 51.85 63.12
CA ARG R 164 -47.21 53.08 62.34
C ARG R 164 -48.55 53.81 62.38
N GLN R 165 -49.63 53.07 62.30
CA GLN R 165 -50.95 53.66 62.41
C GLN R 165 -51.23 54.25 63.80
N PHE R 166 -50.72 53.62 64.85
CA PHE R 166 -50.86 54.19 66.18
C PHE R 166 -50.11 55.51 66.28
N VAL R 167 -48.85 55.48 65.84
CA VAL R 167 -47.98 56.64 65.89
C VAL R 167 -48.57 57.82 65.10
N ASP R 168 -49.05 57.53 63.89
CA ASP R 168 -49.66 58.52 62.99
C ASP R 168 -50.88 59.16 63.66
N SER R 169 -51.67 58.33 64.30
CA SER R 169 -52.87 58.75 65.02
C SER R 169 -52.53 59.65 66.20
N TYR R 170 -51.51 59.25 66.95
CA TYR R 170 -51.06 59.99 68.12
C TYR R 170 -50.66 61.41 67.72
N TYR R 171 -49.82 61.50 66.70
CA TYR R 171 -49.34 62.77 66.19
C TYR R 171 -50.49 63.67 65.68
N ARG R 172 -51.50 63.06 65.07
CA ARG R 172 -52.65 63.83 64.61
C ARG R 172 -53.41 64.48 65.77
N THR R 173 -53.48 63.76 66.89
CA THR R 173 -54.12 64.27 68.10
C THR R 173 -53.24 65.29 68.83
N TRP R 174 -52.00 64.88 69.15
CA TRP R 174 -51.12 65.65 70.04
C TRP R 174 -50.02 66.49 69.37
N GLY R 175 -49.84 66.34 68.06
CA GLY R 175 -48.64 66.90 67.41
C GLY R 175 -47.37 66.16 67.79
N GLY R 176 -46.21 66.67 67.33
CA GLY R 176 -44.93 65.97 67.60
C GLY R 176 -43.93 66.83 68.39
N ARG R 177 -44.46 67.77 69.16
CA ARG R 177 -43.64 68.75 69.87
C ARG R 177 -43.20 68.32 71.26
N TYR R 178 -43.80 67.29 71.82
CA TYR R 178 -43.53 66.90 73.20
C TYR R 178 -43.14 65.43 73.27
N VAL R 179 -44.10 64.53 73.04
CA VAL R 179 -43.80 63.12 72.92
C VAL R 179 -43.43 62.76 71.48
N GLN R 180 -42.33 62.01 71.34
CA GLN R 180 -41.89 61.50 70.04
C GLN R 180 -41.68 60.02 70.11
N PHE R 181 -41.77 59.36 68.96
CA PHE R 181 -41.54 57.92 68.89
C PHE R 181 -40.33 57.68 68.00
N ALA R 182 -39.63 56.58 68.25
CA ALA R 182 -38.48 56.24 67.48
C ALA R 182 -38.39 54.73 67.44
N ILE R 183 -37.65 54.22 66.48
CA ILE R 183 -37.44 52.79 66.38
C ILE R 183 -35.99 52.47 66.71
N GLU R 184 -35.82 51.54 67.62
CA GLU R 184 -34.51 51.09 68.05
C GLU R 184 -33.62 50.65 66.88
N LEU R 185 -32.35 51.00 66.96
CA LEU R 185 -31.39 50.60 65.95
C LEU R 185 -30.28 49.87 66.67
N LYS R 186 -30.07 48.60 66.29
CA LYS R 186 -29.14 47.67 66.95
C LYS R 186 -28.08 47.12 65.98
N LEU S 1 70.67 -36.41 -79.93
CA LEU S 1 70.13 -36.19 -78.55
C LEU S 1 69.98 -34.70 -78.21
N GLY S 2 70.72 -33.85 -78.91
CA GLY S 2 70.63 -32.40 -78.71
C GLY S 2 71.07 -31.94 -77.33
N GLN S 3 70.23 -31.12 -76.69
CA GLN S 3 70.48 -30.62 -75.34
C GLN S 3 70.40 -31.73 -74.27
N GLU S 4 70.20 -32.96 -74.72
CA GLU S 4 70.02 -34.12 -73.87
C GLU S 4 71.24 -35.04 -73.99
N LYS S 5 72.22 -34.59 -74.78
CA LYS S 5 73.42 -35.38 -75.10
C LYS S 5 74.27 -35.68 -73.85
N GLU S 6 74.09 -34.88 -72.80
CA GLU S 6 74.90 -35.00 -71.60
C GLU S 6 74.26 -35.88 -70.54
N ARG S 7 72.97 -36.14 -70.69
CA ARG S 7 72.20 -36.88 -69.71
C ARG S 7 72.05 -38.36 -70.10
N PHE S 8 72.12 -38.60 -71.41
CA PHE S 8 71.81 -39.89 -71.99
C PHE S 8 72.90 -40.37 -72.98
N GLN S 9 72.94 -41.68 -73.17
CA GLN S 9 73.79 -42.30 -74.16
C GLN S 9 72.95 -43.30 -74.90
N VAL S 10 73.05 -43.31 -76.22
CA VAL S 10 72.37 -44.31 -77.01
C VAL S 10 73.39 -45.38 -77.42
N LEU S 11 73.12 -46.64 -77.07
CA LEU S 11 74.05 -47.73 -77.34
C LEU S 11 73.34 -48.80 -78.16
N PRO S 12 74.03 -49.37 -79.16
CA PRO S 12 73.44 -50.49 -79.92
C PRO S 12 73.49 -51.80 -79.15
N GLY S 13 72.48 -52.65 -79.36
CA GLY S 13 72.47 -53.96 -78.74
C GLY S 13 72.76 -55.08 -79.73
N ARG S 14 73.40 -56.14 -79.22
CA ARG S 14 73.55 -57.42 -79.95
C ARG S 14 72.20 -58.04 -80.34
N ASP S 15 71.14 -57.65 -79.64
CA ASP S 15 69.78 -58.14 -79.89
C ASP S 15 69.04 -57.28 -80.90
N LYS S 16 69.78 -56.36 -81.52
CA LYS S 16 69.27 -55.39 -82.49
C LYS S 16 68.42 -54.28 -81.87
N MET S 17 68.27 -54.30 -80.55
CA MET S 17 67.56 -53.24 -79.84
C MET S 17 68.51 -52.09 -79.54
N LEU S 18 67.94 -50.92 -79.26
CA LEU S 18 68.73 -49.76 -78.88
C LEU S 18 68.52 -49.52 -77.40
N TYR S 19 69.61 -49.14 -76.74
CA TYR S 19 69.61 -48.92 -75.30
C TYR S 19 69.88 -47.45 -75.01
N VAL S 20 69.00 -46.83 -74.23
CA VAL S 20 69.28 -45.47 -73.76
C VAL S 20 69.72 -45.51 -72.29
N ALA S 21 70.97 -45.13 -72.04
CA ALA S 21 71.57 -45.18 -70.71
C ALA S 21 71.28 -43.87 -70.04
N ALA S 22 70.64 -43.94 -68.87
CA ALA S 22 70.25 -42.78 -68.09
C ALA S 22 71.00 -42.80 -66.76
N GLN S 23 71.04 -41.64 -66.10
CA GLN S 23 71.90 -41.38 -64.96
C GLN S 23 71.14 -41.51 -63.65
N ASN S 24 69.80 -41.47 -63.72
CA ASN S 24 68.97 -41.52 -62.51
C ASN S 24 67.54 -42.00 -62.83
N GLU S 25 66.68 -42.06 -61.82
CA GLU S 25 65.37 -42.66 -62.02
C GLU S 25 64.44 -41.68 -62.73
N ARG S 26 64.55 -40.41 -62.38
CA ARG S 26 63.76 -39.35 -62.98
C ARG S 26 63.99 -39.19 -64.52
N ASP S 27 65.25 -39.21 -64.94
CA ASP S 27 65.60 -39.31 -66.37
C ASP S 27 65.14 -40.62 -67.02
N THR S 28 65.18 -41.72 -66.30
CA THR S 28 64.75 -43.01 -66.80
C THR S 28 63.22 -43.04 -67.08
N LEU S 29 62.45 -42.53 -66.15
CA LEU S 29 61.01 -42.43 -66.29
C LEU S 29 60.64 -41.52 -67.46
N TRP S 30 61.23 -40.32 -67.48
CA TRP S 30 61.00 -39.38 -68.56
C TRP S 30 61.37 -39.96 -69.92
N ALA S 31 62.51 -40.64 -70.00
CA ALA S 31 62.96 -41.25 -71.26
C ALA S 31 62.00 -42.38 -71.70
N ARG S 32 61.49 -43.16 -70.75
CA ARG S 32 60.54 -44.23 -71.07
C ARG S 32 59.22 -43.67 -71.61
N GLN S 33 58.83 -42.51 -71.08
CA GLN S 33 57.59 -41.84 -71.47
C GLN S 33 57.67 -41.37 -72.92
N VAL S 34 58.79 -40.74 -73.27
CA VAL S 34 59.08 -40.31 -74.63
C VAL S 34 59.02 -41.49 -75.60
N LEU S 35 59.66 -42.59 -75.24
CA LEU S 35 59.59 -43.84 -75.99
C LEU S 35 58.13 -44.36 -76.11
N ALA S 36 57.44 -44.50 -74.98
CA ALA S 36 56.02 -44.89 -74.96
C ALA S 36 55.08 -43.95 -75.72
N ARG S 37 55.61 -42.82 -76.17
CA ARG S 37 54.85 -41.82 -76.94
C ARG S 37 55.04 -42.02 -78.45
N GLY S 38 56.30 -42.17 -78.87
CA GLY S 38 56.65 -42.42 -80.27
C GLY S 38 56.62 -43.88 -80.69
N ASP S 39 56.16 -44.74 -79.78
CA ASP S 39 56.06 -46.19 -80.00
C ASP S 39 57.39 -46.88 -80.32
N TYR S 40 58.40 -46.60 -79.50
CA TYR S 40 59.68 -47.28 -79.62
C TYR S 40 59.90 -48.35 -78.54
N ASP S 41 58.88 -48.56 -77.71
CA ASP S 41 58.86 -49.55 -76.59
C ASP S 41 59.27 -50.96 -76.95
N LYS S 42 59.05 -51.33 -78.20
CA LYS S 42 59.24 -52.70 -78.67
C LYS S 42 60.63 -52.82 -79.27
N ASN S 43 61.28 -51.66 -79.47
CA ASN S 43 62.55 -51.56 -80.19
C ASN S 43 63.69 -50.92 -79.40
N ALA S 44 63.37 -50.19 -78.33
CA ALA S 44 64.36 -49.54 -77.46
C ALA S 44 64.06 -49.72 -75.96
N ARG S 45 65.10 -49.76 -75.18
CA ARG S 45 65.00 -49.90 -73.73
C ARG S 45 65.81 -48.79 -73.06
N VAL S 46 65.33 -48.36 -71.88
CA VAL S 46 66.08 -47.40 -71.08
C VAL S 46 66.69 -48.18 -69.93
N ILE S 47 67.98 -47.96 -69.71
CA ILE S 47 68.74 -48.61 -68.65
C ILE S 47 69.35 -47.59 -67.65
N ASN S 48 69.55 -48.02 -66.41
CA ASN S 48 70.30 -47.24 -65.42
C ASN S 48 71.05 -48.21 -64.53
N GLU S 49 72.08 -47.70 -63.86
CA GLU S 49 72.94 -48.52 -62.98
C GLU S 49 72.18 -49.25 -61.89
N ASN S 50 71.28 -48.55 -61.21
CA ASN S 50 70.53 -49.13 -60.10
C ASN S 50 69.65 -50.32 -60.48
N GLU S 51 68.85 -50.13 -61.52
CA GLU S 51 68.00 -51.18 -62.06
C GLU S 51 68.81 -52.34 -62.61
N GLU S 52 69.91 -52.04 -63.31
CA GLU S 52 70.67 -53.13 -63.90
C GLU S 52 71.34 -53.95 -62.81
N ASN S 53 71.82 -53.28 -61.77
CA ASN S 53 72.37 -54.00 -60.63
C ASN S 53 71.35 -54.91 -59.93
N LYS S 54 70.12 -54.43 -59.74
CA LYS S 54 69.06 -55.29 -59.19
C LYS S 54 68.75 -56.47 -60.11
N ARG S 55 68.68 -56.22 -61.42
CA ARG S 55 68.26 -57.22 -62.41
C ARG S 55 69.28 -58.37 -62.46
N ILE S 56 70.56 -58.03 -62.46
CA ILE S 56 71.64 -59.02 -62.50
C ILE S 56 71.78 -59.79 -61.17
N SER S 57 71.61 -59.09 -60.04
CA SER S 57 71.53 -59.74 -58.74
C SER S 57 70.49 -60.85 -58.66
N ILE S 58 69.27 -60.61 -59.17
CA ILE S 58 68.24 -61.65 -59.27
C ILE S 58 68.78 -62.86 -59.99
N TRP S 59 69.45 -62.62 -61.12
CA TRP S 59 69.94 -63.73 -61.92
C TRP S 59 71.02 -64.50 -61.14
N LEU S 60 71.88 -63.75 -60.46
CA LEU S 60 72.95 -64.35 -59.65
C LEU S 60 72.41 -65.13 -58.46
N ASP S 61 71.32 -64.64 -57.85
CA ASP S 61 70.64 -65.35 -56.75
C ASP S 61 70.36 -66.80 -57.13
N THR S 62 69.95 -67.03 -58.37
CA THR S 62 69.71 -68.40 -58.79
C THR S 62 70.91 -69.10 -59.45
N TYR S 63 71.76 -68.40 -60.20
CA TYR S 63 72.85 -69.11 -60.92
C TYR S 63 74.18 -69.15 -60.20
N TYR S 64 74.46 -68.11 -59.41
CA TYR S 64 75.70 -68.02 -58.64
C TYR S 64 75.37 -67.67 -57.18
N PRO S 65 74.57 -68.52 -56.48
CA PRO S 65 74.03 -68.16 -55.16
C PRO S 65 75.04 -67.90 -54.06
N GLN S 66 76.23 -68.49 -54.13
CA GLN S 66 77.20 -68.33 -53.05
C GLN S 66 78.23 -67.24 -53.39
N LEU S 67 77.96 -66.48 -54.44
CA LEU S 67 78.94 -65.55 -55.00
C LEU S 67 79.18 -64.38 -54.08
N ALA S 68 80.45 -64.11 -53.78
CA ALA S 68 80.81 -62.95 -52.96
C ALA S 68 81.22 -61.79 -53.86
N TYR S 69 80.32 -60.84 -53.98
CA TYR S 69 80.53 -59.71 -54.87
C TYR S 69 79.96 -58.44 -54.26
N TYR S 70 80.29 -57.33 -54.92
CA TYR S 70 79.96 -56.00 -54.48
C TYR S 70 78.90 -55.40 -55.38
N ARG S 71 79.30 -55.03 -56.60
CA ARG S 71 78.49 -54.18 -57.48
C ARG S 71 79.07 -54.15 -58.91
N ILE S 72 78.21 -53.84 -59.88
CA ILE S 72 78.61 -53.56 -61.27
C ILE S 72 78.57 -52.05 -61.49
N HIS S 73 79.63 -51.53 -62.10
CA HIS S 73 79.78 -50.13 -62.45
C HIS S 73 79.74 -49.95 -63.96
N PHE S 74 79.12 -48.84 -64.40
CA PHE S 74 78.85 -48.58 -65.81
C PHE S 74 79.40 -47.22 -66.23
N ASP S 75 80.47 -46.75 -65.60
CA ASP S 75 81.12 -45.52 -66.00
C ASP S 75 81.37 -45.52 -67.51
N GLU S 76 81.62 -46.71 -68.07
CA GLU S 76 81.70 -46.96 -69.50
C GLU S 76 80.63 -48.05 -69.82
N PRO S 77 79.41 -47.63 -70.16
CA PRO S 77 78.32 -48.62 -70.28
C PRO S 77 78.54 -49.78 -71.25
N ARG S 78 79.32 -49.57 -72.32
CA ARG S 78 79.66 -50.67 -73.24
C ARG S 78 80.66 -51.65 -72.65
N LYS S 79 81.27 -51.28 -71.53
CA LYS S 79 82.25 -52.14 -70.86
C LYS S 79 82.02 -52.02 -69.36
N PRO S 80 80.95 -52.65 -68.84
CA PRO S 80 80.71 -52.60 -67.40
C PRO S 80 81.81 -53.34 -66.61
N VAL S 81 82.03 -52.90 -65.37
CA VAL S 81 83.02 -53.51 -64.50
C VAL S 81 82.27 -54.15 -63.30
N PHE S 82 82.39 -55.46 -63.20
CA PHE S 82 81.84 -56.24 -62.11
C PHE S 82 82.88 -56.43 -61.00
N TRP S 83 82.60 -55.84 -59.85
CA TRP S 83 83.46 -55.87 -58.68
C TRP S 83 83.17 -57.13 -57.85
N LEU S 84 84.18 -57.98 -57.75
CA LEU S 84 84.09 -59.21 -56.97
C LEU S 84 85.00 -59.12 -55.77
N SER S 85 84.68 -59.85 -54.71
CA SER S 85 85.58 -59.96 -53.56
C SER S 85 86.86 -60.71 -53.84
N ARG S 86 87.97 -60.07 -53.50
CA ARG S 86 89.30 -60.63 -53.69
C ARG S 86 89.55 -61.74 -52.68
N GLN S 87 89.23 -61.47 -51.41
CA GLN S 87 89.39 -62.46 -50.33
C GLN S 87 88.47 -63.67 -50.48
N ARG S 88 87.22 -63.45 -50.89
CA ARG S 88 86.18 -64.50 -50.83
C ARG S 88 85.93 -65.20 -52.16
N ASN S 89 86.74 -64.88 -53.16
CA ASN S 89 86.62 -65.54 -54.43
C ASN S 89 87.11 -66.97 -54.34
N THR S 90 86.41 -67.88 -55.01
CA THR S 90 86.70 -69.32 -54.99
C THR S 90 86.91 -69.79 -56.44
N MET S 91 86.61 -68.92 -57.40
CA MET S 91 86.64 -69.31 -58.81
C MET S 91 87.97 -69.04 -59.49
N SER S 92 88.33 -69.94 -60.41
CA SER S 92 89.53 -69.83 -61.21
C SER S 92 89.30 -68.83 -62.32
N LYS S 93 90.37 -68.49 -63.03
CA LYS S 93 90.30 -67.57 -64.17
C LYS S 93 89.28 -68.07 -65.19
N LYS S 94 89.32 -69.37 -65.49
CA LYS S 94 88.41 -70.02 -66.43
C LYS S 94 86.94 -69.87 -66.00
N GLU S 95 86.67 -70.16 -64.74
CA GLU S 95 85.32 -69.98 -64.16
C GLU S 95 84.85 -68.53 -64.16
N LEU S 96 85.78 -67.61 -63.96
CA LEU S 96 85.49 -66.20 -64.03
C LEU S 96 85.28 -65.71 -65.46
N GLU S 97 85.92 -66.34 -66.45
CA GLU S 97 85.64 -66.06 -67.89
C GLU S 97 84.26 -66.55 -68.30
N VAL S 98 83.88 -67.72 -67.80
CA VAL S 98 82.51 -68.24 -67.94
C VAL S 98 81.46 -67.27 -67.37
N LEU S 99 81.64 -66.83 -66.12
CA LEU S 99 80.76 -65.83 -65.50
C LEU S 99 80.67 -64.54 -66.35
N SER S 100 81.82 -64.00 -66.69
CA SER S 100 81.89 -62.82 -67.54
C SER S 100 81.11 -62.98 -68.88
N GLN S 101 81.19 -64.17 -69.47
CA GLN S 101 80.48 -64.49 -70.72
C GLN S 101 78.97 -64.49 -70.53
N LYS S 102 78.54 -65.04 -69.39
CA LYS S 102 77.11 -65.14 -69.10
C LYS S 102 76.56 -63.76 -68.72
N LEU S 103 77.39 -62.95 -68.08
CA LEU S 103 77.03 -61.54 -67.80
C LEU S 103 76.87 -60.72 -69.06
N ARG S 104 77.78 -60.89 -70.02
CA ARG S 104 77.69 -60.24 -71.31
C ARG S 104 76.37 -60.53 -72.05
N ALA S 105 75.98 -61.81 -72.06
CA ALA S 105 74.76 -62.28 -72.72
C ALA S 105 73.51 -61.64 -72.13
N LEU S 106 73.57 -61.34 -70.83
CA LEU S 106 72.50 -60.67 -70.09
C LEU S 106 72.41 -59.16 -70.33
N MET S 107 73.49 -58.59 -70.89
CA MET S 107 73.56 -57.16 -71.17
C MET S 107 73.92 -56.96 -72.63
N PRO S 108 72.91 -56.99 -73.53
CA PRO S 108 73.15 -56.96 -74.97
C PRO S 108 73.90 -55.69 -75.47
N TYR S 109 73.90 -54.65 -74.64
CA TYR S 109 74.56 -53.37 -74.95
C TYR S 109 76.05 -53.35 -74.52
N ALA S 110 76.51 -54.40 -73.85
CA ALA S 110 77.89 -54.49 -73.36
C ALA S 110 78.82 -55.25 -74.31
N ASP S 111 79.93 -54.63 -74.70
CA ASP S 111 80.94 -55.29 -75.54
C ASP S 111 81.55 -56.46 -74.76
N SER S 112 81.83 -56.22 -73.49
CA SER S 112 82.40 -57.21 -72.59
C SER S 112 82.11 -56.77 -71.18
N VAL S 113 82.21 -57.71 -70.26
CA VAL S 113 82.05 -57.42 -68.86
C VAL S 113 83.37 -57.77 -68.17
N ASN S 114 84.05 -56.78 -67.62
CA ASN S 114 85.30 -57.04 -66.90
C ASN S 114 85.04 -57.42 -65.45
N ILE S 115 85.65 -58.50 -65.00
CA ILE S 115 85.55 -58.91 -63.62
C ILE S 115 86.81 -58.44 -62.92
N THR S 116 86.60 -57.68 -61.85
CA THR S 116 87.69 -57.04 -61.11
C THR S 116 87.53 -57.36 -59.65
N LEU S 117 88.62 -57.80 -59.05
CA LEU S 117 88.67 -58.18 -57.64
C LEU S 117 88.87 -56.97 -56.77
N MET S 118 88.05 -56.87 -55.72
CA MET S 118 88.11 -55.76 -54.80
C MET S 118 88.37 -56.26 -53.37
N ASP S 119 89.21 -55.53 -52.67
CA ASP S 119 89.68 -55.93 -51.37
C ASP S 119 88.62 -55.63 -50.27
N ASP S 120 88.21 -56.66 -49.55
CA ASP S 120 87.24 -56.55 -48.42
C ASP S 120 87.67 -55.61 -47.28
N VAL S 121 88.95 -55.62 -46.98
CA VAL S 121 89.51 -54.80 -45.92
C VAL S 121 89.50 -53.33 -46.33
N THR S 122 89.81 -53.09 -47.61
CA THR S 122 89.63 -51.80 -48.23
C THR S 122 88.16 -51.38 -48.21
N ALA S 123 87.25 -52.30 -48.51
CA ALA S 123 85.80 -51.97 -48.56
C ALA S 123 85.31 -51.45 -47.21
N ALA S 124 85.74 -52.11 -46.14
CA ALA S 124 85.35 -51.74 -44.78
C ALA S 124 86.08 -50.51 -44.32
N GLY S 125 87.33 -50.35 -44.71
CA GLY S 125 88.13 -49.18 -44.34
C GLY S 125 87.61 -47.89 -44.93
N GLN S 126 87.11 -47.94 -46.15
CA GLN S 126 86.51 -46.76 -46.77
C GLN S 126 85.20 -46.36 -46.07
N ALA S 127 84.46 -47.36 -45.58
CA ALA S 127 83.29 -47.09 -44.77
C ALA S 127 83.71 -46.39 -43.46
N GLU S 128 84.75 -46.92 -42.78
CA GLU S 128 85.26 -46.32 -41.54
C GLU S 128 85.74 -44.90 -41.69
N ALA S 129 86.53 -44.66 -42.73
CA ALA S 129 87.14 -43.37 -43.00
C ALA S 129 86.06 -42.30 -43.15
N GLY S 130 85.06 -42.56 -43.98
CA GLY S 130 83.93 -41.65 -44.18
C GLY S 130 83.17 -41.33 -42.90
N LEU S 131 83.06 -42.28 -41.99
CA LEU S 131 82.49 -42.01 -40.67
C LEU S 131 83.42 -41.19 -39.73
N LYS S 132 84.72 -41.47 -39.79
CA LYS S 132 85.70 -40.70 -39.03
C LYS S 132 85.78 -39.26 -39.52
N GLN S 133 85.68 -39.08 -40.84
CA GLN S 133 85.69 -37.76 -41.47
C GLN S 133 84.63 -36.82 -40.93
N GLN S 134 83.51 -37.38 -40.49
CA GLN S 134 82.40 -36.58 -40.00
C GLN S 134 82.27 -36.66 -38.47
N ALA S 135 83.34 -37.10 -37.81
CA ALA S 135 83.37 -37.18 -36.35
C ALA S 135 82.03 -37.75 -35.83
N LEU S 136 81.60 -38.82 -36.49
CA LEU S 136 80.40 -39.58 -36.12
C LEU S 136 80.77 -40.69 -35.14
N PRO S 137 80.08 -40.74 -34.00
CA PRO S 137 80.36 -41.91 -33.18
C PRO S 137 79.72 -43.12 -33.89
N TYR S 138 80.35 -44.30 -33.79
CA TYR S 138 79.90 -45.50 -34.47
C TYR S 138 80.55 -46.67 -33.74
N SER S 139 79.94 -47.86 -33.79
CA SER S 139 80.63 -49.11 -33.50
C SER S 139 80.68 -49.93 -34.78
N ARG S 140 81.89 -50.33 -35.12
CA ARG S 140 82.15 -51.32 -36.12
C ARG S 140 81.97 -52.70 -35.52
N ARG S 141 81.01 -53.44 -36.04
CA ARG S 141 80.77 -54.79 -35.54
C ARG S 141 81.08 -55.75 -36.68
N ASN S 142 82.14 -56.55 -36.52
CA ASN S 142 82.51 -57.58 -37.49
C ASN S 142 81.71 -58.87 -37.30
N HIS S 143 80.97 -59.26 -38.32
CA HIS S 143 80.20 -60.50 -38.28
C HIS S 143 80.80 -61.45 -39.28
N LYS S 144 80.23 -62.64 -39.35
CA LYS S 144 80.66 -63.61 -40.35
C LYS S 144 80.09 -63.25 -41.72
N GLY S 145 80.99 -62.88 -42.62
CA GLY S 145 80.61 -62.45 -43.99
C GLY S 145 80.10 -61.04 -44.14
N GLY S 146 80.28 -60.22 -43.11
CA GLY S 146 79.99 -58.80 -43.22
C GLY S 146 80.44 -57.95 -42.05
N VAL S 147 80.19 -56.65 -42.19
CA VAL S 147 80.51 -55.68 -41.15
C VAL S 147 79.29 -54.79 -41.05
N THR S 148 78.83 -54.54 -39.83
CA THR S 148 77.85 -53.49 -39.59
C THR S 148 78.50 -52.30 -38.87
N PHE S 149 78.32 -51.10 -39.43
CA PHE S 149 78.67 -49.86 -38.72
C PHE S 149 77.40 -49.26 -38.12
N VAL S 150 77.33 -49.25 -36.79
CA VAL S 150 76.17 -48.69 -36.12
C VAL S 150 76.48 -47.23 -35.71
N ILE S 151 75.79 -46.27 -36.32
CA ILE S 151 75.98 -44.87 -35.99
C ILE S 151 75.23 -44.55 -34.70
N GLN S 152 75.96 -44.00 -33.73
CA GLN S 152 75.45 -43.75 -32.39
C GLN S 152 75.12 -42.29 -32.10
N GLY S 153 74.42 -42.08 -30.99
CA GLY S 153 74.13 -40.75 -30.47
C GLY S 153 73.12 -39.97 -31.29
N ALA S 154 72.67 -38.85 -30.74
CA ALA S 154 71.77 -37.96 -31.46
C ALA S 154 72.58 -37.11 -32.43
N LEU S 155 71.93 -36.70 -33.52
CA LEU S 155 72.55 -35.80 -34.49
C LEU S 155 71.55 -34.76 -34.94
N ASP S 156 72.01 -33.54 -35.23
CA ASP S 156 71.11 -32.51 -35.75
C ASP S 156 70.71 -32.78 -37.21
N ASP S 157 69.74 -32.03 -37.72
CA ASP S 157 69.15 -32.28 -39.03
C ASP S 157 70.20 -32.25 -40.14
N VAL S 158 71.17 -31.33 -40.03
CA VAL S 158 72.28 -31.20 -40.97
C VAL S 158 73.17 -32.45 -40.94
N GLU S 159 73.49 -32.91 -39.73
CA GLU S 159 74.35 -34.06 -39.54
C GLU S 159 73.68 -35.36 -39.94
N ILE S 160 72.37 -35.42 -39.75
CA ILE S 160 71.57 -36.57 -40.20
C ILE S 160 71.63 -36.66 -41.72
N LEU S 161 71.49 -35.51 -42.37
CA LEU S 161 71.55 -35.37 -43.81
C LEU S 161 72.92 -35.75 -44.38
N ARG S 162 73.98 -35.24 -43.75
CA ARG S 162 75.35 -35.47 -44.23
C ARG S 162 75.77 -36.94 -44.08
N ALA S 163 75.27 -37.60 -43.04
CA ALA S 163 75.47 -39.02 -42.82
C ALA S 163 74.68 -39.89 -43.81
N ARG S 164 73.48 -39.45 -44.17
CA ARG S 164 72.65 -40.17 -45.15
C ARG S 164 73.28 -40.08 -46.54
N GLN S 165 73.81 -38.92 -46.88
CA GLN S 165 74.49 -38.75 -48.15
C GLN S 165 75.78 -39.57 -48.24
N PHE S 166 76.51 -39.72 -47.13
CA PHE S 166 77.69 -40.57 -47.13
C PHE S 166 77.30 -42.03 -47.37
N VAL S 167 76.30 -42.48 -46.61
CA VAL S 167 75.82 -43.84 -46.68
C VAL S 167 75.32 -44.18 -48.11
N ASP S 168 74.52 -43.27 -48.67
CA ASP S 168 73.97 -43.41 -50.03
C ASP S 168 75.09 -43.55 -51.07
N SER S 169 76.10 -42.73 -50.89
CA SER S 169 77.27 -42.70 -51.76
C SER S 169 78.06 -44.01 -51.68
N TYR S 170 78.24 -44.47 -50.45
CA TYR S 170 78.98 -45.70 -50.19
C TYR S 170 78.31 -46.88 -50.91
N TYR S 171 77.01 -47.01 -50.72
CA TYR S 171 76.23 -48.06 -51.34
C TYR S 171 76.27 -47.99 -52.87
N ARG S 172 76.28 -46.79 -53.42
CA ARG S 172 76.37 -46.65 -54.87
C ARG S 172 77.69 -47.18 -55.41
N THR S 173 78.77 -46.99 -54.65
CA THR S 173 80.08 -47.50 -55.02
C THR S 173 80.20 -49.01 -54.77
N TRP S 174 79.92 -49.43 -53.53
CA TRP S 174 80.20 -50.80 -53.07
C TRP S 174 79.01 -51.78 -53.03
N GLY S 175 77.79 -51.28 -53.26
CA GLY S 175 76.59 -52.09 -52.97
C GLY S 175 76.36 -52.29 -51.48
N GLY S 176 75.36 -53.11 -51.13
CA GLY S 176 75.03 -53.32 -49.70
C GLY S 176 75.16 -54.77 -49.25
N ARG S 177 76.00 -55.53 -49.94
CA ARG S 177 76.14 -56.97 -49.72
C ARG S 177 77.17 -57.36 -48.67
N TYR S 178 78.04 -56.44 -48.28
CA TYR S 178 79.13 -56.78 -47.37
C TYR S 178 79.13 -55.83 -46.17
N VAL S 179 79.47 -54.57 -46.37
CA VAL S 179 79.35 -53.57 -45.33
C VAL S 179 77.94 -52.97 -45.34
N GLN S 180 77.35 -52.88 -44.14
CA GLN S 180 76.05 -52.24 -43.96
C GLN S 180 76.13 -51.21 -42.86
N PHE S 181 75.23 -50.23 -42.91
CA PHE S 181 75.18 -49.21 -41.89
C PHE S 181 73.83 -49.30 -41.18
N ALA S 182 73.81 -48.89 -39.91
CA ALA S 182 72.60 -48.92 -39.15
C ALA S 182 72.65 -47.77 -38.17
N ILE S 183 71.49 -47.40 -37.65
CA ILE S 183 71.43 -46.35 -36.66
C ILE S 183 71.03 -46.95 -35.32
N GLU S 184 71.82 -46.64 -34.30
CA GLU S 184 71.60 -47.11 -32.97
C GLU S 184 70.19 -46.80 -32.45
N LEU S 185 69.62 -47.74 -31.75
CA LEU S 185 68.30 -47.56 -31.15
C LEU S 185 68.45 -47.80 -29.67
N LYS S 186 68.12 -46.78 -28.87
CA LYS S 186 68.31 -46.76 -27.41
C LYS S 186 67.01 -46.51 -26.64
N LEU T 1 -105.82 -6.09 38.27
CA LEU T 1 -104.32 -6.17 38.29
C LEU T 1 -103.76 -7.18 37.28
N GLY T 2 -104.60 -8.13 36.86
CA GLY T 2 -104.20 -9.10 35.85
C GLY T 2 -103.06 -10.03 36.31
N GLN T 3 -102.04 -10.15 35.46
CA GLN T 3 -100.86 -10.97 35.75
C GLN T 3 -100.01 -10.37 36.89
N GLU T 4 -100.50 -9.29 37.49
CA GLU T 4 -99.79 -8.54 38.52
C GLU T 4 -100.53 -8.72 39.85
N LYS T 5 -101.59 -9.53 39.82
CA LYS T 5 -102.46 -9.75 40.98
C LYS T 5 -101.73 -10.39 42.17
N GLU T 6 -100.61 -11.05 41.89
CA GLU T 6 -99.88 -11.79 42.90
C GLU T 6 -98.76 -10.96 43.54
N ARG T 7 -98.40 -9.86 42.89
CA ARG T 7 -97.29 -9.03 43.34
C ARG T 7 -97.78 -7.82 44.15
N PHE T 8 -99.01 -7.41 43.87
CA PHE T 8 -99.58 -6.19 44.39
C PHE T 8 -100.97 -6.38 45.00
N GLN T 9 -101.34 -5.47 45.88
CA GLN T 9 -102.66 -5.41 46.47
C GLN T 9 -103.11 -3.98 46.41
N VAL T 10 -104.33 -3.75 45.97
CA VAL T 10 -104.90 -2.42 45.99
C VAL T 10 -105.83 -2.29 47.19
N LEU T 11 -105.56 -1.31 48.05
CA LEU T 11 -106.33 -1.13 49.29
C LEU T 11 -106.92 0.27 49.31
N PRO T 12 -108.17 0.41 49.75
CA PRO T 12 -108.74 1.76 49.92
C PRO T 12 -108.25 2.47 51.16
N GLY T 13 -108.13 3.79 51.09
CA GLY T 13 -107.74 4.57 52.24
C GLY T 13 -108.89 5.36 52.84
N ARG T 14 -108.82 5.55 54.16
CA ARG T 14 -109.71 6.49 54.89
C ARG T 14 -109.59 7.93 54.37
N ASP T 15 -108.46 8.24 53.73
CA ASP T 15 -108.20 9.57 53.17
C ASP T 15 -108.69 9.69 51.74
N LYS T 16 -109.43 8.68 51.29
CA LYS T 16 -109.98 8.57 49.94
C LYS T 16 -108.93 8.25 48.88
N MET T 17 -107.68 8.09 49.30
CA MET T 17 -106.61 7.69 48.39
C MET T 17 -106.58 6.17 48.26
N LEU T 18 -105.95 5.69 47.18
CA LEU T 18 -105.78 4.27 46.98
C LEU T 18 -104.33 3.92 47.23
N TYR T 19 -104.12 2.77 47.85
CA TYR T 19 -102.80 2.30 48.24
C TYR T 19 -102.47 1.03 47.47
N VAL T 20 -101.32 1.03 46.80
CA VAL T 20 -100.84 -0.20 46.17
C VAL T 20 -99.70 -0.78 47.01
N ALA T 21 -99.94 -1.97 47.59
CA ALA T 21 -98.99 -2.63 48.46
C ALA T 21 -98.10 -3.48 47.63
N ALA T 22 -96.80 -3.24 47.72
CA ALA T 22 -95.79 -3.96 46.96
C ALA T 22 -94.90 -4.74 47.92
N GLN T 23 -94.17 -5.71 47.37
CA GLN T 23 -93.46 -6.73 48.11
C GLN T 23 -91.98 -6.41 48.24
N ASN T 24 -91.49 -5.50 47.39
CA ASN T 24 -90.07 -5.15 47.38
C ASN T 24 -89.83 -3.77 46.75
N GLU T 25 -88.57 -3.35 46.65
CA GLU T 25 -88.28 -1.99 46.23
C GLU T 25 -88.41 -1.88 44.71
N ARG T 26 -87.98 -2.91 44.00
CA ARG T 26 -88.05 -2.97 42.56
C ARG T 26 -89.52 -2.90 42.01
N ASP T 27 -90.43 -3.66 42.61
CA ASP T 27 -91.86 -3.53 42.36
C ASP T 27 -92.44 -2.17 42.76
N THR T 28 -91.94 -1.59 43.85
CA THR T 28 -92.38 -0.28 44.31
C THR T 28 -92.02 0.85 43.33
N LEU T 29 -90.78 0.83 42.86
CA LEU T 29 -90.30 1.77 41.85
C LEU T 29 -91.09 1.65 40.56
N TRP T 30 -91.20 0.42 40.06
CA TRP T 30 -91.96 0.16 38.84
C TRP T 30 -93.41 0.60 38.97
N ALA T 31 -94.04 0.31 40.12
CA ALA T 31 -95.43 0.70 40.34
C ALA T 31 -95.59 2.22 40.40
N ARG T 32 -94.62 2.91 41.00
CA ARG T 32 -94.64 4.37 41.07
C ARG T 32 -94.52 5.02 39.69
N GLN T 33 -93.74 4.37 38.83
CA GLN T 33 -93.49 4.84 37.47
C GLN T 33 -94.77 4.77 36.64
N VAL T 34 -95.46 3.64 36.74
CA VAL T 34 -96.76 3.44 36.10
C VAL T 34 -97.76 4.52 36.53
N LEU T 35 -97.84 4.74 37.84
CA LEU T 35 -98.64 5.83 38.39
C LEU T 35 -98.23 7.21 37.85
N ALA T 36 -96.94 7.54 37.95
CA ALA T 36 -96.38 8.79 37.40
C ALA T 36 -96.55 8.94 35.87
N ARG T 37 -97.04 7.89 35.22
CA ARG T 37 -97.29 7.91 33.77
C ARG T 37 -98.76 8.23 33.47
N GLY T 38 -99.67 7.56 34.16
CA GLY T 38 -101.12 7.79 34.03
C GLY T 38 -101.66 8.92 34.88
N ASP T 39 -100.77 9.63 35.57
CA ASP T 39 -101.10 10.76 36.46
C ASP T 39 -102.03 10.39 37.62
N TYR T 40 -101.67 9.32 38.33
CA TYR T 40 -102.40 8.94 39.54
C TYR T 40 -101.66 9.29 40.82
N ASP T 41 -100.50 9.95 40.68
CA ASP T 41 -99.62 10.41 41.78
C ASP T 41 -100.29 11.18 42.90
N LYS T 42 -101.38 11.87 42.57
CA LYS T 42 -102.06 12.78 43.46
C LYS T 42 -103.19 12.04 44.17
N ASN T 43 -103.48 10.84 43.65
CA ASN T 43 -104.64 10.04 44.07
C ASN T 43 -104.31 8.64 44.59
N ALA T 44 -103.12 8.14 44.29
CA ALA T 44 -102.67 6.81 44.74
C ALA T 44 -101.22 6.83 45.25
N ARG T 45 -100.94 5.96 46.20
CA ARG T 45 -99.62 5.82 46.77
C ARG T 45 -99.20 4.34 46.71
N VAL T 46 -97.90 4.11 46.56
CA VAL T 46 -97.35 2.76 46.63
C VAL T 46 -96.67 2.63 47.98
N ILE T 47 -96.97 1.55 48.68
CA ILE T 47 -96.41 1.25 49.98
C ILE T 47 -95.63 -0.09 50.00
N ASN T 48 -94.65 -0.20 50.89
CA ASN T 48 -93.97 -1.47 51.15
C ASN T 48 -93.59 -1.51 52.62
N GLU T 49 -93.36 -2.72 53.13
CA GLU T 49 -93.02 -2.94 54.55
C GLU T 49 -91.81 -2.13 55.03
N ASN T 50 -90.74 -2.14 54.23
CA ASN T 50 -89.50 -1.48 54.62
C ASN T 50 -89.64 0.03 54.79
N GLU T 51 -90.22 0.68 53.79
CA GLU T 51 -90.49 2.11 53.83
C GLU T 51 -91.46 2.47 54.93
N GLU T 52 -92.51 1.66 55.11
CA GLU T 52 -93.50 2.01 56.11
C GLU T 52 -92.90 1.90 57.51
N ASN T 53 -92.07 0.88 57.72
CA ASN T 53 -91.35 0.75 58.98
C ASN T 53 -90.43 1.93 59.27
N LYS T 54 -89.69 2.40 58.26
CA LYS T 54 -88.87 3.61 58.45
C LYS T 54 -89.71 4.84 58.77
N ARG T 55 -90.83 5.00 58.04
CA ARG T 55 -91.69 6.19 58.14
C ARG T 55 -92.30 6.29 59.55
N ILE T 56 -92.79 5.18 60.07
CA ILE T 56 -93.39 5.14 61.40
C ILE T 56 -92.35 5.27 62.53
N SER T 57 -91.17 4.67 62.35
CA SER T 57 -90.05 4.88 63.25
C SER T 57 -89.68 6.36 63.45
N ILE T 58 -89.62 7.14 62.36
CA ILE T 58 -89.41 8.59 62.45
C ILE T 58 -90.44 9.22 63.36
N TRP T 59 -91.70 8.84 63.17
CA TRP T 59 -92.77 9.44 63.95
C TRP T 59 -92.61 9.06 65.43
N LEU T 60 -92.26 7.80 65.68
CA LEU T 60 -92.04 7.30 67.03
C LEU T 60 -90.83 7.97 67.70
N ASP T 61 -89.78 8.24 66.94
CA ASP T 61 -88.61 8.96 67.45
C ASP T 61 -89.01 10.24 68.16
N THR T 62 -89.99 10.96 67.62
CA THR T 62 -90.44 12.15 68.30
C THR T 62 -91.63 11.96 69.27
N TYR T 63 -92.56 11.06 68.99
CA TYR T 63 -93.75 10.95 69.87
C TYR T 63 -93.66 9.91 70.96
N TYR T 64 -92.93 8.82 70.69
CA TYR T 64 -92.73 7.75 71.67
C TYR T 64 -91.23 7.40 71.76
N PRO T 65 -90.39 8.39 72.15
CA PRO T 65 -88.92 8.24 72.06
C PRO T 65 -88.30 7.12 72.89
N GLN T 66 -88.93 6.73 73.99
CA GLN T 66 -88.35 5.70 74.86
C GLN T 66 -88.93 4.32 74.58
N LEU T 67 -89.68 4.20 73.49
CA LEU T 67 -90.47 3.01 73.20
C LEU T 67 -89.58 1.84 72.86
N ALA T 68 -89.80 0.71 73.53
CA ALA T 68 -89.07 -0.53 73.23
C ALA T 68 -89.91 -1.41 72.32
N TYR T 69 -89.52 -1.42 71.05
CA TYR T 69 -90.26 -2.16 70.06
C TYR T 69 -89.31 -2.78 69.03
N TYR T 70 -89.90 -3.63 68.21
CA TYR T 70 -89.20 -4.42 67.23
C TYR T 70 -89.50 -3.91 65.82
N ARG T 71 -90.72 -4.18 65.35
CA ARG T 71 -91.07 -4.03 63.94
C ARG T 71 -92.59 -4.14 63.73
N ILE T 72 -93.08 -3.55 62.62
CA ILE T 72 -94.46 -3.71 62.15
C ILE T 72 -94.45 -4.69 60.98
N HIS T 73 -95.36 -5.64 61.02
CA HIS T 73 -95.57 -6.63 59.97
C HIS T 73 -96.89 -6.41 59.25
N PHE T 74 -96.88 -6.65 57.94
CA PHE T 74 -98.01 -6.34 57.06
C PHE T 74 -98.44 -7.57 56.26
N ASP T 75 -98.26 -8.77 56.81
CA ASP T 75 -98.74 -9.98 56.17
C ASP T 75 -100.20 -9.83 55.76
N GLU T 76 -100.95 -9.06 56.55
CA GLU T 76 -102.31 -8.63 56.25
C GLU T 76 -102.29 -7.07 56.25
N PRO T 77 -102.05 -6.44 55.09
CA PRO T 77 -101.83 -4.99 55.11
C PRO T 77 -102.95 -4.11 55.70
N ARG T 78 -104.21 -4.57 55.62
CA ARG T 78 -105.31 -3.85 56.25
C ARG T 78 -105.32 -3.98 57.77
N LYS T 79 -104.52 -4.90 58.29
CA LYS T 79 -104.43 -5.12 59.73
C LYS T 79 -102.96 -5.37 60.07
N PRO T 80 -102.13 -4.31 60.07
CA PRO T 80 -100.72 -4.49 60.43
C PRO T 80 -100.56 -4.91 61.90
N VAL T 81 -99.48 -5.63 62.19
CA VAL T 81 -99.18 -6.08 63.54
C VAL T 81 -97.87 -5.39 63.99
N PHE T 82 -98.00 -4.57 65.04
CA PHE T 82 -96.89 -3.89 65.67
C PHE T 82 -96.34 -4.71 66.84
N TRP T 83 -95.11 -5.19 66.68
CA TRP T 83 -94.42 -6.01 67.66
C TRP T 83 -93.71 -5.12 68.69
N LEU T 84 -94.15 -5.24 69.93
CA LEU T 84 -93.57 -4.50 71.04
C LEU T 84 -92.83 -5.45 71.97
N SER T 85 -91.83 -4.95 72.69
CA SER T 85 -91.18 -5.74 73.73
C SER T 85 -92.07 -6.05 74.93
N ARG T 86 -92.14 -7.33 75.26
CA ARG T 86 -92.93 -7.81 76.39
C ARG T 86 -92.26 -7.43 77.70
N GLN T 87 -90.94 -7.67 77.80
CA GLN T 87 -90.17 -7.33 78.99
C GLN T 87 -90.08 -5.83 79.25
N ARG T 88 -89.89 -5.03 78.19
CA ARG T 88 -89.56 -3.60 78.33
C ARG T 88 -90.75 -2.65 78.18
N ASN T 89 -91.93 -3.21 78.06
CA ASN T 89 -93.11 -2.40 77.99
C ASN T 89 -93.42 -1.77 79.34
N THR T 90 -93.85 -0.51 79.31
CA THR T 90 -94.15 0.28 80.51
C THR T 90 -95.60 0.78 80.43
N MET T 91 -96.22 0.59 79.27
CA MET T 91 -97.56 1.14 79.04
C MET T 91 -98.68 0.19 79.40
N SER T 92 -99.78 0.77 79.90
CA SER T 92 -100.98 0.04 80.24
C SER T 92 -101.76 -0.27 78.98
N LYS T 93 -102.81 -1.07 79.11
CA LYS T 93 -103.68 -1.41 78.00
C LYS T 93 -104.24 -0.15 77.36
N LYS T 94 -104.70 0.79 78.20
CA LYS T 94 -105.26 2.06 77.76
C LYS T 94 -104.25 2.88 76.94
N GLU T 95 -103.02 3.00 77.44
CA GLU T 95 -101.94 3.68 76.72
C GLU T 95 -101.54 2.99 75.42
N LEU T 96 -101.64 1.67 75.40
CA LEU T 96 -101.39 0.91 74.20
C LEU T 96 -102.54 1.02 73.18
N GLU T 97 -103.79 1.23 73.65
CA GLU T 97 -104.92 1.54 72.75
C GLU T 97 -104.79 2.93 72.11
N VAL T 98 -104.32 3.88 72.91
CA VAL T 98 -103.95 5.22 72.41
C VAL T 98 -102.88 5.14 71.30
N LEU T 99 -101.77 4.44 71.56
CA LEU T 99 -100.72 4.23 70.56
C LEU T 99 -101.28 3.59 69.28
N SER T 100 -102.01 2.49 69.45
CA SER T 100 -102.64 1.81 68.34
C SER T 100 -103.55 2.73 67.49
N GLN T 101 -104.27 3.64 68.15
CA GLN T 101 -105.15 4.63 67.49
C GLN T 101 -104.36 5.62 66.67
N LYS T 102 -103.22 6.04 67.22
CA LYS T 102 -102.39 7.03 66.55
C LYS T 102 -101.64 6.38 65.39
N LEU T 103 -101.30 5.10 65.54
CA LEU T 103 -100.70 4.32 64.43
C LEU T 103 -101.68 4.13 63.28
N ARG T 104 -102.95 3.83 63.59
CA ARG T 104 -103.99 3.72 62.59
C ARG T 104 -104.15 5.00 61.74
N ALA T 105 -104.16 6.15 62.41
CA ALA T 105 -104.31 7.45 61.76
C ALA T 105 -103.18 7.75 60.78
N LEU T 106 -101.99 7.22 61.09
CA LEU T 106 -100.80 7.33 60.25
C LEU T 106 -100.79 6.40 59.04
N MET T 107 -101.67 5.38 59.07
CA MET T 107 -101.76 4.39 57.99
C MET T 107 -103.21 4.33 57.52
N PRO T 108 -103.60 5.23 56.60
CA PRO T 108 -105.00 5.36 56.18
C PRO T 108 -105.58 4.08 55.55
N TYR T 109 -104.71 3.17 55.12
CA TYR T 109 -105.10 1.90 54.49
C TYR T 109 -105.33 0.78 55.54
N ALA T 110 -105.04 1.04 56.79
CA ALA T 110 -105.17 0.05 57.86
C ALA T 110 -106.52 0.14 58.60
N ASP T 111 -107.25 -0.97 58.67
CA ASP T 111 -108.52 -1.02 59.44
C ASP T 111 -108.21 -0.81 60.93
N SER T 112 -107.15 -1.45 61.39
CA SER T 112 -106.70 -1.34 62.77
C SER T 112 -105.24 -1.74 62.82
N VAL T 113 -104.58 -1.36 63.90
CA VAL T 113 -103.21 -1.76 64.11
C VAL T 113 -103.19 -2.58 65.40
N ASN T 114 -102.83 -3.85 65.31
CA ASN T 114 -102.74 -4.68 66.51
C ASN T 114 -101.37 -4.56 67.16
N ILE T 115 -101.36 -4.32 68.47
CA ILE T 115 -100.13 -4.27 69.22
C ILE T 115 -99.95 -5.61 69.89
N THR T 116 -98.80 -6.23 69.62
CA THR T 116 -98.51 -7.58 70.10
C THR T 116 -97.16 -7.56 70.79
N LEU T 117 -97.12 -8.15 71.97
CA LEU T 117 -95.93 -8.21 72.79
C LEU T 117 -95.06 -9.38 72.38
N MET T 118 -93.77 -9.12 72.21
CA MET T 118 -92.80 -10.12 71.81
C MET T 118 -91.70 -10.26 72.84
N ASP T 119 -91.33 -11.51 73.09
CA ASP T 119 -90.39 -11.82 74.14
C ASP T 119 -88.93 -11.55 73.70
N ASP T 120 -88.23 -10.71 74.46
CA ASP T 120 -86.81 -10.35 74.23
C ASP T 120 -85.83 -11.55 74.23
N VAL T 121 -86.10 -12.49 75.14
CA VAL T 121 -85.26 -13.67 75.28
C VAL T 121 -85.45 -14.60 74.07
N THR T 122 -86.69 -14.71 73.62
CA THR T 122 -87.02 -15.34 72.35
C THR T 122 -86.34 -14.62 71.18
N ALA T 123 -86.34 -13.29 71.18
CA ALA T 123 -85.76 -12.51 70.07
C ALA T 123 -84.27 -12.82 69.90
N ALA T 124 -83.57 -12.90 71.03
CA ALA T 124 -82.14 -13.17 71.05
C ALA T 124 -81.85 -14.63 70.78
N GLY T 125 -82.71 -15.52 71.26
CA GLY T 125 -82.56 -16.96 71.06
C GLY T 125 -82.70 -17.37 69.61
N GLN T 126 -83.62 -16.72 68.88
CA GLN T 126 -83.77 -17.00 67.45
C GLN T 126 -82.55 -16.53 66.66
N ALA T 127 -81.92 -15.43 67.10
CA ALA T 127 -80.67 -14.98 66.52
C ALA T 127 -79.58 -16.05 66.76
N GLU T 128 -79.46 -16.53 68.01
CA GLU T 128 -78.47 -17.58 68.36
C GLU T 128 -78.63 -18.85 67.58
N ALA T 129 -79.86 -19.34 67.49
CA ALA T 129 -80.20 -20.60 66.83
C ALA T 129 -79.75 -20.56 65.38
N GLY T 130 -80.12 -19.51 64.65
CA GLY T 130 -79.71 -19.31 63.25
C GLY T 130 -78.21 -19.30 63.04
N LEU T 131 -77.46 -18.76 64.01
CA LEU T 131 -75.98 -18.84 63.96
C LEU T 131 -75.43 -20.25 64.29
N LYS T 132 -76.06 -20.94 65.24
CA LYS T 132 -75.68 -22.32 65.57
C LYS T 132 -75.97 -23.26 64.41
N GLN T 133 -77.09 -23.02 63.73
CA GLN T 133 -77.50 -23.81 62.55
C GLN T 133 -76.45 -23.85 61.46
N GLN T 134 -75.66 -22.79 61.36
CA GLN T 134 -74.66 -22.68 60.31
C GLN T 134 -73.25 -22.87 60.85
N ALA T 135 -73.16 -23.43 62.06
CA ALA T 135 -71.85 -23.73 62.68
C ALA T 135 -70.90 -22.52 62.47
N LEU T 136 -71.46 -21.35 62.73
CA LEU T 136 -70.73 -20.07 62.70
C LEU T 136 -70.13 -19.77 64.07
N PRO T 137 -68.83 -19.50 64.12
CA PRO T 137 -68.36 -19.06 65.42
C PRO T 137 -68.88 -17.63 65.63
N TYR T 138 -69.20 -17.27 66.88
CA TYR T 138 -69.79 -15.98 67.21
C TYR T 138 -69.55 -15.78 68.71
N SER T 139 -69.49 -14.52 69.16
CA SER T 139 -69.67 -14.19 70.57
C SER T 139 -70.96 -13.38 70.70
N ARG T 140 -71.81 -13.86 71.59
CA ARG T 140 -72.95 -13.15 72.07
C ARG T 140 -72.51 -12.19 73.17
N ARG T 141 -72.67 -10.90 72.92
CA ARG T 141 -72.30 -9.91 73.92
C ARG T 141 -73.57 -9.22 74.37
N ASN T 142 -73.96 -9.43 75.63
CA ASN T 142 -75.14 -8.76 76.22
C ASN T 142 -74.79 -7.36 76.73
N HIS T 143 -75.45 -6.35 76.18
CA HIS T 143 -75.26 -4.97 76.61
C HIS T 143 -76.53 -4.52 77.27
N LYS T 144 -76.51 -3.28 77.75
CA LYS T 144 -77.71 -2.69 78.32
C LYS T 144 -78.67 -2.25 77.21
N GLY T 145 -79.80 -2.93 77.15
CA GLY T 145 -80.83 -2.67 76.12
C GLY T 145 -80.58 -3.27 74.74
N GLY T 146 -79.62 -4.18 74.65
CA GLY T 146 -79.41 -4.94 73.44
C GLY T 146 -78.43 -6.09 73.54
N VAL T 147 -78.29 -6.79 72.42
CA VAL T 147 -77.36 -7.90 72.31
C VAL T 147 -76.66 -7.70 70.98
N THR T 148 -75.34 -7.82 70.98
CA THR T 148 -74.58 -7.93 69.75
C THR T 148 -74.04 -9.37 69.56
N PHE T 149 -74.32 -9.94 68.39
CA PHE T 149 -73.67 -11.20 67.98
C PHE T 149 -72.54 -10.87 67.02
N VAL T 150 -71.30 -11.11 67.47
CA VAL T 150 -70.15 -10.85 66.63
C VAL T 150 -69.72 -12.16 65.93
N ILE T 151 -69.87 -12.22 64.61
CA ILE T 151 -69.46 -13.39 63.85
C ILE T 151 -67.94 -13.37 63.66
N GLN T 152 -67.30 -14.47 64.07
CA GLN T 152 -65.85 -14.58 64.09
C GLN T 152 -65.27 -15.43 62.96
N GLY T 153 -63.94 -15.34 62.81
CA GLY T 153 -63.19 -16.17 61.88
C GLY T 153 -63.43 -15.84 60.42
N ALA T 154 -62.59 -16.42 59.56
CA ALA T 154 -62.76 -16.27 58.13
C ALA T 154 -63.85 -17.19 57.65
N LEU T 155 -64.52 -16.81 56.56
CA LEU T 155 -65.53 -17.64 55.93
C LEU T 155 -65.39 -17.58 54.42
N ASP T 156 -65.69 -18.67 53.73
CA ASP T 156 -65.65 -18.66 52.26
C ASP T 156 -66.83 -17.88 51.67
N ASP T 157 -66.81 -17.63 50.36
CA ASP T 157 -67.79 -16.77 49.70
C ASP T 157 -69.22 -17.26 49.89
N VAL T 158 -69.38 -18.59 49.85
CA VAL T 158 -70.68 -19.24 50.08
C VAL T 158 -71.17 -19.00 51.51
N GLU T 159 -70.28 -19.16 52.48
CA GLU T 159 -70.61 -18.99 53.88
C GLU T 159 -70.86 -17.54 54.26
N ILE T 160 -70.16 -16.63 53.59
CA ILE T 160 -70.37 -15.20 53.76
C ILE T 160 -71.78 -14.85 53.28
N LEU T 161 -72.16 -15.41 52.15
CA LEU T 161 -73.48 -15.23 51.54
C LEU T 161 -74.60 -15.79 52.43
N ARG T 162 -74.40 -17.01 52.93
CA ARG T 162 -75.43 -17.68 53.73
C ARG T 162 -75.66 -16.99 55.08
N ALA T 163 -74.60 -16.42 55.63
CA ALA T 163 -74.67 -15.62 56.86
C ALA T 163 -75.34 -14.25 56.63
N ARG T 164 -75.11 -13.66 55.46
CA ARG T 164 -75.75 -12.38 55.11
C ARG T 164 -77.25 -12.57 54.90
N GLN T 165 -77.62 -13.67 54.26
CA GLN T 165 -79.03 -13.97 54.08
C GLN T 165 -79.75 -14.27 55.40
N PHE T 166 -79.06 -14.91 56.35
CA PHE T 166 -79.67 -15.13 57.66
C PHE T 166 -79.90 -13.80 58.37
N VAL T 167 -78.86 -12.97 58.38
CA VAL T 167 -78.91 -11.68 59.03
C VAL T 167 -80.02 -10.79 58.44
N ASP T 168 -80.10 -10.75 57.11
CA ASP T 168 -81.10 -9.98 56.37
C ASP T 168 -82.51 -10.43 56.75
N SER T 169 -82.67 -11.75 56.84
CA SER T 169 -83.94 -12.36 57.19
C SER T 169 -84.35 -12.03 58.62
N TYR T 170 -83.39 -12.09 59.53
CA TYR T 170 -83.61 -11.81 60.93
C TYR T 170 -84.14 -10.37 61.10
N TYR T 171 -83.44 -9.43 60.49
CA TYR T 171 -83.81 -8.04 60.53
C TYR T 171 -85.21 -7.77 59.94
N ARG T 172 -85.55 -8.49 58.88
CA ARG T 172 -86.88 -8.35 58.30
C ARG T 172 -87.98 -8.77 59.26
N THR T 173 -87.71 -9.81 60.05
CA THR T 173 -88.65 -10.28 61.07
C THR T 173 -88.66 -9.37 62.30
N TRP T 174 -87.49 -9.15 62.89
CA TRP T 174 -87.36 -8.49 64.20
C TRP T 174 -86.96 -7.00 64.20
N GLY T 175 -86.60 -6.46 63.04
CA GLY T 175 -85.95 -5.13 63.00
C GLY T 175 -84.53 -5.16 63.56
N GLY T 176 -83.91 -3.98 63.68
CA GLY T 176 -82.51 -3.92 64.16
C GLY T 176 -82.34 -3.10 65.44
N ARG T 177 -83.43 -3.00 66.22
CA ARG T 177 -83.46 -2.16 67.40
C ARG T 177 -82.99 -2.82 68.68
N TYR T 178 -82.88 -4.13 68.70
CA TYR T 178 -82.55 -4.86 69.94
C TYR T 178 -81.34 -5.76 69.72
N VAL T 179 -81.50 -6.83 68.95
CA VAL T 179 -80.39 -7.66 68.55
C VAL T 179 -79.73 -7.11 67.29
N GLN T 180 -78.40 -7.02 67.31
CA GLN T 180 -77.61 -6.62 66.15
C GLN T 180 -76.52 -7.61 65.87
N PHE T 181 -76.08 -7.67 64.63
CA PHE T 181 -75.00 -8.57 64.25
C PHE T 181 -73.82 -7.73 63.77
N ALA T 182 -72.61 -8.28 63.94
CA ALA T 182 -71.44 -7.58 63.53
C ALA T 182 -70.42 -8.62 63.11
N ILE T 183 -69.43 -8.20 62.35
CA ILE T 183 -68.38 -9.10 61.94
C ILE T 183 -67.08 -8.69 62.64
N GLU T 184 -66.45 -9.68 63.25
CA GLU T 184 -65.21 -9.48 63.96
C GLU T 184 -64.13 -8.85 63.09
N LEU T 185 -63.37 -7.93 63.68
CA LEU T 185 -62.28 -7.30 62.98
C LEU T 185 -61.02 -7.55 63.79
N LYS T 186 -60.03 -8.21 63.18
CA LYS T 186 -58.80 -8.66 63.82
C LYS T 186 -57.54 -8.10 63.16
N LEU U 1 22.01 110.46 4.53
CA LEU U 1 22.06 109.00 4.93
C LEU U 1 20.66 108.44 5.25
N GLY U 2 19.73 109.32 5.58
CA GLY U 2 18.35 108.90 5.87
C GLY U 2 18.22 108.01 7.09
N GLN U 3 17.51 106.88 6.91
CA GLN U 3 17.31 105.89 7.97
C GLN U 3 18.62 105.16 8.35
N GLU U 4 19.72 105.58 7.72
CA GLU U 4 21.03 104.95 7.89
C GLU U 4 21.95 105.92 8.64
N LYS U 5 21.39 107.06 9.05
CA LYS U 5 22.16 108.14 9.70
C LYS U 5 22.75 107.71 11.05
N GLU U 6 22.18 106.66 11.63
CA GLU U 6 22.59 106.21 12.96
C GLU U 6 23.64 105.11 12.91
N ARG U 7 23.80 104.50 11.75
CA ARG U 7 24.71 103.36 11.59
C ARG U 7 26.05 103.81 10.99
N PHE U 8 26.01 104.91 10.24
CA PHE U 8 27.13 105.37 9.46
C PHE U 8 27.44 106.86 9.68
N GLN U 9 28.68 107.23 9.39
CA GLN U 9 29.12 108.61 9.40
C GLN U 9 29.91 108.83 8.14
N VAL U 10 29.64 109.92 7.45
CA VAL U 10 30.42 110.29 6.29
C VAL U 10 31.42 111.37 6.69
N LEU U 11 32.71 111.11 6.47
CA LEU U 11 33.78 112.04 6.88
C LEU U 11 34.60 112.42 5.66
N PRO U 12 34.98 113.70 5.54
CA PRO U 12 35.89 114.09 4.45
C PRO U 12 37.33 113.71 4.71
N GLY U 13 38.07 113.39 3.66
CA GLY U 13 39.48 113.09 3.79
C GLY U 13 40.37 114.20 3.27
N ARG U 14 41.54 114.33 3.89
CA ARG U 14 42.64 115.17 3.39
C ARG U 14 43.11 114.77 1.98
N ASP U 15 42.83 113.52 1.61
CA ASP U 15 43.19 112.97 0.29
C ASP U 15 42.10 113.21 -0.74
N LYS U 16 41.11 114.00 -0.36
CA LYS U 16 39.93 114.33 -1.17
C LYS U 16 38.92 113.18 -1.31
N MET U 17 39.23 112.05 -0.67
CA MET U 17 38.32 110.91 -0.65
C MET U 17 37.30 111.07 0.47
N LEU U 18 36.18 110.35 0.36
CA LEU U 18 35.17 110.36 1.40
C LEU U 18 35.24 109.04 2.13
N TYR U 19 35.06 109.10 3.44
CA TYR U 19 35.15 107.93 4.31
C TYR U 19 33.79 107.66 4.94
N VAL U 20 33.30 106.44 4.79
CA VAL U 20 32.09 106.04 5.50
C VAL U 20 32.46 105.14 6.69
N ALA U 21 32.20 105.64 7.90
CA ALA U 21 32.56 104.96 9.14
C ALA U 21 31.42 104.07 9.51
N ALA U 22 31.70 102.78 9.65
CA ALA U 22 30.71 101.77 9.98
C ALA U 22 31.04 101.18 11.35
N GLN U 23 30.05 100.50 11.94
CA GLN U 23 30.08 100.09 13.34
C GLN U 23 30.44 98.61 13.48
N ASN U 24 30.33 97.86 12.37
CA ASN U 24 30.59 96.41 12.38
C ASN U 24 30.92 95.89 10.98
N GLU U 25 31.16 94.59 10.86
CA GLU U 25 31.65 94.04 9.60
C GLU U 25 30.49 93.91 8.62
N ARG U 26 29.34 93.52 9.11
CA ARG U 26 28.14 93.36 8.30
C ARG U 26 27.67 94.69 7.62
N ASP U 27 27.64 95.79 8.38
CA ASP U 27 27.45 97.13 7.82
C ASP U 27 28.58 97.56 6.86
N THR U 28 29.82 97.16 7.14
CA THR U 28 30.95 97.49 6.28
C THR U 28 30.85 96.81 4.90
N LEU U 29 30.51 95.53 4.90
CA LEU U 29 30.30 94.77 3.68
C LEU U 29 29.16 95.34 2.87
N TRP U 30 28.02 95.55 3.52
CA TRP U 30 26.85 96.12 2.86
C TRP U 30 27.15 97.51 2.28
N ALA U 31 27.86 98.34 3.05
CA ALA U 31 28.21 99.69 2.58
C ALA U 31 29.16 99.63 1.38
N ARG U 32 30.11 98.68 1.38
CA ARG U 32 31.03 98.52 0.26
C ARG U 32 30.31 98.07 -1.02
N GLN U 33 29.27 97.26 -0.84
CA GLN U 33 28.48 96.73 -1.95
C GLN U 33 27.72 97.86 -2.64
N VAL U 34 27.08 98.71 -1.83
CA VAL U 34 26.39 99.90 -2.32
C VAL U 34 27.34 100.80 -3.13
N LEU U 35 28.52 101.05 -2.58
CA LEU U 35 29.57 101.77 -3.29
C LEU U 35 29.99 101.08 -4.60
N ALA U 36 30.31 99.79 -4.53
CA ALA U 36 30.65 98.98 -5.71
C ALA U 36 29.51 98.88 -6.75
N ARG U 37 28.34 99.39 -6.40
CA ARG U 37 27.18 99.40 -7.29
C ARG U 37 27.06 100.74 -8.04
N GLY U 38 27.18 101.84 -7.30
CA GLY U 38 27.14 103.19 -7.86
C GLY U 38 28.47 103.71 -8.38
N ASP U 39 29.49 102.84 -8.36
CA ASP U 39 30.85 103.15 -8.80
C ASP U 39 31.52 104.32 -8.03
N TYR U 40 31.47 104.22 -6.71
CA TYR U 40 32.17 105.19 -5.86
C TYR U 40 33.45 104.62 -5.24
N ASP U 41 33.77 103.37 -5.60
CA ASP U 41 34.98 102.62 -5.15
C ASP U 41 36.31 103.35 -5.25
N LYS U 42 36.39 104.27 -6.21
CA LYS U 42 37.63 104.95 -6.55
C LYS U 42 37.68 106.26 -5.80
N ASN U 43 36.55 106.64 -5.22
CA ASN U 43 36.36 107.95 -4.59
C ASN U 43 35.95 107.92 -3.12
N ALA U 44 35.46 106.77 -2.64
CA ALA U 44 35.06 106.60 -1.24
C ALA U 44 35.53 105.27 -0.65
N ARG U 45 35.78 105.27 0.64
CA ARG U 45 36.22 104.09 1.36
C ARG U 45 35.32 103.88 2.58
N VAL U 46 35.12 102.62 2.95
CA VAL U 46 34.39 102.28 4.18
C VAL U 46 35.42 101.86 5.20
N ILE U 47 35.31 102.42 6.38
CA ILE U 47 36.20 102.13 7.50
C ILE U 47 35.46 101.56 8.72
N ASN U 48 36.15 100.76 9.53
CA ASN U 48 35.63 100.32 10.83
C ASN U 48 36.81 100.20 11.79
N GLU U 49 36.49 100.22 13.08
CA GLU U 49 37.51 100.17 14.15
C GLU U 49 38.43 98.94 14.04
N ASN U 50 37.85 97.77 13.82
CA ASN U 50 38.61 96.53 13.78
C ASN U 50 39.65 96.47 12.66
N GLU U 51 39.20 96.78 11.45
CA GLU U 51 40.08 96.85 10.29
C GLU U 51 41.13 97.94 10.44
N GLU U 52 40.74 99.10 10.95
CA GLU U 52 41.71 100.17 11.05
C GLU U 52 42.78 99.84 12.08
N ASN U 53 42.37 99.20 13.17
CA ASN U 53 43.34 98.72 14.16
C ASN U 53 44.33 97.70 13.58
N LYS U 54 43.84 96.75 12.78
CA LYS U 54 44.75 95.81 12.12
C LYS U 54 45.69 96.52 11.14
N ARG U 55 45.16 97.47 10.37
CA ARG U 55 45.91 98.14 9.30
C ARG U 55 47.07 98.96 9.92
N ILE U 56 46.80 99.68 10.98
CA ILE U 56 47.82 100.48 11.66
C ILE U 56 48.84 99.64 12.42
N SER U 57 48.39 98.55 13.04
CA SER U 57 49.29 97.57 13.63
C SER U 57 50.35 97.03 12.66
N ILE U 58 49.96 96.68 11.43
CA ILE U 58 50.91 96.28 10.38
C ILE U 58 51.96 97.35 10.19
N TRP U 59 51.52 98.60 10.11
CA TRP U 59 52.46 99.69 9.87
C TRP U 59 53.42 99.83 11.06
N LEU U 60 52.88 99.71 12.26
CA LEU U 60 53.68 99.79 13.49
C LEU U 60 54.67 98.62 13.61
N ASP U 61 54.27 97.42 13.17
CA ASP U 61 55.17 96.26 13.14
C ASP U 61 56.48 96.58 12.47
N THR U 62 56.43 97.36 11.38
CA THR U 62 57.66 97.74 10.73
C THR U 62 58.27 99.08 11.19
N TYR U 63 57.46 100.08 11.54
CA TYR U 63 58.05 101.40 11.89
C TYR U 63 58.30 101.63 13.37
N TYR U 64 57.48 101.03 14.22
CA TYR U 64 57.61 101.15 15.67
C TYR U 64 57.56 99.75 16.31
N PRO U 65 58.49 98.85 15.93
CA PRO U 65 58.40 97.42 16.31
C PRO U 65 58.41 97.12 17.80
N GLN U 66 59.05 97.97 18.62
CA GLN U 66 59.15 97.67 20.05
C GLN U 66 58.07 98.40 20.85
N LEU U 67 57.09 98.97 20.16
CA LEU U 67 56.12 99.86 20.77
C LEU U 67 55.18 99.10 21.68
N ALA U 68 55.04 99.60 22.92
CA ALA U 68 54.09 99.00 23.87
C ALA U 68 52.79 99.80 23.86
N TYR U 69 51.79 99.21 23.23
CA TYR U 69 50.52 99.89 23.07
C TYR U 69 49.38 98.87 23.16
N TYR U 70 48.17 99.44 23.24
CA TYR U 70 46.95 98.72 23.45
C TYR U 70 46.11 98.69 22.17
N ARG U 71 45.52 99.85 21.86
CA ARG U 71 44.47 99.94 20.84
C ARG U 71 44.16 101.41 20.48
N ILE U 72 43.61 101.62 19.29
CA ILE U 72 43.06 102.92 18.85
C ILE U 72 41.55 102.85 18.93
N HIS U 73 40.97 103.89 19.51
CA HIS U 73 39.53 104.05 19.66
C HIS U 73 39.02 105.19 18.79
N PHE U 74 37.82 105.01 18.22
CA PHE U 74 37.25 105.92 17.23
C PHE U 74 35.86 106.39 17.65
N ASP U 75 35.60 106.47 18.94
CA ASP U 75 34.34 107.01 19.44
C ASP U 75 34.03 108.35 18.77
N GLU U 76 35.09 109.10 18.46
CA GLU U 76 35.04 110.32 17.65
C GLU U 76 35.97 110.08 16.44
N PRO U 77 35.43 109.57 15.33
CA PRO U 77 36.32 109.14 14.23
C PRO U 77 37.27 110.21 13.65
N ARG U 78 36.87 111.48 13.69
CA ARG U 78 37.76 112.57 13.25
C ARG U 78 38.90 112.84 14.24
N LYS U 79 38.81 112.28 15.43
CA LYS U 79 39.83 112.45 16.45
C LYS U 79 40.02 111.11 17.16
N PRO U 80 40.69 110.16 16.50
CA PRO U 80 40.93 108.86 17.15
C PRO U 80 41.87 109.00 18.37
N VAL U 81 41.72 108.09 19.32
CA VAL U 81 42.54 108.09 20.52
C VAL U 81 43.39 106.78 20.51
N PHE U 82 44.70 106.97 20.45
CA PHE U 82 45.66 105.88 20.51
C PHE U 82 46.13 105.66 21.95
N TRP U 83 45.78 104.49 22.49
CA TRP U 83 46.10 104.09 23.85
C TRP U 83 47.49 103.45 23.89
N LEU U 84 48.40 104.09 24.60
CA LEU U 84 49.75 103.60 24.79
C LEU U 84 49.97 103.17 26.22
N SER U 85 50.88 102.25 26.46
CA SER U 85 51.27 101.89 27.82
C SER U 85 52.01 103.00 28.57
N ARG U 86 51.50 103.30 29.76
CA ARG U 86 52.09 104.33 30.61
C ARG U 86 53.39 103.83 31.22
N GLN U 87 53.38 102.60 31.74
CA GLN U 87 54.58 101.98 32.33
C GLN U 87 55.69 101.73 31.31
N ARG U 88 55.32 101.26 30.11
CA ARG U 88 56.31 100.75 29.14
C ARG U 88 56.71 101.75 28.05
N ASN U 89 56.22 102.97 28.18
CA ASN U 89 56.59 104.00 27.23
C ASN U 89 58.02 104.42 27.46
N THR U 90 58.74 104.66 26.35
CA THR U 90 60.16 105.03 26.36
C THR U 90 60.33 106.37 25.62
N MET U 91 59.26 106.82 24.97
CA MET U 91 59.34 108.00 24.11
C MET U 91 59.00 109.30 24.84
N SER U 92 59.69 110.37 24.44
CA SER U 92 59.47 111.69 24.96
C SER U 92 58.26 112.30 24.30
N LYS U 93 57.83 113.45 24.80
CA LYS U 93 56.69 114.18 24.24
C LYS U 93 56.91 114.44 22.75
N LYS U 94 58.12 114.89 22.40
CA LYS U 94 58.50 115.19 21.02
C LYS U 94 58.38 113.95 20.12
N GLU U 95 58.92 112.81 20.58
CA GLU U 95 58.80 111.54 19.86
C GLU U 95 57.37 111.04 19.73
N LEU U 96 56.55 111.32 20.73
CA LEU U 96 55.15 110.99 20.69
C LEU U 96 54.35 111.94 19.78
N GLU U 97 54.78 113.19 19.62
CA GLU U 97 54.20 114.11 18.62
C GLU U 97 54.53 113.68 17.18
N VAL U 98 55.76 113.22 16.98
CA VAL U 98 56.18 112.58 15.71
C VAL U 98 55.29 111.37 15.36
N LEU U 99 55.14 110.43 16.29
CA LEU U 99 54.26 109.27 16.11
C LEU U 99 52.82 109.70 15.77
N SER U 100 52.27 110.59 16.58
CA SER U 100 50.94 111.13 16.34
C SER U 100 50.77 111.74 14.93
N GLN U 101 51.81 112.43 14.44
CA GLN U 101 51.83 113.04 13.10
C GLN U 101 51.80 111.98 12.01
N LYS U 102 52.55 110.91 12.22
CA LYS U 102 52.64 109.84 11.24
C LYS U 102 51.36 109.01 11.24
N LEU U 103 50.73 108.88 12.41
CA LEU U 103 49.41 108.24 12.51
C LEU U 103 48.33 109.04 11.79
N ARG U 104 48.33 110.36 11.95
CA ARG U 104 47.42 111.23 11.23
C ARG U 104 47.50 111.07 9.70
N ALA U 105 48.72 111.02 9.17
CA ALA U 105 48.97 110.89 7.74
C ALA U 105 48.42 109.58 7.18
N LEU U 106 48.42 108.54 8.02
CA LEU U 106 47.86 107.23 7.71
C LEU U 106 46.33 107.15 7.74
N MET U 107 45.70 108.15 8.37
CA MET U 107 44.25 108.22 8.51
C MET U 107 43.76 109.56 7.99
N PRO U 108 43.56 109.66 6.66
CA PRO U 108 43.23 110.95 6.02
C PRO U 108 41.93 111.59 6.54
N TYR U 109 41.08 110.80 7.20
CA TYR U 109 39.80 111.26 7.75
C TYR U 109 39.95 111.82 9.19
N ALA U 110 41.13 111.69 9.77
CA ALA U 110 41.39 112.15 11.15
C ALA U 110 41.97 113.56 11.21
N ASP U 111 41.34 114.45 11.98
CA ASP U 111 41.86 115.81 12.20
C ASP U 111 43.19 115.72 12.94
N SER U 112 43.23 114.86 13.94
CA SER U 112 44.42 114.62 14.75
C SER U 112 44.28 113.27 15.40
N VAL U 113 45.39 112.74 15.87
CA VAL U 113 45.40 111.50 16.59
C VAL U 113 45.94 111.80 17.98
N ASN U 114 45.13 111.62 19.01
CA ASN U 114 45.59 111.85 20.37
C ASN U 114 46.25 110.60 20.94
N ILE U 115 47.44 110.77 21.51
CA ILE U 115 48.13 109.68 22.17
C ILE U 115 47.87 109.81 23.65
N THR U 116 47.34 108.73 24.23
CA THR U 116 46.93 108.71 25.63
C THR U 116 47.55 107.51 26.30
N LEU U 117 48.15 107.74 27.45
CA LEU U 117 48.82 106.72 28.23
C LEU U 117 47.84 105.97 29.10
N MET U 118 47.91 104.65 29.07
CA MET U 118 47.04 103.79 29.82
C MET U 118 47.83 102.90 30.76
N ASP U 119 47.31 102.75 31.97
CA ASP U 119 48.00 102.05 33.03
C ASP U 119 47.88 100.51 32.87
N ASP U 120 49.03 99.84 32.78
CA ASP U 120 49.12 98.35 32.67
C ASP U 120 48.45 97.58 33.83
N VAL U 121 48.60 98.11 35.02
CA VAL U 121 48.04 97.49 36.22
C VAL U 121 46.51 97.61 36.22
N THR U 122 46.03 98.76 35.77
CA THR U 122 44.63 98.96 35.48
C THR U 122 44.14 98.01 34.38
N ALA U 123 44.94 97.82 33.33
CA ALA U 123 44.55 96.96 32.20
C ALA U 123 44.29 95.53 32.66
N ALA U 124 45.18 95.03 33.52
CA ALA U 124 45.11 93.68 34.04
C ALA U 124 44.03 93.57 35.10
N GLY U 125 43.84 94.60 35.90
CA GLY U 125 42.83 94.63 36.95
C GLY U 125 41.42 94.58 36.41
N GLN U 126 41.18 95.27 35.29
CA GLN U 126 39.86 95.23 34.64
C GLN U 126 39.57 93.83 34.07
N ALA U 127 40.61 93.15 33.59
CA ALA U 127 40.46 91.76 33.18
C ALA U 127 40.07 90.89 34.38
N GLU U 128 40.78 91.05 35.50
CA GLU U 128 40.49 90.29 36.74
C GLU U 128 39.08 90.49 37.27
N ALA U 129 38.68 91.76 37.34
CA ALA U 129 37.38 92.15 37.89
C ALA U 129 36.26 91.47 37.11
N GLY U 130 36.29 91.58 35.78
CA GLY U 130 35.31 90.91 34.90
C GLY U 130 35.22 89.40 35.09
N LEU U 131 36.34 88.76 35.38
CA LEU U 131 36.33 87.32 35.72
C LEU U 131 35.77 87.03 37.15
N LYS U 132 36.08 87.90 38.10
CA LYS U 132 35.55 87.78 39.46
C LYS U 132 34.05 88.01 39.47
N GLN U 133 33.59 88.96 38.66
CA GLN U 133 32.16 89.27 38.52
C GLN U 133 31.31 88.08 38.14
N GLN U 134 31.90 87.15 37.41
CA GLN U 134 31.17 85.98 36.92
C GLN U 134 31.55 84.72 37.69
N ALA U 135 32.19 84.90 38.85
CA ALA U 135 32.58 83.77 39.71
C ALA U 135 33.17 82.64 38.85
N LEU U 136 34.06 83.06 37.95
CA LEU U 136 34.82 82.15 37.08
C LEU U 136 36.13 81.76 37.76
N PRO U 137 36.39 80.46 37.85
CA PRO U 137 37.72 80.14 38.35
C PRO U 137 38.72 80.49 37.24
N TYR U 138 39.92 80.95 37.61
CA TYR U 138 40.93 81.39 36.66
C TYR U 138 42.25 81.37 37.41
N SER U 139 43.37 81.21 36.68
CA SER U 139 44.68 81.58 37.20
C SER U 139 45.22 82.73 36.38
N ARG U 140 45.60 83.78 37.08
CA ARG U 140 46.36 84.87 36.55
C ARG U 140 47.83 84.48 36.53
N ARG U 141 48.40 84.41 35.34
CA ARG U 141 49.81 84.08 35.21
C ARG U 141 50.52 85.29 34.66
N ASN U 142 51.39 85.91 35.47
CA ASN U 142 52.21 87.06 35.03
C ASN U 142 53.47 86.61 34.29
N HIS U 143 53.60 87.02 33.05
CA HIS U 143 54.78 86.71 32.25
C HIS U 143 55.52 87.99 32.00
N LYS U 144 56.64 87.87 31.30
CA LYS U 144 57.40 89.05 30.90
C LYS U 144 56.73 89.74 29.73
N GLY U 145 56.22 90.94 29.98
CA GLY U 145 55.50 91.73 28.97
C GLY U 145 54.06 91.35 28.70
N GLY U 146 53.49 90.53 29.57
CA GLY U 146 52.07 90.24 29.51
C GLY U 146 51.51 89.46 30.67
N VAL U 147 50.19 89.24 30.62
CA VAL U 147 49.49 88.47 31.62
C VAL U 147 48.58 87.55 30.85
N THR U 148 48.56 86.27 31.22
CA THR U 148 47.55 85.34 30.75
C THR U 148 46.57 84.99 31.89
N PHE U 149 45.27 85.15 31.62
CA PHE U 149 44.22 84.63 32.50
C PHE U 149 43.71 83.32 31.94
N VAL U 150 43.97 82.22 32.64
CA VAL U 150 43.52 80.92 32.20
C VAL U 150 42.19 80.57 32.92
N ILE U 151 41.10 80.51 32.18
CA ILE U 151 39.80 80.16 32.75
C ILE U 151 39.74 78.65 32.94
N GLN U 152 39.43 78.24 34.17
CA GLN U 152 39.45 76.84 34.58
C GLN U 152 38.07 76.20 34.71
N GLY U 153 38.06 74.88 34.84
CA GLY U 153 36.86 74.10 35.12
C GLY U 153 35.88 74.05 33.97
N ALA U 154 34.88 73.19 34.11
CA ALA U 154 33.82 73.09 33.12
C ALA U 154 32.82 74.22 33.35
N LEU U 155 32.15 74.63 32.27
CA LEU U 155 31.11 75.64 32.34
C LEU U 155 29.94 75.24 31.45
N ASP U 156 28.72 75.59 31.86
CA ASP U 156 27.56 75.30 31.01
C ASP U 156 27.50 76.25 29.80
N ASP U 157 26.60 75.97 28.86
CA ASP U 157 26.54 76.69 27.59
C ASP U 157 26.33 78.19 27.79
N VAL U 158 25.50 78.55 28.78
CA VAL U 158 25.23 79.94 29.15
C VAL U 158 26.50 80.62 29.67
N GLU U 159 27.22 79.93 30.55
CA GLU U 159 28.42 80.46 31.17
C GLU U 159 29.57 80.55 30.18
N ILE U 160 29.62 79.62 29.23
CA ILE U 160 30.60 79.67 28.15
C ILE U 160 30.37 80.91 27.30
N LEU U 161 29.10 81.17 27.00
CA LEU U 161 28.67 82.33 26.24
C LEU U 161 28.98 83.66 26.95
N ARG U 162 28.67 83.72 28.24
CA ARG U 162 28.86 84.94 29.02
C ARG U 162 30.33 85.30 29.20
N ALA U 163 31.18 84.26 29.30
CA ALA U 163 32.63 84.42 29.35
C ALA U 163 33.23 84.85 28.02
N ARG U 164 32.67 84.36 26.91
CA ARG U 164 33.12 84.73 25.57
C ARG U 164 32.77 86.18 25.28
N GLN U 165 31.59 86.60 25.71
CA GLN U 165 31.19 87.99 25.54
C GLN U 165 32.03 88.95 26.39
N PHE U 166 32.45 88.53 27.59
CA PHE U 166 33.33 89.36 28.38
C PHE U 166 34.68 89.52 27.70
N VAL U 167 35.24 88.39 27.27
CA VAL U 167 36.53 88.35 26.62
C VAL U 167 36.54 89.22 25.35
N ASP U 168 35.50 89.07 24.52
CA ASP U 168 35.32 89.83 23.28
C ASP U 168 35.28 91.33 23.55
N SER U 169 34.57 91.68 24.60
CA SER U 169 34.41 93.07 25.03
C SER U 169 35.74 93.66 25.50
N TYR U 170 36.46 92.86 26.27
CA TYR U 170 37.76 93.28 26.81
C TYR U 170 38.72 93.61 25.68
N TYR U 171 38.83 92.70 24.73
CA TYR U 171 39.68 92.87 23.57
C TYR U 171 39.30 94.09 22.72
N ARG U 172 38.00 94.36 22.62
CA ARG U 172 37.57 95.54 21.88
C ARG U 172 38.04 96.84 22.53
N THR U 173 38.06 96.85 23.87
CA THR U 173 38.55 97.99 24.63
C THR U 173 40.08 98.08 24.62
N TRP U 174 40.74 97.00 25.03
CA TRP U 174 42.18 97.00 25.30
C TRP U 174 43.08 96.40 24.20
N GLY U 175 42.51 95.77 23.19
CA GLY U 175 43.29 94.95 22.26
C GLY U 175 43.79 93.67 22.90
N GLY U 176 44.61 92.91 22.17
CA GLY U 176 45.11 91.61 22.70
C GLY U 176 46.63 91.54 22.82
N ARG U 177 47.26 92.70 22.97
CA ARG U 177 48.71 92.80 22.97
C ARG U 177 49.37 92.65 24.34
N TYR U 178 48.59 92.73 25.41
CA TYR U 178 49.17 92.72 26.76
C TYR U 178 48.51 91.63 27.60
N VAL U 179 47.24 91.82 27.96
CA VAL U 179 46.48 90.77 28.63
C VAL U 179 45.83 89.85 27.60
N GLN U 180 45.97 88.55 27.82
CA GLN U 180 45.32 87.52 27.01
C GLN U 180 44.55 86.56 27.86
N PHE U 181 43.54 85.94 27.28
CA PHE U 181 42.75 84.94 28.00
C PHE U 181 42.93 83.60 27.31
N ALA U 182 42.79 82.53 28.09
CA ALA U 182 42.93 81.22 27.56
C ALA U 182 42.02 80.30 28.35
N ILE U 183 41.71 79.15 27.78
CA ILE U 183 40.90 78.18 28.48
C ILE U 183 41.75 76.97 28.83
N GLU U 184 41.69 76.60 30.11
CA GLU U 184 42.42 75.47 30.62
C GLU U 184 42.16 74.19 29.84
N LEU U 185 43.21 73.41 29.63
CA LEU U 185 43.09 72.14 28.95
C LEU U 185 43.65 71.08 29.89
N LYS U 186 42.81 70.11 30.25
CA LYS U 186 43.10 69.08 31.24
C LYS U 186 42.96 67.66 30.69
N LEU V 1 85.41 44.56 -58.52
CA LEU V 1 84.71 43.86 -57.39
C LEU V 1 83.63 44.73 -56.71
N GLY V 2 83.76 46.05 -56.86
CA GLY V 2 82.77 46.98 -56.31
C GLY V 2 82.69 46.96 -54.80
N GLN V 3 81.47 46.85 -54.28
CA GLN V 3 81.22 46.78 -52.83
C GLN V 3 81.74 45.47 -52.20
N GLU V 4 82.40 44.66 -53.02
CA GLU V 4 82.88 43.34 -52.63
C GLU V 4 84.42 43.37 -52.60
N LYS V 5 84.99 44.55 -52.85
CA LYS V 5 86.44 44.75 -52.95
C LYS V 5 87.16 44.45 -51.63
N GLU V 6 86.42 44.51 -50.52
CA GLU V 6 87.01 44.35 -49.19
C GLU V 6 86.96 42.90 -48.70
N ARG V 7 86.12 42.09 -49.34
CA ARG V 7 85.90 40.71 -48.91
C ARG V 7 86.73 39.72 -49.74
N PHE V 8 87.06 40.13 -50.96
CA PHE V 8 87.68 39.27 -51.94
C PHE V 8 88.91 39.92 -52.60
N GLN V 9 89.77 39.06 -53.13
CA GLN V 9 90.93 39.47 -53.89
C GLN V 9 90.97 38.59 -55.13
N VAL V 10 91.18 39.20 -56.28
CA VAL V 10 91.34 38.43 -57.50
C VAL V 10 92.84 38.37 -57.83
N LEU V 11 93.38 37.15 -57.95
CA LEU V 11 94.81 36.96 -58.19
C LEU V 11 95.00 36.15 -59.47
N PRO V 12 95.98 36.51 -60.29
CA PRO V 12 96.29 35.70 -61.47
C PRO V 12 97.06 34.44 -61.14
N GLY V 13 96.84 33.37 -61.89
CA GLY V 13 97.58 32.14 -61.71
C GLY V 13 98.59 31.90 -62.81
N ARG V 14 99.69 31.23 -62.43
CA ARG V 14 100.67 30.69 -63.39
C ARG V 14 100.04 29.69 -64.36
N ASP V 15 98.92 29.10 -63.98
CA ASP V 15 98.18 28.12 -64.79
C ASP V 15 97.17 28.80 -65.71
N LYS V 16 97.23 30.13 -65.77
CA LYS V 16 96.33 30.98 -66.55
C LYS V 16 94.92 31.08 -65.96
N MET V 17 94.69 30.42 -64.83
CA MET V 17 93.42 30.52 -64.13
C MET V 17 93.41 31.74 -63.23
N LEU V 18 92.21 32.18 -62.84
CA LEU V 18 92.07 33.30 -61.92
C LEU V 18 91.61 32.75 -60.58
N TYR V 19 92.15 33.31 -59.51
CA TYR V 19 91.89 32.86 -58.15
C TYR V 19 91.16 33.96 -57.40
N VAL V 20 90.01 33.63 -56.82
CA VAL V 20 89.33 34.57 -55.92
C VAL V 20 89.56 34.15 -54.47
N ALA V 21 90.28 35.00 -53.72
CA ALA V 21 90.64 34.72 -52.33
C ALA V 21 89.54 35.23 -51.46
N ALA V 22 88.97 34.35 -50.65
CA ALA V 22 87.87 34.68 -49.75
C ALA V 22 88.34 34.50 -48.31
N GLN V 23 87.59 35.08 -47.38
CA GLN V 23 87.99 35.25 -45.99
C GLN V 23 87.34 34.20 -45.09
N ASN V 24 86.29 33.55 -45.59
CA ASN V 24 85.54 32.55 -44.79
C ASN V 24 84.77 31.60 -45.70
N GLU V 25 84.03 30.66 -45.09
CA GLU V 25 83.41 29.60 -45.87
C GLU V 25 82.15 30.13 -46.54
N ARG V 26 81.41 30.97 -45.84
CA ARG V 26 80.20 31.56 -46.36
C ARG V 26 80.42 32.46 -47.62
N ASP V 27 81.45 33.30 -47.58
CA ASP V 27 81.93 34.01 -48.78
C ASP V 27 82.45 33.09 -49.90
N THR V 28 83.10 31.99 -49.52
CA THR V 28 83.60 31.02 -50.49
C THR V 28 82.47 30.32 -51.26
N LEU V 29 81.45 29.87 -50.54
CA LEU V 29 80.28 29.25 -51.12
C LEU V 29 79.55 30.22 -52.03
N TRP V 30 79.26 31.42 -51.53
CA TRP V 30 78.61 32.44 -52.32
C TRP V 30 79.40 32.79 -53.59
N ALA V 31 80.71 32.93 -53.45
CA ALA V 31 81.56 33.25 -54.60
C ALA V 31 81.56 32.11 -55.64
N ARG V 32 81.55 30.86 -55.17
CA ARG V 32 81.50 29.70 -56.07
C ARG V 32 80.18 29.64 -56.84
N GLN V 33 79.10 30.06 -56.18
CA GLN V 33 77.76 30.05 -56.76
C GLN V 33 77.68 31.06 -57.91
N VAL V 34 78.19 32.25 -57.66
CA VAL V 34 78.29 33.30 -58.68
C VAL V 34 79.06 32.81 -59.91
N LEU V 35 80.21 32.20 -59.67
CA LEU V 35 81.00 31.55 -60.72
C LEU V 35 80.21 30.46 -61.46
N ALA V 36 79.63 29.51 -60.70
CA ALA V 36 78.77 28.45 -61.27
C ALA V 36 77.52 28.97 -62.01
N ARG V 37 77.28 30.27 -61.93
CA ARG V 37 76.15 30.92 -62.60
C ARG V 37 76.58 31.52 -63.95
N GLY V 38 77.68 32.25 -63.95
CA GLY V 38 78.25 32.85 -65.16
C GLY V 38 79.17 31.93 -65.96
N ASP V 39 79.26 30.67 -65.52
CA ASP V 39 80.10 29.65 -66.16
C ASP V 39 81.59 29.99 -66.19
N TYR V 40 82.13 30.39 -65.04
CA TYR V 40 83.57 30.62 -64.92
C TYR V 40 84.29 29.49 -64.17
N ASP V 41 83.54 28.44 -63.80
CA ASP V 41 84.02 27.24 -63.08
C ASP V 41 85.26 26.57 -63.66
N LYS V 42 85.44 26.71 -64.96
CA LYS V 42 86.48 26.01 -65.70
C LYS V 42 87.70 26.91 -65.81
N ASN V 43 87.50 28.19 -65.46
CA ASN V 43 88.50 29.24 -65.65
C ASN V 43 88.92 29.98 -64.37
N ALA V 44 88.10 29.89 -63.32
CA ALA V 44 88.39 30.53 -62.03
C ALA V 44 88.13 29.61 -60.84
N ARG V 45 88.89 29.80 -59.78
CA ARG V 45 88.76 29.04 -58.55
C ARG V 45 88.63 30.00 -57.37
N VAL V 46 87.88 29.57 -56.36
CA VAL V 46 87.78 30.33 -55.10
C VAL V 46 88.63 29.59 -54.09
N ILE V 47 89.47 30.34 -53.40
CA ILE V 47 90.36 29.83 -52.37
C ILE V 47 90.11 30.47 -50.99
N ASN V 48 90.41 29.73 -49.92
CA ASN V 48 90.42 30.28 -48.57
C ASN V 48 91.51 29.60 -47.78
N GLU V 49 91.94 30.24 -46.70
CA GLU V 49 93.03 29.73 -45.84
C GLU V 49 92.78 28.32 -45.31
N ASN V 50 91.58 28.06 -44.81
CA ASN V 50 91.24 26.78 -44.21
C ASN V 50 91.34 25.60 -45.18
N GLU V 51 90.69 25.76 -46.33
CA GLU V 51 90.74 24.76 -47.39
C GLU V 51 92.14 24.58 -47.93
N GLU V 52 92.88 25.67 -48.12
CA GLU V 52 94.20 25.53 -48.70
C GLU V 52 95.14 24.82 -47.73
N ASN V 53 94.99 25.12 -46.43
CA ASN V 53 95.75 24.40 -45.42
C ASN V 53 95.45 22.90 -45.39
N LYS V 54 94.17 22.52 -45.50
CA LYS V 54 93.83 21.10 -45.60
C LYS V 54 94.42 20.45 -46.85
N ARG V 55 94.32 21.15 -47.98
CA ARG V 55 94.72 20.61 -49.30
C ARG V 55 96.23 20.34 -49.31
N ILE V 56 97.03 21.26 -48.80
CA ILE V 56 98.48 21.11 -48.74
C ILE V 56 98.93 20.08 -47.71
N SER V 57 98.26 20.02 -46.57
CA SER V 57 98.47 18.96 -45.59
C SER V 57 98.34 17.55 -46.18
N ILE V 58 97.30 17.29 -46.98
CA ILE V 58 97.15 16.02 -47.70
C ILE V 58 98.39 15.73 -48.51
N TRP V 59 98.87 16.73 -49.24
CA TRP V 59 100.02 16.52 -50.10
C TRP V 59 101.26 16.20 -49.25
N LEU V 60 101.41 16.92 -48.13
CA LEU V 60 102.53 16.71 -47.22
C LEU V 60 102.46 15.34 -46.54
N ASP V 61 101.25 14.86 -46.22
CA ASP V 61 101.07 13.51 -45.66
C ASP V 61 101.78 12.46 -46.48
N THR V 62 101.73 12.60 -47.81
CA THR V 62 102.42 11.64 -48.64
C THR V 62 103.87 12.04 -49.03
N TYR V 63 104.17 13.33 -49.23
CA TYR V 63 105.51 13.69 -49.72
C TYR V 63 106.51 14.07 -48.63
N TYR V 64 106.02 14.65 -47.54
CA TYR V 64 106.85 15.03 -46.40
C TYR V 64 106.23 14.51 -45.09
N PRO V 65 106.07 13.17 -44.98
CA PRO V 65 105.28 12.58 -43.87
C PRO V 65 105.80 12.85 -42.46
N GLN V 66 107.10 13.07 -42.29
CA GLN V 66 107.66 13.26 -40.94
C GLN V 66 107.82 14.74 -40.61
N LEU V 67 107.24 15.61 -41.44
CA LEU V 67 107.48 17.05 -41.37
C LEU V 67 106.85 17.64 -40.12
N ALA V 68 107.64 18.38 -39.35
CA ALA V 68 107.12 19.09 -38.18
C ALA V 68 106.81 20.54 -38.53
N TYR V 69 105.54 20.81 -38.68
CA TYR V 69 105.09 22.11 -39.09
C TYR V 69 103.79 22.49 -38.39
N TYR V 70 103.42 23.76 -38.56
CA TYR V 70 102.30 24.38 -37.91
C TYR V 70 101.18 24.63 -38.90
N ARG V 71 101.40 25.63 -39.77
CA ARG V 71 100.32 26.20 -40.59
C ARG V 71 100.89 27.14 -41.68
N ILE V 72 100.13 27.32 -42.77
CA ILE V 72 100.40 28.32 -43.80
C ILE V 72 99.45 29.49 -43.59
N HIS V 73 100.02 30.70 -43.64
CA HIS V 73 99.29 31.95 -43.52
C HIS V 73 99.29 32.71 -44.85
N PHE V 74 98.17 33.37 -45.15
CA PHE V 74 97.95 34.02 -46.42
C PHE V 74 97.55 35.49 -46.25
N ASP V 75 98.05 36.12 -45.19
CA ASP V 75 97.83 37.55 -45.00
C ASP V 75 98.18 38.33 -46.27
N GLU V 76 99.16 37.82 -47.01
CA GLU V 76 99.52 38.27 -48.35
C GLU V 76 99.39 37.05 -49.30
N PRO V 77 98.21 36.85 -49.90
CA PRO V 77 97.98 35.60 -50.64
C PRO V 77 98.98 35.27 -51.77
N ARG V 78 99.56 36.29 -52.42
CA ARG V 78 100.58 36.05 -53.43
C ARG V 78 101.92 35.61 -52.83
N LYS V 79 102.06 35.75 -51.52
CA LYS V 79 103.28 35.35 -50.84
C LYS V 79 102.89 34.68 -49.52
N PRO V 80 102.40 33.43 -49.60
CA PRO V 80 102.04 32.73 -48.36
C PRO V 80 103.26 32.44 -47.47
N VAL V 81 103.04 32.36 -46.17
CA VAL V 81 104.11 32.06 -45.22
C VAL V 81 103.81 30.70 -44.58
N PHE V 82 104.71 29.75 -44.80
CA PHE V 82 104.66 28.42 -44.21
C PHE V 82 105.47 28.37 -42.93
N TRP V 83 104.78 28.17 -41.82
CA TRP V 83 105.36 28.10 -40.48
C TRP V 83 105.84 26.68 -40.19
N LEU V 84 107.13 26.54 -40.00
CA LEU V 84 107.75 25.28 -39.67
C LEU V 84 108.28 25.30 -38.25
N SER V 85 108.38 24.15 -37.60
CA SER V 85 109.03 24.07 -36.30
C SER V 85 110.53 24.32 -36.33
N ARG V 86 110.97 25.24 -35.48
CA ARG V 86 112.37 25.61 -35.37
C ARG V 86 113.15 24.50 -34.67
N GLN V 87 112.61 24.00 -33.56
CA GLN V 87 113.24 22.89 -32.81
C GLN V 87 113.29 21.58 -33.59
N ARG V 88 112.22 21.24 -34.30
CA ARG V 88 112.06 19.90 -34.89
C ARG V 88 112.43 19.82 -36.38
N ASN V 89 112.94 20.90 -36.91
CA ASN V 89 113.39 20.88 -38.28
C ASN V 89 114.66 20.07 -38.43
N THR V 90 114.73 19.31 -39.52
CA THR V 90 115.85 18.40 -39.82
C THR V 90 116.45 18.79 -41.18
N MET V 91 115.77 19.66 -41.90
CA MET V 91 116.17 19.99 -43.27
C MET V 91 117.12 21.17 -43.36
N SER V 92 118.03 21.10 -44.32
CA SER V 92 118.98 22.15 -44.61
C SER V 92 118.29 23.24 -45.41
N LYS V 93 118.98 24.36 -45.60
CA LYS V 93 118.47 25.47 -46.40
C LYS V 93 118.09 25.00 -47.79
N LYS V 94 118.95 24.20 -48.41
CA LYS V 94 118.74 23.63 -49.73
C LYS V 94 117.46 22.77 -49.81
N GLU V 95 117.30 21.89 -48.84
CA GLU V 95 116.09 21.05 -48.72
C GLU V 95 114.81 21.86 -48.46
N LEU V 96 114.96 22.96 -47.73
CA LEU V 96 113.86 23.86 -47.49
C LEU V 96 113.53 24.72 -48.73
N GLU V 97 114.51 25.02 -49.57
CA GLU V 97 114.27 25.68 -50.87
C GLU V 97 113.53 24.75 -51.85
N VAL V 98 113.91 23.49 -51.85
CA VAL V 98 113.19 22.44 -52.57
C VAL V 98 111.70 22.36 -52.14
N LEU V 99 111.46 22.24 -50.84
CA LEU V 99 110.09 22.24 -50.30
C LEU V 99 109.30 23.49 -50.73
N SER V 100 109.89 24.65 -50.51
CA SER V 100 109.31 25.92 -50.92
C SER V 100 108.93 25.95 -52.42
N GLN V 101 109.78 25.37 -53.27
CA GLN V 101 109.55 25.27 -54.72
C GLN V 101 108.37 24.39 -55.05
N LYS V 102 108.25 23.29 -54.32
CA LYS V 102 107.18 22.33 -54.56
C LYS V 102 105.86 22.89 -54.02
N LEU V 103 105.93 23.66 -52.94
CA LEU V 103 104.75 24.36 -52.42
C LEU V 103 104.25 25.44 -53.39
N ARG V 104 105.15 26.20 -53.98
CA ARG V 104 104.81 27.17 -55.01
C ARG V 104 104.03 26.56 -56.19
N ALA V 105 104.52 25.42 -56.69
CA ALA V 105 103.92 24.72 -57.82
C ALA V 105 102.50 24.27 -57.52
N LEU V 106 102.23 23.96 -56.26
CA LEU V 106 100.92 23.57 -55.76
C LEU V 106 99.93 24.74 -55.58
N MET V 107 100.47 25.97 -55.57
CA MET V 107 99.67 27.18 -55.41
C MET V 107 99.96 28.13 -56.54
N PRO V 108 99.28 27.95 -57.69
CA PRO V 108 99.59 28.71 -58.91
C PRO V 108 99.43 30.24 -58.76
N TYR V 109 98.72 30.67 -57.71
CA TYR V 109 98.46 32.09 -57.42
C TYR V 109 99.58 32.71 -56.53
N ALA V 110 100.51 31.89 -56.07
CA ALA V 110 101.60 32.36 -55.18
C ALA V 110 102.88 32.70 -55.94
N ASP V 111 103.40 33.91 -55.77
CA ASP V 111 104.68 34.31 -56.37
C ASP V 111 105.80 33.45 -55.77
N SER V 112 105.74 33.25 -54.48
CA SER V 112 106.72 32.44 -53.75
C SER V 112 106.08 32.00 -52.45
N VAL V 113 106.66 30.98 -51.84
CA VAL V 113 106.21 30.51 -50.55
C VAL V 113 107.39 30.67 -49.60
N ASN V 114 107.25 31.53 -48.59
CA ASN V 114 108.31 31.69 -47.61
C ASN V 114 108.19 30.67 -46.49
N ILE V 115 109.31 30.02 -46.18
CA ILE V 115 109.35 29.08 -45.08
C ILE V 115 109.97 29.79 -43.91
N THR V 116 109.22 29.78 -42.80
CA THR V 116 109.61 30.53 -41.59
C THR V 116 109.54 29.58 -40.42
N LEU V 117 110.60 29.60 -39.62
CA LEU V 117 110.74 28.74 -38.46
C LEU V 117 110.06 29.37 -37.26
N MET V 118 109.26 28.57 -36.56
CA MET V 118 108.53 29.02 -35.40
C MET V 118 108.90 28.19 -34.18
N ASP V 119 109.03 28.88 -33.06
CA ASP V 119 109.52 28.28 -31.84
C ASP V 119 108.40 27.48 -31.12
N ASP V 120 108.65 26.18 -30.89
CA ASP V 120 107.72 25.27 -30.17
C ASP V 120 107.36 25.72 -28.74
N VAL V 121 108.34 26.26 -28.05
CA VAL V 121 108.16 26.72 -26.68
C VAL V 121 107.28 27.96 -26.64
N THR V 122 107.50 28.85 -27.62
CA THR V 122 106.61 29.96 -27.88
C THR V 122 105.20 29.48 -28.24
N ALA V 123 105.09 28.45 -29.07
CA ALA V 123 103.77 27.94 -29.51
C ALA V 123 102.92 27.49 -28.31
N ALA V 124 103.57 26.78 -27.39
CA ALA V 124 102.91 26.27 -26.20
C ALA V 124 102.67 27.36 -25.19
N GLY V 125 103.58 28.32 -25.08
CA GLY V 125 103.45 29.45 -24.16
C GLY V 125 102.30 30.36 -24.49
N GLN V 126 102.06 30.58 -25.78
CA GLN V 126 100.91 31.39 -26.21
C GLN V 126 99.59 30.68 -25.91
N ALA V 127 99.58 29.36 -26.00
CA ALA V 127 98.42 28.58 -25.57
C ALA V 127 98.19 28.78 -24.06
N GLU V 128 99.25 28.65 -23.25
CA GLU V 128 99.17 28.83 -21.79
C GLU V 128 98.67 30.20 -21.37
N ALA V 129 99.24 31.23 -21.98
CA ALA V 129 98.94 32.62 -21.66
C ALA V 129 97.45 32.89 -21.86
N GLY V 130 96.92 32.53 -23.03
CA GLY V 130 95.49 32.67 -23.33
C GLY V 130 94.56 31.96 -22.34
N LEU V 131 94.99 30.81 -21.81
CA LEU V 131 94.24 30.15 -20.74
C LEU V 131 94.38 30.86 -19.35
N LYS V 132 95.56 31.37 -19.06
CA LYS V 132 95.78 32.14 -17.83
C LYS V 132 94.99 33.44 -17.85
N GLN V 133 94.93 34.07 -19.02
CA GLN V 133 94.18 35.32 -19.22
C GLN V 133 92.72 35.21 -18.81
N GLN V 134 92.15 34.02 -18.95
CA GLN V 134 90.75 33.80 -18.67
C GLN V 134 90.54 33.05 -17.35
N ALA V 135 91.59 33.00 -16.53
CA ALA V 135 91.52 32.34 -15.21
C ALA V 135 90.78 31.00 -15.35
N LEU V 136 91.17 30.26 -16.38
CA LEU V 136 90.68 28.90 -16.66
C LEU V 136 91.55 27.88 -15.97
N PRO V 137 90.93 26.98 -15.19
CA PRO V 137 91.80 25.93 -14.68
C PRO V 137 92.12 25.00 -15.86
N TYR V 138 93.32 24.43 -15.89
CA TYR V 138 93.79 23.60 -16.99
C TYR V 138 94.95 22.78 -16.44
N SER V 139 95.22 21.60 -17.02
CA SER V 139 96.50 20.93 -16.88
C SER V 139 97.18 20.89 -18.23
N ARG V 140 98.40 21.39 -18.25
CA ARG V 140 99.31 21.23 -19.33
C ARG V 140 99.96 19.86 -19.23
N ARG V 141 99.73 19.02 -20.22
CA ARG V 141 100.33 17.69 -20.24
C ARG V 141 101.28 17.63 -21.42
N ASN V 142 102.58 17.54 -21.14
CA ASN V 142 103.61 17.40 -22.19
C ASN V 142 103.77 15.95 -22.63
N HIS V 143 103.52 15.69 -23.90
CA HIS V 143 103.70 14.35 -24.47
C HIS V 143 104.85 14.40 -25.43
N LYS V 144 105.15 13.25 -26.02
CA LYS V 144 106.18 13.19 -27.05
C LYS V 144 105.65 13.74 -28.37
N GLY V 145 106.20 14.86 -28.78
CA GLY V 145 105.79 15.55 -30.02
C GLY V 145 104.52 16.39 -29.94
N GLY V 146 104.06 16.64 -28.72
CA GLY V 146 102.95 17.58 -28.52
C GLY V 146 102.67 17.94 -27.08
N VAL V 147 101.69 18.83 -26.93
CA VAL V 147 101.23 19.27 -25.62
C VAL V 147 99.73 19.23 -25.70
N THR V 148 99.08 18.66 -24.68
CA THR V 148 97.65 18.81 -24.49
C THR V 148 97.35 19.72 -23.30
N PHE V 149 96.52 20.75 -23.53
CA PHE V 149 95.95 21.55 -22.44
C PHE V 149 94.54 21.06 -22.15
N VAL V 150 94.34 20.47 -20.99
CA VAL V 150 93.03 19.97 -20.60
C VAL V 150 92.32 21.03 -19.73
N ILE V 151 91.25 21.63 -20.24
CA ILE V 151 90.50 22.62 -19.49
C ILE V 151 89.59 21.91 -18.49
N GLN V 152 89.72 22.29 -17.22
CA GLN V 152 89.04 21.63 -16.10
C GLN V 152 87.84 22.41 -15.56
N GLY V 153 87.06 21.73 -14.72
CA GLY V 153 85.95 22.33 -13.99
C GLY V 153 84.77 22.72 -14.86
N ALA V 154 83.67 23.06 -14.20
CA ALA V 154 82.50 23.54 -14.90
C ALA V 154 82.69 25.00 -15.27
N LEU V 155 82.04 25.42 -16.35
CA LEU V 155 82.05 26.81 -16.77
C LEU V 155 80.67 27.24 -17.22
N ASP V 156 80.31 28.51 -16.99
CA ASP V 156 79.01 29.00 -17.47
C ASP V 156 79.02 29.20 -18.99
N ASP V 157 77.84 29.46 -19.57
CA ASP V 157 77.67 29.52 -21.02
C ASP V 157 78.58 30.57 -21.66
N VAL V 158 78.75 31.71 -20.99
CA VAL V 158 79.62 32.79 -21.43
C VAL V 158 81.09 32.33 -21.44
N GLU V 159 81.50 31.65 -20.38
CA GLU V 159 82.87 31.19 -20.24
C GLU V 159 83.20 30.04 -21.19
N ILE V 160 82.19 29.22 -21.47
CA ILE V 160 82.33 28.14 -22.46
C ILE V 160 82.58 28.76 -23.83
N LEU V 161 81.81 29.79 -24.14
CA LEU V 161 81.92 30.54 -25.38
C LEU V 161 83.27 31.23 -25.54
N ARG V 162 83.73 31.89 -24.49
CA ARG V 162 84.98 32.66 -24.53
C ARG V 162 86.21 31.75 -24.66
N ALA V 163 86.13 30.55 -24.07
CA ALA V 163 87.15 29.53 -24.20
C ALA V 163 87.16 28.88 -25.58
N ARG V 164 85.99 28.72 -26.20
CA ARG V 164 85.89 28.18 -27.55
C ARG V 164 86.45 29.15 -28.57
N GLN V 165 86.17 30.43 -28.37
CA GLN V 165 86.73 31.45 -29.24
C GLN V 165 88.25 31.58 -29.12
N PHE V 166 88.79 31.39 -27.92
CA PHE V 166 90.25 31.40 -27.77
C PHE V 166 90.87 30.22 -28.51
N VAL V 167 90.29 29.02 -28.29
CA VAL V 167 90.79 27.81 -28.90
C VAL V 167 90.74 27.89 -30.44
N ASP V 168 89.61 28.38 -30.96
CA ASP V 168 89.39 28.54 -32.41
C ASP V 168 90.45 29.48 -33.00
N SER V 169 90.71 30.56 -32.28
CA SER V 169 91.69 31.56 -32.67
C SER V 169 93.11 30.99 -32.69
N TYR V 170 93.43 30.22 -31.66
CA TYR V 170 94.73 29.60 -31.51
C TYR V 170 95.02 28.69 -32.71
N TYR V 171 94.07 27.82 -33.01
CA TYR V 171 94.16 26.90 -34.12
C TYR V 171 94.30 27.60 -35.48
N ARG V 172 93.61 28.73 -35.63
CA ARG V 172 93.75 29.51 -36.86
C ARG V 172 95.16 30.04 -37.06
N THR V 173 95.80 30.43 -35.96
CA THR V 173 97.17 30.91 -35.99
C THR V 173 98.18 29.75 -36.15
N TRP V 174 98.10 28.78 -35.25
CA TRP V 174 99.12 27.72 -35.12
C TRP V 174 98.80 26.36 -35.75
N GLY V 175 97.57 26.16 -36.23
CA GLY V 175 97.11 24.81 -36.58
C GLY V 175 96.91 23.92 -35.38
N GLY V 176 96.60 22.64 -35.62
CA GLY V 176 96.34 21.70 -34.50
C GLY V 176 97.29 20.51 -34.45
N ARG V 177 98.48 20.70 -35.01
CA ARG V 177 99.45 19.63 -35.16
C ARG V 177 100.40 19.45 -33.98
N TYR V 178 100.47 20.42 -33.08
CA TYR V 178 101.44 20.37 -31.99
C TYR V 178 100.74 20.55 -30.65
N VAL V 179 100.24 21.74 -30.36
CA VAL V 179 99.42 21.97 -29.20
C VAL V 179 97.96 21.66 -29.50
N GLN V 180 97.32 20.91 -28.60
CA GLN V 180 95.90 20.61 -28.68
C GLN V 180 95.21 20.94 -27.39
N PHE V 181 93.92 21.20 -27.46
CA PHE V 181 93.14 21.50 -26.27
C PHE V 181 92.08 20.42 -26.11
N ALA V 182 91.68 20.17 -24.86
CA ALA V 182 90.69 19.19 -24.58
C ALA V 182 89.91 19.64 -23.37
N ILE V 183 88.74 19.07 -23.18
CA ILE V 183 87.94 19.40 -22.02
C ILE V 183 87.87 18.17 -21.11
N GLU V 184 88.19 18.40 -19.85
CA GLU V 184 88.18 17.37 -18.85
C GLU V 184 86.83 16.64 -18.77
N LEU V 185 86.91 15.33 -18.59
CA LEU V 185 85.72 14.53 -18.44
C LEU V 185 85.83 13.79 -17.12
N LYS V 186 84.86 14.03 -16.22
CA LYS V 186 84.86 13.53 -14.84
C LYS V 186 83.62 12.69 -14.52
N LEU W 1 53.95 -60.07 -78.68
CA LEU W 1 53.60 -59.56 -77.31
C LEU W 1 53.80 -58.04 -77.17
N GLY W 2 54.63 -57.47 -78.02
CA GLY W 2 54.87 -56.03 -78.02
C GLY W 2 55.51 -55.51 -76.74
N GLN W 3 54.92 -54.45 -76.17
CA GLN W 3 55.39 -53.86 -74.92
C GLN W 3 55.18 -54.79 -73.70
N GLU W 4 54.70 -56.00 -73.98
CA GLU W 4 54.35 -56.98 -72.96
C GLU W 4 55.35 -58.15 -73.04
N LYS W 5 56.32 -58.02 -73.94
CA LYS W 5 57.31 -59.08 -74.22
C LYS W 5 58.18 -59.41 -73.00
N GLU W 6 58.27 -58.47 -72.06
CA GLU W 6 59.15 -58.61 -70.92
C GLU W 6 58.44 -59.20 -69.70
N ARG W 7 57.11 -59.19 -69.74
CA ARG W 7 56.30 -59.64 -68.60
C ARG W 7 55.82 -61.07 -68.80
N PHE W 8 55.71 -61.48 -70.06
CA PHE W 8 55.09 -62.74 -70.44
C PHE W 8 55.95 -63.54 -71.42
N GLN W 9 55.71 -64.84 -71.43
CA GLN W 9 56.32 -65.75 -72.38
C GLN W 9 55.23 -66.64 -72.92
N VAL W 10 55.19 -66.81 -74.23
CA VAL W 10 54.26 -67.74 -74.83
C VAL W 10 54.98 -69.05 -75.17
N LEU W 11 54.50 -70.16 -74.62
CA LEU W 11 55.15 -71.47 -74.80
C LEU W 11 54.16 -72.44 -75.43
N PRO W 12 54.63 -73.26 -76.38
CA PRO W 12 53.75 -74.30 -76.93
C PRO W 12 53.60 -75.49 -76.01
N GLY W 13 52.43 -76.12 -76.02
CA GLY W 13 52.20 -77.31 -75.23
C GLY W 13 52.16 -78.57 -76.08
N ARG W 14 52.61 -79.68 -75.48
CA ARG W 14 52.43 -81.04 -76.03
C ARG W 14 50.95 -81.39 -76.24
N ASP W 15 50.06 -80.71 -75.53
CA ASP W 15 48.61 -80.92 -75.62
C ASP W 15 47.97 -80.04 -76.70
N LYS W 16 48.84 -79.39 -77.48
CA LYS W 16 48.44 -78.45 -78.54
C LYS W 16 47.90 -77.11 -78.03
N MET W 17 47.87 -76.95 -76.71
CA MET W 17 47.46 -75.69 -76.10
C MET W 17 48.65 -74.74 -76.01
N LEU W 18 48.37 -73.45 -75.87
CA LEU W 18 49.41 -72.45 -75.71
C LEU W 18 49.40 -71.99 -74.26
N TYR W 19 50.60 -71.78 -73.72
CA TYR W 19 50.77 -71.41 -72.33
C TYR W 19 51.37 -70.01 -72.26
N VAL W 20 50.72 -69.11 -71.51
CA VAL W 20 51.31 -67.80 -71.26
C VAL W 20 51.86 -67.76 -69.83
N ALA W 21 53.18 -67.63 -69.71
CA ALA W 21 53.88 -67.65 -68.43
C ALA W 21 53.93 -66.24 -67.92
N ALA W 22 53.39 -66.04 -66.72
CA ALA W 22 53.33 -64.73 -66.09
C ALA W 22 54.19 -64.75 -64.82
N GLN W 23 54.52 -63.56 -64.32
CA GLN W 23 55.51 -63.36 -63.28
C GLN W 23 54.87 -63.16 -61.92
N ASN W 24 53.57 -62.84 -61.91
CA ASN W 24 52.86 -62.56 -60.65
C ASN W 24 51.35 -62.76 -60.82
N GLU W 25 50.58 -62.51 -59.76
CA GLU W 25 49.16 -62.84 -59.78
C GLU W 25 48.40 -61.77 -60.55
N ARG W 26 48.80 -60.52 -60.39
CA ARG W 26 48.19 -59.40 -61.07
C ARG W 26 48.30 -59.47 -62.62
N ASP W 27 49.48 -59.81 -63.13
CA ASP W 27 49.67 -60.15 -64.54
C ASP W 27 48.89 -61.40 -65.00
N THR W 28 48.78 -62.39 -64.12
CA THR W 28 48.04 -63.62 -64.41
C THR W 28 46.52 -63.35 -64.60
N LEU W 29 45.95 -62.57 -63.68
CA LEU W 29 44.56 -62.17 -63.75
C LEU W 29 44.29 -61.36 -65.00
N TRP W 30 45.11 -60.33 -65.23
CA TRP W 30 44.97 -59.48 -66.41
C TRP W 30 45.10 -60.31 -67.70
N ALA W 31 46.07 -61.22 -67.76
CA ALA W 31 46.25 -62.06 -68.94
C ALA W 31 45.05 -62.98 -69.16
N ARG W 32 44.47 -63.52 -68.09
CA ARG W 32 43.29 -64.38 -68.20
C ARG W 32 42.07 -63.62 -68.72
N GLN W 33 41.98 -62.35 -68.34
CA GLN W 33 40.87 -61.47 -68.72
C GLN W 33 40.92 -61.22 -70.23
N VAL W 34 42.11 -60.88 -70.72
CA VAL W 34 42.36 -60.70 -72.16
C VAL W 34 41.95 -61.95 -72.95
N LEU W 35 42.39 -63.10 -72.48
CA LEU W 35 41.98 -64.39 -73.05
C LEU W 35 40.46 -64.60 -73.01
N ALA W 36 39.86 -64.43 -71.83
CA ALA W 36 38.39 -64.52 -71.66
C ALA W 36 37.60 -63.48 -72.48
N ARG W 37 38.32 -62.55 -73.12
CA ARG W 37 37.70 -61.52 -73.96
C ARG W 37 37.71 -61.93 -75.44
N GLY W 38 38.87 -62.40 -75.91
CA GLY W 38 39.04 -62.89 -77.29
C GLY W 38 38.65 -64.35 -77.50
N ASP W 39 38.12 -64.97 -76.45
CA ASP W 39 37.70 -66.38 -76.47
C ASP W 39 38.82 -67.37 -76.77
N TYR W 40 39.94 -67.23 -76.07
CA TYR W 40 41.04 -68.18 -76.19
C TYR W 40 41.13 -69.13 -74.99
N ASP W 41 40.17 -69.01 -74.05
CA ASP W 41 40.05 -69.83 -72.83
C ASP W 41 40.13 -71.34 -73.01
N LYS W 42 39.73 -71.80 -74.18
CA LYS W 42 39.59 -73.22 -74.48
C LYS W 42 40.86 -73.71 -75.15
N ASN W 43 41.70 -72.74 -75.53
CA ASN W 43 42.90 -73.01 -76.34
C ASN W 43 44.22 -72.54 -75.72
N ALA W 44 44.15 -71.65 -74.74
CA ALA W 44 45.33 -71.12 -74.04
C ALA W 44 45.13 -71.06 -72.52
N ARG W 45 46.22 -71.22 -71.80
CA ARG W 45 46.23 -71.16 -70.35
C ARG W 45 47.30 -70.18 -69.88
N VAL W 46 47.04 -69.52 -68.76
CA VAL W 46 48.05 -68.65 -68.14
C VAL W 46 48.58 -69.41 -66.94
N ILE W 47 49.89 -69.44 -66.83
CA ILE W 47 50.60 -70.11 -65.74
C ILE W 47 51.49 -69.14 -64.94
N ASN W 48 51.72 -69.46 -63.66
CA ASN W 48 52.70 -68.75 -62.84
C ASN W 48 53.32 -69.75 -61.88
N GLU W 49 54.49 -69.39 -61.35
CA GLU W 49 55.24 -70.26 -60.42
C GLU W 49 54.45 -70.69 -59.19
N ASN W 50 53.77 -69.73 -58.57
CA ASN W 50 53.03 -69.99 -57.34
C ASN W 50 51.89 -71.00 -57.49
N GLU W 51 51.06 -70.76 -58.50
CA GLU W 51 49.96 -71.67 -58.83
C GLU W 51 50.47 -73.03 -59.27
N GLU W 52 51.53 -73.05 -60.07
CA GLU W 52 52.00 -74.34 -60.56
C GLU W 52 52.59 -75.17 -59.42
N ASN W 53 53.28 -74.50 -58.50
CA ASN W 53 53.76 -75.17 -57.31
C ASN W 53 52.65 -75.75 -56.44
N LYS W 54 51.57 -74.99 -56.24
CA LYS W 54 50.41 -75.54 -55.51
C LYS W 54 49.78 -76.73 -56.22
N ARG W 55 49.64 -76.62 -57.56
CA ARG W 55 48.95 -77.61 -58.37
C ARG W 55 49.70 -78.96 -58.33
N ILE W 56 51.01 -78.90 -58.47
CA ILE W 56 51.85 -80.10 -58.43
C ILE W 56 51.96 -80.72 -57.03
N SER W 57 52.03 -79.87 -56.00
CA SER W 57 51.95 -80.32 -54.62
C SER W 57 50.70 -81.16 -54.32
N ILE W 58 49.53 -80.74 -54.77
CA ILE W 58 48.29 -81.52 -54.67
C ILE W 58 48.51 -82.90 -55.25
N TRP W 59 49.10 -82.96 -56.44
CA TRP W 59 49.28 -84.23 -57.11
C TRP W 59 50.25 -85.11 -56.31
N LEU W 60 51.31 -84.50 -55.80
CA LEU W 60 52.30 -85.21 -54.98
C LEU W 60 51.71 -85.71 -53.66
N ASP W 61 50.81 -84.93 -53.06
CA ASP W 61 50.11 -85.34 -51.83
C ASP W 61 49.49 -86.72 -51.98
N THR W 62 48.94 -87.00 -53.16
CA THR W 62 48.38 -88.33 -53.36
C THR W 62 49.35 -89.35 -54.00
N TYR W 63 50.25 -88.94 -54.90
CA TYR W 63 51.09 -89.95 -55.57
C TYR W 63 52.45 -90.19 -54.95
N TYR W 64 53.02 -89.15 -54.33
CA TYR W 64 54.30 -89.25 -53.65
C TYR W 64 54.20 -88.65 -52.24
N PRO W 65 53.30 -89.23 -51.39
CA PRO W 65 52.97 -88.60 -50.09
C PRO W 65 54.11 -88.44 -49.10
N GLN W 66 55.14 -89.27 -49.17
CA GLN W 66 56.23 -89.19 -48.19
C GLN W 66 57.42 -88.42 -48.73
N LEU W 67 57.22 -87.73 -49.86
CA LEU W 67 58.32 -87.11 -50.61
C LEU W 67 58.86 -85.93 -49.87
N ALA W 68 60.19 -85.90 -49.70
CA ALA W 68 60.85 -84.76 -49.07
C ALA W 68 61.41 -83.83 -50.15
N TYR W 69 60.72 -82.73 -50.34
CA TYR W 69 61.08 -81.79 -51.37
C TYR W 69 60.83 -80.35 -50.92
N TYR W 70 61.33 -79.43 -51.73
CA TYR W 70 61.33 -78.03 -51.47
C TYR W 70 60.33 -77.31 -52.37
N ARG W 71 60.69 -77.19 -53.65
CA ARG W 71 59.99 -76.30 -54.57
C ARG W 71 60.44 -76.56 -56.03
N ILE W 72 59.57 -76.18 -56.99
CA ILE W 72 59.89 -76.17 -58.41
C ILE W 72 60.14 -74.73 -58.84
N HIS W 73 61.22 -74.54 -59.58
CA HIS W 73 61.62 -73.25 -60.13
C HIS W 73 61.48 -73.23 -61.64
N PHE W 74 61.06 -72.09 -62.19
CA PHE W 74 60.72 -71.94 -63.59
C PHE W 74 61.49 -70.78 -64.23
N ASP W 75 62.69 -70.50 -63.74
CA ASP W 75 63.55 -69.49 -64.35
C ASP W 75 63.66 -69.73 -65.87
N GLU W 76 63.60 -70.99 -66.26
CA GLU W 76 63.49 -71.44 -67.65
C GLU W 76 62.20 -72.29 -67.75
N PRO W 77 61.06 -71.65 -68.08
CA PRO W 77 59.79 -72.39 -67.98
C PRO W 77 59.67 -73.69 -68.79
N ARG W 78 60.37 -73.78 -69.93
CA ARG W 78 60.39 -75.02 -70.71
C ARG W 78 61.22 -76.12 -70.05
N LYS W 79 62.00 -75.76 -69.04
CA LYS W 79 62.83 -76.73 -68.33
C LYS W 79 62.77 -76.38 -66.85
N PRO W 80 61.65 -76.70 -66.18
CA PRO W 80 61.55 -76.43 -64.74
C PRO W 80 62.54 -77.28 -63.93
N VAL W 81 62.97 -76.76 -62.78
CA VAL W 81 63.88 -77.46 -61.90
C VAL W 81 63.14 -77.77 -60.59
N PHE W 82 63.00 -79.07 -60.32
CA PHE W 82 62.40 -79.57 -59.09
C PHE W 82 63.47 -79.84 -58.04
N TRP W 83 63.42 -79.08 -56.97
CA TRP W 83 64.37 -79.16 -55.85
C TRP W 83 63.90 -80.22 -54.85
N LEU W 84 64.72 -81.25 -54.70
CA LEU W 84 64.45 -82.33 -53.76
C LEU W 84 65.47 -82.29 -52.64
N SER W 85 65.11 -82.80 -51.46
CA SER W 85 66.06 -82.96 -50.38
C SER W 85 67.14 -84.00 -50.64
N ARG W 86 68.38 -83.58 -50.46
CA ARG W 86 69.54 -84.44 -50.66
C ARG W 86 69.65 -85.45 -49.52
N GLN W 87 69.52 -84.97 -48.28
CA GLN W 87 69.56 -85.83 -47.10
C GLN W 87 68.40 -86.82 -47.01
N ARG W 88 67.19 -86.38 -47.36
CA ARG W 88 65.97 -87.16 -47.10
C ARG W 88 65.45 -87.96 -48.30
N ASN W 89 66.21 -87.94 -49.39
CA ASN W 89 65.84 -88.70 -50.55
C ASN W 89 66.04 -90.18 -50.29
N THR W 90 65.10 -90.99 -50.78
CA THR W 90 65.09 -92.44 -50.60
C THR W 90 65.06 -93.12 -51.98
N MET W 91 64.86 -92.33 -53.02
CA MET W 91 64.69 -92.88 -54.37
C MET W 91 65.98 -92.99 -55.16
N SER W 92 66.05 -94.04 -55.97
CA SER W 92 67.17 -94.30 -56.86
C SER W 92 67.05 -93.41 -58.08
N LYS W 93 68.10 -93.39 -58.90
CA LYS W 93 68.11 -92.63 -60.14
C LYS W 93 66.93 -93.01 -61.02
N LYS W 94 66.67 -94.32 -61.13
CA LYS W 94 65.56 -94.85 -61.92
C LYS W 94 64.19 -94.35 -61.42
N GLU W 95 63.98 -94.41 -60.11
CA GLU W 95 62.76 -93.88 -59.48
C GLU W 95 62.60 -92.36 -59.64
N LEU W 96 63.72 -91.66 -59.64
CA LEU W 96 63.72 -90.24 -59.87
C LEU W 96 63.48 -89.89 -61.35
N GLU W 97 63.89 -90.75 -62.29
CA GLU W 97 63.55 -90.59 -63.71
C GLU W 97 62.05 -90.82 -63.97
N VAL W 98 61.49 -91.81 -63.29
CA VAL W 98 60.03 -92.04 -63.27
C VAL W 98 59.27 -90.79 -62.77
N LEU W 99 59.64 -90.26 -61.61
CA LEU W 99 59.05 -89.03 -61.07
C LEU W 99 59.15 -87.87 -62.07
N SER W 100 60.35 -87.63 -62.57
CA SER W 100 60.59 -86.60 -63.57
C SER W 100 59.68 -86.74 -64.81
N GLN W 101 59.44 -87.99 -65.25
CA GLN W 101 58.57 -88.30 -66.40
C GLN W 101 57.12 -87.95 -66.10
N LYS W 102 56.69 -88.24 -64.88
CA LYS W 102 55.31 -87.99 -64.49
C LYS W 102 55.09 -86.50 -64.27
N LEU W 103 56.13 -85.82 -63.79
CA LEU W 103 56.08 -84.35 -63.67
C LEU W 103 55.99 -83.66 -65.04
N ARG W 104 56.76 -84.14 -66.01
CA ARG W 104 56.68 -83.64 -67.39
C ARG W 104 55.27 -83.73 -67.97
N ALA W 105 54.61 -84.89 -67.79
CA ALA W 105 53.27 -85.15 -68.30
C ALA W 105 52.24 -84.19 -67.73
N LEU W 106 52.48 -83.76 -66.48
CA LEU W 106 51.65 -82.79 -65.77
C LEU W 106 51.85 -81.35 -66.20
N MET W 107 52.96 -81.09 -66.92
CA MET W 107 53.30 -79.75 -67.39
C MET W 107 53.56 -79.81 -68.88
N PRO W 108 52.48 -79.72 -69.70
CA PRO W 108 52.59 -79.92 -71.15
C PRO W 108 53.54 -78.91 -71.85
N TYR W 109 53.84 -77.80 -71.17
CA TYR W 109 54.72 -76.74 -71.70
C TYR W 109 56.21 -77.00 -71.38
N ALA W 110 56.49 -78.03 -70.60
CA ALA W 110 57.87 -78.36 -70.19
C ALA W 110 58.53 -79.40 -71.09
N ASP W 111 59.70 -79.10 -71.64
CA ASP W 111 60.48 -80.06 -72.44
C ASP W 111 60.90 -81.23 -71.55
N SER W 112 61.34 -80.90 -70.35
CA SER W 112 61.77 -81.89 -69.36
C SER W 112 61.71 -81.23 -68.00
N VAL W 113 61.70 -82.05 -66.97
CA VAL W 113 61.73 -81.56 -65.61
C VAL W 113 63.01 -82.11 -64.98
N ASN W 114 63.93 -81.22 -64.61
CA ASN W 114 65.15 -81.67 -63.96
C ASN W 114 64.96 -81.80 -62.45
N ILE W 115 65.38 -82.93 -61.90
CA ILE W 115 65.33 -83.15 -60.47
C ILE W 115 66.70 -82.87 -59.92
N THR W 116 66.76 -81.96 -58.95
CA THR W 116 68.02 -81.49 -58.39
C THR W 116 67.94 -81.61 -56.88
N LEU W 117 68.97 -82.18 -56.30
CA LEU W 117 69.06 -82.39 -54.86
C LEU W 117 69.59 -81.17 -54.17
N MET W 118 68.92 -80.76 -53.09
CA MET W 118 69.28 -79.59 -52.33
C MET W 118 69.56 -79.96 -50.88
N ASP W 119 70.60 -79.35 -50.34
CA ASP W 119 71.09 -79.69 -49.04
C ASP W 119 70.23 -79.03 -47.92
N ASP W 120 69.68 -79.86 -47.03
CA ASP W 120 68.86 -79.41 -45.86
C ASP W 120 69.58 -78.45 -44.91
N VAL W 121 70.85 -78.72 -44.68
CA VAL W 121 71.67 -77.91 -43.79
C VAL W 121 71.92 -76.53 -44.39
N THR W 122 72.16 -76.52 -45.70
CA THR W 122 72.18 -75.30 -46.48
C THR W 122 70.84 -74.56 -46.43
N ALA W 123 69.74 -75.30 -46.54
CA ALA W 123 68.39 -74.68 -46.53
C ALA W 123 68.14 -73.90 -45.25
N ALA W 124 68.53 -74.51 -44.12
CA ALA W 124 68.34 -73.91 -42.80
C ALA W 124 69.35 -72.81 -42.56
N GLY W 125 70.57 -72.98 -43.05
CA GLY W 125 71.63 -71.98 -42.90
C GLY W 125 71.33 -70.68 -43.62
N GLN W 126 70.72 -70.77 -44.80
CA GLN W 126 70.33 -69.56 -45.53
C GLN W 126 69.20 -68.81 -44.80
N ALA W 127 68.31 -69.56 -44.14
CA ALA W 127 67.30 -68.95 -43.28
C ALA W 127 67.98 -68.21 -42.12
N GLU W 128 68.94 -68.86 -41.44
CA GLU W 128 69.69 -68.25 -40.32
C GLU W 128 70.43 -66.99 -40.70
N ALA W 129 71.15 -67.06 -41.82
CA ALA W 129 71.98 -65.96 -42.30
C ALA W 129 71.15 -64.72 -42.52
N GLY W 130 70.04 -64.85 -43.25
CA GLY W 130 69.09 -63.75 -43.49
C GLY W 130 68.54 -63.12 -42.22
N LEU W 131 68.33 -63.90 -41.18
CA LEU W 131 67.94 -63.36 -39.87
C LEU W 131 69.11 -62.66 -39.12
N LYS W 132 70.32 -63.22 -39.23
CA LYS W 132 71.51 -62.60 -38.64
C LYS W 132 71.83 -61.28 -39.34
N GLN W 133 71.65 -61.24 -40.65
CA GLN W 133 71.87 -60.04 -41.46
C GLN W 133 71.08 -58.82 -40.97
N GLN W 134 69.92 -59.08 -40.40
CA GLN W 134 69.04 -58.01 -39.95
C GLN W 134 69.04 -57.87 -38.42
N ALA W 135 70.06 -58.46 -37.78
CA ALA W 135 70.21 -58.37 -36.32
C ALA W 135 68.83 -58.56 -35.64
N LEU W 136 68.13 -59.59 -36.12
CA LEU W 136 66.84 -60.03 -35.58
C LEU W 136 67.07 -61.05 -34.48
N PRO W 137 66.48 -60.83 -33.30
CA PRO W 137 66.59 -61.92 -32.35
C PRO W 137 65.65 -63.04 -32.84
N TYR W 138 66.03 -64.30 -32.62
CA TYR W 138 65.28 -65.46 -33.11
C TYR W 138 65.74 -66.63 -32.27
N SER W 139 64.89 -67.66 -32.11
CA SER W 139 65.34 -68.99 -31.71
C SER W 139 65.10 -69.95 -32.87
N ARG W 140 66.17 -70.64 -33.23
CA ARG W 140 66.13 -71.78 -34.09
C ARG W 140 65.72 -73.00 -33.30
N ARG W 141 64.58 -73.58 -33.65
CA ARG W 141 64.11 -74.78 -32.95
C ARG W 141 64.11 -75.90 -33.97
N ASN W 142 65.00 -76.88 -33.77
CA ASN W 142 65.06 -78.08 -34.62
C ASN W 142 64.04 -79.13 -34.20
N HIS W 143 63.13 -79.47 -35.10
CA HIS W 143 62.13 -80.50 -34.84
C HIS W 143 62.43 -81.67 -35.75
N LYS W 144 61.61 -82.71 -35.62
CA LYS W 144 61.74 -83.86 -36.50
C LYS W 144 61.14 -83.55 -37.86
N GLY W 145 62.00 -83.49 -38.87
CA GLY W 145 61.60 -83.17 -40.25
C GLY W 145 61.38 -81.70 -40.57
N GLY W 146 61.81 -80.82 -39.67
CA GLY W 146 61.82 -79.39 -39.95
C GLY W 146 62.54 -78.53 -38.94
N VAL W 147 62.55 -77.24 -39.23
CA VAL W 147 63.16 -76.24 -38.36
C VAL W 147 62.15 -75.11 -38.32
N THR W 148 61.87 -74.62 -37.11
CA THR W 148 61.17 -73.36 -36.95
C THR W 148 62.11 -72.25 -36.43
N PHE W 149 62.13 -71.12 -37.14
CA PHE W 149 62.79 -69.91 -36.63
C PHE W 149 61.75 -68.99 -36.04
N VAL W 150 61.78 -68.80 -34.73
CA VAL W 150 60.85 -67.92 -34.06
C VAL W 150 61.48 -66.54 -33.87
N ILE W 151 60.95 -65.53 -34.57
CA ILE W 151 61.46 -64.18 -34.44
C ILE W 151 60.91 -63.55 -33.16
N GLN W 152 61.82 -63.05 -32.32
CA GLN W 152 61.51 -62.54 -30.99
C GLN W 152 61.50 -61.02 -30.89
N GLY W 153 60.98 -60.54 -29.77
CA GLY W 153 61.01 -59.12 -29.42
C GLY W 153 60.11 -58.24 -30.28
N ALA W 154 59.96 -56.99 -29.86
CA ALA W 154 59.20 -56.03 -30.63
C ALA W 154 60.07 -55.49 -31.75
N LEU W 155 59.42 -55.08 -32.84
CA LEU W 155 60.12 -54.47 -33.97
C LEU W 155 59.32 -53.29 -34.49
N ASP W 156 59.99 -52.25 -34.97
CA ASP W 156 59.28 -51.11 -35.57
C ASP W 156 58.70 -51.46 -36.94
N ASP W 157 57.86 -50.58 -37.49
CA ASP W 157 57.12 -50.86 -38.72
C ASP W 157 58.04 -51.18 -39.89
N VAL W 158 59.18 -50.49 -39.96
CA VAL W 158 60.20 -50.72 -40.98
C VAL W 158 60.82 -52.11 -40.84
N GLU W 159 61.15 -52.49 -39.61
CA GLU W 159 61.77 -53.76 -39.32
C GLU W 159 60.81 -54.93 -39.49
N ILE W 160 59.53 -54.68 -39.20
CA ILE W 160 58.48 -55.68 -39.43
C ILE W 160 58.38 -55.95 -40.93
N LEU W 161 58.42 -54.89 -41.72
CA LEU W 161 58.37 -54.94 -43.18
C LEU W 161 59.57 -55.68 -43.77
N ARG W 162 60.77 -55.35 -43.28
CA ARG W 162 62.01 -55.91 -43.83
C ARG W 162 62.14 -57.41 -43.51
N ALA W 163 61.61 -57.81 -42.36
CA ALA W 163 61.53 -59.22 -41.95
C ALA W 163 60.49 -60.00 -42.76
N ARG W 164 59.37 -59.35 -43.10
CA ARG W 164 58.33 -59.99 -43.92
C ARG W 164 58.83 -60.20 -45.34
N GLN W 165 59.56 -59.22 -45.87
CA GLN W 165 60.14 -59.37 -47.19
C GLN W 165 61.22 -60.45 -47.26
N PHE W 166 62.00 -60.62 -46.18
CA PHE W 166 62.98 -61.70 -46.15
C PHE W 166 62.27 -63.06 -46.16
N VAL W 167 61.27 -63.19 -45.29
CA VAL W 167 60.52 -64.42 -45.14
C VAL W 167 59.83 -64.80 -46.46
N ASP W 168 59.19 -63.82 -47.11
CA ASP W 168 58.49 -64.00 -48.39
C ASP W 168 59.45 -64.49 -49.46
N SER W 169 60.64 -63.89 -49.47
CA SER W 169 61.69 -64.22 -50.41
C SER W 169 62.21 -65.65 -50.20
N TYR W 170 62.40 -66.01 -48.94
CA TYR W 170 62.89 -67.32 -48.56
C TYR W 170 61.93 -68.40 -49.07
N TYR W 171 60.65 -68.23 -48.77
CA TYR W 171 59.62 -69.14 -49.19
C TYR W 171 59.52 -69.27 -50.72
N ARG W 172 59.73 -68.17 -51.43
CA ARG W 172 59.73 -68.22 -52.89
C ARG W 172 60.85 -69.09 -53.44
N THR W 173 62.00 -69.06 -52.77
CA THR W 173 63.15 -69.87 -53.16
C THR W 173 62.97 -71.34 -52.71
N TRP W 174 62.72 -71.54 -51.41
CA TRP W 174 62.75 -72.86 -50.79
C TRP W 174 61.40 -73.55 -50.54
N GLY W 175 60.29 -72.84 -50.75
CA GLY W 175 58.98 -73.32 -50.28
C GLY W 175 58.87 -73.30 -48.77
N GLY W 176 57.75 -73.83 -48.24
CA GLY W 176 57.52 -73.78 -46.78
C GLY W 176 57.38 -75.17 -46.15
N ARG W 177 57.98 -76.16 -46.79
CA ARG W 177 57.84 -77.56 -46.38
C ARG W 177 58.86 -78.03 -45.36
N TYR W 178 59.93 -77.29 -45.15
CA TYR W 178 61.02 -77.75 -44.27
C TYR W 178 61.31 -76.70 -43.21
N VAL W 179 61.90 -75.56 -43.61
CA VAL W 179 62.07 -74.44 -42.72
C VAL W 179 60.83 -73.56 -42.70
N GLN W 180 60.38 -73.20 -41.51
CA GLN W 180 59.27 -72.27 -41.31
C GLN W 180 59.65 -71.16 -40.38
N PHE W 181 58.98 -70.03 -40.50
CA PHE W 181 59.23 -68.90 -39.62
C PHE W 181 57.97 -68.62 -38.83
N ALA W 182 58.15 -68.06 -37.63
CA ALA W 182 57.04 -67.74 -36.79
C ALA W 182 57.41 -66.52 -35.98
N ILE W 183 56.41 -65.85 -35.44
CA ILE W 183 56.65 -64.71 -34.60
C ILE W 183 56.27 -65.04 -33.17
N GLU W 184 57.19 -64.78 -32.27
CA GLU W 184 57.00 -65.03 -30.86
C GLU W 184 55.75 -64.36 -30.31
N LEU W 185 55.05 -65.08 -29.43
CA LEU W 185 53.87 -64.54 -28.80
C LEU W 185 54.09 -64.63 -27.30
N LYS W 186 54.06 -63.47 -26.63
CA LYS W 186 54.39 -63.32 -25.20
C LYS W 186 53.24 -62.71 -24.39
N LEU X 1 44.60 102.83 -11.99
CA LEU X 1 44.38 101.46 -11.41
C LEU X 1 42.93 101.25 -10.91
N GLY X 2 42.23 102.35 -10.64
CA GLY X 2 40.84 102.28 -10.22
C GLY X 2 40.64 101.57 -8.88
N GLN X 3 39.70 100.62 -8.85
CA GLN X 3 39.40 99.84 -7.65
C GLN X 3 40.56 98.89 -7.28
N GLU X 4 41.66 98.98 -8.01
CA GLU X 4 42.82 98.12 -7.86
C GLU X 4 43.98 98.93 -7.31
N LYS X 5 43.72 100.21 -7.02
CA LYS X 5 44.75 101.17 -6.57
C LYS X 5 45.36 100.77 -5.23
N GLU X 6 44.64 99.96 -4.46
CA GLU X 6 45.07 99.60 -3.12
C GLU X 6 45.86 98.30 -3.08
N ARG X 7 45.79 97.52 -4.16
CA ARG X 7 46.43 96.21 -4.23
C ARG X 7 47.77 96.28 -4.97
N PHE X 8 47.89 97.27 -5.85
CA PHE X 8 49.01 97.38 -6.77
C PHE X 8 49.62 98.78 -6.77
N GLN X 9 50.88 98.84 -7.19
CA GLN X 9 51.60 100.08 -7.39
C GLN X 9 52.30 99.98 -8.73
N VAL X 10 52.19 101.02 -9.54
CA VAL X 10 52.92 101.07 -10.79
C VAL X 10 54.15 101.95 -10.60
N LEU X 11 55.33 101.39 -10.86
CA LEU X 11 56.60 102.11 -10.66
C LEU X 11 57.37 102.14 -11.96
N PRO X 12 57.99 103.29 -12.29
CA PRO X 12 58.85 103.36 -13.47
C PRO X 12 60.20 102.70 -13.26
N GLY X 13 60.76 102.11 -14.31
CA GLY X 13 62.08 101.53 -14.23
C GLY X 13 63.13 102.34 -14.96
N ARG X 14 64.36 102.29 -14.43
CA ARG X 14 65.56 102.81 -15.11
C ARG X 14 65.80 102.15 -16.48
N ASP X 15 65.23 100.96 -16.67
CA ASP X 15 65.34 100.20 -17.92
C ASP X 15 64.24 100.54 -18.90
N LYS X 16 63.47 101.57 -18.57
CA LYS X 16 62.31 102.05 -19.33
C LYS X 16 61.10 101.13 -19.25
N MET X 17 61.22 100.04 -18.49
CA MET X 17 60.09 99.14 -18.26
C MET X 17 59.24 99.65 -17.09
N LEU X 18 58.00 99.19 -17.03
CA LEU X 18 57.11 99.53 -15.94
C LEU X 18 56.96 98.33 -15.04
N TYR X 19 56.92 98.57 -13.74
CA TYR X 19 56.86 97.53 -12.73
C TYR X 19 55.54 97.64 -11.99
N VAL X 20 54.79 96.53 -11.94
CA VAL X 20 53.60 96.49 -11.09
C VAL X 20 53.89 95.69 -9.83
N ALA X 21 53.86 96.37 -8.68
CA ALA X 21 54.16 95.77 -7.38
C ALA X 21 52.91 95.21 -6.82
N ALA X 22 52.93 93.90 -6.53
CA ALA X 22 51.79 93.19 -5.99
C ALA X 22 52.12 92.70 -4.58
N GLN X 23 51.08 92.32 -3.84
CA GLN X 23 51.14 92.08 -2.41
C GLN X 23 51.21 90.59 -2.10
N ASN X 24 50.84 89.76 -3.08
CA ASN X 24 50.80 88.30 -2.89
C ASN X 24 50.88 87.56 -4.23
N GLU X 25 50.84 86.23 -4.18
CA GLU X 25 51.08 85.45 -5.38
C GLU X 25 49.84 85.45 -6.27
N ARG X 26 48.67 85.38 -5.65
CA ARG X 26 47.40 85.39 -6.35
C ARG X 26 47.15 86.69 -7.16
N ASP X 27 47.43 87.85 -6.57
CA ASP X 27 47.47 89.13 -7.29
C ASP X 27 48.56 89.20 -8.37
N THR X 28 49.71 88.57 -8.12
CA THR X 28 50.80 88.54 -9.09
C THR X 28 50.43 87.74 -10.36
N LEU X 29 49.84 86.57 -10.16
CA LEU X 29 49.38 85.74 -11.25
C LEU X 29 48.30 86.45 -12.05
N TRP X 30 47.28 86.96 -11.37
CA TRP X 30 46.21 87.70 -12.01
C TRP X 30 46.73 88.91 -12.80
N ALA X 31 47.67 89.65 -12.20
CA ALA X 31 48.24 90.82 -12.87
C ALA X 31 49.04 90.42 -14.12
N ARG X 32 49.76 89.30 -14.04
CA ARG X 32 50.53 88.80 -15.19
C ARG X 32 49.62 88.37 -16.34
N GLN X 33 48.45 87.83 -15.98
CA GLN X 33 47.47 87.36 -16.95
C GLN X 33 46.89 88.54 -17.75
N VAL X 34 46.53 89.60 -17.02
CA VAL X 34 46.06 90.85 -17.62
C VAL X 34 47.08 91.41 -18.60
N LEU X 35 48.34 91.47 -18.17
CA LEU X 35 49.45 91.85 -19.03
C LEU X 35 49.58 90.94 -20.27
N ALA X 36 49.66 89.63 -20.04
CA ALA X 36 49.70 88.63 -21.13
C ALA X 36 48.47 88.66 -22.07
N ARG X 37 47.47 89.46 -21.72
CA ARG X 37 46.26 89.61 -22.52
C ARG X 37 46.35 90.84 -23.43
N GLY X 38 46.75 91.97 -22.86
CA GLY X 38 46.94 93.22 -23.59
C GLY X 38 48.31 93.37 -24.27
N ASP X 39 49.11 92.31 -24.19
CA ASP X 39 50.47 92.27 -24.76
C ASP X 39 51.42 93.33 -24.20
N TYR X 40 51.48 93.43 -22.88
CA TYR X 40 52.44 94.30 -22.22
C TYR X 40 53.63 93.55 -21.62
N ASP X 41 53.66 92.22 -21.82
CA ASP X 41 54.71 91.30 -21.35
C ASP X 41 56.15 91.70 -21.64
N LYS X 42 56.34 92.45 -22.71
CA LYS X 42 57.65 92.81 -23.23
C LYS X 42 58.05 94.17 -22.67
N ASN X 43 57.06 94.84 -22.06
CA ASN X 43 57.21 96.23 -21.62
C ASN X 43 56.95 96.46 -20.12
N ALA X 44 56.27 95.51 -19.46
CA ALA X 44 55.96 95.59 -18.03
C ALA X 44 56.22 94.27 -17.31
N ARG X 45 56.58 94.37 -16.04
CA ARG X 45 56.84 93.22 -15.19
C ARG X 45 56.02 93.36 -13.90
N VAL X 46 55.60 92.21 -13.36
CA VAL X 46 54.94 92.20 -12.05
C VAL X 46 55.96 91.68 -11.06
N ILE X 47 56.08 92.39 -9.94
CA ILE X 47 56.99 92.05 -8.86
C ILE X 47 56.26 91.81 -7.52
N ASN X 48 56.85 90.97 -6.67
CA ASN X 48 56.37 90.82 -5.29
C ASN X 48 57.57 90.56 -4.40
N GLU X 49 57.40 90.80 -3.11
CA GLU X 49 58.48 90.65 -2.11
C GLU X 49 59.11 89.25 -2.11
N ASN X 50 58.28 88.22 -2.13
CA ASN X 50 58.77 86.85 -2.05
C ASN X 50 59.66 86.44 -3.21
N GLU X 51 59.17 86.70 -4.43
CA GLU X 51 59.93 86.43 -5.65
C GLU X 51 61.19 87.27 -5.72
N GLU X 52 61.10 88.54 -5.33
CA GLU X 52 62.28 89.39 -5.45
C GLU X 52 63.35 88.95 -4.45
N ASN X 53 62.93 88.55 -3.27
CA ASN X 53 63.86 88.00 -2.30
C ASN X 53 64.56 86.73 -2.79
N LYS X 54 63.81 85.82 -3.41
CA LYS X 54 64.44 84.63 -4.00
C LYS X 54 65.42 84.99 -5.12
N ARG X 55 65.02 85.94 -5.98
CA ARG X 55 65.79 86.31 -7.18
C ARG X 55 67.15 86.91 -6.76
N ILE X 56 67.13 87.80 -5.79
CA ILE X 56 68.35 88.45 -5.29
C ILE X 56 69.25 87.49 -4.50
N SER X 57 68.64 86.60 -3.70
CA SER X 57 69.37 85.53 -3.05
C SER X 57 70.21 84.67 -4.01
N ILE X 58 69.62 84.26 -5.15
CA ILE X 58 70.37 83.56 -6.19
C ILE X 58 71.60 84.34 -6.60
N TRP X 59 71.42 85.63 -6.80
CA TRP X 59 72.53 86.46 -7.26
C TRP X 59 73.62 86.52 -6.17
N LEU X 60 73.17 86.66 -4.92
CA LEU X 60 74.09 86.71 -3.78
C LEU X 60 74.82 85.39 -3.56
N ASP X 61 74.14 84.27 -3.82
CA ASP X 61 74.78 82.94 -3.73
C ASP X 61 76.07 82.89 -4.54
N THR X 62 76.07 83.52 -5.71
CA THR X 62 77.29 83.54 -6.48
C THR X 62 78.20 84.76 -6.25
N TYR X 63 77.65 85.96 -5.98
CA TYR X 63 78.53 87.14 -5.86
C TYR X 63 78.96 87.50 -4.45
N TYR X 64 78.10 87.19 -3.47
CA TYR X 64 78.41 87.44 -2.07
C TYR X 64 78.12 86.17 -1.24
N PRO X 65 78.82 85.05 -1.55
CA PRO X 65 78.46 83.74 -0.98
C PRO X 65 78.56 83.62 0.53
N GLN X 66 79.41 84.40 1.18
CA GLN X 66 79.60 84.27 2.64
C GLN X 66 78.78 85.30 3.40
N LEU X 67 77.87 85.98 2.70
CA LEU X 67 77.16 87.13 3.25
C LEU X 67 76.18 86.70 4.31
N ALA X 68 76.25 87.35 5.48
CA ALA X 68 75.30 87.10 6.56
C ALA X 68 74.19 88.15 6.53
N TYR X 69 73.04 87.73 6.05
CA TYR X 69 71.93 88.63 5.90
C TYR X 69 70.61 87.91 6.19
N TYR X 70 69.56 88.72 6.27
CA TYR X 70 68.24 88.30 6.66
C TYR X 70 67.30 88.31 5.46
N ARG X 71 66.93 89.53 5.02
CA ARG X 71 65.83 89.72 4.08
C ARG X 71 65.80 91.17 3.55
N ILE X 72 65.20 91.36 2.36
CA ILE X 72 64.90 92.67 1.80
C ILE X 72 63.41 92.94 1.99
N HIS X 73 63.11 94.15 2.46
CA HIS X 73 61.76 94.64 2.68
C HIS X 73 61.41 95.74 1.69
N PHE X 74 60.16 95.76 1.24
CA PHE X 74 59.71 96.65 0.18
C PHE X 74 58.48 97.46 0.61
N ASP X 75 58.36 97.74 1.91
CA ASP X 75 57.28 98.60 2.40
C ASP X 75 57.19 99.88 1.58
N GLU X 76 58.36 100.35 1.11
CA GLU X 76 58.48 101.44 0.15
C GLU X 76 59.23 100.86 -1.08
N PRO X 77 58.50 100.35 -2.08
CA PRO X 77 59.17 99.62 -3.17
C PRO X 77 60.26 100.38 -3.95
N ARG X 78 60.14 101.71 -4.05
CA ARG X 78 61.19 102.52 -4.70
C ARG X 78 62.44 102.65 -3.83
N LYS X 79 62.35 102.26 -2.57
CA LYS X 79 63.47 102.33 -1.64
C LYS X 79 63.45 101.08 -0.78
N PRO X 80 63.85 99.92 -1.35
CA PRO X 80 63.88 98.70 -0.55
C PRO X 80 64.93 98.77 0.57
N VAL X 81 64.69 98.04 1.65
CA VAL X 81 65.60 97.99 2.78
C VAL X 81 66.16 96.55 2.89
N PHE X 82 67.46 96.44 2.73
CA PHE X 82 68.19 95.19 2.87
C PHE X 82 68.73 95.03 4.29
N TRP X 83 68.20 94.06 5.00
CA TRP X 83 68.56 93.75 6.38
C TRP X 83 69.78 92.84 6.42
N LEU X 84 70.87 93.35 6.98
CA LEU X 84 72.10 92.60 7.13
C LEU X 84 72.36 92.31 8.60
N SER X 85 73.08 91.24 8.90
CA SER X 85 73.52 90.98 10.27
C SER X 85 74.52 91.97 10.81
N ARG X 86 74.21 92.52 11.97
CA ARG X 86 75.06 93.49 12.65
C ARG X 86 76.29 92.80 13.23
N GLN X 87 76.08 91.67 13.91
CA GLN X 87 77.18 90.88 14.49
C GLN X 87 78.11 90.27 13.45
N ARG X 88 77.54 89.76 12.35
CA ARG X 88 78.31 88.93 11.39
C ARG X 88 78.79 89.70 10.15
N ASN X 89 78.58 90.99 10.14
CA ASN X 89 79.07 91.80 9.05
C ASN X 89 80.58 91.92 9.12
N THR X 90 81.22 91.87 7.95
CA THR X 90 82.68 91.92 7.81
C THR X 90 83.04 93.09 6.89
N MET X 91 82.04 93.68 6.25
CA MET X 91 82.29 94.72 5.24
C MET X 91 82.29 96.13 5.80
N SER X 92 83.14 96.96 5.21
CA SER X 92 83.25 98.37 5.57
C SER X 92 82.13 99.13 4.92
N LYS X 93 81.99 100.41 5.27
CA LYS X 93 80.98 101.28 4.70
C LYS X 93 81.12 101.32 3.18
N LYS X 94 82.35 101.45 2.69
CA LYS X 94 82.66 101.48 1.27
C LYS X 94 82.21 100.20 0.55
N GLU X 95 82.53 99.05 1.12
CA GLU X 95 82.09 97.76 0.59
C GLU X 95 80.57 97.57 0.62
N LEU X 96 79.94 98.13 1.63
CA LEU X 96 78.50 98.11 1.73
C LEU X 96 77.83 99.09 0.75
N GLU X 97 78.50 100.19 0.39
CA GLU X 97 78.01 101.09 -0.68
C GLU X 97 78.12 100.43 -2.06
N VAL X 98 79.20 99.70 -2.28
CA VAL X 98 79.36 98.85 -3.47
C VAL X 98 78.21 97.82 -3.60
N LEU X 99 77.96 97.05 -2.54
CA LEU X 99 76.84 96.10 -2.50
C LEU X 99 75.50 96.78 -2.81
N SER X 100 75.23 97.86 -2.10
CA SER X 100 74.01 98.64 -2.32
C SER X 100 73.85 99.10 -3.78
N GLN X 101 74.96 99.48 -4.42
CA GLN X 101 74.98 99.91 -5.83
C GLN X 101 74.63 98.77 -6.77
N LYS X 102 75.15 97.59 -6.46
CA LYS X 102 74.94 96.42 -7.30
C LYS X 102 73.51 95.89 -7.10
N LEU X 103 72.99 96.04 -5.89
CA LEU X 103 71.58 95.71 -5.61
C LEU X 103 70.62 96.64 -6.36
N ARG X 104 70.91 97.93 -6.39
CA ARG X 104 70.13 98.89 -7.16
C ARG X 104 70.03 98.53 -8.64
N ALA X 105 71.16 98.16 -9.25
CA ALA X 105 71.25 97.81 -10.66
C ALA X 105 70.39 96.59 -11.00
N LEU X 106 70.24 95.70 -10.02
CA LEU X 106 69.41 94.50 -10.12
C LEU X 106 67.91 94.76 -9.97
N MET X 107 67.56 95.94 -9.44
CA MET X 107 66.17 96.34 -9.23
C MET X 107 65.93 97.67 -9.89
N PRO X 108 65.61 97.66 -11.20
CA PRO X 108 65.51 98.90 -11.99
C PRO X 108 64.43 99.87 -11.47
N TYR X 109 63.49 99.36 -10.66
CA TYR X 109 62.39 100.15 -10.09
C TYR X 109 62.78 100.82 -8.75
N ALA X 110 63.97 100.53 -8.24
CA ALA X 110 64.44 101.07 -6.96
C ALA X 110 65.30 102.33 -7.12
N ASP X 111 64.94 103.41 -6.44
CA ASP X 111 65.75 104.64 -6.45
C ASP X 111 67.09 104.36 -5.78
N SER X 112 67.05 103.63 -4.68
CA SER X 112 68.24 103.24 -3.92
C SER X 112 67.88 102.05 -3.09
N VAL X 113 68.91 101.34 -2.64
CA VAL X 113 68.72 100.22 -1.75
C VAL X 113 69.44 100.56 -0.46
N ASN X 114 68.70 100.68 0.64
CA ASN X 114 69.33 100.97 1.93
C ASN X 114 69.76 99.68 2.62
N ILE X 115 71.01 99.66 3.08
CA ILE X 115 71.52 98.53 3.83
C ILE X 115 71.44 98.88 5.29
N THR X 116 70.76 98.02 6.05
CA THR X 116 70.48 98.26 7.47
C THR X 116 70.90 97.04 8.24
N LEU X 117 71.63 97.28 9.31
CA LEU X 117 72.16 96.23 10.19
C LEU X 117 71.12 95.82 11.20
N MET X 118 70.92 94.51 11.35
CA MET X 118 69.95 93.97 12.27
C MET X 118 70.65 93.04 13.27
N ASP X 119 70.21 93.15 14.51
CA ASP X 119 70.85 92.45 15.61
C ASP X 119 70.40 90.96 15.66
N ASP X 120 71.37 90.05 15.61
CA ASP X 120 71.14 88.59 15.68
C ASP X 120 70.44 88.11 16.97
N VAL X 121 70.80 88.74 18.07
CA VAL X 121 70.25 88.40 19.37
C VAL X 121 68.78 88.84 19.47
N THR X 122 68.49 90.01 18.90
CA THR X 122 67.14 90.48 18.67
C THR X 122 66.38 89.52 17.75
N ALA X 123 67.02 89.05 16.67
CA ALA X 123 66.35 88.17 15.70
C ALA X 123 65.85 86.88 16.37
N ALA X 124 66.70 86.31 17.23
CA ALA X 124 66.39 85.08 17.93
C ALA X 124 65.42 85.33 19.07
N GLY X 125 65.53 86.47 19.73
CA GLY X 125 64.64 86.84 20.83
C GLY X 125 63.20 87.05 20.39
N GLN X 126 63.00 87.62 19.21
CA GLN X 126 61.66 87.79 18.67
C GLN X 126 61.04 86.43 18.31
N ALA X 127 61.86 85.49 17.86
CA ALA X 127 61.40 84.13 17.64
C ALA X 127 60.95 83.51 18.98
N GLU X 128 61.78 83.63 20.03
CA GLU X 128 61.45 83.11 21.37
C GLU X 128 60.18 83.67 21.95
N ALA X 129 60.05 85.00 21.88
CA ALA X 129 58.91 85.72 22.45
C ALA X 129 57.61 85.21 21.85
N GLY X 130 57.53 85.15 20.53
CA GLY X 130 56.36 84.62 19.81
C GLY X 130 55.99 83.20 20.20
N LEU X 131 56.97 82.36 20.50
CA LEU X 131 56.69 81.02 21.03
C LEU X 131 56.22 81.02 22.52
N LYS X 132 56.80 81.91 23.33
CA LYS X 132 56.38 82.07 24.72
C LYS X 132 54.96 82.61 24.80
N GLN X 133 54.63 83.54 23.90
CA GLN X 133 53.30 84.14 23.81
C GLN X 133 52.18 83.11 23.65
N GLN X 134 52.49 81.99 23.02
CA GLN X 134 51.50 80.98 22.75
C GLN X 134 51.69 79.75 23.65
N ALA X 135 52.45 79.93 24.74
CA ALA X 135 52.68 78.85 25.71
C ALA X 135 52.95 77.53 24.97
N LEU X 136 53.82 77.64 23.96
CA LEU X 136 54.29 76.50 23.17
C LEU X 136 55.55 75.91 23.82
N PRO X 137 55.54 74.59 24.06
CA PRO X 137 56.82 74.07 24.52
C PRO X 137 57.76 74.05 23.30
N TYR X 138 59.06 74.29 23.53
CA TYR X 138 60.05 74.39 22.46
C TYR X 138 61.40 74.17 23.12
N SER X 139 62.39 73.69 22.35
CA SER X 139 63.79 73.81 22.73
C SER X 139 64.47 74.73 21.71
N ARG X 140 65.12 75.75 22.25
CA ARG X 140 66.04 76.57 21.53
C ARG X 140 67.39 75.88 21.46
N ARG X 141 67.82 75.54 20.26
CA ARG X 141 69.11 74.90 20.08
C ARG X 141 70.01 75.85 19.32
N ASN X 142 71.05 76.37 19.98
CA ASN X 142 72.04 77.24 19.34
C ASN X 142 73.11 76.46 18.59
N HIS X 143 73.20 76.67 17.29
CA HIS X 143 74.22 76.02 16.47
C HIS X 143 75.18 77.08 16.00
N LYS X 144 76.19 76.64 15.25
CA LYS X 144 77.13 77.57 14.65
C LYS X 144 76.51 78.24 13.43
N GLY X 145 76.28 79.54 13.56
CA GLY X 145 75.65 80.36 12.50
C GLY X 145 74.13 80.26 12.38
N GLY X 146 73.49 79.68 13.40
CA GLY X 146 72.04 79.70 13.46
C GLY X 146 71.45 79.21 14.76
N VAL X 147 70.12 79.27 14.82
CA VAL X 147 69.37 78.80 15.97
C VAL X 147 68.22 78.01 15.38
N THR X 148 67.98 76.82 15.93
CA THR X 148 66.76 76.08 15.66
C THR X 148 65.83 76.09 16.89
N PHE X 149 64.58 76.50 16.69
CA PHE X 149 63.53 76.33 17.70
C PHE X 149 62.70 75.09 17.35
N VAL X 150 62.80 74.06 18.18
CA VAL X 150 62.05 72.84 17.95
C VAL X 150 60.76 72.88 18.79
N ILE X 151 59.61 72.97 18.13
CA ILE X 151 58.33 72.97 18.83
C ILE X 151 57.97 71.55 19.24
N GLN X 152 57.71 71.36 20.53
CA GLN X 152 57.48 70.04 21.13
C GLN X 152 56.01 69.74 21.44
N GLY X 153 55.74 68.48 21.74
CA GLY X 153 54.44 68.02 22.20
C GLY X 153 53.37 68.04 21.13
N ALA X 154 52.22 67.44 21.45
CA ALA X 154 51.08 67.45 20.56
C ALA X 154 50.36 68.79 20.69
N LEU X 155 49.70 69.20 19.62
CA LEU X 155 48.89 70.42 19.63
C LEU X 155 47.59 70.18 18.88
N ASP X 156 46.51 70.83 19.31
CA ASP X 156 45.24 70.70 18.59
C ASP X 156 45.26 71.49 17.27
N ASP X 157 44.25 71.29 16.43
CA ASP X 157 44.22 71.86 15.08
C ASP X 157 44.34 73.38 15.10
N VAL X 158 43.70 74.02 16.08
CA VAL X 158 43.76 75.48 16.27
C VAL X 158 45.18 75.93 16.61
N GLU X 159 45.82 75.21 17.52
CA GLU X 159 47.15 75.53 17.99
C GLU X 159 48.21 75.26 16.92
N ILE X 160 47.97 74.23 16.10
CA ILE X 160 48.84 73.93 14.97
C ILE X 160 48.79 75.10 13.98
N LEU X 161 47.57 75.58 13.73
CA LEU X 161 47.33 76.71 12.84
C LEU X 161 47.98 78.01 13.35
N ARG X 162 47.80 78.29 14.64
CA ARG X 162 48.30 79.54 15.23
C ARG X 162 49.84 79.57 15.26
N ALA X 163 50.45 78.40 15.44
CA ALA X 163 51.91 78.24 15.38
C ALA X 163 52.45 78.37 13.96
N ARG X 164 51.70 77.88 12.98
CA ARG X 164 52.09 77.99 11.56
C ARG X 164 52.02 79.45 11.11
N GLN X 165 50.99 80.16 11.54
CA GLN X 165 50.88 81.57 11.22
C GLN X 165 51.98 82.42 11.88
N PHE X 166 52.39 82.06 13.09
CA PHE X 166 53.52 82.77 13.71
C PHE X 166 54.79 82.55 12.91
N VAL X 167 55.07 81.28 12.60
CA VAL X 167 56.26 80.89 11.88
C VAL X 167 56.32 81.58 10.51
N ASP X 168 55.20 81.56 9.78
CA ASP X 168 55.06 82.18 8.46
C ASP X 168 55.37 83.68 8.53
N SER X 169 54.84 84.31 9.57
CA SER X 169 55.01 85.73 9.82
C SER X 169 56.47 86.07 10.12
N TYR X 170 57.09 85.24 10.94
CA TYR X 170 58.48 85.42 11.33
C TYR X 170 59.38 85.40 10.10
N TYR X 171 59.21 84.38 9.28
CA TYR X 171 59.97 84.23 8.05
C TYR X 171 59.77 85.39 7.07
N ARG X 172 58.55 85.92 7.01
CA ARG X 172 58.30 87.07 6.16
C ARG X 172 59.09 88.31 6.60
N THR X 173 59.23 88.48 7.91
CA THR X 173 60.01 89.56 8.48
C THR X 173 61.53 89.32 8.35
N TRP X 174 61.98 88.17 8.86
CA TRP X 174 63.41 87.89 9.03
C TRP X 174 64.06 86.98 7.98
N GLY X 175 63.28 86.39 7.09
CA GLY X 175 63.79 85.31 6.24
C GLY X 175 64.08 84.03 7.01
N GLY X 176 64.66 83.03 6.33
CA GLY X 176 64.92 81.73 7.00
C GLY X 176 66.39 81.34 7.03
N ARG X 177 67.26 82.36 6.98
CA ARG X 177 68.70 82.14 6.87
C ARG X 177 69.43 82.02 8.20
N TYR X 178 68.79 82.38 9.30
CA TYR X 178 69.48 82.41 10.60
C TYR X 178 68.69 81.60 11.62
N VAL X 179 67.53 82.09 12.04
CA VAL X 179 66.63 81.33 12.89
C VAL X 179 65.71 80.45 12.04
N GLN X 180 65.60 79.19 12.43
CA GLN X 180 64.68 78.24 11.81
C GLN X 180 63.81 77.57 12.83
N PHE X 181 62.65 77.12 12.40
CA PHE X 181 61.74 76.41 13.30
C PHE X 181 61.58 74.98 12.80
N ALA X 182 61.29 74.06 13.72
CA ALA X 182 61.10 72.70 13.36
C ALA X 182 60.11 72.10 14.33
N ILE X 183 59.52 70.99 13.94
CA ILE X 183 58.59 70.31 14.82
C ILE X 183 59.20 68.99 15.28
N GLU X 184 59.18 68.80 16.58
CA GLU X 184 59.72 67.61 17.20
C GLU X 184 59.12 66.33 16.62
N LEU X 185 59.98 65.32 16.44
CA LEU X 185 59.52 64.04 15.95
C LEU X 185 59.94 63.00 16.99
N LYS X 186 58.96 62.29 17.53
CA LYS X 186 59.12 61.34 18.65
C LYS X 186 58.65 59.93 18.29
N LYS Y 1 18.38 83.21 -16.08
CA LYS Y 1 18.77 81.79 -15.93
C LYS Y 1 17.85 81.08 -14.93
N ASP Y 2 17.40 79.90 -15.33
CA ASP Y 2 16.55 79.06 -14.45
C ASP Y 2 17.37 78.53 -13.27
N LEU Y 3 16.76 78.61 -12.12
CA LEU Y 3 17.25 77.95 -10.90
C LEU Y 3 16.67 76.54 -10.77
N LEU Y 4 15.40 76.46 -10.38
CA LEU Y 4 14.66 75.20 -10.24
C LEU Y 4 13.23 75.33 -10.72
N LYS Y 5 12.73 74.23 -11.24
CA LYS Y 5 11.32 74.06 -11.65
C LYS Y 5 10.66 73.00 -10.75
N GLY Y 6 9.32 72.97 -10.84
CA GLY Y 6 8.49 71.97 -10.14
C GLY Y 6 8.59 72.06 -8.62
N LEU Y 7 8.77 73.28 -8.14
CA LEU Y 7 8.82 73.57 -6.70
C LEU Y 7 7.41 73.68 -6.13
N ASP Y 8 7.25 73.24 -4.89
CA ASP Y 8 6.02 73.50 -4.12
C ASP Y 8 5.98 75.02 -3.84
N GLN Y 9 4.78 75.53 -3.55
CA GLN Y 9 4.58 76.94 -3.17
C GLN Y 9 5.44 77.35 -1.96
N GLU Y 10 5.56 76.45 -0.97
CA GLU Y 10 6.33 76.76 0.25
C GLU Y 10 7.85 76.83 -0.02
N GLN Y 11 8.34 75.84 -0.78
CA GLN Y 11 9.77 75.77 -1.12
C GLN Y 11 10.17 76.95 -2.02
N ALA Y 12 9.31 77.26 -2.97
CA ALA Y 12 9.50 78.41 -3.87
C ALA Y 12 9.43 79.74 -3.12
N ASN Y 13 8.48 79.87 -2.18
CA ASN Y 13 8.35 81.09 -1.37
C ASN Y 13 9.54 81.33 -0.43
N GLU Y 14 10.03 80.25 0.17
CA GLU Y 14 11.17 80.36 1.09
C GLU Y 14 12.47 80.72 0.36
N VAL Y 15 12.68 80.10 -0.80
CA VAL Y 15 13.83 80.39 -1.66
C VAL Y 15 13.75 81.82 -2.27
N ILE Y 16 12.56 82.21 -2.68
CA ILE Y 16 12.38 83.54 -3.29
C ILE Y 16 12.64 84.65 -2.26
N ALA Y 17 12.13 84.43 -1.04
CA ALA Y 17 12.25 85.40 0.06
C ALA Y 17 13.70 85.50 0.53
N VAL Y 18 14.38 84.35 0.61
CA VAL Y 18 15.81 84.30 0.97
C VAL Y 18 16.66 85.05 -0.07
N LEU Y 19 16.36 84.86 -1.35
CA LEU Y 19 17.13 85.53 -2.41
C LEU Y 19 16.88 87.04 -2.46
N GLN Y 20 15.61 87.42 -2.30
CA GLN Y 20 15.20 88.83 -2.27
C GLN Y 20 15.81 89.59 -1.09
N MET Y 21 15.89 88.91 0.06
CA MET Y 21 16.49 89.49 1.27
C MET Y 21 18.02 89.69 1.16
N HIS Y 22 18.63 88.98 0.21
CA HIS Y 22 20.06 89.09 -0.08
C HIS Y 22 20.35 89.88 -1.36
N ASN Y 23 19.40 90.74 -1.75
CA ASN Y 23 19.54 91.62 -2.92
C ASN Y 23 19.77 90.84 -4.23
N ILE Y 24 19.10 89.70 -4.37
CA ILE Y 24 19.17 88.93 -5.62
C ILE Y 24 17.83 89.11 -6.34
N GLU Y 25 17.95 89.54 -7.59
CA GLU Y 25 16.78 89.73 -8.47
C GLU Y 25 16.29 88.36 -8.97
N ALA Y 26 15.27 87.87 -8.29
CA ALA Y 26 14.65 86.57 -8.63
C ALA Y 26 13.19 86.78 -9.05
N ASN Y 27 12.78 86.00 -10.03
CA ASN Y 27 11.40 86.00 -10.54
C ASN Y 27 10.81 84.59 -10.46
N LYS Y 28 9.51 84.52 -10.32
CA LYS Y 28 8.79 83.25 -10.20
C LYS Y 28 7.65 83.15 -11.21
N ILE Y 29 7.51 81.96 -11.75
CA ILE Y 29 6.42 81.61 -12.68
C ILE Y 29 5.75 80.31 -12.21
N ASP Y 30 4.44 80.26 -12.35
CA ASP Y 30 3.69 79.03 -12.04
C ASP Y 30 3.38 78.30 -13.34
N SER Y 31 3.63 77.00 -13.33
CA SER Y 31 3.27 76.14 -14.48
C SER Y 31 1.80 75.71 -14.40
N GLY Y 32 1.42 74.83 -15.35
CA GLY Y 32 0.04 74.33 -15.47
C GLY Y 32 -0.44 73.53 -14.25
N LYS Y 33 0.53 72.83 -13.63
CA LYS Y 33 0.26 71.95 -12.48
C LYS Y 33 0.17 72.67 -11.14
N LEU Y 34 0.46 73.99 -11.12
CA LEU Y 34 0.53 74.81 -9.89
C LEU Y 34 1.94 74.78 -9.27
N GLY Y 35 2.88 74.04 -9.91
CA GLY Y 35 4.31 74.04 -9.52
C GLY Y 35 5.04 75.32 -9.95
N TYR Y 36 6.06 75.69 -9.26
CA TYR Y 36 6.73 77.01 -9.40
C TYR Y 36 8.14 76.85 -9.93
N SER Y 37 8.53 77.81 -10.73
CA SER Y 37 9.90 77.93 -11.27
C SER Y 37 10.49 79.26 -10.83
N ILE Y 38 11.72 79.20 -10.37
CA ILE Y 38 12.47 80.39 -9.96
C ILE Y 38 13.63 80.63 -10.93
N THR Y 39 13.81 81.88 -11.28
CA THR Y 39 14.86 82.32 -12.22
C THR Y 39 15.52 83.59 -11.69
N VAL Y 40 16.77 83.76 -12.02
CA VAL Y 40 17.56 84.95 -11.64
C VAL Y 40 18.28 85.51 -12.86
N ALA Y 41 18.66 86.78 -12.79
CA ALA Y 41 19.52 87.36 -13.82
C ALA Y 41 20.84 86.55 -13.85
N GLU Y 42 21.38 86.33 -15.05
CA GLU Y 42 22.69 85.65 -15.21
C GLU Y 42 23.82 86.21 -14.32
N PRO Y 43 23.92 87.54 -14.12
CA PRO Y 43 24.94 88.16 -13.26
C PRO Y 43 24.82 87.80 -11.78
N ASP Y 44 23.62 87.34 -11.37
CA ASP Y 44 23.38 86.94 -9.98
C ASP Y 44 23.31 85.42 -9.78
N PHE Y 45 23.56 84.66 -10.84
CA PHE Y 45 23.40 83.20 -10.81
C PHE Y 45 24.32 82.52 -9.79
N THR Y 46 25.60 82.88 -9.84
CA THR Y 46 26.62 82.28 -8.93
C THR Y 46 26.32 82.61 -7.46
N ALA Y 47 26.00 83.87 -7.20
CA ALA Y 47 25.63 84.31 -5.84
C ALA Y 47 24.39 83.54 -5.37
N ALA Y 48 23.38 83.47 -6.23
CA ALA Y 48 22.08 82.84 -5.94
C ALA Y 48 22.22 81.36 -5.55
N VAL Y 49 23.08 80.65 -6.28
CA VAL Y 49 23.38 79.23 -6.00
C VAL Y 49 24.12 79.06 -4.68
N TYR Y 50 24.99 80.01 -4.37
CA TYR Y 50 25.79 80.00 -3.14
C TYR Y 50 24.90 80.19 -1.92
N TRP Y 51 24.01 81.18 -2.04
CA TRP Y 51 23.02 81.45 -0.98
C TRP Y 51 22.09 80.25 -0.83
N ILE Y 52 21.55 79.72 -1.85
CA ILE Y 52 20.62 78.57 -1.78
C ILE Y 52 21.27 77.32 -1.12
N LYS Y 53 22.51 77.06 -1.53
CA LYS Y 53 23.30 75.91 -1.02
C LYS Y 53 23.63 76.07 0.46
N THR Y 54 23.97 77.30 0.84
CA THR Y 54 24.30 77.64 2.24
C THR Y 54 23.11 77.49 3.19
N TYR Y 55 21.90 77.59 2.63
CA TYR Y 55 20.66 77.47 3.41
C TYR Y 55 19.90 76.15 3.17
N GLN Y 56 20.60 75.15 2.63
CA GLN Y 56 20.05 73.77 2.44
C GLN Y 56 18.92 73.72 1.38
N LEU Y 57 18.97 74.60 0.41
CA LEU Y 57 17.98 74.62 -0.68
C LEU Y 57 18.60 74.20 -2.02
N PRO Y 58 17.84 73.41 -2.78
CA PRO Y 58 16.54 72.83 -2.41
C PRO Y 58 16.73 71.65 -1.43
N PRO Y 59 15.78 71.45 -0.51
CA PRO Y 59 15.77 70.33 0.45
C PRO Y 59 15.87 69.00 -0.29
N ARG Y 60 16.79 68.19 0.21
CA ARG Y 60 17.03 66.84 -0.31
C ARG Y 60 15.92 65.87 0.08
N PRO Y 61 15.63 64.91 -0.80
CA PRO Y 61 14.81 63.73 -0.46
C PRO Y 61 15.72 62.67 0.19
N ARG Y 62 15.24 62.14 1.30
CA ARG Y 62 15.92 61.04 2.01
C ARG Y 62 15.05 59.79 1.93
N VAL Y 63 15.65 58.64 2.20
CA VAL Y 63 14.96 57.34 2.15
C VAL Y 63 13.61 57.41 2.88
N GLU Y 64 12.60 56.89 2.22
CA GLU Y 64 11.27 56.78 2.83
C GLU Y 64 11.09 55.34 3.26
N ILE Y 65 10.73 55.19 4.52
CA ILE Y 65 10.49 53.86 5.14
C ILE Y 65 9.42 53.10 4.35
N ALA Y 66 8.47 53.78 3.75
CA ALA Y 66 7.39 53.14 2.98
C ALA Y 66 7.90 52.52 1.66
N GLN Y 67 8.94 53.12 1.09
CA GLN Y 67 9.62 52.62 -0.13
C GLN Y 67 10.53 51.42 0.16
N MET Y 68 10.03 50.51 1.00
CA MET Y 68 10.74 49.27 1.39
C MET Y 68 10.65 48.13 0.38
N PHE Y 69 9.84 48.31 -0.66
CA PHE Y 69 9.63 47.30 -1.71
C PHE Y 69 10.95 46.71 -2.27
N PRO Y 70 11.97 47.55 -2.52
CA PRO Y 70 13.30 47.09 -2.98
C PRO Y 70 14.04 46.14 -2.02
N ALA Y 71 13.68 46.18 -0.74
CA ALA Y 71 14.43 45.45 0.30
C ALA Y 71 13.81 44.09 0.67
N ASP Y 72 12.49 43.99 0.62
CA ASP Y 72 11.75 42.77 0.97
C ASP Y 72 10.37 42.81 0.29
N SER Y 73 9.83 41.62 0.07
CA SER Y 73 8.61 41.47 -0.72
C SER Y 73 7.37 41.29 0.15
N LEU Y 74 7.56 40.85 1.40
CA LEU Y 74 6.50 40.55 2.38
C LEU Y 74 7.07 40.59 3.81
N VAL Y 75 6.20 40.94 4.75
CA VAL Y 75 6.58 41.08 6.17
C VAL Y 75 5.56 40.30 7.01
N SER Y 76 6.04 39.24 7.61
CA SER Y 76 5.21 38.38 8.47
C SER Y 76 5.59 38.48 9.95
N SER Y 77 6.78 39.06 10.20
CA SER Y 77 7.24 39.22 11.60
C SER Y 77 7.91 40.58 11.92
N PRO Y 78 9.25 40.53 12.50
CA PRO Y 78 9.59 41.49 13.52
C PRO Y 78 10.40 42.74 13.12
N ARG Y 79 11.47 42.61 12.36
CA ARG Y 79 12.41 43.75 12.14
C ARG Y 79 11.78 44.95 11.42
N ALA Y 80 11.05 44.64 10.34
CA ALA Y 80 10.36 45.66 9.53
C ALA Y 80 9.17 46.29 10.26
N GLU Y 81 8.46 45.44 11.01
CA GLU Y 81 7.29 45.87 11.80
C GLU Y 81 7.72 46.86 12.91
N LYS Y 82 8.85 46.53 13.55
CA LYS Y 82 9.42 47.34 14.64
C LYS Y 82 9.94 48.69 14.13
N ALA Y 83 10.46 48.70 12.91
CA ALA Y 83 10.92 49.94 12.25
C ALA Y 83 9.75 50.91 11.98
N ARG Y 84 8.62 50.34 11.57
CA ARG Y 84 7.39 51.11 11.31
C ARG Y 84 6.73 51.63 12.59
N LEU Y 85 6.76 50.80 13.64
CA LEU Y 85 6.28 51.18 14.97
C LEU Y 85 7.11 52.32 15.56
N TYR Y 86 8.42 52.24 15.33
CA TYR Y 86 9.38 53.27 15.77
C TYR Y 86 9.18 54.58 15.01
N SER Y 87 8.93 54.46 13.72
CA SER Y 87 8.70 55.61 12.82
C SER Y 87 7.40 56.34 13.20
N ALA Y 88 6.38 55.56 13.53
CA ALA Y 88 5.07 56.08 13.99
C ALA Y 88 5.24 56.89 15.29
N ILE Y 89 6.08 56.38 16.18
CA ILE Y 89 6.36 57.05 17.47
C ILE Y 89 7.15 58.35 17.27
N GLU Y 90 8.16 58.28 16.42
CA GLU Y 90 8.98 59.48 16.08
C GLU Y 90 8.10 60.60 15.52
N GLN Y 91 7.17 60.22 14.65
CA GLN Y 91 6.20 61.14 14.05
C GLN Y 91 5.19 61.69 15.07
N ARG Y 92 4.77 60.84 16.00
CA ARG Y 92 3.86 61.24 17.09
C ARG Y 92 4.50 62.27 18.03
N LEU Y 93 5.79 62.07 18.27
CA LEU Y 93 6.59 62.98 19.10
C LEU Y 93 6.84 64.33 18.44
N GLU Y 94 7.20 64.25 17.17
CA GLU Y 94 7.38 65.43 16.33
C GLU Y 94 6.07 66.24 16.23
N GLN Y 95 4.95 65.54 16.11
CA GLN Y 95 3.62 66.18 16.03
C GLN Y 95 3.30 66.93 17.33
N SER Y 96 3.61 66.28 18.46
CA SER Y 96 3.37 66.83 19.81
C SER Y 96 4.27 68.06 20.08
N LEU Y 97 5.57 67.89 19.86
CA LEU Y 97 6.53 68.99 20.09
C LEU Y 97 6.30 70.21 19.19
N GLN Y 98 5.81 69.95 17.99
CA GLN Y 98 5.50 71.00 17.00
C GLN Y 98 4.40 71.97 17.44
N THR Y 99 3.61 71.55 18.42
CA THR Y 99 2.53 72.41 18.97
C THR Y 99 3.05 73.46 19.96
N MET Y 100 4.24 73.23 20.51
CA MET Y 100 4.91 74.22 21.38
C MET Y 100 5.17 75.49 20.59
N GLU Y 101 4.66 76.60 21.10
CA GLU Y 101 4.84 77.93 20.47
C GLU Y 101 6.32 78.25 20.33
N GLY Y 102 6.71 78.58 19.09
CA GLY Y 102 8.12 78.90 18.80
C GLY Y 102 8.79 77.83 17.92
N VAL Y 103 8.34 76.59 18.02
CA VAL Y 103 8.85 75.47 17.20
C VAL Y 103 8.36 75.66 15.75
N LEU Y 104 9.33 75.63 14.85
CA LEU Y 104 9.06 75.71 13.40
C LEU Y 104 9.42 74.43 12.64
N SER Y 105 10.17 73.55 13.29
CA SER Y 105 10.56 72.22 12.76
C SER Y 105 11.24 71.42 13.86
N ALA Y 106 11.11 70.12 13.70
CA ALA Y 106 11.56 69.13 14.69
C ALA Y 106 11.84 67.79 14.03
N ARG Y 107 12.91 67.17 14.48
CA ARG Y 107 13.28 65.80 14.08
C ARG Y 107 13.56 64.95 15.31
N VAL Y 108 12.99 63.77 15.32
CA VAL Y 108 13.19 62.78 16.38
C VAL Y 108 13.70 61.47 15.77
N HIS Y 109 14.79 60.99 16.33
CA HIS Y 109 15.35 59.68 15.99
C HIS Y 109 15.45 58.85 17.26
N ILE Y 110 14.69 57.77 17.27
CA ILE Y 110 14.59 56.90 18.45
C ILE Y 110 15.39 55.61 18.24
N SER Y 111 15.98 55.17 19.35
CA SER Y 111 16.65 53.85 19.46
C SER Y 111 16.03 53.01 20.59
N TYR Y 112 15.51 51.87 20.21
CA TYR Y 112 14.86 50.88 21.10
C TYR Y 112 15.07 49.51 20.50
N ASP Y 113 16.02 48.80 21.01
CA ASP Y 113 16.28 47.45 20.50
C ASP Y 113 16.28 46.40 21.60
N ILE Y 114 15.75 45.26 21.38
CA ILE Y 114 15.82 44.15 22.35
C ILE Y 114 16.71 43.08 21.76
N ASP Y 115 17.89 42.93 22.27
CA ASP Y 115 18.89 42.00 21.71
C ASP Y 115 19.15 40.81 22.62
N ALA Y 116 19.44 39.69 22.13
CA ALA Y 116 19.91 38.47 22.85
C ALA Y 116 21.39 38.22 22.55
N GLY Y 117 22.23 38.60 23.50
CA GLY Y 117 23.70 38.48 23.40
C GLY Y 117 24.08 37.00 23.26
N GLU Y 118 23.51 36.15 24.00
CA GLU Y 118 23.70 34.66 24.13
C GLU Y 118 22.68 34.08 25.10
N ASN Y 119 22.71 32.78 25.34
CA ASN Y 119 21.84 32.12 26.31
C ASN Y 119 21.99 32.73 27.71
N GLY Y 120 20.84 33.20 28.21
CA GLY Y 120 20.72 33.86 29.53
C GLY Y 120 21.39 35.25 29.60
N ARG Y 121 21.37 35.97 28.48
CA ARG Y 121 21.94 37.35 28.41
C ARG Y 121 21.14 38.25 27.45
N PRO Y 122 20.12 38.94 27.99
CA PRO Y 122 19.32 39.93 27.24
C PRO Y 122 19.76 41.37 27.50
N PRO Y 123 20.18 42.08 26.47
CA PRO Y 123 20.35 43.55 26.52
C PRO Y 123 19.18 44.36 25.94
N LYS Y 124 19.02 45.54 26.48
CA LYS Y 124 18.06 46.58 26.05
C LYS Y 124 18.75 47.93 25.77
N PRO Y 125 18.84 48.34 24.54
CA PRO Y 125 19.29 49.69 24.12
C PRO Y 125 18.16 50.68 23.98
N VAL Y 126 18.39 51.75 24.68
CA VAL Y 126 17.46 52.88 24.71
C VAL Y 126 18.24 54.14 24.41
N HIS Y 127 17.55 55.08 23.77
CA HIS Y 127 17.99 56.49 23.63
C HIS Y 127 17.12 57.22 22.61
N LEU Y 128 17.10 58.53 22.73
CA LEU Y 128 16.43 59.40 21.76
C LEU Y 128 17.28 60.64 21.44
N SER Y 129 17.24 61.02 20.17
CA SER Y 129 17.85 62.27 19.68
C SER Y 129 16.77 63.20 19.12
N ALA Y 130 16.74 64.41 19.64
CA ALA Y 130 15.74 65.43 19.28
C ALA Y 130 16.40 66.74 18.89
N LEU Y 131 16.07 67.16 17.69
CA LEU Y 131 16.49 68.46 17.15
C LEU Y 131 15.24 69.30 16.91
N ALA Y 132 15.20 70.46 17.54
CA ALA Y 132 14.11 71.41 17.29
C ALA Y 132 14.64 72.77 16.87
N VAL Y 133 14.06 73.26 15.82
CA VAL Y 133 14.37 74.60 15.27
C VAL Y 133 13.30 75.56 15.77
N TYR Y 134 13.76 76.62 16.35
CA TYR Y 134 12.88 77.67 16.89
C TYR Y 134 12.90 78.90 16.00
N GLU Y 135 11.80 79.63 16.06
CA GLU Y 135 11.69 80.95 15.43
C GLU Y 135 12.78 81.86 15.96
N ARG Y 136 13.29 82.72 15.21
CA ARG Y 136 14.30 83.73 15.59
C ARG Y 136 13.91 84.61 16.81
N GLY Y 137 12.61 84.75 16.97
CA GLY Y 137 12.04 85.64 18.01
C GLY Y 137 11.57 84.92 19.27
N SER Y 138 11.87 83.62 19.39
CA SER Y 138 11.50 82.85 20.59
C SER Y 138 12.69 82.06 21.14
N PRO Y 139 13.01 82.27 22.41
CA PRO Y 139 14.02 81.48 23.14
C PRO Y 139 13.35 80.26 23.79
N LEU Y 140 13.69 79.09 23.28
CA LEU Y 140 13.14 77.83 23.81
C LEU Y 140 14.10 77.07 24.73
N ALA Y 141 15.19 77.75 25.11
CA ALA Y 141 16.24 77.17 25.96
C ALA Y 141 15.69 76.75 27.34
N HIS Y 142 14.81 77.59 27.88
CA HIS Y 142 14.12 77.30 29.16
C HIS Y 142 13.16 76.10 29.11
N GLN Y 143 12.79 75.70 27.90
CA GLN Y 143 11.83 74.59 27.68
C GLN Y 143 12.53 73.25 27.41
N ILE Y 144 13.84 73.19 27.53
CA ILE Y 144 14.62 71.96 27.23
C ILE Y 144 14.24 70.79 28.14
N SER Y 145 14.09 71.11 29.44
CA SER Y 145 13.74 70.12 30.47
C SER Y 145 12.33 69.57 30.27
N ASP Y 146 11.42 70.46 29.86
CA ASP Y 146 10.03 70.06 29.55
C ASP Y 146 9.96 69.17 28.31
N ILE Y 147 10.75 69.53 27.29
CA ILE Y 147 10.83 68.73 26.05
C ILE Y 147 11.41 67.33 26.35
N LYS Y 148 12.47 67.30 27.16
CA LYS Y 148 13.09 66.01 27.56
C LYS Y 148 12.10 65.10 28.30
N ARG Y 149 11.31 65.70 29.18
CA ARG Y 149 10.33 64.95 29.99
C ARG Y 149 9.18 64.39 29.12
N PHE Y 150 8.82 65.12 28.09
CA PHE Y 150 7.74 64.75 27.16
C PHE Y 150 8.19 63.57 26.30
N LEU Y 151 9.44 63.64 25.88
CA LEU Y 151 10.08 62.57 25.10
C LEU Y 151 10.29 61.30 25.93
N LYS Y 152 10.73 61.52 27.17
CA LYS Y 152 10.99 60.41 28.11
C LYS Y 152 9.74 59.54 28.32
N ASN Y 153 8.61 60.21 28.54
CA ASN Y 153 7.36 59.52 28.91
C ASN Y 153 6.49 59.10 27.74
N SER Y 154 6.94 59.42 26.54
CA SER Y 154 6.26 58.97 25.33
C SER Y 154 6.73 57.59 24.87
N PHE Y 155 7.92 57.22 25.33
CA PHE Y 155 8.64 56.06 24.79
C PHE Y 155 9.05 55.08 25.90
N ALA Y 156 9.00 53.80 25.52
CA ALA Y 156 9.32 52.68 26.42
C ALA Y 156 10.78 52.66 26.84
N ASP Y 157 10.96 52.55 28.16
CA ASP Y 157 12.25 52.36 28.82
C ASP Y 157 13.28 53.44 28.45
N VAL Y 158 12.92 54.72 28.59
CA VAL Y 158 13.88 55.83 28.34
C VAL Y 158 14.17 56.55 29.64
N ASP Y 159 15.46 56.86 29.81
CA ASP Y 159 15.92 57.72 30.90
C ASP Y 159 16.42 59.06 30.34
N TYR Y 160 16.34 60.08 31.17
CA TYR Y 160 16.74 61.46 30.82
C TYR Y 160 18.17 61.58 30.30
N ASP Y 161 19.06 60.80 30.92
CA ASP Y 161 20.50 60.82 30.57
C ASP Y 161 20.76 60.33 29.14
N ASN Y 162 19.81 59.60 28.59
CA ASN Y 162 19.89 59.04 27.21
C ASN Y 162 18.98 59.80 26.26
N ILE Y 163 18.71 61.03 26.51
CA ILE Y 163 17.96 61.91 25.60
C ILE Y 163 18.82 63.13 25.31
N SER Y 164 19.03 63.37 24.03
CA SER Y 164 19.69 64.60 23.56
C SER Y 164 18.65 65.53 22.93
N VAL Y 165 18.55 66.73 23.48
CA VAL Y 165 17.67 67.78 22.95
C VAL Y 165 18.55 68.97 22.55
N VAL Y 166 18.58 69.22 21.26
CA VAL Y 166 19.34 70.36 20.69
C VAL Y 166 18.33 71.32 20.07
N LEU Y 167 18.43 72.58 20.48
CA LEU Y 167 17.61 73.66 19.94
C LEU Y 167 18.47 74.66 19.17
N SER Y 168 18.08 74.90 17.93
CA SER Y 168 18.80 75.83 17.05
C SER Y 168 17.84 76.83 16.40
N GLU Y 169 18.21 78.11 16.45
CA GLU Y 169 17.43 79.20 15.85
C GLU Y 169 17.57 79.04 14.37
N ARG Y 170 16.46 79.26 13.69
CA ARG Y 170 16.53 79.34 12.21
C ARG Y 170 17.52 80.41 11.72
N LYS Z 1 48.38 -13.93 -70.62
CA LYS Z 1 47.64 -14.40 -69.43
C LYS Z 1 47.65 -13.33 -68.33
N ASP Z 2 46.47 -13.11 -67.76
CA ASP Z 2 46.32 -12.15 -66.65
C ASP Z 2 47.01 -12.70 -65.39
N LEU Z 3 47.73 -11.82 -64.74
CA LEU Z 3 48.27 -12.06 -63.40
C LEU Z 3 47.28 -11.61 -62.32
N LEU Z 4 47.20 -10.28 -62.13
CA LEU Z 4 46.28 -9.66 -61.17
C LEU Z 4 45.68 -8.38 -61.73
N LYS Z 5 44.46 -8.13 -61.29
CA LYS Z 5 43.72 -6.89 -61.58
C LYS Z 5 43.47 -6.14 -60.26
N GLY Z 6 43.07 -4.87 -60.42
CA GLY Z 6 42.69 -3.98 -59.30
C GLY Z 6 43.86 -3.69 -58.34
N LEU Z 7 45.06 -3.64 -58.92
CA LEU Z 7 46.28 -3.31 -58.17
C LEU Z 7 46.40 -1.79 -58.01
N ASP Z 8 46.94 -1.38 -56.88
CA ASP Z 8 47.36 0.03 -56.68
C ASP Z 8 48.57 0.27 -57.61
N GLN Z 9 48.81 1.55 -57.93
CA GLN Z 9 49.97 1.96 -58.74
C GLN Z 9 51.31 1.46 -58.15
N GLU Z 10 51.45 1.50 -56.82
CA GLU Z 10 52.70 1.09 -56.16
C GLU Z 10 52.92 -0.43 -56.25
N GLN Z 11 51.85 -1.18 -55.97
CA GLN Z 11 51.90 -2.65 -56.01
C GLN Z 11 52.16 -3.15 -57.44
N ALA Z 12 51.48 -2.53 -58.38
CA ALA Z 12 51.65 -2.82 -59.81
C ALA Z 12 53.06 -2.44 -60.32
N ASN Z 13 53.56 -1.29 -59.88
CA ASN Z 13 54.92 -0.85 -60.25
C ASN Z 13 56.04 -1.74 -59.69
N GLU Z 14 55.85 -2.17 -58.45
CA GLU Z 14 56.86 -3.03 -57.80
C GLU Z 14 56.90 -4.44 -58.43
N VAL Z 15 55.72 -4.98 -58.73
CA VAL Z 15 55.59 -6.27 -59.40
C VAL Z 15 56.08 -6.21 -60.87
N ILE Z 16 55.76 -5.13 -61.55
CA ILE Z 16 56.18 -4.97 -62.97
C ILE Z 16 57.70 -4.87 -63.07
N ALA Z 17 58.29 -4.11 -62.14
CA ALA Z 17 59.74 -3.85 -62.12
C ALA Z 17 60.50 -5.13 -61.75
N VAL Z 18 59.96 -5.88 -60.79
CA VAL Z 18 60.52 -7.18 -60.37
C VAL Z 18 60.50 -8.18 -61.54
N LEU Z 19 59.39 -8.21 -62.26
CA LEU Z 19 59.28 -9.16 -63.39
C LEU Z 19 60.18 -8.79 -64.56
N GLN Z 20 60.23 -7.50 -64.86
CA GLN Z 20 61.08 -6.96 -65.93
C GLN Z 20 62.57 -7.18 -65.65
N MET Z 21 62.96 -7.05 -64.39
CA MET Z 21 64.35 -7.27 -63.95
C MET Z 21 64.77 -8.75 -64.03
N HIS Z 22 63.77 -9.63 -64.07
CA HIS Z 22 64.00 -11.09 -64.20
C HIS Z 22 63.68 -11.60 -65.61
N ASN Z 23 63.75 -10.70 -66.59
CA ASN Z 23 63.55 -11.04 -68.02
C ASN Z 23 62.16 -11.65 -68.29
N ILE Z 24 61.14 -11.15 -67.60
CA ILE Z 24 59.76 -11.60 -67.85
C ILE Z 24 59.05 -10.47 -68.59
N GLU Z 25 58.47 -10.84 -69.73
CA GLU Z 25 57.70 -9.92 -70.56
C GLU Z 25 56.32 -9.69 -69.93
N ALA Z 26 56.22 -8.59 -69.20
CA ALA Z 26 54.96 -8.19 -68.54
C ALA Z 26 54.46 -6.87 -69.10
N ASN Z 27 53.14 -6.78 -69.23
CA ASN Z 27 52.45 -5.57 -69.68
C ASN Z 27 51.42 -5.12 -68.64
N LYS Z 28 51.16 -3.84 -68.62
CA LYS Z 28 50.22 -3.23 -67.67
C LYS Z 28 49.16 -2.39 -68.38
N ILE Z 29 47.96 -2.49 -67.86
CA ILE Z 29 46.81 -1.70 -68.33
C ILE Z 29 46.11 -1.07 -67.13
N ASP Z 30 45.66 0.16 -67.30
CA ASP Z 30 44.88 0.85 -66.26
C ASP Z 30 43.39 0.76 -66.62
N SER Z 31 42.60 0.40 -65.63
CA SER Z 31 41.13 0.38 -65.77
C SER Z 31 40.54 1.78 -65.55
N GLY Z 32 39.19 1.83 -65.56
CA GLY Z 32 38.45 3.09 -65.41
C GLY Z 32 38.67 3.77 -64.04
N LYS Z 33 38.87 2.92 -63.02
CA LYS Z 33 39.02 3.39 -61.63
C LYS Z 33 40.44 3.86 -61.29
N LEU Z 34 41.39 3.73 -62.22
CA LEU Z 34 42.82 4.03 -62.01
C LEU Z 34 43.58 2.82 -61.43
N GLY Z 35 42.88 1.68 -61.23
CA GLY Z 35 43.49 0.41 -60.83
C GLY Z 35 44.22 -0.28 -62.00
N TYR Z 36 45.21 -1.08 -61.70
CA TYR Z 36 46.13 -1.64 -62.72
C TYR Z 36 46.00 -3.15 -62.81
N SER Z 37 46.16 -3.62 -64.02
CA SER Z 37 46.20 -5.06 -64.34
C SER Z 37 47.54 -5.39 -64.98
N ILE Z 38 48.11 -6.47 -64.50
CA ILE Z 38 49.38 -6.99 -65.05
C ILE Z 38 49.14 -8.32 -65.75
N THR Z 39 49.77 -8.47 -66.89
CA THR Z 39 49.65 -9.66 -67.74
C THR Z 39 51.04 -10.06 -68.27
N VAL Z 40 51.22 -11.33 -68.49
CA VAL Z 40 52.47 -11.89 -69.05
C VAL Z 40 52.15 -12.83 -70.21
N ALA Z 41 53.14 -13.06 -71.05
CA ALA Z 41 53.02 -14.09 -72.09
C ALA Z 41 52.77 -15.44 -71.39
N GLU Z 42 51.91 -16.28 -71.97
CA GLU Z 42 51.65 -17.64 -71.44
C GLU Z 42 52.93 -18.47 -71.16
N PRO Z 43 53.99 -18.39 -72.00
CA PRO Z 43 55.26 -19.12 -71.79
C PRO Z 43 56.03 -18.66 -70.56
N ASP Z 44 55.73 -17.45 -70.06
CA ASP Z 44 56.38 -16.91 -68.86
C ASP Z 44 55.49 -16.93 -67.61
N PHE Z 45 54.30 -17.51 -67.73
CA PHE Z 45 53.31 -17.49 -66.64
C PHE Z 45 53.81 -18.19 -65.36
N THR Z 46 54.33 -19.40 -65.53
CA THR Z 46 54.82 -20.22 -64.40
C THR Z 46 55.99 -19.54 -63.70
N ALA Z 47 56.95 -19.06 -64.49
CA ALA Z 47 58.10 -18.32 -63.93
C ALA Z 47 57.62 -17.08 -63.18
N ALA Z 48 56.73 -16.31 -63.80
CA ALA Z 48 56.20 -15.05 -63.26
C ALA Z 48 55.53 -15.24 -61.89
N VAL Z 49 54.75 -16.31 -61.77
CA VAL Z 49 54.07 -16.66 -60.51
C VAL Z 49 55.08 -17.07 -59.42
N TYR Z 50 56.13 -17.74 -59.84
CA TYR Z 50 57.20 -18.21 -58.94
C TYR Z 50 57.96 -17.03 -58.36
N TRP Z 51 58.32 -16.11 -59.26
CA TRP Z 51 59.01 -14.88 -58.84
C TRP Z 51 58.10 -14.05 -57.95
N ILE Z 52 56.88 -13.83 -58.29
CA ILE Z 52 55.94 -13.02 -57.47
C ILE Z 52 55.73 -13.62 -56.05
N LYS Z 53 55.58 -14.93 -56.01
CA LYS Z 53 55.37 -15.67 -54.75
C LYS Z 53 56.60 -15.61 -53.85
N THR Z 54 57.77 -15.73 -54.47
CA THR Z 54 59.07 -15.68 -53.77
C THR Z 54 59.34 -14.32 -53.13
N TYR Z 55 58.72 -13.27 -53.69
CA TYR Z 55 58.89 -11.89 -53.21
C TYR Z 55 57.67 -11.35 -52.46
N GLN Z 56 56.78 -12.25 -52.01
CA GLN Z 56 55.60 -11.89 -51.18
C GLN Z 56 54.54 -11.06 -51.94
N LEU Z 57 54.46 -11.27 -53.25
CA LEU Z 57 53.46 -10.58 -54.07
C LEU Z 57 52.39 -11.54 -54.59
N PRO Z 58 51.12 -11.07 -54.58
CA PRO Z 58 50.69 -9.77 -54.03
C PRO Z 58 50.64 -9.83 -52.48
N PRO Z 59 50.94 -8.71 -51.82
CA PRO Z 59 50.88 -8.57 -50.35
C PRO Z 59 49.49 -8.96 -49.85
N ARG Z 60 49.52 -9.80 -48.83
CA ARG Z 60 48.32 -10.30 -48.15
C ARG Z 60 47.67 -9.22 -47.27
N PRO Z 61 46.34 -9.25 -47.17
CA PRO Z 61 45.60 -8.48 -46.16
C PRO Z 61 45.58 -9.30 -44.85
N ARG Z 62 45.90 -8.61 -43.77
CA ARG Z 62 45.84 -9.19 -42.42
C ARG Z 62 44.75 -8.50 -41.62
N VAL Z 63 44.30 -9.12 -40.54
CA VAL Z 63 43.24 -8.58 -39.67
C VAL Z 63 43.48 -7.10 -39.37
N GLU Z 64 42.41 -6.34 -39.51
CA GLU Z 64 42.45 -4.90 -39.16
C GLU Z 64 41.76 -4.77 -37.81
N ILE Z 65 42.46 -4.12 -36.90
CA ILE Z 65 41.95 -3.86 -35.54
C ILE Z 65 40.62 -3.09 -35.60
N ALA Z 66 40.43 -2.26 -36.58
CA ALA Z 66 39.19 -1.47 -36.74
C ALA Z 66 37.97 -2.34 -37.10
N GLN Z 67 38.23 -3.43 -37.81
CA GLN Z 67 37.19 -4.42 -38.20
C GLN Z 67 36.83 -5.35 -37.02
N MET Z 68 36.68 -4.75 -35.85
CA MET Z 68 36.32 -5.45 -34.60
C MET Z 68 34.82 -5.72 -34.43
N PHE Z 69 34.01 -5.17 -35.33
CA PHE Z 69 32.55 -5.32 -35.29
C PHE Z 69 32.08 -6.79 -35.10
N PRO Z 70 32.71 -7.77 -35.79
CA PRO Z 70 32.40 -9.20 -35.63
C PRO Z 70 32.63 -9.76 -34.22
N ALA Z 71 33.47 -9.09 -33.43
CA ALA Z 71 33.91 -9.63 -32.13
C ALA Z 71 33.11 -9.09 -30.93
N ASP Z 72 32.69 -7.82 -31.02
CA ASP Z 72 31.95 -7.13 -29.96
C ASP Z 72 31.16 -5.97 -30.57
N SER Z 73 30.08 -5.62 -29.88
CA SER Z 73 29.12 -4.64 -30.42
C SER Z 73 29.32 -3.24 -29.82
N LEU Z 74 29.96 -3.17 -28.65
CA LEU Z 74 30.19 -1.93 -27.88
C LEU Z 74 31.36 -2.13 -26.91
N VAL Z 75 32.05 -1.03 -26.63
CA VAL Z 75 33.23 -1.03 -25.75
C VAL Z 75 33.06 0.08 -24.71
N SER Z 76 32.91 -0.33 -23.48
CA SER Z 76 32.74 0.61 -22.36
C SER Z 76 33.94 0.60 -21.41
N SER Z 77 34.80 -0.42 -21.56
CA SER Z 77 35.99 -0.52 -20.70
C SER Z 77 37.29 -0.97 -21.42
N PRO Z 78 38.00 -2.11 -20.88
CA PRO Z 78 39.44 -2.10 -20.88
C PRO Z 78 40.18 -2.86 -21.99
N ARG Z 79 39.82 -4.10 -22.31
CA ARG Z 79 40.65 -4.95 -23.20
C ARG Z 79 40.78 -4.41 -24.64
N ALA Z 80 39.63 -4.00 -25.19
CA ALA Z 80 39.57 -3.44 -26.55
C ALA Z 80 40.21 -2.05 -26.64
N GLU Z 81 40.01 -1.26 -25.60
CA GLU Z 81 40.58 0.10 -25.49
C GLU Z 81 42.12 0.05 -25.45
N LYS Z 82 42.63 -0.90 -24.67
CA LYS Z 82 44.08 -1.11 -24.50
C LYS Z 82 44.74 -1.61 -25.79
N ALA Z 83 44.01 -2.41 -26.56
CA ALA Z 83 44.48 -2.91 -27.87
C ALA Z 83 44.65 -1.76 -28.87
N ARG Z 84 43.71 -0.82 -28.83
CA ARG Z 84 43.73 0.38 -29.70
C ARG Z 84 44.82 1.38 -29.29
N LEU Z 85 45.01 1.53 -27.98
CA LEU Z 85 46.09 2.35 -27.42
C LEU Z 85 47.47 1.81 -27.80
N TYR Z 86 47.58 0.48 -27.77
CA TYR Z 86 48.80 -0.24 -28.15
C TYR Z 86 49.09 -0.12 -29.65
N SER Z 87 48.03 -0.21 -30.43
CA SER Z 87 48.11 -0.09 -31.90
C SER Z 87 48.55 1.32 -32.32
N ALA Z 88 48.00 2.31 -31.62
CA ALA Z 88 48.37 3.74 -31.84
C ALA Z 88 49.85 3.97 -31.56
N ILE Z 89 50.36 3.32 -30.50
CA ILE Z 89 51.78 3.43 -30.10
C ILE Z 89 52.69 2.74 -31.13
N GLU Z 90 52.30 1.55 -31.55
CA GLU Z 90 53.05 0.80 -32.58
C GLU Z 90 53.19 1.61 -33.88
N GLN Z 91 52.09 2.26 -34.25
CA GLN Z 91 52.04 3.15 -35.43
C GLN Z 91 52.88 4.42 -35.26
N ARG Z 92 52.88 4.96 -34.05
CA ARG Z 92 53.68 6.15 -33.71
C ARG Z 92 55.19 5.85 -33.80
N LEU Z 93 55.54 4.65 -33.35
CA LEU Z 93 56.94 4.16 -33.41
C LEU Z 93 57.41 3.88 -34.82
N GLU Z 94 56.55 3.22 -35.56
CA GLU Z 94 56.79 2.96 -37.00
C GLU Z 94 56.94 4.27 -37.79
N GLN Z 95 56.11 5.26 -37.44
CA GLN Z 95 56.17 6.57 -38.10
C GLN Z 95 57.50 7.29 -37.82
N SER Z 96 57.94 7.20 -36.57
CA SER Z 96 59.21 7.81 -36.11
C SER Z 96 60.42 7.13 -36.75
N LEU Z 97 60.48 5.80 -36.63
CA LEU Z 97 61.60 5.02 -37.22
C LEU Z 97 61.73 5.14 -38.74
N GLN Z 98 60.57 5.30 -39.39
CA GLN Z 98 60.50 5.45 -40.85
C GLN Z 98 61.19 6.72 -41.38
N THR Z 99 61.41 7.68 -40.50
CA THR Z 99 62.11 8.94 -40.87
C THR Z 99 63.64 8.77 -40.95
N MET Z 100 64.17 7.73 -40.30
CA MET Z 100 65.60 7.40 -40.38
C MET Z 100 65.94 7.06 -41.84
N GLU Z 101 66.92 7.79 -42.36
CA GLU Z 101 67.40 7.59 -43.75
C GLU Z 101 67.88 6.15 -43.93
N GLY Z 102 67.32 5.51 -44.97
CA GLY Z 102 67.66 4.10 -45.26
C GLY Z 102 66.49 3.14 -44.98
N VAL Z 103 65.63 3.49 -44.05
CA VAL Z 103 64.43 2.68 -43.73
C VAL Z 103 63.42 2.82 -44.87
N LEU Z 104 62.99 1.66 -45.35
CA LEU Z 104 61.96 1.59 -46.39
C LEU Z 104 60.66 0.93 -45.91
N SER Z 105 60.72 0.27 -44.76
CA SER Z 105 59.55 -0.35 -44.09
C SER Z 105 59.96 -0.81 -42.70
N ALA Z 106 58.96 -0.85 -41.85
CA ALA Z 106 59.11 -1.13 -40.42
C ALA Z 106 57.81 -1.69 -39.83
N ARG Z 107 57.98 -2.66 -38.96
CA ARG Z 107 56.88 -3.26 -38.19
C ARG Z 107 57.26 -3.30 -36.71
N VAL Z 108 56.33 -2.86 -35.89
CA VAL Z 108 56.48 -2.89 -34.42
C VAL Z 108 55.29 -3.64 -33.81
N HIS Z 109 55.64 -4.61 -32.98
CA HIS Z 109 54.68 -5.36 -32.18
C HIS Z 109 55.03 -5.22 -30.71
N ILE Z 110 54.15 -4.58 -29.97
CA ILE Z 110 54.37 -4.28 -28.56
C ILE Z 110 53.57 -5.23 -27.65
N SER Z 111 54.20 -5.56 -26.54
CA SER Z 111 53.57 -6.30 -25.43
C SER Z 111 53.66 -5.51 -24.12
N TYR Z 112 52.50 -5.21 -23.58
CA TYR Z 112 52.32 -4.46 -22.30
C TYR Z 112 51.03 -4.93 -21.66
N ASP Z 113 51.15 -5.80 -20.72
CA ASP Z 113 49.96 -6.30 -20.02
C ASP Z 113 50.04 -6.13 -18.53
N ILE Z 114 49.01 -5.77 -17.86
CA ILE Z 114 48.97 -5.70 -16.40
C ILE Z 114 48.05 -6.81 -15.89
N ASP Z 115 48.60 -7.85 -15.35
CA ASP Z 115 47.83 -9.03 -14.93
C ASP Z 115 47.74 -9.17 -13.42
N ALA Z 116 46.73 -9.68 -12.88
CA ALA Z 116 46.54 -10.07 -11.46
C ALA Z 116 46.52 -11.59 -11.33
N GLY Z 117 47.65 -12.13 -10.89
CA GLY Z 117 47.85 -13.59 -10.72
C GLY Z 117 46.87 -14.12 -9.69
N GLU Z 118 46.68 -13.46 -8.62
CA GLU Z 118 45.84 -13.75 -7.41
C GLU Z 118 45.90 -12.60 -6.43
N ASN Z 119 45.21 -12.69 -5.31
CA ASN Z 119 45.24 -11.67 -4.25
C ASN Z 119 46.67 -11.42 -3.77
N GLY Z 120 47.05 -10.13 -3.89
CA GLY Z 120 48.40 -9.64 -3.52
C GLY Z 120 49.53 -10.13 -4.43
N ARG Z 121 49.22 -10.33 -5.72
CA ARG Z 121 50.21 -10.76 -6.73
C ARG Z 121 49.95 -10.14 -8.12
N PRO Z 122 50.53 -8.97 -8.37
CA PRO Z 122 50.46 -8.28 -9.68
C PRO Z 122 51.72 -8.51 -10.54
N PRO Z 123 51.57 -9.10 -11.70
CA PRO Z 123 52.61 -9.12 -12.74
C PRO Z 123 52.45 -8.06 -13.84
N LYS Z 124 53.59 -7.66 -14.37
CA LYS Z 124 53.74 -6.74 -15.53
C LYS Z 124 54.59 -7.35 -16.65
N PRO Z 125 54.03 -7.69 -17.76
CA PRO Z 125 54.73 -8.11 -19.00
C PRO Z 125 55.03 -6.95 -19.93
N VAL Z 126 56.29 -6.90 -20.24
CA VAL Z 126 56.83 -5.89 -21.15
C VAL Z 126 57.65 -6.60 -22.20
N HIS Z 127 57.65 -6.01 -23.39
CA HIS Z 127 58.59 -6.34 -24.48
C HIS Z 127 58.15 -5.68 -25.78
N LEU Z 128 59.10 -5.51 -26.68
CA LEU Z 128 58.82 -5.01 -28.04
C LEU Z 128 59.62 -5.80 -29.08
N SER Z 129 58.98 -6.03 -30.22
CA SER Z 129 59.60 -6.63 -31.40
C SER Z 129 59.57 -5.64 -32.57
N ALA Z 130 60.73 -5.36 -33.12
CA ALA Z 130 60.92 -4.39 -34.22
C ALA Z 130 61.67 -5.00 -35.39
N LEU Z 131 61.01 -4.94 -36.53
CA LEU Z 131 61.60 -5.34 -37.81
C LEU Z 131 61.69 -4.12 -38.71
N ALA Z 132 62.89 -3.82 -39.15
CA ALA Z 132 63.08 -2.74 -40.13
C ALA Z 132 63.81 -3.24 -41.38
N VAL Z 133 63.25 -2.88 -42.49
CA VAL Z 133 63.84 -3.19 -43.81
C VAL Z 133 64.57 -1.95 -44.30
N TYR Z 134 65.79 -2.15 -44.66
CA TYR Z 134 66.65 -1.08 -45.15
C TYR Z 134 66.85 -1.20 -46.66
N GLU Z 135 67.11 -0.05 -47.27
CA GLU Z 135 67.51 0.02 -48.68
C GLU Z 135 68.76 -0.81 -48.90
N ARG Z 136 68.92 -1.40 -49.99
CA ARG Z 136 70.11 -2.19 -50.39
C ARG Z 136 71.46 -1.44 -50.25
N GLY Z 137 71.36 -0.12 -50.38
CA GLY Z 137 72.54 0.76 -50.41
C GLY Z 137 72.84 1.45 -49.08
N SER Z 138 72.13 1.07 -48.01
CA SER Z 138 72.37 1.65 -46.67
C SER Z 138 72.53 0.56 -45.61
N PRO Z 139 73.65 0.58 -44.89
CA PRO Z 139 73.89 -0.29 -43.72
C PRO Z 139 73.37 0.40 -42.45
N LEU Z 140 72.31 -0.16 -41.89
CA LEU Z 140 71.71 0.39 -40.66
C LEU Z 140 72.10 -0.40 -39.39
N ALA Z 141 73.08 -1.28 -39.55
CA ALA Z 141 73.55 -2.14 -38.43
C ALA Z 141 74.12 -1.32 -37.26
N HIS Z 142 74.85 -0.25 -37.62
CA HIS Z 142 75.38 0.70 -36.61
C HIS Z 142 74.32 1.50 -35.85
N GLN Z 143 73.10 1.53 -36.40
CA GLN Z 143 71.98 2.28 -35.82
C GLN Z 143 71.06 1.43 -34.94
N ILE Z 144 71.44 0.19 -34.68
CA ILE Z 144 70.60 -0.75 -33.90
C ILE Z 144 70.37 -0.27 -32.46
N SER Z 145 71.47 0.21 -31.85
CA SER Z 145 71.45 0.71 -30.46
C SER Z 145 70.59 1.98 -30.32
N ASP Z 146 70.67 2.84 -31.34
CA ASP Z 146 69.85 4.06 -31.38
C ASP Z 146 68.37 3.74 -31.55
N ILE Z 147 68.08 2.77 -32.42
CA ILE Z 147 66.70 2.32 -32.64
C ILE Z 147 66.12 1.69 -31.36
N LYS Z 148 66.92 0.86 -30.68
CA LYS Z 148 66.49 0.24 -29.41
C LYS Z 148 66.18 1.29 -28.34
N ARG Z 149 67.01 2.33 -28.27
CA ARG Z 149 66.83 3.42 -27.28
C ARG Z 149 65.58 4.24 -27.55
N PHE Z 150 65.26 4.41 -28.81
CA PHE Z 150 64.08 5.19 -29.26
C PHE Z 150 62.80 4.45 -28.90
N LEU Z 151 62.85 3.13 -29.12
CA LEU Z 151 61.73 2.23 -28.78
C LEU Z 151 61.54 2.10 -27.28
N LYS Z 152 62.66 2.00 -26.56
CA LYS Z 152 62.66 1.89 -25.09
C LYS Z 152 61.92 3.06 -24.43
N ASN Z 153 62.25 4.26 -24.89
CA ASN Z 153 61.75 5.49 -24.25
C ASN Z 153 60.43 6.01 -24.80
N SER Z 154 59.91 5.31 -25.79
CA SER Z 154 58.58 5.64 -26.32
C SER Z 154 57.45 4.94 -25.57
N PHE Z 155 57.82 3.86 -24.87
CA PHE Z 155 56.85 2.93 -24.30
C PHE Z 155 57.07 2.72 -22.80
N ALA Z 156 55.95 2.56 -22.10
CA ALA Z 156 55.93 2.36 -20.64
C ALA Z 156 56.57 1.05 -20.21
N ASP Z 157 57.46 1.19 -19.23
CA ASP Z 157 58.12 0.09 -18.52
C ASP Z 157 58.82 -0.89 -19.48
N VAL Z 158 59.69 -0.40 -20.37
CA VAL Z 158 60.48 -1.28 -21.26
C VAL Z 158 61.96 -1.18 -20.90
N ASP Z 159 62.59 -2.35 -20.90
CA ASP Z 159 64.05 -2.44 -20.77
C ASP Z 159 64.66 -2.94 -22.08
N TYR Z 160 65.91 -2.56 -22.29
CA TYR Z 160 66.67 -2.91 -23.52
C TYR Z 160 66.74 -4.41 -23.82
N ASP Z 161 66.87 -5.18 -22.74
CA ASP Z 161 66.98 -6.65 -22.84
C ASP Z 161 65.71 -7.30 -23.42
N ASN Z 162 64.60 -6.59 -23.33
CA ASN Z 162 63.28 -7.05 -23.82
C ASN Z 162 62.89 -6.34 -25.11
N ILE Z 163 63.83 -5.90 -25.87
CA ILE Z 163 63.57 -5.32 -27.20
C ILE Z 163 64.39 -6.11 -28.22
N SER Z 164 63.70 -6.60 -29.22
CA SER Z 164 64.35 -7.23 -30.38
C SER Z 164 64.26 -6.30 -31.58
N VAL Z 165 65.42 -5.95 -32.11
CA VAL Z 165 65.53 -5.14 -33.35
C VAL Z 165 66.26 -5.97 -34.40
N VAL Z 166 65.53 -6.29 -35.44
CA VAL Z 166 66.06 -7.05 -36.59
C VAL Z 166 66.01 -6.14 -37.82
N LEU Z 167 67.16 -6.03 -38.47
CA LEU Z 167 67.30 -5.26 -39.71
C LEU Z 167 67.63 -6.19 -40.87
N SER Z 168 66.82 -6.10 -41.91
CA SER Z 168 66.99 -6.92 -43.12
C SER Z 168 66.95 -6.05 -44.39
N GLU Z 169 67.94 -6.29 -45.26
CA GLU Z 169 68.05 -5.58 -46.54
C GLU Z 169 66.93 -6.09 -47.39
N ARG Z 170 66.32 -5.17 -48.12
CA ARG Z 170 65.35 -5.58 -49.14
C ARG Z 170 65.95 -6.56 -50.18
N LYS AA 1 -47.41 -65.26 -31.86
CA LYS AA 1 -47.05 -64.30 -30.79
C LYS AA 1 -45.56 -63.94 -30.85
N ASP AA 2 -45.30 -62.64 -30.75
CA ASP AA 2 -43.91 -62.14 -30.73
C ASP AA 2 -43.23 -62.54 -29.43
N LEU AA 3 -42.00 -63.00 -29.58
CA LEU AA 3 -41.08 -63.21 -28.45
C LEU AA 3 -40.25 -61.95 -28.18
N LEU AA 4 -39.27 -61.71 -29.04
CA LEU AA 4 -38.39 -60.53 -28.95
C LEU AA 4 -38.08 -59.96 -30.33
N LYS AA 5 -37.91 -58.66 -30.35
CA LYS AA 5 -37.47 -57.89 -31.53
C LYS AA 5 -36.09 -57.26 -31.24
N GLY AA 6 -35.45 -56.79 -32.33
CA GLY AA 6 -34.17 -56.07 -32.27
C GLY AA 6 -33.02 -56.94 -31.74
N LEU AA 7 -33.10 -58.24 -32.04
CA LEU AA 7 -32.05 -59.20 -31.67
C LEU AA 7 -30.90 -59.13 -32.68
N ASP AA 8 -29.70 -59.35 -32.18
CA ASP AA 8 -28.52 -59.57 -33.05
C ASP AA 8 -28.73 -60.94 -33.74
N GLN AA 9 -28.04 -61.15 -34.87
CA GLN AA 9 -28.06 -62.42 -35.60
C GLN AA 9 -27.65 -63.61 -34.72
N GLU AA 10 -26.65 -63.41 -33.85
CA GLU AA 10 -26.15 -64.49 -32.98
C GLU AA 10 -27.17 -64.87 -31.88
N GLN AA 11 -27.73 -63.84 -31.24
CA GLN AA 11 -28.72 -64.05 -30.18
C GLN AA 11 -30.01 -64.68 -30.74
N ALA AA 12 -30.42 -64.20 -31.90
CA ALA AA 12 -31.59 -64.74 -32.61
C ALA AA 12 -31.35 -66.19 -33.09
N ASN AA 13 -30.15 -66.46 -33.60
CA ASN AA 13 -29.79 -67.82 -34.04
C ASN AA 13 -29.72 -68.84 -32.91
N GLU AA 14 -29.17 -68.40 -31.78
CA GLU AA 14 -29.04 -69.30 -30.62
C GLU AA 14 -30.40 -69.63 -29.99
N VAL AA 15 -31.26 -68.60 -29.88
CA VAL AA 15 -32.63 -68.77 -29.40
C VAL AA 15 -33.51 -69.59 -30.37
N ILE AA 16 -33.35 -69.35 -31.65
CA ILE AA 16 -34.14 -70.08 -32.66
C ILE AA 16 -33.78 -71.57 -32.66
N ALA AA 17 -32.47 -71.84 -32.56
CA ALA AA 17 -31.94 -73.21 -32.59
C ALA AA 17 -32.33 -73.97 -31.32
N VAL AA 18 -32.28 -73.29 -30.17
CA VAL AA 18 -32.71 -73.84 -28.88
C VAL AA 18 -34.21 -74.20 -28.92
N LEU AA 19 -35.02 -73.31 -29.48
CA LEU AA 19 -36.47 -73.57 -29.55
C LEU AA 19 -36.84 -74.69 -30.51
N GLN AA 20 -36.17 -74.69 -31.66
CA GLN AA 20 -36.36 -75.73 -32.69
C GLN AA 20 -35.95 -77.12 -32.19
N MET AA 21 -34.87 -77.17 -31.41
CA MET AA 21 -34.37 -78.42 -30.82
C MET AA 21 -35.31 -78.99 -29.73
N HIS AA 22 -36.17 -78.11 -29.20
CA HIS AA 22 -37.18 -78.50 -28.19
C HIS AA 22 -38.59 -78.59 -28.77
N ASN AA 23 -38.67 -78.81 -30.09
CA ASN AA 23 -39.95 -78.99 -30.81
C ASN AA 23 -40.89 -77.78 -30.67
N ILE AA 24 -40.32 -76.58 -30.67
CA ILE AA 24 -41.13 -75.35 -30.65
C ILE AA 24 -41.07 -74.74 -32.05
N GLU AA 25 -42.26 -74.50 -32.58
CA GLU AA 25 -42.42 -73.87 -33.90
C GLU AA 25 -42.16 -72.36 -33.78
N ALA AA 26 -40.94 -71.98 -34.13
CA ALA AA 26 -40.52 -70.57 -34.09
C ALA AA 26 -40.16 -70.10 -35.50
N ASN AA 27 -40.51 -68.85 -35.77
CA ASN AA 27 -40.20 -68.18 -37.04
C ASN AA 27 -39.41 -66.89 -36.78
N LYS AA 28 -38.61 -66.52 -37.75
CA LYS AA 28 -37.77 -65.33 -37.66
C LYS AA 28 -37.95 -64.39 -38.85
N ILE AA 29 -37.96 -63.11 -38.55
CA ILE AA 29 -38.05 -62.05 -39.56
C ILE AA 29 -36.93 -61.02 -39.30
N ASP AA 30 -36.36 -60.51 -40.37
CA ASP AA 30 -35.35 -59.44 -40.27
C ASP AA 30 -36.02 -58.10 -40.57
N SER AA 31 -35.75 -57.13 -39.73
CA SER AA 31 -36.23 -55.74 -39.95
C SER AA 31 -35.28 -54.99 -40.90
N GLY AA 32 -35.58 -53.69 -41.08
CA GLY AA 32 -34.83 -52.82 -41.98
C GLY AA 32 -33.35 -52.63 -41.56
N LYS AA 33 -33.14 -52.65 -40.24
CA LYS AA 33 -31.82 -52.42 -39.64
C LYS AA 33 -30.91 -53.67 -39.63
N LEU AA 34 -31.44 -54.82 -40.05
CA LEU AA 34 -30.74 -56.12 -40.00
C LEU AA 34 -30.95 -56.82 -38.65
N GLY AA 35 -31.73 -56.20 -37.73
CA GLY AA 35 -32.15 -56.82 -36.46
C GLY AA 35 -33.25 -57.86 -36.65
N TYR AA 36 -33.33 -58.82 -35.78
CA TYR AA 36 -34.19 -60.02 -35.95
C TYR AA 36 -35.29 -60.06 -34.90
N SER AA 37 -36.42 -60.55 -35.33
CA SER AA 37 -37.59 -60.80 -34.47
C SER AA 37 -37.94 -62.27 -34.52
N ILE AA 38 -38.19 -62.82 -33.34
CA ILE AA 38 -38.61 -64.23 -33.20
C ILE AA 38 -40.05 -64.28 -32.71
N THR AA 39 -40.80 -65.18 -33.30
CA THR AA 39 -42.22 -65.39 -32.99
C THR AA 39 -42.52 -66.89 -32.91
N VAL AA 40 -43.48 -67.24 -32.09
CA VAL AA 40 -43.93 -68.63 -31.93
C VAL AA 40 -45.45 -68.69 -32.03
N ALA AA 41 -45.98 -69.87 -32.33
CA ALA AA 41 -47.42 -70.10 -32.26
C ALA AA 41 -47.88 -69.81 -30.82
N GLU AA 42 -49.05 -69.21 -30.66
CA GLU AA 42 -49.65 -68.96 -29.33
C GLU AA 42 -49.69 -70.21 -28.40
N PRO AA 43 -49.97 -71.43 -28.93
CA PRO AA 43 -50.00 -72.67 -28.12
C PRO AA 43 -48.63 -73.07 -27.57
N ASP AA 44 -47.55 -72.54 -28.16
CA ASP AA 44 -46.18 -72.83 -27.70
C ASP AA 44 -45.53 -71.67 -26.93
N PHE AA 45 -46.30 -70.61 -26.70
CA PHE AA 45 -45.75 -69.38 -26.09
C PHE AA 45 -45.19 -69.61 -24.68
N THR AA 46 -45.99 -70.27 -23.85
CA THR AA 46 -45.62 -70.53 -22.44
C THR AA 46 -44.37 -71.43 -22.35
N ALA AA 47 -44.38 -72.51 -23.16
CA ALA AA 47 -43.23 -73.41 -23.23
C ALA AA 47 -41.98 -72.66 -23.68
N ALA AA 48 -42.13 -71.87 -24.75
CA ALA AA 48 -41.04 -71.11 -25.38
C ALA AA 48 -40.36 -70.14 -24.40
N VAL AA 49 -41.17 -69.46 -23.61
CA VAL AA 49 -40.68 -68.53 -22.57
C VAL AA 49 -39.94 -69.28 -21.45
N TYR AA 50 -40.43 -70.46 -21.12
CA TYR AA 50 -39.84 -71.31 -20.07
C TYR AA 50 -38.47 -71.80 -20.49
N TRP AA 51 -38.40 -72.28 -21.73
CA TRP AA 51 -37.12 -72.73 -22.31
C TRP AA 51 -36.15 -71.55 -22.42
N ILE AA 52 -36.55 -70.44 -22.92
CA ILE AA 52 -35.66 -69.25 -23.07
C ILE AA 52 -35.10 -68.77 -21.71
N LYS AA 53 -35.98 -68.73 -20.71
CA LYS AA 53 -35.64 -68.28 -19.35
C LYS AA 53 -34.66 -69.25 -18.68
N THR AA 54 -34.90 -70.54 -18.89
CA THR AA 54 -34.05 -71.62 -18.34
C THR AA 54 -32.62 -71.60 -18.90
N TYR AA 55 -32.49 -71.04 -20.11
CA TYR AA 55 -31.18 -70.96 -20.79
C TYR AA 55 -30.59 -69.54 -20.82
N GLN AA 56 -31.08 -68.66 -19.94
CA GLN AA 56 -30.54 -67.29 -19.76
C GLN AA 56 -30.79 -66.37 -20.99
N LEU AA 57 -31.87 -66.63 -21.71
CA LEU AA 57 -32.24 -65.81 -22.87
C LEU AA 57 -33.51 -64.98 -22.60
N PRO AA 58 -33.50 -63.73 -23.06
CA PRO AA 58 -32.35 -63.05 -23.70
C PRO AA 58 -31.31 -62.62 -22.64
N PRO AA 59 -30.02 -62.65 -23.00
CA PRO AA 59 -28.91 -62.21 -22.14
C PRO AA 59 -29.14 -60.79 -21.64
N ARG AA 60 -28.97 -60.65 -20.34
CA ARG AA 60 -29.12 -59.36 -19.63
C ARG AA 60 -27.94 -58.43 -19.92
N PRO AA 61 -28.20 -57.13 -19.97
CA PRO AA 61 -27.16 -56.09 -19.92
C PRO AA 61 -26.79 -55.83 -18.46
N ARG AA 62 -25.49 -55.80 -18.21
CA ARG AA 62 -24.93 -55.47 -16.89
C ARG AA 62 -24.17 -54.15 -16.99
N VAL AA 63 -23.93 -53.52 -15.85
CA VAL AA 63 -23.22 -52.24 -15.77
C VAL AA 63 -21.95 -52.25 -16.66
N GLU AA 64 -21.81 -51.18 -17.42
CA GLU AA 64 -20.61 -51.00 -18.24
C GLU AA 64 -19.72 -50.00 -17.52
N ILE AA 65 -18.49 -50.39 -17.33
CA ILE AA 65 -17.47 -49.54 -16.66
C ILE AA 65 -17.33 -48.21 -17.40
N ALA AA 66 -17.53 -48.17 -18.69
CA ALA AA 66 -17.41 -46.95 -19.50
C ALA AA 66 -18.54 -45.94 -19.21
N GLN AA 67 -19.70 -46.47 -18.85
CA GLN AA 67 -20.88 -45.65 -18.47
C GLN AA 67 -20.75 -45.09 -17.04
N MET AA 68 -19.56 -44.61 -16.72
CA MET AA 68 -19.24 -44.02 -15.40
C MET AA 68 -19.66 -42.55 -15.24
N PHE AA 69 -20.13 -41.96 -16.32
CA PHE AA 69 -20.55 -40.54 -16.32
C PHE AA 69 -21.51 -40.18 -15.16
N PRO AA 70 -22.48 -41.04 -14.82
CA PRO AA 70 -23.40 -40.84 -13.69
C PRO AA 70 -22.73 -40.77 -12.31
N ALA AA 71 -21.52 -41.32 -12.20
CA ALA AA 71 -20.84 -41.48 -10.90
C ALA AA 71 -19.84 -40.37 -10.59
N ASP AA 72 -19.16 -39.87 -11.62
CA ASP AA 72 -18.13 -38.82 -11.49
C ASP AA 72 -17.98 -38.10 -12.84
N SER AA 73 -17.53 -36.86 -12.75
CA SER AA 73 -17.49 -35.98 -13.93
C SER AA 73 -16.09 -35.89 -14.54
N LEU AA 74 -15.06 -36.22 -13.76
CA LEU AA 74 -13.64 -36.14 -14.14
C LEU AA 74 -12.79 -37.05 -13.24
N VAL AA 75 -11.70 -37.54 -13.81
CA VAL AA 75 -10.79 -38.48 -13.11
C VAL AA 75 -9.36 -37.95 -13.26
N SER AA 76 -8.80 -37.53 -12.14
CA SER AA 76 -7.43 -37.01 -12.12
C SER AA 76 -6.47 -37.95 -11.37
N SER AA 77 -7.05 -38.89 -10.62
CA SER AA 77 -6.21 -39.86 -9.87
C SER AA 77 -6.70 -41.33 -9.89
N PRO AA 78 -6.91 -41.98 -8.61
CA PRO AA 78 -6.55 -43.37 -8.48
C PRO AA 78 -7.67 -44.43 -8.59
N ARG AA 79 -8.79 -44.27 -7.91
CA ARG AA 79 -9.79 -45.37 -7.79
C ARG AA 79 -10.41 -45.80 -9.14
N ALA AA 80 -10.81 -44.79 -9.92
CA ALA AA 80 -11.41 -45.01 -11.24
C ALA AA 80 -10.41 -45.52 -12.27
N GLU AA 81 -9.18 -44.99 -12.18
CA GLU AA 81 -8.07 -45.40 -13.07
C GLU AA 81 -7.70 -46.87 -12.85
N LYS AA 82 -7.67 -47.26 -11.58
CA LYS AA 82 -7.33 -48.64 -11.17
C LYS AA 82 -8.40 -49.64 -11.59
N ALA AA 83 -9.67 -49.20 -11.57
CA ALA AA 83 -10.80 -50.02 -12.04
C ALA AA 83 -10.70 -50.32 -13.54
N ARG AA 84 -10.28 -49.31 -14.30
CA ARG AA 84 -10.09 -49.44 -15.76
C ARG AA 84 -8.89 -50.30 -16.12
N LEU AA 85 -7.81 -50.15 -15.34
CA LEU AA 85 -6.60 -50.98 -15.48
C LEU AA 85 -6.90 -52.45 -15.19
N TYR AA 86 -7.73 -52.66 -14.17
CA TYR AA 86 -8.19 -54.01 -13.78
C TYR AA 86 -9.09 -54.65 -14.83
N SER AA 87 -9.96 -53.82 -15.39
CA SER AA 87 -10.89 -54.24 -16.45
C SER AA 87 -10.15 -54.64 -17.73
N ALA AA 88 -9.13 -53.85 -18.06
CA ALA AA 88 -8.25 -54.12 -19.22
C ALA AA 88 -7.53 -55.47 -19.07
N ILE AA 89 -7.10 -55.76 -17.83
CA ILE AA 89 -6.40 -57.02 -17.52
C ILE AA 89 -7.36 -58.22 -17.60
N GLU AA 90 -8.55 -58.05 -17.04
CA GLU AA 90 -9.59 -59.10 -17.08
C GLU AA 90 -9.93 -59.47 -18.53
N GLN AA 91 -10.03 -58.44 -19.37
CA GLN AA 91 -10.30 -58.60 -20.81
C GLN AA 91 -9.12 -59.25 -21.56
N ARG AA 92 -7.91 -58.90 -21.16
CA ARG AA 92 -6.67 -59.48 -21.74
C ARG AA 92 -6.57 -60.98 -21.43
N LEU AA 93 -6.97 -61.33 -20.21
CA LEU AA 93 -7.00 -62.73 -19.75
C LEU AA 93 -8.05 -63.57 -20.43
N GLU AA 94 -9.25 -62.98 -20.52
CA GLU AA 94 -10.36 -63.58 -21.25
C GLU AA 94 -10.02 -63.80 -22.73
N GLN AA 95 -9.32 -62.83 -23.33
CA GLN AA 95 -8.90 -62.92 -24.74
C GLN AA 95 -7.91 -64.07 -24.94
N SER AA 96 -6.97 -64.20 -24.00
CA SER AA 96 -5.93 -65.25 -24.03
C SER AA 96 -6.54 -66.65 -23.83
N LEU AA 97 -7.33 -66.80 -22.77
CA LEU AA 97 -7.98 -68.09 -22.47
C LEU AA 97 -8.94 -68.57 -23.55
N GLN AA 98 -9.58 -67.61 -24.21
CA GLN AA 98 -10.53 -67.88 -25.30
C GLN AA 98 -9.90 -68.56 -26.52
N THR AA 99 -8.59 -68.47 -26.64
CA THR AA 99 -7.84 -69.11 -27.74
C THR AA 99 -7.64 -70.62 -27.52
N MET AA 100 -7.74 -71.06 -26.28
CA MET AA 100 -7.67 -72.50 -25.94
C MET AA 100 -8.83 -73.22 -26.63
N GLU AA 101 -8.49 -74.23 -27.43
CA GLU AA 101 -9.47 -75.04 -28.14
C GLU AA 101 -10.46 -75.69 -27.16
N GLY AA 102 -11.75 -75.46 -27.41
CA GLY AA 102 -12.81 -75.99 -26.54
C GLY AA 102 -13.53 -74.89 -25.75
N VAL AA 103 -12.85 -73.80 -25.47
CA VAL AA 103 -13.44 -72.63 -24.77
C VAL AA 103 -14.41 -71.92 -25.73
N LEU AA 104 -15.62 -71.73 -25.23
CA LEU AA 104 -16.67 -71.00 -25.97
C LEU AA 104 -17.08 -69.68 -25.29
N SER AA 105 -16.68 -69.53 -24.04
CA SER AA 105 -16.91 -68.29 -23.24
C SER AA 105 -16.13 -68.39 -21.93
N ALA AA 106 -15.81 -67.22 -21.44
CA ALA AA 106 -14.94 -67.04 -20.26
C ALA AA 106 -15.21 -65.70 -19.59
N ARG AA 107 -15.21 -65.74 -18.28
CA ARG AA 107 -15.32 -64.54 -17.42
C ARG AA 107 -14.21 -64.55 -16.37
N VAL AA 108 -13.56 -63.41 -16.24
CA VAL AA 108 -12.51 -63.21 -15.23
C VAL AA 108 -12.87 -61.98 -14.39
N HIS AA 109 -12.84 -62.20 -13.08
CA HIS AA 109 -13.00 -61.13 -12.09
C HIS AA 109 -11.77 -61.12 -11.19
N ILE AA 110 -11.06 -60.02 -11.25
CA ILE AA 110 -9.79 -59.87 -10.52
C ILE AA 110 -9.98 -58.96 -9.29
N SER AA 111 -9.26 -59.32 -8.24
CA SER AA 111 -9.12 -58.51 -7.02
C SER AA 111 -7.65 -58.21 -6.73
N TYR AA 112 -7.34 -56.93 -6.70
CA TYR AA 112 -6.00 -56.36 -6.43
C TYR AA 112 -6.17 -55.02 -5.78
N ASP AA 113 -6.04 -54.98 -4.50
CA ASP AA 113 -6.18 -53.70 -3.78
C ASP AA 113 -4.98 -53.39 -2.91
N ILE AA 114 -4.53 -52.20 -2.83
CA ILE AA 114 -3.46 -51.81 -1.92
C ILE AA 114 -4.06 -50.90 -0.85
N ASP AA 115 -4.23 -51.40 0.33
CA ASP AA 115 -4.91 -50.66 1.41
C ASP AA 115 -3.95 -50.21 2.51
N ALA AA 116 -4.16 -49.15 3.14
CA ALA AA 116 -3.46 -48.67 4.36
C ALA AA 116 -4.38 -48.75 5.58
N GLY AA 117 -4.15 -49.78 6.38
CA GLY AA 117 -4.95 -50.08 7.60
C GLY AA 117 -4.82 -48.91 8.58
N GLU AA 118 -3.67 -48.42 8.78
CA GLU AA 118 -3.22 -47.33 9.72
C GLU AA 118 -1.74 -47.05 9.51
N ASN AA 119 -1.18 -46.12 10.26
CA ASN AA 119 0.26 -45.79 10.21
C ASN AA 119 1.12 -47.04 10.48
N GLY AA 120 1.97 -47.31 9.49
CA GLY AA 120 2.88 -48.46 9.50
C GLY AA 120 2.19 -49.83 9.37
N ARG AA 121 1.07 -49.87 8.63
CA ARG AA 121 0.31 -51.11 8.37
C ARG AA 121 -0.32 -51.14 6.97
N PRO AA 122 0.43 -51.66 5.98
CA PRO AA 122 -0.06 -51.84 4.60
C PRO AA 122 -0.51 -53.29 4.32
N PRO AA 123 -1.77 -53.47 3.98
CA PRO AA 123 -2.26 -54.75 3.40
C PRO AA 123 -2.37 -54.76 1.86
N LYS AA 124 -2.20 -55.95 1.33
CA LYS AA 124 -2.37 -56.29 -0.11
C LYS AA 124 -3.36 -57.45 -0.31
N PRO AA 125 -4.51 -57.21 -0.85
CA PRO AA 125 -5.49 -58.23 -1.30
C PRO AA 125 -5.30 -58.63 -2.74
N VAL AA 126 -5.19 -59.92 -2.86
CA VAL AA 126 -5.02 -60.56 -4.17
C VAL AA 126 -6.05 -61.69 -4.26
N HIS AA 127 -6.50 -61.93 -5.49
CA HIS AA 127 -7.25 -63.13 -5.88
C HIS AA 127 -7.84 -62.96 -7.28
N LEU AA 128 -8.14 -64.07 -7.90
CA LEU AA 128 -8.83 -64.10 -9.20
C LEU AA 128 -9.90 -65.20 -9.23
N SER AA 129 -11.01 -64.87 -9.87
CA SER AA 129 -12.10 -65.83 -10.16
C SER AA 129 -12.27 -65.99 -11.67
N ALA AA 130 -12.20 -67.21 -12.13
CA ALA AA 130 -12.28 -67.56 -13.56
C ALA AA 130 -13.33 -68.64 -13.81
N LEU AA 131 -14.26 -68.28 -14.67
CA LEU AA 131 -15.29 -69.20 -15.17
C LEU AA 131 -15.09 -69.40 -16.67
N ALA AA 132 -14.92 -70.63 -17.07
CA ALA AA 132 -14.84 -70.96 -18.49
C ALA AA 132 -15.87 -72.00 -18.89
N VAL AA 133 -16.56 -71.72 -19.94
CA VAL AA 133 -17.55 -72.63 -20.53
C VAL AA 133 -16.90 -73.34 -21.71
N TYR AA 134 -16.99 -74.63 -21.68
CA TYR AA 134 -16.42 -75.47 -22.72
C TYR AA 134 -17.52 -76.04 -23.61
N GLU AA 135 -17.11 -76.33 -24.85
CA GLU AA 135 -17.97 -77.06 -25.79
C GLU AA 135 -18.38 -78.39 -25.20
N ARG AA 136 -19.50 -78.88 -25.46
CA ARG AA 136 -20.01 -80.19 -25.03
C ARG AA 136 -19.09 -81.40 -25.36
N GLY AA 137 -18.33 -81.20 -26.45
CA GLY AA 137 -17.49 -82.27 -27.00
C GLY AA 137 -16.01 -82.17 -26.60
N SER AA 138 -15.68 -81.27 -25.68
CA SER AA 138 -14.30 -81.11 -25.20
C SER AA 138 -14.23 -81.10 -23.67
N PRO AA 139 -13.43 -82.01 -23.10
CA PRO AA 139 -13.13 -82.03 -21.66
C PRO AA 139 -11.90 -81.16 -21.38
N LEU AA 140 -12.13 -80.05 -20.69
CA LEU AA 140 -11.04 -79.12 -20.33
C LEU AA 140 -10.57 -79.27 -18.87
N ALA AA 141 -11.03 -80.33 -18.22
CA ALA AA 141 -10.70 -80.59 -16.81
C ALA AA 141 -9.19 -80.77 -16.59
N HIS AA 142 -8.55 -81.46 -17.54
CA HIS AA 142 -7.08 -81.65 -17.52
C HIS AA 142 -6.27 -80.36 -17.72
N GLN AA 143 -6.93 -79.32 -18.22
CA GLN AA 143 -6.29 -78.02 -18.49
C GLN AA 143 -6.45 -77.00 -17.37
N ILE AA 144 -7.01 -77.42 -16.24
CA ILE AA 144 -7.28 -76.50 -15.11
C ILE AA 144 -6.00 -75.88 -14.53
N SER AA 145 -4.98 -76.74 -14.39
CA SER AA 145 -3.68 -76.34 -13.83
C SER AA 145 -2.95 -75.37 -14.76
N ASP AA 146 -3.08 -75.62 -16.07
CA ASP AA 146 -2.49 -74.72 -17.08
C ASP AA 146 -3.19 -73.36 -17.09
N ILE AA 147 -4.51 -73.39 -16.99
CA ILE AA 147 -5.31 -72.14 -16.93
C ILE AA 147 -4.95 -71.33 -15.67
N LYS AA 148 -4.84 -72.02 -14.52
CA LYS AA 148 -4.44 -71.35 -13.27
C LYS AA 148 -3.07 -70.69 -13.36
N ARG AA 149 -2.13 -71.38 -14.01
CA ARG AA 149 -0.75 -70.86 -14.17
C ARG AA 149 -0.70 -69.64 -15.09
N PHE AA 150 -1.57 -69.61 -16.08
CA PHE AA 150 -1.65 -68.53 -17.06
C PHE AA 150 -2.20 -67.27 -16.40
N LEU AA 151 -3.20 -67.50 -15.57
CA LEU AA 151 -3.84 -66.42 -14.78
C LEU AA 151 -2.91 -65.87 -13.71
N LYS AA 152 -2.19 -66.79 -13.06
CA LYS AA 152 -1.24 -66.44 -12.00
C LYS AA 152 -0.17 -65.45 -12.49
N ASN AA 153 0.38 -65.77 -13.66
CA ASN AA 153 1.54 -65.03 -14.20
C ASN AA 153 1.18 -63.84 -15.07
N SER AA 154 -0.12 -63.64 -15.27
CA SER AA 154 -0.61 -62.46 -15.99
C SER AA 154 -0.82 -61.24 -15.07
N PHE AA 155 -0.94 -61.53 -13.78
CA PHE AA 155 -1.39 -60.54 -12.80
C PHE AA 155 -0.42 -60.41 -11.62
N ALA AA 156 -0.30 -59.18 -11.16
CA ALA AA 156 0.60 -58.81 -10.04
C ALA AA 156 0.18 -59.44 -8.71
N ASP AA 157 1.18 -60.06 -8.09
CA ASP AA 157 1.11 -60.61 -6.74
C ASP AA 157 -0.05 -61.63 -6.57
N VAL AA 158 -0.14 -62.63 -7.44
CA VAL AA 158 -1.16 -63.69 -7.32
C VAL AA 158 -0.48 -65.02 -7.00
N ASP AA 159 -1.10 -65.74 -6.08
CA ASP AA 159 -0.72 -67.12 -5.78
C ASP AA 159 -1.83 -68.09 -6.22
N TYR AA 160 -1.42 -69.31 -6.52
CA TYR AA 160 -2.33 -70.37 -7.00
C TYR AA 160 -3.52 -70.65 -6.09
N ASP AA 161 -3.25 -70.58 -4.77
CA ASP AA 161 -4.26 -70.86 -3.75
C ASP AA 161 -5.42 -69.83 -3.76
N ASN AA 162 -5.14 -68.68 -4.35
CA ASN AA 162 -6.12 -67.57 -4.46
C ASN AA 162 -6.65 -67.42 -5.87
N ILE AA 163 -6.68 -68.47 -6.62
CA ILE AA 163 -7.29 -68.51 -7.95
C ILE AA 163 -8.33 -69.62 -7.97
N SER AA 164 -9.54 -69.25 -8.34
CA SER AA 164 -10.62 -70.22 -8.58
C SER AA 164 -10.87 -70.34 -10.08
N VAL AA 165 -10.74 -71.55 -10.58
CA VAL AA 165 -11.04 -71.88 -11.98
C VAL AA 165 -12.16 -72.92 -12.00
N VAL AA 166 -13.29 -72.49 -12.51
CA VAL AA 166 -14.48 -73.36 -12.66
C VAL AA 166 -14.75 -73.53 -14.15
N LEU AA 167 -14.85 -74.78 -14.56
CA LEU AA 167 -15.18 -75.15 -15.94
C LEU AA 167 -16.54 -75.84 -15.99
N SER AA 168 -17.41 -75.31 -16.82
CA SER AA 168 -18.78 -75.85 -17.01
C SER AA 168 -19.10 -76.04 -18.49
N GLU AA 169 -19.64 -77.23 -18.80
CA GLU AA 169 -20.05 -77.58 -20.17
C GLU AA 169 -21.26 -76.75 -20.47
N ARG AA 170 -21.31 -76.26 -21.69
CA ARG AA 170 -22.55 -75.61 -22.16
C ARG AA 170 -23.78 -76.54 -22.05
N LYS BA 1 -82.23 -27.33 3.44
CA LYS BA 1 -81.09 -26.56 3.96
C LYS BA 1 -79.75 -27.22 3.60
N ASP BA 2 -78.82 -26.41 3.12
CA ASP BA 2 -77.47 -26.89 2.78
C ASP BA 2 -76.72 -27.26 4.07
N LEU BA 3 -76.05 -28.40 4.00
CA LEU BA 3 -75.08 -28.81 5.01
C LEU BA 3 -73.68 -28.32 4.66
N LEU BA 4 -73.06 -28.99 3.69
CA LEU BA 4 -71.73 -28.64 3.18
C LEU BA 4 -71.64 -28.80 1.66
N LYS BA 5 -70.82 -27.95 1.09
CA LYS BA 5 -70.46 -27.99 -0.35
C LYS BA 5 -68.96 -28.30 -0.49
N GLY BA 6 -68.58 -28.66 -1.72
CA GLY BA 6 -67.19 -28.90 -2.11
C GLY BA 6 -66.57 -30.11 -1.37
N LEU BA 7 -67.42 -31.09 -1.09
CA LEU BA 7 -66.99 -32.35 -0.46
C LEU BA 7 -66.40 -33.30 -1.50
N ASP BA 8 -65.41 -34.06 -1.09
CA ASP BA 8 -64.90 -35.20 -1.90
C ASP BA 8 -66.02 -36.26 -1.91
N GLN BA 9 -65.98 -37.14 -2.92
CA GLN BA 9 -66.90 -38.27 -3.04
C GLN BA 9 -66.93 -39.16 -1.78
N GLU BA 10 -65.76 -39.39 -1.18
CA GLU BA 10 -65.65 -40.26 0.02
C GLU BA 10 -66.28 -39.60 1.25
N GLN BA 11 -65.96 -38.32 1.45
CA GLN BA 11 -66.48 -37.56 2.60
C GLN BA 11 -68.01 -37.40 2.50
N ALA BA 12 -68.46 -37.10 1.28
CA ALA BA 12 -69.89 -36.97 0.98
C ALA BA 12 -70.63 -38.31 1.14
N ASN BA 13 -70.02 -39.40 0.67
CA ASN BA 13 -70.62 -40.74 0.82
C ASN BA 13 -70.72 -41.21 2.26
N GLU BA 14 -69.68 -40.93 3.04
CA GLU BA 14 -69.67 -41.34 4.45
C GLU BA 14 -70.70 -40.57 5.29
N VAL BA 15 -70.79 -39.25 5.03
CA VAL BA 15 -71.78 -38.39 5.68
C VAL BA 15 -73.22 -38.71 5.25
N ILE BA 16 -73.39 -39.00 3.96
CA ILE BA 16 -74.73 -39.32 3.43
C ILE BA 16 -75.25 -40.64 4.04
N ALA BA 17 -74.35 -41.62 4.11
CA ALA BA 17 -74.66 -42.97 4.62
C ALA BA 17 -74.96 -42.93 6.11
N VAL BA 18 -74.16 -42.14 6.84
CA VAL BA 18 -74.37 -41.93 8.29
C VAL BA 18 -75.73 -41.27 8.55
N LEU BA 19 -76.08 -40.27 7.75
CA LEU BA 19 -77.36 -39.58 7.95
C LEU BA 19 -78.57 -40.44 7.58
N GLN BA 20 -78.44 -41.17 6.49
CA GLN BA 20 -79.48 -42.10 6.02
C GLN BA 20 -79.73 -43.24 7.01
N MET BA 21 -78.66 -43.72 7.62
CA MET BA 21 -78.74 -44.79 8.64
C MET BA 21 -79.41 -44.32 9.95
N HIS BA 22 -79.44 -43.01 10.14
CA HIS BA 22 -80.08 -42.39 11.32
C HIS BA 22 -81.43 -41.74 10.97
N ASN BA 23 -82.05 -42.21 9.87
CA ASN BA 23 -83.39 -41.76 9.44
C ASN BA 23 -83.42 -40.23 9.15
N ILE BA 24 -82.34 -39.72 8.58
CA ILE BA 24 -82.30 -38.30 8.16
C ILE BA 24 -82.40 -38.28 6.64
N GLU BA 25 -83.38 -37.50 6.17
CA GLU BA 25 -83.61 -37.31 4.74
C GLU BA 25 -82.56 -36.33 4.18
N ALA BA 26 -81.53 -36.90 3.59
CA ALA BA 26 -80.44 -36.12 2.98
C ALA BA 26 -80.38 -36.38 1.47
N ASN BA 27 -80.08 -35.32 0.74
CA ASN BA 27 -79.90 -35.37 -0.72
C ASN BA 27 -78.51 -34.84 -1.09
N LYS BA 28 -78.02 -35.33 -2.20
CA LYS BA 28 -76.70 -34.95 -2.71
C LYS BA 28 -76.75 -34.49 -4.17
N ILE BA 29 -75.98 -33.46 -4.43
CA ILE BA 29 -75.80 -32.90 -5.79
C ILE BA 29 -74.31 -32.76 -6.09
N ASP BA 30 -73.93 -33.04 -7.32
CA ASP BA 30 -72.56 -32.85 -7.78
C ASP BA 30 -72.47 -31.53 -8.56
N SER BA 31 -71.46 -30.75 -8.23
CA SER BA 31 -71.17 -29.51 -8.97
C SER BA 31 -70.35 -29.79 -10.23
N GLY BA 32 -69.95 -28.71 -10.91
CA GLY BA 32 -69.20 -28.78 -12.17
C GLY BA 32 -67.81 -29.44 -12.01
N LYS BA 33 -67.22 -29.23 -10.84
CA LYS BA 33 -65.86 -29.72 -10.53
C LYS BA 33 -65.81 -31.18 -10.08
N LEU BA 34 -66.97 -31.82 -9.92
CA LEU BA 34 -67.11 -33.20 -9.40
C LEU BA 34 -67.20 -33.21 -7.85
N GLY BA 35 -67.17 -32.02 -7.22
CA GLY BA 35 -67.40 -31.86 -5.77
C GLY BA 35 -68.88 -32.00 -5.40
N TYR BA 36 -69.16 -32.41 -4.20
CA TYR BA 36 -70.52 -32.80 -3.76
C TYR BA 36 -71.05 -31.87 -2.70
N SER BA 37 -72.34 -31.64 -2.76
CA SER BA 37 -73.09 -30.86 -1.77
C SER BA 37 -74.16 -31.74 -1.16
N ILE BA 38 -74.25 -31.66 0.15
CA ILE BA 38 -75.28 -32.40 0.92
C ILE BA 38 -76.27 -31.41 1.53
N THR BA 39 -77.53 -31.77 1.46
CA THR BA 39 -78.64 -30.95 1.96
C THR BA 39 -79.64 -31.84 2.69
N VAL BA 40 -80.30 -31.28 3.67
CA VAL BA 40 -81.35 -31.98 4.45
C VAL BA 40 -82.60 -31.11 4.53
N ALA BA 41 -83.73 -31.74 4.82
CA ALA BA 41 -84.95 -30.98 5.11
C ALA BA 41 -84.67 -30.10 6.34
N GLU BA 42 -85.22 -28.88 6.34
CA GLU BA 42 -85.10 -27.97 7.49
C GLU BA 42 -85.49 -28.60 8.85
N PRO BA 43 -86.53 -29.46 8.93
CA PRO BA 43 -86.94 -30.14 10.18
C PRO BA 43 -85.90 -31.12 10.71
N ASP BA 44 -84.99 -31.57 9.86
CA ASP BA 44 -83.92 -32.50 10.25
C ASP BA 44 -82.54 -31.84 10.39
N PHE BA 45 -82.49 -30.52 10.22
CA PHE BA 45 -81.21 -29.79 10.21
C PHE BA 45 -80.43 -29.93 11.52
N THR BA 46 -81.12 -29.68 12.63
CA THR BA 46 -80.50 -29.72 13.97
C THR BA 46 -79.99 -31.13 14.31
N ALA BA 47 -80.83 -32.14 14.04
CA ALA BA 47 -80.44 -33.54 14.25
C ALA BA 47 -79.22 -33.87 13.38
N ALA BA 48 -79.27 -33.49 12.11
CA ALA BA 48 -78.22 -33.79 11.12
C ALA BA 48 -76.85 -33.23 11.52
N VAL BA 49 -76.86 -32.01 12.04
CA VAL BA 49 -75.64 -31.34 12.53
C VAL BA 49 -75.08 -32.04 13.78
N TYR BA 50 -75.99 -32.51 14.62
CA TYR BA 50 -75.63 -33.22 15.87
C TYR BA 50 -74.96 -34.54 15.56
N TRP BA 51 -75.57 -35.28 14.64
CA TRP BA 51 -75.01 -36.56 14.18
C TRP BA 51 -73.67 -36.33 13.49
N ILE BA 52 -73.56 -35.40 12.61
CA ILE BA 52 -72.28 -35.13 11.89
C ILE BA 52 -71.13 -34.74 12.85
N LYS BA 53 -71.47 -33.88 13.82
CA LYS BA 53 -70.51 -33.40 14.83
C LYS BA 53 -70.04 -34.54 15.75
N THR BA 54 -70.98 -35.39 16.12
CA THR BA 54 -70.71 -36.55 17.00
C THR BA 54 -69.78 -37.58 16.33
N TYR BA 55 -69.78 -37.59 14.99
CA TYR BA 55 -68.94 -38.52 14.22
C TYR BA 55 -67.74 -37.87 13.53
N GLN BA 56 -67.36 -36.67 14.00
CA GLN BA 56 -66.15 -35.94 13.53
C GLN BA 56 -66.27 -35.46 12.07
N LEU BA 57 -67.48 -35.17 11.64
CA LEU BA 57 -67.71 -34.66 10.28
C LEU BA 57 -68.17 -33.20 10.30
N PRO BA 58 -67.66 -32.40 9.35
CA PRO BA 58 -66.61 -32.79 8.38
C PRO BA 58 -65.23 -32.84 9.05
N PRO BA 59 -64.35 -33.76 8.61
CA PRO BA 59 -62.97 -33.88 9.09
C PRO BA 59 -62.24 -32.56 8.97
N ARG BA 60 -61.59 -32.20 10.06
CA ARG BA 60 -60.78 -30.98 10.17
C ARG BA 60 -59.45 -31.10 9.40
N PRO BA 61 -59.00 -29.99 8.84
CA PRO BA 61 -57.62 -29.86 8.34
C PRO BA 61 -56.69 -29.50 9.51
N ARG BA 62 -55.59 -30.21 9.60
CA ARG BA 62 -54.54 -29.95 10.59
C ARG BA 62 -53.28 -29.49 9.88
N VAL BA 63 -52.37 -28.86 10.62
CA VAL BA 63 -51.11 -28.33 10.07
C VAL BA 63 -50.43 -29.37 9.16
N GLU BA 64 -50.01 -28.89 8.01
CA GLU BA 64 -49.25 -29.72 7.07
C GLU BA 64 -47.79 -29.34 7.21
N ILE BA 65 -46.97 -30.33 7.43
CA ILE BA 65 -45.50 -30.16 7.58
C ILE BA 65 -44.93 -29.47 6.33
N ALA BA 66 -45.49 -29.69 5.18
CA ALA BA 66 -45.02 -29.07 3.92
C ALA BA 66 -45.27 -27.56 3.87
N GLN BA 67 -46.33 -27.12 4.52
CA GLN BA 67 -46.68 -25.69 4.64
C GLN BA 67 -45.81 -24.96 5.68
N MET BA 68 -44.52 -25.26 5.65
CA MET BA 68 -43.52 -24.66 6.56
C MET BA 68 -43.01 -23.28 6.13
N PHE BA 69 -43.41 -22.85 4.94
CA PHE BA 69 -43.00 -21.55 4.38
C PHE BA 69 -43.16 -20.36 5.38
N PRO BA 70 -44.27 -20.31 6.13
CA PRO BA 70 -44.49 -19.27 7.17
C PRO BA 70 -43.47 -19.27 8.31
N ALA BA 71 -42.79 -20.38 8.53
CA ALA BA 71 -41.92 -20.55 9.71
C ALA BA 71 -40.44 -20.29 9.42
N ASP BA 72 -40.00 -20.62 8.20
CA ASP BA 72 -38.59 -20.45 7.78
C ASP BA 72 -38.54 -20.39 6.25
N SER BA 73 -37.50 -19.74 5.75
CA SER BA 73 -37.38 -19.44 4.32
C SER BA 73 -36.46 -20.41 3.59
N LEU BA 74 -35.57 -21.07 4.33
CA LEU BA 74 -34.55 -22.01 3.82
C LEU BA 74 -34.08 -22.95 4.93
N VAL BA 75 -33.67 -24.14 4.53
CA VAL BA 75 -33.23 -25.19 5.46
C VAL BA 75 -31.89 -25.74 4.95
N SER BA 76 -30.86 -25.48 5.73
CA SER BA 76 -29.50 -25.93 5.40
C SER BA 76 -29.01 -27.01 6.37
N SER BA 77 -29.71 -27.14 7.50
CA SER BA 77 -29.32 -28.15 8.50
C SER BA 77 -30.49 -28.94 9.15
N PRO BA 78 -30.57 -28.94 10.60
CA PRO BA 78 -30.98 -30.14 11.27
C PRO BA 78 -32.46 -30.26 11.74
N ARG BA 79 -33.03 -29.26 12.39
CA ARG BA 79 -34.35 -29.42 13.05
C ARG BA 79 -35.50 -29.71 12.09
N ALA BA 80 -35.53 -28.94 11.00
CA ALA BA 80 -36.56 -29.10 9.96
C ALA BA 80 -36.40 -30.38 9.14
N GLU BA 81 -35.14 -30.73 8.88
CA GLU BA 81 -34.78 -31.95 8.14
C GLU BA 81 -35.21 -33.21 8.92
N LYS BA 82 -34.96 -33.17 10.22
CA LYS BA 82 -35.29 -34.27 11.14
C LYS BA 82 -36.81 -34.47 11.30
N ALA BA 83 -37.55 -33.35 11.24
CA ALA BA 83 -39.03 -33.37 11.28
C ALA BA 83 -39.61 -34.07 10.05
N ARG BA 84 -38.99 -33.80 8.90
CA ARG BA 84 -39.41 -34.40 7.62
C ARG BA 84 -39.04 -35.89 7.54
N LEU BA 85 -37.86 -36.23 8.06
CA LEU BA 85 -37.41 -37.63 8.17
C LEU BA 85 -38.33 -38.45 9.08
N TYR BA 86 -38.75 -37.82 10.16
CA TYR BA 86 -39.69 -38.41 11.14
C TYR BA 86 -41.09 -38.60 10.55
N SER BA 87 -41.51 -37.60 9.78
CA SER BA 87 -42.82 -37.63 9.10
C SER BA 87 -42.88 -38.74 8.03
N ALA BA 88 -41.77 -38.89 7.31
CA ALA BA 88 -41.61 -39.94 6.29
C ALA BA 88 -41.71 -41.34 6.92
N ILE BA 89 -41.12 -41.48 8.11
CA ILE BA 89 -41.15 -42.75 8.86
C ILE BA 89 -42.55 -43.06 9.39
N GLU BA 90 -43.20 -42.05 9.94
CA GLU BA 90 -44.59 -42.19 10.44
C GLU BA 90 -45.54 -42.64 9.32
N GLN BA 91 -45.34 -42.06 8.15
CA GLN BA 91 -46.12 -42.41 6.94
C GLN BA 91 -45.80 -43.82 6.43
N ARG BA 92 -44.54 -44.20 6.52
CA ARG BA 92 -44.09 -45.55 6.11
C ARG BA 92 -44.70 -46.64 7.02
N LEU BA 93 -44.78 -46.31 8.30
CA LEU BA 93 -45.39 -47.19 9.31
C LEU BA 93 -46.89 -47.34 9.16
N GLU BA 94 -47.54 -46.20 8.94
CA GLU BA 94 -48.97 -46.15 8.65
C GLU BA 94 -49.31 -46.93 7.37
N GLN BA 95 -48.44 -46.81 6.35
CA GLN BA 95 -48.64 -47.53 5.08
C GLN BA 95 -48.55 -49.05 5.29
N SER BA 96 -47.57 -49.46 6.10
CA SER BA 96 -47.33 -50.88 6.42
C SER BA 96 -48.48 -51.47 7.24
N LEU BA 97 -48.83 -50.81 8.34
CA LEU BA 97 -49.92 -51.28 9.22
C LEU BA 97 -51.28 -51.32 8.53
N GLN BA 98 -51.48 -50.40 7.60
CA GLN BA 98 -52.74 -50.31 6.82
C GLN BA 98 -53.01 -51.54 5.95
N THR BA 99 -51.98 -52.33 5.68
CA THR BA 99 -52.11 -53.56 4.87
C THR BA 99 -52.68 -54.73 5.68
N MET BA 100 -52.58 -54.66 7.01
CA MET BA 100 -53.18 -55.65 7.91
C MET BA 100 -54.71 -55.65 7.71
N GLU BA 101 -55.22 -56.83 7.38
CA GLU BA 101 -56.68 -57.02 7.17
C GLU BA 101 -57.45 -56.61 8.43
N GLY BA 102 -58.42 -55.71 8.23
CA GLY BA 102 -59.23 -55.19 9.35
C GLY BA 102 -58.96 -53.73 9.66
N VAL BA 103 -57.74 -53.26 9.39
CA VAL BA 103 -57.36 -51.85 9.59
C VAL BA 103 -58.05 -50.99 8.53
N LEU BA 104 -58.72 -49.97 9.01
CA LEU BA 104 -59.39 -48.98 8.14
C LEU BA 104 -58.79 -47.58 8.24
N SER BA 105 -57.98 -47.36 9.26
CA SER BA 105 -57.23 -46.10 9.49
C SER BA 105 -56.24 -46.29 10.63
N ALA BA 106 -55.20 -45.49 10.55
CA ALA BA 106 -54.04 -45.58 11.44
C ALA BA 106 -53.31 -44.23 11.52
N ARG BA 107 -52.89 -43.91 12.72
CA ARG BA 107 -52.06 -42.73 12.99
C ARG BA 107 -50.85 -43.13 13.83
N VAL BA 108 -49.70 -42.66 13.41
CA VAL BA 108 -48.43 -42.89 14.12
C VAL BA 108 -47.77 -41.52 14.41
N HIS BA 109 -47.44 -41.35 15.67
CA HIS BA 109 -46.67 -40.18 16.13
C HIS BA 109 -45.40 -40.69 16.82
N ILE BA 110 -44.28 -40.35 16.23
CA ILE BA 110 -42.97 -40.81 16.70
C ILE BA 110 -42.22 -39.69 17.44
N SER BA 111 -41.51 -40.11 18.48
CA SER BA 111 -40.56 -39.27 19.22
C SER BA 111 -39.15 -39.87 19.21
N TYR BA 112 -38.23 -39.12 18.66
CA TYR BA 112 -36.79 -39.47 18.54
C TYR BA 112 -35.99 -38.19 18.58
N ASP BA 113 -35.45 -37.89 19.70
CA ASP BA 113 -34.62 -36.67 19.83
C ASP BA 113 -33.24 -36.94 20.37
N ILE BA 114 -32.24 -36.33 19.88
CA ILE BA 114 -30.88 -36.45 20.43
C ILE BA 114 -30.52 -35.12 21.08
N ASP BA 115 -30.51 -35.04 22.37
CA ASP BA 115 -30.29 -33.79 23.11
C ASP BA 115 -28.94 -33.75 23.82
N ALA BA 116 -28.32 -32.68 23.96
CA ALA BA 116 -27.11 -32.41 24.77
C ALA BA 116 -27.47 -31.57 26.00
N GLY BA 117 -27.58 -32.24 27.13
CA GLY BA 117 -27.95 -31.63 28.43
C GLY BA 117 -26.90 -30.60 28.82
N GLU BA 118 -25.68 -30.88 28.69
CA GLU BA 118 -24.44 -30.11 29.02
C GLU BA 118 -23.20 -30.87 28.57
N ASN BA 119 -22.02 -30.33 28.79
CA ASN BA 119 -20.75 -30.99 28.47
C ASN BA 119 -20.65 -32.36 29.16
N GLY BA 120 -20.46 -33.37 28.29
CA GLY BA 120 -20.36 -34.78 28.71
C GLY BA 120 -21.67 -35.39 29.22
N ARG BA 121 -22.81 -34.93 28.68
CA ARG BA 121 -24.14 -35.45 29.05
C ARG BA 121 -25.11 -35.46 27.86
N PRO BA 122 -25.15 -36.57 27.12
CA PRO BA 122 -26.08 -36.79 26.00
C PRO BA 122 -27.29 -37.65 26.39
N PRO BA 123 -28.48 -37.10 26.29
CA PRO BA 123 -29.74 -37.88 26.35
C PRO BA 123 -30.35 -38.25 24.99
N LYS BA 124 -31.03 -39.38 24.99
CA LYS BA 124 -31.82 -39.92 23.85
C LYS BA 124 -33.27 -40.21 24.25
N PRO BA 125 -34.22 -39.47 23.78
CA PRO BA 125 -35.68 -39.73 23.90
C PRO BA 125 -36.23 -40.54 22.75
N VAL BA 126 -36.86 -41.59 23.17
CA VAL BA 126 -37.52 -42.53 22.26
C VAL BA 126 -38.94 -42.74 22.74
N HIS BA 127 -39.82 -42.98 21.78
CA HIS BA 127 -41.18 -43.50 22.01
C HIS BA 127 -42.01 -43.40 20.74
N LEU BA 128 -43.04 -44.20 20.67
CA LEU BA 128 -44.03 -44.15 19.58
C LEU BA 128 -45.46 -44.31 20.13
N SER BA 129 -46.37 -43.55 19.51
CA SER BA 129 -47.81 -43.66 19.77
C SER BA 129 -48.54 -44.09 18.49
N ALA BA 130 -49.29 -45.16 18.58
CA ALA BA 130 -50.01 -45.76 17.46
C ALA BA 130 -51.49 -45.97 17.78
N LEU BA 131 -52.31 -45.37 16.94
CA LEU BA 131 -53.76 -45.54 16.99
C LEU BA 131 -54.22 -46.22 15.69
N ALA BA 132 -54.87 -47.35 15.84
CA ALA BA 132 -55.45 -48.03 14.68
C ALA BA 132 -56.94 -48.27 14.87
N VAL BA 133 -57.68 -47.92 13.86
CA VAL BA 133 -59.13 -48.13 13.81
C VAL BA 133 -59.39 -49.38 12.99
N TYR BA 134 -60.15 -50.26 13.57
CA TYR BA 134 -60.49 -51.53 12.93
C TYR BA 134 -61.96 -51.52 12.48
N GLU BA 135 -62.21 -52.32 11.45
CA GLU BA 135 -63.57 -52.58 10.98
C GLU BA 135 -64.40 -53.14 12.12
N ARG BA 136 -65.62 -52.87 12.20
CA ARG BA 136 -66.58 -53.41 13.19
C ARG BA 136 -66.62 -54.96 13.30
N GLY BA 137 -66.28 -55.58 12.18
CA GLY BA 137 -66.38 -57.05 12.04
C GLY BA 137 -65.04 -57.77 12.21
N SER BA 138 -63.99 -57.06 12.63
CA SER BA 138 -62.68 -57.67 12.87
C SER BA 138 -62.10 -57.28 14.24
N PRO BA 139 -61.78 -58.29 15.05
CA PRO BA 139 -61.07 -58.09 16.33
C PRO BA 139 -59.55 -58.14 16.09
N LEU BA 140 -58.92 -56.99 16.27
CA LEU BA 140 -57.45 -56.89 16.09
C LEU BA 140 -56.68 -56.88 17.41
N ALA BA 141 -57.38 -57.20 18.50
CA ALA BA 141 -56.80 -57.21 19.85
C ALA BA 141 -55.64 -58.22 19.98
N HIS BA 142 -55.82 -59.38 19.35
CA HIS BA 142 -54.78 -60.43 19.29
C HIS BA 142 -53.53 -60.04 18.49
N GLN BA 143 -53.66 -59.00 17.67
CA GLN BA 143 -52.56 -58.52 16.81
C GLN BA 143 -51.77 -57.35 17.42
N ILE BA 144 -52.05 -57.01 18.66
CA ILE BA 144 -51.39 -55.85 19.33
C ILE BA 144 -49.88 -56.03 19.46
N SER BA 145 -49.49 -57.26 19.86
CA SER BA 145 -48.08 -57.62 20.06
C SER BA 145 -47.30 -57.61 18.74
N ASP BA 146 -47.97 -58.08 17.67
CA ASP BA 146 -47.38 -58.05 16.33
C ASP BA 146 -47.20 -56.63 15.80
N ILE BA 147 -48.21 -55.79 16.04
CA ILE BA 147 -48.15 -54.38 15.65
C ILE BA 147 -47.02 -53.65 16.42
N LYS BA 148 -46.91 -53.92 17.72
CA LYS BA 148 -45.83 -53.33 18.54
C LYS BA 148 -44.44 -53.71 18.04
N ARG BA 149 -44.29 -54.98 17.66
CA ARG BA 149 -42.99 -55.50 17.16
C ARG BA 149 -42.61 -54.89 15.81
N PHE BA 150 -43.61 -54.61 14.99
CA PHE BA 150 -43.42 -54.02 13.65
C PHE BA 150 -42.96 -52.58 13.76
N LEU BA 151 -43.59 -51.89 14.72
CA LEU BA 151 -43.25 -50.49 15.04
C LEU BA 151 -41.87 -50.38 15.68
N LYS BA 152 -41.59 -51.31 16.59
CA LYS BA 152 -40.29 -51.35 17.30
C LYS BA 152 -39.11 -51.43 16.33
N ASN BA 153 -39.24 -52.33 15.36
CA ASN BA 153 -38.13 -52.64 14.45
C ASN BA 153 -38.07 -51.78 13.19
N SER BA 154 -39.03 -50.88 13.06
CA SER BA 154 -39.03 -49.91 11.96
C SER BA 154 -38.23 -48.65 12.30
N PHE BA 155 -38.05 -48.42 13.60
CA PHE BA 155 -37.55 -47.15 14.11
C PHE BA 155 -36.34 -47.32 15.02
N ALA BA 156 -35.43 -46.36 14.91
CA ALA BA 156 -34.17 -46.34 15.66
C ALA BA 156 -34.38 -46.18 17.18
N ASP BA 157 -33.72 -47.09 17.90
CA ASP BA 157 -33.62 -47.08 19.35
C ASP BA 157 -35.00 -47.06 20.05
N VAL BA 158 -35.91 -47.98 19.69
CA VAL BA 158 -37.22 -48.09 20.35
C VAL BA 158 -37.29 -49.41 21.13
N ASP BA 159 -37.85 -49.29 22.33
CA ASP BA 159 -38.18 -50.46 23.14
C ASP BA 159 -39.70 -50.60 23.26
N TYR BA 160 -40.15 -51.84 23.46
CA TYR BA 160 -41.57 -52.19 23.56
C TYR BA 160 -42.35 -51.40 24.62
N ASP BA 161 -41.66 -51.16 25.76
CA ASP BA 161 -42.26 -50.45 26.89
C ASP BA 161 -42.61 -48.99 26.55
N ASN BA 162 -41.97 -48.46 25.52
CA ASN BA 162 -42.18 -47.07 25.05
C ASN BA 162 -43.00 -47.03 23.77
N ILE BA 163 -43.82 -48.00 23.55
CA ILE BA 163 -44.76 -48.01 22.41
C ILE BA 163 -46.17 -48.18 22.97
N SER BA 164 -47.03 -47.25 22.59
CA SER BA 164 -48.47 -47.37 22.89
C SER BA 164 -49.23 -47.71 21.62
N VAL BA 165 -49.94 -48.82 21.67
CA VAL BA 165 -50.81 -49.26 20.57
C VAL BA 165 -52.25 -49.35 21.10
N VAL BA 166 -53.08 -48.47 20.57
CA VAL BA 166 -54.50 -48.41 20.91
C VAL BA 166 -55.31 -48.77 19.67
N LEU BA 167 -56.19 -49.75 19.85
CA LEU BA 167 -57.11 -50.19 18.79
C LEU BA 167 -58.54 -49.87 19.17
N SER BA 168 -59.21 -49.16 18.28
CA SER BA 168 -60.63 -48.77 18.47
C SER BA 168 -61.48 -49.12 17.25
N GLU BA 169 -62.63 -49.74 17.51
CA GLU BA 169 -63.60 -50.13 16.47
C GLU BA 169 -64.20 -48.85 15.98
N ARG BA 170 -64.38 -48.79 14.67
CA ARG BA 170 -65.15 -47.68 14.09
C ARG BA 170 -66.57 -47.56 14.70
N LYS CA 1 -74.44 -43.84 -7.46
CA LYS CA 1 -73.53 -42.94 -6.74
C LYS CA 1 -72.06 -43.26 -7.05
N ASP CA 2 -71.30 -42.21 -7.34
CA ASP CA 2 -69.86 -42.36 -7.60
C ASP CA 2 -69.13 -42.73 -6.31
N LEU CA 3 -68.24 -43.69 -6.46
CA LEU CA 3 -67.26 -44.03 -5.41
C LEU CA 3 -65.97 -43.22 -5.57
N LEU CA 4 -65.17 -43.60 -6.56
CA LEU CA 4 -63.91 -42.92 -6.90
C LEU CA 4 -63.70 -42.85 -8.41
N LYS CA 5 -63.04 -41.79 -8.80
CA LYS CA 5 -62.60 -41.55 -10.19
C LYS CA 5 -61.05 -41.53 -10.22
N GLY CA 6 -60.52 -41.62 -11.46
CA GLY CA 6 -59.08 -41.53 -11.74
C GLY CA 6 -58.27 -42.66 -11.10
N LEU CA 7 -58.91 -43.84 -11.02
CA LEU CA 7 -58.26 -45.05 -10.50
C LEU CA 7 -57.42 -45.70 -11.60
N ASP CA 8 -56.31 -46.29 -11.18
CA ASP CA 8 -55.52 -47.18 -12.06
C ASP CA 8 -56.38 -48.44 -12.32
N GLN CA 9 -56.08 -49.15 -13.42
CA GLN CA 9 -56.73 -50.42 -13.75
C GLN CA 9 -56.64 -51.46 -12.62
N GLU CA 10 -55.49 -51.52 -11.94
CA GLU CA 10 -55.28 -52.50 -10.86
C GLU CA 10 -56.12 -52.16 -9.60
N GLN CA 11 -56.10 -50.88 -9.23
CA GLN CA 11 -56.84 -50.41 -8.05
C GLN CA 11 -58.35 -50.54 -8.28
N ALA CA 12 -58.78 -50.19 -9.48
CA ALA CA 12 -60.19 -50.32 -9.89
C ALA CA 12 -60.63 -51.78 -9.96
N ASN CA 13 -59.76 -52.65 -10.50
CA ASN CA 13 -60.07 -54.09 -10.58
C ASN CA 13 -60.16 -54.79 -9.22
N GLU CA 14 -59.26 -54.40 -8.32
CA GLU CA 14 -59.25 -54.98 -6.97
C GLU CA 14 -60.47 -54.55 -6.14
N VAL CA 15 -60.82 -53.27 -6.25
CA VAL CA 15 -62.02 -52.72 -5.60
C VAL CA 15 -63.32 -53.27 -6.20
N ILE CA 16 -63.35 -53.41 -7.52
CA ILE CA 16 -64.56 -53.93 -8.20
C ILE CA 16 -64.81 -55.39 -7.81
N ALA CA 17 -63.73 -56.17 -7.77
CA ALA CA 17 -63.78 -57.60 -7.47
C ALA CA 17 -64.17 -57.83 -6.00
N VAL CA 18 -63.61 -57.01 -5.11
CA VAL CA 18 -63.95 -57.04 -3.68
C VAL CA 18 -65.44 -56.71 -3.47
N LEU CA 19 -65.94 -55.72 -4.16
CA LEU CA 19 -67.36 -55.33 -4.01
C LEU CA 19 -68.32 -56.36 -4.59
N GLN CA 20 -67.96 -56.90 -5.74
CA GLN CA 20 -68.75 -57.95 -6.41
C GLN CA 20 -68.82 -59.24 -5.59
N MET CA 21 -67.70 -59.57 -4.95
CA MET CA 21 -67.62 -60.76 -4.08
C MET CA 21 -68.45 -60.63 -2.79
N HIS CA 22 -68.78 -59.38 -2.44
CA HIS CA 22 -69.62 -59.08 -1.27
C HIS CA 22 -71.05 -58.67 -1.66
N ASN CA 23 -71.47 -59.11 -2.85
CA ASN CA 23 -72.85 -58.87 -3.35
C ASN CA 23 -73.19 -57.37 -3.46
N ILE CA 24 -72.21 -56.58 -3.87
CA ILE CA 24 -72.46 -55.14 -4.10
C ILE CA 24 -72.46 -54.92 -5.62
N GLU CA 25 -73.54 -54.32 -6.07
CA GLU CA 25 -73.72 -53.97 -7.49
C GLU CA 25 -72.88 -52.73 -7.82
N ALA CA 26 -71.71 -52.99 -8.39
CA ALA CA 26 -70.78 -51.93 -8.79
C ALA CA 26 -70.57 -51.97 -10.31
N ASN CA 27 -70.44 -50.78 -10.87
CA ASN CA 27 -70.17 -50.60 -12.30
C ASN CA 27 -68.92 -49.75 -12.49
N LYS CA 28 -68.24 -49.97 -13.60
CA LYS CA 28 -67.02 -49.26 -13.93
C LYS CA 28 -67.06 -48.62 -15.32
N ILE CA 29 -66.52 -47.43 -15.39
CA ILE CA 29 -66.38 -46.66 -16.65
C ILE CA 29 -64.94 -46.19 -16.79
N ASP CA 30 -64.44 -46.22 -18.00
CA ASP CA 30 -63.10 -45.68 -18.31
C ASP CA 30 -63.25 -44.28 -18.91
N SER CA 31 -62.45 -43.36 -18.40
CA SER CA 31 -62.39 -41.99 -18.96
C SER CA 31 -61.45 -41.93 -20.17
N GLY CA 32 -61.25 -40.70 -20.67
CA GLY CA 32 -60.42 -40.44 -21.85
C GLY CA 32 -58.94 -40.82 -21.65
N LYS CA 33 -58.49 -40.66 -20.40
CA LYS CA 33 -57.08 -40.89 -20.03
C LYS CA 33 -56.74 -42.36 -19.75
N LEU CA 34 -57.74 -43.25 -19.79
CA LEU CA 34 -57.62 -44.67 -19.45
C LEU CA 34 -57.80 -44.91 -17.93
N GLY CA 35 -58.07 -43.84 -17.16
CA GLY CA 35 -58.42 -43.93 -15.73
C GLY CA 35 -59.85 -44.41 -15.51
N TYR CA 36 -60.12 -45.04 -14.40
CA TYR CA 36 -61.39 -45.76 -14.14
C TYR CA 36 -62.18 -45.11 -13.03
N SER CA 37 -63.47 -45.14 -13.19
CA SER CA 37 -64.43 -44.68 -12.17
C SER CA 37 -65.34 -45.84 -11.78
N ILE CA 38 -65.53 -45.96 -10.48
CA ILE CA 38 -66.41 -46.99 -9.90
C ILE CA 38 -67.63 -46.32 -9.28
N THR CA 39 -68.78 -46.92 -9.51
CA THR CA 39 -70.07 -46.42 -9.01
C THR CA 39 -70.90 -47.59 -8.49
N VAL CA 40 -71.73 -47.31 -7.52
CA VAL CA 40 -72.65 -48.31 -6.93
C VAL CA 40 -74.06 -47.74 -6.85
N ALA CA 41 -75.05 -48.62 -6.76
CA ALA CA 41 -76.42 -48.18 -6.49
C ALA CA 41 -76.42 -47.43 -5.14
N GLU CA 42 -77.21 -46.37 -5.05
CA GLU CA 42 -77.37 -45.61 -3.78
C GLU CA 42 -77.70 -46.49 -2.55
N PRO CA 43 -78.53 -47.54 -2.67
CA PRO CA 43 -78.87 -48.45 -1.56
C PRO CA 43 -77.68 -49.27 -1.05
N ASP CA 44 -76.63 -49.40 -1.88
CA ASP CA 44 -75.42 -50.13 -1.49
C ASP CA 44 -74.23 -49.24 -1.15
N PHE CA 45 -74.45 -47.91 -1.15
CA PHE CA 45 -73.35 -46.95 -0.97
C PHE CA 45 -72.65 -47.09 0.39
N THR CA 46 -73.45 -47.15 1.45
CA THR CA 46 -72.93 -47.25 2.84
C THR CA 46 -72.15 -48.55 3.04
N ALA CA 47 -72.73 -49.66 2.58
CA ALA CA 47 -72.06 -50.97 2.65
C ALA CA 47 -70.74 -50.92 1.88
N ALA CA 48 -70.79 -50.39 0.66
CA ALA CA 48 -69.65 -50.33 -0.27
C ALA CA 48 -68.46 -49.57 0.33
N VAL CA 49 -68.77 -48.45 0.98
CA VAL CA 49 -67.74 -47.62 1.66
C VAL CA 49 -67.14 -48.36 2.87
N TYR CA 50 -67.97 -49.12 3.56
CA TYR CA 50 -67.55 -49.89 4.74
C TYR CA 50 -66.59 -51.00 4.34
N TRP CA 51 -66.97 -51.71 3.28
CA TRP CA 51 -66.11 -52.78 2.72
C TRP CA 51 -64.81 -52.17 2.20
N ILE CA 52 -64.84 -51.14 1.45
CA ILE CA 52 -63.62 -50.51 0.89
C ILE CA 52 -62.64 -50.04 2.00
N LYS CA 53 -63.22 -49.41 3.02
CA LYS CA 53 -62.45 -48.88 4.17
C LYS CA 53 -61.81 -50.01 4.98
N THR CA 54 -62.57 -51.07 5.16
CA THR CA 54 -62.11 -52.27 5.91
C THR CA 54 -60.93 -52.98 5.22
N TYR CA 55 -60.84 -52.81 3.89
CA TYR CA 55 -59.78 -53.44 3.09
C TYR CA 55 -58.71 -52.46 2.61
N GLN CA 56 -58.62 -51.29 3.25
CA GLN CA 56 -57.57 -50.27 2.98
C GLN CA 56 -57.70 -49.62 1.58
N LEU CA 57 -58.91 -49.54 1.08
CA LEU CA 57 -59.16 -48.90 -0.23
C LEU CA 57 -59.93 -47.58 -0.08
N PRO CA 58 -59.53 -46.58 -0.86
CA PRO CA 58 -58.37 -46.61 -1.78
C PRO CA 58 -57.05 -46.46 -0.98
N PRO CA 59 -55.97 -47.10 -1.46
CA PRO CA 59 -54.63 -47.01 -0.87
C PRO CA 59 -54.19 -45.55 -0.77
N ARG CA 60 -53.71 -45.24 0.42
CA ARG CA 60 -53.20 -43.89 0.74
C ARG CA 60 -51.83 -43.63 0.10
N PRO CA 61 -51.59 -42.39 -0.29
CA PRO CA 61 -50.23 -41.91 -0.63
C PRO CA 61 -49.49 -41.53 0.64
N ARG CA 62 -48.27 -42.00 0.75
CA ARG CA 62 -47.36 -41.67 1.86
C ARG CA 62 -46.19 -40.86 1.32
N VAL CA 63 -45.50 -40.17 2.22
CA VAL CA 63 -44.34 -39.33 1.86
C VAL CA 63 -43.39 -40.07 0.89
N GLU CA 64 -43.01 -39.36 -0.15
CA GLU CA 64 -42.04 -39.89 -1.11
C GLU CA 64 -40.70 -39.23 -0.79
N ILE CA 65 -39.70 -40.06 -0.61
CA ILE CA 65 -38.31 -39.62 -0.31
C ILE CA 65 -37.83 -38.65 -1.41
N ALA CA 66 -38.25 -38.82 -2.63
CA ALA CA 66 -37.84 -37.96 -3.76
C ALA CA 66 -38.40 -36.54 -3.65
N GLN CA 67 -39.58 -36.42 -3.05
CA GLN CA 67 -40.25 -35.12 -2.78
C GLN CA 67 -39.62 -34.37 -1.60
N MET CA 68 -38.30 -34.39 -1.53
CA MET CA 68 -37.51 -33.73 -0.48
C MET CA 68 -37.28 -32.24 -0.69
N PHE CA 69 -37.70 -31.73 -1.86
CA PHE CA 69 -37.53 -30.30 -2.21
C PHE CA 69 -38.01 -29.34 -1.10
N PRO CA 70 -39.16 -29.61 -0.45
CA PRO CA 70 -39.67 -28.80 0.68
C PRO CA 70 -38.74 -28.73 1.90
N ALA CA 71 -37.84 -29.70 2.05
CA ALA CA 71 -37.04 -29.86 3.27
C ALA CA 71 -35.63 -29.25 3.15
N ASP CA 72 -35.05 -29.31 1.95
CA ASP CA 72 -33.69 -28.81 1.68
C ASP CA 72 -33.55 -28.52 0.19
N SER CA 73 -32.65 -27.61 -0.13
CA SER CA 73 -32.51 -27.10 -1.49
C SER CA 73 -31.35 -27.75 -2.25
N LEU CA 74 -30.39 -28.32 -1.52
CA LEU CA 74 -29.17 -28.94 -2.05
C LEU CA 74 -28.57 -29.90 -1.01
N VAL CA 75 -27.90 -30.93 -1.52
CA VAL CA 75 -27.30 -31.98 -0.68
C VAL CA 75 -25.84 -32.17 -1.12
N SER CA 76 -24.94 -31.80 -0.23
CA SER CA 76 -23.50 -31.92 -0.48
C SER CA 76 -22.84 -33.00 0.40
N SER CA 77 -23.58 -33.42 1.43
CA SER CA 77 -23.04 -34.46 2.34
C SER CA 77 -24.05 -35.55 2.78
N PRO CA 78 -24.23 -35.77 4.20
CA PRO CA 78 -24.42 -37.11 4.67
C PRO CA 78 -25.86 -37.59 4.98
N ARG CA 79 -26.68 -36.83 5.70
CA ARG CA 79 -27.97 -37.34 6.22
C ARG CA 79 -28.96 -37.74 5.12
N ALA CA 80 -29.10 -36.84 4.13
CA ALA CA 80 -30.00 -37.05 2.99
C ALA CA 80 -29.51 -38.17 2.04
N GLU CA 81 -28.18 -38.21 1.86
CA GLU CA 81 -27.52 -39.22 1.01
C GLU CA 81 -27.71 -40.63 1.60
N LYS CA 82 -27.57 -40.72 2.92
CA LYS CA 82 -27.71 -41.98 3.67
C LYS CA 82 -29.16 -42.49 3.65
N ALA CA 83 -30.12 -41.56 3.67
CA ALA CA 83 -31.55 -41.89 3.57
C ALA CA 83 -31.89 -42.52 2.21
N ARG CA 84 -31.29 -41.98 1.15
CA ARG CA 84 -31.47 -42.48 -0.23
C ARG CA 84 -30.78 -43.83 -0.45
N LEU CA 85 -29.60 -43.99 0.15
CA LEU CA 85 -28.86 -45.27 0.12
C LEU CA 85 -29.64 -46.37 0.84
N TYR CA 86 -30.26 -45.99 1.96
CA TYR CA 86 -31.10 -46.89 2.75
C TYR CA 86 -32.38 -47.29 2.02
N SER CA 87 -32.96 -46.31 1.33
CA SER CA 87 -34.19 -46.50 0.54
C SER CA 87 -33.94 -47.45 -0.64
N ALA CA 88 -32.78 -47.26 -1.28
CA ALA CA 88 -32.33 -48.12 -2.40
C ALA CA 88 -32.18 -49.57 -1.95
N ILE CA 89 -31.64 -49.75 -0.74
CA ILE CA 89 -31.44 -51.09 -0.14
C ILE CA 89 -32.79 -51.75 0.20
N GLU CA 90 -33.66 -50.98 0.82
CA GLU CA 90 -35.02 -51.46 1.16
C GLU CA 90 -35.78 -51.95 -0.08
N GLN CA 91 -35.64 -51.19 -1.16
CA GLN CA 91 -36.24 -51.52 -2.47
C GLN CA 91 -35.59 -52.75 -3.11
N ARG CA 92 -34.28 -52.87 -2.95
CA ARG CA 92 -33.53 -54.04 -3.47
C ARG CA 92 -33.94 -55.34 -2.76
N LEU CA 93 -34.18 -55.21 -1.46
CA LEU CA 93 -34.66 -56.33 -0.62
C LEU CA 93 -36.07 -56.76 -0.93
N GLU CA 94 -36.93 -55.75 -1.07
CA GLU CA 94 -38.32 -55.96 -1.49
C GLU CA 94 -38.39 -56.61 -2.87
N GLN CA 95 -37.51 -56.18 -3.78
CA GLN CA 95 -37.47 -56.74 -5.14
C GLN CA 95 -37.06 -58.23 -5.12
N SER CA 96 -36.07 -58.53 -4.27
CA SER CA 96 -35.56 -59.91 -4.11
C SER CA 96 -36.59 -60.83 -3.47
N LEU CA 97 -37.15 -60.40 -2.33
CA LEU CA 97 -38.17 -61.20 -1.62
C LEU CA 97 -39.45 -61.43 -2.43
N GLN CA 98 -39.79 -60.46 -3.26
CA GLN CA 98 -40.98 -60.52 -4.13
C GLN CA 98 -40.92 -61.64 -5.18
N THR CA 99 -39.72 -62.15 -5.44
CA THR CA 99 -39.54 -63.27 -6.39
C THR CA 99 -39.89 -64.64 -5.78
N MET CA 100 -39.90 -64.73 -4.45
CA MET CA 100 -40.32 -65.94 -3.74
C MET CA 100 -41.79 -66.22 -4.08
N GLU CA 101 -42.03 -67.42 -4.59
CA GLU CA 101 -43.39 -67.87 -4.95
C GLU CA 101 -44.31 -67.81 -3.73
N GLY CA 102 -45.44 -67.11 -3.92
CA GLY CA 102 -46.41 -66.94 -2.82
C GLY CA 102 -46.47 -65.50 -2.30
N VAL CA 103 -45.38 -64.76 -2.41
CA VAL CA 103 -45.32 -63.34 -2.01
C VAL CA 103 -46.11 -62.50 -3.03
N LEU CA 104 -47.03 -61.72 -2.48
CA LEU CA 104 -47.83 -60.78 -3.29
C LEU CA 104 -47.55 -59.30 -2.97
N SER CA 105 -46.87 -59.07 -1.85
CA SER CA 105 -46.43 -57.73 -1.42
C SER CA 105 -45.50 -57.86 -0.22
N ALA CA 106 -44.65 -56.87 -0.10
CA ALA CA 106 -43.56 -56.83 0.88
C ALA CA 106 -43.14 -55.39 1.17
N ARG CA 107 -42.89 -55.15 2.44
CA ARG CA 107 -42.35 -53.87 2.94
C ARG CA 107 -41.13 -54.13 3.83
N VAL CA 108 -40.09 -53.38 3.56
CA VAL CA 108 -38.85 -53.43 4.37
C VAL CA 108 -38.52 -52.02 4.87
N HIS CA 109 -38.31 -51.95 6.17
CA HIS CA 109 -37.84 -50.74 6.84
C HIS CA 109 -36.54 -51.05 7.58
N ILE CA 110 -35.49 -50.41 7.13
CA ILE CA 110 -34.14 -50.65 7.67
C ILE CA 110 -33.71 -49.51 8.60
N SER CA 111 -32.98 -49.92 9.64
CA SER CA 111 -32.29 -49.01 10.57
C SER CA 111 -30.78 -49.31 10.61
N TYR CA 112 -30.01 -48.31 10.25
CA TYR CA 112 -28.53 -48.34 10.21
C TYR CA 112 -28.03 -46.93 10.47
N ASP CA 113 -27.64 -46.68 11.68
CA ASP CA 113 -27.11 -45.35 12.02
C ASP CA 113 -25.74 -45.41 12.65
N ILE CA 114 -24.86 -44.54 12.34
CA ILE CA 114 -23.55 -44.45 13.00
C ILE CA 114 -23.52 -43.17 13.83
N ASP CA 115 -23.61 -43.28 15.11
CA ASP CA 115 -23.72 -42.11 16.01
C ASP CA 115 -22.47 -41.90 16.83
N ALA CA 116 -22.10 -40.75 17.16
CA ALA CA 116 -21.03 -40.36 18.11
C ALA CA 116 -21.64 -39.78 19.40
N GLY CA 117 -21.67 -40.61 20.42
CA GLY CA 117 -22.26 -40.27 21.75
C GLY CA 117 -21.48 -39.10 22.35
N GLU CA 118 -20.22 -39.12 22.30
CA GLU CA 118 -19.19 -38.16 22.83
C GLU CA 118 -17.80 -38.58 22.41
N ASN CA 119 -16.78 -37.84 22.80
CA ASN CA 119 -15.37 -38.18 22.52
C ASN CA 119 -15.03 -39.58 23.04
N GLY CA 120 -14.57 -40.41 22.09
CA GLY CA 120 -14.19 -41.81 22.34
C GLY CA 120 -15.38 -42.74 22.66
N ARG CA 121 -16.55 -42.45 22.08
CA ARG CA 121 -17.76 -43.27 22.25
C ARG CA 121 -18.63 -43.32 20.98
N PRO CA 122 -18.37 -44.31 20.11
CA PRO CA 122 -19.16 -44.55 18.90
C PRO CA 122 -20.18 -45.69 19.08
N PRO CA 123 -21.46 -45.39 18.93
CA PRO CA 123 -22.50 -46.42 18.77
C PRO CA 123 -22.93 -46.71 17.33
N LYS CA 124 -23.36 -47.94 17.12
CA LYS CA 124 -23.93 -48.47 15.88
C LYS CA 124 -25.31 -49.12 16.10
N PRO CA 125 -26.37 -48.53 15.63
CA PRO CA 125 -27.74 -49.09 15.59
C PRO CA 125 -28.03 -49.84 14.29
N VAL CA 126 -28.44 -51.04 14.53
CA VAL CA 126 -28.81 -51.96 13.46
C VAL CA 126 -30.19 -52.52 13.79
N HIS CA 127 -30.94 -52.80 12.72
CA HIS CA 127 -32.17 -53.62 12.76
C HIS CA 127 -32.92 -53.52 11.43
N LEU CA 128 -33.75 -54.50 11.17
CA LEU CA 128 -34.64 -54.50 10.02
C LEU CA 128 -36.03 -55.02 10.40
N SER CA 129 -37.04 -54.39 9.81
CA SER CA 129 -38.45 -54.83 9.90
C SER CA 129 -38.98 -55.21 8.52
N ALA CA 130 -39.49 -56.42 8.43
CA ALA CA 130 -39.99 -57.01 7.16
C ALA CA 130 -41.40 -57.55 7.33
N LEU CA 131 -42.27 -57.02 6.50
CA LEU CA 131 -43.66 -57.49 6.39
C LEU CA 131 -43.86 -58.06 4.99
N ALA CA 132 -44.27 -59.32 4.94
CA ALA CA 132 -44.62 -59.94 3.66
C ALA CA 132 -46.04 -60.50 3.68
N VAL CA 133 -46.76 -60.17 2.65
CA VAL CA 133 -48.13 -60.68 2.44
C VAL CA 133 -48.06 -61.83 1.45
N TYR CA 134 -48.64 -62.92 1.86
CA TYR CA 134 -48.66 -64.13 1.04
C TYR CA 134 -50.05 -64.35 0.46
N GLU CA 135 -50.06 -65.04 -0.67
CA GLU CA 135 -51.31 -65.51 -1.29
C GLU CA 135 -52.06 -66.39 -0.31
N ARG CA 136 -53.32 -66.39 -0.32
CA ARG CA 136 -54.21 -67.23 0.51
C ARG CA 136 -53.91 -68.76 0.44
N GLY CA 137 -53.37 -69.13 -0.73
CA GLY CA 137 -53.15 -70.56 -1.04
C GLY CA 137 -51.69 -71.02 -0.84
N SER CA 138 -50.85 -70.16 -0.24
CA SER CA 138 -49.45 -70.51 0.04
C SER CA 138 -49.08 -70.22 1.49
N PRO CA 139 -48.60 -71.23 2.21
CA PRO CA 139 -48.03 -71.07 3.56
C PRO CA 139 -46.52 -70.77 3.46
N LEU CA 140 -46.16 -69.55 3.83
CA LEU CA 140 -44.75 -69.13 3.81
C LEU CA 140 -44.08 -69.14 5.18
N ALA CA 141 -44.76 -69.74 6.16
CA ALA CA 141 -44.28 -69.82 7.54
C ALA CA 141 -42.95 -70.57 7.65
N HIS CA 142 -42.84 -71.65 6.88
CA HIS CA 142 -41.59 -72.44 6.80
C HIS CA 142 -40.40 -71.70 6.17
N GLN CA 143 -40.70 -70.61 5.47
CA GLN CA 143 -39.67 -69.81 4.77
C GLN CA 143 -39.20 -68.60 5.59
N ILE CA 144 -39.62 -68.48 6.83
CA ILE CA 144 -39.28 -67.31 7.69
C ILE CA 144 -37.76 -67.20 7.93
N SER CA 145 -37.15 -68.36 8.22
CA SER CA 145 -35.72 -68.45 8.51
C SER CA 145 -34.88 -68.10 7.27
N ASP CA 146 -35.35 -68.54 6.10
CA ASP CA 146 -34.70 -68.22 4.83
C ASP CA 146 -34.79 -66.74 4.50
N ILE CA 147 -35.98 -66.16 4.75
CA ILE CA 147 -36.20 -64.72 4.53
C ILE CA 147 -35.30 -63.89 5.48
N LYS CA 148 -35.23 -64.31 6.74
CA LYS CA 148 -34.35 -63.61 7.72
C LYS CA 148 -32.88 -63.64 7.30
N ARG CA 149 -32.44 -64.78 6.79
CA ARG CA 149 -31.03 -64.96 6.36
C ARG CA 149 -30.70 -64.10 5.13
N PHE CA 150 -31.68 -63.92 4.27
CA PHE CA 150 -31.53 -63.13 3.03
C PHE CA 150 -31.41 -61.65 3.36
N LEU CA 151 -32.23 -61.25 4.33
CA LEU CA 151 -32.22 -59.86 4.84
C LEU CA 151 -30.95 -59.55 5.62
N LYS CA 152 -30.52 -60.53 6.42
CA LYS CA 152 -29.31 -60.41 7.24
C LYS CA 152 -28.06 -60.10 6.39
N ASN CA 153 -27.93 -60.87 5.31
CA ASN CA 153 -26.72 -60.82 4.47
C ASN CA 153 -26.77 -59.80 3.33
N SER CA 154 -27.90 -59.11 3.23
CA SER CA 154 -28.03 -58.02 2.26
C SER CA 154 -27.56 -56.68 2.82
N PHE CA 155 -27.51 -56.60 4.14
CA PHE CA 155 -27.33 -55.33 4.84
C PHE CA 155 -26.16 -55.38 5.83
N ALA CA 156 -25.48 -54.24 5.92
CA ALA CA 156 -24.31 -54.06 6.79
C ALA CA 156 -24.65 -54.17 8.28
N ASP CA 157 -23.85 -55.00 8.95
CA ASP CA 157 -23.86 -55.18 10.40
C ASP CA 157 -25.25 -55.53 10.96
N VAL CA 158 -25.90 -56.56 10.42
CA VAL CA 158 -27.21 -57.02 10.93
C VAL CA 158 -27.05 -58.43 11.54
N ASP CA 159 -27.68 -58.59 12.69
CA ASP CA 159 -27.81 -59.91 13.32
C ASP CA 159 -29.27 -60.37 13.27
N TYR CA 160 -29.45 -61.69 13.29
CA TYR CA 160 -30.78 -62.33 13.22
C TYR CA 160 -31.76 -61.87 14.29
N ASP CA 161 -31.22 -61.65 15.50
CA ASP CA 161 -32.03 -61.24 16.66
C ASP CA 161 -32.66 -59.84 16.47
N ASN CA 162 -32.10 -59.08 15.57
CA ASN CA 162 -32.57 -57.70 15.25
C ASN CA 162 -33.28 -57.65 13.91
N ILE CA 163 -33.87 -58.72 13.50
CA ILE CA 163 -34.71 -58.77 12.28
C ILE CA 163 -36.08 -59.31 12.68
N SER CA 164 -37.09 -58.54 12.35
CA SER CA 164 -38.49 -58.98 12.50
C SER CA 164 -39.07 -59.30 11.13
N VAL CA 165 -39.52 -60.53 10.97
CA VAL CA 165 -40.22 -60.99 9.75
C VAL CA 165 -41.63 -61.42 10.15
N VAL CA 166 -42.58 -60.68 9.64
CA VAL CA 166 -44.02 -60.96 9.87
C VAL CA 166 -44.65 -61.31 8.51
N LEU CA 167 -45.31 -62.46 8.49
CA LEU CA 167 -46.03 -62.93 7.30
C LEU CA 167 -47.53 -62.97 7.58
N SER CA 168 -48.28 -62.30 6.73
CA SER CA 168 -49.75 -62.23 6.84
C SER CA 168 -50.42 -62.58 5.51
N GLU CA 169 -51.43 -63.46 5.60
CA GLU CA 169 -52.22 -63.89 4.43
C GLU CA 169 -53.05 -62.70 4.04
N ARG CA 170 -53.16 -62.51 2.74
CA ARG CA 170 -54.11 -61.51 2.23
C ARG CA 170 -55.55 -61.78 2.71
N LYS DA 1 -85.43 -8.31 12.50
CA LYS DA 1 -84.11 -7.74 12.84
C LYS DA 1 -82.98 -8.73 12.49
N ASP DA 2 -81.95 -8.19 11.84
CA ASP DA 2 -80.77 -9.00 11.48
C ASP DA 2 -79.99 -9.35 12.76
N LEU DA 3 -79.58 -10.61 12.80
CA LEU DA 3 -78.63 -11.10 13.80
C LEU DA 3 -77.19 -10.97 13.29
N LEU DA 4 -76.82 -11.87 12.38
CA LEU DA 4 -75.50 -11.88 11.74
C LEU DA 4 -75.58 -12.23 10.25
N LYS DA 5 -74.67 -11.66 9.52
CA LYS DA 5 -74.45 -11.94 8.08
C LYS DA 5 -73.07 -12.59 7.89
N GLY DA 6 -72.88 -13.16 6.69
CA GLY DA 6 -71.61 -13.75 6.25
C GLY DA 6 -71.19 -14.95 7.10
N LEU DA 7 -72.19 -15.70 7.57
CA LEU DA 7 -71.97 -16.92 8.33
C LEU DA 7 -71.69 -18.10 7.39
N ASP DA 8 -70.85 -19.00 7.85
CA ASP DA 8 -70.67 -20.31 7.17
C ASP DA 8 -71.97 -21.09 7.37
N GLN DA 9 -72.20 -22.08 6.49
CA GLN DA 9 -73.35 -22.99 6.59
C GLN DA 9 -73.44 -23.70 7.96
N GLU DA 10 -72.29 -24.11 8.51
CA GLU DA 10 -72.26 -24.82 9.80
C GLU DA 10 -72.62 -23.91 10.97
N GLN DA 11 -72.03 -22.71 10.98
CA GLN DA 11 -72.26 -21.72 12.04
C GLN DA 11 -73.72 -21.24 12.01
N ALA DA 12 -74.22 -21.01 10.81
CA ALA DA 12 -75.62 -20.61 10.59
C ALA DA 12 -76.60 -21.72 10.97
N ASN DA 13 -76.27 -22.97 10.62
CA ASN DA 13 -77.12 -24.12 10.97
C ASN DA 13 -77.18 -24.40 12.48
N GLU DA 14 -76.03 -24.25 13.14
CA GLU DA 14 -75.98 -24.48 14.59
C GLU DA 14 -76.74 -23.40 15.39
N VAL DA 15 -76.58 -22.15 14.96
CA VAL DA 15 -77.31 -21.02 15.54
C VAL DA 15 -78.83 -21.08 15.25
N ILE DA 16 -79.16 -21.46 14.03
CA ILE DA 16 -80.59 -21.55 13.65
C ILE DA 16 -81.31 -22.64 14.45
N ALA DA 17 -80.62 -23.78 14.60
CA ALA DA 17 -81.16 -24.96 15.29
C ALA DA 17 -81.30 -24.68 16.80
N VAL DA 18 -80.30 -24.00 17.37
CA VAL DA 18 -80.31 -23.58 18.77
C VAL DA 18 -81.49 -22.61 19.04
N LEU DA 19 -81.70 -21.66 18.13
CA LEU DA 19 -82.79 -20.69 18.32
C LEU DA 19 -84.17 -21.31 18.15
N GLN DA 20 -84.29 -22.18 17.16
CA GLN DA 20 -85.55 -22.91 16.89
C GLN DA 20 -85.93 -23.84 18.04
N MET DA 21 -84.93 -24.47 18.64
CA MET DA 21 -85.14 -25.36 19.80
C MET DA 21 -85.57 -24.62 21.07
N HIS DA 22 -85.31 -23.31 21.09
CA HIS DA 22 -85.71 -22.43 22.21
C HIS DA 22 -86.91 -21.55 21.86
N ASN DA 23 -87.72 -22.00 20.89
CA ASN DA 23 -88.96 -21.32 20.48
C ASN DA 23 -88.71 -19.88 19.99
N ILE DA 24 -87.61 -19.68 19.28
CA ILE DA 24 -87.31 -18.37 18.68
C ILE DA 24 -87.55 -18.50 17.17
N GLU DA 25 -88.39 -17.60 16.67
CA GLU DA 25 -88.71 -17.53 15.24
C GLU DA 25 -87.54 -16.87 14.49
N ALA DA 26 -86.71 -17.72 13.91
CA ALA DA 26 -85.53 -17.27 13.14
C ALA DA 26 -85.67 -17.72 11.68
N ASN DA 27 -85.22 -16.85 10.79
CA ASN DA 27 -85.20 -17.11 9.34
C ASN DA 27 -83.79 -16.93 8.80
N LYS DA 28 -83.50 -17.65 7.73
CA LYS DA 28 -82.17 -17.62 7.10
C LYS DA 28 -82.27 -17.34 5.61
N ILE DA 29 -81.32 -16.54 5.15
CA ILE DA 29 -81.17 -16.20 3.73
C ILE DA 29 -79.72 -16.42 3.32
N ASP DA 30 -79.53 -16.92 2.11
CA ASP DA 30 -78.19 -17.09 1.54
C ASP DA 30 -77.90 -15.92 0.59
N SER DA 31 -76.72 -15.34 0.73
CA SER DA 31 -76.26 -14.29 -0.19
C SER DA 31 -75.64 -14.90 -1.45
N GLY DA 32 -75.08 -14.00 -2.29
CA GLY DA 32 -74.48 -14.40 -3.59
C GLY DA 32 -73.25 -15.31 -3.42
N LYS DA 33 -72.52 -15.10 -2.32
CA LYS DA 33 -71.27 -15.82 -2.04
C LYS DA 33 -71.48 -17.20 -1.41
N LEU DA 34 -72.73 -17.55 -1.09
CA LEU DA 34 -73.10 -18.79 -0.37
C LEU DA 34 -73.04 -18.60 1.16
N GLY DA 35 -72.71 -17.37 1.63
CA GLY DA 35 -72.77 -16.99 3.04
C GLY DA 35 -74.20 -16.76 3.53
N TYR DA 36 -74.45 -16.96 4.80
CA TYR DA 36 -75.82 -17.00 5.37
C TYR DA 36 -76.04 -15.84 6.33
N SER DA 37 -77.26 -15.36 6.31
CA SER DA 37 -77.74 -14.33 7.25
C SER DA 37 -78.91 -14.87 8.04
N ILE DA 38 -78.85 -14.62 9.32
CA ILE DA 38 -79.93 -15.02 10.26
C ILE DA 38 -80.65 -13.78 10.79
N THR DA 39 -81.95 -13.87 10.84
CA THR DA 39 -82.82 -12.78 11.31
C THR DA 39 -83.91 -13.34 12.22
N VAL DA 40 -84.34 -12.53 13.15
CA VAL DA 40 -85.43 -12.89 14.08
C VAL DA 40 -86.47 -11.76 14.13
N ALA DA 41 -87.67 -12.10 14.56
CA ALA DA 41 -88.69 -11.07 14.84
C ALA DA 41 -88.11 -10.12 15.92
N GLU DA 42 -88.40 -8.83 15.78
CA GLU DA 42 -87.98 -7.82 16.79
C GLU DA 42 -88.37 -8.19 18.25
N PRO DA 43 -89.55 -8.80 18.51
CA PRO DA 43 -89.97 -9.20 19.85
C PRO DA 43 -89.12 -10.33 20.46
N ASP DA 44 -88.40 -11.06 19.60
CA ASP DA 44 -87.51 -12.15 20.06
C ASP DA 44 -86.02 -11.78 20.01
N PHE DA 45 -85.71 -10.54 19.67
CA PHE DA 45 -84.32 -10.12 19.46
C PHE DA 45 -83.46 -10.25 20.73
N THR DA 46 -83.98 -9.74 21.84
CA THR DA 46 -83.26 -9.75 23.13
C THR DA 46 -83.02 -11.18 23.62
N ALA DA 47 -84.07 -12.00 23.54
CA ALA DA 47 -83.96 -13.42 23.91
C ALA DA 47 -82.91 -14.11 23.03
N ALA DA 48 -83.01 -13.90 21.72
CA ALA DA 48 -82.14 -14.52 20.71
C ALA DA 48 -80.66 -14.22 20.95
N VAL DA 49 -80.37 -12.98 21.29
CA VAL DA 49 -78.99 -12.53 21.61
C VAL DA 49 -78.48 -13.19 22.90
N TYR DA 50 -79.37 -13.35 23.86
CA TYR DA 50 -79.07 -13.95 25.17
C TYR DA 50 -78.69 -15.42 25.00
N TRP DA 51 -79.54 -16.11 24.23
CA TRP DA 51 -79.30 -17.53 23.91
C TRP DA 51 -78.01 -17.68 23.11
N ILE DA 52 -77.78 -16.91 22.11
CA ILE DA 52 -76.56 -17.01 21.27
C ILE DA 52 -75.27 -16.76 22.10
N LYS DA 53 -75.33 -15.75 22.96
CA LYS DA 53 -74.20 -15.36 23.83
C LYS DA 53 -73.89 -16.45 24.86
N THR DA 54 -74.95 -17.03 25.40
CA THR DA 54 -74.85 -18.11 26.41
C THR DA 54 -74.21 -19.40 25.83
N TYR DA 55 -74.33 -19.56 24.51
CA TYR DA 55 -73.78 -20.75 23.82
C TYR DA 55 -72.54 -20.44 22.97
N GLN DA 56 -71.87 -19.31 23.25
CA GLN DA 56 -70.60 -18.91 22.60
C GLN DA 56 -70.75 -18.59 21.10
N LEU DA 57 -71.91 -18.12 20.71
CA LEU DA 57 -72.16 -17.73 19.32
C LEU DA 57 -72.31 -16.21 19.16
N PRO DA 58 -71.72 -15.67 18.09
CA PRO DA 58 -70.87 -16.39 17.11
C PRO DA 58 -69.47 -16.65 17.70
N PRO DA 59 -68.85 -17.77 17.32
CA PRO DA 59 -67.48 -18.14 17.73
C PRO DA 59 -66.51 -17.03 17.37
N ARG DA 60 -65.71 -16.69 18.37
CA ARG DA 60 -64.66 -15.67 18.25
C ARG DA 60 -63.47 -16.16 17.43
N PRO DA 61 -62.84 -15.25 16.69
CA PRO DA 61 -61.52 -15.49 16.08
C PRO DA 61 -60.44 -15.19 17.13
N ARG DA 62 -59.50 -16.12 17.24
CA ARG DA 62 -58.33 -15.97 18.12
C ARG DA 62 -57.07 -15.87 17.27
N VAL DA 63 -55.99 -15.37 17.85
CA VAL DA 63 -54.71 -15.20 17.16
C VAL DA 63 -54.34 -16.46 16.36
N GLU DA 64 -53.93 -16.22 15.12
CA GLU DA 64 -53.46 -17.31 14.26
C GLU DA 64 -51.93 -17.23 14.25
N ILE DA 65 -51.32 -18.35 14.55
CA ILE DA 65 -49.85 -18.48 14.57
C ILE DA 65 -49.26 -18.09 13.21
N ALA DA 66 -49.96 -18.31 12.13
CA ALA DA 66 -49.48 -17.97 10.78
C ALA DA 66 -49.43 -16.45 10.54
N GLN DA 67 -50.32 -15.72 11.19
CA GLN DA 67 -50.35 -14.24 11.14
C GLN DA 67 -49.25 -13.60 12.02
N MET DA 68 -48.07 -14.17 11.94
CA MET DA 68 -46.88 -13.70 12.69
C MET DA 68 -46.15 -12.52 12.05
N PHE DA 69 -46.56 -12.16 10.84
CA PHE DA 69 -45.94 -11.05 10.08
C PHE DA 69 -45.77 -9.75 10.92
N PRO DA 70 -46.77 -9.36 11.73
CA PRO DA 70 -46.67 -8.19 12.63
C PRO DA 70 -45.56 -8.27 13.68
N ALA DA 71 -45.10 -9.47 14.01
CA ALA DA 71 -44.18 -9.69 15.13
C ALA DA 71 -42.71 -9.78 14.72
N ASP DA 72 -42.46 -10.35 13.53
CA ASP DA 72 -41.10 -10.54 13.00
C ASP DA 72 -41.17 -10.66 11.48
N SER DA 73 -40.08 -10.32 10.84
CA SER DA 73 -40.04 -10.23 9.37
C SER DA 73 -39.40 -11.44 8.71
N LEU DA 74 -38.61 -12.20 9.48
CA LEU DA 74 -37.85 -13.39 9.02
C LEU DA 74 -37.48 -14.26 10.22
N VAL DA 75 -37.37 -15.55 9.97
CA VAL DA 75 -37.06 -16.56 11.00
C VAL DA 75 -35.92 -17.44 10.49
N SER DA 76 -34.79 -17.31 11.15
CA SER DA 76 -33.59 -18.10 10.80
C SER DA 76 -33.24 -19.12 11.88
N SER DA 77 -33.85 -18.96 13.06
CA SER DA 77 -33.58 -19.91 14.16
C SER DA 77 -34.82 -20.34 14.98
N PRO DA 78 -34.76 -20.14 16.42
CA PRO DA 78 -35.36 -21.15 17.27
C PRO DA 78 -36.77 -20.89 17.84
N ARG DA 79 -37.06 -19.72 18.39
CA ARG DA 79 -38.32 -19.51 19.16
C ARG DA 79 -39.59 -19.66 18.32
N ALA DA 80 -39.57 -19.03 17.14
CA ALA DA 80 -40.70 -19.09 16.20
C ALA DA 80 -40.88 -20.46 15.56
N GLU DA 81 -39.74 -21.10 15.27
CA GLU DA 81 -39.72 -22.45 14.68
C GLU DA 81 -40.32 -23.48 15.65
N LYS DA 82 -39.94 -23.34 16.92
CA LYS DA 82 -40.41 -24.24 18.00
C LYS DA 82 -41.91 -24.08 18.27
N ALA DA 83 -42.41 -22.85 18.12
CA ALA DA 83 -43.85 -22.55 18.26
C ALA DA 83 -44.68 -23.25 17.17
N ARG DA 84 -44.14 -23.25 15.95
CA ARG DA 84 -44.77 -23.91 14.78
C ARG DA 84 -44.73 -25.43 14.88
N LEU DA 85 -43.60 -25.95 15.39
CA LEU DA 85 -43.44 -27.39 15.64
C LEU DA 85 -44.42 -27.87 16.72
N TYR DA 86 -44.60 -27.04 17.74
CA TYR DA 86 -45.54 -27.30 18.84
C TYR DA 86 -46.99 -27.26 18.37
N SER DA 87 -47.28 -26.30 17.51
CA SER DA 87 -48.62 -26.12 16.93
C SER DA 87 -49.01 -27.31 16.03
N ALA DA 88 -48.02 -27.78 15.25
CA ALA DA 88 -48.19 -28.96 14.38
C ALA DA 88 -48.52 -30.21 15.21
N ILE DA 89 -47.85 -30.33 16.37
CA ILE DA 89 -48.07 -31.47 17.28
C ILE DA 89 -49.46 -31.40 17.93
N GLU DA 90 -49.83 -30.21 18.38
CA GLU DA 90 -51.16 -29.99 18.99
C GLU DA 90 -52.28 -30.36 18.01
N GLN DA 91 -52.08 -29.97 16.75
CA GLN DA 91 -53.03 -30.29 15.66
C GLN DA 91 -53.05 -31.78 15.32
N ARG DA 92 -51.88 -32.42 15.38
CA ARG DA 92 -51.76 -33.88 15.14
C ARG DA 92 -52.49 -34.68 16.22
N LEU DA 93 -52.40 -34.19 17.45
CA LEU DA 93 -53.07 -34.80 18.61
C LEU DA 93 -54.58 -34.64 18.57
N GLU DA 94 -54.99 -33.42 18.24
CA GLU DA 94 -56.41 -33.10 18.04
C GLU DA 94 -57.02 -33.92 16.91
N GLN DA 95 -56.24 -34.12 15.84
CA GLN DA 95 -56.69 -34.93 14.69
C GLN DA 95 -56.90 -36.40 15.09
N SER DA 96 -55.96 -36.92 15.87
CA SER DA 96 -55.99 -38.30 16.37
C SER DA 96 -57.15 -38.53 17.34
N LEU DA 97 -57.25 -37.68 18.36
CA LEU DA 97 -58.33 -37.79 19.36
C LEU DA 97 -59.74 -37.62 18.79
N GLN DA 98 -59.83 -36.80 17.74
CA GLN DA 98 -61.10 -36.53 17.05
C GLN DA 98 -61.70 -37.77 16.37
N THR DA 99 -60.88 -38.79 16.14
CA THR DA 99 -61.35 -40.06 15.53
C THR DA 99 -62.07 -40.97 16.53
N MET DA 100 -61.83 -40.76 17.83
CA MET DA 100 -62.53 -41.50 18.89
C MET DA 100 -64.03 -41.19 18.79
N GLU DA 101 -64.82 -42.25 18.66
CA GLU DA 101 -66.28 -42.14 18.57
C GLU DA 101 -66.84 -41.43 19.81
N GLY DA 102 -67.61 -40.38 19.56
CA GLY DA 102 -68.20 -39.57 20.64
C GLY DA 102 -67.59 -38.17 20.73
N VAL DA 103 -66.35 -38.02 20.33
CA VAL DA 103 -65.66 -36.70 20.29
C VAL DA 103 -66.25 -35.85 19.17
N LEU DA 104 -66.67 -34.65 19.56
CA LEU DA 104 -67.19 -33.66 18.61
C LEU DA 104 -66.30 -32.41 18.48
N SER DA 105 -65.38 -32.26 19.41
CA SER DA 105 -64.37 -31.17 19.40
C SER DA 105 -63.34 -31.43 20.49
N ALA DA 106 -62.17 -30.90 20.24
CA ALA DA 106 -60.97 -31.11 21.06
C ALA DA 106 -59.98 -29.96 20.90
N ARG DA 107 -59.39 -29.59 22.02
CA ARG DA 107 -58.31 -28.60 22.07
C ARG DA 107 -57.14 -29.14 22.88
N VAL DA 108 -55.96 -28.99 22.32
CA VAL DA 108 -54.70 -29.39 22.97
C VAL DA 108 -53.76 -28.19 23.03
N HIS DA 109 -53.28 -27.94 24.23
CA HIS DA 109 -52.25 -26.93 24.47
C HIS DA 109 -51.04 -27.59 25.14
N ILE DA 110 -49.94 -27.58 24.44
CA ILE DA 110 -48.72 -28.26 24.88
C ILE DA 110 -47.69 -27.24 25.42
N SER DA 111 -46.98 -27.69 26.44
CA SER DA 111 -45.81 -26.98 27.01
C SER DA 111 -44.57 -27.88 26.98
N TYR DA 112 -43.56 -27.40 26.28
CA TYR DA 112 -42.26 -28.07 26.11
C TYR DA 112 -41.21 -27.00 25.92
N ASP DA 113 -40.50 -26.68 26.96
CA ASP DA 113 -39.45 -25.67 26.86
C ASP DA 113 -38.11 -26.17 27.35
N ILE DA 114 -37.05 -25.85 26.71
CA ILE DA 114 -35.70 -26.19 27.19
C ILE DA 114 -35.01 -24.90 27.61
N ASP DA 115 -34.87 -24.68 28.89
CA ASP DA 115 -34.32 -23.42 29.42
C ASP DA 115 -32.94 -23.59 30.03
N ALA DA 116 -32.11 -22.66 29.98
CA ALA DA 116 -30.79 -22.57 30.68
C ALA DA 116 -30.86 -21.53 31.81
N GLY DA 117 -31.00 -22.02 33.01
CA GLY DA 117 -31.11 -21.19 34.24
C GLY DA 117 -29.84 -20.37 34.42
N GLU DA 118 -28.72 -20.93 34.24
CA GLU DA 118 -27.32 -20.41 34.39
C GLU DA 118 -26.32 -21.47 33.96
N ASN DA 119 -25.03 -21.16 34.03
CA ASN DA 119 -23.96 -22.13 33.72
C ASN DA 119 -24.09 -23.40 34.58
N GLY DA 120 -24.18 -24.51 33.85
CA GLY DA 120 -24.34 -25.86 34.44
C GLY DA 120 -25.70 -26.10 35.12
N ARG DA 121 -26.75 -25.47 34.60
CA ARG DA 121 -28.13 -25.64 35.12
C ARG DA 121 -29.19 -25.59 34.01
N PRO DA 122 -29.51 -26.74 33.44
CA PRO DA 122 -30.57 -26.89 32.42
C PRO DA 122 -31.89 -27.41 33.01
N PRO DA 123 -32.96 -26.63 32.90
CA PRO DA 123 -34.33 -27.12 33.16
C PRO DA 123 -35.12 -27.51 31.90
N LYS DA 124 -36.02 -28.45 32.09
CA LYS DA 124 -37.01 -28.93 31.10
C LYS DA 124 -38.44 -28.87 31.63
N PRO DA 125 -39.26 -28.00 31.12
CA PRO DA 125 -40.72 -27.92 31.37
C PRO DA 125 -41.54 -28.73 30.38
N VAL DA 126 -42.33 -29.56 30.99
CA VAL DA 126 -43.24 -30.44 30.25
C VAL DA 126 -44.63 -30.28 30.86
N HIS DA 127 -45.62 -30.44 29.99
CA HIS DA 127 -47.03 -30.62 30.38
C HIS DA 127 -47.94 -30.50 29.16
N LEU DA 128 -49.12 -31.06 29.27
CA LEU DA 128 -50.17 -30.92 28.25
C LEU DA 128 -51.54 -30.71 28.91
N SER DA 129 -52.33 -29.84 28.26
CA SER DA 129 -53.74 -29.61 28.62
C SER DA 129 -54.65 -30.02 27.46
N ALA DA 130 -55.59 -30.89 27.75
CA ALA DA 130 -56.53 -31.45 26.76
C ALA DA 130 -57.98 -31.29 27.21
N LEU DA 131 -58.73 -30.64 26.35
CA LEU DA 131 -60.17 -30.48 26.52
C LEU DA 131 -60.87 -31.19 25.36
N ALA DA 132 -61.73 -32.13 25.70
CA ALA DA 132 -62.55 -32.80 24.68
C ALA DA 132 -64.03 -32.69 25.00
N VAL DA 133 -64.77 -32.31 24.00
CA VAL DA 133 -66.25 -32.22 24.08
C VAL DA 133 -66.83 -33.47 23.45
N TYR DA 134 -67.68 -34.09 24.20
CA TYR DA 134 -68.34 -35.32 23.76
C TYR DA 134 -69.80 -35.05 23.41
N GLU DA 135 -70.31 -35.89 22.51
CA GLU DA 135 -71.73 -35.91 22.19
C GLU DA 135 -72.55 -36.13 23.44
N ARG DA 136 -73.68 -35.60 23.56
CA ARG DA 136 -74.63 -35.80 24.67
C ARG DA 136 -74.97 -37.28 25.00
N GLY DA 137 -74.87 -38.09 23.94
CA GLY DA 137 -75.28 -39.50 24.02
C GLY DA 137 -74.11 -40.48 24.20
N SER DA 138 -72.91 -39.96 24.45
CA SER DA 138 -71.73 -40.81 24.68
C SER DA 138 -70.97 -40.40 25.94
N PRO DA 139 -70.78 -41.34 26.86
CA PRO DA 139 -69.94 -41.15 28.05
C PRO DA 139 -68.49 -41.55 27.73
N LEU DA 140 -67.61 -40.56 27.70
CA LEU DA 140 -66.18 -40.80 27.42
C LEU DA 140 -65.31 -40.79 28.68
N ALA DA 141 -65.95 -40.82 29.84
CA ALA DA 141 -65.26 -40.79 31.14
C ALA DA 141 -64.33 -42.00 31.33
N HIS DA 142 -64.81 -43.17 30.87
CA HIS DA 142 -64.01 -44.41 30.90
C HIS DA 142 -62.78 -44.40 29.97
N GLN DA 143 -62.78 -43.47 29.03
CA GLN DA 143 -61.68 -43.34 28.03
C GLN DA 143 -60.62 -42.31 28.42
N ILE DA 144 -60.70 -41.76 29.62
CA ILE DA 144 -59.77 -40.70 30.08
C ILE DA 144 -58.32 -41.19 30.13
N SER DA 145 -58.15 -42.41 30.67
CA SER DA 145 -56.84 -43.05 30.83
C SER DA 145 -56.20 -43.36 29.47
N ASP DA 146 -57.04 -43.80 28.52
CA ASP DA 146 -56.59 -44.07 27.15
C ASP DA 146 -56.17 -42.79 26.43
N ILE DA 147 -56.95 -41.72 26.62
CA ILE DA 147 -56.64 -40.41 26.04
C ILE DA 147 -55.33 -39.86 26.61
N LYS DA 148 -55.15 -39.99 27.93
CA LYS DA 148 -53.90 -39.54 28.58
C LYS DA 148 -52.67 -40.29 28.05
N ARG DA 149 -52.82 -41.59 27.84
CA ARG DA 149 -51.72 -42.43 27.34
C ARG DA 149 -51.34 -42.08 25.90
N PHE DA 150 -52.33 -41.70 25.12
CA PHE DA 150 -52.15 -41.33 23.70
C PHE DA 150 -51.39 -40.01 23.59
N LEU DA 151 -51.77 -39.10 24.47
CA LEU DA 151 -51.12 -37.78 24.57
C LEU DA 151 -49.70 -37.88 25.10
N LYS DA 152 -49.53 -38.74 26.11
CA LYS DA 152 -48.22 -38.98 26.73
C LYS DA 152 -47.17 -39.42 25.71
N ASN DA 153 -47.57 -40.39 24.87
CA ASN DA 153 -46.63 -41.04 23.95
C ASN DA 153 -46.52 -40.37 22.59
N SER DA 154 -47.29 -39.30 22.40
CA SER DA 154 -47.18 -38.50 21.17
C SER DA 154 -46.12 -37.40 21.29
N PHE DA 155 -45.78 -37.07 22.53
CA PHE DA 155 -44.98 -35.88 22.83
C PHE DA 155 -43.74 -36.20 23.67
N ALA DA 156 -42.67 -35.47 23.37
CA ALA DA 156 -41.37 -35.64 24.03
C ALA DA 156 -41.41 -35.26 25.52
N ASP DA 157 -40.88 -36.19 26.31
CA ASP DA 157 -40.65 -36.04 27.74
C ASP DA 157 -41.92 -35.64 28.51
N VAL DA 158 -43.03 -36.38 28.35
CA VAL DA 158 -44.27 -36.11 29.11
C VAL DA 158 -44.53 -37.28 30.06
N ASP DA 159 -44.94 -36.91 31.27
CA ASP DA 159 -45.43 -37.87 32.26
C ASP DA 159 -46.93 -37.67 32.48
N TYR DA 160 -47.60 -38.74 32.89
CA TYR DA 160 -49.05 -38.76 33.12
C TYR DA 160 -49.54 -37.71 34.12
N ASP DA 161 -48.72 -37.49 35.16
CA ASP DA 161 -49.05 -36.54 36.22
C ASP DA 161 -49.13 -35.08 35.71
N ASN DA 162 -48.50 -34.84 34.58
CA ASN DA 162 -48.46 -33.50 33.94
C ASN DA 162 -49.37 -33.43 32.72
N ILE DA 163 -50.38 -34.22 32.68
CA ILE DA 163 -51.41 -34.15 31.62
C ILE DA 163 -52.77 -33.96 32.28
N SER DA 164 -53.45 -32.93 31.86
CA SER DA 164 -54.84 -32.69 32.26
C SER DA 164 -55.77 -33.01 31.10
N VAL DA 165 -56.69 -33.93 31.34
CA VAL DA 165 -57.74 -34.29 30.37
C VAL DA 165 -59.10 -34.00 31.01
N VAL DA 166 -59.77 -33.03 30.41
CA VAL DA 166 -61.13 -32.63 30.85
C VAL DA 166 -62.10 -32.96 29.70
N LEU DA 167 -63.14 -33.69 30.07
CA LEU DA 167 -64.22 -34.06 29.15
C LEU DA 167 -65.52 -33.38 29.57
N SER DA 168 -66.12 -32.65 28.64
CA SER DA 168 -67.40 -31.94 28.87
C SER DA 168 -68.41 -32.25 27.77
N GLU DA 169 -69.63 -32.58 28.19
CA GLU DA 169 -70.75 -32.87 27.28
C GLU DA 169 -71.11 -31.55 26.65
N ARG DA 170 -71.41 -31.62 25.37
CA ARG DA 170 -71.98 -30.44 24.70
C ARG DA 170 -73.28 -29.95 25.37
N LYS EA 1 23.50 -47.98 -68.29
CA LYS EA 1 22.92 -47.82 -66.94
C LYS EA 1 23.55 -46.65 -66.19
N ASP EA 2 22.70 -45.83 -65.59
CA ASP EA 2 23.17 -44.69 -64.78
C ASP EA 2 23.83 -45.20 -63.49
N LEU EA 3 24.96 -44.58 -63.20
CA LEU EA 3 25.63 -44.75 -61.90
C LEU EA 3 25.14 -43.69 -60.90
N LEU EA 4 25.62 -42.46 -61.08
CA LEU EA 4 25.24 -41.32 -60.25
C LEU EA 4 25.07 -40.05 -61.09
N LYS EA 5 24.16 -39.22 -60.62
CA LYS EA 5 23.91 -37.86 -61.16
C LYS EA 5 24.27 -36.82 -60.09
N GLY EA 6 24.36 -35.56 -60.56
CA GLY EA 6 24.59 -34.38 -59.71
C GLY EA 6 25.95 -34.43 -58.99
N LEU EA 7 26.92 -35.02 -59.68
CA LEU EA 7 28.31 -35.08 -59.17
C LEU EA 7 29.04 -33.77 -59.46
N ASP EA 8 29.92 -33.41 -58.54
CA ASP EA 8 30.88 -32.31 -58.80
C ASP EA 8 31.86 -32.81 -59.87
N GLN EA 9 32.52 -31.86 -60.56
CA GLN EA 9 33.55 -32.16 -61.56
C GLN EA 9 34.68 -33.04 -60.99
N GLU EA 10 35.09 -32.78 -59.76
CA GLU EA 10 36.19 -33.54 -59.13
C GLU EA 10 35.78 -34.99 -58.81
N GLN EA 11 34.59 -35.13 -58.23
CA GLN EA 11 34.07 -36.46 -57.85
C GLN EA 11 33.81 -37.31 -59.10
N ALA EA 12 33.25 -36.66 -60.12
CA ALA EA 12 32.99 -37.31 -61.42
C ALA EA 12 34.29 -37.69 -62.14
N ASN EA 13 35.28 -36.79 -62.10
CA ASN EA 13 36.59 -37.06 -62.71
C ASN EA 13 37.37 -38.20 -62.03
N GLU EA 14 37.29 -38.24 -60.72
CA GLU EA 14 38.00 -39.28 -59.95
C GLU EA 14 37.37 -40.67 -60.16
N VAL EA 15 36.03 -40.70 -60.17
CA VAL EA 15 35.28 -41.94 -60.45
C VAL EA 15 35.43 -42.40 -61.91
N ILE EA 16 35.43 -41.46 -62.83
CA ILE EA 16 35.57 -41.80 -64.27
C ILE EA 16 36.95 -42.39 -64.54
N ALA EA 17 37.97 -41.77 -63.94
CA ALA EA 17 39.38 -42.17 -64.13
C ALA EA 17 39.64 -43.53 -63.49
N VAL EA 18 39.07 -43.75 -62.31
CA VAL EA 18 39.16 -45.04 -61.59
C VAL EA 18 38.51 -46.16 -62.43
N LEU EA 19 37.34 -45.88 -63.00
CA LEU EA 19 36.64 -46.90 -63.80
C LEU EA 19 37.36 -47.22 -65.12
N GLN EA 20 37.84 -46.15 -65.77
CA GLN EA 20 38.59 -46.28 -67.03
C GLN EA 20 39.92 -47.06 -66.84
N MET EA 21 40.57 -46.83 -65.71
CA MET EA 21 41.82 -47.54 -65.37
C MET EA 21 41.60 -49.02 -65.07
N HIS EA 22 40.36 -49.39 -64.76
CA HIS EA 22 39.97 -50.79 -64.51
C HIS EA 22 39.21 -51.40 -65.67
N ASN EA 23 39.41 -50.85 -66.88
CA ASN EA 23 38.80 -51.37 -68.12
C ASN EA 23 37.25 -51.37 -68.06
N ILE EA 24 36.68 -50.35 -67.45
CA ILE EA 24 35.21 -50.20 -67.42
C ILE EA 24 34.86 -49.06 -68.37
N GLU EA 25 33.96 -49.39 -69.30
CA GLU EA 25 33.45 -48.42 -70.28
C GLU EA 25 32.43 -47.50 -69.60
N ALA EA 26 32.91 -46.32 -69.21
CA ALA EA 26 32.07 -45.31 -68.56
C ALA EA 26 32.01 -44.05 -69.43
N ASN EA 27 30.84 -43.44 -69.43
CA ASN EA 27 30.59 -42.17 -70.15
C ASN EA 27 30.06 -41.12 -69.18
N LYS EA 28 30.32 -39.88 -69.49
CA LYS EA 28 29.91 -38.75 -68.66
C LYS EA 28 29.14 -37.70 -69.46
N ILE EA 29 28.12 -37.16 -68.83
CA ILE EA 29 27.30 -36.08 -69.39
C ILE EA 29 27.17 -34.97 -68.34
N ASP EA 30 27.20 -33.73 -68.80
CA ASP EA 30 26.99 -32.57 -67.93
C ASP EA 30 25.53 -32.09 -68.08
N SER EA 31 24.90 -31.85 -66.96
CA SER EA 31 23.53 -31.28 -66.95
C SER EA 31 23.59 -29.75 -67.07
N GLY EA 32 22.41 -29.12 -66.97
CA GLY EA 32 22.24 -27.66 -67.10
C GLY EA 32 22.99 -26.87 -66.01
N LYS EA 33 23.06 -27.48 -64.82
CA LYS EA 33 23.66 -26.85 -63.64
C LYS EA 33 25.19 -26.96 -63.59
N LEU EA 34 25.79 -27.69 -64.52
CA LEU EA 34 27.24 -27.98 -64.56
C LEU EA 34 27.58 -29.25 -63.74
N GLY EA 35 26.55 -29.91 -63.16
CA GLY EA 35 26.69 -31.20 -62.47
C GLY EA 35 26.83 -32.37 -63.46
N TYR EA 36 27.47 -33.43 -63.07
CA TYR EA 36 27.89 -34.53 -63.97
C TYR EA 36 27.17 -35.82 -63.62
N SER EA 37 26.87 -36.56 -64.65
CA SER EA 37 26.28 -37.92 -64.56
C SER EA 37 27.22 -38.91 -65.21
N ILE EA 38 27.42 -40.01 -64.51
CA ILE EA 38 28.26 -41.12 -65.01
C ILE EA 38 27.37 -42.33 -65.29
N THR EA 39 27.65 -42.98 -66.40
CA THR EA 39 26.90 -44.16 -66.87
C THR EA 39 27.88 -45.21 -67.38
N VAL EA 40 27.50 -46.45 -67.26
CA VAL EA 40 28.30 -47.59 -67.76
C VAL EA 40 27.41 -48.54 -68.57
N ALA EA 41 28.03 -49.34 -69.42
CA ALA EA 41 27.30 -50.41 -70.10
C ALA EA 41 26.71 -51.35 -69.02
N GLU EA 42 25.50 -51.84 -69.26
CA GLU EA 42 24.85 -52.81 -68.35
C GLU EA 42 25.74 -54.03 -67.98
N PRO EA 43 26.54 -54.59 -68.91
CA PRO EA 43 27.44 -55.72 -68.62
C PRO EA 43 28.57 -55.38 -67.65
N ASP EA 44 28.87 -54.09 -67.49
CA ASP EA 44 29.91 -53.64 -66.56
C ASP EA 44 29.37 -53.01 -65.27
N PHE EA 45 28.05 -53.04 -65.10
CA PHE EA 45 27.39 -52.36 -63.97
C PHE EA 45 27.83 -52.91 -62.61
N THR EA 46 27.80 -54.24 -62.48
CA THR EA 46 28.15 -54.93 -61.22
C THR EA 46 29.62 -54.67 -60.85
N ALA EA 47 30.50 -54.82 -61.84
CA ALA EA 47 31.93 -54.56 -61.64
C ALA EA 47 32.14 -53.10 -61.21
N ALA EA 48 31.50 -52.18 -61.94
CA ALA EA 48 31.62 -50.73 -61.72
C ALA EA 48 31.24 -50.31 -60.29
N VAL EA 49 30.15 -50.90 -59.81
CA VAL EA 49 29.67 -50.64 -58.42
C VAL EA 49 30.63 -51.20 -57.38
N TYR EA 50 31.24 -52.34 -57.69
CA TYR EA 50 32.20 -53.01 -56.81
C TYR EA 50 33.46 -52.18 -56.65
N TRP EA 51 33.95 -51.71 -57.81
CA TRP EA 51 35.14 -50.83 -57.83
C TRP EA 51 34.82 -49.52 -57.12
N ILE EA 52 33.74 -48.89 -57.37
CA ILE EA 52 33.38 -47.60 -56.73
C ILE EA 52 33.26 -47.73 -55.20
N LYS EA 53 32.62 -48.81 -54.76
CA LYS EA 53 32.40 -49.11 -53.33
C LYS EA 53 33.72 -49.39 -52.61
N THR EA 54 34.59 -50.13 -53.30
CA THR EA 54 35.93 -50.48 -52.77
C THR EA 54 36.84 -49.25 -52.57
N TYR EA 55 36.56 -48.20 -53.34
CA TYR EA 55 37.35 -46.96 -53.28
C TYR EA 55 36.62 -45.79 -52.61
N GLN EA 56 35.56 -46.10 -51.82
CA GLN EA 56 34.81 -45.11 -51.01
C GLN EA 56 34.03 -44.10 -51.87
N LEU EA 57 33.60 -44.52 -53.05
CA LEU EA 57 32.81 -43.67 -53.93
C LEU EA 57 31.36 -44.16 -54.05
N PRO EA 58 30.41 -43.21 -54.04
CA PRO EA 58 30.63 -41.77 -53.84
C PRO EA 58 30.88 -41.47 -52.35
N PRO EA 59 31.72 -40.46 -52.05
CA PRO EA 59 32.02 -40.00 -50.69
C PRO EA 59 30.73 -39.65 -49.96
N ARG EA 60 30.65 -40.18 -48.76
CA ARG EA 60 29.52 -39.96 -47.85
C ARG EA 60 29.54 -38.54 -47.25
N PRO EA 61 28.36 -37.97 -47.02
CA PRO EA 61 28.20 -36.78 -46.18
C PRO EA 61 28.13 -37.20 -44.71
N ARG EA 62 28.90 -36.51 -43.90
CA ARG EA 62 28.91 -36.70 -42.43
C ARG EA 62 28.35 -35.45 -41.76
N VAL EA 63 27.95 -35.58 -40.51
CA VAL EA 63 27.38 -34.46 -39.72
C VAL EA 63 28.23 -33.19 -39.88
N GLU EA 64 27.54 -32.10 -40.13
CA GLU EA 64 28.19 -30.79 -40.20
C GLU EA 64 27.91 -30.08 -38.88
N ILE EA 65 28.98 -29.62 -38.26
CA ILE EA 65 28.91 -28.88 -36.98
C ILE EA 65 28.00 -27.65 -37.13
N ALA EA 66 27.94 -27.05 -38.28
CA ALA EA 66 27.10 -25.86 -38.53
C ALA EA 66 25.59 -26.19 -38.50
N GLN EA 67 25.25 -27.41 -38.91
CA GLN EA 67 23.86 -27.91 -38.89
C GLN EA 67 23.41 -28.31 -37.47
N MET EA 68 23.76 -27.47 -36.50
CA MET EA 68 23.41 -27.67 -35.07
C MET EA 68 22.00 -27.23 -34.69
N PHE EA 69 21.31 -26.60 -35.63
CA PHE EA 69 19.94 -26.09 -35.40
C PHE EA 69 18.99 -27.14 -34.76
N PRO EA 70 19.04 -28.42 -35.21
CA PRO EA 70 18.23 -29.51 -34.63
C PRO EA 70 18.52 -29.80 -33.14
N ALA EA 71 19.69 -29.40 -32.66
CA ALA EA 71 20.15 -29.78 -31.31
C ALA EA 71 19.90 -28.71 -30.24
N ASP EA 72 19.98 -27.44 -30.64
CA ASP EA 72 19.80 -26.29 -29.74
C ASP EA 72 19.41 -25.06 -30.57
N SER EA 73 18.73 -24.14 -29.91
CA SER EA 73 18.13 -22.99 -30.60
C SER EA 73 18.97 -21.72 -30.44
N LEU EA 74 19.82 -21.67 -29.41
CA LEU EA 74 20.67 -20.53 -29.04
C LEU EA 74 21.85 -20.98 -28.18
N VAL EA 75 22.94 -20.26 -28.28
CA VAL EA 75 24.20 -20.58 -27.56
C VAL EA 75 24.68 -19.30 -26.88
N SER EA 76 24.64 -19.34 -25.56
CA SER EA 76 25.08 -18.20 -24.74
C SER EA 76 26.36 -18.52 -23.95
N SER EA 77 26.69 -19.81 -23.89
CA SER EA 77 27.92 -20.22 -23.17
C SER EA 77 28.76 -21.33 -23.86
N PRO EA 78 29.07 -22.52 -23.09
CA PRO EA 78 30.36 -23.12 -23.24
C PRO EA 78 30.50 -24.36 -24.16
N ARG EA 79 29.63 -25.35 -24.07
CA ARG EA 79 29.87 -26.64 -24.77
C ARG EA 79 29.90 -26.52 -26.30
N ALA EA 80 28.92 -25.80 -26.83
CA ALA EA 80 28.79 -25.57 -28.28
C ALA EA 80 29.88 -24.64 -28.83
N GLU EA 81 30.23 -23.63 -28.03
CA GLU EA 81 31.29 -22.67 -28.37
C GLU EA 81 32.66 -23.36 -28.46
N LYS EA 82 32.91 -24.24 -27.51
CA LYS EA 82 34.16 -25.02 -27.43
C LYS EA 82 34.30 -26.02 -28.59
N ALA EA 83 33.18 -26.57 -29.02
CA ALA EA 83 33.13 -27.49 -30.18
C ALA EA 83 33.52 -26.76 -31.48
N ARG EA 84 33.05 -25.53 -31.62
CA ARG EA 84 33.34 -24.67 -32.78
C ARG EA 84 34.80 -24.17 -32.77
N LEU EA 85 35.30 -23.84 -31.58
CA LEU EA 85 36.70 -23.46 -31.39
C LEU EA 85 37.66 -24.61 -31.74
N TYR EA 86 37.25 -25.81 -31.33
CA TYR EA 86 37.98 -27.05 -31.63
C TYR EA 86 37.98 -27.39 -33.12
N SER EA 87 36.83 -27.18 -33.74
CA SER EA 87 36.65 -27.42 -35.18
C SER EA 87 37.50 -26.46 -36.02
N ALA EA 88 37.54 -25.21 -35.59
CA ALA EA 88 38.36 -24.16 -36.22
C ALA EA 88 39.86 -24.52 -36.17
N ILE EA 89 40.28 -25.08 -35.02
CA ILE EA 89 41.68 -25.51 -34.83
C ILE EA 89 42.02 -26.72 -35.70
N GLU EA 90 41.12 -27.70 -35.73
CA GLU EA 90 41.28 -28.90 -36.57
C GLU EA 90 41.45 -28.52 -38.05
N GLN EA 91 40.64 -27.56 -38.48
CA GLN EA 91 40.70 -27.02 -39.85
C GLN EA 91 41.98 -26.23 -40.13
N ARG EA 92 42.43 -25.48 -39.13
CA ARG EA 92 43.69 -24.71 -39.22
C ARG EA 92 44.90 -25.63 -39.37
N LEU EA 93 44.86 -26.74 -38.64
CA LEU EA 93 45.91 -27.78 -38.69
C LEU EA 93 45.94 -28.53 -40.01
N GLU EA 94 44.75 -28.91 -40.45
CA GLU EA 94 44.57 -29.54 -41.76
C GLU EA 94 45.04 -28.63 -42.90
N GLN EA 95 44.76 -27.33 -42.77
CA GLN EA 95 45.18 -26.34 -43.78
C GLN EA 95 46.71 -26.22 -43.83
N SER EA 96 47.33 -26.22 -42.66
CA SER EA 96 48.79 -26.13 -42.52
C SER EA 96 49.50 -27.38 -43.06
N LEU EA 97 49.06 -28.56 -42.59
CA LEU EA 97 49.64 -29.83 -43.03
C LEU EA 97 49.48 -30.10 -44.53
N GLN EA 98 48.38 -29.62 -45.09
CA GLN EA 98 48.07 -29.77 -46.51
C GLN EA 98 49.07 -29.06 -47.44
N THR EA 99 49.83 -28.13 -46.90
CA THR EA 99 50.86 -27.40 -47.67
C THR EA 99 52.15 -28.21 -47.86
N MET EA 100 52.35 -29.21 -46.99
CA MET EA 100 53.50 -30.12 -47.12
C MET EA 100 53.38 -30.89 -48.45
N GLU EA 101 54.43 -30.77 -49.26
CA GLU EA 101 54.50 -31.44 -50.57
C GLU EA 101 54.33 -32.96 -50.39
N GLY EA 102 53.36 -33.51 -51.13
CA GLY EA 102 53.06 -34.96 -51.06
C GLY EA 102 51.70 -35.25 -50.41
N VAL EA 103 51.25 -34.36 -49.52
CA VAL EA 103 49.93 -34.49 -48.87
C VAL EA 103 48.84 -34.18 -49.89
N LEU EA 104 47.90 -35.12 -49.99
CA LEU EA 104 46.72 -34.97 -50.86
C LEU EA 104 45.41 -34.88 -50.08
N SER EA 105 45.45 -35.24 -48.82
CA SER EA 105 44.31 -35.14 -47.88
C SER EA 105 44.78 -35.44 -46.46
N ALA EA 106 44.04 -34.85 -45.55
CA ALA EA 106 44.36 -34.85 -44.11
C ALA EA 106 43.10 -34.68 -43.27
N ARG EA 107 43.05 -35.41 -42.18
CA ARG EA 107 42.00 -35.30 -41.17
C ARG EA 107 42.63 -35.18 -39.79
N VAL EA 108 42.13 -34.22 -39.03
CA VAL EA 108 42.57 -34.00 -37.64
C VAL EA 108 41.33 -34.02 -36.72
N HIS EA 109 41.45 -34.84 -35.69
CA HIS EA 109 40.45 -34.92 -34.62
C HIS EA 109 41.14 -34.63 -33.29
N ILE EA 110 40.73 -33.54 -32.68
CA ILE EA 110 41.36 -33.06 -31.43
C ILE EA 110 40.45 -33.35 -30.23
N SER EA 111 41.12 -33.68 -29.13
CA SER EA 111 40.49 -33.82 -27.80
C SER EA 111 41.16 -32.89 -26.78
N TYR EA 112 40.35 -32.01 -26.23
CA TYR EA 112 40.73 -31.00 -25.22
C TYR EA 112 39.53 -30.74 -24.35
N ASP EA 113 39.50 -31.34 -23.21
CA ASP EA 113 38.37 -31.13 -22.28
C ASP EA 113 38.82 -30.69 -20.91
N ILE EA 114 38.16 -29.79 -20.28
CA ILE EA 114 38.46 -29.40 -18.90
C ILE EA 114 37.31 -29.87 -18.01
N ASP EA 115 37.52 -30.90 -17.26
CA ASP EA 115 36.46 -31.52 -16.44
C ASP EA 115 36.64 -31.29 -14.95
N ALA EA 116 35.65 -31.19 -14.20
CA ALA EA 116 35.62 -31.15 -12.72
C ALA EA 116 35.04 -32.44 -12.16
N GLY EA 117 35.93 -33.30 -11.70
CA GLY EA 117 35.59 -34.64 -11.15
C GLY EA 117 34.71 -34.46 -9.91
N GLU EA 118 35.02 -33.58 -9.06
CA GLU EA 118 34.40 -33.22 -7.74
C GLU EA 118 35.11 -32.01 -7.14
N ASN EA 119 34.68 -31.56 -5.97
CA ASN EA 119 35.32 -30.44 -5.25
C ASN EA 119 36.81 -30.73 -5.00
N GLY EA 120 37.62 -29.80 -5.52
CA GLY EA 120 39.10 -29.86 -5.44
C GLY EA 120 39.73 -30.97 -6.29
N ARG EA 121 39.11 -31.29 -7.43
CA ARG EA 121 39.63 -32.31 -8.37
C ARG EA 121 39.34 -31.94 -9.84
N PRO EA 122 40.27 -31.22 -10.47
CA PRO EA 122 40.20 -30.87 -11.89
C PRO EA 122 41.06 -31.79 -12.78
N PRO EA 123 40.45 -32.49 -13.71
CA PRO EA 123 41.18 -33.18 -14.81
C PRO EA 123 41.21 -32.41 -16.14
N LYS EA 124 42.28 -32.66 -16.88
CA LYS EA 124 42.52 -32.17 -18.24
C LYS EA 124 42.83 -33.31 -19.22
N PRO EA 125 41.97 -33.60 -20.13
CA PRO EA 125 42.17 -34.53 -21.27
C PRO EA 125 42.69 -33.84 -22.52
N VAL EA 126 43.79 -34.40 -22.95
CA VAL EA 126 44.47 -33.94 -24.15
C VAL EA 126 44.71 -35.15 -25.04
N HIS EA 127 44.70 -34.88 -26.35
CA HIS EA 127 45.19 -35.80 -27.39
C HIS EA 127 44.78 -35.31 -28.77
N LEU EA 128 45.50 -35.76 -29.77
CA LEU EA 128 45.17 -35.49 -31.18
C LEU EA 128 45.37 -36.75 -32.03
N SER EA 129 44.47 -36.92 -32.98
CA SER EA 129 44.55 -37.97 -34.01
C SER EA 129 44.66 -37.33 -35.40
N ALA EA 130 45.70 -37.70 -36.12
CA ALA EA 130 46.01 -37.17 -37.46
C ALA EA 130 46.21 -38.28 -38.48
N LEU EA 131 45.41 -38.18 -39.52
CA LEU EA 131 45.51 -39.07 -40.69
C LEU EA 131 45.88 -38.23 -41.90
N ALA EA 132 46.98 -38.57 -42.53
CA ALA EA 132 47.38 -37.91 -43.78
C ALA EA 132 47.57 -38.92 -44.90
N VAL EA 133 46.98 -38.61 -46.01
CA VAL EA 133 47.12 -39.41 -47.24
C VAL EA 133 48.16 -38.74 -48.13
N TYR EA 134 49.09 -39.52 -48.54
CA TYR EA 134 50.18 -39.05 -49.40
C TYR EA 134 50.00 -39.56 -50.82
N GLU EA 135 50.56 -38.80 -51.76
CA GLU EA 135 50.65 -39.20 -53.16
C GLU EA 135 51.39 -40.52 -53.25
N ARG EA 136 51.09 -41.34 -54.15
CA ARG EA 136 51.77 -42.62 -54.43
C ARG EA 136 53.30 -42.52 -54.64
N GLY EA 137 53.68 -41.34 -55.13
CA GLY EA 137 55.09 -41.08 -55.52
C GLY EA 137 55.91 -40.31 -54.47
N SER EA 138 55.34 -40.12 -53.27
CA SER EA 138 56.05 -39.43 -52.19
C SER EA 138 56.00 -40.22 -50.87
N PRO EA 139 57.16 -40.53 -50.31
CA PRO EA 139 57.28 -41.14 -48.97
C PRO EA 139 57.35 -40.05 -47.91
N LEU EA 140 56.29 -39.96 -47.11
CA LEU EA 140 56.23 -38.96 -46.02
C LEU EA 140 56.53 -39.55 -44.63
N ALA EA 141 57.04 -40.77 -44.63
CA ALA EA 141 57.36 -41.50 -43.37
C ALA EA 141 58.43 -40.76 -42.55
N HIS EA 142 59.42 -40.20 -43.25
CA HIS EA 142 60.49 -39.39 -42.61
C HIS EA 142 59.99 -38.07 -42.01
N GLN EA 143 58.80 -37.64 -42.42
CA GLN EA 143 58.20 -36.38 -41.95
C GLN EA 143 57.23 -36.54 -40.79
N ILE EA 144 57.15 -37.75 -40.23
CA ILE EA 144 56.18 -38.04 -39.14
C ILE EA 144 56.46 -37.21 -37.87
N SER EA 145 57.76 -37.13 -37.54
CA SER EA 145 58.23 -36.39 -36.35
C SER EA 145 57.97 -34.88 -36.49
N ASP EA 146 58.17 -34.38 -37.71
CA ASP EA 146 57.90 -32.96 -38.02
C ASP EA 146 56.41 -32.65 -37.94
N ILE EA 147 55.59 -33.56 -38.47
CA ILE EA 147 54.13 -33.41 -38.41
C ILE EA 147 53.63 -33.44 -36.95
N LYS EA 148 54.17 -34.37 -36.16
CA LYS EA 148 53.81 -34.45 -34.73
C LYS EA 148 54.16 -33.16 -33.97
N ARG EA 149 55.32 -32.59 -34.27
CA ARG EA 149 55.78 -31.36 -33.61
C ARG EA 149 54.92 -30.15 -33.97
N PHE EA 150 54.43 -30.14 -35.20
CA PHE EA 150 53.58 -29.05 -35.73
C PHE EA 150 52.22 -29.08 -35.05
N LEU EA 151 51.72 -30.29 -34.90
CA LEU EA 151 50.44 -30.54 -34.21
C LEU EA 151 50.52 -30.24 -32.71
N LYS EA 152 51.64 -30.65 -32.12
CA LYS EA 152 51.90 -30.45 -30.69
C LYS EA 152 51.82 -28.95 -30.31
N ASN EA 153 52.49 -28.14 -31.11
CA ASN EA 153 52.66 -26.71 -30.80
C ASN EA 153 51.56 -25.81 -31.34
N SER EA 154 50.60 -26.41 -32.05
CA SER EA 154 49.43 -25.68 -32.51
C SER EA 154 48.30 -25.65 -31.48
N PHE EA 155 48.37 -26.59 -30.55
CA PHE EA 155 47.25 -26.88 -29.64
C PHE EA 155 47.68 -26.84 -28.17
N ALA EA 156 46.75 -26.35 -27.35
CA ALA EA 156 46.96 -26.20 -25.91
C ALA EA 156 47.11 -27.54 -25.18
N ASP EA 157 48.18 -27.58 -24.38
CA ASP EA 157 48.49 -28.68 -23.46
C ASP EA 157 48.54 -30.05 -24.16
N VAL EA 158 49.32 -30.18 -25.24
CA VAL EA 158 49.51 -31.47 -25.93
C VAL EA 158 50.96 -31.94 -25.75
N ASP EA 159 51.07 -33.24 -25.48
CA ASP EA 159 52.37 -33.92 -25.48
C ASP EA 159 52.45 -34.89 -26.65
N TYR EA 160 53.68 -35.14 -27.09
CA TYR EA 160 53.98 -36.03 -28.23
C TYR EA 160 53.40 -37.44 -28.11
N ASP EA 161 53.44 -37.95 -26.87
CA ASP EA 161 52.94 -39.31 -26.57
C ASP EA 161 51.43 -39.46 -26.81
N ASN EA 162 50.73 -38.35 -26.81
CA ASN EA 162 49.27 -38.29 -27.01
C ASN EA 162 48.92 -37.77 -28.41
N ILE EA 163 49.77 -37.96 -29.35
CA ILE EA 163 49.49 -37.62 -30.76
C ILE EA 163 49.71 -38.87 -31.60
N SER EA 164 48.70 -39.23 -32.34
CA SER EA 164 48.80 -40.31 -33.34
C SER EA 164 48.82 -39.71 -34.75
N VAL EA 165 49.89 -40.01 -35.46
CA VAL EA 165 50.05 -39.61 -36.88
C VAL EA 165 50.16 -40.88 -37.73
N VAL EA 166 49.16 -41.07 -38.55
CA VAL EA 166 49.11 -42.21 -39.49
C VAL EA 166 49.16 -41.65 -40.91
N LEU EA 167 50.10 -42.19 -41.67
CA LEU EA 167 50.27 -41.84 -43.09
C LEU EA 167 49.97 -43.04 -43.97
N SER EA 168 49.06 -42.84 -44.90
CA SER EA 168 48.65 -43.89 -45.86
C SER EA 168 48.69 -43.38 -47.30
N GLU EA 169 49.31 -44.20 -48.16
CA GLU EA 169 49.41 -43.89 -49.61
C GLU EA 169 48.03 -44.05 -50.16
N ARG EA 170 47.69 -43.14 -51.05
CA ARG EA 170 46.44 -43.30 -51.81
C ARG EA 170 46.39 -44.65 -52.59
N LYS FA 1 -11.56 -66.79 -54.12
CA LYS FA 1 -11.75 -66.10 -52.82
C LYS FA 1 -10.56 -65.19 -52.49
N ASP FA 2 -10.88 -63.98 -52.07
CA ASP FA 2 -9.86 -63.00 -51.66
C ASP FA 2 -9.20 -63.46 -50.35
N LEU FA 3 -7.89 -63.34 -50.35
CA LEU FA 3 -7.07 -63.48 -49.13
C LEU FA 3 -6.90 -62.14 -48.42
N LEU FA 4 -6.04 -61.30 -48.99
CA LEU FA 4 -5.76 -59.95 -48.48
C LEU FA 4 -5.59 -58.95 -49.61
N LYS FA 5 -6.00 -57.73 -49.31
CA LYS FA 5 -5.81 -56.56 -50.19
C LYS FA 5 -4.86 -55.56 -49.49
N GLY FA 6 -4.38 -54.59 -50.30
CA GLY FA 6 -3.56 -53.48 -49.83
C GLY FA 6 -2.20 -53.94 -49.27
N LEU FA 7 -1.69 -55.02 -49.85
CA LEU FA 7 -0.37 -55.56 -49.48
C LEU FA 7 0.74 -54.79 -50.21
N ASP FA 8 1.86 -54.64 -49.52
CA ASP FA 8 3.10 -54.14 -50.16
C ASP FA 8 3.56 -55.23 -51.14
N GLN FA 9 4.38 -54.83 -52.13
CA GLN FA 9 4.98 -55.74 -53.10
C GLN FA 9 5.77 -56.88 -52.43
N GLU FA 10 6.50 -56.56 -51.35
CA GLU FA 10 7.33 -57.56 -50.65
C GLU FA 10 6.47 -58.60 -49.90
N GLN FA 11 5.45 -58.09 -49.18
CA GLN FA 11 4.54 -58.95 -48.41
C GLN FA 11 3.73 -59.85 -49.34
N ALA FA 12 3.26 -59.27 -50.44
CA ALA FA 12 2.51 -60.00 -51.47
C ALA FA 12 3.39 -61.04 -52.18
N ASN FA 13 4.64 -60.67 -52.49
CA ASN FA 13 5.58 -61.61 -53.13
C ASN FA 13 5.98 -62.79 -52.24
N GLU FA 14 6.17 -62.50 -50.96
CA GLU FA 14 6.56 -63.57 -50.01
C GLU FA 14 5.40 -64.56 -49.77
N VAL FA 15 4.19 -64.02 -49.63
CA VAL FA 15 2.98 -64.83 -49.47
C VAL FA 15 2.63 -65.63 -50.75
N ILE FA 16 2.81 -64.98 -51.90
CA ILE FA 16 2.51 -65.65 -53.19
C ILE FA 16 3.47 -66.83 -53.43
N ALA FA 17 4.75 -66.59 -53.12
CA ALA FA 17 5.82 -67.57 -53.32
C ALA FA 17 5.66 -68.76 -52.36
N VAL FA 18 5.30 -68.44 -51.11
CA VAL FA 18 5.03 -69.46 -50.08
C VAL FA 18 3.83 -70.35 -50.51
N LEU FA 19 2.78 -69.72 -51.01
CA LEU FA 19 1.60 -70.50 -51.42
C LEU FA 19 1.85 -71.35 -52.67
N GLN FA 20 2.56 -70.77 -53.63
CA GLN FA 20 2.92 -71.48 -54.87
C GLN FA 20 3.84 -72.67 -54.60
N MET FA 21 4.76 -72.52 -53.65
CA MET FA 21 5.68 -73.59 -53.25
C MET FA 21 4.97 -74.75 -52.53
N HIS FA 22 3.77 -74.47 -52.00
CA HIS FA 22 2.94 -75.48 -51.33
C HIS FA 22 1.77 -75.94 -52.20
N ASN FA 23 1.92 -75.81 -53.53
CA ASN FA 23 0.92 -76.26 -54.50
C ASN FA 23 -0.46 -75.60 -54.30
N ILE FA 24 -0.46 -74.31 -53.94
CA ILE FA 24 -1.71 -73.56 -53.81
C ILE FA 24 -1.79 -72.61 -55.01
N GLU FA 25 -2.91 -72.71 -55.72
CA GLU FA 25 -3.19 -71.85 -56.88
C GLU FA 25 -3.62 -70.46 -56.39
N ALA FA 26 -2.65 -69.55 -56.39
CA ALA FA 26 -2.87 -68.16 -55.97
C ALA FA 26 -2.62 -67.21 -57.14
N ASN FA 27 -3.44 -66.17 -57.20
CA ASN FA 27 -3.32 -65.11 -58.21
C ASN FA 27 -3.19 -63.75 -57.52
N LYS FA 28 -2.53 -62.84 -58.20
CA LYS FA 28 -2.30 -61.49 -57.68
C LYS FA 28 -2.74 -60.41 -58.67
N ILE FA 29 -3.33 -59.37 -58.11
CA ILE FA 29 -3.76 -58.18 -58.86
C ILE FA 29 -3.23 -56.94 -58.16
N ASP FA 30 -2.82 -55.96 -58.95
CA ASP FA 30 -2.39 -54.66 -58.43
C ASP FA 30 -3.53 -53.65 -58.58
N SER FA 31 -3.79 -52.93 -57.50
CA SER FA 31 -4.79 -51.84 -57.52
C SER FA 31 -4.17 -50.55 -58.07
N GLY FA 32 -4.97 -49.47 -58.02
CA GLY FA 32 -4.58 -48.14 -58.54
C GLY FA 32 -3.38 -47.53 -57.80
N LYS FA 33 -3.31 -47.84 -56.50
CA LYS FA 33 -2.28 -47.29 -55.60
C LYS FA 33 -0.93 -48.04 -55.67
N LEU FA 34 -0.87 -49.14 -56.42
CA LEU FA 34 0.31 -50.03 -56.52
C LEU FA 34 0.29 -51.10 -55.42
N GLY FA 35 -0.77 -51.11 -54.57
CA GLY FA 35 -1.01 -52.17 -53.57
C GLY FA 35 -1.53 -53.47 -54.21
N TYR FA 36 -1.28 -54.58 -53.60
CA TYR FA 36 -1.52 -55.92 -54.19
C TYR FA 36 -2.59 -56.67 -53.43
N SER FA 37 -3.36 -57.42 -54.18
CA SER FA 37 -4.39 -58.33 -53.64
C SER FA 37 -4.07 -59.76 -54.08
N ILE FA 38 -4.17 -60.65 -53.13
CA ILE FA 38 -3.96 -62.10 -53.37
C ILE FA 38 -5.28 -62.84 -53.21
N THR FA 39 -5.51 -63.76 -54.12
CA THR FA 39 -6.73 -64.58 -54.16
C THR FA 39 -6.37 -66.03 -54.46
N VAL FA 40 -7.16 -66.94 -53.95
CA VAL FA 40 -6.99 -68.39 -54.19
C VAL FA 40 -8.32 -69.01 -54.62
N ALA FA 41 -8.25 -70.16 -55.25
CA ALA FA 41 -9.46 -70.93 -55.54
C ALA FA 41 -10.13 -71.27 -54.20
N GLU FA 42 -11.46 -71.23 -54.16
CA GLU FA 42 -12.24 -71.62 -52.95
C GLU FA 42 -11.83 -72.99 -52.34
N PRO FA 43 -11.51 -74.02 -53.16
CA PRO FA 43 -11.09 -75.34 -52.66
C PRO FA 43 -9.74 -75.33 -51.94
N ASP FA 44 -8.94 -74.27 -52.16
CA ASP FA 44 -7.62 -74.13 -51.51
C ASP FA 44 -7.62 -73.07 -50.40
N PHE FA 45 -8.79 -72.49 -50.10
CA PHE FA 45 -8.87 -71.37 -49.15
C PHE FA 45 -8.40 -71.76 -47.74
N THR FA 46 -8.93 -72.87 -47.24
CA THR FA 46 -8.62 -73.37 -45.88
C THR FA 46 -7.12 -73.69 -45.73
N ALA FA 47 -6.59 -74.42 -46.73
CA ALA FA 47 -5.16 -74.75 -46.75
C ALA FA 47 -4.32 -73.47 -46.77
N ALA FA 48 -4.69 -72.53 -47.65
CA ALA FA 48 -3.97 -71.26 -47.86
C ALA FA 48 -3.86 -70.43 -46.58
N VAL FA 49 -4.97 -70.37 -45.85
CA VAL FA 49 -5.03 -69.65 -44.55
C VAL FA 49 -4.15 -70.34 -43.50
N TYR FA 50 -4.12 -71.66 -43.53
CA TYR FA 50 -3.33 -72.47 -42.59
C TYR FA 50 -1.84 -72.24 -42.81
N TRP FA 51 -1.45 -72.29 -44.08
CA TRP FA 51 -0.06 -72.03 -44.47
C TRP FA 51 0.32 -70.59 -44.13
N ILE FA 52 -0.46 -69.64 -44.45
CA ILE FA 52 -0.15 -68.20 -44.16
C ILE FA 52 0.01 -67.94 -42.64
N LYS FA 53 -0.91 -68.53 -41.86
CA LYS FA 53 -0.91 -68.38 -40.39
C LYS FA 53 0.31 -69.04 -39.76
N THR FA 54 0.67 -70.21 -40.29
CA THR FA 54 1.83 -70.98 -39.81
C THR FA 54 3.17 -70.25 -40.05
N TYR FA 55 3.17 -69.36 -41.06
CA TYR FA 55 4.37 -68.60 -41.43
C TYR FA 55 4.30 -67.12 -41.03
N GLN FA 56 3.40 -66.78 -40.10
CA GLN FA 56 3.27 -65.42 -39.53
C GLN FA 56 2.78 -64.36 -40.56
N LEU FA 57 1.99 -64.81 -41.52
CA LEU FA 57 1.42 -63.90 -42.52
C LEU FA 57 -0.09 -63.74 -42.36
N PRO FA 58 -0.57 -62.51 -42.53
CA PRO FA 58 0.24 -61.29 -42.75
C PRO FA 58 0.88 -60.82 -41.43
N PRO FA 59 2.08 -60.23 -41.52
CA PRO FA 59 2.81 -59.66 -40.37
C PRO FA 59 1.94 -58.65 -39.65
N ARG FA 60 1.90 -58.82 -38.35
CA ARG FA 60 1.16 -57.94 -37.43
C ARG FA 60 1.85 -56.58 -37.25
N PRO FA 61 1.05 -55.53 -37.07
CA PRO FA 61 1.55 -54.22 -36.60
C PRO FA 61 1.63 -54.26 -35.07
N ARG FA 62 2.76 -53.80 -34.56
CA ARG FA 62 2.98 -53.66 -33.11
C ARG FA 62 3.11 -52.18 -32.76
N VAL FA 63 2.95 -51.86 -31.49
CA VAL FA 63 3.04 -50.47 -31.01
C VAL FA 63 4.26 -49.75 -31.59
N GLU FA 64 4.01 -48.54 -32.06
CA GLU FA 64 5.09 -47.69 -32.56
C GLU FA 64 5.38 -46.67 -31.47
N ILE FA 65 6.65 -46.59 -31.12
CA ILE FA 65 7.14 -45.63 -30.09
C ILE FA 65 6.76 -44.20 -30.48
N ALA FA 66 6.70 -43.89 -31.75
CA ALA FA 66 6.36 -42.53 -32.24
C ALA FA 66 4.89 -42.17 -31.98
N GLN FA 67 4.02 -43.17 -31.99
CA GLN FA 67 2.58 -43.03 -31.68
C GLN FA 67 2.31 -42.88 -30.18
N MET FA 68 3.15 -42.09 -29.52
CA MET FA 68 3.05 -41.82 -28.07
C MET FA 68 2.04 -40.74 -27.69
N PHE FA 69 1.46 -40.09 -28.69
CA PHE FA 69 0.48 -39.01 -28.49
C PHE FA 69 -0.65 -39.39 -27.50
N PRO FA 70 -1.19 -40.63 -27.56
CA PRO FA 70 -2.21 -41.12 -26.62
C PRO FA 70 -1.77 -41.18 -25.15
N ALA FA 71 -0.46 -41.22 -24.91
CA ALA FA 71 0.08 -41.46 -23.56
C ALA FA 71 0.49 -40.19 -22.82
N ASP FA 72 0.98 -39.20 -23.57
CA ASP FA 72 1.44 -37.91 -23.01
C ASP FA 72 1.40 -36.84 -24.10
N SER FA 73 1.27 -35.61 -23.67
CA SER FA 73 1.05 -34.49 -24.59
C SER FA 73 2.32 -33.69 -24.88
N LEU FA 74 3.32 -33.80 -23.99
CA LEU FA 74 4.60 -33.08 -24.05
C LEU FA 74 5.66 -33.79 -23.20
N VAL FA 75 6.90 -33.65 -23.61
CA VAL FA 75 8.05 -34.31 -22.96
C VAL FA 75 9.13 -33.25 -22.71
N SER FA 76 9.34 -32.98 -21.44
CA SER FA 76 10.35 -32.00 -21.02
C SER FA 76 11.54 -32.66 -20.30
N SER FA 77 11.35 -33.92 -19.91
CA SER FA 77 12.44 -34.65 -19.22
C SER FA 77 12.63 -36.13 -19.66
N PRO FA 78 12.59 -37.15 -18.62
CA PRO FA 78 13.50 -38.25 -18.72
C PRO FA 78 12.96 -39.60 -19.27
N ARG FA 79 11.81 -40.08 -18.83
CA ARG FA 79 11.37 -41.47 -19.15
C ARG FA 79 11.14 -41.71 -20.65
N ALA FA 80 10.43 -40.76 -21.26
CA ALA FA 80 10.10 -40.82 -22.71
C ALA FA 80 11.34 -40.59 -23.59
N GLU FA 81 12.20 -39.67 -23.14
CA GLU FA 81 13.45 -39.35 -23.84
C GLU FA 81 14.40 -40.56 -23.87
N LYS FA 82 14.47 -41.25 -22.74
CA LYS FA 82 15.32 -42.43 -22.57
C LYS FA 82 14.82 -43.63 -23.40
N ALA FA 83 13.50 -43.72 -23.56
CA ALA FA 83 12.88 -44.75 -24.40
C ALA FA 83 13.24 -44.56 -25.89
N ARG FA 84 13.26 -43.30 -26.31
CA ARG FA 84 13.63 -42.93 -27.69
C ARG FA 84 15.12 -43.11 -27.97
N LEU FA 85 15.93 -42.78 -26.98
CA LEU FA 85 17.40 -43.01 -27.03
C LEU FA 85 17.73 -44.50 -27.13
N TYR FA 86 16.98 -45.29 -26.38
CA TYR FA 86 17.10 -46.75 -26.38
C TYR FA 86 16.66 -47.37 -27.71
N SER FA 87 15.58 -46.83 -28.25
CA SER FA 87 15.03 -47.27 -29.54
C SER FA 87 16.00 -46.97 -30.69
N ALA FA 88 16.61 -45.79 -30.63
CA ALA FA 88 17.62 -45.37 -31.61
C ALA FA 88 18.83 -46.30 -31.61
N ILE FA 89 19.23 -46.74 -30.40
CA ILE FA 89 20.36 -47.66 -30.22
C ILE FA 89 20.01 -49.07 -30.75
N GLU FA 90 18.83 -49.54 -30.42
CA GLU FA 90 18.34 -50.85 -30.91
C GLU FA 90 18.33 -50.90 -32.45
N GLN FA 91 17.89 -49.81 -33.05
CA GLN FA 91 17.86 -49.64 -34.51
C GLN FA 91 19.26 -49.55 -35.12
N ARG FA 92 20.17 -48.88 -34.41
CA ARG FA 92 21.58 -48.76 -34.84
C ARG FA 92 22.29 -50.12 -34.84
N LEU FA 93 21.95 -50.93 -33.84
CA LEU FA 93 22.49 -52.29 -33.70
C LEU FA 93 21.96 -53.25 -34.75
N GLU FA 94 20.65 -53.16 -34.96
CA GLU FA 94 19.97 -53.93 -36.01
C GLU FA 94 20.52 -53.57 -37.40
N GLN FA 95 20.79 -52.27 -37.61
CA GLN FA 95 21.35 -51.80 -38.89
C GLN FA 95 22.75 -52.37 -39.13
N SER FA 96 23.55 -52.37 -38.06
CA SER FA 96 24.94 -52.89 -38.10
C SER FA 96 24.97 -54.41 -38.33
N LEU FA 97 24.22 -55.15 -37.52
CA LEU FA 97 24.16 -56.62 -37.64
C LEU FA 97 23.60 -57.12 -38.97
N GLN FA 98 22.68 -56.33 -39.53
CA GLN FA 98 22.06 -56.63 -40.83
C GLN FA 98 23.03 -56.65 -42.01
N THR FA 99 24.19 -56.02 -41.83
CA THR FA 99 25.24 -55.99 -42.87
C THR FA 99 26.05 -57.30 -42.94
N MET FA 100 26.03 -58.08 -41.87
CA MET FA 100 26.66 -59.40 -41.84
C MET FA 100 25.99 -60.29 -42.89
N GLU FA 101 26.82 -60.82 -43.78
CA GLU FA 101 26.35 -61.72 -44.85
C GLU FA 101 25.64 -62.94 -44.25
N GLY FA 102 24.41 -63.17 -44.71
CA GLY FA 102 23.60 -64.29 -44.20
C GLY FA 102 22.40 -63.83 -43.37
N VAL FA 103 22.51 -62.68 -42.73
CA VAL FA 103 21.42 -62.08 -41.94
C VAL FA 103 20.34 -61.56 -42.89
N LEU FA 104 19.12 -62.01 -42.63
CA LEU FA 104 17.94 -61.56 -43.39
C LEU FA 104 16.94 -60.76 -42.54
N SER FA 105 17.11 -60.82 -41.24
CA SER FA 105 16.31 -60.04 -40.26
C SER FA 105 16.92 -60.19 -38.86
N ALA FA 106 16.66 -59.18 -38.08
CA ALA FA 106 17.24 -59.01 -36.74
C ALA FA 106 16.37 -58.12 -35.87
N ARG FA 107 16.25 -58.53 -34.62
CA ARG FA 107 15.56 -57.76 -33.57
C ARG FA 107 16.45 -57.63 -32.35
N VAL FA 108 16.53 -56.41 -31.84
CA VAL FA 108 17.29 -56.11 -30.63
C VAL FA 108 16.37 -55.40 -29.63
N HIS FA 109 16.36 -55.95 -28.42
CA HIS FA 109 15.65 -55.36 -27.28
C HIS FA 109 16.66 -55.12 -26.16
N ILE FA 110 16.84 -53.86 -25.84
CA ILE FA 110 17.85 -53.44 -24.85
C ILE FA 110 17.16 -53.06 -23.53
N SER FA 111 17.86 -53.40 -22.44
CA SER FA 111 17.53 -52.97 -21.07
C SER FA 111 18.69 -52.21 -20.42
N TYR FA 112 18.41 -50.97 -20.08
CA TYR FA 112 19.36 -50.04 -19.41
C TYR FA 112 18.56 -49.10 -18.54
N ASP FA 113 18.53 -49.38 -17.28
CA ASP FA 113 17.80 -48.50 -16.35
C ASP FA 113 18.65 -48.02 -15.21
N ILE FA 114 18.54 -46.82 -14.79
CA ILE FA 114 19.24 -46.30 -13.61
C ILE FA 114 18.21 -46.05 -12.52
N ASP FA 115 18.15 -46.87 -11.53
CA ASP FA 115 17.12 -46.79 -10.48
C ASP FA 115 17.69 -46.34 -9.14
N ALA FA 116 16.98 -45.66 -8.35
CA ALA FA 116 17.28 -45.31 -6.94
C ALA FA 116 16.37 -46.08 -5.99
N GLY FA 117 16.93 -47.11 -5.40
CA GLY FA 117 16.22 -48.02 -4.46
C GLY FA 117 15.75 -47.23 -3.24
N GLU FA 118 16.55 -46.41 -2.71
CA GLU FA 118 16.41 -45.54 -1.50
C GLU FA 118 17.63 -44.66 -1.33
N ASN FA 119 17.66 -43.83 -0.30
CA ASN FA 119 18.82 -42.97 0.02
C ASN FA 119 20.09 -43.81 0.19
N GLY FA 120 21.08 -43.44 -0.64
CA GLY FA 120 22.40 -44.11 -0.69
C GLY FA 120 22.36 -45.54 -1.25
N ARG FA 121 21.45 -45.80 -2.19
CA ARG FA 121 21.32 -47.11 -2.86
C ARG FA 121 20.91 -46.99 -4.34
N PRO FA 122 21.90 -46.88 -5.23
CA PRO FA 122 21.67 -46.85 -6.68
C PRO FA 122 21.91 -48.21 -7.35
N PRO FA 123 20.89 -48.77 -7.99
CA PRO FA 123 21.06 -49.91 -8.92
C PRO FA 123 21.11 -49.54 -10.41
N LYS FA 124 21.82 -50.37 -11.14
CA LYS FA 124 21.95 -50.33 -12.61
C LYS FA 124 21.59 -51.68 -13.26
N PRO FA 125 20.51 -51.75 -13.97
CA PRO FA 125 20.10 -52.92 -14.80
C PRO FA 125 20.58 -52.79 -16.24
N VAL FA 126 21.25 -53.84 -16.60
CA VAL FA 126 21.80 -53.99 -17.96
C VAL FA 126 21.37 -55.33 -18.49
N HIS FA 127 21.19 -55.38 -19.81
CA HIS FA 127 21.06 -56.62 -20.59
C HIS FA 127 20.60 -56.31 -22.01
N LEU FA 128 20.87 -57.22 -22.91
CA LEU FA 128 20.39 -57.16 -24.29
C LEU FA 128 19.90 -58.53 -24.78
N SER FA 129 18.82 -58.48 -25.54
CA SER FA 129 18.29 -59.67 -26.25
C SER FA 129 18.34 -59.45 -27.77
N ALA FA 130 18.98 -60.38 -28.45
CA ALA FA 130 19.19 -60.32 -29.91
C ALA FA 130 18.74 -61.60 -30.59
N LEU FA 131 17.85 -61.40 -31.53
CA LEU FA 131 17.36 -62.47 -32.41
C LEU FA 131 17.75 -62.14 -33.84
N ALA FA 132 18.48 -63.05 -34.45
CA ALA FA 132 18.83 -62.91 -35.87
C ALA FA 132 18.40 -64.11 -36.68
N VAL FA 133 17.75 -63.83 -37.77
CA VAL FA 133 17.32 -64.85 -38.73
C VAL FA 133 18.32 -64.90 -39.87
N TYR FA 134 18.78 -66.07 -40.13
CA TYR FA 134 19.76 -66.30 -41.19
C TYR FA 134 19.11 -66.98 -42.39
N GLU FA 135 19.71 -66.74 -43.55
CA GLU FA 135 19.35 -67.44 -44.77
C GLU FA 135 19.49 -68.93 -44.58
N ARG FA 136 18.72 -69.72 -45.17
CA ARG FA 136 18.77 -71.21 -45.14
C ARG FA 136 20.16 -71.81 -45.53
N GLY FA 137 20.85 -71.04 -46.36
CA GLY FA 137 22.13 -71.49 -46.95
C GLY FA 137 23.37 -70.95 -46.25
N SER FA 138 23.20 -70.28 -45.10
CA SER FA 138 24.32 -69.74 -44.32
C SER FA 138 24.23 -70.14 -42.84
N PRO FA 139 25.27 -70.79 -42.33
CA PRO FA 139 25.42 -71.09 -40.90
C PRO FA 139 26.13 -69.92 -40.19
N LEU FA 140 25.38 -69.23 -39.34
CA LEU FA 140 25.93 -68.09 -38.58
C LEU FA 140 26.27 -68.44 -37.13
N ALA FA 141 26.25 -69.73 -36.82
CA ALA FA 141 26.51 -70.24 -35.46
C ALA FA 141 27.93 -69.87 -34.98
N HIS FA 142 28.89 -69.96 -35.90
CA HIS FA 142 30.28 -69.56 -35.62
C HIS FA 142 30.48 -68.07 -35.37
N GLN FA 143 29.49 -67.27 -35.76
CA GLN FA 143 29.54 -65.79 -35.62
C GLN FA 143 28.84 -65.28 -34.36
N ILE FA 144 28.41 -66.18 -33.48
CA ILE FA 144 27.66 -65.79 -32.27
C ILE FA 144 28.50 -64.92 -31.32
N SER FA 145 29.76 -65.33 -31.14
CA SER FA 145 30.71 -64.62 -30.26
C SER FA 145 31.04 -63.22 -30.80
N ASP FA 146 31.16 -63.12 -32.12
CA ASP FA 146 31.40 -61.83 -32.78
C ASP FA 146 30.20 -60.89 -32.65
N ILE FA 147 29.01 -61.45 -32.82
CA ILE FA 147 27.75 -60.70 -32.66
C ILE FA 147 27.60 -60.20 -31.21
N LYS FA 148 27.89 -61.07 -30.24
CA LYS FA 148 27.83 -60.68 -28.82
C LYS FA 148 28.79 -59.54 -28.49
N ARG FA 149 29.99 -59.60 -29.05
CA ARG FA 149 31.02 -58.58 -28.81
C ARG FA 149 30.64 -57.22 -29.43
N PHE FA 150 29.95 -57.26 -30.55
CA PHE FA 150 29.50 -56.05 -31.27
C PHE FA 150 28.41 -55.35 -30.48
N LEU FA 151 27.51 -56.17 -29.94
CA LEU FA 151 26.41 -55.69 -29.09
C LEU FA 151 26.91 -55.16 -27.76
N LYS FA 152 27.89 -55.87 -27.18
CA LYS FA 152 28.48 -55.48 -25.90
C LYS FA 152 29.08 -54.07 -25.95
N ASN FA 153 29.82 -53.80 -27.01
CA ASN FA 153 30.59 -52.56 -27.12
C ASN FA 153 29.84 -51.40 -27.79
N SER FA 154 28.61 -51.68 -28.19
CA SER FA 154 27.73 -50.62 -28.73
C SER FA 154 26.95 -49.90 -27.64
N PHE FA 155 26.83 -50.56 -26.49
CA PHE FA 155 25.90 -50.14 -25.44
C PHE FA 155 26.61 -49.98 -24.09
N ALA FA 156 26.14 -48.97 -23.35
CA ALA FA 156 26.68 -48.62 -22.04
C ALA FA 156 26.45 -49.71 -20.98
N ASP FA 157 27.55 -50.03 -20.31
CA ASP FA 157 27.59 -50.93 -19.16
C ASP FA 157 26.96 -52.31 -19.45
N VAL FA 158 27.40 -52.98 -20.52
CA VAL FA 158 26.92 -54.35 -20.83
C VAL FA 158 28.07 -55.34 -20.68
N ASP FA 159 27.73 -56.48 -20.07
CA ASP FA 159 28.64 -57.62 -20.00
C ASP FA 159 28.09 -58.77 -20.85
N TYR FA 160 29.01 -59.61 -21.32
CA TYR FA 160 28.69 -60.75 -22.19
C TYR FA 160 27.65 -61.72 -21.62
N ASP FA 161 27.74 -61.93 -20.30
CA ASP FA 161 26.85 -62.84 -19.59
C ASP FA 161 25.37 -62.38 -19.62
N ASN FA 162 25.18 -61.10 -19.87
CA ASN FA 162 23.84 -60.48 -19.94
C ASN FA 162 23.45 -60.16 -21.37
N ILE FA 163 23.94 -60.89 -22.31
CA ILE FA 163 23.53 -60.77 -23.73
C ILE FA 163 23.08 -62.15 -24.19
N SER FA 164 21.87 -62.19 -24.71
CA SER FA 164 21.34 -63.40 -25.37
C SER FA 164 21.31 -63.18 -26.88
N VAL FA 165 22.00 -64.05 -27.59
CA VAL FA 165 22.00 -64.07 -29.06
C VAL FA 165 21.45 -65.41 -29.53
N VAL FA 166 20.29 -65.33 -30.17
CA VAL FA 166 19.62 -66.51 -30.74
C VAL FA 166 19.59 -66.35 -32.26
N LEU FA 167 20.08 -67.38 -32.92
CA LEU FA 167 20.07 -67.44 -34.39
C LEU FA 167 19.15 -68.56 -34.87
N SER FA 168 18.22 -68.20 -35.73
CA SER FA 168 17.24 -69.14 -36.30
C SER FA 168 17.18 -69.02 -37.82
N GLU FA 169 17.23 -70.19 -38.48
CA GLU FA 169 17.15 -70.28 -39.96
C GLU FA 169 15.73 -69.94 -40.30
N ARG FA 170 15.61 -69.19 -41.38
CA ARG FA 170 14.26 -68.96 -41.94
C ARG FA 170 13.53 -70.28 -42.30
N LYS GA 1 53.22 45.25 -51.37
CA LYS GA 1 52.82 44.03 -50.67
C LYS GA 1 52.05 44.34 -49.38
N ASP GA 2 50.94 43.64 -49.19
CA ASP GA 2 50.12 43.80 -47.98
C ASP GA 2 50.87 43.23 -46.77
N LEU GA 3 50.82 43.99 -45.70
CA LEU GA 3 51.26 43.54 -44.37
C LEU GA 3 50.11 42.89 -43.60
N LEU GA 4 49.21 43.73 -43.10
CA LEU GA 4 48.01 43.30 -42.36
C LEU GA 4 46.80 44.16 -42.72
N LYS GA 5 45.65 43.51 -42.66
CA LYS GA 5 44.33 44.15 -42.82
C LYS GA 5 43.55 44.02 -41.50
N GLY GA 6 42.46 44.80 -41.44
CA GLY GA 6 41.51 44.78 -40.30
C GLY GA 6 42.15 45.21 -38.98
N LEU GA 7 43.10 46.12 -39.08
CA LEU GA 7 43.77 46.71 -37.91
C LEU GA 7 42.92 47.82 -37.31
N ASP GA 8 42.97 47.93 -35.99
CA ASP GA 8 42.41 49.10 -35.29
C ASP GA 8 43.29 50.32 -35.67
N GLN GA 9 42.72 51.52 -35.51
CA GLN GA 9 43.44 52.79 -35.74
C GLN GA 9 44.73 52.89 -34.91
N GLU GA 10 44.68 52.43 -33.65
CA GLU GA 10 45.85 52.51 -32.75
C GLU GA 10 46.97 51.54 -33.17
N GLN GA 11 46.58 50.30 -33.48
CA GLN GA 11 47.54 49.28 -33.91
C GLN GA 11 48.19 49.65 -35.25
N ALA GA 12 47.35 50.15 -36.16
CA ALA GA 12 47.81 50.62 -37.47
C ALA GA 12 48.72 51.86 -37.36
N ASN GA 13 48.36 52.79 -36.47
CA ASN GA 13 49.18 53.99 -36.23
C ASN GA 13 50.54 53.70 -35.61
N GLU GA 14 50.55 52.76 -34.66
CA GLU GA 14 51.80 52.40 -33.98
C GLU GA 14 52.77 51.65 -34.92
N VAL GA 15 52.21 50.74 -35.73
CA VAL GA 15 52.99 50.01 -36.75
C VAL GA 15 53.47 50.92 -37.88
N ILE GA 16 52.61 51.84 -38.30
CA ILE GA 16 52.98 52.77 -39.40
C ILE GA 16 54.12 53.71 -38.96
N ALA GA 17 54.02 54.19 -37.72
CA ALA GA 17 54.98 55.13 -37.14
C ALA GA 17 56.32 54.45 -36.90
N VAL GA 18 56.28 53.20 -36.42
CA VAL GA 18 57.48 52.37 -36.21
C VAL GA 18 58.19 52.11 -37.55
N LEU GA 19 57.42 51.80 -38.59
CA LEU GA 19 58.04 51.52 -39.90
C LEU GA 19 58.62 52.77 -40.56
N GLN GA 20 57.89 53.88 -40.45
CA GLN GA 20 58.33 55.17 -40.98
C GLN GA 20 59.60 55.69 -40.29
N MET GA 21 59.69 55.45 -38.99
CA MET GA 21 60.87 55.85 -38.19
C MET GA 21 62.13 55.01 -38.53
N HIS GA 22 61.90 53.84 -39.15
CA HIS GA 22 62.99 52.96 -39.59
C HIS GA 22 63.20 53.01 -41.11
N ASN GA 23 62.78 54.13 -41.73
CA ASN GA 23 62.98 54.36 -43.17
C ASN GA 23 62.30 53.28 -44.05
N ILE GA 24 61.14 52.82 -43.62
CA ILE GA 24 60.35 51.87 -44.43
C ILE GA 24 59.17 52.63 -45.02
N GLU GA 25 59.07 52.53 -46.35
CA GLU GA 25 57.97 53.15 -47.10
C GLU GA 25 56.70 52.31 -46.93
N ALA GA 26 55.86 52.77 -46.01
CA ALA GA 26 54.58 52.10 -45.72
C ALA GA 26 53.41 53.05 -46.03
N ASN GA 27 52.35 52.46 -46.56
CA ASN GA 27 51.12 53.17 -46.87
C ASN GA 27 49.94 52.52 -46.14
N LYS GA 28 48.93 53.32 -45.87
CA LYS GA 28 47.73 52.85 -45.15
C LYS GA 28 46.46 53.22 -45.90
N ILE GA 29 45.53 52.28 -45.88
CA ILE GA 29 44.18 52.45 -46.46
C ILE GA 29 43.13 52.04 -45.43
N ASP GA 30 42.04 52.76 -45.39
CA ASP GA 30 40.90 52.43 -44.53
C ASP GA 30 39.83 51.71 -45.37
N SER GA 31 39.34 50.61 -44.83
CA SER GA 31 38.23 49.88 -45.46
C SER GA 31 36.87 50.49 -45.08
N GLY GA 32 35.80 49.83 -45.52
CA GLY GA 32 34.42 50.29 -45.29
C GLY GA 32 34.03 50.32 -43.79
N LYS GA 33 34.61 49.39 -43.04
CA LYS GA 33 34.31 49.22 -41.60
C LYS GA 33 35.09 50.18 -40.69
N LEU GA 34 36.00 50.97 -41.25
CA LEU GA 34 36.92 51.87 -40.51
C LEU GA 34 38.20 51.14 -40.06
N GLY GA 35 38.33 49.85 -40.43
CA GLY GA 35 39.57 49.07 -40.22
C GLY GA 35 40.67 49.44 -41.21
N TYR GA 36 41.90 49.26 -40.85
CA TYR GA 36 43.07 49.78 -41.60
C TYR GA 36 43.91 48.64 -42.14
N SER GA 37 44.45 48.88 -43.31
CA SER GA 37 45.41 47.97 -43.97
C SER GA 37 46.72 48.71 -44.21
N ILE GA 38 47.79 48.03 -43.88
CA ILE GA 38 49.16 48.54 -44.09
C ILE GA 38 49.86 47.74 -45.18
N THR GA 39 50.55 48.45 -46.03
CA THR GA 39 51.28 47.86 -47.18
C THR GA 39 52.65 48.52 -47.29
N VAL GA 40 53.61 47.79 -47.78
CA VAL GA 40 54.98 48.28 -48.02
C VAL GA 40 55.43 47.90 -49.43
N ALA GA 41 56.43 48.61 -49.93
CA ALA GA 41 57.07 48.22 -51.20
C ALA GA 41 57.64 46.81 -51.01
N GLU GA 42 57.56 45.98 -52.05
CA GLU GA 42 58.15 44.62 -52.03
C GLU GA 42 59.63 44.58 -51.58
N PRO GA 43 60.48 45.55 -51.97
CA PRO GA 43 61.89 45.61 -51.56
C PRO GA 43 62.09 45.83 -50.06
N ASP GA 44 61.07 46.34 -49.38
CA ASP GA 44 61.12 46.59 -47.93
C ASP GA 44 60.32 45.57 -47.11
N PHE GA 45 59.77 44.56 -47.77
CA PHE GA 45 58.87 43.60 -47.11
C PHE GA 45 59.57 42.81 -45.99
N THR GA 46 60.75 42.26 -46.30
CA THR GA 46 61.52 41.44 -45.34
C THR GA 46 61.94 42.27 -44.12
N ALA GA 47 62.46 43.48 -44.39
CA ALA GA 47 62.85 44.40 -43.31
C ALA GA 47 61.63 44.74 -42.44
N ALA GA 48 60.53 45.08 -43.09
CA ALA GA 48 59.27 45.50 -42.43
C ALA GA 48 58.73 44.43 -41.47
N VAL GA 49 58.78 43.18 -41.92
CA VAL GA 49 58.34 42.03 -41.10
C VAL GA 49 59.28 41.81 -39.90
N TYR GA 50 60.56 42.05 -40.11
CA TYR GA 50 61.59 41.89 -39.07
C TYR GA 50 61.40 42.92 -37.97
N TRP GA 51 61.19 44.16 -38.41
CA TRP GA 51 60.93 45.27 -37.46
C TRP GA 51 59.61 45.02 -36.74
N ILE GA 52 58.57 44.66 -37.38
CA ILE GA 52 57.25 44.42 -36.73
C ILE GA 52 57.32 43.28 -35.68
N LYS GA 53 58.02 42.21 -36.06
CA LYS GA 53 58.19 41.01 -35.20
C LYS GA 53 59.02 41.35 -33.96
N THR GA 54 60.06 42.14 -34.17
CA THR GA 54 60.97 42.56 -33.09
C THR GA 54 60.27 43.46 -32.05
N TYR GA 55 59.20 44.13 -32.48
CA TYR GA 55 58.43 45.03 -31.60
C TYR GA 55 57.07 44.46 -31.18
N GLN GA 56 56.89 43.14 -31.32
CA GLN GA 56 55.67 42.43 -30.86
C GLN GA 56 54.40 42.79 -31.68
N LEU GA 57 54.60 43.14 -32.93
CA LEU GA 57 53.47 43.47 -33.82
C LEU GA 57 53.28 42.40 -34.92
N PRO GA 58 52.02 42.07 -35.19
CA PRO GA 58 50.82 42.56 -34.48
C PRO GA 58 50.67 41.85 -33.12
N PRO GA 59 50.13 42.54 -32.12
CA PRO GA 59 49.84 42.00 -30.78
C PRO GA 59 48.96 40.76 -30.89
N ARG GA 60 49.41 39.73 -30.19
CA ARG GA 60 48.72 38.44 -30.11
C ARG GA 60 47.45 38.53 -29.24
N PRO GA 61 46.43 37.76 -29.60
CA PRO GA 61 45.28 37.49 -28.72
C PRO GA 61 45.64 36.34 -27.78
N ARG GA 62 45.35 36.54 -26.50
CA ARG GA 62 45.54 35.52 -25.46
C ARG GA 62 44.17 35.12 -24.92
N VAL GA 63 44.12 33.97 -24.27
CA VAL GA 63 42.87 33.44 -23.68
C VAL GA 63 42.10 34.53 -22.92
N GLU GA 64 40.81 34.58 -23.20
CA GLU GA 64 39.92 35.50 -22.48
C GLU GA 64 39.16 34.67 -21.46
N ILE GA 65 39.22 35.13 -20.22
CA ILE GA 65 38.53 34.48 -19.09
C ILE GA 65 37.03 34.36 -19.37
N ALA GA 66 36.45 35.29 -20.10
CA ALA GA 66 35.02 35.27 -20.44
C ALA GA 66 34.65 34.14 -21.40
N GLN GA 67 35.59 33.77 -22.27
CA GLN GA 67 35.43 32.65 -23.22
C GLN GA 67 35.61 31.28 -22.54
N MET GA 68 35.01 31.15 -21.36
CA MET GA 68 35.04 29.91 -20.56
C MET GA 68 34.02 28.85 -20.98
N PHE GA 69 33.14 29.21 -21.91
CA PHE GA 69 32.09 28.30 -22.40
C PHE GA 69 32.62 26.90 -22.79
N PRO GA 70 33.78 26.80 -23.46
CA PRO GA 70 34.41 25.51 -23.82
C PRO GA 70 34.80 24.64 -22.62
N ALA GA 71 34.96 25.24 -21.45
CA ALA GA 71 35.51 24.52 -20.28
C ALA GA 71 34.44 24.00 -19.32
N ASP GA 72 33.33 24.74 -19.19
CA ASP GA 72 32.22 24.41 -18.29
C ASP GA 72 30.95 25.09 -18.77
N SER GA 73 29.83 24.49 -18.43
CA SER GA 73 28.52 24.93 -18.96
C SER GA 73 27.75 25.80 -17.97
N LEU GA 74 28.09 25.71 -16.68
CA LEU GA 74 27.43 26.42 -15.57
C LEU GA 74 28.37 26.49 -14.35
N VAL GA 75 28.20 27.54 -13.57
CA VAL GA 75 29.03 27.80 -12.38
C VAL GA 75 28.10 28.10 -11.21
N SER GA 76 28.12 27.19 -10.25
CA SER GA 76 27.29 27.31 -9.04
C SER GA 76 28.15 27.55 -7.78
N SER GA 77 29.46 27.31 -7.92
CA SER GA 77 30.37 27.53 -6.77
C SER GA 77 31.72 28.20 -7.12
N PRO GA 78 32.93 27.50 -6.71
CA PRO GA 78 34.04 28.27 -6.22
C PRO GA 78 35.21 28.58 -7.19
N ARG GA 79 35.72 27.60 -7.93
CA ARG GA 79 36.99 27.80 -8.69
C ARG GA 79 36.89 28.87 -9.79
N ALA GA 80 35.80 28.79 -10.56
CA ALA GA 80 35.54 29.75 -11.65
C ALA GA 80 35.18 31.14 -11.15
N GLU GA 81 34.43 31.18 -10.04
CA GLU GA 81 34.02 32.44 -9.40
C GLU GA 81 35.24 33.20 -8.86
N LYS GA 82 36.16 32.44 -8.25
CA LYS GA 82 37.39 32.99 -7.67
C LYS GA 82 38.35 33.52 -8.74
N ALA GA 83 38.36 32.87 -9.91
CA ALA GA 83 39.16 33.31 -11.06
C ALA GA 83 38.67 34.67 -11.60
N ARG GA 84 37.35 34.84 -11.62
CA ARG GA 84 36.71 36.09 -12.06
C ARG GA 84 36.90 37.22 -11.05
N LEU GA 85 36.83 36.89 -9.78
CA LEU GA 85 37.11 37.84 -8.68
C LEU GA 85 38.56 38.33 -8.72
N TYR GA 86 39.45 37.39 -9.01
CA TYR GA 86 40.90 37.68 -9.15
C TYR GA 86 41.19 38.55 -10.37
N SER GA 87 40.50 38.25 -11.46
CA SER GA 87 40.63 39.00 -12.72
C SER GA 87 40.14 40.45 -12.57
N ALA GA 88 39.03 40.60 -11.84
CA ALA GA 88 38.46 41.92 -11.53
C ALA GA 88 39.43 42.76 -10.71
N ILE GA 89 40.13 42.12 -9.77
CA ILE GA 89 41.12 42.78 -8.91
C ILE GA 89 42.36 43.20 -9.72
N GLU GA 90 42.83 42.29 -10.56
CA GLU GA 90 43.99 42.57 -11.44
C GLU GA 90 43.72 43.78 -12.35
N GLN GA 91 42.50 43.84 -12.87
CA GLN GA 91 42.03 44.96 -13.71
C GLN GA 91 41.88 46.26 -12.92
N ARG GA 92 41.42 46.15 -11.69
CA ARG GA 92 41.27 47.31 -10.78
C ARG GA 92 42.63 47.93 -10.44
N LEU GA 93 43.62 47.05 -10.25
CA LEU GA 93 45.01 47.45 -9.97
C LEU GA 93 45.70 48.10 -11.16
N GLU GA 94 45.51 47.47 -12.31
CA GLU GA 94 45.99 48.00 -13.59
C GLU GA 94 45.38 49.37 -13.90
N GLN GA 95 44.08 49.52 -13.59
CA GLN GA 95 43.38 50.80 -13.80
C GLN GA 95 43.95 51.91 -12.90
N SER GA 96 44.21 51.55 -11.65
CA SER GA 96 44.78 52.47 -10.65
C SER GA 96 46.22 52.90 -11.01
N LEU GA 97 47.07 51.91 -11.26
CA LEU GA 97 48.48 52.17 -11.62
C LEU GA 97 48.65 52.96 -12.91
N GLN GA 98 47.72 52.74 -13.84
CA GLN GA 98 47.72 53.42 -15.14
C GLN GA 98 47.52 54.95 -15.04
N THR GA 99 47.01 55.41 -13.91
CA THR GA 99 46.81 56.86 -13.66
C THR GA 99 48.10 57.58 -13.28
N MET GA 100 49.10 56.83 -12.80
CA MET GA 100 50.42 57.37 -12.49
C MET GA 100 51.05 57.92 -13.78
N GLU GA 101 51.41 59.21 -13.73
CA GLU GA 101 52.04 59.89 -14.87
C GLU GA 101 53.33 59.17 -15.28
N GLY GA 102 53.39 58.83 -16.57
CA GLY GA 102 54.55 58.10 -17.11
C GLY GA 102 54.23 56.66 -17.52
N VAL GA 103 53.24 56.06 -16.86
CA VAL GA 103 52.77 54.69 -17.19
C VAL GA 103 52.02 54.73 -18.52
N LEU GA 104 52.45 53.87 -19.41
CA LEU GA 104 51.79 53.70 -20.72
C LEU GA 104 51.14 52.31 -20.90
N SER GA 105 51.47 51.39 -20.02
CA SER GA 105 50.89 50.03 -19.98
C SER GA 105 51.36 49.31 -18.72
N ALA GA 106 50.52 48.40 -18.29
CA ALA GA 106 50.67 47.67 -17.03
C ALA GA 106 49.96 46.32 -17.09
N ARG GA 107 50.60 45.33 -16.52
CA ARG GA 107 50.04 43.98 -16.34
C ARG GA 107 50.21 43.54 -14.90
N VAL GA 108 49.14 43.01 -14.34
CA VAL GA 108 49.13 42.46 -12.97
C VAL GA 108 48.61 41.01 -13.03
N HIS GA 109 49.40 40.15 -12.43
CA HIS GA 109 49.03 38.74 -12.24
C HIS GA 109 49.08 38.42 -10.75
N ILE GA 110 47.93 38.10 -10.21
CA ILE GA 110 47.78 37.85 -8.78
C ILE GA 110 47.65 36.34 -8.49
N SER GA 111 48.23 35.96 -7.36
CA SER GA 111 48.09 34.62 -6.77
C SER GA 111 47.55 34.70 -5.35
N TYR GA 112 46.40 34.08 -5.16
CA TYR GA 112 45.67 33.99 -3.86
C TYR GA 112 44.91 32.69 -3.85
N ASP GA 113 45.44 31.72 -3.19
CA ASP GA 113 44.75 30.42 -3.09
C ASP GA 113 44.55 29.96 -1.68
N ILE GA 114 43.47 29.40 -1.33
CA ILE GA 114 43.26 28.81 0.00
C ILE GA 114 43.18 27.30 -0.16
N ASP GA 115 44.20 26.60 0.24
CA ASP GA 115 44.29 25.14 0.03
C ASP GA 115 44.16 24.36 1.33
N ALA GA 116 43.63 23.22 1.33
CA ALA GA 116 43.59 22.23 2.45
C ALA GA 116 44.50 21.05 2.14
N GLY GA 117 45.67 21.07 2.76
CA GLY GA 117 46.72 20.04 2.59
C GLY GA 117 46.18 18.68 3.03
N GLU GA 118 45.53 18.63 4.12
CA GLU GA 118 44.93 17.45 4.85
C GLU GA 118 44.16 17.93 6.07
N ASN GA 119 43.58 17.02 6.82
CA ASN GA 119 42.85 17.34 8.07
C ASN GA 119 43.77 18.08 9.05
N GLY GA 120 43.29 19.28 9.41
CA GLY GA 120 43.99 20.20 10.34
C GLY GA 120 45.26 20.83 9.75
N ARG GA 121 45.27 21.06 8.44
CA ARG GA 121 46.41 21.70 7.74
C ARG GA 121 45.96 22.59 6.57
N PRO GA 122 45.72 23.87 6.86
CA PRO GA 122 45.36 24.89 5.85
C PRO GA 122 46.57 25.74 5.43
N PRO GA 123 46.92 25.72 4.17
CA PRO GA 123 47.85 26.71 3.57
C PRO GA 123 47.17 27.86 2.81
N LYS GA 124 47.87 28.98 2.83
CA LYS GA 124 47.52 30.22 2.09
C LYS GA 124 48.69 30.70 1.20
N PRO GA 125 48.56 30.62 -0.09
CA PRO GA 125 49.49 31.20 -1.08
C PRO GA 125 49.09 32.60 -1.51
N VAL GA 126 50.08 33.44 -1.36
CA VAL GA 126 49.95 34.86 -1.71
C VAL GA 126 51.14 35.21 -2.59
N HIS GA 127 50.89 36.15 -3.50
CA HIS GA 127 51.94 36.87 -4.26
C HIS GA 127 51.31 37.67 -5.39
N LEU GA 128 52.02 38.67 -5.85
CA LEU GA 128 51.64 39.46 -7.02
C LEU GA 128 52.85 39.75 -7.92
N SER GA 129 52.60 39.70 -9.22
CA SER GA 129 53.59 40.10 -10.25
C SER GA 129 53.06 41.31 -11.04
N ALA GA 130 53.84 42.35 -11.08
CA ALA GA 130 53.48 43.62 -11.74
C ALA GA 130 54.57 44.07 -12.70
N LEU GA 131 54.14 44.25 -13.93
CA LEU GA 131 54.97 44.80 -15.01
C LEU GA 131 54.37 46.13 -15.46
N ALA GA 132 55.16 47.18 -15.37
CA ALA GA 132 54.74 48.48 -15.89
C ALA GA 132 55.73 49.03 -16.90
N VAL GA 133 55.18 49.47 -18.00
CA VAL GA 133 55.96 50.10 -19.08
C VAL GA 133 55.81 51.62 -18.94
N TYR GA 134 56.93 52.26 -18.91
CA TYR GA 134 56.98 53.72 -18.77
C TYR GA 134 57.35 54.37 -20.09
N GLU GA 135 56.90 55.60 -20.24
CA GLU GA 135 57.31 56.46 -21.36
C GLU GA 135 58.82 56.60 -21.37
N ARG GA 136 59.42 56.71 -22.47
CA ARG GA 136 60.87 56.94 -22.65
C ARG GA 136 61.45 58.16 -21.87
N GLY GA 137 60.55 59.12 -21.66
CA GLY GA 137 60.94 60.42 -21.06
C GLY GA 137 60.61 60.52 -19.56
N SER GA 138 60.20 59.41 -18.93
CA SER GA 138 59.89 59.40 -17.50
C SER GA 138 60.58 58.24 -16.78
N PRO GA 139 61.37 58.55 -15.76
CA PRO GA 139 61.98 57.54 -14.86
C PRO GA 139 61.02 57.25 -13.70
N LEU GA 140 60.49 56.03 -13.70
CA LEU GA 140 59.57 55.60 -12.63
C LEU GA 140 60.23 54.70 -11.58
N ALA GA 141 61.56 54.63 -11.63
CA ALA GA 141 62.35 53.79 -10.72
C ALA GA 141 62.16 54.20 -9.25
N HIS GA 142 62.09 55.51 -9.02
CA HIS GA 142 61.83 56.07 -7.67
C HIS GA 142 60.43 55.79 -7.13
N GLN GA 143 59.52 55.38 -8.02
CA GLN GA 143 58.13 55.09 -7.65
C GLN GA 143 57.85 53.61 -7.40
N ILE GA 144 58.89 52.79 -7.38
CA ILE GA 144 58.74 51.32 -7.22
C ILE GA 144 58.13 50.95 -5.86
N SER GA 145 58.61 51.63 -4.82
CA SER GA 145 58.17 51.40 -3.43
C SER GA 145 56.70 51.81 -3.25
N ASP GA 146 56.33 52.92 -3.90
CA ASP GA 146 54.93 53.41 -3.88
C ASP GA 146 54.00 52.44 -4.61
N ILE GA 147 54.46 51.95 -5.76
CA ILE GA 147 53.68 50.97 -6.54
C ILE GA 147 53.49 49.66 -5.75
N LYS GA 148 54.57 49.20 -5.10
CA LYS GA 148 54.48 47.99 -4.26
C LYS GA 148 53.48 48.13 -3.11
N ARG GA 149 53.48 49.31 -2.48
CA ARG GA 149 52.58 49.59 -1.36
C ARG GA 149 51.11 49.64 -1.78
N PHE GA 150 50.88 50.12 -2.99
CA PHE GA 150 49.53 50.26 -3.57
C PHE GA 150 48.96 48.89 -3.88
N LEU GA 151 49.83 48.05 -4.42
CA LEU GA 151 49.49 46.65 -4.74
C LEU GA 151 49.27 45.81 -3.47
N LYS GA 152 50.13 46.04 -2.48
CA LYS GA 152 50.06 45.33 -1.19
C LYS GA 152 48.69 45.53 -0.52
N ASN GA 153 48.25 46.77 -0.49
CA ASN GA 153 47.04 47.15 0.26
C ASN GA 153 45.74 47.06 -0.53
N SER GA 154 45.87 46.68 -1.80
CA SER GA 154 44.68 46.43 -2.63
C SER GA 154 44.17 45.00 -2.53
N PHE GA 155 45.04 44.12 -2.06
CA PHE GA 155 44.82 42.68 -2.12
C PHE GA 155 44.98 42.00 -0.75
N ALA GA 156 44.13 41.00 -0.55
CA ALA GA 156 44.09 40.23 0.71
C ALA GA 156 45.36 39.41 0.95
N ASP GA 157 45.87 39.59 2.16
CA ASP GA 157 47.00 38.84 2.72
C ASP GA 157 48.26 38.88 1.83
N VAL GA 158 48.71 40.09 1.44
CA VAL GA 158 49.95 40.24 0.66
C VAL GA 158 51.00 40.94 1.51
N ASP GA 159 52.22 40.43 1.40
CA ASP GA 159 53.40 41.07 1.98
C ASP GA 159 54.31 41.59 0.86
N TYR GA 160 55.07 42.62 1.19
CA TYR GA 160 56.01 43.28 0.25
C TYR GA 160 57.02 42.35 -0.42
N ASP GA 161 57.49 41.39 0.38
CA ASP GA 161 58.50 40.41 -0.08
C ASP GA 161 57.97 39.50 -1.19
N ASN GA 162 56.66 39.40 -1.28
CA ASN GA 162 55.97 38.56 -2.30
C ASN GA 162 55.33 39.41 -3.39
N ILE GA 163 55.87 40.55 -3.65
CA ILE GA 163 55.45 41.41 -4.77
C ILE GA 163 56.67 41.70 -5.63
N SER GA 164 56.54 41.39 -6.91
CA SER GA 164 57.55 41.76 -7.91
C SER GA 164 57.02 42.90 -8.77
N VAL GA 165 57.76 44.00 -8.77
CA VAL GA 165 57.45 45.17 -9.62
C VAL GA 165 58.64 45.40 -10.55
N VAL GA 166 58.38 45.20 -11.83
CA VAL GA 166 59.37 45.41 -12.89
C VAL GA 166 58.89 46.57 -13.76
N LEU GA 167 59.78 47.53 -13.94
CA LEU GA 167 59.54 48.70 -14.79
C LEU GA 167 60.48 48.68 -16.00
N SER GA 168 59.90 48.74 -17.18
CA SER GA 168 60.66 48.75 -18.44
C SER GA 168 60.22 49.90 -19.34
N GLU GA 169 61.21 50.62 -19.87
CA GLU GA 169 60.99 51.75 -20.80
C GLU GA 169 60.52 51.13 -22.08
N ARG GA 170 59.54 51.78 -22.68
CA ARG GA 170 59.14 51.39 -24.05
C ARG GA 170 60.33 51.43 -25.05
N LYS HA 1 -66.72 50.31 23.13
CA LYS HA 1 -65.27 50.00 23.07
C LYS HA 1 -65.03 48.48 23.05
N ASP HA 2 -64.17 48.05 22.15
CA ASP HA 2 -63.79 46.63 22.05
C ASP HA 2 -62.95 46.23 23.27
N LEU HA 3 -63.28 45.07 23.80
CA LEU HA 3 -62.48 44.39 24.81
C LEU HA 3 -61.46 43.45 24.15
N LEU HA 4 -61.95 42.32 23.67
CA LEU HA 4 -61.14 41.31 22.97
C LEU HA 4 -61.89 40.69 21.79
N LYS HA 5 -61.12 40.34 20.79
CA LYS HA 5 -61.59 39.61 19.61
C LYS HA 5 -60.92 38.22 19.57
N GLY HA 6 -61.48 37.36 18.70
CA GLY HA 6 -60.94 36.02 18.44
C GLY HA 6 -60.98 35.10 19.66
N LEU HA 7 -62.00 35.31 20.50
CA LEU HA 7 -62.23 34.48 21.69
C LEU HA 7 -62.94 33.19 21.31
N ASP HA 8 -62.62 32.12 22.01
CA ASP HA 8 -63.40 30.87 21.94
C ASP HA 8 -64.77 31.15 22.58
N GLN HA 9 -65.76 30.33 22.22
CA GLN HA 9 -67.11 30.39 22.81
C GLN HA 9 -67.10 30.32 24.34
N GLU HA 10 -66.24 29.45 24.90
CA GLU HA 10 -66.17 29.26 26.36
C GLU HA 10 -65.57 30.49 27.07
N GLN HA 11 -64.47 31.00 26.51
CA GLN HA 11 -63.78 32.16 27.08
C GLN HA 11 -64.66 33.41 27.00
N ALA HA 12 -65.33 33.56 25.86
CA ALA HA 12 -66.27 34.66 25.62
C ALA HA 12 -67.50 34.56 26.54
N ASN HA 13 -68.03 33.34 26.71
CA ASN HA 13 -69.18 33.11 27.61
C ASN HA 13 -68.87 33.38 29.08
N GLU HA 14 -67.69 32.96 29.50
CA GLU HA 14 -67.28 33.14 30.91
C GLU HA 14 -67.03 34.63 31.24
N VAL HA 15 -66.39 35.34 30.31
CA VAL HA 15 -66.15 36.79 30.44
C VAL HA 15 -67.46 37.59 30.34
N ILE HA 16 -68.34 37.19 29.45
CA ILE HA 16 -69.63 37.91 29.26
C ILE HA 16 -70.50 37.76 30.52
N ALA HA 17 -70.51 36.55 31.07
CA ALA HA 17 -71.33 36.21 32.25
C ALA HA 17 -70.80 36.91 33.49
N VAL HA 18 -69.47 36.95 33.62
CA VAL HA 18 -68.79 37.66 34.72
C VAL HA 18 -69.09 39.17 34.65
N LEU HA 19 -69.05 39.74 33.47
CA LEU HA 19 -69.32 41.18 33.32
C LEU HA 19 -70.78 41.55 33.58
N GLN HA 20 -71.67 40.71 33.06
CA GLN HA 20 -73.12 40.88 33.24
C GLN HA 20 -73.54 40.75 34.71
N MET HA 21 -72.89 39.82 35.42
CA MET HA 21 -73.15 39.62 36.86
C MET HA 21 -72.65 40.79 37.73
N HIS HA 22 -71.75 41.59 37.18
CA HIS HA 22 -71.22 42.79 37.85
C HIS HA 22 -71.80 44.09 37.29
N ASN HA 23 -73.00 43.98 36.69
CA ASN HA 23 -73.74 45.15 36.15
C ASN HA 23 -72.93 45.91 35.07
N ILE HA 24 -72.21 45.18 34.24
CA ILE HA 24 -71.49 45.80 33.12
C ILE HA 24 -72.24 45.43 31.84
N GLU HA 25 -72.57 46.47 31.09
CA GLU HA 25 -73.27 46.33 29.80
C GLU HA 25 -72.25 45.88 28.73
N ALA HA 26 -72.25 44.58 28.49
CA ALA HA 26 -71.36 43.97 27.49
C ALA HA 26 -72.18 43.32 26.37
N ASN HA 27 -71.67 43.44 25.16
CA ASN HA 27 -72.28 42.84 23.97
C ASN HA 27 -71.26 41.93 23.27
N LYS HA 28 -71.78 40.93 22.58
CA LYS HA 28 -70.94 39.95 21.87
C LYS HA 28 -71.36 39.81 20.41
N ILE HA 29 -70.35 39.69 19.57
CA ILE HA 29 -70.53 39.45 18.12
C ILE HA 29 -69.65 38.27 17.70
N ASP HA 30 -70.18 37.45 16.81
CA ASP HA 30 -69.40 36.34 16.23
C ASP HA 30 -68.88 36.75 14.85
N SER HA 31 -67.61 36.49 14.63
CA SER HA 31 -67.00 36.72 13.31
C SER HA 31 -67.26 35.55 12.37
N GLY HA 32 -66.63 35.62 11.18
CA GLY HA 32 -66.80 34.61 10.12
C GLY HA 32 -66.28 33.21 10.53
N LYS HA 33 -65.23 33.23 11.36
CA LYS HA 33 -64.55 31.99 11.80
C LYS HA 33 -65.24 31.29 12.97
N LEU HA 34 -66.29 31.89 13.53
CA LEU HA 34 -67.00 31.41 14.74
C LEU HA 34 -66.34 31.93 16.03
N GLY HA 35 -65.27 32.76 15.90
CA GLY HA 35 -64.64 33.46 17.03
C GLY HA 35 -65.48 34.66 17.51
N TYR HA 36 -65.35 35.01 18.76
CA TYR HA 36 -66.24 36.00 19.42
C TYR HA 36 -65.49 37.25 19.82
N SER HA 37 -66.17 38.35 19.72
CA SER HA 37 -65.68 39.67 20.17
C SER HA 37 -66.62 40.21 21.24
N ILE HA 38 -66.02 40.71 22.29
CA ILE HA 38 -66.77 41.35 23.40
C ILE HA 38 -66.47 42.85 23.42
N THR HA 39 -67.52 43.60 23.63
CA THR HA 39 -67.45 45.08 23.68
C THR HA 39 -68.30 45.59 24.84
N VAL HA 40 -67.90 46.71 25.39
CA VAL HA 40 -68.63 47.38 26.49
C VAL HA 40 -68.82 48.86 26.15
N ALA HA 41 -69.79 49.48 26.80
CA ALA HA 41 -69.93 50.95 26.71
C ALA HA 41 -68.63 51.59 27.23
N GLU HA 42 -68.21 52.67 26.59
CA GLU HA 42 -67.02 53.43 27.04
C GLU HA 42 -67.02 53.80 28.55
N PRO HA 43 -68.18 54.16 29.15
CA PRO HA 43 -68.28 54.50 30.58
C PRO HA 43 -68.00 53.31 31.51
N ASP HA 44 -68.12 52.08 30.98
CA ASP HA 44 -67.86 50.87 31.76
C ASP HA 44 -66.52 50.19 31.42
N PHE HA 45 -65.73 50.82 30.55
CA PHE HA 45 -64.49 50.20 30.05
C PHE HA 45 -63.47 49.93 31.17
N THR HA 46 -63.23 50.93 32.00
CA THR HA 46 -62.25 50.84 33.10
C THR HA 46 -62.66 49.77 34.12
N ALA HA 47 -63.95 49.80 34.50
CA ALA HA 47 -64.48 48.79 35.43
C ALA HA 47 -64.34 47.39 34.82
N ALA HA 48 -64.73 47.25 33.56
CA ALA HA 48 -64.72 45.97 32.83
C ALA HA 48 -63.33 45.33 32.78
N VAL HA 49 -62.33 46.16 32.52
CA VAL HA 49 -60.92 45.71 32.49
C VAL HA 49 -60.43 45.28 33.88
N TYR HA 50 -60.90 45.98 34.90
CA TYR HA 50 -60.55 45.71 36.30
C TYR HA 50 -61.11 44.35 36.73
N TRP HA 51 -62.38 44.15 36.41
CA TRP HA 51 -63.06 42.88 36.70
C TRP HA 51 -62.39 41.75 35.91
N ILE HA 52 -62.14 41.90 34.66
CA ILE HA 52 -61.52 40.83 33.83
C ILE HA 52 -60.11 40.44 34.35
N LYS HA 53 -59.34 41.46 34.70
CA LYS HA 53 -57.97 41.28 35.22
C LYS HA 53 -57.96 40.58 36.57
N THR HA 54 -58.92 40.96 37.42
CA THR HA 54 -59.07 40.37 38.76
C THR HA 54 -59.44 38.88 38.72
N TYR HA 55 -60.07 38.47 37.61
CA TYR HA 55 -60.51 37.08 37.44
C TYR HA 55 -59.66 36.29 36.42
N GLN HA 56 -58.45 36.79 36.13
CA GLN HA 56 -57.46 36.10 35.26
C GLN HA 56 -57.91 36.01 33.78
N LEU HA 57 -58.68 36.99 33.34
CA LEU HA 57 -59.14 37.04 31.94
C LEU HA 57 -58.50 38.19 31.18
N PRO HA 58 -58.11 37.94 29.93
CA PRO HA 58 -58.16 36.62 29.27
C PRO HA 58 -57.01 35.71 29.77
N PRO HA 59 -57.25 34.41 29.84
CA PRO HA 59 -56.26 33.40 30.23
C PRO HA 59 -55.02 33.51 29.34
N ARG HA 60 -53.89 33.53 30.03
CA ARG HA 60 -52.56 33.60 29.38
C ARG HA 60 -52.18 32.26 28.73
N PRO HA 61 -51.44 32.34 27.62
CA PRO HA 61 -50.74 31.18 27.05
C PRO HA 61 -49.40 31.01 27.77
N ARG HA 62 -49.12 29.79 28.16
CA ARG HA 62 -47.84 29.41 28.78
C ARG HA 62 -47.10 28.46 27.84
N VAL HA 63 -45.80 28.32 28.05
CA VAL HA 63 -44.93 27.45 27.23
C VAL HA 63 -45.59 26.09 27.01
N GLU HA 64 -45.56 25.67 25.75
CA GLU HA 64 -46.05 24.33 25.39
C GLU HA 64 -44.82 23.45 25.20
N ILE HA 65 -44.85 22.33 25.88
CA ILE HA 65 -43.76 21.32 25.81
C ILE HA 65 -43.54 20.87 24.35
N ALA HA 66 -44.58 20.85 23.55
CA ALA HA 66 -44.49 20.42 22.13
C ALA HA 66 -43.70 21.44 21.27
N GLN HA 67 -43.79 22.71 21.64
CA GLN HA 67 -43.05 23.80 20.98
C GLN HA 67 -41.56 23.83 21.39
N MET HA 68 -40.96 22.65 21.44
CA MET HA 68 -39.54 22.47 21.80
C MET HA 68 -38.56 22.70 20.66
N PHE HA 69 -39.08 22.89 19.45
CA PHE HA 69 -38.26 23.10 18.25
C PHE HA 69 -37.16 24.18 18.44
N PRO HA 70 -37.45 25.31 19.10
CA PRO HA 70 -36.47 26.36 19.40
C PRO HA 70 -35.29 25.91 20.29
N ALA HA 71 -35.47 24.84 21.03
CA ALA HA 71 -34.49 24.41 22.05
C ALA HA 71 -33.53 23.31 21.58
N ASP HA 72 -34.03 22.42 20.72
CA ASP HA 72 -33.26 21.29 20.18
C ASP HA 72 -33.88 20.82 18.88
N SER HA 73 -33.06 20.22 18.04
CA SER HA 73 -33.47 19.86 16.67
C SER HA 73 -33.84 18.38 16.54
N LEU HA 74 -33.36 17.55 17.47
CA LEU HA 74 -33.57 16.08 17.49
C LEU HA 74 -33.35 15.54 18.91
N VAL HA 75 -34.04 14.45 19.20
CA VAL HA 75 -33.99 13.81 20.53
C VAL HA 75 -33.74 12.31 20.32
N SER HA 76 -32.58 11.89 20.76
CA SER HA 76 -32.17 10.47 20.65
C SER HA 76 -32.08 9.79 22.03
N SER HA 77 -32.08 10.62 23.09
CA SER HA 77 -32.01 10.06 24.46
C SER HA 77 -32.94 10.74 25.49
N PRO HA 78 -32.31 11.25 26.70
CA PRO HA 78 -33.02 11.11 27.95
C PRO HA 78 -33.79 12.34 28.50
N ARG HA 79 -33.21 13.53 28.53
CA ARG HA 79 -33.81 14.67 29.25
C ARG HA 79 -35.17 15.12 28.68
N ALA HA 80 -35.21 15.24 27.35
CA ALA HA 80 -36.44 15.64 26.64
C ALA HA 80 -37.52 14.57 26.65
N GLU HA 81 -37.07 13.31 26.55
CA GLU HA 81 -37.97 12.15 26.59
C GLU HA 81 -38.66 12.03 27.96
N LYS HA 82 -37.87 12.25 29.01
CA LYS HA 82 -38.36 12.19 30.39
C LYS HA 82 -39.34 13.31 30.72
N ALA HA 83 -39.13 14.49 30.11
CA ALA HA 83 -40.04 15.63 30.26
C ALA HA 83 -41.42 15.33 29.64
N ARG HA 84 -41.40 14.65 28.50
CA ARG HA 84 -42.64 14.25 27.80
C ARG HA 84 -43.39 13.12 28.53
N LEU HA 85 -42.62 12.19 29.08
CA LEU HA 85 -43.17 11.11 29.91
C LEU HA 85 -43.84 11.65 31.18
N TYR HA 86 -43.19 12.65 31.75
CA TYR HA 86 -43.70 13.35 32.95
C TYR HA 86 -44.96 14.16 32.65
N SER HA 87 -44.95 14.80 31.49
CA SER HA 87 -46.10 15.61 31.02
C SER HA 87 -47.33 14.73 30.76
N ALA HA 88 -47.08 13.55 30.16
CA ALA HA 88 -48.11 12.55 29.89
C ALA HA 88 -48.76 12.07 31.19
N ILE HA 89 -47.93 11.88 32.22
CA ILE HA 89 -48.40 11.43 33.54
C ILE HA 89 -49.22 12.52 34.24
N GLU HA 90 -48.73 13.75 34.19
CA GLU HA 90 -49.44 14.91 34.76
C GLU HA 90 -50.84 15.07 34.15
N GLN HA 91 -50.90 14.88 32.83
CA GLN HA 91 -52.16 14.93 32.07
C GLN HA 91 -53.09 13.75 32.40
N ARG HA 92 -52.51 12.58 32.61
CA ARG HA 92 -53.27 11.37 32.99
C ARG HA 92 -53.91 11.53 34.38
N LEU HA 93 -53.17 12.16 35.28
CA LEU HA 93 -53.63 12.46 36.64
C LEU HA 93 -54.73 13.51 36.69
N GLU HA 94 -54.50 14.57 35.92
CA GLU HA 94 -55.50 15.63 35.74
C GLU HA 94 -56.79 15.08 35.13
N GLN HA 95 -56.65 14.16 34.16
CA GLN HA 95 -57.82 13.53 33.51
C GLN HA 95 -58.63 12.70 34.52
N SER HA 96 -57.90 11.95 35.35
CA SER HA 96 -58.51 11.08 36.38
C SER HA 96 -59.21 11.90 37.47
N LEU HA 97 -58.49 12.87 38.04
CA LEU HA 97 -59.05 13.74 39.10
C LEU HA 97 -60.25 14.58 38.64
N GLN HA 98 -60.23 14.96 37.37
CA GLN HA 98 -61.31 15.74 36.75
C GLN HA 98 -62.67 15.03 36.71
N THR HA 99 -62.65 13.70 36.87
CA THR HA 99 -63.89 12.89 36.88
C THR HA 99 -64.60 12.94 38.24
N MET HA 100 -63.87 13.31 39.30
CA MET HA 100 -64.45 13.50 40.63
C MET HA 100 -65.50 14.63 40.56
N GLU HA 101 -66.71 14.30 40.97
CA GLU HA 101 -67.82 15.27 40.99
C GLU HA 101 -67.46 16.48 41.87
N GLY HA 102 -67.60 17.66 41.26
CA GLY HA 102 -67.25 18.92 41.96
C GLY HA 102 -66.01 19.60 41.39
N VAL HA 103 -65.09 18.81 40.84
CA VAL HA 103 -63.86 19.35 40.20
C VAL HA 103 -64.24 20.03 38.88
N LEU HA 104 -63.80 21.27 38.77
CA LEU HA 104 -64.00 22.07 37.54
C LEU HA 104 -62.68 22.39 36.81
N SER HA 105 -61.57 22.19 37.49
CA SER HA 105 -60.21 22.36 36.93
C SER HA 105 -59.18 21.83 37.92
N ALA HA 106 -58.08 21.42 37.35
CA ALA HA 106 -56.98 20.75 38.07
C ALA HA 106 -55.66 20.93 37.34
N ARG HA 107 -54.63 21.14 38.14
CA ARG HA 107 -53.24 21.23 37.66
C ARG HA 107 -52.35 20.32 38.50
N VAL HA 108 -51.53 19.54 37.81
CA VAL HA 108 -50.55 18.64 38.45
C VAL HA 108 -49.16 18.96 37.90
N HIS HA 109 -48.25 19.18 38.83
CA HIS HA 109 -46.83 19.35 38.54
C HIS HA 109 -46.03 18.30 39.29
N ILE HA 110 -45.40 17.42 38.54
CA ILE HA 110 -44.66 16.30 39.11
C ILE HA 110 -43.14 16.55 39.06
N SER HA 111 -42.49 16.07 40.11
CA SER HA 111 -41.02 16.01 40.21
C SER HA 111 -40.53 14.58 40.45
N TYR HA 112 -39.73 14.11 39.51
CA TYR HA 112 -39.12 12.75 39.51
C TYR HA 112 -37.80 12.84 38.78
N ASP HA 113 -36.75 12.91 39.52
CA ASP HA 113 -35.41 12.98 38.90
C ASP HA 113 -34.48 11.91 39.41
N ILE HA 114 -33.69 11.31 38.61
CA ILE HA 114 -32.66 10.36 39.05
C ILE HA 114 -31.30 11.00 38.82
N ASP HA 115 -30.64 11.42 39.86
CA ASP HA 115 -29.37 12.16 39.76
C ASP HA 115 -28.18 11.34 40.25
N ALA HA 116 -27.06 11.49 39.73
CA ALA HA 116 -25.75 10.94 40.19
C ALA HA 116 -24.88 12.05 40.77
N GLY HA 117 -24.84 12.10 42.09
CA GLY HA 117 -24.09 13.13 42.85
C GLY HA 117 -22.60 12.98 42.54
N GLU HA 118 -22.09 11.83 42.51
CA GLU HA 118 -20.66 11.39 42.29
C GLU HA 118 -20.59 9.86 42.25
N ASN HA 119 -19.40 9.31 42.06
CA ASN HA 119 -19.19 7.85 42.07
C ASN HA 119 -19.67 7.24 43.40
N GLY HA 120 -20.60 6.28 43.22
CA GLY HA 120 -21.24 5.56 44.34
C GLY HA 120 -22.19 6.40 45.19
N ARG HA 121 -22.85 7.38 44.56
CA ARG HA 121 -23.83 8.25 45.23
C ARG HA 121 -25.01 8.65 44.31
N PRO HA 122 -26.06 7.83 44.31
CA PRO HA 122 -27.31 8.10 43.56
C PRO HA 122 -28.42 8.71 44.45
N PRO HA 123 -28.86 9.91 44.12
CA PRO HA 123 -30.11 10.47 44.69
C PRO HA 123 -31.35 10.34 43.79
N LYS HA 124 -32.49 10.25 44.46
CA LYS HA 124 -33.84 10.24 43.86
C LYS HA 124 -34.74 11.33 44.46
N PRO HA 125 -35.09 12.33 43.70
CA PRO HA 125 -36.10 13.36 44.05
C PRO HA 125 -37.49 13.00 43.57
N VAL HA 126 -38.36 13.05 44.54
CA VAL HA 126 -39.77 12.77 44.33
C VAL HA 126 -40.56 13.91 44.94
N HIS HA 127 -41.71 14.18 44.33
CA HIS HA 127 -42.77 15.03 44.90
C HIS HA 127 -43.82 15.35 43.84
N LEU HA 128 -45.00 15.69 44.29
CA LEU HA 128 -46.08 16.17 43.41
C LEU HA 128 -46.82 17.36 44.04
N SER HA 129 -47.19 18.30 43.17
CA SER HA 129 -48.04 19.44 43.54
C SER HA 129 -49.35 19.39 42.76
N ALA HA 130 -50.45 19.41 43.48
CA ALA HA 130 -51.80 19.32 42.91
C ALA HA 130 -52.70 20.45 43.39
N LEU HA 131 -53.22 21.16 42.41
CA LEU HA 131 -54.21 22.23 42.64
C LEU HA 131 -55.52 21.81 41.97
N ALA HA 132 -56.58 21.75 42.75
CA ALA HA 132 -57.90 21.49 42.20
C ALA HA 132 -58.89 22.58 42.58
N VAL HA 133 -59.60 23.04 41.60
CA VAL HA 133 -60.66 24.05 41.77
C VAL HA 133 -62.00 23.31 41.79
N TYR HA 134 -62.75 23.60 42.81
CA TYR HA 134 -64.06 22.98 42.99
C TYR HA 134 -65.16 23.99 42.70
N GLU HA 135 -66.31 23.44 42.30
CA GLU HA 135 -67.54 24.22 42.15
C GLU HA 135 -67.88 24.91 43.46
N ARG HA 136 -68.43 26.03 43.45
CA ARG HA 136 -68.90 26.79 44.64
C ARG HA 136 -69.85 26.00 45.58
N GLY HA 137 -70.55 25.06 44.96
CA GLY HA 137 -71.60 24.29 45.66
C GLY HA 137 -71.15 22.90 46.12
N SER HA 138 -69.86 22.60 46.02
CA SER HA 138 -69.31 21.31 46.46
C SER HA 138 -68.08 21.49 47.36
N PRO HA 139 -68.13 20.94 48.57
CA PRO HA 139 -66.98 20.88 49.48
C PRO HA 139 -66.18 19.59 49.21
N LEU HA 140 -64.97 19.77 48.68
CA LEU HA 140 -64.08 18.63 48.39
C LEU HA 140 -62.98 18.43 49.44
N ALA HA 141 -63.11 19.14 50.56
CA ALA HA 141 -62.12 19.09 51.65
C ALA HA 141 -61.99 17.67 52.24
N HIS HA 142 -63.13 16.99 52.37
CA HIS HA 142 -63.16 15.59 52.83
C HIS HA 142 -62.50 14.58 51.87
N GLN HA 143 -62.31 15.00 50.63
CA GLN HA 143 -61.73 14.14 49.57
C GLN HA 143 -60.22 14.34 49.39
N ILE HA 144 -59.60 15.13 50.25
CA ILE HA 144 -58.15 15.46 50.12
C ILE HA 144 -57.27 14.21 50.23
N SER HA 145 -57.61 13.36 51.22
CA SER HA 145 -56.88 12.12 51.50
C SER HA 145 -56.99 11.12 50.35
N ASP HA 146 -58.20 11.06 49.76
CA ASP HA 146 -58.45 10.20 48.59
C ASP HA 146 -57.68 10.68 47.36
N ILE HA 147 -57.67 12.00 47.16
CA ILE HA 147 -56.91 12.61 46.05
C ILE HA 147 -55.41 12.35 46.22
N LYS HA 148 -54.90 12.52 47.44
CA LYS HA 148 -53.48 12.24 47.72
C LYS HA 148 -53.09 10.80 47.42
N ARG HA 149 -53.97 9.87 47.80
CA ARG HA 149 -53.72 8.43 47.60
C ARG HA 149 -53.73 8.05 46.11
N PHE HA 150 -54.56 8.73 45.34
CA PHE HA 150 -54.69 8.50 43.89
C PHE HA 150 -53.44 8.97 43.16
N LEU HA 151 -52.95 10.11 43.61
CA LEU HA 151 -51.71 10.71 43.08
C LEU HA 151 -50.48 9.90 43.47
N LYS HA 152 -50.47 9.44 44.72
CA LYS HA 152 -49.37 8.62 45.25
C LYS HA 152 -49.13 7.36 44.42
N ASN HA 153 -50.23 6.67 44.11
CA ASN HA 153 -50.16 5.36 43.45
C ASN HA 153 -50.17 5.41 41.93
N SER HA 154 -50.26 6.61 41.39
CA SER HA 154 -50.15 6.80 39.94
C SER HA 154 -48.71 6.98 39.48
N PHE HA 155 -47.85 7.35 40.42
CA PHE HA 155 -46.50 7.82 40.11
C PHE HA 155 -45.43 7.03 40.88
N ALA HA 156 -44.32 6.82 40.20
CA ALA HA 156 -43.17 6.08 40.74
C ALA HA 156 -42.50 6.79 41.93
N ASP HA 157 -42.31 5.99 42.98
CA ASP HA 157 -41.58 6.36 44.18
C ASP HA 157 -42.09 7.67 44.84
N VAL HA 158 -43.40 7.76 45.11
CA VAL HA 158 -43.97 8.93 45.79
C VAL HA 158 -44.49 8.49 47.17
N ASP HA 159 -44.20 9.35 48.14
CA ASP HA 159 -44.78 9.23 49.49
C ASP HA 159 -45.75 10.37 49.76
N TYR HA 160 -46.72 10.10 50.63
CA TYR HA 160 -47.78 11.07 51.01
C TYR HA 160 -47.26 12.42 51.51
N ASP HA 161 -46.16 12.35 52.27
CA ASP HA 161 -45.54 13.55 52.86
C ASP HA 161 -45.01 14.52 51.79
N ASN HA 162 -44.77 14.00 50.61
CA ASN HA 162 -44.23 14.79 49.46
C ASN HA 162 -45.31 15.05 48.42
N ILE HA 163 -46.53 15.10 48.82
CA ILE HA 163 -47.65 15.49 47.94
C ILE HA 163 -48.38 16.66 48.59
N SER HA 164 -48.50 17.72 47.83
CA SER HA 164 -49.33 18.88 48.23
C SER HA 164 -50.61 18.90 47.40
N VAL HA 165 -51.72 18.86 48.11
CA VAL HA 165 -53.06 18.98 47.49
C VAL HA 165 -53.75 20.21 48.06
N VAL HA 166 -53.96 21.17 47.19
CA VAL HA 166 -54.65 22.43 47.55
C VAL HA 166 -55.97 22.48 46.75
N LEU HA 167 -57.04 22.69 47.49
CA LEU HA 167 -58.38 22.84 46.91
C LEU HA 167 -58.90 24.25 47.14
N SER HA 168 -59.29 24.90 46.06
CA SER HA 168 -59.82 26.28 46.09
C SER HA 168 -61.14 26.37 45.32
N GLU HA 169 -62.12 27.01 45.97
CA GLU HA 169 -63.46 27.24 45.36
C GLU HA 169 -63.24 28.27 44.29
N ARG HA 170 -63.93 28.04 43.19
CA ARG HA 170 -63.97 29.08 42.14
C ARG HA 170 -64.51 30.43 42.67
N LYS IA 1 -83.75 11.88 19.05
CA LYS IA 1 -82.32 12.18 19.21
C LYS IA 1 -81.45 10.95 18.93
N ASP IA 2 -80.40 11.16 18.15
CA ASP IA 2 -79.44 10.08 17.83
C ASP IA 2 -78.65 9.72 19.09
N LEU IA 3 -78.51 8.42 19.28
CA LEU IA 3 -77.58 7.85 20.26
C LEU IA 3 -76.20 7.61 19.64
N LEU IA 4 -76.11 6.55 18.83
CA LEU IA 4 -74.88 6.17 18.13
C LEU IA 4 -75.18 5.68 16.71
N LYS IA 5 -74.23 5.95 15.85
CA LYS IA 5 -74.22 5.45 14.45
C LYS IA 5 -73.02 4.50 14.26
N GLY IA 6 -73.08 3.78 13.13
CA GLY IA 6 -72.00 2.87 12.70
C GLY IA 6 -71.76 1.71 13.67
N LEU IA 7 -72.85 1.27 14.30
CA LEU IA 7 -72.81 0.11 15.22
C LEU IA 7 -72.88 -1.19 14.43
N ASP IA 8 -72.19 -2.20 14.95
CA ASP IA 8 -72.34 -3.59 14.45
C ASP IA 8 -73.76 -4.04 14.83
N GLN IA 9 -74.27 -5.05 14.12
CA GLN IA 9 -75.57 -5.68 14.41
C GLN IA 9 -75.67 -6.17 15.86
N GLU IA 10 -74.58 -6.75 16.38
CA GLU IA 10 -74.59 -7.30 17.75
C GLU IA 10 -74.63 -6.19 18.82
N GLN IA 11 -73.80 -5.16 18.62
CA GLN IA 11 -73.74 -4.02 19.55
C GLN IA 11 -75.06 -3.25 19.56
N ALA IA 12 -75.61 -3.05 18.36
CA ALA IA 12 -76.92 -2.39 18.18
C ALA IA 12 -78.06 -3.21 18.78
N ASN IA 13 -78.03 -4.53 18.58
CA ASN IA 13 -79.05 -5.43 19.15
C ASN IA 13 -79.04 -5.50 20.67
N GLU IA 14 -77.83 -5.52 21.23
CA GLU IA 14 -77.69 -5.58 22.69
C GLU IA 14 -78.14 -4.29 23.38
N VAL IA 15 -77.76 -3.16 22.78
CA VAL IA 15 -78.19 -1.83 23.25
C VAL IA 15 -79.70 -1.59 23.06
N ILE IA 16 -80.23 -2.04 21.94
CA ILE IA 16 -81.67 -1.86 21.66
C ILE IA 16 -82.52 -2.67 22.66
N ALA IA 17 -82.07 -3.90 22.91
CA ALA IA 17 -82.77 -4.84 23.80
C ALA IA 17 -82.71 -4.37 25.24
N VAL IA 18 -81.55 -3.85 25.65
CA VAL IA 18 -81.35 -3.27 26.99
C VAL IA 18 -82.26 -2.05 27.19
N LEU IA 19 -82.35 -1.20 26.18
CA LEU IA 19 -83.19 0.00 26.30
C LEU IA 19 -84.69 -0.32 26.32
N GLN IA 20 -85.08 -1.26 25.46
CA GLN IA 20 -86.48 -1.72 25.37
C GLN IA 20 -86.94 -2.40 26.67
N MET IA 21 -86.04 -3.16 27.28
CA MET IA 21 -86.31 -3.84 28.55
C MET IA 21 -86.46 -2.86 29.75
N HIS IA 22 -85.93 -1.65 29.56
CA HIS IA 22 -86.03 -0.58 30.58
C HIS IA 22 -87.07 0.49 30.19
N ASN IA 23 -88.03 0.10 29.36
CA ASN IA 23 -89.14 0.98 28.93
C ASN IA 23 -88.64 2.27 28.23
N ILE IA 24 -87.59 2.14 27.43
CA ILE IA 24 -87.09 3.27 26.64
C ILE IA 24 -87.48 3.02 25.18
N GLU IA 25 -88.16 4.01 24.62
CA GLU IA 25 -88.59 3.98 23.22
C GLU IA 25 -87.38 4.28 22.31
N ALA IA 26 -86.80 3.21 21.80
CA ALA IA 26 -85.64 3.30 20.89
C ALA IA 26 -86.00 2.72 19.52
N ASN IA 27 -85.47 3.36 18.50
CA ASN IA 27 -85.64 2.93 17.10
C ASN IA 27 -84.27 2.72 16.46
N LYS IA 28 -84.24 1.83 15.48
CA LYS IA 28 -83.00 1.50 14.76
C LYS IA 28 -83.18 1.62 13.25
N ILE IA 29 -82.13 2.14 12.63
CA ILE IA 29 -82.05 2.27 11.16
C ILE IA 29 -80.71 1.69 10.69
N ASP IA 30 -80.74 1.01 9.56
CA ASP IA 30 -79.53 0.50 8.92
C ASP IA 30 -79.09 1.45 7.80
N SER IA 31 -77.81 1.78 7.80
CA SER IA 31 -77.23 2.59 6.72
C SER IA 31 -76.87 1.71 5.51
N GLY IA 32 -76.23 2.35 4.51
CA GLY IA 32 -75.83 1.69 3.26
C GLY IA 32 -74.81 0.56 3.45
N LYS IA 33 -73.95 0.74 4.46
CA LYS IA 33 -72.86 -0.20 4.76
C LYS IA 33 -73.29 -1.42 5.60
N LEU IA 34 -74.55 -1.45 6.04
CA LEU IA 34 -75.10 -2.49 6.94
C LEU IA 34 -74.86 -2.13 8.42
N GLY IA 35 -74.25 -0.96 8.69
CA GLY IA 35 -74.09 -0.41 10.05
C GLY IA 35 -75.39 0.18 10.60
N TYR IA 36 -75.56 0.20 11.88
CA TYR IA 36 -76.84 0.52 12.55
C TYR IA 36 -76.73 1.80 13.36
N SER IA 37 -77.82 2.54 13.35
CA SER IA 37 -77.99 3.76 14.16
C SER IA 37 -79.16 3.57 15.10
N ILE IA 38 -78.95 3.96 16.34
CA ILE IA 38 -80.00 3.91 17.37
C ILE IA 38 -80.38 5.34 17.78
N THR IA 39 -81.66 5.54 17.93
CA THR IA 39 -82.24 6.85 18.30
C THR IA 39 -83.33 6.65 19.35
N VAL IA 40 -83.50 7.63 20.19
CA VAL IA 40 -84.55 7.63 21.23
C VAL IA 40 -85.32 8.95 21.19
N ALA IA 41 -86.52 8.94 21.75
CA ALA IA 41 -87.27 10.18 21.94
C ALA IA 41 -86.42 11.12 22.83
N GLU IA 42 -86.44 12.41 22.54
CA GLU IA 42 -85.74 13.42 23.38
C GLU IA 42 -86.05 13.31 24.90
N PRO IA 43 -87.31 13.02 25.31
CA PRO IA 43 -87.68 12.87 26.73
C PRO IA 43 -87.02 11.68 27.42
N ASP IA 44 -86.54 10.71 26.63
CA ASP IA 44 -85.86 9.51 27.17
C ASP IA 44 -84.35 9.53 26.97
N PHE IA 45 -83.82 10.63 26.44
CA PHE IA 45 -82.39 10.72 26.10
C PHE IA 45 -81.47 10.55 27.31
N THR IA 46 -81.76 11.30 28.37
CA THR IA 46 -80.95 11.29 29.60
C THR IA 46 -80.97 9.90 30.27
N ALA IA 47 -82.17 9.32 30.37
CA ALA IA 47 -82.31 7.97 30.92
C ALA IA 47 -81.52 6.97 30.07
N ALA IA 48 -81.69 7.05 28.76
CA ALA IA 48 -81.06 6.12 27.78
C ALA IA 48 -79.54 6.12 27.89
N VAL IA 49 -78.97 7.31 28.04
CA VAL IA 49 -77.51 7.47 28.20
C VAL IA 49 -77.01 6.89 29.54
N TYR IA 50 -77.85 7.04 30.56
CA TYR IA 50 -77.54 6.54 31.92
C TYR IA 50 -77.51 5.02 31.92
N TRP IA 51 -78.54 4.44 31.31
CA TRP IA 51 -78.62 2.98 31.18
C TRP IA 51 -77.48 2.46 30.32
N ILE IA 52 -77.19 3.03 29.21
CA ILE IA 52 -76.09 2.58 28.32
C ILE IA 52 -74.71 2.63 29.02
N LYS IA 53 -74.49 3.73 29.73
CA LYS IA 53 -73.22 3.97 30.46
C LYS IA 53 -73.04 2.96 31.61
N THR IA 54 -74.15 2.69 32.31
CA THR IA 54 -74.17 1.74 33.43
C THR IA 54 -73.87 0.30 32.99
N TYR IA 55 -74.15 0.00 31.72
CA TYR IA 55 -73.92 -1.34 31.16
C TYR IA 55 -72.73 -1.41 30.20
N GLN IA 56 -71.83 -0.43 30.28
CA GLN IA 56 -70.56 -0.41 29.51
C GLN IA 56 -70.78 -0.25 27.98
N LEU IA 57 -71.85 0.43 27.61
CA LEU IA 57 -72.13 0.69 26.20
C LEU IA 57 -71.98 2.17 25.85
N PRO IA 58 -71.41 2.44 24.67
CA PRO IA 58 -70.82 1.45 23.75
C PRO IA 58 -69.46 0.96 24.27
N PRO IA 59 -69.11 -0.30 24.02
CA PRO IA 59 -67.82 -0.91 24.37
C PRO IA 59 -66.67 -0.09 23.82
N ARG IA 60 -65.73 0.18 24.69
CA ARG IA 60 -64.51 0.93 24.37
C ARG IA 60 -63.52 0.10 23.55
N PRO IA 61 -62.80 0.75 22.65
CA PRO IA 61 -61.61 0.17 22.00
C PRO IA 61 -60.40 0.34 22.93
N ARG IA 62 -59.66 -0.74 23.10
CA ARG IA 62 -58.42 -0.74 23.87
C ARG IA 62 -57.24 -1.03 22.93
N VAL IA 63 -56.05 -0.71 23.37
CA VAL IA 63 -54.81 -0.91 22.57
C VAL IA 63 -54.79 -2.31 21.93
N GLU IA 64 -54.46 -2.30 20.65
CA GLU IA 64 -54.30 -3.56 19.92
C GLU IA 64 -52.80 -3.81 19.81
N ILE IA 65 -52.42 -5.00 20.21
CA ILE IA 65 -51.00 -5.45 20.15
C ILE IA 65 -50.47 -5.35 18.72
N ALA IA 66 -51.30 -5.54 17.72
CA ALA IA 66 -50.90 -5.48 16.31
C ALA IA 66 -50.55 -4.05 15.86
N GLN IA 67 -51.20 -3.06 16.48
CA GLN IA 67 -50.94 -1.64 16.22
C GLN IA 67 -49.66 -1.15 16.92
N MET IA 68 -48.62 -1.96 16.85
CA MET IA 68 -47.30 -1.67 17.45
C MET IA 68 -46.40 -0.78 16.60
N PHE IA 69 -46.84 -0.47 15.38
CA PHE IA 69 -46.07 0.37 14.45
C PHE IA 69 -45.56 1.69 15.08
N PRO IA 70 -46.38 2.38 15.90
CA PRO IA 70 -45.97 3.60 16.62
C PRO IA 70 -44.81 3.42 17.61
N ALA IA 71 -44.58 2.19 18.06
CA ALA IA 71 -43.62 1.91 19.14
C ALA IA 71 -42.25 1.46 18.64
N ASP IA 72 -42.22 0.72 17.54
CA ASP IA 72 -40.99 0.17 16.94
C ASP IA 72 -41.23 -0.12 15.46
N SER IA 73 -40.14 -0.10 14.71
CA SER IA 73 -40.23 -0.19 13.24
C SER IA 73 -39.92 -1.60 12.72
N LEU IA 74 -39.22 -2.40 13.53
CA LEU IA 74 -38.77 -3.77 13.20
C LEU IA 74 -38.48 -4.56 14.48
N VAL IA 75 -38.67 -5.86 14.39
CA VAL IA 75 -38.49 -6.79 15.53
C VAL IA 75 -37.60 -7.94 15.07
N SER IA 76 -36.40 -7.99 15.63
CA SER IA 76 -35.44 -9.05 15.31
C SER IA 76 -35.20 -9.99 16.50
N SER IA 77 -35.65 -9.56 17.68
CA SER IA 77 -35.49 -10.41 18.89
C SER IA 77 -36.72 -10.45 19.83
N PRO IA 78 -36.49 -10.11 21.22
CA PRO IA 78 -37.19 -10.85 22.24
C PRO IA 78 -38.46 -10.22 22.86
N ARG IA 79 -38.44 -8.95 23.27
CA ARG IA 79 -39.55 -8.40 24.07
C ARG IA 79 -40.91 -8.37 23.35
N ALA IA 80 -40.87 -7.90 22.09
CA ALA IA 80 -42.06 -7.81 21.25
C ALA IA 80 -42.59 -9.20 20.81
N GLU IA 81 -41.63 -10.10 20.53
CA GLU IA 81 -41.95 -11.48 20.13
C GLU IA 81 -42.65 -12.24 21.27
N LYS IA 82 -42.15 -12.03 22.49
CA LYS IA 82 -42.68 -12.66 23.71
C LYS IA 82 -44.09 -12.14 24.05
N ALA IA 83 -44.32 -10.86 23.77
CA ALA IA 83 -45.65 -10.25 23.96
C ALA IA 83 -46.71 -10.87 23.02
N ARG IA 84 -46.30 -11.13 21.79
CA ARG IA 84 -47.15 -11.78 20.78
C ARG IA 84 -47.42 -13.25 21.08
N LEU IA 85 -46.38 -13.94 21.57
CA LEU IA 85 -46.51 -15.33 22.01
C LEU IA 85 -47.46 -15.47 23.20
N TYR IA 86 -47.36 -14.50 24.11
CA TYR IA 86 -48.24 -14.41 25.29
C TYR IA 86 -49.69 -14.11 24.92
N SER IA 87 -49.85 -13.22 23.96
CA SER IA 87 -51.17 -12.82 23.43
C SER IA 87 -51.87 -14.00 22.74
N ALA IA 88 -51.07 -14.76 21.98
CA ALA IA 88 -51.56 -15.97 21.29
C ALA IA 88 -52.07 -17.02 22.29
N ILE IA 89 -51.34 -17.15 23.40
CA ILE IA 89 -51.70 -18.09 24.49
C ILE IA 89 -52.98 -17.65 25.21
N GLU IA 90 -53.05 -16.36 25.52
CA GLU IA 90 -54.25 -15.78 26.17
C GLU IA 90 -55.51 -16.01 25.33
N GLN IA 91 -55.35 -15.84 24.02
CA GLN IA 91 -56.44 -16.07 23.04
C GLN IA 91 -56.79 -17.55 22.92
N ARG IA 92 -55.80 -18.42 22.99
CA ARG IA 92 -55.99 -19.88 22.94
C ARG IA 92 -56.78 -20.38 24.16
N LEU IA 93 -56.46 -19.78 25.31
CA LEU IA 93 -57.14 -20.08 26.58
C LEU IA 93 -58.58 -19.60 26.61
N GLU IA 94 -58.76 -18.37 26.16
CA GLU IA 94 -60.09 -17.77 26.00
C GLU IA 94 -60.95 -18.58 25.04
N GLN IA 95 -60.34 -19.06 23.95
CA GLN IA 95 -61.06 -19.88 22.96
C GLN IA 95 -61.52 -21.21 23.57
N SER IA 96 -60.64 -21.82 24.36
CA SER IA 96 -60.91 -23.10 25.03
C SER IA 96 -62.01 -22.96 26.10
N LEU IA 97 -61.83 -21.99 27.00
CA LEU IA 97 -62.81 -21.74 28.08
C LEU IA 97 -64.20 -21.34 27.58
N GLN IA 98 -64.21 -20.66 26.44
CA GLN IA 98 -65.47 -20.20 25.80
C GLN IA 98 -66.37 -21.35 25.33
N THR IA 99 -65.80 -22.54 25.20
CA THR IA 99 -66.57 -23.74 24.79
C THR IA 99 -67.36 -24.35 25.95
N MET IA 100 -66.97 -24.04 27.19
CA MET IA 100 -67.71 -24.48 28.38
C MET IA 100 -69.11 -23.87 28.33
N GLU IA 101 -70.11 -24.75 28.41
CA GLU IA 101 -71.52 -24.33 28.40
C GLU IA 101 -71.81 -23.37 29.57
N GLY IA 102 -72.37 -22.22 29.22
CA GLY IA 102 -72.67 -21.17 30.23
C GLY IA 102 -71.79 -19.94 30.08
N VAL IA 103 -70.57 -20.11 29.58
CA VAL IA 103 -69.64 -18.98 29.33
C VAL IA 103 -70.15 -18.16 28.14
N LEU IA 104 -70.26 -16.87 28.39
CA LEU IA 104 -70.66 -15.91 27.34
C LEU IA 104 -69.55 -14.91 26.99
N SER IA 105 -68.53 -14.85 27.82
CA SER IA 105 -67.31 -14.02 27.60
C SER IA 105 -66.27 -14.36 28.66
N ALA IA 106 -65.04 -14.12 28.25
CA ALA IA 106 -63.85 -14.50 29.02
C ALA IA 106 -62.65 -13.63 28.64
N ARG IA 107 -61.91 -13.26 29.65
CA ARG IA 107 -60.64 -12.51 29.50
C ARG IA 107 -59.54 -13.21 30.29
N VAL IA 108 -58.40 -13.38 29.64
CA VAL IA 108 -57.21 -13.96 30.26
C VAL IA 108 -56.03 -12.99 30.10
N HIS IA 109 -55.40 -12.71 31.22
CA HIS IA 109 -54.16 -11.92 31.25
C HIS IA 109 -53.07 -12.76 31.93
N ILE IA 110 -52.05 -13.07 31.15
CA ILE IA 110 -50.96 -13.93 31.61
C ILE IA 110 -49.70 -13.10 31.92
N SER IA 111 -49.01 -13.57 32.96
CA SER IA 111 -47.68 -13.07 33.34
C SER IA 111 -46.65 -14.21 33.36
N TYR IA 112 -45.64 -14.06 32.54
CA TYR IA 112 -44.52 -15.01 32.37
C TYR IA 112 -43.29 -14.21 31.96
N ASP IA 113 -42.45 -13.95 32.90
CA ASP IA 113 -41.22 -13.20 32.60
C ASP IA 113 -39.97 -13.91 33.06
N ILE IA 114 -38.93 -13.91 32.32
CA ILE IA 114 -37.64 -14.47 32.76
C ILE IA 114 -36.67 -13.32 32.95
N ASP IA 115 -36.37 -12.99 34.17
CA ASP IA 115 -35.53 -11.82 34.49
C ASP IA 115 -34.15 -12.22 35.02
N ALA IA 116 -33.15 -11.50 34.80
CA ALA IA 116 -31.79 -11.61 35.39
C ALA IA 116 -31.54 -10.45 36.36
N GLY IA 117 -31.66 -10.76 37.64
CA GLY IA 117 -31.48 -9.79 38.75
C GLY IA 117 -30.06 -9.24 38.72
N GLU IA 118 -29.11 -10.06 38.55
CA GLU IA 118 -27.62 -9.84 38.54
C GLU IA 118 -26.90 -11.13 38.19
N ASN IA 119 -25.58 -11.10 38.14
CA ASN IA 119 -24.76 -12.30 37.89
C ASN IA 119 -25.07 -13.41 38.92
N GLY IA 120 -25.46 -14.55 38.35
CA GLY IA 120 -25.84 -15.75 39.14
C GLY IA 120 -27.15 -15.61 39.93
N ARG IA 121 -28.10 -14.83 39.40
CA ARG IA 121 -29.41 -14.64 40.03
C ARG IA 121 -30.55 -14.49 38.99
N PRO IA 122 -31.14 -15.61 38.60
CA PRO IA 122 -32.31 -15.64 37.68
C PRO IA 122 -33.65 -15.79 38.43
N PRO IA 123 -34.53 -14.82 38.28
CA PRO IA 123 -35.95 -14.97 38.69
C PRO IA 123 -36.92 -15.32 37.55
N LYS IA 124 -37.97 -16.02 37.93
CA LYS IA 124 -39.12 -16.39 37.08
C LYS IA 124 -40.46 -15.94 37.69
N PRO IA 125 -41.12 -14.99 37.12
CA PRO IA 125 -42.51 -14.56 37.46
C PRO IA 125 -43.56 -15.29 36.63
N VAL IA 126 -44.44 -15.85 37.40
CA VAL IA 126 -45.58 -16.60 36.85
C VAL IA 126 -46.84 -16.07 37.52
N HIS IA 127 -47.92 -16.10 36.75
CA HIS IA 127 -49.31 -15.92 37.25
C HIS IA 127 -50.28 -15.76 36.08
N LEU IA 128 -51.52 -16.04 36.35
CA LEU IA 128 -52.62 -15.80 35.40
C LEU IA 128 -53.85 -15.21 36.09
N SER IA 129 -54.49 -14.29 35.39
CA SER IA 129 -55.79 -13.71 35.81
C SER IA 129 -56.87 -14.04 34.78
N ALA IA 130 -57.94 -14.65 35.24
CA ALA IA 130 -59.06 -15.11 34.40
C ALA IA 130 -60.39 -14.59 34.92
N LEU IA 131 -61.07 -13.90 34.04
CA LEU IA 131 -62.43 -13.40 34.27
C LEU IA 131 -63.36 -14.08 33.27
N ALA IA 132 -64.36 -14.76 33.79
CA ALA IA 132 -65.39 -15.35 32.93
C ALA IA 132 -66.78 -14.89 33.33
N VAL IA 133 -67.52 -14.48 32.34
CA VAL IA 133 -68.92 -14.06 32.50
C VAL IA 133 -69.81 -15.23 32.09
N TYR IA 134 -70.70 -15.56 32.96
CA TYR IA 134 -71.65 -16.65 32.74
C TYR IA 134 -73.03 -16.11 32.44
N GLU IA 135 -73.79 -16.92 31.71
CA GLU IA 135 -75.22 -16.68 31.48
C GLU IA 135 -75.95 -16.57 32.81
N ARG IA 136 -76.92 -15.80 32.92
CA ARG IA 136 -77.78 -15.64 34.12
C ARG IA 136 -78.39 -16.96 34.66
N GLY IA 137 -78.56 -17.89 33.73
CA GLY IA 137 -79.25 -19.17 34.02
C GLY IA 137 -78.29 -20.35 34.25
N SER IA 138 -76.98 -20.07 34.35
CA SER IA 138 -75.99 -21.12 34.62
C SER IA 138 -75.04 -20.74 35.76
N PRO IA 139 -74.97 -21.58 36.79
CA PRO IA 139 -74.00 -21.44 37.88
C PRO IA 139 -72.71 -22.18 37.52
N LEU IA 140 -71.65 -21.42 37.30
CA LEU IA 140 -70.33 -21.99 36.96
C LEU IA 140 -69.36 -22.03 38.14
N ALA IA 141 -69.89 -21.78 39.34
CA ALA IA 141 -69.09 -21.74 40.58
C ALA IA 141 -68.41 -23.10 40.86
N HIS IA 142 -69.16 -24.18 40.60
CA HIS IA 142 -68.64 -25.55 40.74
C HIS IA 142 -67.53 -25.91 39.75
N GLN IA 143 -67.41 -25.12 38.69
CA GLN IA 143 -66.42 -25.36 37.62
C GLN IA 143 -65.14 -24.55 37.80
N ILE IA 144 -64.99 -23.86 38.91
CA ILE IA 144 -63.81 -22.97 39.16
C ILE IA 144 -62.50 -23.76 39.18
N SER IA 145 -62.54 -24.91 39.87
CA SER IA 145 -61.38 -25.79 40.03
C SER IA 145 -60.95 -26.40 38.69
N ASP IA 146 -61.95 -26.74 37.87
CA ASP IA 146 -61.69 -27.28 36.52
C ASP IA 146 -61.08 -26.21 35.60
N ILE IA 147 -61.61 -24.99 35.69
CA ILE IA 147 -61.09 -23.85 34.92
C ILE IA 147 -59.63 -23.54 35.33
N LYS IA 148 -59.37 -23.54 36.64
CA LYS IA 148 -58.00 -23.30 37.15
C LYS IA 148 -57.01 -24.35 36.63
N ARG IA 149 -57.45 -25.61 36.61
CA ARG IA 149 -56.58 -26.72 36.16
C ARG IA 149 -56.28 -26.64 34.66
N PHE IA 150 -57.23 -26.14 33.90
CA PHE IA 150 -57.12 -26.00 32.43
C PHE IA 150 -56.12 -24.89 32.10
N LEU IA 151 -56.22 -23.82 32.87
CA LEU IA 151 -55.30 -22.67 32.75
C LEU IA 151 -53.89 -23.02 33.21
N LYS IA 152 -53.81 -23.77 34.30
CA LYS IA 152 -52.53 -24.20 34.87
C LYS IA 152 -51.69 -24.99 33.84
N ASN IA 153 -52.35 -25.93 33.18
CA ASN IA 153 -51.66 -26.88 32.29
C ASN IA 153 -51.53 -26.42 30.84
N SER IA 154 -52.09 -25.25 30.57
CA SER IA 154 -51.92 -24.63 29.24
C SER IA 154 -50.66 -23.78 29.12
N PHE IA 155 -50.15 -23.38 30.29
CA PHE IA 155 -49.08 -22.37 30.37
C PHE IA 155 -47.88 -22.85 31.16
N ALA IA 156 -46.72 -22.42 30.70
CA ALA IA 156 -45.42 -22.78 31.30
C ALA IA 156 -45.23 -22.23 32.70
N ASP IA 157 -44.83 -23.14 33.58
CA ASP IA 157 -44.45 -22.88 34.97
C ASP IA 157 -45.53 -22.12 35.76
N VAL IA 158 -46.77 -22.62 35.76
CA VAL IA 158 -47.86 -22.01 36.56
C VAL IA 158 -48.28 -22.97 37.67
N ASP IA 159 -48.49 -22.37 38.84
CA ASP IA 159 -49.07 -23.08 39.99
C ASP IA 159 -50.47 -22.53 40.28
N TYR IA 160 -51.30 -23.38 40.87
CA TYR IA 160 -52.70 -23.06 41.21
C TYR IA 160 -52.86 -21.80 42.07
N ASP IA 161 -51.93 -21.65 43.02
CA ASP IA 161 -51.95 -20.52 43.96
C ASP IA 161 -51.76 -19.16 43.27
N ASN IA 162 -51.21 -19.19 42.07
CA ASN IA 162 -50.96 -17.98 41.26
C ASN IA 162 -51.93 -17.88 40.10
N ILE IA 163 -53.10 -18.42 40.23
CA ILE IA 163 -54.18 -18.26 39.24
C ILE IA 163 -55.40 -17.70 39.97
N SER IA 164 -55.89 -16.59 39.44
CA SER IA 164 -57.16 -16.01 39.90
C SER IA 164 -58.25 -16.26 38.85
N VAL IA 165 -59.31 -16.92 39.28
CA VAL IA 165 -60.49 -17.18 38.44
C VAL IA 165 -61.69 -16.52 39.11
N VAL IA 166 -62.21 -15.50 38.44
CA VAL IA 166 -63.40 -14.77 38.90
C VAL IA 166 -64.52 -15.01 37.89
N LEU IA 167 -65.66 -15.44 38.42
CA LEU IA 167 -66.86 -15.67 37.62
C LEU IA 167 -67.96 -14.70 38.04
N SER IA 168 -68.48 -13.97 37.05
CA SER IA 168 -69.55 -12.99 37.27
C SER IA 168 -70.70 -13.19 36.28
N GLU IA 169 -71.91 -13.19 36.83
CA GLU IA 169 -73.16 -13.34 36.04
C GLU IA 169 -73.30 -12.05 35.27
N ARG IA 170 -73.72 -12.21 34.02
CA ARG IA 170 -74.09 -11.02 33.23
C ARG IA 170 -75.20 -10.18 33.93
N LYS JA 1 -17.46 84.73 6.21
CA LYS JA 1 -16.52 83.59 6.14
C LYS JA 1 -17.14 82.32 6.75
N ASP JA 2 -17.00 81.22 6.03
CA ASP JA 2 -17.50 79.92 6.49
C ASP JA 2 -16.64 79.45 7.69
N LEU JA 3 -17.35 78.95 8.68
CA LEU JA 3 -16.74 78.22 9.80
C LEU JA 3 -16.66 76.72 9.50
N LEU JA 4 -17.81 76.06 9.60
CA LEU JA 4 -17.95 74.62 9.31
C LEU JA 4 -19.25 74.31 8.58
N LYS JA 5 -19.17 73.29 7.75
CA LYS JA 5 -20.32 72.72 7.03
C LYS JA 5 -20.56 71.27 7.52
N GLY JA 6 -21.74 70.75 7.16
CA GLY JA 6 -22.12 69.36 7.44
C GLY JA 6 -22.22 69.05 8.93
N LEU JA 7 -22.63 70.06 9.69
CA LEU JA 7 -22.86 69.93 11.14
C LEU JA 7 -24.23 69.31 11.41
N ASP JA 8 -24.29 68.52 12.46
CA ASP JA 8 -25.60 68.06 13.01
C ASP JA 8 -26.31 69.30 13.59
N GLN JA 9 -27.63 69.21 13.72
CA GLN JA 9 -28.46 70.26 14.35
C GLN JA 9 -27.97 70.61 15.77
N GLU JA 10 -27.58 69.60 16.55
CA GLU JA 10 -27.14 69.82 17.94
C GLU JA 10 -25.78 70.54 18.01
N GLN JA 11 -24.85 70.08 17.18
CA GLN JA 11 -23.49 70.67 17.13
C GLN JA 11 -23.55 72.12 16.61
N ALA JA 12 -24.36 72.32 15.58
CA ALA JA 12 -24.60 73.65 15.01
C ALA JA 12 -25.30 74.59 16.00
N ASN JA 13 -26.29 74.06 16.72
CA ASN JA 13 -27.02 74.86 17.73
C ASN JA 13 -26.15 75.26 18.92
N GLU JA 14 -25.30 74.34 19.37
CA GLU JA 14 -24.42 74.61 20.51
C GLU JA 14 -23.33 75.64 20.16
N VAL JA 15 -22.76 75.50 18.96
CA VAL JA 15 -21.77 76.46 18.44
C VAL JA 15 -22.39 77.84 18.14
N ILE JA 16 -23.58 77.84 17.59
CA ILE JA 16 -24.26 79.11 17.26
C ILE JA 16 -24.60 79.90 18.53
N ALA JA 17 -25.09 79.17 19.54
CA ALA JA 17 -25.50 79.75 20.83
C ALA JA 17 -24.29 80.27 21.60
N VAL JA 18 -23.20 79.51 21.57
CA VAL JA 18 -21.92 79.92 22.19
C VAL JA 18 -21.38 81.19 21.53
N LEU JA 19 -21.44 81.26 20.21
CA LEU JA 19 -20.93 82.45 19.50
C LEU JA 19 -21.79 83.70 19.73
N GLN JA 20 -23.10 83.49 19.70
CA GLN JA 20 -24.08 84.56 19.94
C GLN JA 20 -23.98 85.13 21.36
N MET JA 21 -23.73 84.25 22.32
CA MET JA 21 -23.56 84.65 23.73
C MET JA 21 -22.26 85.44 23.98
N HIS JA 22 -21.32 85.32 23.04
CA HIS JA 22 -20.04 86.06 23.10
C HIS JA 22 -20.00 87.23 22.10
N ASN JA 23 -21.18 87.72 21.71
CA ASN JA 23 -21.31 88.88 20.81
C ASN JA 23 -20.64 88.65 19.44
N ILE JA 24 -20.75 87.43 18.93
CA ILE JA 24 -20.23 87.12 17.59
C ILE JA 24 -21.44 86.97 16.66
N GLU JA 25 -21.40 87.74 15.58
CA GLU JA 25 -22.44 87.71 14.54
C GLU JA 25 -22.24 86.45 13.68
N ALA JA 26 -23.02 85.43 14.00
CA ALA JA 26 -22.98 84.15 13.27
C ALA JA 26 -24.35 83.88 12.62
N ASN JA 27 -24.29 83.33 11.43
CA ASN JA 27 -25.48 82.92 10.66
C ASN JA 27 -25.40 81.44 10.31
N LYS JA 28 -26.56 80.83 10.16
CA LYS JA 28 -26.66 79.40 9.85
C LYS JA 28 -27.56 79.15 8.64
N ILE JA 29 -27.12 78.20 7.83
CA ILE JA 29 -27.86 77.74 6.65
C ILE JA 29 -27.95 76.21 6.68
N ASP JA 30 -29.09 75.69 6.27
CA ASP JA 30 -29.27 74.24 6.14
C ASP JA 30 -29.11 73.84 4.68
N SER JA 31 -28.33 72.79 4.46
CA SER JA 31 -28.16 72.22 3.11
C SER JA 31 -29.32 71.25 2.78
N GLY JA 32 -29.19 70.59 1.62
CA GLY JA 32 -30.20 69.65 1.11
C GLY JA 32 -30.41 68.42 2.01
N LYS JA 33 -29.30 68.01 2.65
CA LYS JA 33 -29.28 66.80 3.50
C LYS JA 33 -29.81 67.04 4.92
N LEU JA 34 -30.11 68.29 5.28
CA LEU JA 34 -30.53 68.71 6.63
C LEU JA 34 -29.30 69.04 7.52
N GLY JA 35 -28.08 68.95 6.95
CA GLY JA 35 -26.83 69.39 7.61
C GLY JA 35 -26.68 70.92 7.61
N TYR JA 36 -25.98 71.44 8.58
CA TYR JA 36 -25.93 72.90 8.85
C TYR JA 36 -24.54 73.46 8.61
N SER JA 37 -24.52 74.67 8.13
CA SER JA 37 -23.30 75.46 7.93
C SER JA 37 -23.38 76.73 8.75
N ILE JA 38 -22.30 77.01 9.43
CA ILE JA 38 -22.17 78.25 10.23
C ILE JA 38 -21.13 79.18 9.60
N THR JA 39 -21.48 80.45 9.57
CA THR JA 39 -20.63 81.50 8.98
C THR JA 39 -20.63 82.73 9.89
N VAL JA 40 -19.54 83.44 9.88
CA VAL JA 40 -19.38 84.69 10.65
C VAL JA 40 -18.85 85.81 9.75
N ALA JA 41 -19.06 87.05 10.17
CA ALA JA 41 -18.43 88.18 9.49
C ALA JA 41 -16.90 87.99 9.56
N GLU JA 42 -16.20 88.35 8.49
CA GLU JA 42 -14.72 88.29 8.45
C GLU JA 42 -14.03 88.97 9.65
N PRO JA 43 -14.54 90.13 10.16
CA PRO JA 43 -13.96 90.83 11.31
C PRO JA 43 -14.07 90.05 12.63
N ASP JA 44 -14.98 89.07 12.67
CA ASP JA 44 -15.17 88.23 13.87
C ASP JA 44 -14.60 86.81 13.71
N PHE JA 45 -13.94 86.55 12.59
CA PHE JA 45 -13.47 85.19 12.28
C PHE JA 45 -12.45 84.66 13.30
N THR JA 46 -11.45 85.48 13.60
CA THR JA 46 -10.36 85.10 14.54
C THR JA 46 -10.92 84.86 15.95
N ALA JA 47 -11.78 85.77 16.41
CA ALA JA 47 -12.43 85.62 17.71
C ALA JA 47 -13.25 84.34 17.74
N ALA JA 48 -14.05 84.13 16.70
CA ALA JA 48 -14.98 82.99 16.59
C ALA JA 48 -14.25 81.64 16.66
N VAL JA 49 -13.11 81.56 15.99
CA VAL JA 49 -12.27 80.35 16.01
C VAL JA 49 -11.65 80.11 17.40
N TYR JA 50 -11.30 81.20 18.07
CA TYR JA 50 -10.70 81.16 19.42
C TYR JA 50 -11.72 80.63 20.43
N TRP JA 51 -12.92 81.19 20.35
CA TRP JA 51 -14.03 80.74 21.21
C TRP JA 51 -14.37 79.29 20.91
N ILE JA 52 -14.52 78.90 19.70
CA ILE JA 52 -14.88 77.50 19.33
C ILE JA 52 -13.82 76.49 19.83
N LYS JA 53 -12.55 76.85 19.64
CA LYS JA 53 -11.41 76.01 20.05
C LYS JA 53 -11.32 75.87 21.56
N THR JA 54 -11.58 76.96 22.25
CA THR JA 54 -11.56 77.01 23.73
C THR JA 54 -12.67 76.13 24.37
N TYR JA 55 -13.74 75.91 23.60
CA TYR JA 55 -14.88 75.10 24.07
C TYR JA 55 -14.97 73.72 23.40
N GLN JA 56 -13.86 73.26 22.81
CA GLN JA 56 -13.75 71.90 22.23
C GLN JA 56 -14.64 71.71 20.97
N LEU JA 57 -14.88 72.78 20.24
CA LEU JA 57 -15.67 72.72 19.00
C LEU JA 57 -14.81 72.96 17.76
N PRO JA 58 -15.06 72.18 16.70
CA PRO JA 58 -16.02 71.07 16.67
C PRO JA 58 -15.44 69.83 17.39
N PRO JA 59 -16.31 69.03 18.03
CA PRO JA 59 -15.93 67.78 18.71
C PRO JA 59 -15.20 66.85 17.74
N ARG JA 60 -14.08 66.35 18.23
CA ARG JA 60 -13.23 65.42 17.49
C ARG JA 60 -13.85 64.01 17.43
N PRO JA 61 -13.62 63.31 16.32
CA PRO JA 61 -13.87 61.86 16.23
C PRO JA 61 -12.68 61.10 16.81
N ARG JA 62 -12.99 60.14 17.65
CA ARG JA 62 -11.97 59.23 18.25
C ARG JA 62 -12.22 57.82 17.73
N VAL JA 63 -11.20 56.98 17.85
CA VAL JA 63 -11.27 55.57 17.39
C VAL JA 63 -12.59 54.91 17.82
N GLU JA 64 -13.20 54.23 16.87
CA GLU JA 64 -14.42 53.46 17.15
C GLU JA 64 -14.00 52.00 17.23
N ILE JA 65 -14.39 51.37 18.32
CA ILE JA 65 -14.10 49.94 18.58
C ILE JA 65 -14.65 49.08 17.43
N ALA JA 66 -15.73 49.48 16.82
CA ALA JA 66 -16.35 48.73 15.71
C ALA JA 66 -15.50 48.74 14.44
N GLN JA 67 -14.77 49.83 14.24
CA GLN JA 67 -13.83 49.99 13.11
C GLN JA 67 -12.52 49.20 13.31
N MET JA 68 -12.66 47.98 13.81
CA MET JA 68 -11.53 47.06 14.07
C MET JA 68 -11.02 46.31 12.84
N PHE JA 69 -11.73 46.45 11.72
CA PHE JA 69 -11.38 45.76 10.46
C PHE JA 69 -9.89 45.93 10.07
N PRO JA 70 -9.30 47.12 10.23
CA PRO JA 70 -7.86 47.36 9.96
C PRO JA 70 -6.90 46.55 10.83
N ALA JA 71 -7.36 46.07 11.97
CA ALA JA 71 -6.49 45.43 12.97
C ALA JA 71 -6.48 43.91 12.91
N ASP JA 72 -7.63 43.32 12.57
CA ASP JA 72 -7.81 41.86 12.49
C ASP JA 72 -8.98 41.54 11.57
N SER JA 73 -8.94 40.36 10.99
CA SER JA 73 -9.91 39.98 9.95
C SER JA 73 -11.02 39.09 10.48
N LEU JA 74 -10.79 38.43 11.63
CA LEU JA 74 -11.72 37.49 12.28
C LEU JA 74 -11.36 37.34 13.76
N VAL JA 75 -12.37 37.05 14.56
CA VAL JA 75 -12.24 36.91 16.02
C VAL JA 75 -12.90 35.61 16.44
N SER JA 76 -12.08 34.69 16.90
CA SER JA 76 -12.56 33.37 17.36
C SER JA 76 -12.39 33.19 18.87
N SER JA 77 -11.60 34.09 19.48
CA SER JA 77 -11.39 34.01 20.94
C SER JA 77 -11.39 35.38 21.69
N PRO JA 78 -10.23 35.70 22.51
CA PRO JA 78 -10.44 36.37 23.75
C PRO JA 78 -10.20 37.91 23.81
N ARG JA 79 -9.11 38.43 23.27
CA ARG JA 79 -8.74 39.85 23.50
C ARG JA 79 -9.74 40.85 22.94
N ALA JA 80 -10.15 40.60 21.69
CA ALA JA 80 -11.12 41.47 21.00
C ALA JA 80 -12.54 41.34 21.57
N GLU JA 81 -12.90 40.12 21.97
CA GLU JA 81 -14.20 39.83 22.58
C GLU JA 81 -14.34 40.55 23.93
N LYS JA 82 -13.26 40.52 24.70
CA LYS JA 82 -13.21 41.15 26.03
C LYS JA 82 -13.27 42.68 25.95
N ALA JA 83 -12.68 43.23 24.88
CA ALA JA 83 -12.73 44.68 24.62
C ALA JA 83 -14.17 45.15 24.33
N ARG JA 84 -14.90 44.33 23.58
CA ARG JA 84 -16.31 44.60 23.23
C ARG JA 84 -17.25 44.44 24.44
N LEU JA 85 -16.96 43.43 25.27
CA LEU JA 85 -17.70 43.20 26.52
C LEU JA 85 -17.50 44.37 27.50
N TYR JA 86 -16.27 44.86 27.54
CA TYR JA 86 -15.89 46.02 28.36
C TYR JA 86 -16.55 47.32 27.88
N SER JA 87 -16.59 47.47 26.57
CA SER JA 87 -17.21 48.63 25.92
C SER JA 87 -18.73 48.68 26.17
N ALA JA 88 -19.35 47.50 26.10
CA ALA JA 88 -20.77 47.33 26.38
C ALA JA 88 -21.11 47.72 27.83
N ILE JA 89 -20.22 47.36 28.75
CA ILE JA 89 -20.38 47.69 30.18
C ILE JA 89 -20.20 49.19 30.43
N GLU JA 90 -19.19 49.78 29.81
CA GLU JA 90 -18.93 51.22 29.91
C GLU JA 90 -20.15 52.04 29.44
N GLN JA 91 -20.74 51.58 28.33
CA GLN JA 91 -21.95 52.18 27.74
C GLN JA 91 -23.19 51.99 28.63
N ARG JA 92 -23.28 50.82 29.26
CA ARG JA 92 -24.39 50.51 30.19
C ARG JA 92 -24.34 51.40 31.43
N LEU JA 93 -23.12 51.66 31.90
CA LEU JA 93 -22.87 52.54 33.05
C LEU JA 93 -23.16 54.00 32.76
N GLU JA 94 -22.67 54.43 31.60
CA GLU JA 94 -22.94 55.78 31.09
C GLU JA 94 -24.45 56.00 30.89
N GLN JA 95 -25.15 54.98 30.40
CA GLN JA 95 -26.60 55.06 30.19
C GLN JA 95 -27.36 55.22 31.53
N SER JA 96 -26.91 54.45 32.53
CA SER JA 96 -27.49 54.48 33.87
C SER JA 96 -27.23 55.82 34.59
N LEU JA 97 -25.97 56.24 34.62
CA LEU JA 97 -25.59 57.52 35.26
C LEU JA 97 -26.24 58.75 34.62
N GLN JA 98 -26.45 58.67 33.31
CA GLN JA 98 -27.07 59.74 32.53
C GLN JA 98 -28.52 60.04 32.94
N THR JA 99 -29.15 59.10 33.62
CA THR JA 99 -30.55 59.28 34.10
C THR JA 99 -30.62 60.13 35.37
N MET JA 100 -29.51 60.24 36.10
CA MET JA 100 -29.42 61.11 37.28
C MET JA 100 -29.64 62.56 36.84
N GLU JA 101 -30.64 63.19 37.47
CA GLU JA 101 -30.98 64.60 37.19
C GLU JA 101 -29.77 65.50 37.43
N GLY JA 102 -29.44 66.29 36.41
CA GLY JA 102 -28.27 67.19 36.47
C GLY JA 102 -27.13 66.76 35.54
N VAL JA 103 -27.02 65.47 35.29
CA VAL JA 103 -26.00 64.92 34.35
C VAL JA 103 -26.38 65.30 32.92
N LEU JA 104 -25.39 65.90 32.26
CA LEU JA 104 -25.54 66.27 30.84
C LEU JA 104 -24.59 65.50 29.91
N SER JA 105 -23.61 64.84 30.49
CA SER JA 105 -22.64 63.97 29.78
C SER JA 105 -21.79 63.22 30.80
N ALA JA 106 -21.33 62.08 30.35
CA ALA JA 106 -20.61 61.10 31.18
C ALA JA 106 -19.72 60.21 30.32
N ARG JA 107 -18.54 59.95 30.84
CA ARG JA 107 -17.57 59.01 30.24
C ARG JA 107 -17.08 58.02 31.29
N VAL JA 108 -17.08 56.76 30.92
CA VAL JA 108 -16.59 55.67 31.77
C VAL JA 108 -15.52 54.89 31.01
N HIS JA 109 -14.39 54.75 31.67
CA HIS JA 109 -13.28 53.91 31.18
C HIS JA 109 -12.97 52.85 32.24
N ILE JA 110 -13.19 51.61 31.86
CA ILE JA 110 -13.02 50.48 32.78
C ILE JA 110 -11.73 49.71 32.48
N SER JA 111 -11.13 49.24 33.56
CA SER JA 111 -9.97 48.31 33.53
C SER JA 111 -10.28 47.02 34.30
N TYR JA 112 -10.22 45.92 33.58
CA TYR JA 112 -10.47 44.55 34.09
C TYR JA 112 -9.63 43.60 33.26
N ASP JA 113 -8.52 43.20 33.79
CA ASP JA 113 -7.66 42.25 33.08
C ASP JA 113 -7.32 41.04 33.89
N ILE JA 114 -7.29 39.89 33.34
CA ILE JA 114 -6.86 38.66 34.04
C ILE JA 114 -5.54 38.22 33.44
N ASP JA 115 -4.45 38.42 34.13
CA ASP JA 115 -3.10 38.14 33.60
C ASP JA 115 -2.45 36.94 34.27
N ALA JA 116 -1.66 36.21 33.63
CA ALA JA 116 -0.79 35.12 34.14
C ALA JA 116 0.68 35.56 34.11
N GLY JA 117 1.17 35.94 35.27
CA GLY JA 117 2.56 36.43 35.46
C GLY JA 117 3.54 35.32 35.09
N GLU JA 118 3.32 34.15 35.50
CA GLU JA 118 4.11 32.88 35.34
C GLU JA 118 3.35 31.71 35.94
N ASN JA 119 3.91 30.51 35.89
CA ASN JA 119 3.32 29.31 36.50
C ASN JA 119 3.04 29.52 37.99
N GLY JA 120 1.76 29.34 38.34
CA GLY JA 120 1.25 29.51 39.71
C GLY JA 120 1.24 30.96 40.21
N ARG JA 121 1.03 31.91 39.30
CA ARG JA 121 0.96 33.35 39.64
C ARG JA 121 -0.05 34.11 38.75
N PRO JA 122 -1.31 34.18 39.19
CA PRO JA 122 -2.38 34.94 38.53
C PRO JA 122 -2.62 36.31 39.18
N PRO JA 123 -2.44 37.38 38.43
CA PRO JA 123 -2.94 38.72 38.82
C PRO JA 123 -4.27 39.15 38.19
N LYS JA 124 -4.97 39.97 38.94
CA LYS JA 124 -6.23 40.63 38.54
C LYS JA 124 -6.16 42.15 38.71
N PRO JA 125 -6.15 42.90 37.65
CA PRO JA 125 -6.27 44.38 37.62
C PRO JA 125 -7.71 44.85 37.48
N VAL JA 126 -8.02 45.68 38.42
CA VAL JA 126 -9.35 46.30 38.50
C VAL JA 126 -9.15 47.80 38.65
N HIS JA 127 -10.10 48.54 38.09
CA HIS JA 127 -10.30 49.98 38.34
C HIS JA 127 -11.30 50.57 37.35
N LEU JA 128 -11.89 51.68 37.73
CA LEU JA 128 -12.77 52.46 36.85
C LEU JA 128 -12.50 53.96 36.99
N SER JA 129 -12.57 54.64 35.85
CA SER JA 129 -12.50 56.11 35.77
C SER JA 129 -13.82 56.67 35.22
N ALA JA 130 -14.42 57.57 35.97
CA ALA JA 130 -15.72 58.18 35.63
C ALA JA 130 -15.65 59.70 35.67
N LEU JA 131 -16.01 60.27 34.55
CA LEU JA 131 -16.14 61.73 34.41
C LEU JA 131 -17.59 62.05 34.09
N ALA JA 132 -18.18 62.88 34.93
CA ALA JA 132 -19.55 63.36 34.67
C ALA JA 132 -19.61 64.87 34.66
N VAL JA 133 -20.24 65.38 33.64
CA VAL JA 133 -20.48 66.82 33.49
C VAL JA 133 -21.90 67.12 33.95
N TYR JA 134 -22.00 68.07 34.82
CA TYR JA 134 -23.28 68.49 35.37
C TYR JA 134 -23.70 69.83 34.79
N GLU JA 135 -25.02 70.03 34.78
CA GLU JA 135 -25.62 71.32 34.43
C GLU JA 135 -25.08 72.40 35.36
N ARG JA 136 -24.92 73.56 34.93
CA ARG JA 136 -24.48 74.73 35.72
C ARG JA 136 -25.32 75.01 37.00
N GLY JA 137 -26.58 74.58 36.91
CA GLY JA 137 -27.57 74.86 37.97
C GLY JA 137 -27.80 73.69 38.93
N SER JA 138 -26.99 72.63 38.82
CA SER JA 138 -27.10 71.47 39.72
C SER JA 138 -25.75 71.08 40.33
N PRO JA 139 -25.69 71.04 41.66
CA PRO JA 139 -24.51 70.53 42.39
C PRO JA 139 -24.65 69.02 42.61
N LEU JA 140 -23.80 68.26 41.94
CA LEU JA 140 -23.81 66.79 42.07
C LEU JA 140 -22.71 66.25 42.99
N ALA JA 141 -22.06 67.16 43.72
CA ALA JA 141 -20.95 66.81 44.63
C ALA JA 141 -21.40 65.85 45.74
N HIS JA 142 -22.61 66.09 46.26
CA HIS JA 142 -23.22 65.20 47.27
C HIS JA 142 -23.57 63.79 46.76
N GLN JA 143 -23.62 63.65 45.45
CA GLN JA 143 -23.97 62.36 44.80
C GLN JA 143 -22.76 61.53 44.40
N ILE JA 144 -21.57 61.95 44.78
CA ILE JA 144 -20.31 61.26 44.39
C ILE JA 144 -20.25 59.82 44.93
N SER JA 145 -20.63 59.69 46.21
CA SER JA 145 -20.63 58.39 46.91
C SER JA 145 -21.63 57.42 46.30
N ASP JA 146 -22.79 57.96 45.92
CA ASP JA 146 -23.84 57.16 45.25
C ASP JA 146 -23.39 56.69 43.86
N ILE JA 147 -22.75 57.60 43.12
CA ILE JA 147 -22.21 57.28 41.79
C ILE JA 147 -21.12 56.20 41.90
N LYS JA 148 -20.23 56.34 42.88
CA LYS JA 148 -19.17 55.34 43.11
C LYS JA 148 -19.74 53.95 43.42
N ARG JA 149 -20.80 53.93 44.23
CA ARG JA 149 -21.44 52.66 44.64
C ARG JA 149 -22.14 51.97 43.45
N PHE JA 150 -22.67 52.77 42.55
CA PHE JA 150 -23.39 52.28 41.36
C PHE JA 150 -22.40 51.66 40.38
N LEU JA 151 -21.27 52.32 40.25
CA LEU JA 151 -20.16 51.84 39.41
C LEU JA 151 -19.50 50.59 39.98
N LYS JA 152 -19.32 50.59 41.29
CA LYS JA 152 -18.72 49.45 42.01
C LYS JA 152 -19.49 48.15 41.76
N ASN JA 153 -20.80 48.24 41.88
CA ASN JA 153 -21.67 47.05 41.84
C ASN JA 153 -22.16 46.67 40.45
N SER JA 154 -21.77 47.46 39.47
CA SER JA 154 -22.07 47.13 38.07
C SER JA 154 -21.01 46.24 37.43
N PHE JA 155 -19.83 46.25 38.04
CA PHE JA 155 -18.63 45.66 37.44
C PHE JA 155 -17.95 44.65 38.36
N ALA JA 156 -17.42 43.60 37.71
CA ALA JA 156 -16.75 42.49 38.41
C ALA JA 156 -15.46 42.93 39.10
N ASP JA 157 -15.38 42.53 40.37
CA ASP JA 157 -14.21 42.67 41.24
C ASP JA 157 -13.71 44.13 41.33
N VAL JA 158 -14.59 45.08 41.65
CA VAL JA 158 -14.17 46.48 41.85
C VAL JA 158 -14.35 46.87 43.31
N ASP JA 159 -13.35 47.59 43.80
CA ASP JA 159 -13.41 48.23 45.13
C ASP JA 159 -13.48 49.74 44.98
N TYR JA 160 -14.07 50.38 45.98
CA TYR JA 160 -14.25 51.85 46.01
C TYR JA 160 -12.98 52.66 45.84
N ASP JA 161 -11.90 52.14 46.44
CA ASP JA 161 -10.59 52.81 46.42
C ASP JA 161 -10.00 52.89 45.00
N ASN JA 162 -10.49 52.03 44.12
CA ASN JA 162 -10.04 51.96 42.70
C ASN JA 162 -11.09 52.54 41.76
N ILE JA 163 -11.88 53.44 42.21
CA ILE JA 163 -12.84 54.17 41.36
C ILE JA 163 -12.56 55.67 41.53
N SER JA 164 -12.36 56.32 40.41
CA SER JA 164 -12.24 57.78 40.36
C SER JA 164 -13.51 58.37 39.74
N VAL JA 165 -14.16 59.22 40.50
CA VAL JA 165 -15.36 59.97 40.02
C VAL JA 165 -15.04 61.45 40.10
N VAL JA 166 -14.98 62.06 38.92
CA VAL JA 166 -14.74 63.50 38.78
C VAL JA 166 -15.99 64.14 38.18
N LEU JA 167 -16.48 65.17 38.86
CA LEU JA 167 -17.63 65.94 38.41
C LEU JA 167 -17.21 67.37 38.06
N SER JA 168 -17.53 67.78 36.85
CA SER JA 168 -17.19 69.13 36.35
C SER JA 168 -18.43 69.81 35.75
N GLU JA 169 -18.64 71.07 36.16
CA GLU JA 169 -19.76 71.90 35.66
C GLU JA 169 -19.41 72.22 34.23
N ARG JA 170 -20.43 72.18 33.40
CA ARG JA 170 -20.26 72.68 32.02
C ARG JA 170 -19.78 74.15 31.98
N LYS KA 1 -30.01 -68.67 -43.65
CA LYS KA 1 -29.93 -67.81 -42.46
C LYS KA 1 -28.56 -67.14 -42.34
N ASP KA 2 -28.59 -65.84 -42.06
CA ASP KA 2 -27.35 -65.07 -41.86
C ASP KA 2 -26.68 -65.50 -40.54
N LEU KA 3 -25.37 -65.67 -40.64
CA LEU KA 3 -24.50 -65.83 -39.47
C LEU KA 3 -24.00 -64.49 -38.97
N LEU KA 4 -23.03 -63.93 -39.69
CA LEU KA 4 -22.43 -62.62 -39.39
C LEU KA 4 -22.17 -61.81 -40.66
N LYS KA 5 -22.27 -60.52 -40.50
CA LYS KA 5 -21.93 -59.52 -41.54
C LYS KA 5 -20.75 -58.67 -41.05
N GLY KA 6 -20.16 -57.94 -42.01
CA GLY KA 6 -19.07 -56.98 -41.75
C GLY KA 6 -17.79 -57.65 -41.23
N LEU KA 7 -17.57 -58.88 -41.69
CA LEU KA 7 -16.36 -59.65 -41.34
C LEU KA 7 -15.20 -59.23 -42.22
N ASP KA 8 -14.01 -59.25 -41.64
CA ASP KA 8 -12.76 -59.11 -42.42
C ASP KA 8 -12.62 -60.38 -43.28
N GLN KA 9 -11.84 -60.28 -44.36
CA GLN KA 9 -11.52 -61.42 -45.24
C GLN KA 9 -10.93 -62.61 -44.47
N GLU KA 10 -10.05 -62.34 -43.50
CA GLU KA 10 -9.39 -63.40 -42.71
C GLU KA 10 -10.37 -64.11 -41.77
N GLN KA 11 -11.19 -63.33 -41.07
CA GLN KA 11 -12.18 -63.87 -40.13
C GLN KA 11 -13.25 -64.68 -40.87
N ALA KA 12 -13.68 -64.13 -42.01
CA ALA KA 12 -14.66 -64.81 -42.89
C ALA KA 12 -14.08 -66.09 -43.49
N ASN KA 13 -12.82 -66.04 -43.93
CA ASN KA 13 -12.15 -67.23 -44.50
C ASN KA 13 -11.94 -68.36 -43.48
N GLU KA 14 -11.56 -67.97 -42.27
CA GLU KA 14 -11.32 -68.97 -41.21
C GLU KA 14 -12.62 -69.65 -40.76
N VAL KA 15 -13.69 -68.85 -40.62
CA VAL KA 15 -15.02 -69.36 -40.27
C VAL KA 15 -15.63 -70.21 -41.41
N ILE KA 16 -15.44 -69.76 -42.65
CA ILE KA 16 -15.99 -70.50 -43.81
C ILE KA 16 -15.31 -71.87 -43.94
N ALA KA 17 -13.99 -71.88 -43.75
CA ALA KA 17 -13.17 -73.09 -43.89
C ALA KA 17 -13.47 -74.09 -42.77
N VAL KA 18 -13.65 -73.56 -41.56
CA VAL KA 18 -14.03 -74.37 -40.38
C VAL KA 18 -15.41 -75.00 -40.60
N LEU KA 19 -16.35 -74.24 -41.12
CA LEU KA 19 -17.71 -74.78 -41.35
C LEU KA 19 -17.76 -75.82 -42.47
N GLN KA 20 -17.03 -75.52 -43.54
CA GLN KA 20 -16.94 -76.43 -44.70
C GLN KA 20 -16.26 -77.76 -44.33
N MET KA 21 -15.25 -77.69 -43.47
CA MET KA 21 -14.53 -78.88 -42.99
C MET KA 21 -15.40 -79.77 -42.07
N HIS KA 22 -16.46 -79.17 -41.52
CA HIS KA 22 -17.42 -79.89 -40.66
C HIS KA 22 -18.74 -80.19 -41.38
N ASN KA 23 -18.69 -80.24 -42.72
CA ASN KA 23 -19.84 -80.58 -43.56
C ASN KA 23 -21.03 -79.62 -43.36
N ILE KA 24 -20.73 -78.34 -43.17
CA ILE KA 24 -21.78 -77.32 -43.09
C ILE KA 24 -21.77 -76.51 -44.39
N GLU KA 25 -22.95 -76.47 -44.99
CA GLU KA 25 -23.16 -75.71 -46.24
C GLU KA 25 -23.24 -74.21 -45.91
N ALA KA 26 -22.11 -73.54 -46.10
CA ALA KA 26 -22.01 -72.09 -45.87
C ALA KA 26 -21.66 -71.37 -47.17
N ASN KA 27 -22.26 -70.20 -47.31
CA ASN KA 27 -22.02 -69.31 -48.46
C ASN KA 27 -21.55 -67.94 -47.98
N LYS KA 28 -20.79 -67.27 -48.81
CA LYS KA 28 -20.23 -65.96 -48.50
C LYS KA 28 -20.53 -64.94 -49.60
N ILE KA 29 -20.83 -63.74 -49.14
CA ILE KA 29 -21.08 -62.58 -50.03
C ILE KA 29 -20.24 -61.40 -49.55
N ASP KA 30 -19.71 -60.64 -50.48
CA ASP KA 30 -18.97 -59.41 -50.17
C ASP KA 30 -19.90 -58.21 -50.38
N SER KA 31 -19.90 -57.32 -49.39
CA SER KA 31 -20.64 -56.05 -49.50
C SER KA 31 -19.83 -54.99 -50.26
N GLY KA 32 -20.39 -53.77 -50.31
CA GLY KA 32 -19.78 -52.64 -51.03
C GLY KA 32 -18.42 -52.22 -50.45
N LYS KA 33 -18.29 -52.38 -49.13
CA LYS KA 33 -17.08 -51.96 -48.39
C LYS KA 33 -15.94 -52.98 -48.45
N LEU KA 34 -16.17 -54.15 -49.04
CA LEU KA 34 -15.21 -55.27 -49.09
C LEU KA 34 -15.36 -56.18 -47.85
N GLY KA 35 -16.31 -55.86 -46.95
CA GLY KA 35 -16.66 -56.72 -45.80
C GLY KA 35 -17.50 -57.93 -46.21
N TYR KA 36 -17.43 -59.00 -45.47
CA TYR KA 36 -18.00 -60.31 -45.86
C TYR KA 36 -19.13 -60.71 -44.93
N SER KA 37 -20.10 -61.37 -45.52
CA SER KA 37 -21.24 -61.96 -44.81
C SER KA 37 -21.26 -63.47 -45.07
N ILE KA 38 -21.45 -64.20 -43.99
CA ILE KA 38 -21.57 -65.66 -44.05
C ILE KA 38 -22.99 -66.09 -43.71
N THR KA 39 -23.48 -67.04 -44.47
CA THR KA 39 -24.86 -67.57 -44.31
C THR KA 39 -24.83 -69.10 -44.44
N VAL KA 40 -25.74 -69.74 -43.76
CA VAL KA 40 -25.89 -71.22 -43.81
C VAL KA 40 -27.35 -71.57 -44.05
N ALA KA 41 -27.58 -72.79 -44.54
CA ALA KA 41 -28.95 -73.31 -44.64
C ALA KA 41 -29.55 -73.33 -43.21
N GLU KA 42 -30.83 -73.00 -43.10
CA GLU KA 42 -31.56 -73.07 -41.80
C GLU KA 42 -31.38 -74.40 -41.04
N PRO KA 43 -31.36 -75.57 -41.73
CA PRO KA 43 -31.18 -76.88 -41.09
C PRO KA 43 -29.79 -77.07 -40.45
N ASP KA 44 -28.82 -76.26 -40.88
CA ASP KA 44 -27.45 -76.31 -40.33
C ASP KA 44 -27.13 -75.16 -39.39
N PHE KA 45 -28.10 -74.31 -39.09
CA PHE KA 45 -27.88 -73.10 -38.29
C PHE KA 45 -27.37 -73.41 -36.88
N THR KA 46 -28.06 -74.32 -36.20
CA THR KA 46 -27.74 -74.68 -34.81
C THR KA 46 -26.34 -75.32 -34.72
N ALA KA 47 -26.06 -76.25 -35.64
CA ALA KA 47 -24.73 -76.88 -35.71
C ALA KA 47 -23.66 -75.83 -35.95
N ALA KA 48 -23.90 -74.95 -36.93
CA ALA KA 48 -22.96 -73.90 -37.36
C ALA KA 48 -22.57 -72.96 -36.21
N VAL KA 49 -23.57 -72.58 -35.42
CA VAL KA 49 -23.35 -71.71 -34.24
C VAL KA 49 -22.54 -72.44 -33.15
N TYR KA 50 -22.79 -73.73 -33.02
CA TYR KA 50 -22.10 -74.58 -32.02
C TYR KA 50 -20.62 -74.70 -32.36
N TRP KA 51 -20.37 -74.99 -33.65
CA TRP KA 51 -18.99 -75.08 -34.15
C TRP KA 51 -18.30 -73.73 -34.04
N ILE KA 52 -18.89 -72.67 -34.43
CA ILE KA 52 -18.27 -71.31 -34.36
C ILE KA 52 -17.92 -70.91 -32.90
N LYS KA 53 -18.86 -71.19 -31.99
CA LYS KA 53 -18.70 -70.87 -30.57
C LYS KA 53 -17.58 -71.70 -29.92
N THR KA 54 -17.53 -72.97 -30.31
CA THR KA 54 -16.51 -73.91 -29.81
C THR KA 54 -15.08 -73.52 -30.24
N TYR KA 55 -14.99 -72.79 -31.35
CA TYR KA 55 -13.69 -72.35 -31.90
C TYR KA 55 -13.41 -70.85 -31.70
N GLN KA 56 -14.14 -70.22 -30.78
CA GLN KA 56 -13.92 -68.80 -30.39
C GLN KA 56 -14.29 -67.80 -31.51
N LEU KA 57 -15.23 -68.17 -32.36
CA LEU KA 57 -15.69 -67.29 -33.43
C LEU KA 57 -17.12 -66.79 -33.19
N PRO KA 58 -17.35 -65.51 -33.49
CA PRO KA 58 -16.35 -64.52 -33.94
C PRO KA 58 -15.49 -64.06 -32.75
N PRO KA 59 -14.21 -63.76 -32.98
CA PRO KA 59 -13.28 -63.22 -31.98
C PRO KA 59 -13.84 -61.97 -31.34
N ARG KA 60 -13.79 -61.97 -30.02
CA ARG KA 60 -14.25 -60.85 -29.19
C ARG KA 60 -13.28 -59.66 -29.25
N PRO KA 61 -13.83 -58.45 -29.16
CA PRO KA 61 -13.04 -57.23 -28.90
C PRO KA 61 -12.82 -57.10 -27.39
N ARG KA 62 -11.58 -56.84 -27.02
CA ARG KA 62 -11.19 -56.58 -25.62
C ARG KA 62 -10.73 -55.13 -25.50
N VAL KA 63 -10.71 -54.63 -24.27
CA VAL KA 63 -10.29 -53.24 -23.97
C VAL KA 63 -9.01 -52.88 -24.74
N GLU KA 64 -9.04 -51.72 -25.35
CA GLU KA 64 -7.86 -51.18 -26.04
C GLU KA 64 -7.27 -50.12 -25.12
N ILE KA 65 -5.99 -50.28 -24.86
CA ILE KA 65 -5.22 -49.34 -24.00
C ILE KA 65 -5.33 -47.91 -24.57
N ALA KA 66 -5.43 -47.75 -25.85
CA ALA KA 66 -5.54 -46.42 -26.50
C ALA KA 66 -6.87 -45.73 -26.19
N GLN KA 67 -7.92 -46.52 -26.01
CA GLN KA 67 -9.27 -46.02 -25.65
C GLN KA 67 -9.36 -45.64 -24.15
N MET KA 68 -8.32 -44.97 -23.67
CA MET KA 68 -8.22 -44.52 -22.27
C MET KA 68 -8.96 -43.21 -21.97
N PHE KA 69 -9.48 -42.57 -23.01
CA PHE KA 69 -10.20 -41.29 -22.88
C PHE KA 69 -11.28 -41.29 -21.77
N PRO KA 70 -12.06 -42.38 -21.65
CA PRO KA 70 -13.08 -42.53 -20.58
C PRO KA 70 -12.52 -42.50 -19.14
N ALA KA 71 -11.23 -42.81 -18.99
CA ALA KA 71 -10.63 -42.99 -17.66
C ALA KA 71 -9.90 -41.76 -17.13
N ASP KA 72 -9.29 -40.98 -18.03
CA ASP KA 72 -8.52 -39.78 -17.69
C ASP KA 72 -8.44 -38.87 -18.92
N SER KA 73 -8.27 -37.59 -18.65
CA SER KA 73 -8.34 -36.56 -19.69
C SER KA 73 -6.97 -36.10 -20.16
N LEU KA 74 -5.94 -36.32 -19.34
CA LEU KA 74 -4.55 -35.90 -19.57
C LEU KA 74 -3.59 -36.73 -18.72
N VAL KA 75 -2.38 -36.90 -19.22
CA VAL KA 75 -1.34 -37.71 -18.56
C VAL KA 75 -0.05 -36.89 -18.53
N SER KA 76 0.34 -36.52 -17.32
CA SER KA 76 1.57 -35.74 -17.10
C SER KA 76 2.65 -36.55 -16.38
N SER KA 77 2.23 -37.69 -15.82
CA SER KA 77 3.21 -38.55 -15.10
C SER KA 77 3.05 -40.07 -15.35
N PRO KA 78 2.91 -40.92 -14.17
CA PRO KA 78 3.56 -42.21 -14.18
C PRO KA 78 2.70 -43.46 -14.51
N ARG KA 79 1.51 -43.63 -13.92
CA ARG KA 79 0.79 -44.92 -14.04
C ARG KA 79 0.36 -45.27 -15.47
N ALA KA 80 -0.20 -44.26 -16.15
CA ALA KA 80 -0.65 -44.43 -17.55
C ALA KA 80 0.51 -44.58 -18.54
N GLU KA 81 1.58 -43.83 -18.27
CA GLU KA 81 2.80 -43.87 -19.09
C GLU KA 81 3.47 -45.25 -19.01
N LYS KA 82 3.51 -45.79 -17.80
CA LYS KA 82 4.11 -47.12 -17.53
C LYS KA 82 3.30 -48.25 -18.17
N ALA KA 83 1.97 -48.09 -18.21
CA ALA KA 83 1.07 -49.05 -18.88
C ALA KA 83 1.33 -49.12 -20.39
N ARG KA 84 1.58 -47.95 -20.98
CA ARG KA 84 1.88 -47.84 -22.42
C ARG KA 84 3.28 -48.38 -22.77
N LEU KA 85 4.23 -48.11 -21.89
CA LEU KA 85 5.60 -48.65 -22.01
C LEU KA 85 5.62 -50.17 -21.92
N TYR KA 86 4.78 -50.69 -21.02
CA TYR KA 86 4.61 -52.14 -20.83
C TYR KA 86 3.92 -52.80 -22.03
N SER KA 87 2.93 -52.11 -22.57
CA SER KA 87 2.18 -52.56 -23.75
C SER KA 87 3.07 -52.62 -25.00
N ALA KA 88 3.93 -51.60 -25.13
CA ALA KA 88 4.91 -51.52 -26.22
C ALA KA 88 5.90 -52.70 -26.17
N ILE KA 89 6.30 -53.07 -24.95
CA ILE KA 89 7.24 -54.19 -24.72
C ILE KA 89 6.56 -55.53 -25.03
N GLU KA 90 5.33 -55.69 -24.56
CA GLU KA 90 4.55 -56.91 -24.83
C GLU KA 90 4.39 -57.14 -26.34
N GLN KA 91 4.12 -56.06 -27.05
CA GLN KA 91 3.99 -56.07 -28.53
C GLN KA 91 5.32 -56.36 -29.23
N ARG KA 92 6.41 -55.82 -28.68
CA ARG KA 92 7.77 -56.06 -29.21
C ARG KA 92 8.17 -57.53 -29.08
N LEU KA 93 7.79 -58.12 -27.95
CA LEU KA 93 8.03 -59.55 -27.66
C LEU KA 93 7.22 -60.48 -28.53
N GLU KA 94 5.95 -60.14 -28.66
CA GLU KA 94 5.03 -60.86 -29.56
C GLU KA 94 5.50 -60.79 -31.01
N GLN KA 95 6.02 -59.63 -31.42
CA GLN KA 95 6.55 -59.44 -32.78
C GLN KA 95 7.77 -60.33 -33.03
N SER KA 96 8.65 -60.38 -32.04
CA SER KA 96 9.89 -61.18 -32.09
C SER KA 96 9.58 -62.68 -32.12
N LEU KA 97 8.79 -63.14 -31.16
CA LEU KA 97 8.41 -64.57 -31.08
C LEU KA 97 7.63 -65.08 -32.29
N GLN KA 98 6.85 -64.20 -32.88
CA GLN KA 98 6.05 -64.50 -34.09
C GLN KA 98 6.89 -64.86 -35.32
N THR KA 99 8.17 -64.49 -35.30
CA THR KA 99 9.10 -64.82 -36.40
C THR KA 99 9.61 -66.26 -36.34
N MET KA 100 9.53 -66.89 -35.17
CA MET KA 100 9.89 -68.30 -35.01
C MET KA 100 8.95 -69.15 -35.88
N GLU KA 101 9.56 -69.95 -36.75
CA GLU KA 101 8.82 -70.84 -37.65
C GLU KA 101 7.94 -71.80 -36.84
N GLY KA 102 6.65 -71.81 -37.18
CA GLY KA 102 5.67 -72.67 -36.48
C GLY KA 102 4.68 -71.85 -35.65
N VAL KA 103 5.09 -70.69 -35.17
CA VAL KA 103 4.21 -69.78 -34.40
C VAL KA 103 3.18 -69.16 -35.34
N LEU KA 104 1.93 -69.30 -34.95
CA LEU KA 104 0.80 -68.70 -35.68
C LEU KA 104 0.07 -67.60 -34.89
N SER KA 105 0.33 -67.53 -33.60
CA SER KA 105 -0.19 -66.50 -32.68
C SER KA 105 0.50 -66.61 -31.33
N ALA KA 106 0.53 -65.47 -30.68
CA ALA KA 106 1.25 -65.28 -29.41
C ALA KA 106 0.66 -64.13 -28.61
N ARG KA 107 0.59 -64.35 -27.32
CA ARG KA 107 0.17 -63.33 -26.34
C ARG KA 107 1.18 -63.25 -25.20
N VAL KA 108 1.55 -62.03 -24.88
CA VAL KA 108 2.47 -61.74 -23.76
C VAL KA 108 1.81 -60.75 -22.82
N HIS KA 109 1.80 -61.13 -21.55
CA HIS KA 109 1.34 -60.28 -20.45
C HIS KA 109 2.47 -60.12 -19.45
N ILE KA 110 2.94 -58.90 -19.31
CA ILE KA 110 4.08 -58.60 -18.45
C ILE KA 110 3.63 -57.91 -17.15
N SER KA 111 4.34 -58.26 -16.09
CA SER KA 111 4.22 -57.61 -14.77
C SER KA 111 5.57 -57.05 -14.31
N TYR KA 112 5.59 -55.76 -14.11
CA TYR KA 112 6.77 -54.98 -13.64
C TYR KA 112 6.26 -53.78 -12.85
N ASP KA 113 6.29 -53.90 -11.58
CA ASP KA 113 5.84 -52.78 -10.73
C ASP KA 113 6.88 -52.37 -9.71
N ILE KA 114 7.06 -51.12 -9.46
CA ILE KA 114 7.95 -50.64 -8.41
C ILE KA 114 7.10 -50.03 -7.30
N ASP KA 115 6.97 -50.71 -6.20
CA ASP KA 115 6.08 -50.28 -5.11
C ASP KA 115 6.84 -49.80 -3.88
N ALA KA 116 6.37 -48.90 -3.15
CA ALA KA 116 6.87 -48.45 -1.82
C ALA KA 116 5.91 -48.89 -0.72
N GLY KA 117 6.30 -49.95 -0.03
CA GLY KA 117 5.52 -50.56 1.07
C GLY KA 117 5.33 -49.54 2.19
N GLU KA 118 6.32 -48.86 2.56
CA GLU KA 118 6.48 -47.84 3.65
C GLU KA 118 7.86 -47.23 3.62
N ASN KA 119 8.16 -46.31 4.52
CA ASN KA 119 9.49 -45.69 4.64
C ASN KA 119 10.58 -46.76 4.84
N GLY KA 120 11.53 -46.71 3.90
CA GLY KA 120 12.68 -47.66 3.86
C GLY KA 120 12.30 -49.09 3.50
N ARG KA 121 11.27 -49.25 2.67
CA ARG KA 121 10.82 -50.59 2.19
C ARG KA 121 10.30 -50.55 0.74
N PRO KA 122 11.19 -50.77 -0.21
CA PRO KA 122 10.86 -50.86 -1.65
C PRO KA 122 10.74 -52.32 -2.14
N PRO KA 123 9.59 -52.71 -2.62
CA PRO KA 123 9.42 -53.97 -3.39
C PRO KA 123 9.41 -53.79 -4.92
N LYS KA 124 9.87 -54.84 -5.58
CA LYS KA 124 9.87 -55.01 -7.05
C LYS KA 124 9.17 -56.31 -7.48
N PRO KA 125 8.03 -56.24 -8.09
CA PRO KA 125 7.32 -57.37 -8.75
C PRO KA 125 7.69 -57.53 -10.21
N VAL KA 126 8.08 -58.73 -10.47
CA VAL KA 126 8.47 -59.15 -11.82
C VAL KA 126 7.72 -60.43 -12.14
N HIS KA 127 7.42 -60.59 -13.43
CA HIS KA 127 6.96 -61.86 -14.02
C HIS KA 127 6.45 -61.63 -15.44
N LEU KA 128 6.44 -62.68 -16.22
CA LEU KA 128 5.85 -62.67 -17.56
C LEU KA 128 5.06 -63.95 -17.82
N SER KA 129 3.94 -63.78 -18.52
CA SER KA 129 3.10 -64.89 -19.02
C SER KA 129 3.07 -64.88 -20.55
N ALA KA 130 3.43 -65.99 -21.14
CA ALA KA 130 3.52 -66.16 -22.60
C ALA KA 130 2.75 -67.37 -23.07
N LEU KA 131 1.83 -67.11 -23.97
CA LEU KA 131 1.05 -68.14 -24.66
C LEU KA 131 1.38 -68.08 -26.15
N ALA KA 132 1.84 -69.19 -26.68
CA ALA KA 132 2.08 -69.30 -28.12
C ALA KA 132 1.33 -70.47 -28.72
N VAL KA 133 0.67 -70.18 -29.80
CA VAL KA 133 -0.07 -71.19 -30.58
C VAL KA 133 0.81 -71.59 -31.77
N TYR KA 134 0.98 -72.87 -31.90
CA TYR KA 134 1.80 -73.42 -32.98
C TYR KA 134 0.91 -74.08 -34.03
N GLU KA 135 1.44 -74.12 -35.24
CA GLU KA 135 0.83 -74.87 -36.34
C GLU KA 135 0.68 -76.33 -35.95
N ARG KA 136 -0.30 -76.99 -36.38
CA ARG KA 136 -0.53 -78.43 -36.16
C ARG KA 136 0.64 -79.36 -36.55
N GLY KA 137 1.41 -78.86 -37.52
CA GLY KA 137 2.51 -79.65 -38.12
C GLY KA 137 3.90 -79.31 -37.58
N SER KA 138 3.96 -78.49 -36.52
CA SER KA 138 5.24 -78.12 -35.90
C SER KA 138 5.21 -78.31 -34.38
N PRO KA 139 6.15 -79.10 -33.85
CA PRO KA 139 6.35 -79.25 -32.40
C PRO KA 139 7.35 -78.19 -31.91
N LEU KA 140 6.84 -77.26 -31.12
CA LEU KA 140 7.68 -76.17 -30.55
C LEU KA 140 8.07 -76.41 -29.09
N ALA KA 141 7.80 -77.63 -28.61
CA ALA KA 141 8.08 -78.01 -27.22
C ALA KA 141 9.59 -77.90 -26.88
N HIS KA 142 10.42 -78.30 -27.84
CA HIS KA 142 11.90 -78.19 -27.71
C HIS KA 142 12.42 -76.75 -27.68
N GLN KA 143 11.58 -75.81 -28.11
CA GLN KA 143 11.94 -74.38 -28.17
C GLN KA 143 11.48 -73.58 -26.95
N ILE KA 144 10.96 -74.25 -25.93
CA ILE KA 144 10.42 -73.57 -24.74
C ILE KA 144 11.50 -72.78 -23.97
N SER KA 145 12.67 -73.44 -23.83
CA SER KA 145 13.82 -72.86 -23.12
C SER KA 145 14.38 -71.63 -23.85
N ASP KA 146 14.39 -71.72 -25.19
CA ASP KA 146 14.83 -70.59 -26.03
C ASP KA 146 13.86 -69.41 -25.95
N ILE KA 147 12.56 -69.72 -25.96
CA ILE KA 147 11.53 -68.70 -25.84
C ILE KA 147 11.62 -68.01 -24.45
N LYS KA 148 11.80 -68.80 -23.40
CA LYS KA 148 11.96 -68.24 -22.04
C LYS KA 148 13.16 -67.30 -21.93
N ARG KA 149 14.26 -67.70 -22.56
CA ARG KA 149 15.51 -66.89 -22.53
C ARG KA 149 15.35 -65.57 -23.29
N PHE KA 150 14.58 -65.60 -24.35
CA PHE KA 150 14.32 -64.41 -25.20
C PHE KA 150 13.46 -63.40 -24.45
N LEU KA 151 12.48 -63.94 -23.74
CA LEU KA 151 11.57 -63.14 -22.90
C LEU KA 151 12.30 -62.57 -21.68
N LYS KA 152 13.15 -63.39 -21.08
CA LYS KA 152 13.94 -63.00 -19.90
C LYS KA 152 14.80 -61.76 -20.18
N ASN KA 153 15.49 -61.80 -21.33
CA ASN KA 153 16.48 -60.77 -21.65
C ASN KA 153 15.92 -59.56 -22.41
N SER KA 154 14.63 -59.61 -22.70
CA SER KA 154 13.95 -58.47 -23.32
C SER KA 154 13.43 -57.47 -22.29
N PHE KA 155 13.29 -57.95 -21.06
CA PHE KA 155 12.56 -57.21 -20.01
C PHE KA 155 13.41 -57.04 -18.74
N ALA KA 156 13.22 -55.88 -18.12
CA ALA KA 156 13.94 -55.49 -16.90
C ALA KA 156 13.59 -56.37 -15.69
N ASP KA 157 14.67 -56.84 -15.06
CA ASP KA 157 14.63 -57.59 -13.81
C ASP KA 157 13.70 -58.83 -13.86
N VAL KA 158 13.89 -59.70 -14.85
CA VAL KA 158 13.11 -60.95 -14.95
C VAL KA 158 14.05 -62.15 -14.73
N ASP KA 159 13.54 -63.10 -13.96
CA ASP KA 159 14.19 -64.40 -13.79
C ASP KA 159 13.35 -65.49 -14.44
N TYR KA 160 14.03 -66.56 -14.85
CA TYR KA 160 13.40 -67.72 -15.53
C TYR KA 160 12.24 -68.35 -14.77
N ASP KA 161 12.41 -68.41 -13.45
CA ASP KA 161 11.41 -69.02 -12.56
C ASP KA 161 10.06 -68.26 -12.55
N ASN KA 162 10.13 -67.01 -12.96
CA ASN KA 162 8.93 -66.12 -13.03
C ASN KA 162 8.49 -65.90 -14.47
N ILE KA 163 8.73 -66.82 -15.33
CA ILE KA 163 8.22 -66.79 -16.71
C ILE KA 163 7.45 -68.09 -16.95
N SER KA 164 6.22 -67.92 -17.39
CA SER KA 164 5.39 -69.05 -17.84
C SER KA 164 5.27 -69.02 -19.36
N VAL KA 165 5.69 -70.10 -19.98
CA VAL KA 165 5.56 -70.30 -21.44
C VAL KA 165 4.70 -71.53 -21.68
N VAL KA 166 3.54 -71.28 -22.25
CA VAL KA 166 2.58 -72.34 -22.61
C VAL KA 166 2.45 -72.36 -24.13
N LEU KA 167 2.64 -73.54 -24.68
CA LEU KA 167 2.49 -73.79 -26.13
C LEU KA 167 1.31 -74.72 -26.38
N SER KA 168 0.41 -74.27 -27.22
CA SER KA 168 -0.80 -75.05 -27.59
C SER KA 168 -0.97 -75.10 -29.11
N GLU KA 169 -1.21 -76.32 -29.61
CA GLU KA 169 -1.45 -76.56 -31.05
C GLU KA 169 -2.79 -75.97 -31.34
N ARG KA 170 -2.87 -75.34 -32.50
CA ARG KA 170 -4.18 -74.90 -33.00
C ARG KA 170 -5.19 -76.06 -33.13
N LYS LA 1 6.70 -59.71 -62.52
CA LYS LA 1 6.28 -59.27 -61.17
C LYS LA 1 7.22 -58.18 -60.63
N ASP LA 2 6.61 -57.13 -60.09
CA ASP LA 2 7.38 -56.03 -59.48
C ASP LA 2 8.04 -56.52 -58.19
N LEU LA 3 9.29 -56.14 -58.05
CA LEU LA 3 10.03 -56.27 -56.78
C LEU LA 3 9.86 -55.03 -55.91
N LEU LA 4 10.56 -53.96 -56.29
CA LEU LA 4 10.50 -52.67 -55.60
C LEU LA 4 10.53 -51.50 -56.57
N LYS LA 5 9.85 -50.45 -56.18
CA LYS LA 5 9.84 -49.15 -56.87
C LYS LA 5 10.50 -48.08 -55.99
N GLY LA 6 10.81 -46.94 -56.63
CA GLY LA 6 11.35 -45.76 -55.95
C GLY LA 6 12.73 -46.00 -55.33
N LEU LA 7 13.50 -46.87 -55.99
CA LEU LA 7 14.88 -47.17 -55.57
C LEU LA 7 15.84 -46.09 -56.08
N ASP LA 8 16.86 -45.81 -55.29
CA ASP LA 8 18.00 -44.99 -55.75
C ASP LA 8 18.75 -45.81 -56.81
N GLN LA 9 19.51 -45.12 -57.66
CA GLN LA 9 20.37 -45.75 -58.67
C GLN LA 9 21.34 -46.78 -58.07
N GLU LA 10 21.91 -46.47 -56.90
CA GLU LA 10 22.88 -47.36 -56.25
C GLU LA 10 22.22 -48.64 -55.71
N GLN LA 11 21.08 -48.46 -55.04
CA GLN LA 11 20.32 -49.58 -54.46
C GLN LA 11 19.78 -50.50 -55.55
N ALA LA 12 19.27 -49.87 -56.61
CA ALA LA 12 18.77 -50.60 -57.80
C ALA LA 12 19.89 -51.33 -58.54
N ASN LA 13 21.05 -50.67 -58.68
CA ASN LA 13 22.21 -51.30 -59.34
C ASN LA 13 22.79 -52.49 -58.57
N GLU LA 14 22.85 -52.35 -57.25
CA GLU LA 14 23.38 -53.43 -56.41
C GLU LA 14 22.46 -54.66 -56.39
N VAL LA 15 21.15 -54.40 -56.30
CA VAL LA 15 20.13 -55.47 -56.36
C VAL LA 15 20.06 -56.13 -57.74
N ILE LA 16 20.17 -55.32 -58.79
CA ILE LA 16 20.10 -55.85 -60.17
C ILE LA 16 21.31 -56.76 -60.45
N ALA LA 17 22.47 -56.31 -60.01
CA ALA LA 17 23.75 -57.01 -60.23
C ALA LA 17 23.78 -58.31 -59.43
N VAL LA 18 23.29 -58.27 -58.19
CA VAL LA 18 23.18 -59.45 -57.33
C VAL LA 18 22.23 -60.49 -57.95
N LEU LA 19 21.10 -60.03 -58.49
CA LEU LA 19 20.14 -60.97 -59.09
C LEU LA 19 20.65 -61.59 -60.40
N GLN LA 20 21.28 -60.74 -61.21
CA GLN LA 20 21.87 -61.18 -62.48
C GLN LA 20 23.00 -62.19 -62.29
N MET LA 21 23.80 -61.98 -61.24
CA MET LA 21 24.91 -62.89 -60.89
C MET LA 21 24.42 -64.25 -60.37
N HIS LA 22 23.16 -64.29 -59.94
CA HIS LA 22 22.52 -65.54 -59.47
C HIS LA 22 21.53 -66.11 -60.49
N ASN LA 23 21.73 -65.76 -61.77
CA ASN LA 23 20.92 -66.28 -62.89
C ASN LA 23 19.41 -65.94 -62.73
N ILE LA 24 19.13 -64.76 -62.23
CA ILE LA 24 17.73 -64.29 -62.13
C ILE LA 24 17.53 -63.22 -63.20
N GLU LA 25 16.50 -63.46 -64.01
CA GLU LA 25 16.12 -62.52 -65.08
C GLU LA 25 15.37 -61.33 -64.46
N ALA LA 26 16.11 -60.25 -64.27
CA ALA LA 26 15.57 -59.01 -63.71
C ALA LA 26 15.69 -57.87 -64.73
N ASN LA 27 14.68 -57.03 -64.74
CA ASN LA 27 14.63 -55.84 -65.60
C ASN LA 27 14.41 -54.59 -64.75
N LYS LA 28 14.90 -53.47 -65.25
CA LYS LA 28 14.81 -52.20 -64.56
C LYS LA 28 14.20 -51.10 -65.45
N ILE LA 29 13.38 -50.29 -64.82
CA ILE LA 29 12.75 -49.12 -65.47
C ILE LA 29 12.94 -47.90 -64.58
N ASP LA 30 13.19 -46.76 -65.20
CA ASP LA 30 13.29 -45.49 -64.49
C ASP LA 30 11.97 -44.73 -64.62
N SER LA 31 11.49 -44.22 -63.49
CA SER LA 31 10.29 -43.38 -63.48
C SER LA 31 10.65 -41.92 -63.81
N GLY LA 32 9.63 -41.05 -63.70
CA GLY LA 32 9.77 -39.61 -64.02
C GLY LA 32 10.75 -38.87 -63.10
N LYS LA 33 10.81 -39.33 -61.85
CA LYS LA 33 11.64 -38.71 -60.80
C LYS LA 33 13.10 -39.14 -60.83
N LEU LA 34 13.45 -40.10 -61.71
CA LEU LA 34 14.81 -40.70 -61.80
C LEU LA 34 14.95 -41.91 -60.84
N GLY LA 35 13.86 -42.24 -60.11
CA GLY LA 35 13.79 -43.45 -59.26
C GLY LA 35 13.60 -44.73 -60.09
N TYR LA 36 14.04 -45.84 -59.60
CA TYR LA 36 14.13 -47.10 -60.36
C TYR LA 36 13.20 -48.17 -59.80
N SER LA 37 12.66 -48.94 -60.70
CA SER LA 37 11.83 -50.11 -60.38
C SER LA 37 12.48 -51.36 -60.96
N ILE LA 38 12.50 -52.39 -60.13
CA ILE LA 38 13.04 -53.71 -60.52
C ILE LA 38 11.90 -54.72 -60.58
N THR LA 39 11.94 -55.53 -61.60
CA THR LA 39 10.93 -56.58 -61.85
C THR LA 39 11.61 -57.87 -62.29
N VAL LA 40 11.01 -58.98 -61.96
CA VAL LA 40 11.50 -60.31 -62.36
C VAL LA 40 10.37 -61.13 -62.98
N ALA LA 41 10.73 -62.14 -63.75
CA ALA LA 41 9.73 -63.11 -64.23
C ALA LA 41 9.06 -63.75 -63.00
N GLU LA 42 7.75 -64.00 -63.09
CA GLU LA 42 7.01 -64.69 -62.01
C GLU LA 42 7.66 -66.02 -61.54
N PRO LA 43 8.24 -66.84 -62.43
CA PRO LA 43 8.91 -68.11 -62.07
C PRO LA 43 10.18 -67.90 -61.22
N ASP LA 44 10.74 -66.70 -61.25
CA ASP LA 44 11.94 -66.37 -60.46
C ASP LA 44 11.65 -65.50 -59.23
N PHE LA 45 10.38 -65.22 -58.98
CA PHE LA 45 9.99 -64.28 -57.92
C PHE LA 45 10.43 -64.76 -56.52
N THR LA 46 10.13 -66.01 -56.21
CA THR LA 46 10.45 -66.60 -54.89
C THR LA 46 11.96 -66.64 -54.66
N ALA LA 47 12.71 -67.09 -55.67
CA ALA LA 47 14.17 -67.12 -55.60
C ALA LA 47 14.72 -65.70 -55.39
N ALA LA 48 14.21 -64.75 -56.18
CA ALA LA 48 14.66 -63.35 -56.17
C ALA LA 48 14.49 -62.69 -54.80
N VAL LA 49 13.35 -62.96 -54.17
CA VAL LA 49 13.06 -62.46 -52.81
C VAL LA 49 13.99 -63.07 -51.76
N TYR LA 50 14.31 -64.35 -51.95
CA TYR LA 50 15.19 -65.11 -51.05
C TYR LA 50 16.61 -64.55 -51.10
N TRP LA 51 17.08 -64.34 -52.32
CA TRP LA 51 18.41 -63.75 -52.55
C TRP LA 51 18.44 -62.32 -52.01
N ILE LA 52 17.50 -61.51 -52.28
CA ILE LA 52 17.47 -60.10 -51.79
C ILE LA 52 17.47 -60.02 -50.24
N LYS LA 53 16.65 -60.88 -49.63
CA LYS LA 53 16.52 -60.95 -48.16
C LYS LA 53 17.82 -61.42 -47.51
N THR LA 54 18.45 -62.40 -48.13
CA THR LA 54 19.72 -62.97 -47.64
C THR LA 54 20.88 -61.96 -47.67
N TYR LA 55 20.76 -60.97 -48.56
CA TYR LA 55 21.78 -59.93 -48.72
C TYR LA 55 21.38 -58.56 -48.16
N GLN LA 56 20.37 -58.54 -47.28
CA GLN LA 56 19.91 -57.33 -46.58
C GLN LA 56 19.27 -56.26 -47.51
N LEU LA 57 18.66 -56.73 -48.58
CA LEU LA 57 17.97 -55.82 -49.52
C LEU LA 57 16.45 -56.01 -49.47
N PRO LA 58 15.72 -54.89 -49.54
CA PRO LA 58 16.26 -53.51 -49.54
C PRO LA 58 16.71 -53.10 -48.12
N PRO LA 59 17.76 -52.27 -48.03
CA PRO LA 59 18.27 -51.73 -46.76
C PRO LA 59 17.15 -51.01 -46.00
N ARG LA 60 17.08 -51.37 -44.73
CA ARG LA 60 16.11 -50.80 -43.79
C ARG LA 60 16.46 -49.36 -43.40
N PRO LA 61 15.45 -48.53 -43.16
CA PRO LA 61 15.62 -47.23 -42.50
C PRO LA 61 15.61 -47.46 -40.97
N ARG LA 62 16.58 -46.85 -40.31
CA ARG LA 62 16.67 -46.87 -38.84
C ARG LA 62 16.46 -45.46 -38.32
N VAL LA 63 16.15 -45.35 -37.04
CA VAL LA 63 15.90 -44.05 -36.37
C VAL LA 63 16.97 -43.02 -36.75
N GLU LA 64 16.50 -41.84 -37.10
CA GLU LA 64 17.40 -40.72 -37.39
C GLU LA 64 17.40 -39.82 -36.17
N ILE LA 65 18.58 -39.53 -35.69
CA ILE LA 65 18.79 -38.64 -34.52
C ILE LA 65 18.14 -37.28 -34.76
N ALA LA 66 18.10 -36.81 -35.99
CA ALA LA 66 17.50 -35.50 -36.34
C ALA LA 66 15.97 -35.49 -36.17
N GLN LA 67 15.35 -36.65 -36.39
CA GLN LA 67 13.89 -36.84 -36.21
C GLN LA 67 13.51 -36.97 -34.72
N MET LA 68 14.10 -36.11 -33.90
CA MET LA 68 13.86 -36.07 -32.44
C MET LA 68 12.61 -35.27 -32.03
N PHE LA 69 11.97 -34.63 -33.00
CA PHE LA 69 10.77 -33.81 -32.75
C PHE LA 69 9.69 -34.55 -31.92
N PRO LA 70 9.43 -35.85 -32.19
CA PRO LA 70 8.48 -36.67 -31.40
C PRO LA 70 8.83 -36.83 -29.92
N ALA LA 71 10.10 -36.64 -29.56
CA ALA LA 71 10.60 -36.95 -28.21
C ALA LA 71 10.67 -35.72 -27.29
N ASP LA 72 10.97 -34.56 -27.86
CA ASP LA 72 11.12 -33.30 -27.13
C ASP LA 72 10.92 -32.13 -28.08
N SER LA 73 10.50 -31.02 -27.51
CA SER LA 73 10.10 -29.85 -28.31
C SER LA 73 11.18 -28.78 -28.38
N LEU LA 74 12.12 -28.79 -27.42
CA LEU LA 74 13.22 -27.82 -27.28
C LEU LA 74 14.34 -28.42 -26.43
N VAL LA 75 15.56 -27.96 -26.71
CA VAL LA 75 16.77 -28.46 -26.03
C VAL LA 75 17.58 -27.24 -25.56
N SER LA 76 17.66 -27.11 -24.25
CA SER LA 76 18.39 -26.01 -23.62
C SER LA 76 19.65 -26.50 -22.88
N SER LA 77 19.71 -27.82 -22.66
CA SER LA 77 20.89 -28.40 -21.97
C SER LA 77 21.42 -29.73 -22.57
N PRO LA 78 21.53 -30.86 -21.66
CA PRO LA 78 22.66 -31.74 -21.80
C PRO LA 78 22.46 -33.07 -22.57
N ARG LA 79 21.42 -33.84 -22.28
CA ARG LA 79 21.32 -35.23 -22.81
C ARG LA 79 21.23 -35.30 -24.35
N ALA LA 80 20.37 -34.45 -24.91
CA ALA LA 80 20.16 -34.38 -26.36
C ALA LA 80 21.36 -33.78 -27.10
N GLU LA 81 21.99 -32.78 -26.46
CA GLU LA 81 23.18 -32.12 -27.01
C GLU LA 81 24.36 -33.08 -27.10
N LYS LA 82 24.51 -33.90 -26.04
CA LYS LA 82 25.58 -34.89 -25.94
C LYS LA 82 25.41 -36.03 -26.95
N ALA LA 83 24.15 -36.38 -27.25
CA ALA LA 83 23.83 -37.39 -28.26
C ALA LA 83 24.23 -36.93 -29.67
N ARG LA 84 24.01 -35.64 -29.94
CA ARG LA 84 24.37 -35.01 -31.22
C ARG LA 84 25.89 -34.85 -31.38
N LEU LA 85 26.55 -34.50 -30.29
CA LEU LA 85 28.02 -34.41 -30.23
C LEU LA 85 28.67 -35.76 -30.49
N TYR LA 86 28.06 -36.80 -29.90
CA TYR LA 86 28.50 -38.20 -30.07
C TYR LA 86 28.30 -38.70 -31.49
N SER LA 87 27.16 -38.32 -32.06
CA SER LA 87 26.80 -38.69 -33.44
C SER LA 87 27.74 -38.04 -34.46
N ALA LA 88 28.09 -36.78 -34.20
CA ALA LA 88 29.05 -36.02 -35.02
C ALA LA 88 30.44 -36.69 -35.02
N ILE LA 89 30.83 -37.19 -33.85
CA ILE LA 89 32.12 -37.88 -33.67
C ILE LA 89 32.13 -39.23 -34.39
N GLU LA 90 31.04 -39.98 -34.24
CA GLU LA 90 30.88 -41.29 -34.91
C GLU LA 90 30.99 -41.13 -36.44
N GLN LA 91 30.36 -40.08 -36.95
CA GLN LA 91 30.39 -39.73 -38.38
C GLN LA 91 31.78 -39.26 -38.84
N ARG LA 92 32.47 -38.53 -37.98
CA ARG LA 92 33.84 -38.06 -38.25
C ARG LA 92 34.83 -39.23 -38.36
N LEU LA 93 34.61 -40.22 -37.48
CA LEU LA 93 35.42 -41.45 -37.46
C LEU LA 93 35.18 -42.34 -38.67
N GLU LA 94 33.90 -42.51 -38.97
CA GLU LA 94 33.47 -43.24 -40.18
C GLU LA 94 34.01 -42.59 -41.45
N GLN LA 95 34.01 -41.25 -41.48
CA GLN LA 95 34.54 -40.51 -42.64
C GLN LA 95 36.05 -40.73 -42.82
N SER LA 96 36.76 -40.72 -41.69
CA SER LA 96 38.21 -40.93 -41.66
C SER LA 96 38.60 -42.36 -42.07
N LEU LA 97 37.97 -43.35 -41.42
CA LEU LA 97 38.24 -44.76 -41.72
C LEU LA 97 37.89 -45.18 -43.15
N GLN LA 98 36.85 -44.53 -43.69
CA GLN LA 98 36.40 -44.78 -45.07
C GLN LA 98 37.42 -44.42 -46.15
N THR LA 99 38.41 -43.61 -45.79
CA THR LA 99 39.49 -43.22 -46.71
C THR LA 99 40.56 -44.31 -46.87
N MET LA 100 40.64 -45.22 -45.90
CA MET LA 100 41.55 -46.37 -45.98
C MET LA 100 41.16 -47.23 -47.18
N GLU LA 101 42.13 -47.45 -48.05
CA GLU LA 101 41.93 -48.28 -49.27
C GLU LA 101 41.48 -49.68 -48.88
N GLY LA 102 40.36 -50.10 -49.47
CA GLY LA 102 39.77 -51.42 -49.18
C GLY LA 102 38.45 -51.33 -48.41
N VAL LA 103 38.27 -50.28 -47.63
CA VAL LA 103 37.02 -50.04 -46.88
C VAL LA 103 35.92 -49.62 -47.86
N LEU LA 104 34.82 -50.34 -47.76
CA LEU LA 104 33.62 -50.04 -48.57
C LEU LA 104 32.41 -49.59 -47.72
N SER LA 105 32.51 -49.79 -46.43
CA SER LA 105 31.49 -49.34 -45.45
C SER LA 105 32.03 -49.55 -44.03
N ALA LA 106 31.51 -48.72 -43.16
CA ALA LA 106 31.96 -48.62 -41.76
C ALA LA 106 30.85 -48.07 -40.87
N ARG LA 107 30.75 -48.65 -39.70
CA ARG LA 107 29.84 -48.19 -38.63
C ARG LA 107 30.60 -48.05 -37.32
N VAL LA 108 30.38 -46.93 -36.67
CA VAL LA 108 30.98 -46.63 -35.35
C VAL LA 108 29.86 -46.28 -34.37
N HIS LA 109 29.89 -46.98 -33.25
CA HIS LA 109 29.01 -46.71 -32.12
C HIS LA 109 29.86 -46.42 -30.89
N ILE LA 110 29.75 -45.20 -30.40
CA ILE LA 110 30.57 -44.73 -29.28
C ILE LA 110 29.74 -44.67 -27.99
N SER LA 111 30.42 -45.00 -26.90
CA SER LA 111 29.91 -44.84 -25.53
C SER LA 111 30.83 -43.96 -24.69
N TYR LA 112 30.28 -42.87 -24.21
CA TYR LA 112 30.96 -41.85 -23.36
C TYR LA 112 29.92 -41.23 -22.46
N ASP LA 113 29.87 -41.68 -21.25
CA ASP LA 113 28.90 -41.12 -20.29
C ASP LA 113 29.55 -40.62 -19.03
N ILE LA 114 29.17 -39.53 -18.48
CA ILE LA 114 29.66 -39.06 -17.19
C ILE LA 114 28.53 -39.17 -16.18
N ASP LA 115 28.59 -40.12 -15.30
CA ASP LA 115 27.50 -40.39 -14.35
C ASP LA 115 27.86 -40.02 -12.92
N ALA LA 116 26.98 -39.61 -12.12
CA ALA LA 116 27.10 -39.39 -10.65
C ALA LA 116 26.32 -40.46 -9.89
N GLY LA 117 27.06 -41.44 -9.38
CA GLY LA 117 26.50 -42.59 -8.63
C GLY LA 117 25.80 -42.08 -7.38
N GLU LA 118 26.36 -41.20 -6.68
CA GLU LA 118 25.95 -40.55 -5.38
C GLU LA 118 26.94 -39.46 -5.00
N ASN LA 119 26.73 -38.80 -3.88
CA ASN LA 119 27.64 -37.76 -3.36
C ASN LA 119 29.06 -38.34 -3.17
N GLY LA 120 30.00 -37.67 -3.87
CA GLY LA 120 31.43 -38.04 -3.86
C GLY LA 120 31.74 -39.36 -4.60
N ARG LA 121 30.96 -39.67 -5.64
CA ARG LA 121 31.17 -40.87 -6.47
C ARG LA 121 30.83 -40.64 -7.95
N PRO LA 122 31.83 -40.22 -8.73
CA PRO LA 122 31.70 -40.03 -10.19
C PRO LA 122 32.27 -41.21 -10.99
N PRO LA 123 31.44 -41.86 -11.77
CA PRO LA 123 31.90 -42.82 -12.82
C PRO LA 123 31.97 -42.24 -14.24
N LYS LA 124 32.89 -42.80 -14.99
CA LYS LA 124 33.11 -42.54 -16.44
C LYS LA 124 33.08 -43.83 -17.26
N PRO LA 125 32.09 -44.03 -18.07
CA PRO LA 125 32.00 -45.12 -19.08
C PRO LA 125 32.54 -44.71 -20.44
N VAL LA 126 33.44 -45.53 -20.86
CA VAL LA 126 34.09 -45.38 -22.16
C VAL LA 126 34.00 -46.71 -22.89
N HIS LA 127 33.91 -46.60 -24.22
CA HIS LA 127 34.12 -47.72 -25.15
C HIS LA 127 33.68 -47.32 -26.56
N LEU LA 128 34.21 -48.03 -27.53
CA LEU LA 128 33.81 -47.87 -28.94
C LEU LA 128 33.67 -49.24 -29.62
N SER LA 129 32.66 -49.32 -30.49
CA SER LA 129 32.44 -50.49 -31.37
C SER LA 129 32.55 -50.05 -32.83
N ALA LA 130 33.41 -50.72 -33.57
CA ALA LA 130 33.70 -50.43 -34.97
C ALA LA 130 33.58 -51.66 -35.85
N LEU LA 131 32.71 -51.53 -36.84
CA LEU LA 131 32.52 -52.55 -37.88
C LEU LA 131 32.94 -51.95 -39.22
N ALA LA 132 33.89 -52.60 -39.86
CA ALA LA 132 34.29 -52.20 -41.22
C ALA LA 132 34.18 -53.35 -42.19
N VAL LA 133 33.55 -53.05 -43.30
CA VAL LA 133 33.41 -54.00 -44.42
C VAL LA 133 34.47 -53.68 -45.46
N TYR LA 134 35.20 -54.69 -45.81
CA TYR LA 134 36.27 -54.57 -46.80
C TYR LA 134 35.86 -55.20 -48.12
N GLU LA 135 36.47 -54.68 -49.18
CA GLU LA 135 36.34 -55.27 -50.51
C GLU LA 135 36.80 -56.72 -50.49
N ARG LA 136 36.25 -57.55 -51.23
CA ARG LA 136 36.62 -58.98 -51.38
C ARG LA 136 38.12 -59.23 -51.71
N GLY LA 137 38.69 -58.22 -52.38
CA GLY LA 137 40.07 -58.33 -52.89
C GLY LA 137 41.12 -57.63 -52.01
N SER LA 138 40.73 -57.18 -50.81
CA SER LA 138 41.66 -56.54 -49.89
C SER LA 138 41.56 -57.14 -48.48
N PRO LA 139 42.69 -57.62 -47.95
CA PRO LA 139 42.80 -58.08 -46.55
C PRO LA 139 43.18 -56.90 -45.65
N LEU LA 140 42.25 -56.50 -44.80
CA LEU LA 140 42.50 -55.39 -43.86
C LEU LA 140 42.80 -55.85 -42.44
N ALA LA 141 43.04 -57.16 -42.29
CA ALA LA 141 43.32 -57.77 -40.98
C ALA LA 141 44.59 -57.20 -40.33
N HIS LA 142 45.61 -56.95 -41.16
CA HIS LA 142 46.87 -56.32 -40.71
C HIS LA 142 46.72 -54.87 -40.27
N GLN LA 143 45.60 -54.24 -40.65
CA GLN LA 143 45.33 -52.83 -40.32
C GLN LA 143 44.46 -52.64 -39.08
N ILE LA 144 44.17 -53.72 -38.36
CA ILE LA 144 43.28 -53.67 -37.18
C ILE LA 144 43.84 -52.78 -36.06
N SER LA 145 45.15 -52.93 -35.83
CA SER LA 145 45.87 -52.18 -34.78
C SER LA 145 45.92 -50.68 -35.11
N ASP LA 146 46.10 -50.38 -36.39
CA ASP LA 146 46.09 -48.98 -36.87
C ASP LA 146 44.72 -48.34 -36.74
N ILE LA 147 43.68 -49.11 -37.09
CA ILE LA 147 42.30 -48.65 -36.96
C ILE LA 147 41.94 -48.40 -35.48
N LYS LA 148 42.35 -49.32 -34.60
CA LYS LA 148 42.11 -49.15 -33.15
C LYS LA 148 42.78 -47.89 -32.60
N ARG LA 149 44.01 -47.63 -33.05
CA ARG LA 149 44.78 -46.46 -32.60
C ARG LA 149 44.15 -45.13 -33.08
N PHE LA 150 43.56 -45.16 -34.25
CA PHE LA 150 42.91 -43.99 -34.87
C PHE LA 150 41.63 -43.65 -34.10
N LEU LA 151 40.91 -44.69 -33.75
CA LEU LA 151 39.67 -44.57 -32.96
C LEU LA 151 39.97 -44.13 -31.52
N LYS LA 152 41.02 -44.70 -30.95
CA LYS LA 152 41.45 -44.37 -29.57
C LYS LA 152 41.71 -42.87 -29.40
N ASN LA 153 42.45 -42.31 -30.36
CA ASN LA 153 42.94 -40.93 -30.25
C ASN LA 153 42.01 -39.89 -30.83
N SER LA 154 40.89 -40.34 -31.38
CA SER LA 154 39.85 -39.43 -31.87
C SER LA 154 38.85 -39.04 -30.78
N PHE LA 155 38.80 -39.87 -29.74
CA PHE LA 155 37.75 -39.79 -28.74
C PHE LA 155 38.31 -39.67 -27.31
N ALA LA 156 37.58 -38.90 -26.51
CA ALA LA 156 37.95 -38.62 -25.11
C ALA LA 156 37.89 -39.86 -24.22
N ASP LA 157 38.98 -40.05 -23.49
CA ASP LA 157 39.16 -41.06 -22.45
C ASP LA 157 38.86 -42.49 -22.96
N VAL LA 158 39.50 -42.91 -24.06
CA VAL LA 158 39.35 -44.29 -24.58
C VAL LA 158 40.67 -45.03 -24.44
N ASP LA 159 40.54 -46.28 -24.01
CA ASP LA 159 41.67 -47.23 -23.99
C ASP LA 159 41.44 -48.33 -25.02
N TYR LA 160 42.55 -48.89 -25.50
CA TYR LA 160 42.54 -49.94 -26.53
C TYR LA 160 41.70 -51.17 -26.17
N ASP LA 161 41.75 -51.53 -24.89
CA ASP LA 161 41.03 -52.70 -24.37
C ASP LA 161 39.49 -52.56 -24.48
N ASN LA 162 39.05 -51.32 -24.60
CA ASN LA 162 37.60 -50.98 -24.71
C ASN LA 162 37.25 -50.56 -26.13
N ILE LA 163 37.95 -51.04 -27.11
CA ILE LA 163 37.62 -50.82 -28.52
C ILE LA 163 37.50 -52.18 -29.19
N SER LA 164 36.37 -52.39 -29.82
CA SER LA 164 36.15 -53.58 -30.67
C SER LA 164 36.18 -53.17 -32.13
N VAL LA 165 37.08 -53.79 -32.88
CA VAL LA 165 37.18 -53.59 -34.34
C VAL LA 165 36.96 -54.95 -35.00
N VAL LA 166 35.86 -55.02 -35.73
CA VAL LA 166 35.49 -56.22 -36.49
C VAL LA 166 35.53 -55.86 -37.98
N LEU LA 167 36.27 -56.67 -38.73
CA LEU LA 167 36.37 -56.54 -40.18
C LEU LA 167 35.74 -57.74 -40.87
N SER LA 168 34.81 -57.46 -41.77
CA SER LA 168 34.10 -58.51 -42.54
C SER LA 168 34.12 -58.20 -44.03
N GLU LA 169 34.47 -59.22 -44.82
CA GLU LA 169 34.51 -59.13 -46.29
C GLU LA 169 33.07 -59.04 -46.73
N ARG LA 170 32.85 -58.19 -47.71
CA ARG LA 170 31.53 -58.17 -48.36
C ARG LA 170 31.13 -59.55 -48.94
N LYS MA 1 54.74 6.08 -66.98
CA LYS MA 1 54.06 5.32 -65.92
C LYS MA 1 53.75 6.20 -64.70
N ASP MA 2 52.53 6.10 -64.22
CA ASP MA 2 52.09 6.85 -63.02
C ASP MA 2 52.81 6.27 -61.78
N LEU MA 3 53.28 7.19 -60.96
CA LEU MA 3 53.76 6.89 -59.61
C LEU MA 3 52.64 6.98 -58.59
N LEU MA 4 52.25 8.22 -58.25
CA LEU MA 4 51.17 8.51 -57.32
C LEU MA 4 50.33 9.70 -57.76
N LYS MA 5 49.07 9.63 -57.43
CA LYS MA 5 48.09 10.72 -57.63
C LYS MA 5 47.61 11.22 -56.26
N GLY MA 6 46.95 12.40 -56.30
CA GLY MA 6 46.32 13.01 -55.12
C GLY MA 6 47.33 13.41 -54.04
N LEU MA 7 48.53 13.79 -54.49
CA LEU MA 7 49.59 14.26 -53.59
C LEU MA 7 49.38 15.73 -53.25
N ASP MA 8 49.75 16.09 -52.02
CA ASP MA 8 49.84 17.51 -51.63
C ASP MA 8 51.02 18.12 -52.41
N GLN MA 9 51.01 19.45 -52.56
CA GLN MA 9 52.10 20.20 -53.19
C GLN MA 9 53.47 19.92 -52.55
N GLU MA 10 53.51 19.80 -51.22
CA GLU MA 10 54.77 19.56 -50.50
C GLU MA 10 55.32 18.15 -50.74
N GLN MA 11 54.42 17.16 -50.66
CA GLN MA 11 54.80 15.75 -50.86
C GLN MA 11 55.24 15.51 -52.31
N ALA MA 12 54.51 16.11 -53.24
CA ALA MA 12 54.84 16.06 -54.67
C ALA MA 12 56.15 16.78 -54.99
N ASN MA 13 56.38 17.93 -54.37
CA ASN MA 13 57.63 18.70 -54.56
C ASN MA 13 58.86 17.98 -54.02
N GLU MA 14 58.70 17.37 -52.85
CA GLU MA 14 59.82 16.65 -52.22
C GLU MA 14 60.21 15.38 -53.01
N VAL MA 15 59.19 14.65 -53.47
CA VAL MA 15 59.39 13.46 -54.31
C VAL MA 15 59.95 13.82 -55.71
N ILE MA 16 59.45 14.90 -56.28
CA ILE MA 16 59.91 15.32 -57.62
C ILE MA 16 61.40 15.75 -57.57
N ALA MA 17 61.74 16.49 -56.52
CA ALA MA 17 63.10 17.02 -56.32
C ALA MA 17 64.08 15.89 -56.04
N VAL MA 18 63.66 14.93 -55.22
CA VAL MA 18 64.45 13.73 -54.91
C VAL MA 18 64.72 12.92 -56.19
N LEU MA 19 63.69 12.74 -57.01
CA LEU MA 19 63.86 11.96 -58.25
C LEU MA 19 64.74 12.67 -59.29
N GLN MA 20 64.53 13.97 -59.41
CA GLN MA 20 65.32 14.81 -60.33
C GLN MA 20 66.80 14.87 -59.94
N MET MA 21 67.06 14.90 -58.64
CA MET MA 21 68.44 14.91 -58.11
C MET MA 21 69.17 13.57 -58.32
N HIS MA 22 68.39 12.51 -58.56
CA HIS MA 22 68.93 11.17 -58.84
C HIS MA 22 68.83 10.80 -60.33
N ASN MA 23 68.77 11.82 -61.18
CA ASN MA 23 68.73 11.64 -62.65
C ASN MA 23 67.53 10.79 -63.12
N ILE MA 24 66.39 10.98 -62.47
CA ILE MA 24 65.15 10.30 -62.90
C ILE MA 24 64.26 11.35 -63.56
N GLU MA 25 63.86 11.02 -64.78
CA GLU MA 25 62.96 11.88 -65.57
C GLU MA 25 61.52 11.73 -65.04
N ALA MA 26 61.13 12.68 -64.21
CA ALA MA 26 59.78 12.71 -63.62
C ALA MA 26 59.04 13.96 -64.08
N ASN MA 27 57.76 13.80 -64.31
CA ASN MA 27 56.84 14.89 -64.68
C ASN MA 27 55.69 14.96 -63.69
N LYS MA 28 55.15 16.16 -63.55
CA LYS MA 28 54.04 16.42 -62.62
C LYS MA 28 52.88 17.13 -63.31
N ILE MA 29 51.69 16.70 -62.93
CA ILE MA 29 50.43 17.31 -63.40
C ILE MA 29 49.54 17.61 -62.20
N ASP MA 30 48.85 18.72 -62.27
CA ASP MA 30 47.87 19.10 -61.23
C ASP MA 30 46.46 18.74 -61.73
N SER MA 31 45.70 18.10 -60.86
CA SER MA 31 44.28 17.81 -61.15
C SER MA 31 43.39 19.02 -60.82
N GLY MA 32 42.07 18.78 -60.95
CA GLY MA 32 41.06 19.83 -60.72
C GLY MA 32 41.03 20.35 -59.26
N LYS MA 33 41.35 19.43 -58.34
CA LYS MA 33 41.31 19.73 -56.89
C LYS MA 33 42.57 20.44 -56.37
N LEU MA 34 43.59 20.62 -57.21
CA LEU MA 34 44.90 21.19 -56.85
C LEU MA 34 45.86 20.08 -56.35
N GLY MA 35 45.41 18.81 -56.34
CA GLY MA 35 46.26 17.64 -56.04
C GLY MA 35 47.18 17.28 -57.21
N TYR MA 36 48.30 16.68 -56.92
CA TYR MA 36 49.39 16.47 -57.91
C TYR MA 36 49.60 15.00 -58.19
N SER MA 37 49.94 14.72 -59.42
CA SER MA 37 50.31 13.38 -59.90
C SER MA 37 51.73 13.42 -60.45
N ILE MA 38 52.49 12.42 -60.06
CA ILE MA 38 53.87 12.25 -60.54
C ILE MA 38 53.96 11.01 -61.42
N THR MA 39 54.69 11.15 -62.51
CA THR MA 39 54.89 10.09 -63.50
C THR MA 39 56.35 10.06 -63.95
N VAL MA 40 56.82 8.89 -64.29
CA VAL MA 40 58.19 8.69 -64.79
C VAL MA 40 58.16 7.87 -66.08
N ALA MA 41 59.22 7.95 -66.86
CA ALA MA 41 59.39 7.06 -68.01
C ALA MA 41 59.39 5.62 -67.50
N GLU MA 42 58.78 4.71 -68.26
CA GLU MA 42 58.79 3.27 -67.92
C GLU MA 42 60.20 2.69 -67.62
N PRO MA 43 61.26 3.11 -68.35
CA PRO MA 43 62.64 2.63 -68.11
C PRO MA 43 63.21 3.06 -66.76
N ASP MA 44 62.63 4.10 -66.15
CA ASP MA 44 63.07 4.59 -64.83
C ASP MA 44 62.13 4.22 -63.69
N PHE MA 45 61.10 3.42 -63.99
CA PHE MA 45 60.05 3.11 -63.00
C PHE MA 45 60.61 2.35 -61.78
N THR MA 46 61.39 1.31 -62.04
CA THR MA 46 61.97 0.46 -60.98
C THR MA 46 62.92 1.26 -60.07
N ALA MA 47 63.80 2.04 -60.72
CA ALA MA 47 64.72 2.91 -59.98
C ALA MA 47 63.94 3.92 -59.13
N ALA MA 48 62.95 4.56 -59.74
CA ALA MA 48 62.12 5.60 -59.09
C ALA MA 48 61.43 5.10 -57.83
N VAL MA 49 60.89 3.88 -57.91
CA VAL MA 49 60.22 3.23 -56.77
C VAL MA 49 61.21 2.89 -55.65
N TYR MA 50 62.41 2.51 -56.05
CA TYR MA 50 63.50 2.14 -55.11
C TYR MA 50 63.95 3.38 -54.33
N TRP MA 51 64.16 4.46 -55.07
CA TRP MA 51 64.54 5.75 -54.45
C TRP MA 51 63.41 6.25 -53.56
N ILE MA 52 62.20 6.24 -53.98
CA ILE MA 52 61.06 6.73 -53.16
C ILE MA 52 60.89 5.92 -51.85
N LYS MA 53 61.02 4.60 -51.98
CA LYS MA 53 60.90 3.67 -50.84
C LYS MA 53 62.02 3.86 -49.83
N THR MA 54 63.23 4.06 -50.35
CA THR MA 54 64.43 4.29 -49.53
C THR MA 54 64.36 5.59 -48.71
N TYR MA 55 63.57 6.55 -49.21
CA TYR MA 55 63.41 7.85 -48.54
C TYR MA 55 62.05 8.03 -47.86
N GLN MA 56 61.35 6.92 -47.59
CA GLN MA 56 60.07 6.90 -46.84
C GLN MA 56 58.91 7.59 -47.59
N LEU MA 57 58.96 7.55 -48.91
CA LEU MA 57 57.89 8.13 -49.74
C LEU MA 57 57.08 7.05 -50.47
N PRO MA 58 55.77 7.24 -50.52
CA PRO MA 58 55.02 8.33 -49.86
C PRO MA 58 54.89 8.06 -48.35
N PRO MA 59 54.89 9.11 -47.53
CA PRO MA 59 54.69 9.04 -46.07
C PRO MA 59 53.40 8.31 -45.75
N ARG MA 60 53.55 7.36 -44.82
CA ARG MA 60 52.43 6.55 -44.33
C ARG MA 60 51.52 7.34 -43.39
N PRO MA 61 50.22 7.03 -43.43
CA PRO MA 61 49.27 7.47 -42.39
C PRO MA 61 49.34 6.51 -41.21
N ARG MA 62 49.42 7.08 -40.03
CA ARG MA 62 49.41 6.32 -38.76
C ARG MA 62 48.13 6.67 -37.99
N VAL MA 63 47.78 5.83 -37.03
CA VAL MA 63 46.56 6.01 -36.21
C VAL MA 63 46.46 7.47 -35.71
N GLU MA 64 45.26 8.00 -35.86
CA GLU MA 64 44.97 9.35 -35.35
C GLU MA 64 44.18 9.16 -34.06
N ILE MA 65 44.67 9.81 -33.02
CA ILE MA 65 44.02 9.77 -31.69
C ILE MA 65 42.56 10.25 -31.78
N ALA MA 66 42.26 11.14 -32.67
CA ALA MA 66 40.90 11.68 -32.85
C ALA MA 66 39.93 10.64 -33.42
N GLN MA 67 40.45 9.72 -34.23
CA GLN MA 67 39.68 8.61 -34.82
C GLN MA 67 39.44 7.48 -33.80
N MET MA 68 39.09 7.86 -32.58
CA MET MA 68 38.81 6.93 -31.47
C MET MA 68 37.40 6.35 -31.47
N PHE MA 69 36.56 6.84 -32.38
CA PHE MA 69 35.16 6.39 -32.48
C PHE MA 69 35.01 4.84 -32.52
N PRO MA 70 35.87 4.13 -33.25
CA PRO MA 70 35.87 2.65 -33.30
C PRO MA 70 36.13 1.96 -31.94
N ALA MA 71 36.75 2.67 -31.01
CA ALA MA 71 37.20 2.07 -29.74
C ALA MA 71 36.24 2.28 -28.58
N ASP MA 72 35.55 3.41 -28.55
CA ASP MA 72 34.61 3.79 -27.48
C ASP MA 72 33.63 4.83 -28.02
N SER MA 73 32.47 4.86 -27.40
CA SER MA 73 31.35 5.69 -27.90
C SER MA 73 31.20 6.99 -27.13
N LEU MA 74 31.74 7.05 -25.91
CA LEU MA 74 31.65 8.18 -24.98
C LEU MA 74 32.77 8.11 -23.94
N VAL MA 75 33.18 9.27 -23.45
CA VAL MA 75 34.29 9.40 -22.48
C VAL MA 75 33.80 10.31 -21.35
N SER MA 76 33.66 9.70 -20.18
CA SER MA 76 33.22 10.42 -18.97
C SER MA 76 34.34 10.54 -17.93
N SER MA 77 35.40 9.73 -18.12
CA SER MA 77 36.53 9.77 -17.17
C SER MA 77 37.93 9.71 -17.82
N PRO MA 78 38.84 8.67 -17.35
CA PRO MA 78 40.23 8.97 -17.22
C PRO MA 78 41.20 8.54 -18.35
N ARG MA 79 41.14 7.30 -18.83
CA ARG MA 79 42.19 6.77 -19.74
C ARG MA 79 42.28 7.52 -21.08
N ALA MA 80 41.12 7.76 -21.69
CA ALA MA 80 41.03 8.47 -22.97
C ALA MA 80 41.35 9.97 -22.84
N GLU MA 81 40.92 10.55 -21.72
CA GLU MA 81 41.18 11.96 -21.41
C GLU MA 81 42.69 12.23 -21.23
N LYS MA 82 43.33 11.30 -20.53
CA LYS MA 82 44.78 11.37 -20.25
C LYS MA 82 45.62 11.20 -21.52
N ALA MA 83 45.13 10.37 -22.45
CA ALA MA 83 45.78 10.18 -23.76
C ALA MA 83 45.76 11.46 -24.59
N ARG MA 84 44.64 12.17 -24.53
CA ARG MA 84 44.46 13.46 -25.24
C ARG MA 84 45.28 14.58 -24.63
N LEU MA 85 45.35 14.59 -23.30
CA LEU MA 85 46.18 15.54 -22.55
C LEU MA 85 47.67 15.34 -22.86
N TYR MA 86 48.06 14.08 -22.97
CA TYR MA 86 49.44 13.68 -23.32
C TYR MA 86 49.79 14.06 -24.76
N SER MA 87 48.82 13.86 -25.65
CA SER MA 87 48.97 14.19 -27.07
C SER MA 87 49.12 15.71 -27.28
N ALA MA 88 48.33 16.47 -26.52
CA ALA MA 88 48.40 17.94 -26.54
C ALA MA 88 49.78 18.44 -26.09
N ILE MA 89 50.33 17.77 -25.08
CA ILE MA 89 51.67 18.12 -24.55
C ILE MA 89 52.78 17.78 -25.56
N GLU MA 90 52.68 16.61 -26.15
CA GLU MA 90 53.64 16.16 -27.19
C GLU MA 90 53.68 17.15 -28.36
N GLN MA 91 52.50 17.61 -28.75
CA GLN MA 91 52.34 18.61 -29.82
C GLN MA 91 52.87 19.99 -29.42
N ARG MA 92 52.66 20.35 -28.16
CA ARG MA 92 53.18 21.63 -27.61
C ARG MA 92 54.71 21.66 -27.59
N LEU MA 93 55.29 20.51 -27.26
CA LEU MA 93 56.75 20.33 -27.24
C LEU MA 93 57.37 20.35 -28.63
N GLU MA 94 56.72 19.64 -29.53
CA GLU MA 94 57.10 19.63 -30.94
C GLU MA 94 57.02 21.03 -31.56
N GLN MA 95 55.98 21.78 -31.17
CA GLN MA 95 55.79 23.15 -31.66
C GLN MA 95 56.92 24.07 -31.18
N SER MA 96 57.29 23.91 -29.92
CA SER MA 96 58.35 24.70 -29.27
C SER MA 96 59.72 24.38 -29.87
N LEU MA 97 60.07 23.09 -29.92
CA LEU MA 97 61.36 22.65 -30.48
C LEU MA 97 61.55 22.99 -31.95
N GLN MA 98 60.44 22.99 -32.69
CA GLN MA 98 60.44 23.32 -34.12
C GLN MA 98 60.87 24.76 -34.43
N THR MA 99 60.82 25.63 -33.43
CA THR MA 99 61.25 27.03 -33.58
C THR MA 99 62.78 27.19 -33.54
N MET MA 100 63.48 26.21 -32.97
CA MET MA 100 64.95 26.20 -32.95
C MET MA 100 65.45 26.14 -34.40
N GLU MA 101 66.29 27.11 -34.74
CA GLU MA 101 66.88 27.21 -36.09
C GLU MA 101 67.68 25.94 -36.40
N GLY MA 102 67.33 25.33 -37.55
CA GLY MA 102 67.99 24.08 -37.98
C GLY MA 102 67.05 22.87 -37.93
N VAL MA 103 66.06 22.91 -37.04
CA VAL MA 103 65.05 21.84 -36.93
C VAL MA 103 64.10 21.91 -38.13
N LEU MA 104 63.97 20.77 -38.78
CA LEU MA 104 63.05 20.63 -39.92
C LEU MA 104 61.90 19.65 -39.64
N SER MA 105 62.02 18.88 -38.58
CA SER MA 105 60.97 17.95 -38.10
C SER MA 105 61.38 17.39 -36.74
N ALA MA 106 60.36 17.03 -36.00
CA ALA MA 106 60.47 16.60 -34.59
C ALA MA 106 59.29 15.71 -34.21
N ARG MA 107 59.60 14.68 -33.45
CA ARG MA 107 58.61 13.78 -32.86
C ARG MA 107 58.89 13.61 -31.36
N VAL MA 108 57.84 13.73 -30.59
CA VAL MA 108 57.90 13.54 -29.13
C VAL MA 108 56.86 12.49 -28.72
N HIS MA 109 57.35 11.51 -27.98
CA HIS MA 109 56.52 10.47 -27.37
C HIS MA 109 56.75 10.49 -25.87
N ILE MA 110 55.70 10.81 -25.14
CA ILE MA 110 55.76 10.97 -23.69
C ILE MA 110 55.12 9.76 -22.98
N SER MA 111 55.74 9.41 -21.86
CA SER MA 111 55.20 8.42 -20.91
C SER MA 111 55.04 9.03 -19.51
N TYR MA 112 53.81 9.01 -19.04
CA TYR MA 112 53.38 9.53 -17.72
C TYR MA 112 52.20 8.71 -17.26
N ASP MA 113 52.44 7.77 -16.42
CA ASP MA 113 51.33 6.95 -15.89
C ASP MA 113 51.28 6.93 -14.39
N ILE MA 114 50.15 6.98 -13.79
CA ILE MA 114 50.00 6.83 -12.34
C ILE MA 114 49.32 5.50 -12.05
N ASP MA 115 50.04 4.54 -11.59
CA ASP MA 115 49.51 3.17 -11.38
C ASP MA 115 49.36 2.82 -9.92
N ALA MA 116 48.44 2.05 -9.54
CA ALA MA 116 48.26 1.43 -8.19
C ALA MA 116 48.56 -0.07 -8.25
N GLY MA 117 49.74 -0.42 -7.77
CA GLY MA 117 50.25 -1.81 -7.76
C GLY MA 117 49.33 -2.67 -6.89
N GLU MA 118 48.95 -2.22 -5.78
CA GLU MA 118 48.11 -2.83 -4.69
C GLU MA 118 47.85 -1.83 -3.58
N ASN MA 119 47.12 -2.22 -2.55
CA ASN MA 119 46.85 -1.36 -1.38
C ASN MA 119 48.18 -0.89 -0.74
N GLY MA 120 48.28 0.45 -0.68
CA GLY MA 120 49.45 1.15 -0.13
C GLY MA 120 50.72 1.04 -0.99
N ARG MA 121 50.55 0.95 -2.31
CA ARG MA 121 51.67 0.88 -3.26
C ARG MA 121 51.37 1.61 -4.59
N PRO MA 122 51.71 2.90 -4.64
CA PRO MA 122 51.58 3.73 -5.86
C PRO MA 122 52.90 3.88 -6.62
N PRO MA 123 52.96 3.44 -7.86
CA PRO MA 123 54.05 3.78 -8.79
C PRO MA 123 53.74 4.92 -9.77
N LYS MA 124 54.79 5.61 -10.13
CA LYS MA 124 54.82 6.69 -11.16
C LYS MA 124 55.86 6.42 -12.25
N PRO MA 125 55.45 6.13 -13.44
CA PRO MA 125 56.30 6.03 -14.66
C PRO MA 125 56.41 7.34 -15.41
N VAL MA 126 57.64 7.70 -15.60
CA VAL MA 126 58.01 8.91 -16.32
C VAL MA 126 59.04 8.53 -17.38
N HIS MA 127 58.99 9.26 -18.49
CA HIS MA 127 60.04 9.28 -19.51
C HIS MA 127 59.55 10.01 -20.76
N LEU MA 128 60.50 10.49 -21.54
CA LEU MA 128 60.22 11.11 -22.85
C LEU MA 128 61.24 10.64 -23.90
N SER MA 129 60.73 10.44 -25.10
CA SER MA 129 61.55 10.15 -26.30
C SER MA 129 61.37 11.26 -27.33
N ALA MA 130 62.49 11.84 -27.74
CA ALA MA 130 62.52 12.97 -28.69
C ALA MA 130 63.47 12.69 -29.86
N LEU MA 131 62.89 12.77 -31.03
CA LEU MA 131 63.64 12.67 -32.29
C LEU MA 131 63.52 14.00 -33.03
N ALA MA 132 64.65 14.59 -33.32
CA ALA MA 132 64.67 15.81 -34.14
C ALA MA 132 65.56 15.65 -35.36
N VAL MA 133 65.02 16.03 -36.48
CA VAL MA 133 65.74 16.03 -37.76
C VAL MA 133 66.22 17.45 -38.04
N TYR MA 134 67.48 17.55 -38.30
CA TYR MA 134 68.11 18.84 -38.58
C TYR MA 134 68.43 18.97 -40.06
N GLU MA 135 68.48 20.22 -40.50
CA GLU MA 135 68.95 20.56 -41.85
C GLU MA 135 70.35 20.03 -42.05
N ARG MA 136 70.71 19.64 -43.18
CA ARG MA 136 72.07 19.18 -43.56
C ARG MA 136 73.21 20.16 -43.22
N GLY MA 137 72.84 21.43 -43.20
CA GLY MA 137 73.80 22.54 -43.02
C GLY MA 137 73.85 23.09 -41.59
N SER MA 138 73.18 22.43 -40.64
CA SER MA 138 73.20 22.86 -39.23
C SER MA 138 73.52 21.69 -38.29
N PRO MA 139 74.56 21.84 -37.48
CA PRO MA 139 74.90 20.89 -36.41
C PRO MA 139 74.16 21.28 -35.11
N LEU MA 140 73.22 20.44 -34.72
CA LEU MA 140 72.44 20.68 -33.49
C LEU MA 140 72.90 19.85 -32.30
N ALA MA 141 74.06 19.20 -32.46
CA ALA MA 141 74.63 18.31 -31.43
C ALA MA 141 74.92 19.07 -30.12
N HIS MA 142 75.43 20.30 -30.27
CA HIS MA 142 75.68 21.19 -29.12
C HIS MA 142 74.42 21.66 -28.37
N GLN MA 143 73.27 21.50 -29.02
CA GLN MA 143 71.98 21.92 -28.46
C GLN MA 143 71.20 20.79 -27.77
N ILE MA 144 71.83 19.63 -27.63
CA ILE MA 144 71.15 18.44 -27.05
C ILE MA 144 70.73 18.67 -25.59
N SER MA 145 71.66 19.27 -24.83
CA SER MA 145 71.45 19.56 -23.40
C SER MA 145 70.33 20.60 -23.19
N ASP MA 146 70.29 21.59 -24.09
CA ASP MA 146 69.23 22.61 -24.06
C ASP MA 146 67.87 22.01 -24.40
N ILE MA 147 67.85 21.13 -25.41
CA ILE MA 147 66.62 20.45 -25.80
C ILE MA 147 66.10 19.54 -24.66
N LYS MA 148 67.02 18.81 -24.02
CA LYS MA 148 66.65 17.96 -22.87
C LYS MA 148 66.05 18.77 -21.72
N ARG MA 149 66.62 19.93 -21.45
CA ARG MA 149 66.16 20.81 -20.36
C ARG MA 149 64.77 21.40 -20.64
N PHE MA 150 64.51 21.65 -21.90
CA PHE MA 150 63.22 22.23 -22.36
C PHE MA 150 62.11 21.20 -22.21
N LEU MA 151 62.46 19.97 -22.58
CA LEU MA 151 61.54 18.81 -22.46
C LEU MA 151 61.28 18.46 -21.00
N LYS MA 152 62.35 18.49 -20.20
CA LYS MA 152 62.27 18.18 -18.77
C LYS MA 152 61.26 19.07 -18.04
N ASN MA 153 61.35 20.37 -18.32
CA ASN MA 153 60.56 21.38 -17.58
C ASN MA 153 59.20 21.68 -18.20
N SER MA 154 58.90 21.03 -19.31
CA SER MA 154 57.57 21.14 -19.92
C SER MA 154 56.58 20.12 -19.36
N PHE MA 155 57.12 19.07 -18.75
CA PHE MA 155 56.34 17.89 -18.39
C PHE MA 155 56.51 17.52 -16.91
N ALA MA 156 55.40 17.05 -16.34
CA ALA MA 156 55.32 16.66 -14.93
C ALA MA 156 56.20 15.45 -14.60
N ASP MA 157 56.98 15.64 -13.53
CA ASP MA 157 57.81 14.62 -12.91
C ASP MA 157 58.78 13.93 -13.90
N VAL MA 158 59.57 14.71 -14.64
CA VAL MA 158 60.58 14.15 -15.56
C VAL MA 158 61.98 14.49 -15.05
N ASP MA 159 62.84 13.49 -15.12
CA ASP MA 159 64.29 13.68 -14.87
C ASP MA 159 65.07 13.51 -16.17
N TYR MA 160 66.22 14.15 -16.22
CA TYR MA 160 67.11 14.14 -17.40
C TYR MA 160 67.53 12.74 -17.87
N ASP MA 161 67.75 11.87 -16.88
CA ASP MA 161 68.18 10.49 -17.15
C ASP MA 161 67.12 9.67 -17.92
N ASN MA 162 65.88 10.13 -17.85
CA ASN MA 162 64.73 9.46 -18.50
C ASN MA 162 64.27 10.25 -19.73
N ILE MA 163 65.14 10.97 -20.34
CA ILE MA 163 64.86 11.66 -21.62
C ILE MA 163 65.89 11.21 -22.63
N SER MA 164 65.39 10.73 -23.75
CA SER MA 164 66.24 10.41 -24.92
C SER MA 164 66.02 11.46 -26.00
N VAL MA 165 67.11 12.10 -26.38
CA VAL MA 165 67.12 13.07 -27.49
C VAL MA 165 68.08 12.56 -28.56
N VAL MA 166 67.51 12.23 -29.70
CA VAL MA 166 68.27 11.76 -30.88
C VAL MA 166 68.10 12.80 -31.98
N LEU MA 167 69.23 13.24 -32.50
CA LEU MA 167 69.29 14.18 -33.62
C LEU MA 167 69.89 13.50 -34.86
N SER MA 168 69.14 13.57 -35.95
CA SER MA 168 69.57 12.97 -37.23
C SER MA 168 69.44 13.97 -38.38
N GLU MA 169 70.50 14.07 -39.18
CA GLU MA 169 70.54 14.95 -40.36
C GLU MA 169 69.61 14.34 -41.37
N ARG MA 170 68.87 15.21 -42.03
CA ARG MA 170 68.07 14.75 -43.18
C ARG MA 170 68.95 14.06 -44.26
N LYS NA 1 -52.51 65.94 20.38
CA LYS NA 1 -51.18 65.33 20.26
C LYS NA 1 -51.25 63.81 20.44
N ASP NA 2 -50.58 63.09 19.54
CA ASP NA 2 -50.52 61.62 19.62
C ASP NA 2 -49.67 61.21 20.83
N LEU NA 3 -50.18 60.22 21.53
CA LEU NA 3 -49.44 59.50 22.56
C LEU NA 3 -48.70 58.30 21.98
N LEU NA 4 -49.46 57.24 21.68
CA LEU NA 4 -48.94 56.00 21.09
C LEU NA 4 -49.91 55.43 20.05
N LYS NA 5 -49.31 54.81 19.06
CA LYS NA 5 -50.03 54.05 18.01
C LYS NA 5 -49.66 52.56 18.11
N GLY NA 6 -50.47 51.74 17.41
CA GLY NA 6 -50.25 50.29 17.30
C GLY NA 6 -50.37 49.57 18.64
N LEU NA 7 -51.24 50.08 19.50
CA LEU NA 7 -51.52 49.47 20.81
C LEU NA 7 -52.52 48.33 20.65
N ASP NA 8 -52.35 47.31 21.47
CA ASP NA 8 -53.38 46.25 21.62
C ASP NA 8 -54.60 46.90 22.30
N GLN NA 9 -55.77 46.28 22.13
CA GLN NA 9 -57.01 46.69 22.78
C GLN NA 9 -56.88 46.79 24.31
N GLU NA 10 -56.17 45.84 24.92
CA GLU NA 10 -56.00 45.82 26.40
C GLU NA 10 -55.09 46.96 26.89
N GLN NA 11 -53.97 47.15 26.19
CA GLN NA 11 -53.01 48.20 26.56
C GLN NA 11 -53.62 49.59 26.36
N ALA NA 12 -54.33 49.75 25.25
CA ALA NA 12 -55.06 50.98 24.94
C ALA NA 12 -56.19 51.26 25.94
N ASN NA 13 -56.94 50.21 26.30
CA ASN NA 13 -58.03 50.34 27.29
C ASN NA 13 -57.54 50.70 28.70
N GLU NA 14 -56.43 50.09 29.09
CA GLU NA 14 -55.86 50.36 30.43
C GLU NA 14 -55.29 51.78 30.54
N VAL NA 15 -54.60 52.21 29.48
CA VAL NA 15 -54.06 53.58 29.39
C VAL NA 15 -55.18 54.65 29.28
N ILE NA 16 -56.20 54.33 28.50
CA ILE NA 16 -57.31 55.28 28.32
C ILE NA 16 -58.09 55.48 29.64
N ALA NA 17 -58.30 54.37 30.34
CA ALA NA 17 -59.06 54.36 31.61
C ALA NA 17 -58.27 55.08 32.71
N VAL NA 18 -56.96 54.84 32.74
CA VAL NA 18 -56.04 55.51 33.69
C VAL NA 18 -56.04 57.03 33.44
N LEU NA 19 -55.99 57.44 32.18
CA LEU NA 19 -55.98 58.87 31.87
C LEU NA 19 -57.30 59.57 32.16
N GLN NA 20 -58.38 58.88 31.82
CA GLN NA 20 -59.75 59.39 32.08
C GLN NA 20 -60.05 59.53 33.58
N MET NA 21 -59.54 58.58 34.36
CA MET NA 21 -59.70 58.60 35.83
C MET NA 21 -58.89 59.74 36.50
N HIS NA 22 -57.90 60.25 35.77
CA HIS NA 22 -57.07 61.39 36.25
C HIS NA 22 -57.43 62.70 35.55
N ASN NA 23 -58.67 62.78 35.04
CA ASN NA 23 -59.20 64.01 34.41
C ASN NA 23 -58.36 64.45 33.19
N ILE NA 24 -57.88 63.48 32.42
CA ILE NA 24 -57.15 63.79 31.17
C ILE NA 24 -58.08 63.44 30.01
N GLU NA 25 -58.26 64.44 29.16
CA GLU NA 25 -59.08 64.29 27.94
C GLU NA 25 -58.29 63.51 26.88
N ALA NA 26 -58.58 62.22 26.81
CA ALA NA 26 -57.93 61.32 25.85
C ALA NA 26 -58.97 60.74 24.89
N ASN NA 27 -58.56 60.61 23.64
CA ASN NA 27 -59.38 60.01 22.57
C ASN NA 27 -58.65 58.83 21.95
N LYS NA 28 -59.42 57.89 21.44
CA LYS NA 28 -58.87 56.68 20.81
C LYS NA 28 -59.43 56.46 19.41
N ILE NA 29 -58.56 56.02 18.53
CA ILE NA 29 -58.91 55.66 17.15
C ILE NA 29 -58.34 54.27 16.84
N ASP NA 30 -59.10 53.48 16.10
CA ASP NA 30 -58.64 52.18 15.63
C ASP NA 30 -58.17 52.30 14.18
N SER NA 31 -57.00 51.74 13.92
CA SER NA 31 -56.47 51.68 12.53
C SER NA 31 -57.06 50.48 11.77
N GLY NA 32 -56.54 50.28 10.55
CA GLY NA 32 -57.02 49.20 9.66
C GLY NA 32 -56.76 47.79 10.21
N LYS NA 33 -55.65 47.68 10.96
CA LYS NA 33 -55.21 46.39 11.51
C LYS NA 33 -55.91 45.99 12.82
N LEU NA 34 -56.76 46.87 13.36
CA LEU NA 34 -57.44 46.70 14.66
C LEU NA 34 -56.57 47.22 15.83
N GLY NA 35 -55.38 47.77 15.51
CA GLY NA 35 -54.51 48.45 16.49
C GLY NA 35 -55.03 49.85 16.86
N TYR NA 36 -54.72 50.31 18.04
CA TYR NA 36 -55.33 51.53 18.62
C TYR NA 36 -54.29 52.63 18.80
N SER NA 37 -54.74 53.84 18.60
CA SER NA 37 -53.96 55.06 18.83
C SER NA 37 -54.66 55.92 19.87
N ILE NA 38 -53.88 56.40 20.80
CA ILE NA 38 -54.37 57.31 21.86
C ILE NA 38 -53.77 58.70 21.66
N THR NA 39 -54.61 59.68 21.84
CA THR NA 39 -54.25 61.11 21.68
C THR NA 39 -54.86 61.93 22.82
N VAL NA 40 -54.19 62.98 23.18
CA VAL NA 40 -54.66 63.93 24.21
C VAL NA 40 -54.57 65.36 23.71
N ALA NA 41 -55.33 66.25 24.33
CA ALA NA 41 -55.18 67.69 24.05
C ALA NA 41 -53.73 68.08 24.39
N GLU NA 42 -53.15 68.96 23.58
CA GLU NA 42 -51.79 69.50 23.84
C GLU NA 42 -51.59 70.04 25.28
N PRO NA 43 -52.58 70.71 25.90
CA PRO NA 43 -52.48 71.23 27.27
C PRO NA 43 -52.37 70.13 28.34
N ASP NA 44 -52.78 68.90 27.99
CA ASP NA 44 -52.70 67.76 28.91
C ASP NA 44 -51.58 66.78 28.57
N PHE NA 45 -50.75 67.11 27.58
CA PHE NA 45 -49.72 66.20 27.09
C PHE NA 45 -48.68 65.84 28.17
N THR NA 46 -48.16 66.86 28.84
CA THR NA 46 -47.12 66.68 29.88
C THR NA 46 -47.65 65.86 31.05
N ALA NA 47 -48.86 66.21 31.51
CA ALA NA 47 -49.52 65.45 32.60
C ALA NA 47 -49.71 63.99 32.18
N ALA NA 48 -50.23 63.79 30.98
CA ALA NA 48 -50.56 62.46 30.42
C ALA NA 48 -49.35 61.53 30.37
N VAL NA 49 -48.22 62.10 29.94
CA VAL NA 49 -46.94 61.36 29.88
C VAL NA 49 -46.42 60.99 31.28
N TYR NA 50 -46.65 61.90 32.22
CA TYR NA 50 -46.22 61.72 33.63
C TYR NA 50 -47.00 60.58 34.27
N TRP NA 51 -48.32 60.62 34.06
CA TRP NA 51 -49.21 59.57 34.57
C TRP NA 51 -48.87 58.25 33.89
N ILE NA 52 -48.73 58.18 32.62
CA ILE NA 52 -48.40 56.91 31.91
C ILE NA 52 -47.06 56.30 32.38
N LYS NA 53 -46.06 57.16 32.55
CA LYS NA 53 -44.72 56.75 32.97
C LYS NA 53 -44.73 56.22 34.42
N THR NA 54 -45.50 56.90 35.26
CA THR NA 54 -45.65 56.52 36.68
C THR NA 54 -46.33 55.16 36.87
N TYR NA 55 -47.13 54.76 35.87
CA TYR NA 55 -47.86 53.48 35.91
C TYR NA 55 -47.28 52.42 34.96
N GLN NA 56 -46.03 52.61 34.53
CA GLN NA 56 -45.29 51.62 33.70
C GLN NA 56 -45.88 51.45 32.28
N LEU NA 57 -46.48 52.51 31.75
CA LEU NA 57 -47.04 52.49 30.39
C LEU NA 57 -46.24 53.39 29.45
N PRO NA 58 -46.03 52.91 28.21
CA PRO NA 58 -46.41 51.57 27.74
C PRO NA 58 -45.44 50.51 28.29
N PRO NA 59 -45.94 49.29 28.56
CA PRO NA 59 -45.13 48.15 29.01
C PRO NA 59 -43.98 47.88 28.04
N ARG NA 60 -42.82 47.73 28.63
CA ARG NA 60 -41.57 47.44 27.90
C ARG NA 60 -41.53 45.99 27.41
N PRO NA 61 -40.90 45.77 26.26
CA PRO NA 61 -40.51 44.43 25.81
C PRO NA 61 -39.17 44.06 26.45
N ARG NA 62 -39.12 42.87 26.99
CA ARG NA 62 -37.88 42.29 27.56
C ARG NA 62 -37.44 41.11 26.72
N VAL NA 63 -36.18 40.71 26.86
CA VAL NA 63 -35.60 39.58 26.11
C VAL NA 63 -36.54 38.37 26.12
N GLU NA 64 -36.71 37.82 24.93
CA GLU NA 64 -37.50 36.59 24.78
C GLU NA 64 -36.51 35.45 24.63
N ILE NA 65 -36.69 34.44 25.46
CA ILE NA 65 -35.85 33.22 25.46
C ILE NA 65 -35.87 32.58 24.07
N ALA NA 66 -36.95 32.67 23.34
CA ALA NA 66 -37.08 32.07 21.99
C ALA NA 66 -36.19 32.78 20.96
N GLN NA 67 -35.97 34.08 21.16
CA GLN NA 67 -35.09 34.90 20.30
C GLN NA 67 -33.60 34.66 20.60
N MET NA 68 -33.25 33.38 20.78
CA MET NA 68 -31.87 32.95 21.07
C MET NA 68 -30.97 32.82 19.84
N PHE NA 69 -31.55 32.98 18.66
CA PHE NA 69 -30.82 32.87 17.38
C PHE NA 69 -29.51 33.70 17.34
N PRO NA 70 -29.51 34.93 17.88
CA PRO NA 70 -28.30 35.78 17.97
C PRO NA 70 -27.16 35.20 18.82
N ALA NA 71 -27.49 34.27 19.73
CA ALA NA 71 -26.52 33.78 20.72
C ALA NA 71 -25.87 32.45 20.33
N ASP NA 72 -26.61 31.58 19.64
CA ASP NA 72 -26.14 30.25 19.22
C ASP NA 72 -26.97 29.78 18.02
N SER NA 73 -26.37 28.92 17.23
CA SER NA 73 -26.97 28.50 15.96
C SER NA 73 -27.65 27.13 16.04
N LEU NA 74 -27.27 26.33 17.05
CA LEU NA 74 -27.76 24.97 17.28
C LEU NA 74 -27.53 24.55 18.74
N VAL NA 75 -28.40 23.68 19.22
CA VAL NA 75 -28.37 23.21 20.62
C VAL NA 75 -28.44 21.68 20.61
N SER NA 76 -27.35 21.06 21.02
CA SER NA 76 -27.26 19.60 21.08
C SER NA 76 -27.19 19.08 22.52
N SER NA 77 -26.92 20.01 23.45
CA SER NA 77 -26.84 19.61 24.88
C SER NA 77 -27.50 20.59 25.88
N PRO NA 78 -26.68 21.09 26.97
CA PRO NA 78 -27.28 21.27 28.26
C PRO NA 78 -27.73 22.69 28.68
N ARG NA 79 -26.92 23.71 28.51
CA ARG NA 79 -27.20 25.04 29.11
C ARG NA 79 -28.49 25.70 28.58
N ALA NA 80 -28.62 25.67 27.24
CA ALA NA 80 -29.80 26.24 26.56
C ALA NA 80 -31.08 25.43 26.80
N GLU NA 81 -30.91 24.11 26.84
CA GLU NA 81 -32.02 23.17 27.10
C GLU NA 81 -32.59 23.36 28.51
N LYS NA 82 -31.68 23.54 29.47
CA LYS NA 82 -32.03 23.75 30.88
C LYS NA 82 -32.74 25.09 31.12
N ALA NA 83 -32.33 26.10 30.34
CA ALA NA 83 -32.98 27.43 30.38
C ALA NA 83 -34.44 27.37 29.92
N ARG NA 84 -34.67 26.58 28.87
CA ARG NA 84 -36.02 26.37 28.30
C ARG NA 84 -36.91 25.52 29.23
N LEU NA 85 -36.31 24.51 29.86
CA LEU NA 85 -37.00 23.68 30.86
C LEU NA 85 -37.42 24.50 32.08
N TYR NA 86 -36.51 25.40 32.47
CA TYR NA 86 -36.76 26.33 33.60
C TYR NA 86 -37.85 27.35 33.28
N SER NA 87 -37.82 27.84 32.04
CA SER NA 87 -38.82 28.80 31.55
C SER NA 87 -40.22 28.19 31.48
N ALA NA 88 -40.27 26.92 31.03
CA ALA NA 88 -41.51 26.15 30.97
C ALA NA 88 -42.13 25.97 32.36
N ILE NA 89 -41.26 25.73 33.35
CA ILE NA 89 -41.68 25.55 34.75
C ILE NA 89 -42.19 26.87 35.35
N GLU NA 90 -41.47 27.96 35.09
CA GLU NA 90 -41.87 29.30 35.54
C GLU NA 90 -43.26 29.67 35.01
N GLN NA 91 -43.48 29.35 33.74
CA GLN NA 91 -44.78 29.58 33.06
C GLN NA 91 -45.90 28.68 33.61
N ARG NA 92 -45.54 27.44 33.94
CA ARG NA 92 -46.49 26.48 34.53
C ARG NA 92 -46.96 26.94 35.92
N LEU NA 93 -46.01 27.49 36.67
CA LEU NA 93 -46.28 28.05 38.01
C LEU NA 93 -47.14 29.30 37.99
N GLU NA 94 -46.77 30.19 37.07
CA GLU NA 94 -47.54 31.41 36.81
C GLU NA 94 -48.96 31.09 36.37
N GLN NA 95 -49.11 30.06 35.53
CA GLN NA 95 -50.43 29.62 35.05
C GLN NA 95 -51.31 29.09 36.21
N SER NA 96 -50.68 28.32 37.08
CA SER NA 96 -51.34 27.74 38.26
C SER NA 96 -51.75 28.81 39.27
N LEU NA 97 -50.80 29.66 39.66
CA LEU NA 97 -51.07 30.75 40.62
C LEU NA 97 -52.11 31.76 40.14
N GLN NA 98 -52.14 31.98 38.82
CA GLN NA 98 -53.08 32.90 38.18
C GLN NA 98 -54.56 32.49 38.33
N THR NA 99 -54.79 31.22 38.65
CA THR NA 99 -56.16 30.71 38.87
C THR NA 99 -56.73 31.07 40.24
N MET NA 100 -55.85 31.39 41.19
CA MET NA 100 -56.25 31.86 42.53
C MET NA 100 -57.03 33.17 42.37
N GLU NA 101 -58.25 33.16 42.90
CA GLU NA 101 -59.13 34.34 42.86
C GLU NA 101 -58.45 35.54 43.53
N GLY NA 102 -58.40 36.64 42.79
CA GLY NA 102 -57.74 37.87 43.29
C GLY NA 102 -56.44 38.19 42.55
N VAL NA 103 -55.76 37.18 42.04
CA VAL NA 103 -54.52 37.35 41.26
C VAL NA 103 -54.87 37.94 39.89
N LEU NA 104 -54.19 39.03 39.58
CA LEU NA 104 -54.33 39.69 38.27
C LEU NA 104 -53.05 39.64 37.42
N SER NA 105 -51.95 39.28 38.04
CA SER NA 105 -50.64 39.09 37.39
C SER NA 105 -49.65 38.48 38.38
N ALA NA 106 -48.71 37.77 37.79
CA ALA NA 106 -47.72 36.96 38.52
C ALA NA 106 -46.45 36.78 37.69
N ARG NA 107 -45.33 36.85 38.38
CA ARG NA 107 -44.01 36.58 37.81
C ARG NA 107 -43.26 35.60 38.70
N VAL NA 108 -42.68 34.59 38.08
CA VAL NA 108 -41.85 33.59 38.77
C VAL NA 108 -40.47 33.53 38.09
N HIS NA 109 -39.46 33.66 38.92
CA HIS NA 109 -38.07 33.49 38.50
C HIS NA 109 -37.44 32.38 39.35
N ILE NA 110 -37.06 31.30 38.69
CA ILE NA 110 -36.53 30.12 39.36
C ILE NA 110 -35.00 30.03 39.17
N SER NA 111 -34.37 29.55 40.23
CA SER NA 111 -32.93 29.19 40.23
C SER NA 111 -32.73 27.72 40.63
N TYR NA 112 -32.14 26.98 39.72
CA TYR NA 112 -31.82 25.54 39.86
C TYR NA 112 -30.58 25.25 39.05
N ASP NA 113 -29.47 25.19 39.69
CA ASP NA 113 -28.21 24.89 38.98
C ASP NA 113 -27.48 23.72 39.58
N ILE NA 114 -26.91 22.87 38.81
CA ILE NA 114 -26.06 21.78 39.31
C ILE NA 114 -24.62 22.06 38.92
N ASP NA 115 -23.81 22.47 39.84
CA ASP NA 115 -22.42 22.89 39.56
C ASP NA 115 -21.38 21.90 40.07
N ALA NA 116 -20.30 21.75 39.46
CA ALA NA 116 -19.11 20.98 39.91
C ALA NA 116 -17.97 21.94 40.28
N GLY NA 117 -17.81 22.14 41.57
CA GLY NA 117 -16.79 23.05 42.14
C GLY NA 117 -15.39 22.57 41.75
N GLU NA 118 -15.13 21.34 41.84
CA GLU NA 118 -13.87 20.57 41.59
C GLU NA 118 -14.11 19.08 41.75
N ASN NA 119 -13.09 18.26 41.57
CA ASN NA 119 -13.17 16.80 41.77
C ASN NA 119 -13.65 16.47 43.18
N GLY NA 120 -14.75 15.72 43.21
CA GLY NA 120 -15.43 15.28 44.44
C GLY NA 120 -16.10 16.41 45.24
N ARG NA 121 -16.60 17.42 44.52
CA ARG NA 121 -17.32 18.56 45.13
C ARG NA 121 -18.47 19.09 44.25
N PRO NA 122 -19.66 18.53 44.42
CA PRO NA 122 -20.89 18.97 43.72
C PRO NA 122 -21.76 19.90 44.59
N PRO NA 123 -21.99 21.11 44.14
CA PRO NA 123 -23.04 22.00 44.71
C PRO NA 123 -24.35 22.03 43.92
N LYS NA 124 -25.41 22.27 44.66
CA LYS NA 124 -26.79 22.47 44.16
C LYS NA 124 -27.39 23.80 44.66
N PRO NA 125 -27.59 24.75 43.81
CA PRO NA 125 -28.33 26.02 44.06
C PRO NA 125 -29.81 25.90 43.74
N VAL NA 126 -30.55 26.26 44.75
CA VAL NA 126 -32.00 26.27 44.67
C VAL NA 126 -32.49 27.62 45.18
N HIS NA 127 -33.60 28.06 44.61
CA HIS NA 127 -34.42 29.18 45.13
C HIS NA 127 -35.47 29.58 44.08
N LEU NA 128 -36.50 30.23 44.57
CA LEU NA 128 -37.55 30.82 43.72
C LEU NA 128 -37.96 32.21 44.23
N SER NA 129 -38.21 33.09 43.26
CA SER NA 129 -38.76 34.43 43.52
C SER NA 129 -40.13 34.56 42.84
N ALA NA 130 -41.12 34.92 43.63
CA ALA NA 130 -42.52 35.04 43.17
C ALA NA 130 -43.11 36.39 43.54
N LEU NA 131 -43.57 37.08 42.52
CA LEU NA 131 -44.29 38.35 42.66
C LEU NA 131 -45.71 38.16 42.13
N ALA NA 132 -46.67 38.41 42.98
CA ALA NA 132 -48.08 38.38 42.56
C ALA NA 132 -48.78 39.70 42.86
N VAL NA 133 -49.47 40.18 41.87
CA VAL NA 133 -50.28 41.40 41.98
C VAL NA 133 -51.73 40.98 42.18
N TYR NA 134 -52.31 41.54 43.19
CA TYR NA 134 -53.70 41.25 43.55
C TYR NA 134 -54.59 42.43 43.19
N GLU NA 135 -55.86 42.10 42.95
CA GLU NA 135 -56.91 43.11 42.77
C GLU NA 135 -56.98 43.99 43.99
N ARG NA 136 -57.29 45.20 43.87
CA ARG NA 136 -57.48 46.17 44.96
C ARG NA 136 -58.47 45.73 46.08
N GLY NA 137 -59.41 44.90 45.63
CA GLY NA 137 -60.53 44.46 46.50
C GLY NA 137 -60.33 43.07 47.11
N SER NA 138 -59.14 42.49 46.96
CA SER NA 138 -58.83 41.17 47.55
C SER NA 138 -57.52 41.18 48.32
N PRO NA 139 -57.57 40.80 49.60
CA PRO NA 139 -56.37 40.61 50.43
C PRO NA 139 -55.87 39.16 50.29
N LEU NA 140 -54.72 39.00 49.67
CA LEU NA 140 -54.11 37.67 49.47
C LEU NA 140 -52.98 37.37 50.46
N ALA NA 141 -52.86 38.22 51.49
CA ALA NA 141 -51.80 38.08 52.50
C ALA NA 141 -51.91 36.75 53.27
N HIS NA 142 -53.15 36.35 53.57
CA HIS NA 142 -53.43 35.05 54.22
C HIS NA 142 -53.09 33.82 53.37
N GLN NA 143 -52.92 34.04 52.06
CA GLN NA 143 -52.63 32.95 51.10
C GLN NA 143 -51.14 32.81 50.78
N ILE NA 144 -50.29 33.53 51.49
CA ILE NA 144 -48.83 33.53 51.23
C ILE NA 144 -48.21 32.14 51.46
N SER NA 145 -48.63 31.50 52.57
CA SER NA 145 -48.14 30.17 52.96
C SER NA 145 -48.57 29.09 51.96
N ASP NA 146 -49.81 29.23 51.47
CA ASP NA 146 -50.34 28.31 50.45
C ASP NA 146 -49.60 28.46 49.12
N ILE NA 147 -49.33 29.72 48.74
CA ILE NA 147 -48.58 30.02 47.51
C ILE NA 147 -47.15 29.46 47.60
N LYS NA 148 -46.51 29.66 48.76
CA LYS NA 148 -45.15 29.12 48.98
C LYS NA 148 -45.10 27.59 48.86
N ARG NA 149 -46.11 26.93 49.41
CA ARG NA 149 -46.19 25.46 49.39
C ARG NA 149 -46.40 24.92 47.97
N PHE NA 150 -47.14 25.66 47.18
CA PHE NA 150 -47.47 25.30 45.78
C PHE NA 150 -46.21 25.40 44.92
N LEU NA 151 -45.46 26.46 45.17
CA LEU NA 151 -44.18 26.70 44.49
C LEU NA 151 -43.11 25.70 44.91
N LYS NA 152 -43.08 25.39 46.20
CA LYS NA 152 -42.12 24.43 46.77
C LYS NA 152 -42.23 23.05 46.09
N ASN NA 153 -43.47 22.59 45.95
CA ASN NA 153 -43.73 21.22 45.49
C ASN NA 153 -43.87 21.09 43.97
N SER NA 154 -43.76 22.21 43.28
CA SER NA 154 -43.76 22.20 41.81
C SER NA 154 -42.35 22.01 41.23
N PHE NA 155 -41.36 22.30 42.06
CA PHE NA 155 -39.97 22.42 41.60
C PHE NA 155 -39.01 21.53 42.41
N ALA NA 156 -38.04 20.99 41.69
CA ALA NA 156 -37.01 20.09 42.25
C ALA NA 156 -36.11 20.77 43.28
N ASP NA 157 -36.00 20.09 44.42
CA ASP NA 157 -35.09 20.43 45.51
C ASP NA 157 -35.27 21.88 46.01
N VAL NA 158 -36.50 22.28 46.34
CA VAL NA 158 -36.75 23.62 46.92
C VAL NA 158 -37.22 23.49 48.37
N ASP NA 159 -36.67 24.37 49.19
CA ASP NA 159 -37.13 24.53 50.58
C ASP NA 159 -37.83 25.89 50.75
N TYR NA 160 -38.73 25.93 51.72
CA TYR NA 160 -39.53 27.14 52.02
C TYR NA 160 -38.71 28.39 52.29
N ASP NA 161 -37.58 28.18 52.98
CA ASP NA 161 -36.69 29.29 53.37
C ASP NA 161 -36.05 29.98 52.15
N ASN NA 162 -36.04 29.29 51.03
CA ASN NA 162 -35.47 29.80 49.76
C ASN NA 162 -36.56 30.16 48.77
N ILE NA 163 -37.70 30.52 49.23
CA ILE NA 163 -38.79 31.03 48.38
C ILE NA 163 -39.20 32.40 48.91
N SER NA 164 -39.17 33.37 48.02
CA SER NA 164 -39.70 34.71 48.31
C SER NA 164 -41.02 34.91 47.58
N VAL NA 165 -42.05 35.19 48.36
CA VAL NA 165 -43.39 35.52 47.82
C VAL NA 165 -43.75 36.94 48.26
N VAL NA 166 -43.84 37.81 47.28
CA VAL NA 166 -44.23 39.22 47.50
C VAL NA 166 -45.56 39.46 46.80
N LEU NA 167 -46.50 39.99 47.58
CA LEU NA 167 -47.84 40.36 47.08
C LEU NA 167 -48.02 41.87 47.14
N SER NA 168 -48.37 42.44 46.01
CA SER NA 168 -48.60 43.90 45.88
C SER NA 168 -49.94 44.18 45.19
N GLU NA 169 -50.70 45.08 45.81
CA GLU NA 169 -52.01 45.53 45.28
C GLU NA 169 -51.70 46.35 44.06
N ARG NA 170 -52.52 46.14 43.04
CA ARG NA 170 -52.44 47.04 41.87
C ARG NA 170 -52.63 48.53 42.24
N LYS OA 1 -62.54 -56.79 -19.51
CA LYS OA 1 -61.90 -55.82 -18.61
C LYS OA 1 -60.38 -55.79 -18.81
N ASP OA 2 -59.84 -54.57 -18.91
CA ASP OA 2 -58.38 -54.39 -19.06
C ASP OA 2 -57.68 -54.77 -17.74
N LEU OA 3 -56.59 -55.50 -17.93
CA LEU OA 3 -55.63 -55.77 -16.84
C LEU OA 3 -54.55 -54.70 -16.79
N LEU OA 4 -53.62 -54.77 -17.74
CA LEU OA 4 -52.51 -53.80 -17.87
C LEU OA 4 -52.22 -53.49 -19.33
N LYS OA 5 -51.79 -52.26 -19.54
CA LYS OA 5 -51.31 -51.76 -20.83
C LYS OA 5 -49.81 -51.42 -20.73
N GLY OA 6 -49.20 -51.23 -21.91
CA GLY OA 6 -47.80 -50.81 -22.04
C GLY OA 6 -46.80 -51.82 -21.47
N LEU OA 7 -47.18 -53.10 -21.59
CA LEU OA 7 -46.32 -54.21 -21.16
C LEU OA 7 -45.28 -54.53 -22.24
N ASP OA 8 -44.10 -54.93 -21.80
CA ASP OA 8 -43.09 -55.51 -22.71
C ASP OA 8 -43.63 -56.86 -23.18
N GLN OA 9 -43.11 -57.35 -24.33
CA GLN OA 9 -43.45 -58.66 -24.87
C GLN OA 9 -43.22 -59.80 -23.87
N GLU OA 10 -42.12 -59.72 -23.10
CA GLU OA 10 -41.79 -60.78 -22.12
C GLU OA 10 -42.75 -60.79 -20.93
N GLN OA 11 -43.03 -59.60 -20.39
CA GLN OA 11 -43.93 -59.46 -19.25
C GLN OA 11 -45.36 -59.86 -19.62
N ALA OA 12 -45.78 -59.44 -20.81
CA ALA OA 12 -47.09 -59.80 -21.36
C ALA OA 12 -47.20 -61.31 -21.65
N ASN OA 13 -46.14 -61.89 -22.21
CA ASN OA 13 -46.11 -63.34 -22.48
C ASN OA 13 -46.15 -64.21 -21.22
N GLU OA 14 -45.42 -63.77 -20.21
CA GLU OA 14 -45.37 -64.53 -18.94
C GLU OA 14 -46.71 -64.48 -18.19
N VAL OA 15 -47.32 -63.28 -18.17
CA VAL OA 15 -48.65 -63.09 -17.57
C VAL OA 15 -49.75 -63.81 -18.36
N ILE OA 16 -49.67 -63.77 -19.68
CA ILE OA 16 -50.68 -64.42 -20.53
C ILE OA 16 -50.64 -65.95 -20.34
N ALA OA 17 -49.42 -66.48 -20.29
CA ALA OA 17 -49.17 -67.93 -20.16
C ALA OA 17 -49.61 -68.43 -18.79
N VAL OA 18 -49.30 -67.64 -17.75
CA VAL OA 18 -49.72 -67.93 -16.37
C VAL OA 18 -51.25 -67.96 -16.26
N LEU OA 19 -51.91 -66.99 -16.88
CA LEU OA 19 -53.38 -66.93 -16.81
C LEU OA 19 -54.06 -68.06 -17.59
N GLN OA 20 -53.52 -68.34 -18.77
CA GLN OA 20 -54.02 -69.43 -19.63
C GLN OA 20 -53.86 -70.80 -18.98
N MET OA 21 -52.74 -70.98 -18.27
CA MET OA 21 -52.47 -72.24 -17.55
C MET OA 21 -53.39 -72.46 -16.34
N HIS OA 22 -54.00 -71.36 -15.86
CA HIS OA 22 -54.96 -71.40 -14.75
C HIS OA 22 -56.41 -71.25 -15.23
N ASN OA 23 -56.66 -71.60 -16.49
CA ASN OA 23 -58.01 -71.59 -17.09
C ASN OA 23 -58.66 -70.19 -17.06
N ILE OA 24 -57.86 -69.15 -17.27
CA ILE OA 24 -58.38 -67.78 -17.36
C ILE OA 24 -58.34 -67.37 -18.82
N GLU OA 25 -59.49 -66.94 -19.30
CA GLU OA 25 -59.65 -66.45 -20.68
C GLU OA 25 -59.08 -65.03 -20.78
N ALA OA 26 -57.84 -64.97 -21.26
CA ALA OA 26 -57.13 -63.69 -21.45
C ALA OA 26 -56.82 -63.47 -22.93
N ASN OA 27 -56.93 -62.22 -23.34
CA ASN OA 27 -56.60 -61.79 -24.71
C ASN OA 27 -55.55 -60.69 -24.68
N LYS OA 28 -54.78 -60.61 -25.74
CA LYS OA 28 -53.71 -59.62 -25.86
C LYS OA 28 -53.81 -58.83 -27.17
N ILE OA 29 -53.52 -57.56 -27.04
CA ILE OA 29 -53.48 -56.62 -28.18
C ILE OA 29 -52.16 -55.83 -28.12
N ASP OA 30 -51.60 -55.60 -29.29
CA ASP OA 30 -50.38 -54.76 -29.40
C ASP OA 30 -50.79 -53.35 -29.84
N SER OA 31 -50.25 -52.36 -29.16
CA SER OA 31 -50.46 -50.95 -29.54
C SER OA 31 -49.47 -50.54 -30.64
N GLY OA 32 -49.51 -49.24 -30.97
CA GLY OA 32 -48.66 -48.65 -32.04
C GLY OA 32 -47.15 -48.74 -31.74
N LYS OA 33 -46.83 -48.66 -30.45
CA LYS OA 33 -45.44 -48.65 -29.97
C LYS OA 33 -44.81 -50.04 -29.85
N LEU OA 34 -45.60 -51.09 -30.08
CA LEU OA 34 -45.18 -52.51 -29.90
C LEU OA 34 -45.41 -52.98 -28.44
N GLY OA 35 -45.95 -52.10 -27.58
CA GLY OA 35 -46.37 -52.45 -26.21
C GLY OA 35 -47.68 -53.25 -26.19
N TYR OA 36 -47.87 -54.06 -25.19
CA TYR OA 36 -48.97 -55.06 -25.14
C TYR OA 36 -49.95 -54.73 -24.03
N SER OA 37 -51.20 -55.02 -24.31
CA SER OA 37 -52.30 -54.90 -23.34
C SER OA 37 -52.96 -56.26 -23.18
N ILE OA 38 -53.19 -56.60 -21.92
CA ILE OA 38 -53.88 -57.85 -21.56
C ILE OA 38 -55.25 -57.53 -20.96
N THR OA 39 -56.22 -58.31 -21.38
CA THR OA 39 -57.62 -58.18 -20.95
C THR OA 39 -58.22 -59.55 -20.65
N VAL OA 40 -59.15 -59.58 -19.73
CA VAL OA 40 -59.86 -60.82 -19.35
C VAL OA 40 -61.36 -60.57 -19.34
N ALA OA 41 -62.14 -61.63 -19.44
CA ALA OA 41 -63.59 -61.53 -19.25
C ALA OA 41 -63.84 -60.99 -17.83
N GLU OA 42 -64.85 -60.13 -17.68
CA GLU OA 42 -65.25 -59.60 -16.36
C GLU OA 42 -65.46 -60.69 -15.27
N PRO OA 43 -66.04 -61.87 -15.60
CA PRO OA 43 -66.24 -62.96 -14.64
C PRO OA 43 -64.94 -63.58 -14.12
N ASP OA 44 -63.85 -63.37 -14.85
CA ASP OA 44 -62.52 -63.89 -14.45
C ASP OA 44 -61.58 -62.82 -13.90
N PHE OA 45 -62.08 -61.59 -13.76
CA PHE OA 45 -61.24 -60.45 -13.36
C PHE OA 45 -60.61 -60.63 -11.97
N THR OA 46 -61.45 -61.00 -11.00
CA THR OA 46 -61.01 -61.17 -9.60
C THR OA 46 -59.98 -62.30 -9.48
N ALA OA 47 -60.28 -63.43 -10.12
CA ALA OA 47 -59.35 -64.56 -10.14
C ALA OA 47 -58.02 -64.15 -10.78
N ALA OA 48 -58.10 -63.49 -11.93
CA ALA OA 48 -56.93 -63.06 -12.73
C ALA OA 48 -55.99 -62.16 -11.94
N VAL OA 49 -56.57 -61.23 -11.19
CA VAL OA 49 -55.80 -60.31 -10.32
C VAL OA 49 -55.13 -61.06 -9.16
N TYR OA 50 -55.82 -62.07 -8.64
CA TYR OA 50 -55.33 -62.89 -7.53
C TYR OA 50 -54.11 -63.71 -7.97
N TRP OA 51 -54.26 -64.33 -9.13
CA TRP OA 51 -53.17 -65.11 -9.73
C TRP OA 51 -52.00 -64.19 -10.06
N ILE OA 52 -52.20 -63.10 -10.68
CA ILE OA 52 -51.10 -62.15 -11.05
C ILE OA 52 -50.33 -61.65 -9.81
N LYS OA 53 -51.09 -61.29 -8.77
CA LYS OA 53 -50.53 -60.78 -7.51
C LYS OA 53 -49.72 -61.85 -6.78
N THR OA 54 -50.24 -63.07 -6.80
CA THR OA 54 -49.58 -64.23 -6.16
C THR OA 54 -48.23 -64.59 -6.81
N TYR OA 55 -48.10 -64.22 -8.09
CA TYR OA 55 -46.88 -64.50 -8.87
C TYR OA 55 -46.01 -63.26 -9.12
N GLN OA 56 -46.22 -62.20 -8.34
CA GLN OA 56 -45.40 -60.96 -8.39
C GLN OA 56 -45.57 -60.18 -9.71
N LEU OA 57 -46.74 -60.27 -10.31
CA LEU OA 57 -47.04 -59.53 -11.55
C LEU OA 57 -48.08 -58.42 -11.31
N PRO OA 58 -47.85 -57.26 -11.94
CA PRO OA 58 -46.65 -56.93 -12.73
C PRO OA 58 -45.45 -56.63 -11.81
N PRO OA 59 -44.24 -56.97 -12.25
CA PRO OA 59 -42.99 -56.68 -11.53
C PRO OA 59 -42.88 -55.19 -11.22
N ARG OA 60 -42.56 -54.94 -9.96
CA ARG OA 60 -42.36 -53.59 -9.44
C ARG OA 60 -41.05 -52.96 -9.92
N PRO OA 61 -41.05 -51.66 -10.12
CA PRO OA 61 -39.82 -50.86 -10.29
C PRO OA 61 -39.26 -50.52 -8.90
N ARG OA 62 -37.97 -50.74 -8.75
CA ARG OA 62 -37.24 -50.38 -7.53
C ARG OA 62 -36.23 -49.28 -7.85
N VAL OA 63 -35.76 -48.59 -6.83
CA VAL OA 63 -34.79 -47.49 -6.98
C VAL OA 63 -33.65 -47.88 -7.94
N GLU OA 64 -33.36 -46.97 -8.84
CA GLU OA 64 -32.23 -47.15 -9.75
C GLU OA 64 -31.10 -46.28 -9.24
N ILE OA 65 -29.95 -46.91 -9.07
CA ILE OA 65 -28.72 -46.23 -8.60
C ILE OA 65 -28.38 -45.05 -9.52
N ALA OA 66 -28.68 -45.13 -10.79
CA ALA OA 66 -28.40 -44.06 -11.76
C ALA OA 66 -29.26 -42.81 -11.53
N GLN OA 67 -30.47 -43.02 -11.04
CA GLN OA 67 -31.41 -41.93 -10.69
C GLN OA 67 -31.04 -41.25 -9.36
N MET OA 68 -29.75 -41.00 -9.18
CA MET OA 68 -29.20 -40.34 -7.98
C MET OA 68 -29.29 -38.82 -8.00
N PHE OA 69 -29.72 -38.26 -9.12
CA PHE OA 69 -29.84 -36.80 -9.28
C PHE OA 69 -30.59 -36.10 -8.13
N PRO OA 70 -31.69 -36.70 -7.61
CA PRO OA 70 -32.44 -36.16 -6.45
C PRO OA 70 -31.62 -36.07 -5.15
N ALA OA 71 -30.56 -36.86 -5.04
CA ALA OA 71 -29.82 -36.99 -3.77
C ALA OA 71 -28.58 -36.10 -3.69
N ASP OA 72 -27.91 -35.88 -4.82
CA ASP OA 72 -26.68 -35.08 -4.91
C ASP OA 72 -26.51 -34.57 -6.34
N SER OA 73 -25.81 -33.47 -6.45
CA SER OA 73 -25.69 -32.76 -7.74
C SER OA 73 -24.38 -33.03 -8.46
N LEU OA 74 -23.36 -33.49 -7.71
CA LEU OA 74 -21.99 -33.77 -8.19
C LEU OA 74 -21.27 -34.73 -7.23
N VAL OA 75 -20.37 -35.50 -7.78
CA VAL OA 75 -19.60 -36.53 -7.03
C VAL OA 75 -18.12 -36.34 -7.36
N SER OA 76 -17.39 -35.93 -6.34
CA SER OA 76 -15.93 -35.72 -6.47
C SER OA 76 -15.12 -36.74 -5.68
N SER OA 77 -15.81 -37.45 -4.76
CA SER OA 77 -15.13 -38.46 -3.95
C SER OA 77 -15.91 -39.79 -3.74
N PRO OA 78 -16.14 -40.22 -2.37
CA PRO OA 78 -16.05 -41.63 -2.08
C PRO OA 78 -17.37 -42.43 -1.96
N ARG OA 79 -18.37 -41.96 -1.23
CA ARG OA 79 -19.55 -42.79 -0.90
C ARG OA 79 -20.37 -43.23 -2.14
N ALA OA 80 -20.62 -42.25 -3.01
CA ALA OA 80 -21.39 -42.50 -4.25
C ALA OA 80 -20.60 -43.33 -5.27
N GLU OA 81 -19.29 -43.08 -5.33
CA GLU OA 81 -18.38 -43.82 -6.23
C GLU OA 81 -18.30 -45.30 -5.84
N LYS OA 82 -18.23 -45.54 -4.53
CA LYS OA 82 -18.15 -46.89 -3.96
C LYS OA 82 -19.44 -47.68 -4.17
N ALA OA 83 -20.58 -46.98 -4.13
CA ALA OA 83 -21.90 -47.58 -4.40
C ALA OA 83 -22.01 -48.08 -5.85
N ARG OA 84 -21.46 -47.28 -6.77
CA ARG OA 84 -21.43 -47.61 -8.21
C ARG OA 84 -20.47 -48.75 -8.53
N LEU OA 85 -19.32 -48.74 -7.85
CA LEU OA 85 -18.32 -49.82 -7.95
C LEU OA 85 -18.89 -51.16 -7.45
N TYR OA 86 -19.65 -51.06 -6.36
CA TYR OA 86 -20.33 -52.22 -5.76
C TYR OA 86 -21.44 -52.76 -6.65
N SER OA 87 -22.17 -51.85 -7.26
CA SER OA 87 -23.27 -52.17 -8.18
C SER OA 87 -22.75 -52.88 -9.45
N ALA OA 88 -21.62 -52.38 -9.94
CA ALA OA 88 -20.92 -52.96 -11.11
C ALA OA 88 -20.49 -54.41 -10.82
N ILE OA 89 -20.01 -54.63 -9.60
CA ILE OA 89 -19.56 -55.97 -9.16
C ILE OA 89 -20.74 -56.93 -9.01
N GLU OA 90 -21.82 -56.44 -8.40
CA GLU OA 90 -23.05 -57.24 -8.24
C GLU OA 90 -23.60 -57.69 -9.59
N GLN OA 91 -23.56 -56.78 -10.55
CA GLN OA 91 -23.99 -57.05 -11.94
C GLN OA 91 -23.05 -58.02 -12.67
N ARG OA 92 -21.76 -57.89 -12.40
CA ARG OA 92 -20.73 -58.80 -12.99
C ARG OA 92 -20.91 -60.24 -12.47
N LEU OA 93 -21.26 -60.35 -11.20
CA LEU OA 93 -21.52 -61.64 -10.55
C LEU OA 93 -22.80 -62.30 -11.04
N GLU OA 94 -23.84 -61.49 -11.13
CA GLU OA 94 -25.12 -61.92 -11.69
C GLU OA 94 -24.97 -62.37 -13.15
N GLN OA 95 -24.14 -61.66 -13.92
CA GLN OA 95 -23.88 -62.01 -15.32
C GLN OA 95 -23.17 -63.36 -15.44
N SER OA 96 -22.19 -63.58 -14.55
CA SER OA 96 -21.41 -64.81 -14.50
C SER OA 96 -22.26 -66.01 -14.08
N LEU OA 97 -22.97 -65.87 -12.95
CA LEU OA 97 -23.84 -66.95 -12.44
C LEU OA 97 -24.99 -67.33 -13.38
N GLN OA 98 -25.47 -66.34 -14.12
CA GLN OA 98 -26.55 -66.52 -15.10
C GLN OA 98 -26.19 -67.46 -16.26
N THR OA 99 -24.90 -67.68 -16.47
CA THR OA 99 -24.42 -68.59 -17.53
C THR OA 99 -24.50 -70.07 -17.12
N MET OA 100 -24.57 -70.33 -15.81
CA MET OA 100 -24.77 -71.69 -15.30
C MET OA 100 -26.12 -72.22 -15.81
N GLU OA 101 -26.06 -73.37 -16.47
CA GLU OA 101 -27.26 -74.03 -17.01
C GLU OA 101 -28.26 -74.33 -15.88
N GLY OA 102 -29.50 -73.86 -16.08
CA GLY OA 102 -30.55 -74.03 -15.07
C GLY OA 102 -30.96 -72.72 -14.40
N VAL OA 103 -30.04 -71.77 -14.31
CA VAL OA 103 -30.32 -70.43 -13.75
C VAL OA 103 -31.21 -69.65 -14.72
N LEU OA 104 -32.29 -69.15 -14.17
CA LEU OA 104 -33.23 -68.30 -14.93
C LEU OA 104 -33.30 -66.85 -14.41
N SER OA 105 -32.76 -66.64 -13.23
CA SER OA 105 -32.65 -65.31 -12.59
C SER OA 105 -31.79 -65.41 -11.33
N ALA OA 106 -31.19 -64.28 -11.03
CA ALA OA 106 -30.20 -64.16 -9.95
C ALA OA 106 -30.13 -62.72 -9.44
N ARG OA 107 -30.01 -62.60 -8.13
CA ARG OA 107 -29.79 -61.32 -7.45
C ARG OA 107 -28.61 -61.44 -6.49
N VAL OA 108 -27.73 -60.46 -6.56
CA VAL OA 108 -26.57 -60.36 -5.66
C VAL OA 108 -26.59 -59.00 -4.96
N HIS OA 109 -26.49 -59.07 -3.65
CA HIS OA 109 -26.33 -57.88 -2.81
C HIS OA 109 -25.05 -58.03 -1.99
N ILE OA 110 -24.12 -57.12 -2.25
CA ILE OA 110 -22.80 -57.16 -1.63
C ILE OA 110 -22.68 -56.09 -0.53
N SER OA 111 -21.96 -56.48 0.51
CA SER OA 111 -21.54 -55.58 1.60
C SER OA 111 -20.01 -55.56 1.75
N TYR OA 112 -19.45 -54.38 1.58
CA TYR OA 112 -17.99 -54.10 1.69
C TYR OA 112 -17.83 -52.68 2.16
N ASP OA 113 -17.58 -52.52 3.41
CA ASP OA 113 -17.37 -51.17 3.96
C ASP OA 113 -16.08 -51.02 4.70
N ILE OA 114 -15.38 -49.96 4.58
CA ILE OA 114 -14.17 -49.70 5.36
C ILE OA 114 -14.47 -48.56 6.33
N ASP OA 115 -14.62 -48.86 7.59
CA ASP OA 115 -15.03 -47.87 8.60
C ASP OA 115 -13.91 -47.52 9.56
N ALA OA 116 -13.83 -46.37 10.05
CA ALA OA 116 -12.93 -45.91 11.14
C ALA OA 116 -13.74 -45.65 12.42
N GLY OA 117 -13.65 -46.60 13.32
CA GLY OA 117 -14.38 -46.56 14.62
C GLY OA 117 -13.92 -45.35 15.43
N GLU OA 118 -12.68 -45.10 15.49
CA GLU OA 118 -11.92 -44.03 16.24
C GLU OA 118 -10.45 -44.10 15.90
N ASN OA 119 -9.64 -43.23 16.47
CA ASN OA 119 -8.18 -43.22 16.28
C ASN OA 119 -7.57 -44.59 16.66
N GLY OA 120 -6.89 -45.16 15.66
CA GLY OA 120 -6.23 -46.47 15.78
C GLY OA 120 -7.20 -47.66 15.87
N ARG OA 121 -8.37 -47.54 15.22
CA ARG OA 121 -9.39 -48.62 15.19
C ARG OA 121 -10.14 -48.67 13.84
N PRO OA 122 -9.61 -49.45 12.90
CA PRO OA 122 -10.25 -49.69 11.59
C PRO OA 122 -11.01 -51.03 11.54
N PRO OA 123 -12.31 -50.98 11.30
CA PRO OA 123 -13.10 -52.17 10.93
C PRO OA 123 -13.36 -52.34 9.42
N LYS OA 124 -13.49 -53.60 9.04
CA LYS OA 124 -13.87 -54.05 7.69
C LYS OA 124 -15.08 -55.00 7.71
N PRO OA 125 -16.20 -54.58 7.21
CA PRO OA 125 -17.41 -55.41 6.98
C PRO OA 125 -17.45 -56.01 5.59
N VAL OA 126 -17.61 -57.30 5.64
CA VAL OA 126 -17.71 -58.12 4.43
C VAL OA 126 -18.95 -58.98 4.56
N HIS OA 127 -19.54 -59.27 3.40
CA HIS OA 127 -20.56 -60.31 3.24
C HIS OA 127 -21.23 -60.19 1.87
N LEU OA 128 -21.81 -61.28 1.42
CA LEU OA 128 -22.61 -61.31 0.19
C LEU OA 128 -23.87 -62.15 0.38
N SER OA 129 -24.96 -61.67 -0.23
CA SER OA 129 -26.23 -62.40 -0.31
C SER OA 129 -26.58 -62.69 -1.77
N ALA OA 130 -26.81 -63.95 -2.06
CA ALA OA 130 -27.09 -64.45 -3.42
C ALA OA 130 -28.36 -65.29 -3.46
N LEU OA 131 -29.27 -64.84 -4.30
CA LEU OA 131 -30.51 -65.57 -4.59
C LEU OA 131 -30.50 -65.97 -6.06
N ALA OA 132 -30.62 -67.26 -6.30
CA ALA OA 132 -30.74 -67.77 -7.67
C ALA OA 132 -31.99 -68.60 -7.85
N VAL OA 133 -32.71 -68.29 -8.88
CA VAL OA 133 -33.92 -69.03 -9.28
C VAL OA 133 -33.54 -70.01 -10.39
N TYR OA 134 -33.89 -71.23 -10.18
CA TYR OA 134 -33.61 -72.30 -11.13
C TYR OA 134 -34.87 -72.73 -11.86
N GLU OA 135 -34.67 -73.24 -13.06
CA GLU OA 135 -35.73 -73.88 -13.85
C GLU OA 135 -36.35 -75.00 -13.05
N ARG OA 136 -37.56 -75.26 -13.17
CA ARG OA 136 -38.30 -76.38 -12.53
C ARG OA 136 -37.68 -77.78 -12.77
N GLY OA 137 -37.00 -77.89 -13.91
CA GLY OA 137 -36.44 -79.17 -14.37
C GLY OA 137 -34.95 -79.34 -14.08
N SER OA 138 -34.35 -78.43 -13.32
CA SER OA 138 -32.93 -78.52 -12.95
C SER OA 138 -32.72 -78.35 -11.44
N PRO OA 139 -32.08 -79.33 -10.81
CA PRO OA 139 -31.65 -79.24 -9.40
C PRO OA 139 -30.25 -78.63 -9.32
N LEU OA 140 -30.17 -77.43 -8.78
CA LEU OA 140 -28.89 -76.72 -8.62
C LEU OA 140 -28.33 -76.78 -7.21
N ALA OA 141 -28.93 -77.64 -6.38
CA ALA OA 141 -28.53 -77.80 -4.97
C ALA OA 141 -27.08 -78.28 -4.82
N HIS OA 142 -26.69 -79.19 -5.71
CA HIS OA 142 -25.30 -79.68 -5.77
C HIS OA 142 -24.25 -78.64 -6.19
N GLN OA 143 -24.74 -77.54 -6.78
CA GLN OA 143 -23.87 -76.46 -7.28
C GLN OA 143 -23.71 -75.30 -6.29
N ILE OA 144 -24.24 -75.45 -5.08
CA ILE OA 144 -24.21 -74.37 -4.07
C ILE OA 144 -22.78 -73.97 -3.67
N SER OA 145 -21.95 -75.02 -3.47
CA SER OA 145 -20.55 -74.85 -3.06
C SER OA 145 -19.72 -74.16 -4.16
N ASP OA 146 -20.01 -74.53 -5.42
CA ASP OA 146 -19.37 -73.92 -6.57
C ASP OA 146 -19.76 -72.45 -6.73
N ILE OA 147 -21.04 -72.17 -6.53
CA ILE OA 147 -21.55 -70.79 -6.59
C ILE OA 147 -20.93 -69.93 -5.47
N LYS OA 148 -20.85 -70.48 -4.27
CA LYS OA 148 -20.21 -69.78 -3.13
C LYS OA 148 -18.74 -69.43 -3.42
N ARG OA 149 -18.03 -70.38 -4.02
CA ARG OA 149 -16.60 -70.21 -4.34
C ARG OA 149 -16.38 -69.14 -5.42
N PHE OA 150 -17.31 -69.05 -6.34
CA PHE OA 150 -17.26 -68.09 -7.46
C PHE OA 150 -17.48 -66.67 -6.94
N LEU OA 151 -18.43 -66.57 -6.02
CA LEU OA 151 -18.75 -65.31 -5.34
C LEU OA 151 -17.63 -64.85 -4.41
N LYS OA 152 -17.06 -65.82 -3.70
CA LYS OA 152 -15.95 -65.55 -2.76
C LYS OA 152 -14.76 -64.89 -3.46
N ASN OA 153 -14.39 -65.46 -4.60
CA ASN OA 153 -13.17 -65.05 -5.31
C ASN OA 153 -13.36 -63.92 -6.32
N SER OA 154 -14.60 -63.47 -6.44
CA SER OA 154 -14.90 -62.30 -7.29
C SER OA 154 -14.76 -60.98 -6.53
N PHE OA 155 -14.82 -61.08 -5.21
CA PHE OA 155 -14.97 -59.91 -4.34
C PHE OA 155 -13.89 -59.85 -3.26
N ALA OA 156 -13.47 -58.62 -2.98
CA ALA OA 156 -12.42 -58.33 -1.99
C ALA OA 156 -12.83 -58.70 -0.56
N ASP OA 157 -11.92 -59.43 0.07
CA ASP OA 157 -11.98 -59.80 1.49
C ASP OA 157 -13.30 -60.50 1.87
N VAL OA 158 -13.68 -61.56 1.14
CA VAL OA 158 -14.88 -62.35 1.49
C VAL OA 158 -14.46 -63.75 1.94
N ASP OA 159 -15.13 -64.20 3.00
CA ASP OA 159 -15.01 -65.59 3.45
C ASP OA 159 -16.33 -66.33 3.20
N TYR OA 160 -16.21 -67.65 3.05
CA TYR OA 160 -17.36 -68.54 2.79
C TYR OA 160 -18.50 -68.44 3.81
N ASP OA 161 -18.09 -68.28 5.08
CA ASP OA 161 -19.05 -68.20 6.19
C ASP OA 161 -19.96 -66.96 6.11
N ASN OA 162 -19.51 -65.97 5.37
CA ASN OA 162 -20.24 -64.69 5.17
C ASN OA 162 -20.86 -64.61 3.78
N ILE OA 163 -21.17 -65.71 3.20
CA ILE OA 163 -21.90 -65.77 1.92
C ILE OA 163 -23.15 -66.63 2.12
N SER OA 164 -24.28 -66.04 1.79
CA SER OA 164 -25.56 -66.78 1.75
C SER OA 164 -25.97 -67.02 0.30
N VAL OA 165 -26.13 -68.29 -0.03
CA VAL OA 165 -26.62 -68.70 -1.35
C VAL OA 165 -27.93 -69.47 -1.16
N VAL OA 166 -28.99 -68.87 -1.65
CA VAL OA 166 -30.34 -69.47 -1.60
C VAL OA 166 -30.78 -69.76 -3.04
N LEU OA 167 -31.18 -71.00 -3.25
CA LEU OA 167 -31.70 -71.45 -4.55
C LEU OA 167 -33.18 -71.84 -4.42
N SER OA 168 -33.99 -71.22 -5.25
CA SER OA 168 -35.45 -71.47 -5.27
C SER OA 168 -35.95 -71.77 -6.69
N GLU OA 169 -36.73 -72.84 -6.80
CA GLU OA 169 -37.34 -73.26 -8.09
C GLU OA 169 -38.38 -72.22 -8.40
N ARG OA 170 -38.44 -71.89 -9.67
CA ARG OA 170 -39.55 -71.05 -10.15
C ARG OA 170 -40.94 -71.66 -9.84
N LYS PA 1 33.54 74.75 -28.43
CA LYS PA 1 33.64 73.32 -28.10
C LYS PA 1 32.69 72.93 -26.96
N ASP PA 2 31.97 71.83 -27.17
CA ASP PA 2 31.04 71.32 -26.14
C ASP PA 2 31.85 70.77 -24.96
N LEU PA 3 31.38 71.12 -23.78
CA LEU PA 3 31.83 70.51 -22.51
C LEU PA 3 31.00 69.29 -22.16
N LEU PA 4 29.78 69.54 -21.68
CA LEU PA 4 28.82 68.49 -21.32
C LEU PA 4 27.39 68.87 -21.73
N LYS PA 5 26.64 67.84 -22.05
CA LYS PA 5 25.19 67.94 -22.34
C LYS PA 5 24.41 67.15 -21.28
N GLY PA 6 23.09 67.40 -21.26
CA GLY PA 6 22.14 66.69 -20.38
C GLY PA 6 22.39 66.94 -18.89
N LEU PA 7 22.87 68.15 -18.60
CA LEU PA 7 23.10 68.59 -17.21
C LEU PA 7 21.80 69.06 -16.58
N ASP PA 8 21.68 68.81 -15.29
CA ASP PA 8 20.59 69.43 -14.48
C ASP PA 8 20.90 70.94 -14.40
N GLN PA 9 19.87 71.74 -14.12
CA GLN PA 9 20.00 73.19 -13.91
C GLN PA 9 21.03 73.55 -12.83
N GLU PA 10 21.06 72.78 -11.74
CA GLU PA 10 21.99 73.04 -10.62
C GLU PA 10 23.44 72.74 -11.00
N GLN PA 11 23.66 71.60 -11.64
CA GLN PA 11 25.00 71.18 -12.07
C GLN PA 11 25.55 72.13 -13.13
N ALA PA 12 24.68 72.50 -14.07
CA ALA PA 12 25.03 73.47 -15.12
C ALA PA 12 25.30 74.86 -14.56
N ASN PA 13 24.49 75.31 -13.59
CA ASN PA 13 24.69 76.61 -12.94
C ASN PA 13 25.98 76.70 -12.12
N GLU PA 14 26.29 75.62 -11.42
CA GLU PA 14 27.51 75.59 -10.59
C GLU PA 14 28.78 75.57 -11.44
N VAL PA 15 28.75 74.79 -12.53
CA VAL PA 15 29.86 74.72 -13.50
C VAL PA 15 30.01 76.04 -14.28
N ILE PA 16 28.90 76.64 -14.67
CA ILE PA 16 28.93 77.90 -15.44
C ILE PA 16 29.52 79.03 -14.58
N ALA PA 17 29.09 79.07 -13.32
CA ALA PA 17 29.50 80.11 -12.36
C ALA PA 17 30.99 79.96 -12.01
N VAL PA 18 31.42 78.71 -11.82
CA VAL PA 18 32.83 78.39 -11.55
C VAL PA 18 33.71 78.81 -12.74
N LEU PA 19 33.26 78.54 -13.95
CA LEU PA 19 34.05 78.90 -15.14
C LEU PA 19 34.12 80.41 -15.38
N GLN PA 20 32.98 81.06 -15.19
CA GLN PA 20 32.87 82.53 -15.34
C GLN PA 20 33.73 83.27 -14.30
N MET PA 21 33.77 82.73 -13.08
CA MET PA 21 34.59 83.31 -12.00
C MET PA 21 36.10 83.16 -12.24
N HIS PA 22 36.46 82.22 -13.12
CA HIS PA 22 37.86 81.99 -13.52
C HIS PA 22 38.18 82.54 -14.91
N ASN PA 23 37.39 83.53 -15.34
CA ASN PA 23 37.61 84.23 -16.64
C ASN PA 23 37.55 83.26 -17.85
N ILE PA 24 36.66 82.28 -17.78
CA ILE PA 24 36.44 81.37 -18.92
C ILE PA 24 35.12 81.75 -19.57
N GLU PA 25 35.20 81.99 -20.86
CA GLU PA 25 34.02 82.32 -21.68
C GLU PA 25 33.21 81.05 -21.96
N ALA PA 26 32.18 80.86 -21.16
CA ALA PA 26 31.28 79.70 -21.29
C ALA PA 26 29.87 80.17 -21.62
N ASN PA 27 29.22 79.38 -22.47
CA ASN PA 27 27.82 79.62 -22.87
C ASN PA 27 26.97 78.38 -22.56
N LYS PA 28 25.70 78.62 -22.33
CA LYS PA 28 24.75 77.55 -22.00
C LYS PA 28 23.52 77.59 -22.91
N ILE PA 29 23.09 76.40 -23.26
CA ILE PA 29 21.87 76.19 -24.07
C ILE PA 29 21.00 75.13 -23.38
N ASP PA 30 19.69 75.34 -23.42
CA ASP PA 30 18.73 74.36 -22.91
C ASP PA 30 18.17 73.55 -24.08
N SER PA 31 18.14 72.24 -23.91
CA SER PA 31 17.52 71.35 -24.90
C SER PA 31 16.00 71.26 -24.68
N GLY PA 32 15.37 70.38 -25.46
CA GLY PA 32 13.89 70.18 -25.43
C GLY PA 32 13.39 69.64 -24.07
N LYS PA 33 14.24 68.84 -23.42
CA LYS PA 33 13.90 68.18 -22.16
C LYS PA 33 14.09 69.06 -20.92
N LEU PA 34 14.63 70.27 -21.10
CA LEU PA 34 14.99 71.21 -20.01
C LEU PA 34 16.42 70.93 -19.48
N GLY PA 35 17.12 69.95 -20.08
CA GLY PA 35 18.55 69.68 -19.79
C GLY PA 35 19.48 70.71 -20.43
N TYR PA 36 20.62 70.93 -19.85
CA TYR PA 36 21.53 72.04 -20.23
C TYR PA 36 22.83 71.53 -20.82
N SER PA 37 23.33 72.28 -21.77
CA SER PA 37 24.63 72.03 -22.40
C SER PA 37 25.51 73.25 -22.19
N ILE PA 38 26.74 72.98 -21.81
CA ILE PA 38 27.76 74.02 -21.61
C ILE PA 38 28.85 73.89 -22.68
N THR PA 39 29.26 75.03 -23.20
CA THR PA 39 30.27 75.11 -24.26
C THR PA 39 31.24 76.25 -23.95
N VAL PA 40 32.46 76.11 -24.38
CA VAL PA 40 33.51 77.14 -24.21
C VAL PA 40 34.21 77.38 -25.55
N ALA PA 41 34.85 78.54 -25.68
CA ALA PA 41 35.72 78.79 -26.83
C ALA PA 41 36.82 77.72 -26.84
N GLU PA 42 37.20 77.25 -28.03
CA GLU PA 42 38.31 76.28 -28.18
C GLU PA 42 39.62 76.69 -27.45
N PRO PA 43 40.00 77.99 -27.43
CA PRO PA 43 41.21 78.46 -26.75
C PRO PA 43 41.15 78.32 -25.21
N ASP PA 44 39.92 78.18 -24.67
CA ASP PA 44 39.74 78.02 -23.22
C ASP PA 44 39.37 76.58 -22.81
N PHE PA 45 39.37 75.66 -23.79
CA PHE PA 45 38.92 74.29 -23.55
C PHE PA 45 39.77 73.54 -22.50
N THR PA 46 41.08 73.61 -22.67
CA THR PA 46 42.04 72.92 -21.77
C THR PA 46 41.95 73.47 -20.34
N ALA PA 47 41.92 74.80 -20.24
CA ALA PA 47 41.77 75.47 -18.93
C ALA PA 47 40.45 75.04 -18.28
N ALA PA 48 39.37 75.10 -19.05
CA ALA PA 48 38.00 74.79 -18.59
C ALA PA 48 37.87 73.38 -18.01
N VAL PA 49 38.49 72.42 -18.70
CA VAL PA 49 38.52 71.01 -18.26
C VAL PA 49 39.33 70.84 -16.96
N TYR PA 50 40.41 71.61 -16.85
CA TYR PA 50 41.30 71.58 -15.68
C TYR PA 50 40.57 72.10 -14.44
N TRP PA 51 39.90 73.24 -14.64
CA TRP PA 51 39.09 73.84 -13.55
C TRP PA 51 37.95 72.90 -13.18
N ILE PA 52 37.22 72.38 -14.09
CA ILE PA 52 36.08 71.47 -13.80
C ILE PA 52 36.53 70.19 -13.03
N LYS PA 53 37.64 69.63 -13.47
CA LYS PA 53 38.22 68.41 -12.87
C LYS PA 53 38.71 68.67 -11.44
N THR PA 54 39.33 69.83 -11.26
CA THR PA 54 39.86 70.26 -9.95
C THR PA 54 38.74 70.47 -8.90
N TYR PA 55 37.53 70.77 -9.39
CA TYR PA 55 36.37 71.01 -8.53
C TYR PA 55 35.35 69.88 -8.53
N GLN PA 56 35.77 68.68 -8.97
CA GLN PA 56 34.93 67.46 -8.95
C GLN PA 56 33.72 67.52 -9.91
N LEU PA 57 33.87 68.25 -10.99
CA LEU PA 57 32.80 68.35 -12.00
C LEU PA 57 33.19 67.65 -13.31
N PRO PA 58 32.23 66.95 -13.91
CA PRO PA 58 30.87 66.71 -13.37
C PRO PA 58 30.90 65.64 -12.27
N PRO PA 59 30.03 65.77 -11.26
CA PRO PA 59 29.87 64.80 -10.16
C PRO PA 59 29.63 63.41 -10.72
N ARG PA 60 30.40 62.48 -10.18
CA ARG PA 60 30.31 61.05 -10.53
C ARG PA 60 29.06 60.40 -9.93
N PRO PA 61 28.51 59.43 -10.65
CA PRO PA 61 27.49 58.51 -10.11
C PRO PA 61 28.22 57.36 -9.38
N ARG PA 62 27.75 57.08 -8.18
CA ARG PA 62 28.25 55.95 -7.37
C ARG PA 62 27.14 54.91 -7.21
N VAL PA 63 27.52 53.70 -6.84
CA VAL PA 63 26.56 52.59 -6.66
C VAL PA 63 25.33 53.04 -5.86
N GLU PA 64 24.18 52.66 -6.37
CA GLU PA 64 22.91 52.92 -5.68
C GLU PA 64 22.49 51.61 -5.03
N ILE PA 65 22.22 51.70 -3.74
CA ILE PA 65 21.76 50.54 -2.94
C ILE PA 65 20.49 49.93 -3.56
N ALA PA 66 19.66 50.72 -4.17
CA ALA PA 66 18.41 50.25 -4.79
C ALA PA 66 18.65 49.38 -6.04
N GLN PA 67 19.74 49.67 -6.74
CA GLN PA 67 20.17 48.90 -7.92
C GLN PA 67 20.85 47.57 -7.53
N MET PA 68 20.25 46.89 -6.56
CA MET PA 68 20.73 45.59 -6.05
C MET PA 68 20.31 44.38 -6.88
N PHE PA 69 19.46 44.62 -7.88
CA PHE PA 69 18.95 43.54 -8.76
C PHE PA 69 20.07 42.63 -9.32
N PRO PA 70 21.22 43.19 -9.75
CA PRO PA 70 22.37 42.40 -10.24
C PRO PA 70 22.98 41.44 -9.20
N ALA PA 71 22.75 41.70 -7.92
CA ALA PA 71 23.43 40.96 -6.84
C ALA PA 71 22.60 39.82 -6.25
N ASP PA 72 21.27 40.00 -6.20
CA ASP PA 72 20.33 39.02 -5.64
C ASP PA 72 18.94 39.26 -6.22
N SER PA 73 18.15 38.22 -6.24
CA SER PA 73 16.84 38.24 -6.93
C SER PA 73 15.68 38.42 -5.96
N LEU PA 74 15.90 38.11 -4.67
CA LEU PA 74 14.90 38.18 -3.60
C LEU PA 74 15.59 38.25 -2.23
N VAL PA 75 14.91 38.90 -1.30
CA VAL PA 75 15.43 39.12 0.06
C VAL PA 75 14.36 38.69 1.07
N SER PA 76 14.66 37.62 1.78
CA SER PA 76 13.75 37.08 2.80
C SER PA 76 14.29 37.26 4.22
N SER PA 77 15.58 37.60 4.31
CA SER PA 77 16.19 37.81 5.65
C SER PA 77 17.16 39.02 5.73
N PRO PA 78 18.51 38.76 6.23
CA PRO PA 78 19.12 39.73 7.08
C PRO PA 78 20.13 40.73 6.46
N ARG PA 79 21.09 40.28 5.65
CA ARG PA 79 22.21 41.16 5.23
C ARG PA 79 21.77 42.37 4.39
N ALA PA 80 20.90 42.09 3.41
CA ALA PA 80 20.37 43.13 2.52
C ALA PA 80 19.40 44.09 3.23
N GLU PA 81 18.60 43.52 4.14
CA GLU PA 81 17.64 44.28 4.94
C GLU PA 81 18.36 45.27 5.87
N LYS PA 82 19.44 44.79 6.48
CA LYS PA 82 20.26 45.59 7.40
C LYS PA 82 21.00 46.73 6.69
N ALA PA 83 21.40 46.48 5.44
CA ALA PA 83 22.05 47.50 4.59
C ALA PA 83 21.08 48.65 4.27
N ARG PA 84 19.83 48.30 4.02
CA ARG PA 84 18.76 49.28 3.73
C ARG PA 84 18.34 50.07 4.97
N LEU PA 85 18.29 49.38 6.11
CA LEU PA 85 18.03 50.02 7.41
C LEU PA 85 19.12 51.02 7.78
N TYR PA 86 20.36 50.62 7.49
CA TYR PA 86 21.55 51.48 7.71
C TYR PA 86 21.57 52.70 6.80
N SER PA 87 21.17 52.47 5.55
CA SER PA 87 21.09 53.53 4.54
C SER PA 87 20.02 54.58 4.89
N ALA PA 88 18.89 54.07 5.38
CA ALA PA 88 17.77 54.92 5.85
C ALA PA 88 18.21 55.81 7.01
N ILE PA 89 19.02 55.25 7.91
CA ILE PA 89 19.54 55.98 9.08
C ILE PA 89 20.56 57.05 8.66
N GLU PA 90 21.45 56.67 7.75
CA GLU PA 90 22.46 57.61 7.21
C GLU PA 90 21.79 58.82 6.55
N GLN PA 91 20.72 58.55 5.81
CA GLN PA 91 19.91 59.58 5.15
C GLN PA 91 19.14 60.45 6.15
N ARG PA 92 18.64 59.83 7.21
CA ARG PA 92 17.93 60.54 8.29
C ARG PA 92 18.86 61.51 9.04
N LEU PA 93 20.09 61.08 9.23
CA LEU PA 93 21.14 61.88 9.87
C LEU PA 93 21.61 63.05 9.02
N GLU PA 94 21.81 62.74 7.75
CA GLU PA 94 22.15 63.75 6.74
C GLU PA 94 21.04 64.81 6.62
N GLN PA 95 19.78 64.35 6.67
CA GLN PA 95 18.63 65.26 6.59
C GLN PA 95 18.57 66.21 7.80
N SER PA 96 18.85 65.64 8.98
CA SER PA 96 18.86 66.40 10.25
C SER PA 96 20.00 67.42 10.30
N LEU PA 97 21.22 66.96 10.03
CA LEU PA 97 22.41 67.83 10.03
C LEU PA 97 22.35 68.95 8.99
N GLN PA 98 21.70 68.66 7.87
CA GLN PA 98 21.53 69.63 6.77
C GLN PA 98 20.70 70.86 7.15
N THR PA 99 19.93 70.75 8.23
CA THR PA 99 19.11 71.87 8.73
C THR PA 99 19.92 72.90 9.52
N MET PA 100 21.09 72.49 10.02
CA MET PA 100 22.02 73.41 10.71
C MET PA 100 22.47 74.48 9.72
N GLU PA 101 22.24 75.74 10.12
CA GLU PA 101 22.62 76.91 9.31
C GLU PA 101 24.13 76.89 9.03
N GLY PA 102 24.47 76.98 7.74
CA GLY PA 102 25.87 76.93 7.30
C GLY PA 102 26.23 75.65 6.55
N VAL PA 103 25.54 74.56 6.84
CA VAL PA 103 25.73 73.27 6.14
C VAL PA 103 25.17 73.38 4.72
N LEU PA 104 26.02 73.04 3.77
CA LEU PA 104 25.63 73.01 2.35
C LEU PA 104 25.65 71.59 1.74
N SER PA 105 26.27 70.66 2.46
CA SER PA 105 26.32 69.23 2.08
C SER PA 105 26.92 68.43 3.24
N ALA PA 106 26.52 67.18 3.26
CA ALA PA 106 26.83 66.24 4.35
C ALA PA 106 26.77 64.80 3.86
N ARG PA 107 27.72 64.02 4.33
CA ARG PA 107 27.77 62.58 4.09
C ARG PA 107 27.98 61.84 5.41
N VAL PA 108 27.19 60.81 5.60
CA VAL PA 108 27.28 59.93 6.78
C VAL PA 108 27.44 58.49 6.32
N HIS PA 109 28.46 57.86 6.87
CA HIS PA 109 28.71 56.43 6.67
C HIS PA 109 28.74 55.74 8.04
N ILE PA 110 27.79 54.86 8.25
CA ILE PA 110 27.62 54.18 9.53
C ILE PA 110 28.12 52.73 9.46
N SER PA 111 28.70 52.31 10.57
CA SER PA 111 29.09 50.91 10.82
C SER PA 111 28.42 50.36 12.08
N TYR PA 112 27.64 49.32 11.89
CA TYR PA 112 26.89 48.61 12.96
C TYR PA 112 26.76 47.16 12.54
N ASP PA 113 27.59 46.33 13.06
CA ASP PA 113 27.51 44.90 12.74
C ASP PA 113 27.40 44.02 13.96
N ILE PA 114 26.63 43.01 13.94
CA ILE PA 114 26.55 42.04 15.04
C ILE PA 114 27.14 40.72 14.56
N ASP PA 115 28.32 40.39 14.99
CA ASP PA 115 29.05 39.21 14.50
C ASP PA 115 29.13 38.10 15.54
N ALA PA 116 29.15 36.90 15.19
CA ALA PA 116 29.43 35.71 16.04
C ALA PA 116 30.78 35.10 15.68
N GLY PA 117 31.76 35.40 16.52
CA GLY PA 117 33.17 34.94 16.35
C GLY PA 117 33.21 33.43 16.38
N GLU PA 118 32.55 32.81 17.26
CA GLU PA 118 32.45 31.34 17.59
C GLU PA 118 31.43 31.12 18.70
N ASN PA 119 31.21 29.88 19.10
CA ASN PA 119 30.30 29.54 20.21
C ASN PA 119 30.71 30.27 21.50
N GLY PA 120 29.73 31.02 22.01
CA GLY PA 120 29.88 31.85 23.22
C GLY PA 120 30.81 33.06 23.06
N ARG PA 121 30.85 33.63 21.86
CA ARG PA 121 31.67 34.83 21.56
C ARG PA 121 30.99 35.77 20.55
N PRO PA 122 30.20 36.71 21.04
CA PRO PA 122 29.55 37.76 20.22
C PRO PA 122 30.30 39.10 20.25
N PRO PA 123 30.76 39.57 19.12
CA PRO PA 123 31.24 40.96 18.95
C PRO PA 123 30.21 41.92 18.34
N LYS PA 124 30.35 43.18 18.73
CA LYS PA 124 29.58 44.33 18.22
C LYS PA 124 30.50 45.46 17.71
N PRO PA 125 30.56 45.70 16.45
CA PRO PA 125 31.24 46.85 15.80
C PRO PA 125 30.32 48.04 15.63
N VAL PA 126 30.83 49.12 16.15
CA VAL PA 126 30.16 50.42 16.09
C VAL PA 126 31.16 51.44 15.57
N HIS PA 127 30.62 52.42 14.85
CA HIS PA 127 31.33 53.67 14.50
C HIS PA 127 30.54 54.44 13.45
N LEU PA 128 30.80 55.73 13.38
CA LEU PA 128 30.23 56.60 12.34
C LEU PA 128 31.29 57.58 11.81
N SER PA 129 31.21 57.81 10.50
CA SER PA 129 32.01 58.82 9.80
C SER PA 129 31.11 59.90 9.20
N ALA PA 130 31.37 61.14 9.56
CA ALA PA 130 30.58 62.29 9.12
C ALA PA 130 31.45 63.39 8.52
N LEU PA 131 31.10 63.71 7.29
CA LEU PA 131 31.72 64.82 6.55
C LEU PA 131 30.66 65.88 6.28
N ALA PA 132 30.92 67.09 6.75
CA ALA PA 132 30.03 68.21 6.45
C ALA PA 132 30.79 69.36 5.80
N VAL PA 133 30.22 69.84 4.74
CA VAL PA 133 30.75 71.00 4.01
C VAL PA 133 29.95 72.23 4.44
N TYR PA 134 30.68 73.23 4.83
CA TYR PA 134 30.09 74.48 5.28
C TYR PA 134 30.28 75.57 4.24
N GLU PA 135 29.35 76.53 4.27
CA GLU PA 135 29.46 77.76 3.47
C GLU PA 135 30.77 78.46 3.79
N ARG PA 136 31.36 79.10 2.90
CA ARG PA 136 32.59 79.91 3.08
C ARG PA 136 32.51 80.99 4.20
N GLY PA 137 31.27 81.43 4.42
CA GLY PA 137 31.01 82.53 5.36
C GLY PA 137 30.52 82.09 6.74
N SER PA 138 30.56 80.78 7.01
CA SER PA 138 30.14 80.25 8.32
C SER PA 138 31.19 79.30 8.89
N PRO PA 139 31.67 79.58 10.11
CA PRO PA 139 32.56 78.69 10.87
C PRO PA 139 31.72 77.73 11.72
N LEU PA 140 31.75 76.45 11.35
CA LEU PA 140 31.00 75.42 12.09
C LEU PA 140 31.87 74.60 13.03
N ALA PA 141 33.11 75.06 13.24
CA ALA PA 141 34.09 74.36 14.09
C ALA PA 141 33.60 74.24 15.55
N HIS PA 142 32.95 75.31 16.03
CA HIS PA 142 32.35 75.32 17.38
C HIS PA 142 31.16 74.37 17.55
N GLN PA 143 30.60 73.92 16.43
CA GLN PA 143 29.43 73.02 16.43
C GLN PA 143 29.80 71.54 16.30
N ILE PA 144 31.08 71.21 16.36
CA ILE PA 144 31.56 69.83 16.16
C ILE PA 144 31.02 68.88 17.26
N SER PA 145 31.07 69.37 18.50
CA SER PA 145 30.63 68.61 19.68
C SER PA 145 29.11 68.36 19.64
N ASP PA 146 28.38 69.37 19.18
CA ASP PA 146 26.92 69.24 19.01
C ASP PA 146 26.55 68.24 17.91
N ILE PA 147 27.30 68.30 16.81
CA ILE PA 147 27.09 67.37 15.69
C ILE PA 147 27.40 65.92 16.14
N LYS PA 148 28.50 65.75 16.87
CA LYS PA 148 28.87 64.42 17.40
C LYS PA 148 27.79 63.84 18.33
N ARG PA 149 27.23 64.70 19.17
CA ARG PA 149 26.18 64.28 20.13
C ARG PA 149 24.88 63.88 19.41
N PHE PA 150 24.59 64.55 18.32
CA PHE PA 150 23.38 64.30 17.51
C PHE PA 150 23.48 62.96 16.80
N LEU PA 151 24.67 62.71 16.30
CA LEU PA 151 25.00 61.44 15.63
C LEU PA 151 25.03 60.27 16.61
N LYS PA 152 25.61 60.53 17.78
CA LYS PA 152 25.72 59.51 18.84
C LYS PA 152 24.35 58.96 19.24
N ASN PA 153 23.41 59.88 19.45
CA ASN PA 153 22.09 59.53 20.00
C ASN PA 153 21.04 59.17 18.94
N SER PA 154 21.44 59.24 17.69
CA SER PA 154 20.56 58.80 16.59
C SER PA 154 20.70 57.31 16.29
N PHE PA 155 21.82 56.75 16.72
CA PHE PA 155 22.23 55.41 16.31
C PHE PA 155 22.54 54.50 17.50
N ALA PA 156 22.18 53.23 17.32
CA ALA PA 156 22.35 52.19 18.33
C ALA PA 156 23.82 51.90 18.65
N ASP PA 157 24.08 51.90 19.96
CA ASP PA 157 25.36 51.52 20.56
C ASP PA 157 26.56 52.30 19.98
N VAL PA 158 26.49 53.64 19.96
CA VAL PA 158 27.62 54.47 19.50
C VAL PA 158 28.18 55.26 20.68
N ASP PA 159 29.51 55.31 20.72
CA ASP PA 159 30.23 56.18 21.65
C ASP PA 159 30.94 57.30 20.88
N TYR PA 160 31.15 58.41 21.57
CA TYR PA 160 31.80 59.61 21.00
C TYR PA 160 33.16 59.36 20.38
N ASP PA 161 33.94 58.48 21.04
CA ASP PA 161 35.30 58.15 20.60
C ASP PA 161 35.32 57.45 19.23
N ASN PA 162 34.19 56.88 18.85
CA ASN PA 162 34.04 56.17 17.56
C ASN PA 162 33.22 56.97 16.57
N ILE PA 163 33.23 58.26 16.68
CA ILE PA 163 32.60 59.16 15.70
C ILE PA 163 33.65 60.13 15.19
N SER PA 164 33.79 60.17 13.88
CA SER PA 164 34.64 61.16 13.21
C SER PA 164 33.76 62.20 12.53
N VAL PA 165 33.96 63.45 12.92
CA VAL PA 165 33.27 64.60 12.30
C VAL PA 165 34.33 65.52 11.69
N VAL PA 166 34.31 65.60 10.37
CA VAL PA 166 35.21 66.47 9.61
C VAL PA 166 34.37 67.55 8.93
N LEU PA 167 34.78 68.78 9.16
CA LEU PA 167 34.14 69.95 8.53
C LEU PA 167 35.12 70.63 7.58
N SER PA 168 34.68 70.80 6.35
CA SER PA 168 35.49 71.46 5.29
C SER PA 168 34.69 72.55 4.58
N GLU PA 169 35.33 73.72 4.45
CA GLU PA 169 34.73 74.88 3.75
C GLU PA 169 34.70 74.51 2.30
N ARG PA 170 33.61 74.88 1.67
CA ARG PA 170 33.55 74.77 0.20
C ARG PA 170 34.69 75.53 -0.51
N LYS QA 1 -77.38 31.86 22.67
CA LYS QA 1 -75.90 31.87 22.70
C LYS QA 1 -75.34 30.45 22.53
N ASP QA 2 -74.34 30.34 21.66
CA ASP QA 2 -73.66 29.05 21.43
C ASP QA 2 -72.84 28.68 22.67
N LEU QA 3 -72.95 27.41 23.03
CA LEU QA 3 -72.09 26.78 24.02
C LEU QA 3 -70.84 26.17 23.36
N LEU QA 4 -71.05 25.03 22.70
CA LEU QA 4 -70.00 24.31 21.97
C LEU QA 4 -70.52 23.73 20.66
N LYS QA 5 -69.62 23.68 19.70
CA LYS QA 5 -69.84 23.03 18.39
C LYS QA 5 -68.88 21.83 18.25
N GLY QA 6 -69.19 21.00 17.24
CA GLY QA 6 -68.36 19.84 16.87
C GLY QA 6 -68.28 18.78 17.97
N LEU QA 7 -69.37 18.67 18.73
CA LEU QA 7 -69.49 17.65 19.78
C LEU QA 7 -69.89 16.30 19.19
N ASP QA 8 -69.39 15.24 19.79
CA ASP QA 8 -69.86 13.88 19.49
C ASP QA 8 -71.30 13.78 20.03
N GLN QA 9 -72.08 12.82 19.49
CA GLN QA 9 -73.44 12.54 19.95
C GLN QA 9 -73.51 12.25 21.46
N GLU QA 10 -72.52 11.52 21.98
CA GLU QA 10 -72.51 11.15 23.42
C GLU QA 10 -72.24 12.36 24.32
N GLN QA 11 -71.24 13.16 23.93
CA GLN QA 11 -70.85 14.35 24.70
C GLN QA 11 -71.97 15.39 24.67
N ALA QA 12 -72.58 15.56 23.51
CA ALA QA 12 -73.74 16.46 23.32
C ALA QA 12 -74.96 15.98 24.10
N ASN QA 13 -75.23 14.67 24.08
CA ASN QA 13 -76.36 14.10 24.83
C ASN QA 13 -76.21 14.21 26.34
N GLU QA 14 -74.99 13.99 26.82
CA GLU QA 14 -74.72 14.07 28.27
C GLU QA 14 -74.83 15.51 28.79
N VAL QA 15 -74.29 16.45 28.02
CA VAL QA 15 -74.38 17.89 28.33
C VAL QA 15 -75.82 18.42 28.22
N ILE QA 16 -76.55 17.97 27.20
CA ILE QA 16 -77.93 18.42 27.00
C ILE QA 16 -78.84 17.93 28.15
N ALA QA 17 -78.63 16.68 28.53
CA ALA QA 17 -79.42 16.02 29.59
C ALA QA 17 -79.13 16.64 30.95
N VAL QA 18 -77.85 16.93 31.20
CA VAL QA 18 -77.41 17.61 32.43
C VAL QA 18 -78.04 19.02 32.53
N LEU QA 19 -78.04 19.75 31.41
CA LEU QA 19 -78.61 21.10 31.43
C LEU QA 19 -80.13 21.12 31.58
N GLN QA 20 -80.78 20.19 30.89
CA GLN QA 20 -82.25 20.04 30.96
C GLN QA 20 -82.71 19.63 32.36
N MET QA 21 -81.93 18.78 33.01
CA MET QA 21 -82.23 18.32 34.39
C MET QA 21 -82.06 19.44 35.44
N HIS QA 22 -81.31 20.48 35.06
CA HIS QA 22 -81.10 21.67 35.92
C HIS QA 22 -81.92 22.88 35.46
N ASN QA 23 -83.01 22.61 34.73
CA ASN QA 23 -83.95 23.66 34.28
C ASN QA 23 -83.26 24.71 33.38
N ILE QA 24 -82.35 24.27 32.54
CA ILE QA 24 -81.70 25.16 31.57
C ILE QA 24 -82.27 24.83 30.19
N GLU QA 25 -82.78 25.87 29.54
CA GLU QA 25 -83.34 25.76 28.19
C GLU QA 25 -82.18 25.67 27.18
N ALA QA 26 -81.88 24.46 26.77
CA ALA QA 26 -80.81 24.18 25.79
C ALA QA 26 -81.42 23.53 24.54
N ASN QA 27 -80.86 23.92 23.40
CA ASN QA 27 -81.23 23.37 22.10
C ASN QA 27 -80.00 22.80 21.39
N LYS QA 28 -80.24 21.83 20.55
CA LYS QA 28 -79.18 21.15 19.80
C LYS QA 28 -79.46 21.12 18.30
N ILE QA 29 -78.39 21.32 17.56
CA ILE QA 29 -78.43 21.24 16.08
C ILE QA 29 -77.29 20.34 15.60
N ASP QA 30 -77.56 19.57 14.58
CA ASP QA 30 -76.53 18.71 13.95
C ASP QA 30 -76.02 19.42 12.68
N SER QA 31 -74.71 19.45 12.55
CA SER QA 31 -74.07 19.98 11.32
C SER QA 31 -74.01 18.91 10.22
N GLY QA 32 -73.35 19.28 9.12
CA GLY QA 32 -73.22 18.40 7.94
C GLY QA 32 -72.44 17.10 8.22
N LYS QA 33 -71.47 17.22 9.14
CA LYS QA 33 -70.57 16.11 9.49
C LYS QA 33 -71.17 15.12 10.51
N LEU QA 34 -72.36 15.42 11.03
CA LEU QA 34 -73.03 14.63 12.10
C LEU QA 34 -72.58 15.11 13.50
N GLY QA 35 -71.71 16.14 13.57
CA GLY QA 35 -71.33 16.80 14.83
C GLY QA 35 -72.42 17.72 15.37
N TYR QA 36 -72.46 17.92 16.66
CA TYR QA 36 -73.58 18.59 17.34
C TYR QA 36 -73.14 19.92 17.96
N SER QA 37 -74.04 20.85 17.93
CA SER QA 37 -73.88 22.17 18.58
C SER QA 37 -74.98 22.36 19.60
N ILE QA 38 -74.58 22.83 20.76
CA ILE QA 38 -75.51 23.14 21.86
C ILE QA 38 -75.55 24.64 22.09
N THR QA 39 -76.75 25.14 22.30
CA THR QA 39 -77.01 26.58 22.52
C THR QA 39 -78.01 26.74 23.65
N VAL QA 40 -77.90 27.84 24.37
CA VAL QA 40 -78.82 28.19 25.46
C VAL QA 40 -79.32 29.62 25.29
N ALA QA 41 -80.43 29.94 25.93
CA ALA QA 41 -80.89 31.34 25.99
C ALA QA 41 -79.79 32.16 26.70
N GLU QA 42 -79.56 33.39 26.23
CA GLU QA 42 -78.59 34.31 26.88
C GLU QA 42 -78.78 34.45 28.41
N PRO QA 43 -80.03 34.49 28.94
CA PRO QA 43 -80.29 34.60 30.39
C PRO QA 43 -79.83 33.37 31.19
N ASP QA 44 -79.64 32.24 30.51
CA ASP QA 44 -79.17 31.00 31.16
C ASP QA 44 -77.71 30.67 30.87
N PHE QA 45 -77.02 31.57 30.16
CA PHE QA 45 -75.64 31.29 29.71
C PHE QA 45 -74.67 31.08 30.88
N THR QA 46 -74.70 31.99 31.84
CA THR QA 46 -73.79 31.96 33.01
C THR QA 46 -74.03 30.69 33.85
N ALA QA 47 -75.31 30.40 34.12
CA ALA QA 47 -75.68 29.19 34.86
C ALA QA 47 -75.20 27.94 34.10
N ALA QA 48 -75.46 27.91 32.80
CA ALA QA 48 -75.14 26.76 31.92
C ALA QA 48 -73.65 26.43 31.93
N VAL QA 49 -72.82 27.48 31.87
CA VAL QA 49 -71.36 27.34 31.91
C VAL QA 49 -70.88 26.83 33.29
N TYR QA 50 -71.55 27.28 34.33
CA TYR QA 50 -71.23 26.89 35.72
C TYR QA 50 -71.52 25.41 35.93
N TRP QA 51 -72.70 25.00 35.47
CA TRP QA 51 -73.09 23.58 35.55
C TRP QA 51 -72.16 22.74 34.69
N ILE QA 52 -71.87 23.10 33.50
CA ILE QA 52 -70.97 22.31 32.61
C ILE QA 52 -69.55 22.15 33.20
N LYS QA 53 -69.04 23.25 33.74
CA LYS QA 53 -67.69 23.28 34.35
C LYS QA 53 -67.62 22.41 35.62
N THR QA 54 -68.69 22.48 36.41
CA THR QA 54 -68.80 21.70 37.66
C THR QA 54 -68.84 20.18 37.40
N TYR QA 55 -69.29 19.80 36.19
CA TYR QA 55 -69.41 18.38 35.81
C TYR QA 55 -68.34 17.93 34.80
N GLN QA 56 -67.26 18.70 34.68
CA GLN QA 56 -66.09 18.36 33.83
C GLN QA 56 -66.41 18.38 32.32
N LEU QA 57 -67.35 19.23 31.92
CA LEU QA 57 -67.70 19.37 30.51
C LEU QA 57 -67.28 20.73 29.96
N PRO QA 58 -66.77 20.73 28.72
CA PRO QA 58 -66.49 19.53 27.90
C PRO QA 58 -65.21 18.82 28.40
N PRO QA 59 -65.16 17.49 28.29
CA PRO QA 59 -63.99 16.66 28.65
C PRO QA 59 -62.76 17.15 27.90
N ARG QA 60 -61.71 17.31 28.69
CA ARG QA 60 -60.40 17.74 28.18
C ARG QA 60 -59.69 16.62 27.41
N PRO QA 61 -58.92 16.99 26.39
CA PRO QA 61 -57.94 16.09 25.76
C PRO QA 61 -56.64 16.11 26.57
N ARG QA 62 -56.14 14.91 26.84
CA ARG QA 62 -54.84 14.73 27.52
C ARG QA 62 -53.85 14.10 26.55
N VAL QA 63 -52.57 14.21 26.87
CA VAL QA 63 -51.48 13.65 26.03
C VAL QA 63 -51.82 12.21 25.58
N GLU QA 64 -51.62 11.99 24.29
CA GLU QA 64 -51.78 10.65 23.73
C GLU QA 64 -50.39 10.06 23.55
N ILE QA 65 -50.22 8.88 24.09
CA ILE QA 65 -48.94 8.14 24.00
C ILE QA 65 -48.53 7.95 22.54
N ALA QA 66 -49.47 7.81 21.63
CA ALA QA 66 -49.20 7.63 20.20
C ALA QA 66 -48.60 8.87 19.53
N GLN QA 67 -48.98 10.05 20.05
CA GLN QA 67 -48.45 11.35 19.58
C GLN QA 67 -47.04 11.63 20.13
N MET QA 68 -46.20 10.60 20.10
CA MET QA 68 -44.81 10.66 20.57
C MET QA 68 -43.82 11.25 19.55
N PHE QA 69 -44.29 11.49 18.34
CA PHE QA 69 -43.46 12.03 17.25
C PHE QA 69 -42.63 13.27 17.66
N PRO QA 70 -43.21 14.21 18.43
CA PRO QA 70 -42.50 15.40 18.95
C PRO QA 70 -41.31 15.08 19.87
N ALA QA 71 -41.30 13.90 20.47
CA ALA QA 71 -40.32 13.56 21.52
C ALA QA 71 -39.12 12.75 21.00
N ASP QA 72 -39.35 11.90 20.00
CA ASP QA 72 -38.32 11.03 19.41
C ASP QA 72 -38.75 10.62 18.01
N SER QA 73 -37.76 10.32 17.18
CA SER QA 73 -37.99 10.07 15.76
C SER QA 73 -38.03 8.59 15.41
N LEU QA 74 -37.44 7.75 16.27
CA LEU QA 74 -37.33 6.29 16.10
C LEU QA 74 -37.09 5.61 17.46
N VAL QA 75 -37.54 4.37 17.56
CA VAL QA 75 -37.45 3.58 18.79
C VAL QA 75 -36.86 2.22 18.44
N SER QA 76 -35.66 1.99 18.93
CA SER QA 76 -34.96 0.72 18.69
C SER QA 76 -34.81 -0.12 19.97
N SER QA 77 -35.07 0.54 21.12
CA SER QA 77 -34.97 -0.18 22.41
C SER QA 77 -36.07 0.15 23.44
N PRO QA 78 -35.65 0.61 24.75
CA PRO QA 78 -36.40 0.17 25.90
C PRO QA 78 -37.44 1.12 26.52
N ARG QA 79 -37.14 2.39 26.74
CA ARG QA 79 -38.03 3.28 27.54
C ARG QA 79 -39.41 3.50 26.90
N ALA QA 80 -39.39 3.80 25.60
CA ALA QA 80 -40.62 4.04 24.83
C ALA QA 80 -41.45 2.76 24.61
N GLU QA 81 -40.74 1.65 24.40
CA GLU QA 81 -41.36 0.32 24.22
C GLU QA 81 -42.09 -0.12 25.49
N LYS QA 82 -41.45 0.12 26.63
CA LYS QA 82 -41.99 -0.23 27.96
C LYS QA 82 -43.22 0.62 28.32
N ALA QA 83 -43.22 1.88 27.88
CA ALA QA 83 -44.36 2.79 28.07
C ALA QA 83 -45.60 2.30 27.30
N ARG QA 84 -45.37 1.80 26.09
CA ARG QA 84 -46.43 1.25 25.22
C ARG QA 84 -46.97 -0.09 25.74
N LEU QA 85 -46.06 -0.92 26.25
CA LEU QA 85 -46.41 -2.19 26.89
C LEU QA 85 -47.26 -1.97 28.15
N TYR QA 86 -46.89 -0.95 28.91
CA TYR QA 86 -47.61 -0.54 30.12
C TYR QA 86 -48.99 0.02 29.81
N SER QA 87 -49.06 0.81 28.73
CA SER QA 87 -50.32 1.41 28.26
C SER QA 87 -51.30 0.34 27.78
N ALA QA 88 -50.76 -0.66 27.08
CA ALA QA 88 -51.54 -1.81 26.59
C ALA QA 88 -52.15 -2.60 27.76
N ILE QA 89 -51.38 -2.73 28.83
CA ILE QA 89 -51.82 -3.45 30.05
C ILE QA 89 -52.90 -2.66 30.78
N GLU QA 90 -52.68 -1.36 30.93
CA GLU QA 90 -53.66 -0.46 31.56
C GLU QA 90 -55.01 -0.52 30.85
N GLN QA 91 -54.96 -0.53 29.52
CA GLN QA 91 -56.15 -0.64 28.66
C GLN QA 91 -56.82 -2.02 28.76
N ARG QA 92 -56.01 -3.06 28.88
CA ARG QA 92 -56.51 -4.43 29.05
C ARG QA 92 -57.26 -4.61 30.37
N LEU QA 93 -56.73 -3.96 31.41
CA LEU QA 93 -57.34 -3.95 32.75
C LEU QA 93 -58.64 -3.17 32.81
N GLU QA 94 -58.59 -1.99 32.19
CA GLU QA 94 -59.79 -1.15 32.05
C GLU QA 94 -60.89 -1.86 31.27
N GLN QA 95 -60.49 -2.59 30.22
CA GLN QA 95 -61.45 -3.35 29.40
C GLN QA 95 -62.12 -4.47 30.21
N SER QA 96 -61.31 -5.14 31.01
CA SER QA 96 -61.77 -6.25 31.87
C SER QA 96 -62.70 -5.74 32.98
N LEU QA 97 -62.26 -4.74 33.73
CA LEU QA 97 -63.06 -4.16 34.82
C LEU QA 97 -64.37 -3.53 34.37
N GLN QA 98 -64.36 -2.99 33.15
CA GLN QA 98 -65.54 -2.37 32.54
C GLN QA 98 -66.70 -3.33 32.29
N THR QA 99 -66.41 -4.63 32.28
CA THR QA 99 -67.44 -5.67 32.09
C THR QA 99 -68.23 -5.95 33.37
N MET QA 100 -67.67 -5.60 34.52
CA MET QA 100 -68.37 -5.71 35.81
C MET QA 100 -69.62 -4.83 35.78
N GLU QA 101 -70.77 -5.44 36.03
CA GLU QA 101 -72.05 -4.74 36.06
C GLU QA 101 -72.02 -3.62 37.10
N GLY QA 102 -72.37 -2.42 36.64
CA GLY QA 102 -72.35 -1.22 37.51
C GLY QA 102 -71.25 -0.23 37.14
N VAL QA 103 -70.15 -0.72 36.58
CA VAL QA 103 -69.03 0.14 36.13
C VAL QA 103 -69.46 0.90 34.87
N LEU QA 104 -69.28 2.20 34.94
CA LEU QA 104 -69.57 3.10 33.81
C LEU QA 104 -68.32 3.79 33.25
N SER QA 105 -67.23 3.72 34.00
CA SER QA 105 -65.91 4.25 33.60
C SER QA 105 -64.86 3.81 34.61
N ALA QA 106 -63.65 3.72 34.09
CA ALA QA 106 -62.49 3.20 34.83
C ALA QA 106 -61.19 3.74 34.26
N ARG QA 107 -60.29 4.05 35.16
CA ARG QA 107 -58.92 4.48 34.83
C ARG QA 107 -57.91 3.67 35.63
N VAL QA 108 -56.90 3.18 34.94
CA VAL QA 108 -55.80 2.43 35.56
C VAL QA 108 -54.47 3.10 35.17
N HIS QA 109 -53.69 3.37 36.21
CA HIS QA 109 -52.32 3.87 36.07
C HIS QA 109 -51.36 2.90 36.77
N ILE QA 110 -50.51 2.30 35.98
CA ILE QA 110 -49.58 1.27 36.48
C ILE QA 110 -48.16 1.84 36.59
N SER QA 111 -47.49 1.37 37.63
CA SER QA 111 -46.05 1.60 37.86
C SER QA 111 -45.28 0.28 37.97
N TYR QA 112 -44.34 0.11 37.07
CA TYR QA 112 -43.45 -1.08 36.96
C TYR QA 112 -42.13 -0.61 36.37
N ASP QA 113 -41.17 -0.42 37.21
CA ASP QA 113 -39.85 -0.01 36.73
C ASP QA 113 -38.74 -0.92 37.20
N ILE QA 114 -37.79 -1.22 36.40
CA ILE QA 114 -36.61 -1.99 36.82
C ILE QA 114 -35.41 -1.07 36.79
N ASP QA 115 -34.93 -0.67 37.93
CA ASP QA 115 -33.84 0.32 38.04
C ASP QA 115 -32.55 -0.29 38.53
N ALA QA 116 -31.44 0.16 38.14
CA ALA QA 116 -30.08 -0.17 38.65
C ALA QA 116 -29.51 1.01 39.44
N GLY QA 117 -29.57 0.89 40.76
CA GLY QA 117 -29.10 1.93 41.71
C GLY QA 117 -27.60 2.15 41.51
N GLU QA 118 -26.85 1.13 41.40
CA GLU QA 118 -25.36 1.02 41.25
C GLU QA 118 -24.96 -0.42 41.04
N ASN QA 119 -23.67 -0.69 40.90
CA ASN QA 119 -23.14 -2.07 40.76
C ASN QA 119 -23.58 -2.95 41.95
N GLY QA 120 -24.25 -4.04 41.58
CA GLY QA 120 -24.79 -5.02 42.53
C GLY QA 120 -25.96 -4.51 43.38
N ARG QA 121 -26.77 -3.62 42.81
CA ARG QA 121 -27.97 -3.07 43.49
C ARG QA 121 -29.13 -2.80 42.53
N PRO QA 122 -29.98 -3.80 42.33
CA PRO QA 122 -31.20 -3.69 41.50
C PRO QA 122 -32.47 -3.45 42.34
N PRO QA 123 -33.14 -2.34 42.14
CA PRO QA 123 -34.52 -2.14 42.64
C PRO QA 123 -35.64 -2.39 41.63
N LYS QA 124 -36.77 -2.80 42.16
CA LYS QA 124 -38.05 -3.02 41.45
C LYS QA 124 -39.20 -2.22 42.08
N PRO QA 125 -39.70 -1.22 41.43
CA PRO QA 125 -40.93 -0.47 41.79
C PRO QA 125 -42.18 -1.04 41.15
N VAL QA 126 -43.09 -1.31 42.04
CA VAL QA 126 -44.40 -1.84 41.68
C VAL QA 126 -45.46 -0.99 42.34
N HIS QA 127 -46.59 -0.87 41.66
CA HIS QA 127 -47.86 -0.35 42.22
C HIS QA 127 -48.87 -0.11 41.11
N LEU QA 128 -50.14 -0.07 41.49
CA LEU QA 128 -51.23 0.28 40.58
C LEU QA 128 -52.24 1.20 41.28
N SER QA 129 -52.75 2.14 40.50
CA SER QA 129 -53.85 3.03 40.91
C SER QA 129 -55.07 2.82 40.01
N ALA QA 130 -56.19 2.52 40.63
CA ALA QA 130 -57.45 2.21 39.93
C ALA QA 130 -58.60 3.07 40.45
N LEU QA 131 -59.20 3.79 39.53
CA LEU QA 131 -60.42 4.57 39.78
C LEU QA 131 -61.55 4.01 38.95
N ALA QA 132 -62.61 3.63 39.62
CA ALA QA 132 -63.82 3.17 38.92
C ALA QA 132 -65.04 3.97 39.33
N VAL QA 133 -65.76 4.41 38.35
CA VAL QA 133 -67.02 5.14 38.54
C VAL QA 133 -68.17 4.15 38.35
N TYR QA 134 -69.03 4.14 39.32
CA TYR QA 134 -70.19 3.24 39.31
C TYR QA 134 -71.46 4.03 39.03
N GLU QA 135 -72.43 3.32 38.47
CA GLU QA 135 -73.79 3.84 38.30
C GLU QA 135 -74.35 4.26 39.64
N ARG QA 136 -75.13 5.24 39.72
CA ARG QA 136 -75.83 5.71 40.94
C ARG QA 136 -76.65 4.62 41.69
N GLY QA 137 -77.09 3.65 40.90
CA GLY QA 137 -77.99 2.60 41.41
C GLY QA 137 -77.29 1.27 41.74
N SER QA 138 -75.95 1.27 41.71
CA SER QA 138 -75.17 0.07 42.05
C SER QA 138 -74.07 0.37 43.07
N PRO QA 139 -74.07 -0.33 44.20
CA PRO QA 139 -73.00 -0.28 45.20
C PRO QA 139 -71.92 -1.32 44.85
N LEU QA 140 -70.75 -0.83 44.47
CA LEU QA 140 -69.62 -1.71 44.13
C LEU QA 140 -68.57 -1.82 45.23
N ALA QA 141 -68.92 -1.32 46.42
CA ALA QA 141 -68.03 -1.31 47.59
C ALA QA 141 -67.62 -2.73 48.01
N HIS QA 142 -68.59 -3.64 47.95
CA HIS QA 142 -68.35 -5.08 48.24
C HIS QA 142 -67.44 -5.79 47.24
N GLN QA 143 -67.26 -5.17 46.07
CA GLN QA 143 -66.44 -5.74 44.99
C GLN QA 143 -65.00 -5.21 44.96
N ILE QA 144 -64.61 -4.44 45.96
CA ILE QA 144 -63.27 -3.81 46.01
C ILE QA 144 -62.15 -4.86 46.05
N SER QA 145 -62.36 -5.88 46.89
CA SER QA 145 -61.39 -6.97 47.09
C SER QA 145 -61.22 -7.80 45.82
N ASP QA 146 -62.34 -8.02 45.13
CA ASP QA 146 -62.32 -8.76 43.85
C ASP QA 146 -61.60 -7.97 42.76
N ILE QA 147 -61.86 -6.66 42.72
CA ILE QA 147 -61.19 -5.76 41.76
C ILE QA 147 -59.67 -5.72 42.03
N LYS QA 148 -59.29 -5.62 43.31
CA LYS QA 148 -57.86 -5.62 43.69
C LYS QA 148 -57.16 -6.92 43.26
N ARG QA 149 -57.84 -8.05 43.44
CA ARG QA 149 -57.28 -9.36 43.09
C ARG QA 149 -57.10 -9.53 41.57
N PHE QA 150 -58.00 -8.93 40.81
CA PHE QA 150 -57.99 -9.00 39.34
C PHE QA 150 -56.82 -8.18 38.80
N LEU QA 151 -56.63 -7.02 39.42
CA LEU QA 151 -55.51 -6.12 39.08
C LEU QA 151 -54.16 -6.71 39.48
N LYS QA 152 -54.13 -7.32 40.67
CA LYS QA 152 -52.92 -7.96 41.20
C LYS QA 152 -52.36 -9.02 40.23
N ASN QA 153 -53.26 -9.86 39.75
CA ASN QA 153 -52.86 -11.04 38.96
C ASN QA 153 -52.79 -10.80 37.46
N SER QA 154 -53.10 -9.57 37.05
CA SER QA 154 -52.94 -9.17 35.66
C SER QA 154 -51.55 -8.63 35.35
N PHE QA 155 -50.85 -8.23 36.40
CA PHE QA 155 -49.62 -7.46 36.28
C PHE QA 155 -48.45 -8.09 37.06
N ALA QA 156 -47.28 -7.98 36.46
CA ALA QA 156 -46.03 -8.54 37.01
C ALA QA 156 -45.61 -7.87 38.32
N ASP QA 157 -45.33 -8.75 39.29
CA ASP QA 157 -44.77 -8.40 40.60
C ASP QA 157 -45.60 -7.33 41.35
N VAL QA 158 -46.90 -7.55 41.50
CA VAL QA 158 -47.77 -6.64 42.28
C VAL QA 158 -48.27 -7.34 43.53
N ASP QA 159 -48.24 -6.58 44.62
CA ASP QA 159 -48.85 -7.00 45.89
C ASP QA 159 -50.08 -6.14 46.19
N TYR QA 160 -51.01 -6.71 46.95
CA TYR QA 160 -52.27 -6.04 47.32
C TYR QA 160 -52.10 -4.70 48.03
N ASP QA 161 -51.06 -4.64 48.87
CA ASP QA 161 -50.76 -3.43 49.66
C ASP QA 161 -50.37 -2.23 48.77
N ASN QA 162 -49.95 -2.53 47.55
CA ASN QA 162 -49.52 -1.51 46.57
C ASN QA 162 -50.56 -1.33 45.48
N ILE QA 163 -51.79 -1.58 45.76
CA ILE QA 163 -52.91 -1.31 44.83
C ILE QA 163 -53.91 -0.42 45.53
N SER QA 164 -54.21 0.69 44.90
CA SER QA 164 -55.29 1.58 45.36
C SER QA 164 -56.49 1.45 44.42
N VAL QA 165 -57.62 1.08 45.02
CA VAL QA 165 -58.91 1.00 44.29
C VAL QA 165 -59.87 1.98 44.94
N VAL QA 166 -60.23 3.00 44.17
CA VAL QA 166 -61.20 4.02 44.60
C VAL QA 166 -62.43 3.90 43.71
N LEU QA 167 -63.58 3.79 44.37
CA LEU QA 167 -64.89 3.74 43.70
C LEU QA 167 -65.70 4.98 44.04
N SER QA 168 -66.15 5.66 43.01
CA SER QA 168 -66.97 6.88 43.15
C SER QA 168 -68.22 6.82 42.28
N GLU QA 169 -69.37 7.15 42.90
CA GLU QA 169 -70.67 7.17 42.21
C GLU QA 169 -70.62 8.35 41.29
N ARG QA 170 -71.17 8.15 40.11
CA ARG QA 170 -71.37 9.28 39.19
C ARG QA 170 -72.21 10.41 39.83
N LYS RA 1 0.99 86.60 -4.27
CA LYS RA 1 1.66 85.29 -4.25
C LYS RA 1 0.85 84.27 -3.44
N ASP RA 2 0.69 83.08 -4.01
CA ASP RA 2 -0.01 81.98 -3.33
C ASP RA 2 0.83 81.49 -2.15
N LEU RA 3 0.13 81.27 -1.05
CA LEU RA 3 0.68 80.57 0.12
C LEU RA 3 0.41 79.06 0.02
N LEU RA 4 -0.84 78.68 0.28
CA LEU RA 4 -1.29 77.29 0.21
C LEU RA 4 -2.69 77.18 -0.39
N LYS RA 5 -2.89 76.08 -1.07
CA LYS RA 5 -4.20 75.68 -1.63
C LYS RA 5 -4.68 74.39 -0.94
N GLY RA 6 -5.97 74.10 -1.14
CA GLY RA 6 -6.62 72.87 -0.66
C GLY RA 6 -6.64 72.77 0.87
N LEU RA 7 -6.76 73.93 1.50
CA LEU RA 7 -6.86 74.02 2.98
C LEU RA 7 -8.30 73.76 3.41
N ASP RA 8 -8.44 73.13 4.57
CA ASP RA 8 -9.76 73.02 5.25
C ASP RA 8 -10.13 74.45 5.70
N GLN RA 9 -11.43 74.67 5.93
CA GLN RA 9 -11.95 75.94 6.47
C GLN RA 9 -11.28 76.34 7.79
N GLU RA 10 -11.03 75.36 8.67
CA GLU RA 10 -10.42 75.66 9.98
C GLU RA 10 -8.95 76.06 9.86
N GLN RA 11 -8.20 75.31 9.05
CA GLN RA 11 -6.78 75.58 8.83
C GLN RA 11 -6.59 76.94 8.13
N ALA RA 12 -7.43 77.19 7.13
CA ALA RA 12 -7.43 78.47 6.40
C ALA RA 12 -7.84 79.64 7.29
N ASN RA 13 -8.85 79.44 8.15
CA ASN RA 13 -9.29 80.49 9.09
C ASN RA 13 -8.26 80.84 10.15
N GLU RA 14 -7.58 79.81 10.66
CA GLU RA 14 -6.55 80.02 11.69
C GLU RA 14 -5.32 80.74 11.14
N VAL RA 15 -4.89 80.34 9.93
CA VAL RA 15 -3.78 80.99 9.22
C VAL RA 15 -4.13 82.42 8.78
N ILE RA 16 -5.35 82.62 8.31
CA ILE RA 16 -5.78 83.96 7.86
C ILE RA 16 -5.82 84.94 9.04
N ALA RA 17 -6.35 84.46 10.16
CA ALA RA 17 -6.52 85.26 11.38
C ALA RA 17 -5.16 85.60 11.99
N VAL RA 18 -4.25 84.63 12.00
CA VAL RA 18 -2.87 84.81 12.47
C VAL RA 18 -2.14 85.86 11.61
N LEU RA 19 -2.31 85.78 10.30
CA LEU RA 19 -1.63 86.73 9.41
C LEU RA 19 -2.20 88.16 9.51
N GLN RA 20 -3.52 88.23 9.60
CA GLN RA 20 -4.23 89.52 9.75
C GLN RA 20 -3.88 90.22 11.07
N MET RA 21 -3.72 89.42 12.12
CA MET RA 21 -3.35 89.94 13.45
C MET RA 21 -1.89 90.46 13.50
N HIS RA 22 -1.09 90.02 12.54
CA HIS RA 22 0.31 90.46 12.40
C HIS RA 22 0.50 91.47 11.25
N ASN RA 23 -0.58 92.16 10.89
CA ASN RA 23 -0.57 93.21 9.85
C ASN RA 23 -0.08 92.68 8.47
N ILE RA 24 -0.48 91.45 8.15
CA ILE RA 24 -0.17 90.88 6.82
C ILE RA 24 -1.46 90.88 6.01
N GLU RA 25 -1.36 91.49 4.84
CA GLU RA 25 -2.48 91.56 3.89
C GLU RA 25 -2.63 90.20 3.18
N ALA RA 26 -3.56 89.41 3.69
CA ALA RA 26 -3.86 88.08 3.14
C ALA RA 26 -5.31 88.04 2.62
N ASN RA 27 -5.47 87.34 1.51
CA ASN RA 27 -6.79 87.12 0.89
C ASN RA 27 -7.05 85.62 0.75
N LYS RA 28 -8.31 85.27 0.76
CA LYS RA 28 -8.74 83.87 0.65
C LYS RA 28 -9.78 83.67 -0.46
N ILE RA 29 -9.62 82.56 -1.15
CA ILE RA 29 -10.55 82.13 -2.21
C ILE RA 29 -10.95 80.68 -1.96
N ASP RA 30 -12.19 80.37 -2.22
CA ASP RA 30 -12.70 78.99 -2.14
C ASP RA 30 -12.75 78.39 -3.55
N SER RA 31 -12.22 77.18 -3.67
CA SER RA 31 -12.31 76.43 -4.93
C SER RA 31 -13.65 75.70 -5.05
N GLY RA 32 -13.77 74.90 -6.12
CA GLY RA 32 -15.01 74.15 -6.43
C GLY RA 32 -15.38 73.11 -5.36
N LYS RA 33 -14.32 72.55 -4.74
CA LYS RA 33 -14.48 71.47 -3.74
C LYS RA 33 -14.81 71.98 -2.33
N LEU RA 34 -14.81 73.31 -2.12
CA LEU RA 34 -15.01 73.96 -0.82
C LEU RA 34 -13.66 74.12 -0.08
N GLY RA 35 -12.54 73.70 -0.70
CA GLY RA 35 -11.18 73.93 -0.19
C GLY RA 35 -10.71 75.38 -0.39
N TYR RA 36 -9.84 75.85 0.43
CA TYR RA 36 -9.46 77.29 0.51
C TYR RA 36 -8.02 77.50 0.10
N SER RA 37 -7.79 78.61 -0.55
CA SER RA 37 -6.45 79.09 -0.93
C SER RA 37 -6.20 80.44 -0.29
N ILE RA 38 -5.02 80.57 0.27
CA ILE RA 38 -4.56 81.83 0.89
C ILE RA 38 -3.43 82.43 0.07
N THR RA 39 -3.50 83.73 -0.10
CA THR RA 39 -2.51 84.50 -0.89
C THR RA 39 -2.17 85.78 -0.15
N VAL RA 40 -0.96 86.24 -0.34
CA VAL RA 40 -0.48 87.52 0.25
C VAL RA 40 0.18 88.38 -0.82
N ALA RA 41 0.27 89.67 -0.57
CA ALA RA 41 1.06 90.55 -1.43
C ALA RA 41 2.51 90.04 -1.45
N GLU RA 42 3.17 90.10 -2.60
CA GLU RA 42 4.59 89.73 -2.73
C GLU RA 42 5.53 90.39 -1.67
N PRO RA 43 5.31 91.67 -1.30
CA PRO RA 43 6.13 92.37 -0.29
C PRO RA 43 5.98 91.78 1.12
N ASP RA 44 4.90 91.04 1.36
CA ASP RA 44 4.65 90.41 2.68
C ASP RA 44 4.90 88.90 2.67
N PHE RA 45 5.38 88.36 1.56
CA PHE RA 45 5.54 86.91 1.40
C PHE RA 45 6.50 86.30 2.42
N THR RA 46 7.69 86.91 2.53
CA THR RA 46 8.74 86.43 3.44
C THR RA 46 8.29 86.48 4.91
N ALA RA 47 7.69 87.61 5.29
CA ALA RA 47 7.14 87.75 6.65
C ALA RA 47 6.07 86.69 6.90
N ALA RA 48 5.15 86.54 5.95
CA ALA RA 48 4.00 85.61 6.06
C ALA RA 48 4.44 84.17 6.28
N VAL RA 49 5.48 83.76 5.55
CA VAL RA 49 6.05 82.41 5.68
C VAL RA 49 6.73 82.20 7.04
N TYR RA 50 7.35 83.27 7.53
CA TYR RA 50 8.05 83.26 8.83
C TYR RA 50 7.05 83.09 9.96
N TRP RA 51 5.99 83.88 9.89
CA TRP RA 51 4.89 83.79 10.89
C TRP RA 51 4.23 82.43 10.80
N ILE RA 52 3.89 81.94 9.67
CA ILE RA 52 3.23 80.61 9.52
C ILE RA 52 4.09 79.46 10.08
N LYS RA 53 5.39 79.51 9.75
CA LYS RA 53 6.36 78.50 10.20
C LYS RA 53 6.56 78.51 11.72
N THR RA 54 6.60 79.73 12.27
CA THR RA 54 6.76 79.93 13.73
C THR RA 54 5.57 79.40 14.53
N TYR RA 55 4.40 79.33 13.87
CA TYR RA 55 3.17 78.85 14.52
C TYR RA 55 2.73 77.46 14.06
N GLN RA 56 3.66 76.70 13.47
CA GLN RA 56 3.43 75.28 13.06
C GLN RA 56 2.41 75.14 11.91
N LEU RA 57 2.33 76.14 11.06
CA LEU RA 57 1.44 76.10 9.89
C LEU RA 57 2.22 76.00 8.58
N PRO RA 58 1.70 75.19 7.65
CA PRO RA 58 0.53 74.30 7.84
C PRO RA 58 0.91 73.07 8.68
N PRO RA 59 -0.02 72.56 9.48
CA PRO RA 59 0.13 71.34 10.29
C PRO RA 59 0.57 70.17 9.42
N ARG RA 60 1.60 69.50 9.90
CA ARG RA 60 2.17 68.32 9.24
C ARG RA 60 1.26 67.09 9.40
N PRO RA 61 1.25 66.22 8.40
CA PRO RA 61 0.69 64.86 8.51
C PRO RA 61 1.75 63.94 9.12
N ARG RA 62 1.33 63.17 10.11
CA ARG RA 62 2.18 62.15 10.74
C ARG RA 62 1.61 60.76 10.45
N VAL RA 63 2.43 59.74 10.61
CA VAL RA 63 2.03 58.34 10.35
C VAL RA 63 0.65 58.04 10.96
N GLU RA 64 -0.17 57.41 10.14
CA GLU RA 64 -1.48 56.96 10.61
C GLU RA 64 -1.38 55.46 10.86
N ILE RA 65 -1.78 55.08 12.05
CA ILE RA 65 -1.77 53.65 12.48
C ILE RA 65 -2.59 52.80 11.51
N ALA RA 66 -3.63 53.34 10.91
CA ALA RA 66 -4.49 52.62 9.96
C ALA RA 66 -3.77 52.30 8.64
N GLN RA 67 -2.85 53.17 8.25
CA GLN RA 67 -2.00 52.99 7.05
C GLN RA 67 -0.87 51.96 7.28
N MET RA 68 -1.22 50.86 7.94
CA MET RA 68 -0.28 49.77 8.25
C MET RA 68 -0.06 48.77 7.10
N PHE RA 69 -0.82 48.93 6.03
CA PHE RA 69 -0.74 48.04 4.85
C PHE RA 69 0.71 47.82 4.34
N PRO RA 70 1.55 48.88 4.30
CA PRO RA 70 2.97 48.77 3.91
C PRO RA 70 3.82 47.87 4.81
N ALA RA 71 3.38 47.65 6.05
CA ALA RA 71 4.20 46.96 7.06
C ALA RA 71 3.87 45.48 7.21
N ASP RA 72 2.61 45.11 7.02
CA ASP RA 72 2.13 43.73 7.15
C ASP RA 72 0.83 43.57 6.36
N SER RA 73 0.57 42.34 5.95
CA SER RA 73 -0.54 42.05 5.04
C SER RA 73 -1.77 41.50 5.76
N LEU RA 74 -1.57 40.95 6.96
CA LEU RA 74 -2.59 40.31 7.80
C LEU RA 74 -2.15 40.27 9.26
N VAL RA 75 -3.13 40.31 10.16
CA VAL RA 75 -2.88 40.32 11.61
C VAL RA 75 -3.77 39.24 12.25
N SER RA 76 -3.11 38.23 12.77
CA SER RA 76 -3.79 37.11 13.44
C SER RA 76 -3.53 37.09 14.95
N SER RA 77 -2.52 37.86 15.37
CA SER RA 77 -2.20 37.91 16.81
C SER RA 77 -1.85 39.31 17.36
N PRO RA 78 -0.58 39.47 18.05
CA PRO RA 78 -0.53 40.33 19.21
C PRO RA 78 0.03 41.77 19.04
N ARG RA 79 1.15 41.97 18.37
CA ARG RA 79 1.82 43.29 18.37
C ARG RA 79 1.00 44.42 17.75
N ALA RA 80 0.44 44.12 16.57
CA ALA RA 80 -0.40 45.07 15.83
C ALA RA 80 -1.75 45.34 16.51
N GLU RA 81 -2.32 44.27 17.09
CA GLU RA 81 -3.59 44.35 17.82
C GLU RA 81 -3.46 45.24 19.07
N LYS RA 82 -2.33 45.06 19.77
CA LYS RA 82 -2.03 45.82 20.99
C LYS RA 82 -1.78 47.31 20.70
N ALA RA 83 -1.20 47.59 19.54
CA ALA RA 83 -0.96 48.98 19.08
C ALA RA 83 -2.30 49.71 18.82
N ARG RA 84 -3.25 48.99 18.25
CA ARG RA 84 -4.60 49.51 17.96
C ARG RA 84 -5.43 49.70 19.23
N LEU RA 85 -5.30 48.76 20.16
CA LEU RA 85 -5.93 48.85 21.49
C LEU RA 85 -5.41 50.05 22.29
N TYR RA 86 -4.10 50.26 22.17
CA TYR RA 86 -3.43 51.41 22.81
C TYR RA 86 -3.83 52.74 22.20
N SER RA 87 -3.97 52.74 20.88
CA SER RA 87 -4.40 53.93 20.12
C SER RA 87 -5.83 54.32 20.46
N ALA RA 88 -6.70 53.31 20.59
CA ALA RA 88 -8.10 53.50 20.98
C ALA RA 88 -8.20 54.13 22.37
N ILE RA 89 -7.32 53.69 23.28
CA ILE RA 89 -7.28 54.21 24.67
C ILE RA 89 -6.78 55.66 24.69
N GLU RA 90 -5.72 55.93 23.94
CA GLU RA 90 -5.17 57.30 23.82
C GLU RA 90 -6.23 58.29 23.31
N GLN RA 91 -7.00 57.83 22.33
CA GLN RA 91 -8.10 58.62 21.75
C GLN RA 91 -9.27 58.80 22.73
N ARG RA 92 -9.55 57.76 23.52
CA ARG RA 92 -10.60 57.81 24.56
C ARG RA 92 -10.26 58.82 25.66
N LEU RA 93 -8.98 58.85 26.00
CA LEU RA 93 -8.44 59.79 27.00
C LEU RA 93 -8.45 61.23 26.53
N GLU RA 94 -7.99 61.40 25.30
CA GLU RA 94 -8.03 62.70 24.62
C GLU RA 94 -9.46 63.23 24.50
N GLN RA 95 -10.40 62.33 24.20
CA GLN RA 95 -11.82 62.70 24.08
C GLN RA 95 -12.39 63.18 25.43
N SER RA 96 -12.03 62.46 26.49
CA SER RA 96 -12.46 62.77 27.85
C SER RA 96 -11.87 64.09 28.35
N LEU RA 97 -10.55 64.24 28.25
CA LEU RA 97 -9.86 65.47 28.68
C LEU RA 97 -10.29 66.73 27.92
N GLN RA 98 -10.64 66.53 26.65
CA GLN RA 98 -11.10 67.62 25.78
C GLN RA 98 -12.41 68.28 26.23
N THR RA 99 -13.16 67.58 27.07
CA THR RA 99 -14.43 68.11 27.62
C THR RA 99 -14.21 69.10 28.77
N MET RA 100 -13.04 69.06 29.40
CA MET RA 100 -12.66 70.02 30.44
C MET RA 100 -12.63 71.42 29.82
N GLU RA 101 -13.40 72.32 30.43
CA GLU RA 101 -13.47 73.72 29.98
C GLU RA 101 -12.08 74.37 30.01
N GLY RA 102 -11.70 74.93 28.87
CA GLY RA 102 -10.36 75.57 28.74
C GLY RA 102 -9.43 74.80 27.81
N VAL RA 103 -9.61 73.49 27.71
CA VAL RA 103 -8.81 72.63 26.81
C VAL RA 103 -9.23 72.90 25.36
N LEU RA 104 -8.22 73.19 24.55
CA LEU RA 104 -8.42 73.41 23.11
C LEU RA 104 -7.73 72.34 22.24
N SER RA 105 -6.86 71.57 22.85
CA SER RA 105 -6.16 70.42 22.19
C SER RA 105 -5.40 69.64 23.26
N ALA RA 106 -5.22 68.37 22.93
CA ALA RA 106 -4.64 67.37 23.84
C ALA RA 106 -4.04 66.21 23.04
N ARG RA 107 -2.90 65.77 23.52
CA ARG RA 107 -2.20 64.58 23.00
C ARG RA 107 -1.83 63.65 24.14
N VAL RA 108 -2.13 62.38 23.95
CA VAL RA 108 -1.79 61.32 24.90
C VAL RA 108 -0.98 60.23 24.18
N HIS RA 109 0.15 59.92 24.79
CA HIS RA 109 1.00 58.82 24.35
C HIS RA 109 1.19 57.85 25.52
N ILE RA 110 0.69 56.65 25.33
CA ILE RA 110 0.70 55.63 26.38
C ILE RA 110 1.77 54.56 26.10
N SER RA 111 2.37 54.11 27.20
CA SER RA 111 3.29 52.96 27.22
C SER RA 111 2.81 51.87 28.17
N TYR RA 112 2.57 50.71 27.61
CA TYR RA 112 2.10 49.49 28.31
C TYR RA 112 2.63 48.28 27.57
N ASP RA 113 3.68 47.73 28.08
CA ASP RA 113 4.26 46.53 27.44
C ASP RA 113 4.40 45.37 28.39
N ILE RA 114 4.14 44.19 28.01
CA ILE RA 114 4.38 43.00 28.83
C ILE RA 114 5.53 42.21 28.21
N ASP RA 115 6.68 42.25 28.80
CA ASP RA 115 7.89 41.63 28.23
C ASP RA 115 8.34 40.40 29.01
N ALA RA 116 8.90 39.45 28.42
CA ALA RA 116 9.57 38.27 29.03
C ALA RA 116 11.09 38.36 28.84
N GLY RA 117 11.76 38.77 29.90
CA GLY RA 117 13.23 38.96 29.93
C GLY RA 117 13.92 37.63 29.65
N GLU RA 118 13.50 36.59 30.23
CA GLU RA 118 14.00 35.17 30.19
C GLU RA 118 13.07 34.27 30.99
N ASN RA 119 13.36 32.99 31.07
CA ASN RA 119 12.59 32.03 31.88
C ASN RA 119 12.51 32.46 33.35
N GLY RA 120 11.26 32.61 33.79
CA GLY RA 120 10.92 33.04 35.16
C GLY RA 120 11.25 34.51 35.46
N ARG RA 121 11.16 35.37 34.43
CA ARG RA 121 11.42 36.83 34.58
C ARG RA 121 10.51 37.67 33.67
N PRO RA 122 9.34 38.06 34.18
CA PRO RA 122 8.39 38.95 33.49
C PRO RA 122 8.50 40.41 33.96
N PRO RA 123 8.82 41.32 33.06
CA PRO RA 123 8.67 42.78 33.30
C PRO RA 123 7.39 43.40 32.70
N LYS RA 124 6.94 44.44 33.38
CA LYS RA 124 5.82 45.30 32.98
C LYS RA 124 6.21 46.79 32.93
N PRO RA 125 6.28 47.37 31.78
CA PRO RA 125 6.47 48.84 31.56
C PRO RA 125 5.15 49.58 31.44
N VAL RA 126 5.11 50.57 32.28
CA VAL RA 126 3.95 51.46 32.35
C VAL RA 126 4.46 52.90 32.28
N HIS RA 127 3.63 53.75 31.70
CA HIS RA 127 3.77 55.22 31.76
C HIS RA 127 2.82 55.89 30.77
N LEU RA 128 2.52 57.14 31.03
CA LEU RA 128 1.73 57.98 30.11
C LEU RA 128 2.32 59.39 30.03
N SER RA 129 2.28 59.93 28.82
CA SER RA 129 2.64 61.34 28.54
C SER RA 129 1.43 62.10 28.00
N ALA RA 130 1.10 63.18 28.65
CA ALA RA 130 -0.07 64.01 28.32
C ALA RA 130 0.31 65.48 28.15
N LEU RA 131 -0.02 65.97 26.99
CA LEU RA 131 0.14 67.40 26.65
C LEU RA 131 -1.24 67.99 26.39
N ALA RA 132 -1.57 69.02 27.15
CA ALA RA 132 -2.82 69.75 26.92
C ALA RA 132 -2.57 71.23 26.70
N VAL RA 133 -3.18 71.74 25.67
CA VAL RA 133 -3.13 73.17 25.33
C VAL RA 133 -4.41 73.82 25.83
N TYR RA 134 -4.22 74.86 26.57
CA TYR RA 134 -5.33 75.61 27.15
C TYR RA 134 -5.52 76.93 26.42
N GLU RA 135 -6.77 77.41 26.47
CA GLU RA 135 -7.11 78.75 25.99
C GLU RA 135 -6.28 79.78 26.72
N ARG RA 136 -5.92 80.82 26.13
CA ARG RA 136 -5.18 81.96 26.72
C ARG RA 136 -5.82 82.56 28.00
N GLY RA 137 -7.14 82.42 28.05
CA GLY RA 137 -7.95 83.02 29.13
C GLY RA 137 -8.34 82.05 30.25
N SER RA 138 -7.77 80.84 30.24
CA SER RA 138 -8.04 79.85 31.30
C SER RA 138 -6.74 79.25 31.86
N PRO RA 139 -6.56 79.36 33.17
CA PRO RA 139 -5.46 78.70 33.89
C PRO RA 139 -5.89 77.29 34.32
N LEU RA 140 -5.27 76.29 33.71
CA LEU RA 140 -5.58 74.88 34.03
C LEU RA 140 -4.53 74.23 34.94
N ALA RA 141 -3.64 75.06 35.50
CA ALA RA 141 -2.56 74.58 36.37
C ALA RA 141 -3.08 73.88 37.63
N HIS RA 142 -4.17 74.44 38.19
CA HIS RA 142 -4.85 73.84 39.35
C HIS RA 142 -5.54 72.49 39.08
N GLN RA 143 -5.73 72.20 37.79
CA GLN RA 143 -6.40 70.95 37.35
C GLN RA 143 -5.43 69.83 36.98
N ILE RA 144 -4.14 70.03 37.23
CA ILE RA 144 -3.10 69.04 36.85
C ILE RA 144 -3.28 67.70 37.58
N SER RA 145 -3.57 67.81 38.89
CA SER RA 145 -3.75 66.64 39.76
C SER RA 145 -5.01 65.83 39.36
N ASP RA 146 -6.06 66.56 38.98
CA ASP RA 146 -7.30 65.93 38.50
C ASP RA 146 -7.09 65.22 37.16
N ILE RA 147 -6.34 65.87 36.26
CA ILE RA 147 -6.01 65.29 34.96
C ILE RA 147 -5.16 64.01 35.14
N LYS RA 148 -4.17 64.08 36.03
CA LYS RA 148 -3.33 62.90 36.32
C LYS RA 148 -4.13 61.72 36.86
N ARG RA 149 -5.09 62.02 37.74
CA ARG RA 149 -5.95 60.98 38.34
C ARG RA 149 -6.87 60.32 37.32
N PHE RA 150 -7.32 61.11 36.36
CA PHE RA 150 -8.22 60.64 35.29
C PHE RA 150 -7.49 59.70 34.34
N LEU RA 151 -6.26 60.09 34.04
CA LEU RA 151 -5.35 59.28 33.20
C LEU RA 151 -4.92 58.00 33.89
N LYS RA 152 -4.62 58.12 35.19
CA LYS RA 152 -4.20 56.97 36.02
C LYS RA 152 -5.24 55.85 35.99
N ASN RA 153 -6.49 56.24 36.18
CA ASN RA 153 -7.58 55.26 36.37
C ASN RA 153 -8.27 54.83 35.08
N SER RA 154 -7.83 55.40 33.96
CA SER RA 154 -8.31 54.98 32.64
C SER RA 154 -7.52 53.81 32.07
N PHE RA 155 -6.32 53.63 32.59
CA PHE RA 155 -5.33 52.73 31.99
C PHE RA 155 -4.79 51.71 33.00
N ALA RA 156 -4.55 50.52 32.48
CA ALA RA 156 -4.05 49.37 33.27
C ALA RA 156 -2.64 49.59 33.82
N ASP RA 157 -2.54 49.34 35.12
CA ASP RA 157 -1.28 49.33 35.87
C ASP RA 157 -0.49 50.65 35.73
N VAL RA 158 -1.12 51.79 35.99
CA VAL RA 158 -0.41 53.09 35.96
C VAL RA 158 -0.36 53.68 37.37
N ASP RA 159 0.81 54.22 37.68
CA ASP RA 159 1.01 55.00 38.91
C ASP RA 159 1.24 56.47 38.56
N TYR RA 160 0.88 57.33 39.50
CA TYR RA 160 1.00 58.80 39.34
C TYR RA 160 2.40 59.29 38.99
N ASP RA 161 3.40 58.62 39.58
CA ASP RA 161 4.81 58.99 39.38
C ASP RA 161 5.27 58.77 37.93
N ASN RA 162 4.54 57.94 37.21
CA ASN RA 162 4.83 57.61 35.79
C ASN RA 162 3.84 58.28 34.85
N ILE RA 163 3.30 59.38 35.22
CA ILE RA 163 2.44 60.20 34.35
C ILE RA 163 3.03 61.60 34.29
N SER RA 164 3.26 62.05 33.08
CA SER RA 164 3.67 63.45 32.83
C SER RA 164 2.50 64.21 32.21
N VAL RA 165 2.10 65.27 32.89
CA VAL RA 165 1.06 66.19 32.39
C VAL RA 165 1.68 67.58 32.24
N VAL RA 166 1.75 68.01 31.00
CA VAL RA 166 2.27 69.34 30.64
C VAL RA 166 1.12 70.15 30.04
N LEU RA 167 0.93 71.33 30.60
CA LEU RA 167 -0.07 72.28 30.13
C LEU RA 167 0.60 73.54 29.56
N SER RA 168 0.26 73.85 28.33
CA SER RA 168 0.81 75.03 27.63
C SER RA 168 -0.30 75.89 27.03
N GLU RA 169 -0.21 77.19 27.26
CA GLU RA 169 -1.17 78.19 26.73
C GLU RA 169 -0.90 78.25 25.26
N ARG RA 170 -1.98 78.34 24.51
CA ARG RA 170 -1.84 78.62 23.06
C ARG RA 170 -1.06 79.94 22.79
N LYS SA 1 -35.72 77.66 14.59
CA LYS SA 1 -34.56 76.76 14.47
C LYS SA 1 -34.92 75.32 14.86
N ASP SA 2 -34.50 74.38 14.04
CA ASP SA 2 -34.74 72.94 14.31
C ASP SA 2 -33.89 72.50 15.50
N LEU SA 3 -34.52 71.73 16.36
CA LEU SA 3 -33.86 71.00 17.44
C LEU SA 3 -33.43 69.61 16.97
N LEU SA 4 -34.42 68.72 16.88
CA LEU SA 4 -34.22 67.33 16.42
C LEU SA 4 -35.38 66.87 15.54
N LYS SA 5 -35.03 66.02 14.60
CA LYS SA 5 -35.98 65.31 13.72
C LYS SA 5 -35.92 63.80 14.00
N GLY SA 6 -36.93 63.10 13.48
CA GLY SA 6 -37.03 61.64 13.54
C GLY SA 6 -37.16 61.11 14.98
N LEU SA 7 -37.82 61.91 15.82
CA LEU SA 7 -38.10 61.53 17.21
C LEU SA 7 -39.33 60.62 17.27
N ASP SA 8 -39.30 59.69 18.22
CA ASP SA 8 -40.50 58.90 18.58
C ASP SA 8 -41.49 59.88 19.24
N GLN SA 9 -42.78 59.50 19.24
CA GLN SA 9 -43.85 60.27 19.91
C GLN SA 9 -43.55 60.52 21.39
N GLU SA 10 -42.99 59.51 22.08
CA GLU SA 10 -42.70 59.62 23.52
C GLU SA 10 -41.54 60.59 23.80
N GLN SA 11 -40.47 60.46 23.02
CA GLN SA 11 -39.28 61.30 23.15
C GLN SA 11 -39.60 62.76 22.82
N ALA SA 12 -40.38 62.93 21.74
CA ALA SA 12 -40.86 64.26 21.32
C ALA SA 12 -41.81 64.89 22.34
N ASN SA 13 -42.71 64.08 22.90
CA ASN SA 13 -43.65 64.56 23.93
C ASN SA 13 -42.98 64.97 25.23
N GLU SA 14 -41.99 64.19 25.64
CA GLU SA 14 -41.26 64.48 26.88
C GLU SA 14 -40.39 65.75 26.76
N VAL SA 15 -39.73 65.89 25.61
CA VAL SA 15 -38.93 67.10 25.30
C VAL SA 15 -39.82 68.35 25.11
N ILE SA 16 -40.95 68.18 24.45
CA ILE SA 16 -41.86 69.31 24.22
C ILE SA 16 -42.44 69.83 25.54
N ALA SA 17 -42.82 68.89 26.41
CA ALA SA 17 -43.44 69.20 27.71
C ALA SA 17 -42.42 69.85 28.65
N VAL SA 18 -41.18 69.34 28.63
CA VAL SA 18 -40.07 69.90 29.41
C VAL SA 18 -39.78 71.35 28.96
N LEU SA 19 -39.77 71.57 27.65
CA LEU SA 19 -39.47 72.93 27.15
C LEU SA 19 -40.60 73.93 27.43
N GLN SA 20 -41.83 73.46 27.25
CA GLN SA 20 -43.04 74.27 27.54
C GLN SA 20 -43.15 74.65 29.01
N MET SA 21 -42.78 73.72 29.88
CA MET SA 21 -42.79 73.95 31.34
C MET SA 21 -41.71 74.95 31.80
N HIS SA 22 -40.71 75.15 30.95
CA HIS SA 22 -39.62 76.12 31.21
C HIS SA 22 -39.77 77.40 30.36
N ASN SA 23 -41.01 77.68 29.93
CA ASN SA 23 -41.33 78.90 29.17
C ASN SA 23 -40.54 79.01 27.85
N ILE SA 24 -40.33 77.87 27.19
CA ILE SA 24 -39.68 77.87 25.87
C ILE SA 24 -40.77 77.60 24.82
N GLU SA 25 -40.82 78.50 23.85
CA GLU SA 25 -41.76 78.38 22.72
C GLU SA 25 -41.25 77.33 21.73
N ALA SA 26 -41.80 76.13 21.86
CA ALA SA 26 -41.45 75.00 20.99
C ALA SA 26 -42.67 74.55 20.19
N ASN SA 27 -42.41 74.18 18.94
CA ASN SA 27 -43.44 73.65 18.03
C ASN SA 27 -43.01 72.27 17.53
N LYS SA 28 -44.01 71.47 17.19
CA LYS SA 28 -43.78 70.10 16.70
C LYS SA 28 -44.52 69.85 15.40
N ILE SA 29 -43.84 69.13 14.53
CA ILE SA 29 -44.38 68.68 13.23
C ILE SA 29 -44.14 67.18 13.07
N ASP SA 30 -45.10 66.50 12.51
CA ASP SA 30 -44.97 65.07 12.18
C ASP SA 30 -44.62 64.91 10.70
N SER SA 31 -43.62 64.09 10.44
CA SER SA 31 -43.25 63.75 9.05
C SER SA 31 -44.14 62.62 8.51
N GLY SA 32 -43.79 62.17 7.30
CA GLY SA 32 -44.56 61.12 6.58
C GLY SA 32 -44.54 59.76 7.30
N LYS SA 33 -43.42 59.50 7.99
CA LYS SA 33 -43.20 58.22 8.69
C LYS SA 33 -43.84 58.15 10.08
N LEU SA 34 -44.44 59.25 10.55
CA LEU SA 34 -45.02 59.39 11.91
C LEU SA 34 -43.95 59.84 12.93
N GLY SA 35 -42.71 60.08 12.46
CA GLY SA 35 -41.64 60.67 13.28
C GLY SA 35 -41.82 62.17 13.49
N TYR SA 36 -41.32 62.71 14.56
CA TYR SA 36 -41.60 64.08 15.02
C TYR SA 36 -40.35 64.95 14.98
N SER SA 37 -40.56 66.19 14.64
CA SER SA 37 -39.52 67.24 14.65
C SER SA 37 -39.94 68.34 15.61
N ILE SA 38 -38.98 68.75 16.41
CA ILE SA 38 -39.17 69.87 17.36
C ILE SA 38 -38.33 71.06 16.94
N THR SA 39 -38.93 72.22 17.04
CA THR SA 39 -38.29 73.50 16.65
C THR SA 39 -38.61 74.56 17.70
N VAL SA 40 -37.70 75.49 17.88
CA VAL SA 40 -37.87 76.62 18.81
C VAL SA 40 -37.55 77.93 18.10
N ALA SA 41 -38.04 79.04 18.64
CA ALA SA 41 -37.62 80.36 18.15
C ALA SA 41 -36.10 80.48 18.34
N GLU SA 42 -35.42 81.11 17.39
CA GLU SA 42 -33.97 81.36 17.48
C GLU SA 42 -33.52 82.01 18.82
N PRO SA 43 -34.29 82.95 19.41
CA PRO SA 43 -33.96 83.59 20.68
C PRO SA 43 -33.98 82.63 21.88
N ASP SA 44 -34.67 81.50 21.73
CA ASP SA 44 -34.75 80.48 22.79
C ASP SA 44 -33.88 79.24 22.53
N PHE SA 45 -33.10 79.28 21.44
CA PHE SA 45 -32.32 78.10 21.01
C PHE SA 45 -31.29 77.66 22.06
N THR SA 46 -30.51 78.62 22.55
CA THR SA 46 -29.44 78.34 23.53
C THR SA 46 -30.01 77.80 24.84
N ALA SA 47 -31.08 78.45 25.32
CA ALA SA 47 -31.77 78.00 26.54
C ALA SA 47 -32.30 76.58 26.34
N ALA SA 48 -32.96 76.35 25.21
CA ALA SA 48 -33.60 75.06 24.87
C ALA SA 48 -32.61 73.90 24.87
N VAL SA 49 -31.44 74.15 24.29
CA VAL SA 49 -30.36 73.15 24.25
C VAL SA 49 -29.80 72.86 25.64
N TYR SA 50 -29.73 73.89 26.47
CA TYR SA 50 -29.23 73.79 27.85
C TYR SA 50 -30.17 72.93 28.70
N TRP SA 51 -31.46 73.24 28.57
CA TRP SA 51 -32.50 72.46 29.27
C TRP SA 51 -32.50 71.03 28.77
N ILE SA 52 -32.48 70.78 27.51
CA ILE SA 52 -32.50 69.41 26.95
C ILE SA 52 -31.29 68.57 27.42
N LYS SA 53 -30.12 69.21 27.39
CA LYS SA 53 -28.84 68.57 27.79
C LYS SA 53 -28.84 68.23 29.29
N THR SA 54 -29.37 69.17 30.08
CA THR SA 54 -29.46 69.00 31.54
C THR SA 54 -30.38 67.84 31.96
N TYR SA 55 -31.34 67.52 31.08
CA TYR SA 55 -32.30 66.43 31.35
C TYR SA 55 -32.05 65.17 30.51
N GLN SA 56 -30.83 65.02 29.98
CA GLN SA 56 -30.39 63.81 29.25
C GLN SA 56 -31.13 63.61 27.90
N LEU SA 57 -31.55 64.70 27.28
CA LEU SA 57 -32.23 64.65 25.98
C LEU SA 57 -31.36 65.23 24.86
N PRO SA 58 -31.37 64.57 23.70
CA PRO SA 58 -32.06 63.29 23.44
C PRO SA 58 -31.27 62.11 24.06
N PRO SA 59 -31.98 61.08 24.53
CA PRO SA 59 -31.40 59.85 25.08
C PRO SA 59 -30.42 59.23 24.08
N ARG SA 60 -29.25 58.91 24.61
CA ARG SA 60 -28.17 58.26 23.85
C ARG SA 60 -28.47 56.79 23.56
N PRO SA 61 -28.02 56.31 22.41
CA PRO SA 61 -27.95 54.87 22.11
C PRO SA 61 -26.66 54.29 22.71
N ARG SA 62 -26.81 53.19 23.40
CA ARG SA 62 -25.67 52.44 23.97
C ARG SA 62 -25.56 51.09 23.27
N VAL SA 63 -24.40 50.46 23.39
CA VAL SA 63 -24.13 49.15 22.75
C VAL SA 63 -25.31 48.18 22.99
N GLU SA 64 -25.69 47.53 21.91
CA GLU SA 64 -26.73 46.50 21.98
C GLU SA 64 -26.01 45.15 21.92
N ILE SA 65 -26.33 44.32 22.90
CA ILE SA 65 -25.75 42.96 23.01
C ILE SA 65 -26.04 42.16 21.72
N ALA SA 66 -27.14 42.41 21.06
CA ALA SA 66 -27.50 41.70 19.82
C ALA SA 66 -26.59 42.07 18.64
N GLN SA 67 -26.09 43.29 18.64
CA GLN SA 67 -25.14 43.80 17.62
C GLN SA 67 -23.71 43.28 17.85
N MET SA 68 -23.62 42.00 18.19
CA MET SA 68 -22.34 41.31 18.44
C MET SA 68 -21.60 40.84 17.19
N PHE SA 69 -22.25 40.98 16.03
CA PHE SA 69 -21.67 40.56 14.73
C PHE SA 69 -20.23 41.08 14.50
N PRO SA 70 -19.92 42.34 14.85
CA PRO SA 70 -18.56 42.90 14.76
C PRO SA 70 -17.50 42.19 15.60
N ALA SA 71 -17.92 41.48 16.65
CA ALA SA 71 -17.00 40.91 17.63
C ALA SA 71 -16.67 39.43 17.39
N ASP SA 72 -17.63 38.68 16.87
CA ASP SA 72 -17.48 37.24 16.61
C ASP SA 72 -18.51 36.82 15.55
N SER SA 73 -18.16 35.76 14.83
CA SER SA 73 -18.96 35.32 13.68
C SER SA 73 -19.89 34.16 14.00
N LEU SA 74 -19.59 33.42 15.07
CA LEU SA 74 -20.33 32.23 15.52
C LEU SA 74 -20.06 31.95 17.00
N VAL SA 75 -21.03 31.36 17.66
CA VAL SA 75 -20.96 31.06 19.10
C VAL SA 75 -21.36 29.59 19.30
N SER SA 76 -20.39 28.81 19.72
CA SER SA 76 -20.59 27.37 19.97
C SER SA 76 -20.49 27.03 21.47
N SER SA 77 -19.95 27.98 22.25
CA SER SA 77 -19.83 27.75 23.70
C SER SA 77 -20.18 28.97 24.60
N PRO SA 78 -19.17 29.40 25.55
CA PRO SA 78 -19.60 29.85 26.84
C PRO SA 78 -19.70 31.38 27.10
N ARG SA 79 -18.71 32.18 26.74
CA ARG SA 79 -18.68 33.61 27.17
C ARG SA 79 -19.83 34.45 26.64
N ALA SA 80 -20.10 34.29 25.34
CA ALA SA 80 -21.18 35.01 24.66
C ALA SA 80 -22.57 34.53 25.08
N GLU SA 81 -22.68 33.22 25.30
CA GLU SA 81 -23.94 32.58 25.74
C GLU SA 81 -24.32 33.07 27.15
N LYS SA 82 -23.31 33.15 28.01
CA LYS SA 82 -23.48 33.60 29.41
C LYS SA 82 -23.86 35.08 29.50
N ALA SA 83 -23.33 35.89 28.57
CA ALA SA 83 -23.68 37.31 28.48
C ALA SA 83 -25.17 37.52 28.12
N ARG SA 84 -25.65 36.67 27.21
CA ARG SA 84 -27.06 36.69 26.77
C ARG SA 84 -28.01 36.18 27.85
N LEU SA 85 -27.58 35.14 28.57
CA LEU SA 85 -28.32 34.61 29.72
C LEU SA 85 -28.45 35.63 30.85
N TYR SA 86 -27.35 36.37 31.06
CA TYR SA 86 -27.30 37.45 32.04
C TYR SA 86 -28.18 38.64 31.66
N SER SA 87 -28.17 38.96 30.37
CA SER SA 87 -28.99 40.05 29.82
C SER SA 87 -30.48 39.74 29.93
N ALA SA 88 -30.83 38.48 29.66
CA ALA SA 88 -32.21 37.98 29.79
C ALA SA 88 -32.71 38.11 31.24
N ILE SA 89 -31.83 37.82 32.19
CA ILE SA 89 -32.14 37.90 33.63
C ILE SA 89 -32.32 39.36 34.06
N GLU SA 90 -31.41 40.22 33.62
CA GLU SA 90 -31.48 41.66 33.91
C GLU SA 90 -32.80 42.27 33.41
N GLN SA 91 -33.21 41.84 32.22
CA GLN SA 91 -34.48 42.27 31.61
C GLN SA 91 -35.70 41.70 32.34
N ARG SA 92 -35.59 40.46 32.82
CA ARG SA 92 -36.66 39.81 33.60
C ARG SA 92 -36.88 40.52 34.93
N LEU SA 93 -35.78 40.95 35.53
CA LEU SA 93 -35.80 41.71 36.81
C LEU SA 93 -36.38 43.10 36.66
N GLU SA 94 -35.93 43.77 35.61
CA GLU SA 94 -36.45 45.09 35.24
C GLU SA 94 -37.95 45.03 34.94
N GLN SA 95 -38.37 43.95 34.26
CA GLN SA 95 -39.80 43.76 33.94
C GLN SA 95 -40.65 43.59 35.21
N SER SA 96 -40.11 42.80 36.14
CA SER SA 96 -40.78 42.52 37.43
C SER SA 96 -40.86 43.77 38.31
N LEU SA 97 -39.73 44.44 38.51
CA LEU SA 97 -39.67 45.66 39.32
C LEU SA 97 -40.52 46.82 38.78
N GLN SA 98 -40.62 46.87 37.45
CA GLN SA 98 -41.42 47.89 36.76
C GLN SA 98 -42.92 47.83 37.06
N THR SA 99 -43.38 46.69 37.56
CA THR SA 99 -44.80 46.51 37.93
C THR SA 99 -45.14 47.15 39.29
N MET SA 100 -44.13 47.39 40.12
CA MET SA 100 -44.32 48.09 41.40
C MET SA 100 -44.82 49.51 41.12
N GLU SA 101 -45.95 49.83 41.72
CA GLU SA 101 -46.58 51.16 41.58
C GLU SA 101 -45.61 52.25 42.03
N GLY SA 102 -45.39 53.22 41.14
CA GLY SA 102 -44.45 54.33 41.42
C GLY SA 102 -43.18 54.27 40.57
N VAL SA 103 -42.78 53.07 40.16
CA VAL SA 103 -41.60 52.89 39.28
C VAL SA 103 -41.95 53.37 37.87
N LEU SA 104 -41.10 54.24 37.37
CA LEU SA 104 -41.22 54.76 35.99
C LEU SA 104 -40.07 54.33 35.07
N SER SA 105 -39.01 53.82 35.68
CA SER SA 105 -37.83 53.27 34.96
C SER SA 105 -36.91 52.58 35.96
N ALA SA 106 -36.19 51.63 35.41
CA ALA SA 106 -35.33 50.72 36.18
C ALA SA 106 -34.20 50.16 35.30
N ARG SA 107 -33.04 50.08 35.90
CA ARG SA 107 -31.86 49.45 35.29
C ARG SA 107 -31.24 48.45 36.26
N VAL SA 108 -30.94 47.28 35.74
CA VAL SA 108 -30.28 46.21 36.50
C VAL SA 108 -29.01 45.77 35.75
N HIS SA 109 -27.93 45.77 36.49
CA HIS SA 109 -26.64 45.26 36.00
C HIS SA 109 -26.18 44.15 36.96
N ILE SA 110 -26.10 42.95 36.42
CA ILE SA 110 -25.75 41.76 37.20
C ILE SA 110 -24.30 41.33 36.93
N SER SA 111 -23.68 40.85 38.00
CA SER SA 111 -22.36 40.20 37.96
C SER SA 111 -22.43 38.78 38.55
N TYR SA 112 -22.08 37.82 37.71
CA TYR SA 112 -22.06 36.37 38.03
C TYR SA 112 -20.99 35.72 37.18
N ASP SA 113 -19.85 35.50 37.76
CA ASP SA 113 -18.76 34.85 37.01
C ASP SA 113 -18.23 33.64 37.71
N ILE SA 114 -17.92 32.60 37.03
CA ILE SA 114 -17.27 31.41 37.61
C ILE SA 114 -15.85 31.34 37.09
N ASP SA 115 -14.89 31.66 37.90
CA ASP SA 115 -13.48 31.74 37.47
C ASP SA 115 -12.63 30.61 38.05
N ALA SA 116 -11.66 30.16 37.40
CA ALA SA 116 -10.61 29.22 37.86
C ALA SA 116 -9.26 29.94 38.02
N GLY SA 117 -8.95 30.25 39.25
CA GLY SA 117 -7.71 30.99 39.63
C GLY SA 117 -6.49 30.16 39.22
N GLU SA 118 -6.48 28.93 39.46
CA GLU SA 118 -5.43 27.88 39.23
C GLU SA 118 -5.95 26.50 39.61
N ASN SA 119 -5.15 25.47 39.47
CA ASN SA 119 -5.51 24.10 39.88
C ASN SA 119 -5.91 24.05 41.37
N GLY SA 120 -7.15 23.56 41.55
CA GLY SA 120 -7.77 23.43 42.89
C GLY SA 120 -8.12 24.77 43.55
N ARG SA 121 -8.47 25.77 42.74
CA ARG SA 121 -8.88 27.10 43.24
C ARG SA 121 -9.97 27.76 42.37
N PRO SA 122 -11.23 27.50 42.70
CA PRO SA 122 -12.40 28.11 42.03
C PRO SA 122 -12.98 29.30 42.81
N PRO SA 123 -12.99 30.48 42.22
CA PRO SA 123 -13.78 31.62 42.72
C PRO SA 123 -15.12 31.84 42.02
N LYS SA 124 -16.04 32.39 42.79
CA LYS SA 124 -17.39 32.83 42.36
C LYS SA 124 -17.65 34.30 42.72
N PRO SA 125 -17.73 35.17 41.75
CA PRO SA 125 -18.17 36.58 41.88
C PRO SA 125 -19.66 36.76 41.67
N VAL SA 126 -20.22 37.38 42.67
CA VAL SA 126 -21.64 37.70 42.70
C VAL SA 126 -21.78 39.17 43.04
N HIS SA 127 -22.84 39.76 42.48
CA HIS SA 127 -23.35 41.09 42.90
C HIS SA 127 -24.38 41.58 41.89
N LEU SA 128 -25.22 42.49 42.35
CA LEU SA 128 -26.20 43.18 41.49
C LEU SA 128 -26.26 44.68 41.83
N SER SA 129 -26.41 45.47 40.77
CA SER SA 129 -26.65 46.92 40.89
C SER SA 129 -28.01 47.27 40.28
N ALA SA 130 -28.85 47.92 41.06
CA ALA SA 130 -30.22 48.29 40.69
C ALA SA 130 -30.49 49.77 40.92
N LEU SA 131 -30.89 50.40 39.84
CA LEU SA 131 -31.32 51.81 39.86
C LEU SA 131 -32.78 51.87 39.45
N ALA SA 132 -33.60 52.43 40.33
CA ALA SA 132 -35.00 52.66 40.01
C ALA SA 132 -35.39 54.11 40.17
N VAL SA 133 -36.05 54.61 39.17
CA VAL SA 133 -36.59 55.98 39.16
C VAL SA 133 -38.06 55.92 39.51
N TYR SA 134 -38.42 56.70 40.47
CA TYR SA 134 -39.80 56.77 40.95
C TYR SA 134 -40.46 58.06 40.50
N GLU SA 135 -41.79 57.98 40.39
CA GLU SA 135 -42.62 59.15 40.14
C GLU SA 135 -42.39 60.19 41.24
N ARG SA 136 -42.45 61.40 40.97
CA ARG SA 136 -42.33 62.53 41.93
C ARG SA 136 -43.29 62.44 43.15
N GLY SA 137 -44.42 61.78 42.89
CA GLY SA 137 -45.51 61.70 43.88
C GLY SA 137 -45.56 60.39 44.67
N SER SA 138 -44.53 59.54 44.53
CA SER SA 138 -44.45 58.28 45.25
C SER SA 138 -43.09 58.10 45.94
N PRO SA 139 -43.09 57.90 47.25
CA PRO SA 139 -41.89 57.54 48.02
C PRO SA 139 -41.72 56.01 48.05
N LEU SA 140 -40.68 55.54 47.37
CA LEU SA 140 -40.38 54.09 47.33
C LEU SA 140 -39.25 53.68 48.27
N ALA SA 141 -38.87 54.59 49.16
CA ALA SA 141 -37.76 54.36 50.12
C ALA SA 141 -38.07 53.18 51.06
N HIS SA 142 -39.34 53.10 51.49
CA HIS SA 142 -39.81 51.98 52.34
C HIS SA 142 -39.81 50.61 51.63
N GLN SA 143 -39.74 50.64 50.31
CA GLN SA 143 -39.76 49.40 49.49
C GLN SA 143 -38.37 48.89 49.10
N ILE SA 144 -37.32 49.50 49.65
CA ILE SA 144 -35.93 49.15 49.29
C ILE SA 144 -35.59 47.69 49.66
N SER SA 145 -36.03 47.31 50.87
CA SER SA 145 -35.78 45.96 51.41
C SER SA 145 -36.52 44.89 50.60
N ASP SA 146 -37.74 45.23 50.18
CA ASP SA 146 -38.53 44.33 49.33
C ASP SA 146 -37.92 44.16 47.95
N ILE SA 147 -37.43 45.27 47.38
CA ILE SA 147 -36.76 45.24 46.07
C ILE SA 147 -35.46 44.41 46.15
N LYS SA 148 -34.69 44.60 47.23
CA LYS SA 148 -33.45 43.81 47.42
C LYS SA 148 -33.74 42.31 47.52
N ARG SA 149 -34.81 41.95 48.22
CA ARG SA 149 -35.19 40.54 48.40
C ARG SA 149 -35.65 39.89 47.08
N PHE SA 150 -36.28 40.67 46.25
CA PHE SA 150 -36.80 40.22 44.94
C PHE SA 150 -35.64 39.95 43.99
N LEU SA 151 -34.66 40.84 44.05
CA LEU SA 151 -33.42 40.73 43.25
C LEU SA 151 -32.56 39.57 43.73
N LYS SA 152 -32.46 39.42 45.05
CA LYS SA 152 -31.69 38.36 45.68
C LYS SA 152 -32.13 36.96 45.21
N ASN SA 153 -33.45 36.76 45.22
CA ASN SA 153 -34.03 35.44 44.96
C ASN SA 153 -34.32 35.15 43.49
N SER SA 154 -34.06 36.13 42.64
CA SER SA 154 -34.19 35.95 41.19
C SER SA 154 -32.92 35.39 40.55
N PHE SA 155 -31.81 35.55 41.27
CA PHE SA 155 -30.48 35.31 40.71
C PHE SA 155 -29.66 34.35 41.57
N ALA SA 156 -28.88 33.53 40.86
CA ALA SA 156 -28.02 32.50 41.48
C ALA SA 156 -26.90 33.09 42.34
N ASP SA 157 -26.83 32.54 43.55
CA ASP SA 157 -25.77 32.81 44.53
C ASP SA 157 -25.60 34.31 44.83
N VAL SA 158 -26.68 35.01 45.19
CA VAL SA 158 -26.60 36.43 45.59
C VAL SA 158 -26.95 36.56 47.06
N ASP SA 159 -26.15 37.41 47.72
CA ASP SA 159 -26.44 37.82 49.11
C ASP SA 159 -26.83 39.30 49.13
N TYR SA 160 -27.60 39.66 50.14
CA TYR SA 160 -28.11 41.04 50.33
C TYR SA 160 -27.02 42.12 50.38
N ASP SA 161 -25.90 41.75 51.02
CA ASP SA 161 -24.77 42.67 51.18
C ASP SA 161 -24.12 43.06 49.84
N ASN SA 162 -24.36 42.25 48.83
CA ASN SA 162 -23.81 42.46 47.46
C ASN SA 162 -24.90 42.94 46.51
N ILE SA 163 -25.88 43.59 46.99
CA ILE SA 163 -26.92 44.22 46.15
C ILE SA 163 -26.99 45.70 46.51
N SER SA 164 -26.85 46.53 45.50
CA SER SA 164 -27.06 47.98 45.64
C SER SA 164 -28.38 48.37 44.98
N VAL SA 165 -29.25 48.96 45.77
CA VAL SA 165 -30.54 49.50 45.28
C VAL SA 165 -30.56 51.00 45.55
N VAL SA 166 -30.55 51.75 44.47
CA VAL SA 166 -30.62 53.22 44.52
C VAL SA 166 -31.94 53.66 43.88
N LEU SA 167 -32.67 54.46 44.64
CA LEU SA 167 -33.94 55.05 44.18
C LEU SA 167 -33.81 56.57 44.05
N SER SA 168 -34.13 57.05 42.87
CA SER SA 168 -34.07 58.50 42.57
C SER SA 168 -35.38 58.99 41.93
N GLU SA 169 -35.88 60.10 42.47
CA GLU SA 169 -37.11 60.75 41.96
C GLU SA 169 -36.76 61.33 40.63
N ARG SA 170 -37.69 61.19 39.70
CA ARG SA 170 -37.54 61.90 38.42
C ARG SA 170 -37.38 63.43 38.60
N LYS TA 1 45.44 61.81 -40.47
CA LYS TA 1 45.26 60.43 -39.96
C LYS TA 1 44.37 60.41 -38.71
N ASP TA 2 43.43 59.47 -38.71
CA ASP TA 2 42.51 59.30 -37.57
C ASP TA 2 43.29 58.73 -36.38
N LEU TA 3 43.01 59.31 -35.23
CA LEU TA 3 43.44 58.78 -33.93
C LEU TA 3 42.41 57.82 -33.36
N LEU TA 4 41.32 58.37 -32.84
CA LEU TA 4 40.20 57.61 -32.27
C LEU TA 4 38.85 58.24 -32.64
N LYS TA 5 37.88 57.36 -32.76
CA LYS TA 5 36.46 57.73 -32.98
C LYS TA 5 35.63 57.27 -31.76
N GLY TA 6 34.40 57.79 -31.70
CA GLY TA 6 33.41 57.42 -30.68
C GLY TA 6 33.84 57.79 -29.25
N LEU TA 7 34.59 58.89 -29.16
CA LEU TA 7 35.04 59.42 -27.87
C LEU TA 7 33.92 60.24 -27.22
N ASP TA 8 33.87 60.18 -25.89
CA ASP TA 8 33.02 61.12 -25.12
C ASP TA 8 33.64 62.52 -25.26
N GLN TA 9 32.82 63.55 -25.03
CA GLN TA 9 33.25 64.95 -25.02
C GLN TA 9 34.43 65.20 -24.07
N GLU TA 10 34.40 64.58 -22.89
CA GLU TA 10 35.47 64.77 -21.88
C GLU TA 10 36.79 64.12 -22.31
N GLN TA 11 36.70 62.89 -22.80
CA GLN TA 11 37.89 62.14 -23.25
C GLN TA 11 38.52 62.82 -24.47
N ALA TA 12 37.68 63.25 -25.39
CA ALA TA 12 38.10 64.00 -26.59
C ALA TA 12 38.71 65.36 -26.24
N ASN TA 13 38.10 66.07 -25.30
CA ASN TA 13 38.62 67.37 -24.84
C ASN TA 13 39.97 67.28 -24.12
N GLU TA 14 40.11 66.25 -23.30
CA GLU TA 14 41.37 66.05 -22.55
C GLU TA 14 42.54 65.66 -23.48
N VAL TA 15 42.25 64.78 -24.44
CA VAL TA 15 43.22 64.36 -25.46
C VAL TA 15 43.57 65.51 -26.43
N ILE TA 16 42.57 66.28 -26.81
CA ILE TA 16 42.80 67.41 -27.75
C ILE TA 16 43.67 68.49 -27.10
N ALA TA 17 43.38 68.76 -25.83
CA ALA TA 17 44.09 69.80 -25.05
C ALA TA 17 45.53 69.37 -24.78
N VAL TA 18 45.71 68.10 -24.44
CA VAL TA 18 47.05 67.50 -24.23
C VAL TA 18 47.89 67.59 -25.52
N LEU TA 19 47.28 67.27 -26.66
CA LEU TA 19 48.02 67.31 -27.93
C LEU TA 19 48.36 68.73 -28.38
N GLN TA 20 47.41 69.62 -28.20
CA GLN TA 20 47.59 71.05 -28.54
C GLN TA 20 48.67 71.72 -27.68
N MET TA 21 48.72 71.33 -26.40
CA MET TA 21 49.73 71.84 -25.46
C MET TA 21 51.16 71.33 -25.78
N HIS TA 22 51.22 70.25 -26.54
CA HIS TA 22 52.51 69.67 -26.99
C HIS TA 22 52.81 69.97 -28.46
N ASN TA 23 52.21 71.05 -28.97
CA ASN TA 23 52.44 71.52 -30.36
C ASN TA 23 52.07 70.45 -31.42
N ILE TA 24 51.00 69.71 -31.16
CA ILE TA 24 50.51 68.74 -32.15
C ILE TA 24 49.22 69.31 -32.76
N GLU TA 25 49.24 69.37 -34.08
CA GLU TA 25 48.08 69.85 -34.86
C GLU TA 25 47.01 68.75 -34.90
N ALA TA 26 46.04 68.90 -34.03
CA ALA TA 26 44.91 67.94 -33.93
C ALA TA 26 43.59 68.66 -34.24
N ASN TA 27 42.72 67.95 -34.93
CA ASN TA 27 41.37 68.42 -35.27
C ASN TA 27 40.33 67.45 -34.73
N LYS TA 28 39.16 67.98 -34.46
CA LYS TA 28 38.04 67.19 -33.92
C LYS TA 28 36.77 67.38 -34.74
N ILE TA 29 36.07 66.28 -34.91
CA ILE TA 29 34.76 66.24 -35.59
C ILE TA 29 33.76 65.48 -34.72
N ASP TA 30 32.54 65.96 -34.71
CA ASP TA 30 31.44 65.28 -33.99
C ASP TA 30 30.62 64.49 -35.01
N SER TA 31 30.34 63.25 -34.66
CA SER TA 31 29.45 62.38 -35.48
C SER TA 31 27.98 62.66 -35.15
N GLY TA 32 27.10 61.85 -35.75
CA GLY TA 32 25.64 61.98 -35.60
C GLY TA 32 25.16 61.73 -34.16
N LYS TA 33 25.87 60.84 -33.46
CA LYS TA 33 25.52 60.43 -32.09
C LYS TA 33 26.01 61.39 -31.01
N LEU TA 34 26.77 62.42 -31.39
CA LEU TA 34 27.41 63.38 -30.46
C LEU TA 34 28.80 62.88 -29.99
N GLY TA 35 29.23 61.69 -30.49
CA GLY TA 35 30.58 61.16 -30.25
C GLY TA 35 31.64 61.89 -31.10
N TYR TA 36 32.85 61.91 -30.63
CA TYR TA 36 33.93 62.76 -31.21
C TYR TA 36 35.04 61.91 -31.81
N SER TA 37 35.59 62.40 -32.88
CA SER TA 37 36.76 61.81 -33.56
C SER TA 37 37.89 62.83 -33.57
N ILE TA 38 39.06 62.34 -33.24
CA ILE TA 38 40.29 63.17 -33.26
C ILE TA 38 41.22 62.67 -34.36
N THR TA 39 41.80 63.62 -35.05
CA THR TA 39 42.72 63.36 -36.19
C THR TA 39 43.92 64.30 -36.09
N VAL TA 40 45.04 63.84 -36.58
CA VAL TA 40 46.28 64.63 -36.63
C VAL TA 40 46.90 64.56 -38.02
N ALA TA 41 47.74 65.52 -38.34
CA ALA TA 41 48.54 65.45 -39.58
C ALA TA 41 49.39 64.17 -39.51
N GLU TA 42 49.55 63.49 -40.64
CA GLU TA 42 50.42 62.30 -40.73
C GLU TA 42 51.85 62.50 -40.16
N PRO TA 43 52.49 63.67 -40.34
CA PRO TA 43 53.82 63.95 -39.80
C PRO TA 43 53.88 64.01 -38.27
N ASP TA 44 52.72 64.21 -37.64
CA ASP TA 44 52.62 64.25 -36.16
C ASP TA 44 52.02 62.99 -35.55
N PHE TA 45 51.73 61.98 -36.38
CA PHE TA 45 51.03 60.78 -35.92
C PHE TA 45 51.80 60.01 -34.84
N THR TA 46 53.08 59.77 -35.10
CA THR TA 46 53.95 59.00 -34.19
C THR TA 46 54.10 59.72 -32.84
N ALA TA 47 54.37 61.03 -32.92
CA ALA TA 47 54.47 61.85 -31.70
C ALA TA 47 53.16 61.81 -30.91
N ALA TA 48 52.05 62.01 -31.61
CA ALA TA 48 50.69 62.06 -31.03
C ALA TA 48 50.33 60.79 -30.26
N VAL TA 49 50.68 59.65 -30.85
CA VAL TA 49 50.46 58.33 -30.22
C VAL TA 49 51.33 58.14 -28.97
N TYR TA 50 52.54 58.67 -29.04
CA TYR TA 50 53.52 58.59 -27.93
C TYR TA 50 53.03 59.39 -26.73
N TRP TA 51 52.60 60.62 -27.04
CA TRP TA 51 52.03 61.50 -26.00
C TRP TA 51 50.76 60.89 -25.43
N ILE TA 52 49.86 60.42 -26.21
CA ILE TA 52 48.58 59.83 -25.72
C ILE TA 52 48.83 58.59 -24.82
N LYS TA 53 49.77 57.74 -25.25
CA LYS TA 53 50.12 56.51 -24.53
C LYS TA 53 50.79 56.83 -23.18
N THR TA 54 51.65 57.85 -23.20
CA THR TA 54 52.37 58.30 -21.99
C THR TA 54 51.43 58.87 -20.92
N TYR TA 55 50.27 59.36 -21.36
CA TYR TA 55 49.27 59.96 -20.46
C TYR TA 55 48.03 59.07 -20.25
N GLN TA 56 48.15 57.77 -20.55
CA GLN TA 56 47.09 56.76 -20.30
C GLN TA 56 45.83 56.97 -21.18
N LEU TA 57 46.02 57.52 -22.37
CA LEU TA 57 44.91 57.73 -23.31
C LEU TA 57 45.03 56.81 -24.53
N PRO TA 58 43.89 56.27 -24.97
CA PRO TA 58 42.57 56.40 -24.32
C PRO TA 58 42.48 55.48 -23.07
N PRO TA 59 41.75 55.91 -22.04
CA PRO TA 59 41.51 55.14 -20.82
C PRO TA 59 40.93 53.77 -21.15
N ARG TA 60 41.53 52.78 -20.54
CA ARG TA 60 41.13 51.37 -20.69
C ARG TA 60 39.82 51.08 -19.93
N PRO TA 61 39.02 50.17 -20.47
CA PRO TA 61 37.90 49.56 -19.74
C PRO TA 61 38.44 48.38 -18.92
N ARG TA 62 38.03 48.35 -17.66
CA ARG TA 62 38.36 47.25 -16.74
C ARG TA 62 37.08 46.50 -16.38
N VAL TA 63 37.23 45.29 -15.87
CA VAL TA 63 36.09 44.44 -15.47
C VAL TA 63 35.06 45.24 -14.67
N GLU TA 64 33.81 45.05 -15.05
CA GLU TA 64 32.70 45.67 -14.32
C GLU TA 64 32.07 44.57 -13.46
N ILE TA 65 31.94 44.86 -12.19
CA ILE TA 65 31.34 43.93 -11.21
C ILE TA 65 29.92 43.55 -11.65
N ALA TA 66 29.22 44.42 -12.31
CA ALA TA 66 27.83 44.16 -12.78
C ALA TA 66 27.79 43.11 -13.90
N GLN TA 67 28.84 43.07 -14.71
CA GLN TA 67 28.99 42.08 -15.80
C GLN TA 67 29.41 40.70 -15.28
N MET TA 68 28.78 40.29 -14.18
CA MET TA 68 29.03 38.98 -13.54
C MET TA 68 28.29 37.81 -14.17
N PHE TA 69 27.42 38.10 -15.13
CA PHE TA 69 26.62 37.06 -15.83
C PHE TA 69 27.46 35.86 -16.33
N PRO TA 70 28.66 36.11 -16.89
CA PRO TA 70 29.58 35.04 -17.35
C PRO TA 70 30.07 34.10 -16.24
N ALA TA 71 30.02 34.55 -14.98
CA ALA TA 71 30.63 33.82 -13.86
C ALA TA 71 29.63 32.96 -13.07
N ASP TA 72 28.39 33.44 -12.96
CA ASP TA 72 27.32 32.75 -12.21
C ASP TA 72 25.97 33.23 -12.73
N SER TA 73 24.98 32.37 -12.57
CA SER TA 73 23.65 32.59 -13.15
C SER TA 73 22.64 33.15 -12.15
N LEU TA 74 22.91 32.95 -10.85
CA LEU TA 74 22.04 33.35 -9.73
C LEU TA 74 22.86 33.45 -8.44
N VAL TA 75 22.41 34.32 -7.55
CA VAL TA 75 23.09 34.59 -6.27
C VAL TA 75 22.05 34.52 -5.15
N SER TA 76 22.19 33.51 -4.32
CA SER TA 76 21.28 33.30 -3.18
C SER TA 76 21.98 33.54 -1.83
N SER TA 77 23.32 33.58 -1.88
CA SER TA 77 24.08 33.83 -0.62
C SER TA 77 25.28 34.80 -0.77
N PRO TA 78 26.59 34.31 -0.33
CA PRO TA 78 27.47 35.23 0.34
C PRO TA 78 28.60 35.90 -0.47
N ARG TA 79 29.36 35.17 -1.27
CA ARG TA 79 30.59 35.72 -1.88
C ARG TA 79 30.33 36.89 -2.85
N ALA TA 80 29.34 36.69 -3.72
CA ALA TA 80 28.96 37.71 -4.71
C ALA TA 80 28.27 38.93 -4.08
N GLU TA 81 27.46 38.65 -3.05
CA GLU TA 81 26.75 39.70 -2.30
C GLU TA 81 27.75 40.61 -1.56
N LYS TA 82 28.76 39.98 -0.97
CA LYS TA 82 29.81 40.69 -0.21
C LYS TA 82 30.69 41.54 -1.12
N ALA TA 83 30.92 41.07 -2.35
CA ALA TA 83 31.67 41.82 -3.37
C ALA TA 83 30.94 43.11 -3.77
N ARG TA 84 29.62 43.00 -3.89
CA ARG TA 84 28.75 44.15 -4.25
C ARG TA 84 28.63 45.16 -3.10
N LEU TA 85 28.55 44.64 -1.87
CA LEU TA 85 28.54 45.47 -0.66
C LEU TA 85 29.85 46.25 -0.50
N TYR TA 86 30.95 45.56 -0.82
CA TYR TA 86 32.29 46.16 -0.79
C TYR TA 86 32.48 47.23 -1.86
N SER TA 87 31.94 46.94 -3.04
CA SER TA 87 31.99 47.87 -4.18
C SER TA 87 31.18 49.15 -3.90
N ALA TA 88 30.03 48.97 -3.27
CA ALA TA 88 29.16 50.08 -2.85
C ALA TA 88 29.88 51.00 -1.85
N ILE TA 89 30.63 50.39 -0.94
CA ILE TA 89 31.40 51.12 0.08
C ILE TA 89 32.57 51.89 -0.56
N GLU TA 90 33.28 51.22 -1.45
CA GLU TA 90 34.40 51.84 -2.19
C GLU TA 90 33.94 53.08 -2.95
N GLN TA 91 32.77 52.96 -3.58
CA GLN TA 91 32.13 54.07 -4.33
C GLN TA 91 31.65 55.19 -3.40
N ARG TA 92 31.14 54.82 -2.23
CA ARG TA 92 30.69 55.79 -1.21
C ARG TA 92 31.86 56.62 -0.68
N LEU TA 93 32.99 55.95 -0.50
CA LEU TA 93 34.25 56.59 -0.05
C LEU TA 93 34.85 57.51 -1.08
N GLU TA 94 34.88 57.02 -2.31
CA GLU TA 94 35.32 57.81 -3.46
C GLU TA 94 34.45 59.05 -3.66
N GLN TA 95 33.13 58.90 -3.45
CA GLN TA 95 32.18 60.01 -3.58
C GLN TA 95 32.44 61.09 -2.51
N SER TA 96 32.70 60.62 -1.29
CA SER TA 96 32.98 61.50 -0.14
C SER TA 96 34.31 62.25 -0.31
N LEU TA 97 35.38 61.50 -0.59
CA LEU TA 97 36.71 62.11 -0.79
C LEU TA 97 36.79 63.07 -1.96
N GLN TA 98 36.00 62.80 -2.99
CA GLN TA 98 35.93 63.65 -4.19
C GLN TA 98 35.40 65.06 -3.93
N THR TA 99 34.73 65.25 -2.80
CA THR TA 99 34.20 66.57 -2.41
C THR TA 99 35.29 67.49 -1.81
N MET TA 100 36.39 66.90 -1.35
CA MET TA 100 37.54 67.66 -0.84
C MET TA 100 38.11 68.50 -2.00
N GLU TA 101 38.19 69.81 -1.76
CA GLU TA 101 38.73 70.76 -2.74
C GLU TA 101 40.16 70.38 -3.12
N GLY TA 102 40.38 70.25 -4.43
CA GLY TA 102 41.71 69.85 -4.94
C GLY TA 102 41.72 68.44 -5.54
N VAL TA 103 40.86 67.57 -5.06
CA VAL TA 103 40.71 66.20 -5.59
C VAL TA 103 40.05 66.26 -6.97
N LEU TA 104 40.73 65.62 -7.92
CA LEU TA 104 40.21 65.50 -9.29
C LEU TA 104 39.88 64.05 -9.70
N SER TA 105 40.35 63.11 -8.91
CA SER TA 105 40.07 61.66 -9.08
C SER TA 105 40.61 60.90 -7.87
N ALA TA 106 39.95 59.78 -7.65
CA ALA TA 106 40.17 58.93 -6.46
C ALA TA 106 39.77 57.49 -6.75
N ARG TA 107 40.58 56.58 -6.24
CA ARG TA 107 40.32 55.13 -6.29
C ARG TA 107 40.48 54.54 -4.90
N VAL TA 108 39.51 53.73 -4.51
CA VAL TA 108 39.54 53.01 -3.23
C VAL TA 108 39.35 51.52 -3.50
N HIS TA 109 40.27 50.75 -2.95
CA HIS TA 109 40.20 49.28 -2.96
C HIS TA 109 40.21 48.78 -1.51
N ILE TA 110 39.12 48.16 -1.13
CA ILE TA 110 38.94 47.69 0.25
C ILE TA 110 39.12 46.17 0.34
N SER TA 111 39.70 45.77 1.46
CA SER TA 111 39.82 44.35 1.87
C SER TA 111 39.17 44.12 3.24
N TYR TA 112 38.18 43.25 3.25
CA TYR TA 112 37.40 42.85 4.44
C TYR TA 112 36.94 41.43 4.23
N ASP TA 113 37.62 40.51 4.81
CA ASP TA 113 37.22 39.09 4.69
C ASP TA 113 37.05 38.42 6.02
N ILE TA 114 36.08 37.61 6.19
CA ILE TA 114 35.91 36.80 7.42
C ILE TA 114 36.18 35.35 7.08
N ASP TA 115 37.29 34.82 7.47
CA ASP TA 115 37.71 33.46 7.11
C ASP TA 115 37.67 32.49 8.28
N ALA TA 116 37.41 31.29 8.11
CA ALA TA 116 37.50 30.17 9.08
C ALA TA 116 38.67 29.25 8.73
N GLY TA 117 39.75 29.42 9.45
CA GLY TA 117 41.02 28.66 9.25
C GLY TA 117 40.75 27.18 9.48
N GLU TA 118 40.06 26.83 10.49
CA GLU TA 118 39.68 25.48 11.01
C GLU TA 118 38.75 25.61 12.20
N ASN TA 119 38.33 24.51 12.78
CA ASN TA 119 37.47 24.50 13.99
C ASN TA 119 38.14 25.27 15.13
N GLY TA 120 37.38 26.28 15.60
CA GLY TA 120 37.81 27.19 16.68
C GLY TA 120 38.95 28.14 16.29
N ARG TA 121 39.00 28.54 15.02
CA ARG TA 121 40.01 29.49 14.51
C ARG TA 121 39.46 30.43 13.42
N PRO TA 122 38.92 31.57 13.84
CA PRO TA 122 38.43 32.63 12.93
C PRO TA 122 39.44 33.77 12.73
N PRO TA 123 39.88 33.99 11.51
CA PRO TA 123 40.61 35.22 11.13
C PRO TA 123 39.75 36.30 10.46
N LYS TA 124 40.18 37.53 10.67
CA LYS TA 124 39.63 38.76 10.05
C LYS TA 124 40.71 39.59 9.33
N PRO TA 125 40.70 39.66 8.05
CA PRO TA 125 41.54 40.56 7.21
C PRO TA 125 40.87 41.88 6.93
N VAL TA 126 41.64 42.88 7.27
CA VAL TA 126 41.24 44.28 7.08
C VAL TA 126 42.38 44.98 6.36
N HIS TA 127 41.99 45.96 5.55
CA HIS TA 127 42.90 46.98 4.98
C HIS TA 127 42.19 47.77 3.90
N LEU TA 128 42.71 48.95 3.63
CA LEU TA 128 42.24 49.81 2.53
C LEU TA 128 43.42 50.46 1.80
N SER TA 129 43.26 50.55 0.48
CA SER TA 129 44.20 51.27 -0.39
C SER TA 129 43.48 52.43 -1.08
N ALA TA 130 44.02 53.62 -0.93
CA ALA TA 130 43.45 54.86 -1.45
C ALA TA 130 44.47 55.66 -2.26
N LEU TA 131 44.08 55.91 -3.50
CA LEU TA 131 44.85 56.76 -4.41
C LEU TA 131 44.01 57.98 -4.76
N ALA TA 132 44.55 59.15 -4.48
CA ALA TA 132 43.89 60.40 -4.87
C ALA TA 132 44.80 61.27 -5.72
N VAL TA 133 44.25 61.73 -6.79
CA VAL TA 133 44.94 62.66 -7.71
C VAL TA 133 44.45 64.07 -7.40
N TYR TA 134 45.40 64.92 -7.20
CA TYR TA 134 45.12 66.33 -6.88
C TYR TA 134 45.44 67.21 -8.08
N GLU TA 135 44.74 68.34 -8.11
CA GLU TA 135 45.03 69.40 -9.08
C GLU TA 135 46.47 69.85 -8.93
N ARG TA 136 47.10 70.24 -9.95
CA ARG TA 136 48.47 70.78 -9.96
C ARG TA 136 48.72 71.97 -8.99
N GLY TA 137 47.63 72.69 -8.76
CA GLY TA 137 47.69 73.94 -7.97
C GLY TA 137 47.24 73.77 -6.51
N SER TA 138 47.03 72.53 -6.06
CA SER TA 138 46.65 72.25 -4.67
C SER TA 138 47.52 71.17 -4.03
N PRO TA 139 48.16 71.50 -2.91
CA PRO TA 139 48.91 70.53 -2.09
C PRO TA 139 47.97 69.88 -1.07
N LEU TA 140 47.71 68.60 -1.26
CA LEU TA 140 46.83 67.84 -0.34
C LEU TA 140 47.60 66.97 0.65
N ALA TA 141 48.92 67.17 0.72
CA ALA TA 141 49.81 66.39 1.59
C ALA TA 141 49.44 66.56 3.08
N HIS TA 142 49.08 67.79 3.45
CA HIS TA 142 48.61 68.10 4.82
C HIS TA 142 47.27 67.44 5.20
N GLN TA 143 46.54 66.99 4.19
CA GLN TA 143 45.21 66.37 4.38
C GLN TA 143 45.25 64.84 4.42
N ILE TA 144 46.44 64.26 4.44
CA ILE TA 144 46.60 62.79 4.42
C ILE TA 144 45.98 62.12 5.66
N SER TA 145 46.25 62.74 6.82
CA SER TA 145 45.77 62.24 8.12
C SER TA 145 44.24 62.30 8.21
N ASP TA 146 43.68 63.39 7.66
CA ASP TA 146 42.22 63.57 7.62
C ASP TA 146 41.56 62.54 6.69
N ILE TA 147 42.19 62.32 5.54
CA ILE TA 147 41.70 61.31 4.57
C ILE TA 147 41.74 59.90 5.19
N LYS TA 148 42.86 59.58 5.87
CA LYS TA 148 42.99 58.28 6.54
C LYS TA 148 41.90 58.06 7.60
N ARG TA 149 41.61 59.11 8.36
CA ARG TA 149 40.59 59.04 9.43
C ARG TA 149 39.18 58.86 8.88
N PHE TA 150 38.93 59.44 7.72
CA PHE TA 150 37.61 59.37 7.04
C PHE TA 150 37.38 57.96 6.51
N LEU TA 151 38.45 57.39 5.96
CA LEU TA 151 38.44 56.02 5.45
C LEU TA 151 38.32 54.99 6.59
N LYS TA 152 39.05 55.25 7.67
CA LYS TA 152 39.05 54.38 8.85
C LYS TA 152 37.62 54.18 9.41
N ASN TA 153 36.92 55.30 9.54
CA ASN TA 153 35.61 55.31 10.22
C ASN TA 153 34.42 55.07 9.30
N SER TA 154 34.70 54.90 8.02
CA SER TA 154 33.66 54.53 7.05
C SER TA 154 33.47 53.02 6.94
N PHE TA 155 34.48 52.29 7.38
CA PHE TA 155 34.57 50.85 7.12
C PHE TA 155 34.78 50.04 8.41
N ALA TA 156 34.16 48.87 8.42
CA ALA TA 156 34.21 47.94 9.57
C ALA TA 156 35.61 47.38 9.82
N ASP TA 157 35.98 47.49 11.10
CA ASP TA 157 37.21 46.91 11.66
C ASP TA 157 38.48 47.34 10.89
N VAL TA 158 38.69 48.65 10.71
CA VAL TA 158 39.92 49.16 10.06
C VAL TA 158 40.74 49.95 11.08
N ASP TA 159 42.04 49.70 11.02
CA ASP TA 159 43.02 50.50 11.78
C ASP TA 159 43.87 51.34 10.82
N TYR TA 160 44.36 52.45 11.34
CA TYR TA 160 45.18 53.41 10.58
C TYR TA 160 46.41 52.80 9.90
N ASP TA 161 47.03 51.86 10.63
CA ASP TA 161 48.25 51.20 10.15
C ASP TA 161 48.01 50.35 8.89
N ASN TA 162 46.76 50.00 8.66
CA ASN TA 162 46.33 49.18 7.50
C ASN TA 162 45.61 50.03 6.46
N ILE TA 163 45.91 51.27 6.39
CA ILE TA 163 45.37 52.16 5.35
C ILE TA 163 46.56 52.82 4.64
N SER TA 164 46.58 52.67 3.33
CA SER TA 164 47.55 53.38 2.48
C SER TA 164 46.85 54.49 1.71
N VAL TA 165 47.33 55.70 1.92
CA VAL TA 165 46.84 56.89 1.20
C VAL TA 165 48.00 57.48 0.40
N VAL TA 166 47.87 57.41 -0.91
CA VAL TA 166 48.87 57.97 -1.84
C VAL TA 166 48.21 59.10 -2.61
N LEU TA 167 48.88 60.25 -2.58
CA LEU TA 167 48.45 61.45 -3.31
C LEU TA 167 49.44 61.78 -4.41
N SER TA 168 48.94 61.89 -5.62
CA SER TA 168 49.77 62.22 -6.81
C SER TA 168 49.15 63.37 -7.60
N GLU TA 169 49.99 64.34 -7.94
CA GLU TA 169 49.60 65.51 -8.75
C GLU TA 169 49.36 65.00 -10.13
N ARG TA 170 48.31 65.52 -10.74
CA ARG TA 170 48.08 65.24 -12.17
C ARG TA 170 49.30 65.65 -13.05
N LYS UA 1 37.71 -32.36 -71.05
CA LYS UA 1 37.01 -32.51 -69.77
C LYS UA 1 37.33 -31.35 -68.81
N ASP UA 2 36.29 -30.81 -68.21
CA ASP UA 2 36.44 -29.71 -67.23
C ASP UA 2 37.12 -30.26 -65.96
N LEU UA 3 38.06 -29.47 -65.48
CA LEU UA 3 38.66 -29.66 -64.16
C LEU UA 3 37.89 -28.88 -63.09
N LEU UA 4 38.10 -27.56 -63.08
CA LEU UA 4 37.43 -26.64 -62.15
C LEU UA 4 37.05 -25.34 -62.84
N LYS UA 5 35.96 -24.78 -62.37
CA LYS UA 5 35.46 -23.45 -62.77
C LYS UA 5 35.50 -22.50 -61.56
N GLY UA 6 35.36 -21.20 -61.85
CA GLY UA 6 35.27 -20.14 -60.85
C GLY UA 6 36.55 -19.99 -60.03
N LEU UA 7 37.68 -20.27 -60.68
CA LEU UA 7 39.01 -20.12 -60.05
C LEU UA 7 39.46 -18.66 -60.12
N ASP UA 8 40.18 -18.24 -59.08
CA ASP UA 8 40.89 -16.95 -59.11
C ASP UA 8 42.03 -17.09 -60.15
N GLN UA 9 42.50 -15.94 -60.66
CA GLN UA 9 43.64 -15.88 -61.59
C GLN UA 9 44.90 -16.58 -61.03
N GLU UA 10 45.17 -16.41 -59.73
CA GLU UA 10 46.36 -17.01 -59.10
C GLU UA 10 46.25 -18.54 -58.99
N GLN UA 11 45.08 -19.01 -58.55
CA GLN UA 11 44.83 -20.45 -58.38
C GLN UA 11 44.84 -21.15 -59.75
N ALA UA 12 44.22 -20.51 -60.72
CA ALA UA 12 44.19 -21.01 -62.11
C ALA UA 12 45.59 -21.01 -62.74
N ASN UA 13 46.37 -19.94 -62.51
CA ASN UA 13 47.74 -19.86 -63.03
C ASN UA 13 48.69 -20.89 -62.42
N GLU UA 14 48.56 -21.12 -61.12
CA GLU UA 14 49.41 -22.10 -60.44
C GLU UA 14 49.11 -23.54 -60.86
N VAL UA 15 47.82 -23.85 -61.00
CA VAL UA 15 47.35 -25.16 -61.49
C VAL UA 15 47.71 -25.38 -62.98
N ILE UA 16 47.56 -24.34 -63.77
CA ILE UA 16 47.87 -24.45 -65.22
C ILE UA 16 49.37 -24.70 -65.45
N ALA UA 17 50.18 -23.97 -64.67
CA ALA UA 17 51.64 -24.04 -64.77
C ALA UA 17 52.15 -25.40 -64.28
N VAL UA 18 51.57 -25.88 -63.18
CA VAL UA 18 51.89 -27.21 -62.64
C VAL UA 18 51.54 -28.31 -63.65
N LEU UA 19 50.39 -28.20 -64.29
CA LEU UA 19 49.99 -29.22 -65.27
C LEU UA 19 50.83 -29.21 -66.55
N GLN UA 20 51.12 -27.99 -67.02
CA GLN UA 20 51.96 -27.79 -68.20
C GLN UA 20 53.39 -28.29 -67.99
N MET UA 21 53.92 -28.09 -66.78
CA MET UA 21 55.27 -28.57 -66.41
C MET UA 21 55.36 -30.10 -66.31
N HIS UA 22 54.20 -30.75 -66.17
CA HIS UA 22 54.11 -32.22 -66.11
C HIS UA 22 53.57 -32.82 -67.42
N ASN UA 23 53.73 -32.07 -68.53
CA ASN UA 23 53.33 -32.53 -69.87
C ASN UA 23 51.82 -32.86 -69.96
N ILE UA 24 51.00 -32.07 -69.28
CA ILE UA 24 49.54 -32.23 -69.38
C ILE UA 24 49.00 -31.06 -70.21
N GLU UA 25 48.27 -31.44 -71.26
CA GLU UA 25 47.62 -30.47 -72.15
C GLU UA 25 46.38 -29.89 -71.46
N ALA UA 26 46.58 -28.71 -70.90
CA ALA UA 26 45.50 -27.97 -70.21
C ALA UA 26 45.22 -26.65 -70.92
N ASN UA 27 43.95 -26.30 -70.97
CA ASN UA 27 43.48 -25.03 -71.54
C ASN UA 27 42.68 -24.25 -70.50
N LYS UA 28 42.68 -22.95 -70.65
CA LYS UA 28 41.98 -22.05 -69.73
C LYS UA 28 41.07 -21.08 -70.47
N ILE UA 29 39.91 -20.87 -69.87
CA ILE UA 29 38.91 -19.90 -70.36
C ILE UA 29 38.48 -18.99 -69.21
N ASP UA 30 38.27 -17.73 -69.52
CA ASP UA 30 37.75 -16.76 -68.53
C ASP UA 30 36.25 -16.57 -68.77
N SER UA 31 35.50 -16.63 -67.69
CA SER UA 31 34.05 -16.35 -67.74
C SER UA 31 33.78 -14.84 -67.67
N GLY UA 32 32.48 -14.50 -67.61
CA GLY UA 32 32.02 -13.09 -67.58
C GLY UA 32 32.50 -12.32 -66.33
N LYS UA 33 32.63 -13.06 -65.23
CA LYS UA 33 32.99 -12.48 -63.92
C LYS UA 33 34.51 -12.29 -63.75
N LEU UA 34 35.32 -12.74 -64.70
CA LEU UA 34 36.80 -12.72 -64.65
C LEU UA 34 37.34 -14.00 -63.95
N GLY UA 35 36.44 -14.92 -63.54
CA GLY UA 35 36.81 -16.25 -63.01
C GLY UA 35 37.27 -17.21 -64.12
N TYR UA 36 38.09 -18.15 -63.79
CA TYR UA 36 38.79 -19.02 -64.77
C TYR UA 36 38.35 -20.46 -64.65
N SER UA 37 38.29 -21.11 -65.79
CA SER UA 37 38.00 -22.54 -65.91
C SER UA 37 39.17 -23.23 -66.58
N ILE UA 38 39.56 -24.35 -66.01
CA ILE UA 38 40.64 -25.19 -66.55
C ILE UA 38 40.06 -26.51 -67.06
N THR UA 39 40.54 -26.92 -68.20
CA THR UA 39 40.10 -28.16 -68.88
C THR UA 39 41.31 -28.91 -69.42
N VAL UA 40 41.21 -30.21 -69.48
CA VAL UA 40 42.26 -31.09 -70.04
C VAL UA 40 41.66 -32.06 -71.03
N ALA UA 41 42.49 -32.60 -71.91
CA ALA UA 41 42.05 -33.70 -72.78
C ALA UA 41 41.60 -34.87 -71.88
N GLU UA 42 40.55 -35.57 -72.29
CA GLU UA 42 40.06 -36.77 -71.56
C GLU UA 42 41.17 -37.81 -71.26
N PRO UA 43 42.14 -38.06 -72.17
CA PRO UA 43 43.23 -39.02 -71.95
C PRO UA 43 44.20 -38.59 -70.85
N ASP UA 44 44.20 -37.30 -70.49
CA ASP UA 44 45.06 -36.77 -69.42
C ASP UA 44 44.31 -36.45 -68.13
N PHE UA 45 43.01 -36.77 -68.08
CA PHE UA 45 42.16 -36.40 -66.95
C PHE UA 45 42.62 -37.03 -65.63
N THR UA 46 42.86 -38.34 -65.66
CA THR UA 46 43.27 -39.11 -64.46
C THR UA 46 44.62 -38.62 -63.93
N ALA UA 47 45.58 -38.44 -64.85
CA ALA UA 47 46.90 -37.91 -64.48
C ALA UA 47 46.76 -36.52 -63.87
N ALA UA 48 45.98 -35.66 -64.53
CA ALA UA 48 45.78 -34.26 -64.13
C ALA UA 48 45.22 -34.13 -62.71
N VAL UA 49 44.25 -34.98 -62.39
CA VAL UA 49 43.64 -35.03 -61.06
C VAL UA 49 44.63 -35.51 -59.99
N TYR UA 50 45.48 -36.45 -60.39
CA TYR UA 50 46.51 -37.03 -59.50
C TYR UA 50 47.55 -35.97 -59.13
N TRP UA 51 48.00 -35.26 -60.17
CA TRP UA 51 48.97 -34.16 -59.98
C TRP UA 51 48.34 -33.06 -59.15
N ILE UA 52 47.16 -32.63 -59.43
CA ILE UA 52 46.49 -31.54 -58.67
C ILE UA 52 46.30 -31.90 -57.18
N LYS UA 53 45.89 -33.14 -56.94
CA LYS UA 53 45.63 -33.66 -55.58
C LYS UA 53 46.95 -33.76 -54.78
N THR UA 54 47.99 -34.21 -55.46
CA THR UA 54 49.34 -34.36 -54.85
C THR UA 54 49.94 -33.00 -54.43
N TYR UA 55 49.50 -31.93 -55.10
CA TYR UA 55 49.99 -30.57 -54.80
C TYR UA 55 48.98 -29.69 -54.07
N GLN UA 56 47.97 -30.31 -53.44
CA GLN UA 56 46.98 -29.62 -52.59
C GLN UA 56 46.05 -28.67 -53.38
N LEU UA 57 45.80 -29.01 -54.64
CA LEU UA 57 44.90 -28.23 -55.48
C LEU UA 57 43.60 -28.99 -55.79
N PRO UA 58 42.48 -28.27 -55.76
CA PRO UA 58 42.37 -26.85 -55.37
C PRO UA 58 42.45 -26.71 -53.83
N PRO UA 59 43.03 -25.61 -53.35
CA PRO UA 59 43.13 -25.28 -51.92
C PRO UA 59 41.76 -25.30 -51.27
N ARG UA 60 41.71 -26.00 -50.15
CA ARG UA 60 40.49 -26.13 -49.33
C ARG UA 60 40.17 -24.85 -48.57
N PRO UA 61 38.88 -24.57 -48.38
CA PRO UA 61 38.41 -23.55 -47.43
C PRO UA 61 38.35 -24.17 -46.03
N ARG UA 62 38.89 -23.46 -45.08
CA ARG UA 62 38.84 -23.85 -43.66
C ARG UA 62 37.99 -22.83 -42.89
N VAL UA 63 37.54 -23.22 -41.70
CA VAL UA 63 36.69 -22.36 -40.85
C VAL UA 63 37.26 -20.93 -40.78
N GLU UA 64 36.36 -19.98 -40.95
CA GLU UA 64 36.73 -18.56 -40.80
C GLU UA 64 36.21 -18.12 -39.44
N ILE UA 65 37.11 -17.54 -38.69
CA ILE UA 65 36.80 -17.01 -37.33
C ILE UA 65 35.65 -15.99 -37.41
N ALA UA 66 35.54 -15.25 -38.49
CA ALA UA 66 34.49 -14.25 -38.67
C ALA UA 66 33.08 -14.87 -38.82
N GLN UA 67 33.05 -16.07 -39.40
CA GLN UA 67 31.80 -16.84 -39.57
C GLN UA 67 31.35 -17.52 -38.25
N MET UA 68 31.44 -16.77 -37.17
CA MET UA 68 31.06 -17.23 -35.82
C MET UA 68 29.56 -17.13 -35.51
N PHE UA 69 28.81 -16.54 -36.43
CA PHE UA 69 27.35 -16.36 -36.26
C PHE UA 69 26.62 -17.66 -35.86
N PRO UA 70 26.96 -18.82 -36.44
CA PRO UA 70 26.39 -20.13 -36.06
C PRO UA 70 26.63 -20.55 -34.61
N ALA UA 71 27.64 -20.00 -33.97
CA ALA UA 71 28.08 -20.45 -32.64
C ALA UA 71 27.54 -19.61 -31.49
N ASP UA 72 27.37 -18.31 -31.72
CA ASP UA 72 26.90 -17.35 -30.70
C ASP UA 72 26.31 -16.13 -31.41
N SER UA 73 25.39 -15.47 -30.72
CA SER UA 73 24.62 -14.37 -31.31
C SER UA 73 25.14 -12.99 -30.93
N LEU UA 74 25.90 -12.92 -29.82
CA LEU UA 74 26.45 -11.68 -29.26
C LEU UA 74 27.64 -12.01 -28.34
N VAL UA 75 28.56 -11.06 -28.26
CA VAL UA 75 29.80 -11.21 -27.47
C VAL UA 75 29.96 -9.97 -26.59
N SER UA 76 29.84 -10.19 -25.30
CA SER UA 76 29.97 -9.10 -24.30
C SER UA 76 31.23 -9.27 -23.45
N SER UA 77 31.83 -10.46 -23.51
CA SER UA 77 33.07 -10.70 -22.73
C SER UA 77 34.17 -11.50 -23.47
N PRO UA 78 34.67 -12.70 -22.83
CA PRO UA 78 36.07 -13.00 -22.92
C PRO UA 78 36.54 -14.04 -23.97
N ARG UA 79 35.91 -15.20 -24.08
CA ARG UA 79 36.46 -16.30 -24.90
C ARG UA 79 36.56 -15.97 -26.40
N ALA UA 80 35.47 -15.40 -26.93
CA ALA UA 80 35.41 -15.01 -28.35
C ALA UA 80 36.30 -13.81 -28.68
N GLU UA 81 36.37 -12.87 -27.73
CA GLU UA 81 37.21 -11.67 -27.86
C GLU UA 81 38.70 -12.04 -27.91
N LYS UA 82 39.07 -12.99 -27.04
CA LYS UA 82 40.46 -13.48 -26.94
C LYS UA 82 40.89 -14.26 -28.18
N ALA UA 83 39.94 -14.98 -28.79
CA ALA UA 83 40.17 -15.71 -30.05
C ALA UA 83 40.48 -14.75 -31.21
N ARG UA 84 39.75 -13.63 -31.24
CA ARG UA 84 39.94 -12.59 -32.26
C ARG UA 84 41.25 -11.80 -32.06
N LEU UA 85 41.59 -11.55 -30.81
CA LEU UA 85 42.86 -10.91 -30.43
C LEU UA 85 44.06 -11.78 -30.82
N TYR UA 86 43.89 -13.09 -30.61
CA TYR UA 86 44.90 -14.09 -30.98
C TYR UA 86 45.06 -14.23 -32.49
N SER UA 87 43.94 -14.17 -33.19
CA SER UA 87 43.90 -14.25 -34.66
C SER UA 87 44.59 -13.03 -35.29
N ALA UA 88 44.33 -11.86 -34.71
CA ALA UA 88 44.95 -10.59 -35.13
C ALA UA 88 46.48 -10.65 -34.99
N ILE UA 89 46.93 -11.26 -33.88
CA ILE UA 89 48.37 -11.42 -33.60
C ILE UA 89 49.02 -12.40 -34.58
N GLU UA 90 48.36 -13.52 -34.82
CA GLU UA 90 48.84 -14.53 -35.77
C GLU UA 90 49.01 -13.94 -37.18
N GLN UA 91 48.05 -13.11 -37.56
CA GLN UA 91 48.07 -12.40 -38.85
C GLN UA 91 49.16 -11.32 -38.91
N ARG UA 92 49.39 -10.64 -37.78
CA ARG UA 92 50.45 -9.62 -37.66
C ARG UA 92 51.84 -10.25 -37.80
N LEU UA 93 51.99 -11.43 -37.23
CA LEU UA 93 53.24 -12.21 -37.31
C LEU UA 93 53.52 -12.76 -38.69
N GLU UA 94 52.47 -13.30 -39.29
CA GLU UA 94 52.52 -13.78 -40.68
C GLU UA 94 52.86 -12.65 -41.65
N GLN UA 95 52.28 -11.45 -41.39
CA GLN UA 95 52.55 -10.27 -42.23
C GLN UA 95 54.03 -9.84 -42.14
N SER UA 96 54.55 -9.87 -40.91
CA SER UA 96 55.94 -9.49 -40.63
C SER UA 96 56.93 -10.50 -41.24
N LEU UA 97 56.73 -11.78 -40.96
CA LEU UA 97 57.60 -12.85 -41.49
C LEU UA 97 57.61 -12.94 -43.03
N GLN UA 98 56.46 -12.62 -43.61
CA GLN UA 98 56.28 -12.64 -45.08
C GLN UA 98 57.16 -11.62 -45.81
N THR UA 99 57.67 -10.63 -45.10
CA THR UA 99 58.57 -9.60 -45.68
C THR UA 99 60.01 -10.10 -45.84
N MET UA 100 60.37 -11.15 -45.08
CA MET UA 100 61.69 -11.79 -45.21
C MET UA 100 61.82 -12.35 -46.64
N GLU UA 101 62.88 -11.93 -47.31
CA GLU UA 101 63.17 -12.39 -48.68
C GLU UA 101 63.32 -13.92 -48.71
N GLY UA 102 62.56 -14.54 -49.61
CA GLY UA 102 62.56 -16.01 -49.72
C GLY UA 102 61.26 -16.66 -49.25
N VAL UA 103 60.58 -16.02 -48.30
CA VAL UA 103 59.27 -16.51 -47.79
C VAL UA 103 58.21 -16.29 -48.87
N LEU UA 104 57.52 -17.38 -49.17
CA LEU UA 104 56.39 -17.36 -50.12
C LEU UA 104 55.03 -17.66 -49.47
N SER UA 105 55.07 -18.16 -48.25
CA SER UA 105 53.86 -18.43 -47.42
C SER UA 105 54.30 -18.81 -46.01
N ALA UA 106 53.39 -18.53 -45.10
CA ALA UA 106 53.61 -18.66 -43.66
C ALA UA 106 52.29 -18.85 -42.92
N ARG UA 107 52.33 -19.73 -41.94
CA ARG UA 107 51.21 -19.97 -41.02
C ARG UA 107 51.72 -19.92 -39.57
N VAL UA 108 50.97 -19.19 -38.76
CA VAL UA 108 51.25 -19.07 -37.32
C VAL UA 108 50.00 -19.48 -36.54
N HIS UA 109 50.22 -20.38 -35.60
CA HIS UA 109 49.19 -20.81 -34.64
C HIS UA 109 49.71 -20.57 -33.23
N ILE UA 110 49.04 -19.68 -32.53
CA ILE UA 110 49.46 -19.26 -31.18
C ILE UA 110 48.56 -19.90 -30.12
N SER UA 111 49.22 -20.23 -29.01
CA SER UA 111 48.56 -20.68 -27.77
C SER UA 111 48.93 -19.77 -26.58
N TYR UA 112 47.91 -19.16 -26.01
CA TYR UA 112 48.00 -18.24 -24.85
C TYR UA 112 46.71 -18.35 -24.07
N ASP UA 113 46.74 -19.10 -23.02
CA ASP UA 113 45.54 -19.24 -22.18
C ASP UA 113 45.80 -18.91 -20.73
N ILE UA 114 44.92 -18.26 -20.07
CA ILE UA 114 45.03 -18.01 -18.62
C ILE UA 114 43.96 -18.82 -17.92
N ASP UA 115 44.33 -19.89 -17.27
CA ASP UA 115 43.38 -20.81 -16.64
C ASP UA 115 43.40 -20.75 -15.12
N ALA UA 116 42.37 -20.96 -14.46
CA ALA UA 116 42.23 -21.12 -12.98
C ALA UA 116 41.91 -22.58 -12.65
N GLY UA 117 42.94 -23.30 -12.21
CA GLY UA 117 42.86 -24.73 -11.85
C GLY UA 117 41.88 -24.91 -10.70
N GLU UA 118 41.94 -24.11 -9.73
CA GLU UA 118 41.17 -24.06 -8.43
C GLU UA 118 41.56 -22.84 -7.63
N ASN UA 119 40.96 -22.64 -6.46
CA ASN UA 119 41.31 -21.53 -5.55
C ASN UA 119 42.81 -21.53 -5.21
N GLY UA 120 43.43 -20.40 -5.53
CA GLY UA 120 44.86 -20.16 -5.32
C GLY UA 120 45.78 -20.99 -6.23
N ARG UA 121 45.32 -21.27 -7.46
CA ARG UA 121 46.10 -22.03 -8.46
C ARG UA 121 45.85 -21.53 -9.90
N PRO UA 122 46.63 -20.55 -10.34
CA PRO UA 122 46.59 -20.03 -11.72
C PRO UA 122 47.69 -20.63 -12.63
N PRO UA 123 47.29 -21.30 -13.68
CA PRO UA 123 48.23 -21.67 -14.78
C PRO UA 123 48.18 -20.75 -16.00
N LYS UA 124 49.32 -20.67 -16.66
CA LYS UA 124 49.55 -19.95 -17.93
C LYS UA 124 50.16 -20.86 -19.01
N PRO UA 125 49.44 -21.20 -20.02
CA PRO UA 125 49.92 -21.90 -21.24
C PRO UA 125 50.35 -20.95 -22.34
N VAL UA 126 51.57 -21.22 -22.73
CA VAL UA 126 52.21 -20.46 -23.81
C VAL UA 126 52.76 -21.45 -24.81
N HIS UA 127 52.78 -21.02 -26.07
CA HIS UA 127 53.52 -21.68 -27.16
C HIS UA 127 53.11 -21.09 -28.51
N LEU UA 128 53.98 -21.25 -29.48
CA LEU UA 128 53.69 -20.86 -30.87
C LEU UA 128 54.21 -21.93 -31.84
N SER UA 129 53.43 -22.15 -32.88
CA SER UA 129 53.80 -23.01 -34.02
C SER UA 129 53.87 -22.18 -35.31
N ALA UA 130 55.00 -22.23 -35.97
CA ALA UA 130 55.27 -21.46 -37.20
C ALA UA 130 55.77 -22.35 -38.32
N LEU UA 131 55.05 -22.29 -39.42
CA LEU UA 131 55.42 -22.97 -40.66
C LEU UA 131 55.67 -21.91 -41.73
N ALA UA 132 56.87 -21.93 -42.29
CA ALA UA 132 57.18 -21.05 -43.41
C ALA UA 132 57.67 -21.82 -44.62
N VAL UA 133 57.10 -21.49 -45.74
CA VAL UA 133 57.48 -22.08 -47.04
C VAL UA 133 58.41 -21.09 -47.74
N TYR UA 134 59.53 -21.60 -48.15
CA TYR UA 134 60.53 -20.81 -48.85
C TYR UA 134 60.56 -21.14 -50.32
N GLU UA 135 60.99 -20.15 -51.09
CA GLU UA 135 61.27 -20.35 -52.52
C GLU UA 135 62.29 -21.46 -52.71
N ARG UA 136 62.22 -22.19 -53.72
CA ARG UA 136 63.18 -23.26 -54.08
C ARG UA 136 64.67 -22.81 -54.14
N GLY UA 137 64.82 -21.52 -54.45
CA GLY UA 137 66.15 -20.92 -54.68
C GLY UA 137 66.71 -20.16 -53.48
N SER UA 138 66.04 -20.25 -52.32
CA SER UA 138 66.51 -19.58 -51.09
C SER UA 138 66.55 -20.54 -49.90
N PRO UA 139 67.71 -20.68 -49.27
CA PRO UA 139 67.87 -21.43 -48.02
C PRO UA 139 67.62 -20.49 -46.81
N LEU UA 140 66.53 -20.74 -46.11
CA LEU UA 140 66.18 -19.94 -44.92
C LEU UA 140 66.52 -20.62 -43.60
N ALA UA 141 67.28 -21.72 -43.69
CA ALA UA 141 67.66 -22.51 -42.51
C ALA UA 141 68.49 -21.70 -41.50
N HIS UA 142 69.39 -20.87 -42.04
CA HIS UA 142 70.20 -19.94 -41.22
C HIS UA 142 69.40 -18.84 -40.50
N GLN UA 143 68.17 -18.63 -40.97
CA GLN UA 143 67.28 -17.57 -40.42
C GLN UA 143 66.30 -18.10 -39.37
N ILE UA 144 66.43 -19.36 -38.96
CA ILE UA 144 65.49 -19.99 -38.02
C ILE UA 144 65.50 -19.30 -36.65
N SER UA 145 66.73 -19.00 -36.19
CA SER UA 145 66.94 -18.35 -34.88
C SER UA 145 66.38 -16.92 -34.86
N ASP UA 146 66.55 -16.22 -35.98
CA ASP UA 146 66.00 -14.86 -36.15
C ASP UA 146 64.47 -14.87 -36.17
N ILE UA 147 63.90 -15.86 -36.88
CA ILE UA 147 62.44 -16.02 -36.94
C ILE UA 147 61.87 -16.36 -35.54
N LYS UA 148 62.54 -17.25 -34.83
CA LYS UA 148 62.12 -17.59 -33.44
C LYS UA 148 62.13 -16.39 -32.51
N ARG UA 149 63.16 -15.56 -32.64
CA ARG UA 149 63.30 -14.35 -31.79
C ARG UA 149 62.22 -13.30 -32.09
N PHE UA 150 61.82 -13.23 -33.35
CA PHE UA 150 60.79 -12.27 -33.82
C PHE UA 150 59.43 -12.67 -33.29
N LEU UA 151 59.19 -13.97 -33.32
CA LEU UA 151 57.96 -14.57 -32.79
C LEU UA 151 57.88 -14.47 -31.27
N LYS UA 152 59.01 -14.72 -30.62
CA LYS UA 152 59.12 -14.66 -29.16
C LYS UA 152 58.71 -13.29 -28.61
N ASN UA 153 59.23 -12.24 -29.25
CA ASN UA 153 59.07 -10.86 -28.76
C ASN UA 153 57.83 -10.15 -29.29
N SER UA 154 57.08 -10.83 -30.14
CA SER UA 154 55.81 -10.29 -30.62
C SER UA 154 54.64 -10.65 -29.70
N PHE UA 155 54.85 -11.67 -28.89
CA PHE UA 155 53.76 -12.30 -28.13
C PHE UA 155 54.07 -12.38 -26.63
N ALA UA 156 53.01 -12.20 -25.85
CA ALA UA 156 53.08 -12.20 -24.38
C ALA UA 156 53.48 -13.57 -23.81
N ASP UA 157 54.46 -13.51 -22.92
CA ASP UA 157 54.94 -14.63 -22.12
C ASP UA 157 55.34 -15.86 -22.97
N VAL UA 158 56.20 -15.67 -23.98
CA VAL UA 158 56.70 -16.80 -24.80
C VAL UA 158 58.20 -16.97 -24.55
N ASP UA 159 58.57 -18.24 -24.42
CA ASP UA 159 59.99 -18.64 -24.38
C ASP UA 159 60.36 -19.40 -25.65
N TYR UA 160 61.64 -19.34 -25.99
CA TYR UA 160 62.19 -19.99 -27.21
C TYR UA 160 61.93 -21.48 -27.30
N ASP UA 161 61.99 -22.14 -26.14
CA ASP UA 161 61.79 -23.60 -26.04
C ASP UA 161 60.37 -24.03 -26.44
N ASN UA 162 59.44 -23.08 -26.38
CA ASN UA 162 58.01 -23.31 -26.71
C ASN UA 162 57.65 -22.68 -28.05
N ILE UA 163 58.58 -22.55 -28.93
CA ILE UA 163 58.33 -22.10 -30.31
C ILE UA 163 58.88 -23.15 -31.26
N SER UA 164 58.01 -23.60 -32.14
CA SER UA 164 58.41 -24.50 -33.25
C SER UA 164 58.40 -23.71 -34.55
N VAL UA 165 59.54 -23.69 -35.20
CA VAL UA 165 59.70 -23.08 -36.54
C VAL UA 165 60.15 -24.16 -37.51
N VAL UA 166 59.26 -24.45 -38.45
CA VAL UA 166 59.52 -25.43 -39.51
C VAL UA 166 59.55 -24.69 -40.86
N LEU UA 167 60.63 -24.91 -41.58
CA LEU UA 167 60.81 -24.34 -42.92
C LEU UA 167 60.83 -25.46 -43.97
N SER UA 168 59.96 -25.32 -44.95
CA SER UA 168 59.84 -26.29 -46.05
C SER UA 168 59.88 -25.59 -47.41
N GLU UA 169 60.71 -26.14 -48.31
CA GLU UA 169 60.85 -25.63 -49.69
C GLU UA 169 59.56 -25.99 -50.38
N ARG UA 170 59.10 -25.05 -51.19
CA ARG UA 170 57.96 -25.36 -52.08
C ARG UA 170 58.26 -26.57 -53.01
N LYS VA 1 56.01 26.29 -60.57
CA LYS VA 1 55.43 25.27 -59.68
C LYS VA 1 54.87 25.90 -58.40
N ASP VA 2 53.67 25.48 -58.03
CA ASP VA 2 53.02 25.96 -56.80
C ASP VA 2 53.75 25.38 -55.58
N LEU VA 3 53.97 26.26 -54.62
CA LEU VA 3 54.43 25.88 -53.28
C LEU VA 3 53.25 25.59 -52.35
N LEU VA 4 52.60 26.67 -51.91
CA LEU VA 4 51.42 26.60 -51.04
C LEU VA 4 50.38 27.65 -51.41
N LYS VA 5 49.13 27.28 -51.19
CA LYS VA 5 47.97 28.15 -51.35
C LYS VA 5 47.31 28.36 -49.97
N GLY VA 6 46.41 29.37 -49.93
CA GLY VA 6 45.60 29.68 -48.74
C GLY VA 6 46.44 30.12 -47.54
N LEU VA 7 47.55 30.79 -47.83
CA LEU VA 7 48.43 31.34 -46.79
C LEU VA 7 47.89 32.68 -46.29
N ASP VA 8 48.10 32.93 -45.01
CA ASP VA 8 47.86 34.28 -44.43
C ASP VA 8 48.93 35.21 -45.03
N GLN VA 9 48.64 36.52 -45.01
CA GLN VA 9 49.58 37.56 -45.45
C GLN VA 9 50.94 37.47 -44.73
N GLU VA 10 50.92 37.19 -43.43
CA GLU VA 10 52.16 37.12 -42.63
C GLU VA 10 53.02 35.89 -43.00
N GLN VA 11 52.35 34.74 -43.11
CA GLN VA 11 53.03 33.48 -43.46
C GLN VA 11 53.60 33.54 -44.88
N ALA VA 12 52.81 34.10 -45.79
CA ALA VA 12 53.22 34.31 -47.18
C ALA VA 12 54.38 35.32 -47.29
N ASN VA 13 54.30 36.41 -46.53
CA ASN VA 13 55.37 37.41 -46.52
C ASN VA 13 56.70 36.91 -45.95
N GLU VA 14 56.60 36.11 -44.89
CA GLU VA 14 57.82 35.56 -44.26
C GLU VA 14 58.51 34.53 -45.15
N VAL VA 15 57.70 33.66 -45.78
CA VAL VA 15 58.20 32.67 -46.74
C VAL VA 15 58.74 33.32 -48.03
N ILE VA 16 58.07 34.35 -48.51
CA ILE VA 16 58.51 35.04 -49.75
C ILE VA 16 59.85 35.74 -49.51
N ALA VA 17 59.97 36.38 -48.35
CA ALA VA 17 61.16 37.15 -47.97
C ALA VA 17 62.35 36.22 -47.74
N VAL VA 18 62.10 35.09 -47.09
CA VAL VA 18 63.11 34.05 -46.86
C VAL VA 18 63.62 33.49 -48.21
N LEU VA 19 62.71 33.23 -49.13
CA LEU VA 19 63.12 32.67 -50.43
C LEU VA 19 63.88 33.67 -51.29
N GLN VA 20 63.41 34.92 -51.28
CA GLN VA 20 64.05 36.02 -52.03
C GLN VA 20 65.46 36.31 -51.50
N MET VA 21 65.63 36.23 -50.18
CA MET VA 21 66.94 36.44 -49.53
C MET VA 21 67.95 35.32 -49.85
N HIS VA 22 67.43 34.17 -50.27
CA HIS VA 22 68.27 33.02 -50.67
C HIS VA 22 68.33 32.85 -52.20
N ASN VA 23 68.10 33.94 -52.92
CA ASN VA 23 68.20 33.96 -54.40
C ASN VA 23 67.22 32.95 -55.07
N ILE VA 24 66.04 32.81 -54.50
CA ILE VA 24 65.01 31.97 -55.12
C ILE VA 24 63.95 32.89 -55.73
N GLU VA 25 63.70 32.66 -57.01
CA GLU VA 25 62.70 33.42 -57.76
C GLU VA 25 61.28 32.90 -57.39
N ALA VA 26 60.66 33.62 -56.48
CA ALA VA 26 59.31 33.30 -56.01
C ALA VA 26 58.33 34.42 -56.37
N ASN VA 27 57.13 34.03 -56.73
CA ASN VA 27 56.04 34.95 -57.05
C ASN VA 27 54.83 34.66 -56.16
N LYS VA 28 54.03 35.69 -55.92
CA LYS VA 28 52.85 35.58 -55.07
C LYS VA 28 51.61 36.13 -55.77
N ILE VA 29 50.52 35.42 -55.55
CA ILE VA 29 49.18 35.81 -56.05
C ILE VA 29 48.18 35.76 -54.90
N ASP VA 30 47.26 36.71 -54.90
CA ASP VA 30 46.17 36.72 -53.91
C ASP VA 30 44.90 36.17 -54.57
N SER VA 31 44.24 35.27 -53.85
CA SER VA 31 42.94 34.73 -54.30
C SER VA 31 41.80 35.67 -53.91
N GLY VA 32 40.57 35.20 -54.17
CA GLY VA 32 39.34 35.98 -53.91
C GLY VA 32 39.12 36.27 -52.42
N LYS VA 33 39.57 35.33 -51.58
CA LYS VA 33 39.38 35.40 -50.11
C LYS VA 33 40.43 36.28 -49.40
N LEU VA 34 41.43 36.78 -50.13
CA LEU VA 34 42.57 37.54 -49.58
C LEU VA 34 43.71 36.60 -49.14
N GLY VA 35 43.54 35.28 -49.33
CA GLY VA 35 44.60 34.27 -49.10
C GLY VA 35 45.65 34.27 -50.21
N TYR VA 36 46.85 33.88 -49.91
CA TYR VA 36 48.02 34.03 -50.81
C TYR VA 36 48.56 32.69 -51.26
N SER VA 37 49.01 32.66 -52.48
CA SER VA 37 49.69 31.50 -53.08
C SER VA 37 51.10 31.91 -53.49
N ILE VA 38 52.03 31.04 -53.16
CA ILE VA 38 53.45 31.23 -53.54
C ILE VA 38 53.86 30.17 -54.55
N THR VA 39 54.59 30.60 -55.55
CA THR VA 39 55.07 29.74 -56.64
C THR VA 39 56.53 30.07 -56.94
N VAL VA 40 57.26 29.08 -57.39
CA VAL VA 40 58.67 29.23 -57.79
C VAL VA 40 58.90 28.60 -59.17
N ALA VA 41 59.96 29.02 -59.83
CA ALA VA 41 60.38 28.35 -61.07
C ALA VA 41 60.67 26.88 -60.74
N GLU VA 42 60.31 25.98 -61.65
CA GLU VA 42 60.60 24.52 -61.49
C GLU VA 42 62.08 24.22 -61.15
N PRO VA 43 63.09 24.94 -61.72
CA PRO VA 43 64.50 24.72 -61.42
C PRO VA 43 64.90 25.07 -59.98
N ASP VA 44 64.06 25.88 -59.31
CA ASP VA 44 64.31 26.27 -57.91
C ASP VA 44 63.41 25.56 -56.91
N PHE VA 45 62.59 24.62 -57.38
CA PHE VA 45 61.59 23.96 -56.54
C PHE VA 45 62.22 23.18 -55.37
N THR VA 46 63.21 22.36 -55.69
CA THR VA 46 63.89 21.51 -54.68
C THR VA 46 64.60 22.36 -53.62
N ALA VA 47 65.32 23.39 -54.09
CA ALA VA 47 66.00 24.32 -53.17
C ALA VA 47 64.96 25.01 -52.27
N ALA VA 48 63.90 25.51 -52.89
CA ALA VA 48 62.84 26.26 -52.19
C ALA VA 48 62.18 25.46 -51.07
N VAL VA 49 61.92 24.18 -51.34
CA VAL VA 49 61.34 23.26 -50.35
C VAL VA 49 62.32 22.98 -49.20
N TYR VA 50 63.59 22.91 -49.53
CA TYR VA 50 64.67 22.66 -48.55
C TYR VA 50 64.80 23.83 -47.59
N TRP VA 51 64.82 25.03 -48.17
CA TRP VA 51 64.88 26.27 -47.38
C TRP VA 51 63.62 26.39 -46.53
N ILE VA 52 62.46 26.20 -47.04
CA ILE VA 52 61.20 26.33 -46.28
C ILE VA 52 61.14 25.33 -45.09
N LYS VA 53 61.55 24.10 -45.37
CA LYS VA 53 61.55 23.02 -44.37
C LYS VA 53 62.56 23.29 -43.24
N THR VA 54 63.71 23.81 -43.64
CA THR VA 54 64.79 24.16 -42.69
C THR VA 54 64.39 25.29 -41.73
N TYR VA 55 63.45 26.13 -42.17
CA TYR VA 55 62.97 27.27 -41.37
C TYR VA 55 61.56 27.06 -40.79
N GLN VA 56 61.11 25.81 -40.72
CA GLN VA 56 59.82 25.43 -40.10
C GLN VA 56 58.59 25.97 -40.86
N LEU VA 57 58.72 26.11 -42.16
CA LEU VA 57 57.60 26.58 -43.00
C LEU VA 57 57.09 25.45 -43.92
N PRO VA 58 55.77 25.38 -44.07
CA PRO VA 58 54.77 26.20 -43.35
C PRO VA 58 54.60 25.69 -41.90
N PRO VA 59 54.33 26.60 -40.95
CA PRO VA 59 54.08 26.30 -39.54
C PRO VA 59 52.95 25.27 -39.42
N ARG VA 60 53.25 24.27 -38.62
CA ARG VA 60 52.30 23.18 -38.32
C ARG VA 60 51.18 23.63 -37.38
N PRO VA 61 49.99 23.07 -37.56
CA PRO VA 61 48.90 23.17 -36.57
C PRO VA 61 49.10 22.08 -35.50
N ARG VA 62 48.99 22.50 -34.26
CA ARG VA 62 49.06 21.58 -33.10
C ARG VA 62 47.70 21.56 -32.41
N VAL VA 63 47.48 20.54 -31.60
CA VAL VA 63 46.20 20.36 -30.87
C VAL VA 63 45.77 21.67 -30.21
N GLU VA 64 44.49 21.96 -30.40
CA GLU VA 64 43.89 23.14 -29.75
C GLU VA 64 43.07 22.62 -28.57
N ILE VA 65 43.35 23.21 -27.42
CA ILE VA 65 42.66 22.85 -26.16
C ILE VA 65 41.14 23.03 -26.33
N ALA VA 66 40.71 23.96 -27.13
CA ALA VA 66 39.26 24.22 -27.35
C ALA VA 66 38.58 23.09 -28.13
N GLN VA 67 39.34 22.43 -28.99
CA GLN VA 67 38.86 21.27 -29.78
C GLN VA 67 38.80 19.99 -28.92
N MET VA 68 38.32 20.12 -27.71
CA MET VA 68 38.17 19.01 -26.74
C MET VA 68 36.92 18.16 -26.94
N PHE VA 69 36.05 18.58 -27.86
CA PHE VA 69 34.78 17.88 -28.14
C PHE VA 69 34.97 16.35 -28.37
N PRO VA 70 36.01 15.93 -29.11
CA PRO VA 70 36.33 14.51 -29.33
C PRO VA 70 36.65 13.70 -28.06
N ALA VA 71 37.03 14.39 -26.99
CA ALA VA 71 37.54 13.72 -25.77
C ALA VA 71 36.49 13.57 -24.67
N ASP VA 72 35.57 14.54 -24.56
CA ASP VA 72 34.51 14.55 -23.55
C ASP VA 72 33.36 15.44 -24.04
N SER VA 73 32.18 15.14 -23.54
CA SER VA 73 30.96 15.80 -24.02
C SER VA 73 30.47 16.92 -23.11
N LEU VA 74 30.92 16.91 -21.84
CA LEU VA 74 30.53 17.88 -20.80
C LEU VA 74 31.58 17.88 -19.68
N VAL VA 75 31.70 19.03 -19.03
CA VAL VA 75 32.69 19.24 -17.95
C VAL VA 75 31.96 19.86 -16.76
N SER VA 76 31.87 19.09 -15.70
CA SER VA 76 31.22 19.54 -14.46
C SER VA 76 32.22 19.73 -13.31
N SER VA 77 33.44 19.20 -13.51
CA SER VA 77 34.48 19.35 -12.46
C SER VA 77 35.90 19.65 -12.99
N PRO VA 78 36.98 18.76 -12.58
CA PRO VA 78 38.26 19.33 -12.28
C PRO VA 78 39.37 19.26 -13.36
N ARG VA 79 39.60 18.11 -14.00
CA ARG VA 79 40.79 17.94 -14.88
C ARG VA 79 40.81 18.87 -16.09
N ALA VA 80 39.65 18.94 -16.77
CA ALA VA 80 39.50 19.79 -17.97
C ALA VA 80 39.49 21.29 -17.62
N GLU VA 81 38.87 21.61 -16.48
CA GLU VA 81 38.80 22.99 -15.99
C GLU VA 81 40.20 23.53 -15.64
N LYS VA 82 40.99 22.67 -15.00
CA LYS VA 82 42.36 23.00 -14.60
C LYS VA 82 43.31 23.18 -15.80
N ALA VA 83 43.05 22.40 -16.86
CA ALA VA 83 43.81 22.52 -18.13
C ALA VA 83 43.56 23.88 -18.79
N ARG VA 84 42.31 24.33 -18.75
CA ARG VA 84 41.91 25.63 -19.31
C ARG VA 84 42.43 26.81 -18.48
N LEU VA 85 42.42 26.65 -17.16
CA LEU VA 85 42.99 27.63 -16.23
C LEU VA 85 44.50 27.79 -16.43
N TYR VA 86 45.14 26.66 -16.66
CA TYR VA 86 46.60 26.61 -16.95
C TYR VA 86 46.95 27.24 -18.29
N SER VA 87 46.10 26.98 -19.28
CA SER VA 87 46.26 27.52 -20.64
C SER VA 87 46.10 29.05 -20.64
N ALA VA 88 45.12 29.52 -19.87
CA ALA VA 88 44.86 30.96 -19.69
C ALA VA 88 46.07 31.67 -19.08
N ILE VA 89 46.70 30.99 -18.11
CA ILE VA 89 47.90 31.53 -17.43
C ILE VA 89 49.11 31.57 -18.37
N GLU VA 90 49.29 30.48 -19.11
CA GLU VA 90 50.39 30.39 -20.10
C GLU VA 90 50.29 31.53 -21.13
N GLN VA 91 49.06 31.79 -21.57
CA GLN VA 91 48.75 32.87 -22.52
C GLN VA 91 48.96 34.27 -21.92
N ARG VA 92 48.60 34.40 -20.64
CA ARG VA 92 48.80 35.67 -19.90
C ARG VA 92 50.28 36.01 -19.73
N LEU VA 93 51.07 34.96 -19.50
CA LEU VA 93 52.53 35.09 -19.38
C LEU VA 93 53.22 35.42 -20.69
N GLU VA 94 52.80 34.71 -21.73
CA GLU VA 94 53.25 34.98 -23.10
C GLU VA 94 52.91 36.40 -23.54
N GLN VA 95 51.71 36.87 -23.16
CA GLN VA 95 51.27 38.23 -23.50
C GLN VA 95 52.14 39.28 -22.81
N SER VA 96 52.46 39.03 -21.54
CA SER VA 96 53.29 39.92 -20.72
C SER VA 96 54.73 39.97 -21.22
N LEU VA 97 55.34 38.80 -21.40
CA LEU VA 97 56.73 38.71 -21.89
C LEU VA 97 56.93 39.29 -23.29
N GLN VA 98 55.90 39.16 -24.11
CA GLN VA 98 55.90 39.67 -25.49
C GLN VA 98 56.04 41.20 -25.59
N THR VA 99 55.75 41.90 -24.50
CA THR VA 99 55.87 43.37 -24.43
C THR VA 99 57.32 43.83 -24.24
N MET VA 100 58.18 42.95 -23.75
CA MET VA 100 59.62 43.23 -23.60
C MET VA 100 60.20 43.48 -24.99
N GLU VA 101 60.84 44.64 -25.14
CA GLU VA 101 61.48 45.03 -26.41
C GLU VA 101 62.53 44.00 -26.81
N GLY VA 102 62.41 43.51 -28.04
CA GLY VA 102 63.33 42.48 -28.56
C GLY VA 102 62.66 41.11 -28.74
N VAL VA 103 61.65 40.82 -27.94
CA VAL VA 103 60.88 39.57 -28.05
C VAL VA 103 60.02 39.61 -29.31
N LEU VA 104 60.17 38.56 -30.10
CA LEU VA 104 59.37 38.39 -31.33
C LEU VA 104 58.43 37.18 -31.27
N SER VA 105 58.66 36.30 -30.30
CA SER VA 105 57.81 35.12 -30.04
C SER VA 105 58.25 34.48 -28.71
N ALA VA 106 57.28 33.82 -28.13
CA ALA VA 106 57.40 33.23 -26.78
C ALA VA 106 56.42 32.08 -26.60
N ARG VA 107 56.90 31.04 -25.96
CA ARG VA 107 56.09 29.88 -25.56
C ARG VA 107 56.31 29.58 -24.09
N VAL VA 108 55.21 29.37 -23.38
CA VAL VA 108 55.22 28.99 -21.96
C VAL VA 108 54.42 27.71 -21.78
N HIS VA 109 55.06 26.76 -21.13
CA HIS VA 109 54.43 25.50 -20.72
C HIS VA 109 54.56 25.36 -19.21
N ILE VA 110 53.42 25.36 -18.55
CA ILE VA 110 53.37 25.33 -17.08
C ILE VA 110 52.96 23.92 -16.59
N SER VA 111 53.57 23.56 -15.47
CA SER VA 111 53.21 22.36 -14.69
C SER VA 111 52.83 22.72 -13.25
N TYR VA 112 51.60 22.39 -12.89
CA TYR VA 112 51.00 22.62 -11.56
C TYR VA 112 49.99 21.52 -11.32
N ASP VA 113 50.38 20.55 -10.57
CA ASP VA 113 49.44 19.45 -10.25
C ASP VA 113 49.30 19.21 -8.77
N ILE VA 114 48.16 18.95 -8.28
CA ILE VA 114 47.96 18.58 -6.86
C ILE VA 114 47.56 17.12 -6.81
N ASP VA 115 48.44 16.26 -6.40
CA ASP VA 115 48.21 14.80 -6.41
C ASP VA 115 48.05 14.22 -5.01
N ALA VA 116 47.30 13.24 -4.82
CA ALA VA 116 47.16 12.43 -3.57
C ALA VA 116 47.78 11.03 -3.78
N GLY VA 117 48.98 10.88 -3.26
CA GLY VA 117 49.77 9.63 -3.37
C GLY VA 117 49.01 8.49 -2.70
N GLU VA 118 48.47 8.70 -1.57
CA GLU VA 118 47.72 7.77 -0.65
C GLU VA 118 47.19 8.55 0.54
N ASN VA 119 46.50 7.88 1.46
CA ASN VA 119 45.99 8.50 2.70
C ASN VA 119 47.14 9.14 3.51
N GLY VA 120 46.95 10.44 3.74
CA GLY VA 120 47.91 11.28 4.47
C GLY VA 120 49.22 11.55 3.72
N ARG VA 121 49.15 11.62 2.38
CA ARG VA 121 50.31 11.90 1.53
C ARG VA 121 49.96 12.74 0.29
N PRO VA 122 50.00 14.06 0.41
CA PRO VA 122 49.77 15.01 -0.70
C PRO VA 122 51.08 15.52 -1.31
N PRO VA 123 51.30 15.27 -2.58
CA PRO VA 123 52.34 15.96 -3.38
C PRO VA 123 51.86 17.13 -4.24
N LYS VA 124 52.76 18.08 -4.42
CA LYS VA 124 52.61 19.26 -5.29
C LYS VA 124 53.75 19.37 -6.31
N PRO VA 125 53.49 19.16 -7.57
CA PRO VA 125 54.42 19.41 -8.70
C PRO VA 125 54.27 20.81 -9.28
N VAL VA 126 55.42 21.42 -9.32
CA VAL VA 126 55.56 22.78 -9.85
C VAL VA 126 56.70 22.76 -10.85
N HIS VA 127 56.57 23.62 -11.87
CA HIS VA 127 57.65 23.99 -12.79
C HIS VA 127 57.09 24.77 -13.97
N LEU VA 128 57.96 25.54 -14.61
CA LEU VA 128 57.63 26.24 -15.85
C LEU VA 128 58.79 26.15 -16.85
N SER VA 129 58.41 26.02 -18.12
CA SER VA 129 59.34 26.07 -19.26
C SER VA 129 59.00 27.25 -20.17
N ALA VA 130 59.97 28.10 -20.40
CA ALA VA 130 59.82 29.32 -21.20
C ALA VA 130 60.88 29.41 -22.30
N LEU VA 131 60.37 29.53 -23.51
CA LEU VA 131 61.19 29.76 -24.70
C LEU VA 131 60.84 31.12 -25.28
N ALA VA 132 61.83 31.97 -25.40
CA ALA VA 132 61.64 33.27 -26.05
C ALA VA 132 62.62 33.46 -27.20
N VAL VA 133 62.07 33.88 -28.31
CA VAL VA 133 62.85 34.19 -29.52
C VAL VA 133 63.03 35.71 -29.56
N TYR VA 134 64.26 36.10 -29.71
CA TYR VA 134 64.62 37.51 -29.78
C TYR VA 134 64.98 37.90 -31.20
N GLU VA 135 64.78 39.19 -31.48
CA GLU VA 135 65.25 39.80 -32.73
C GLU VA 135 66.75 39.60 -32.87
N ARG VA 136 67.25 39.45 -34.01
CA ARG VA 136 68.69 39.34 -34.32
C ARG VA 136 69.58 40.48 -33.76
N GLY VA 137 68.93 41.63 -33.62
CA GLY VA 137 69.63 42.86 -33.22
C GLY VA 137 69.48 43.23 -31.73
N SER VA 138 68.91 42.32 -30.94
CA SER VA 138 68.75 42.53 -29.50
C SER VA 138 69.26 41.34 -28.67
N PRO VA 139 70.19 41.59 -27.75
CA PRO VA 139 70.66 40.60 -26.79
C PRO VA 139 69.79 40.65 -25.53
N LEU VA 140 69.01 39.59 -25.32
CA LEU VA 140 68.13 39.49 -24.14
C LEU VA 140 68.69 38.61 -23.03
N ALA VA 141 69.97 38.24 -23.17
CA ALA VA 141 70.65 37.36 -22.20
C ALA VA 141 70.70 37.97 -20.79
N HIS VA 142 70.93 39.29 -20.74
CA HIS VA 142 70.92 40.04 -19.47
C HIS VA 142 69.56 40.14 -18.79
N GLN VA 143 68.50 39.84 -19.55
CA GLN VA 143 67.11 39.91 -19.06
C GLN VA 143 66.57 38.56 -18.58
N ILE VA 144 67.40 37.53 -18.53
CA ILE VA 144 66.98 36.17 -18.16
C ILE VA 144 66.43 36.10 -16.72
N SER VA 145 67.15 36.78 -15.82
CA SER VA 145 66.80 36.82 -14.39
C SER VA 145 65.48 37.56 -14.16
N ASP VA 146 65.28 38.64 -14.93
CA ASP VA 146 64.03 39.41 -14.86
C ASP VA 146 62.85 38.60 -15.39
N ILE VA 147 63.07 37.89 -16.50
CA ILE VA 147 62.04 37.01 -17.08
C ILE VA 147 61.66 35.88 -16.10
N LYS VA 148 62.67 35.27 -15.48
CA LYS VA 148 62.44 34.22 -14.48
C LYS VA 148 61.61 34.70 -13.29
N ARG VA 149 61.91 35.92 -12.84
CA ARG VA 149 61.20 36.52 -11.69
C ARG VA 149 59.74 36.84 -12.02
N PHE VA 150 59.49 37.22 -13.26
CA PHE VA 150 58.15 37.58 -13.76
C PHE VA 150 57.28 36.33 -13.84
N LEU VA 151 57.90 35.26 -14.32
CA LEU VA 151 57.25 33.94 -14.41
C LEU VA 151 56.98 33.33 -13.03
N LYS VA 152 57.97 33.48 -12.15
CA LYS VA 152 57.88 32.97 -10.78
C LYS VA 152 56.66 33.53 -10.04
N ASN VA 153 56.48 34.84 -10.15
CA ASN VA 153 55.46 35.55 -9.36
C ASN VA 153 54.09 35.65 -10.05
N SER VA 154 54.01 35.11 -11.26
CA SER VA 154 52.73 35.04 -11.97
C SER VA 154 51.95 33.77 -11.62
N PHE VA 155 52.67 32.78 -11.11
CA PHE VA 155 52.13 31.42 -10.96
C PHE VA 155 52.29 30.89 -9.53
N ALA VA 156 51.27 30.14 -9.12
CA ALA VA 156 51.20 29.55 -7.77
C ALA VA 156 52.29 28.51 -7.52
N ASP VA 157 52.94 28.71 -6.37
CA ASP VA 157 53.94 27.79 -5.80
C ASP VA 157 55.09 27.47 -6.78
N VAL VA 158 55.74 28.49 -7.35
CA VAL VA 158 56.90 28.27 -8.24
C VAL VA 158 58.15 28.83 -7.57
N ASP VA 159 59.22 28.04 -7.69
CA ASP VA 159 60.56 28.48 -7.30
C ASP VA 159 61.45 28.66 -8.54
N TYR VA 160 62.44 29.53 -8.41
CA TYR VA 160 63.38 29.86 -9.49
C TYR VA 160 64.11 28.65 -10.09
N ASP VA 161 64.46 27.71 -9.20
CA ASP VA 161 65.18 26.50 -9.60
C ASP VA 161 64.37 25.58 -10.54
N ASN VA 162 63.07 25.77 -10.53
CA ASN VA 162 62.12 24.99 -11.36
C ASN VA 162 61.58 25.83 -12.51
N ILE VA 163 62.31 26.78 -12.96
CA ILE VA 163 61.96 27.57 -14.16
C ILE VA 163 63.13 27.48 -15.14
N SER VA 164 62.81 27.07 -16.34
CA SER VA 164 63.77 27.08 -17.46
C SER VA 164 63.41 28.21 -18.42
N VAL VA 165 64.36 29.11 -18.63
CA VAL VA 165 64.22 30.21 -19.60
C VAL VA 165 65.33 30.06 -20.64
N VAL VA 166 64.90 29.77 -21.85
CA VAL VA 166 65.82 29.64 -23.00
C VAL VA 166 65.50 30.76 -23.99
N LEU VA 167 66.54 31.48 -24.35
CA LEU VA 167 66.46 32.57 -25.34
C LEU VA 167 67.26 32.19 -26.59
N SER VA 168 66.60 32.25 -27.73
CA SER VA 168 67.21 31.94 -29.04
C SER VA 168 66.93 33.04 -30.05
N GLU VA 169 68.00 33.46 -30.74
CA GLU VA 169 67.91 34.49 -31.80
C GLU VA 169 67.20 33.84 -32.95
N ARG VA 170 66.33 34.63 -33.55
CA ARG VA 170 65.73 34.17 -34.83
C ARG VA 170 66.79 33.83 -35.90
#